data_6YFQ
#
_entry.id   6YFQ
#
_cell.length_a   341.900
_cell.length_b   341.900
_cell.length_c   1253.640
_cell.angle_alpha   90.000
_cell.angle_beta   90.000
_cell.angle_gamma   120.000
#
_symmetry.space_group_name_H-M   'H 3 2'
#
_entity_poly.entity_id   1
_entity_poly.type   'polypeptide(L)'
_entity_poly.pdbx_seq_one_letter_code
;AQIANLILADGQATPANHTFVPMQPQTGITPSQWLNKEAASNIGYRKVSMFVKYVSNGTSKVTIRIADPVLASVPAGCCV
DTNTPQVAYSTFFECTFSVPYGATLQNKKDILAYARNLLGTQVVTDAVVDMTPAW
;
_entity_poly.pdbx_strand_id   AA,AB,AC,AD,AE,AF,AG,AH,AI,AJ,AK,AL,AM,AN,AO,AP,AQ,AR,AS,AT,AU,AV,AW,AX,AY,AZ,BA,BB,BC,BD,BE,BF,BG,BH,BI,BJ,BK,BL,BM,BN,BO,BP,BQ,BR,BS,BT,BU,BV,BW,BX,BY,BZ,CA,CB,CC,CD,CE,CF,CG,CH
#
# COMPACT_ATOMS: atom_id res chain seq x y z
N ALA A 1 -54.27 -53.41 -38.90
CA ALA A 1 -54.13 -53.44 -37.45
C ALA A 1 -53.68 -52.10 -36.89
N GLN A 2 -54.63 -51.22 -36.59
CA GLN A 2 -54.31 -50.08 -35.74
C GLN A 2 -53.77 -50.59 -34.41
N ILE A 3 -52.88 -49.82 -33.79
CA ILE A 3 -52.32 -50.25 -32.53
C ILE A 3 -53.39 -50.23 -31.45
N ALA A 4 -53.36 -51.24 -30.59
CA ALA A 4 -54.34 -51.36 -29.52
C ALA A 4 -53.75 -52.28 -28.47
N ASN A 5 -54.49 -52.44 -27.37
CA ASN A 5 -54.03 -53.20 -26.21
C ASN A 5 -53.57 -54.60 -26.59
N LEU A 6 -52.74 -55.21 -25.75
CA LEU A 6 -52.21 -56.54 -26.00
C LEU A 6 -52.37 -57.38 -24.74
N ILE A 7 -52.84 -58.63 -24.87
CA ILE A 7 -53.11 -59.45 -23.69
C ILE A 7 -52.33 -60.76 -23.81
N LEU A 8 -51.37 -60.95 -22.91
CA LEU A 8 -50.48 -62.11 -22.92
C LEU A 8 -50.57 -62.85 -21.59
N ALA A 9 -50.64 -64.17 -21.65
CA ALA A 9 -50.83 -64.99 -20.46
C ALA A 9 -49.48 -65.53 -19.97
N ASP A 10 -49.17 -65.29 -18.70
CA ASP A 10 -47.95 -65.82 -18.13
C ASP A 10 -48.05 -67.33 -17.92
N GLY A 11 -46.90 -67.95 -17.64
CA GLY A 11 -46.89 -69.38 -17.40
C GLY A 11 -46.97 -69.69 -15.92
N GLN A 12 -48.10 -70.20 -15.48
CA GLN A 12 -48.27 -70.62 -14.10
C GLN A 12 -49.04 -71.93 -14.10
N ALA A 13 -49.30 -72.44 -12.91
CA ALA A 13 -50.26 -73.53 -12.77
C ALA A 13 -51.55 -73.16 -13.49
N THR A 14 -52.12 -72.02 -13.12
CA THR A 14 -53.20 -71.41 -13.87
C THR A 14 -52.68 -70.10 -14.42
N PRO A 15 -52.54 -69.96 -15.73
CA PRO A 15 -52.04 -68.69 -16.28
C PRO A 15 -52.95 -67.54 -15.93
N ALA A 16 -52.35 -66.40 -15.62
CA ALA A 16 -53.08 -65.16 -15.36
C ALA A 16 -52.76 -64.15 -16.46
N ASN A 17 -53.81 -63.58 -17.06
CA ASN A 17 -53.63 -62.66 -18.18
C ASN A 17 -53.02 -61.34 -17.74
N HIS A 18 -52.08 -60.84 -18.52
CA HIS A 18 -51.44 -59.55 -18.29
C HIS A 18 -51.67 -58.67 -19.50
N THR A 19 -51.94 -57.40 -19.25
CA THR A 19 -52.34 -56.46 -20.29
C THR A 19 -51.22 -55.47 -20.56
N PHE A 20 -51.14 -55.04 -21.82
CA PHE A 20 -50.07 -54.19 -22.35
C PHE A 20 -50.71 -53.01 -23.04
N VAL A 21 -50.58 -51.83 -22.43
CA VAL A 21 -51.07 -50.59 -23.04
C VAL A 21 -50.12 -50.16 -24.14
N PRO A 22 -50.61 -49.71 -25.29
CA PRO A 22 -49.71 -49.19 -26.33
C PRO A 22 -49.16 -47.83 -25.97
N MET A 23 -47.89 -47.61 -26.31
CA MET A 23 -47.22 -46.34 -26.03
C MET A 23 -46.76 -45.62 -27.30
N GLN A 24 -46.18 -46.34 -28.26
CA GLN A 24 -45.76 -45.72 -29.51
C GLN A 24 -46.04 -46.68 -30.66
N PRO A 25 -46.61 -46.20 -31.76
CA PRO A 25 -46.85 -47.05 -32.92
C PRO A 25 -45.68 -47.03 -33.90
N GLN A 26 -45.81 -47.86 -34.93
CA GLN A 26 -44.77 -48.05 -35.93
C GLN A 26 -44.90 -46.99 -37.01
N THR A 27 -43.98 -46.02 -37.00
CA THR A 27 -43.85 -45.05 -38.09
C THR A 27 -42.37 -44.89 -38.36
N GLY A 28 -41.96 -45.17 -39.59
CA GLY A 28 -40.55 -45.01 -39.95
C GLY A 28 -39.69 -46.04 -39.27
N ILE A 29 -38.62 -45.58 -38.62
CA ILE A 29 -37.71 -46.49 -37.92
C ILE A 29 -38.30 -46.95 -36.59
N THR A 30 -39.09 -46.11 -35.94
CA THR A 30 -39.58 -46.42 -34.60
C THR A 30 -40.58 -47.56 -34.65
N PRO A 31 -40.44 -48.58 -33.80
CA PRO A 31 -41.35 -49.73 -33.82
C PRO A 31 -42.52 -49.60 -32.87
N SER A 32 -43.61 -50.29 -33.20
CA SER A 32 -44.76 -50.32 -32.31
C SER A 32 -44.36 -51.01 -31.01
N GLN A 33 -44.89 -50.51 -29.88
CA GLN A 33 -44.43 -51.02 -28.59
C GLN A 33 -45.47 -50.79 -27.49
N TRP A 34 -45.61 -51.78 -26.62
CA TRP A 34 -46.57 -51.84 -25.53
C TRP A 34 -45.84 -52.03 -24.20
N LEU A 35 -46.48 -51.57 -23.11
CA LEU A 35 -45.93 -51.60 -21.76
C LEU A 35 -46.90 -52.29 -20.82
N ASN A 36 -46.38 -53.06 -19.86
CA ASN A 36 -47.25 -53.84 -18.98
C ASN A 36 -47.85 -52.98 -17.87
N LYS A 37 -47.03 -52.11 -17.25
CA LYS A 37 -47.49 -51.15 -16.24
C LYS A 37 -47.96 -51.81 -14.95
N GLU A 38 -47.35 -52.95 -14.61
CA GLU A 38 -47.73 -53.68 -13.40
C GLU A 38 -46.73 -53.51 -12.24
N ALA A 39 -45.45 -53.31 -12.53
CA ALA A 39 -44.47 -53.31 -11.46
C ALA A 39 -44.56 -52.04 -10.62
N ALA A 40 -43.83 -52.03 -9.49
CA ALA A 40 -43.89 -50.92 -8.55
C ALA A 40 -43.29 -49.63 -9.11
N SER A 41 -42.12 -49.73 -9.75
CA SER A 41 -41.43 -48.59 -10.30
C SER A 41 -41.63 -48.52 -11.81
N ASN A 42 -41.32 -47.35 -12.38
CA ASN A 42 -41.51 -47.18 -13.82
C ASN A 42 -40.56 -48.04 -14.64
N ILE A 43 -39.49 -48.56 -14.03
CA ILE A 43 -38.51 -49.35 -14.77
C ILE A 43 -38.87 -50.82 -14.84
N GLY A 44 -39.69 -51.31 -13.90
CA GLY A 44 -40.09 -52.71 -13.89
C GLY A 44 -41.14 -53.08 -14.90
N TYR A 45 -41.70 -52.07 -15.59
CA TYR A 45 -42.76 -52.31 -16.57
C TYR A 45 -42.25 -53.25 -17.65
N ARG A 46 -43.03 -54.29 -17.94
CA ARG A 46 -42.64 -55.25 -18.98
C ARG A 46 -43.03 -54.71 -20.34
N LYS A 47 -42.16 -54.91 -21.33
CA LYS A 47 -42.41 -54.26 -22.62
C LYS A 47 -42.33 -55.24 -23.77
N VAL A 48 -43.11 -54.94 -24.79
CA VAL A 48 -43.14 -55.72 -26.03
C VAL A 48 -42.98 -54.73 -27.17
N SER A 49 -42.25 -55.12 -28.20
CA SER A 49 -42.17 -54.24 -29.36
C SER A 49 -42.02 -55.08 -30.63
N MET A 50 -42.47 -54.50 -31.73
CA MET A 50 -42.58 -55.18 -33.01
C MET A 50 -42.39 -54.18 -34.14
N PHE A 51 -41.75 -54.64 -35.23
CA PHE A 51 -41.52 -53.83 -36.43
C PHE A 51 -41.64 -54.69 -37.68
N VAL A 52 -42.41 -54.22 -38.66
CA VAL A 52 -42.73 -54.97 -39.88
C VAL A 52 -42.14 -54.20 -41.06
N LYS A 53 -40.90 -54.49 -41.42
CA LYS A 53 -40.25 -53.86 -42.56
C LYS A 53 -40.67 -54.57 -43.83
N TYR A 54 -41.51 -53.90 -44.64
CA TYR A 54 -41.96 -54.43 -45.92
C TYR A 54 -41.02 -53.97 -47.02
N VAL A 55 -40.32 -54.92 -47.64
CA VAL A 55 -39.37 -54.65 -48.71
C VAL A 55 -39.96 -55.20 -50.01
N SER A 56 -40.41 -54.31 -50.89
CA SER A 56 -41.21 -54.72 -52.04
C SER A 56 -40.40 -55.61 -52.99
N ASN A 57 -39.13 -55.27 -53.25
CA ASN A 57 -38.24 -56.15 -53.99
C ASN A 57 -37.04 -56.46 -53.09
N GLY A 58 -37.22 -57.46 -52.23
CA GLY A 58 -36.18 -57.82 -51.30
C GLY A 58 -36.77 -58.58 -50.13
N THR A 59 -35.97 -58.67 -49.07
CA THR A 59 -36.24 -59.58 -47.95
C THR A 59 -36.95 -58.80 -46.85
N SER A 60 -38.27 -58.93 -46.79
CA SER A 60 -39.05 -58.31 -45.74
C SER A 60 -38.75 -58.98 -44.40
N LYS A 61 -38.94 -58.23 -43.31
CA LYS A 61 -38.53 -58.70 -41.98
C LYS A 61 -39.51 -58.25 -40.91
N VAL A 62 -39.93 -59.19 -40.06
CA VAL A 62 -40.76 -58.89 -38.88
C VAL A 62 -39.93 -59.18 -37.64
N THR A 63 -39.70 -58.16 -36.82
CA THR A 63 -38.85 -58.27 -35.64
C THR A 63 -39.69 -58.03 -34.39
N ILE A 64 -39.55 -58.92 -33.41
CA ILE A 64 -40.31 -58.89 -32.16
C ILE A 64 -39.37 -59.08 -30.99
N ARG A 65 -39.57 -58.28 -29.93
CA ARG A 65 -38.78 -58.48 -28.71
C ARG A 65 -39.64 -58.24 -27.47
N ILE A 66 -39.46 -59.10 -26.48
CA ILE A 66 -40.24 -59.16 -25.25
C ILE A 66 -39.28 -59.09 -24.07
N ALA A 67 -39.50 -58.14 -23.16
CA ALA A 67 -38.62 -57.89 -22.02
C ALA A 67 -39.41 -57.98 -20.72
N ASP A 68 -39.01 -58.92 -19.86
CA ASP A 68 -39.64 -59.18 -18.57
C ASP A 68 -38.61 -58.89 -17.47
N PRO A 69 -38.60 -57.71 -16.89
CA PRO A 69 -37.63 -57.40 -15.83
C PRO A 69 -38.16 -57.73 -14.44
N VAL A 70 -37.22 -57.99 -13.53
CA VAL A 70 -37.52 -58.22 -12.12
C VAL A 70 -36.70 -57.21 -11.32
N LEU A 71 -37.40 -56.36 -10.55
CA LEU A 71 -36.73 -55.29 -9.82
C LEU A 71 -36.02 -55.85 -8.59
N ALA A 72 -35.14 -55.02 -8.03
CA ALA A 72 -34.32 -55.42 -6.89
C ALA A 72 -35.02 -55.01 -5.60
N SER A 73 -35.51 -56.00 -4.84
CA SER A 73 -36.20 -55.75 -3.58
C SER A 73 -35.24 -55.90 -2.42
N VAL A 74 -35.12 -54.86 -1.61
CA VAL A 74 -34.19 -54.82 -0.49
C VAL A 74 -34.99 -54.91 0.81
N PRO A 75 -34.39 -55.39 1.90
CA PRO A 75 -35.12 -55.45 3.18
C PRO A 75 -35.72 -54.11 3.56
N ALA A 76 -36.90 -54.17 4.19
CA ALA A 76 -37.70 -52.96 4.39
C ALA A 76 -36.98 -51.94 5.27
N GLY A 77 -36.41 -52.40 6.37
CA GLY A 77 -35.70 -51.49 7.25
C GLY A 77 -34.51 -50.82 6.60
N CYS A 78 -33.95 -51.44 5.56
CA CYS A 78 -32.77 -50.89 4.92
C CYS A 78 -33.11 -49.61 4.15
N CYS A 79 -32.07 -48.83 3.85
CA CYS A 79 -32.25 -47.52 3.24
C CYS A 79 -31.56 -47.48 1.87
N VAL A 80 -32.36 -47.64 0.82
CA VAL A 80 -31.96 -47.26 -0.53
C VAL A 80 -33.08 -46.40 -1.06
N ASP A 81 -32.71 -45.23 -1.61
CA ASP A 81 -33.71 -44.25 -2.03
C ASP A 81 -34.69 -44.90 -3.00
N THR A 82 -35.97 -44.87 -2.63
CA THR A 82 -37.00 -45.46 -3.50
C THR A 82 -37.12 -44.70 -4.82
N ASN A 83 -36.65 -43.45 -4.85
CA ASN A 83 -36.64 -42.72 -6.11
C ASN A 83 -35.61 -43.27 -7.09
N THR A 84 -34.61 -44.01 -6.61
CA THR A 84 -33.59 -44.61 -7.47
C THR A 84 -33.60 -46.12 -7.31
N PRO A 85 -34.54 -46.85 -8.00
CA PRO A 85 -34.50 -48.31 -8.00
C PRO A 85 -33.71 -48.84 -9.18
N GLN A 86 -33.29 -50.09 -9.11
CA GLN A 86 -32.58 -50.73 -10.18
C GLN A 86 -33.28 -52.02 -10.56
N VAL A 87 -32.98 -52.47 -11.76
CA VAL A 87 -33.42 -53.77 -12.24
C VAL A 87 -32.33 -54.78 -11.90
N ALA A 88 -32.70 -55.81 -11.14
CA ALA A 88 -31.76 -56.87 -10.79
C ALA A 88 -31.35 -57.66 -12.03
N TYR A 89 -32.33 -58.09 -12.82
CA TYR A 89 -32.10 -58.87 -14.02
C TYR A 89 -33.40 -58.87 -14.82
N SER A 90 -33.30 -59.23 -16.10
CA SER A 90 -34.48 -59.24 -16.96
C SER A 90 -34.31 -60.31 -18.04
N THR A 91 -35.37 -61.08 -18.26
CA THR A 91 -35.38 -62.07 -19.32
C THR A 91 -35.80 -61.42 -20.63
N PHE A 92 -35.28 -61.95 -21.74
CA PHE A 92 -35.52 -61.36 -23.05
C PHE A 92 -35.85 -62.43 -24.08
N PHE A 93 -36.74 -62.10 -25.02
CA PHE A 93 -37.03 -62.95 -26.17
C PHE A 93 -37.00 -62.09 -27.43
N GLU A 94 -36.15 -62.47 -28.40
CA GLU A 94 -36.03 -61.71 -29.64
C GLU A 94 -36.11 -62.63 -30.84
N CYS A 95 -37.07 -62.39 -31.74
CA CYS A 95 -37.23 -63.20 -32.94
C CYS A 95 -37.37 -62.31 -34.18
N THR A 96 -36.94 -62.85 -35.31
CA THR A 96 -37.00 -62.16 -36.60
C THR A 96 -37.43 -63.15 -37.66
N PHE A 97 -38.57 -62.86 -38.30
CA PHE A 97 -39.02 -63.53 -39.50
C PHE A 97 -38.41 -62.82 -40.70
N SER A 98 -37.88 -63.59 -41.65
CA SER A 98 -37.32 -63.08 -42.89
C SER A 98 -38.04 -63.75 -44.06
N VAL A 99 -38.84 -62.98 -44.77
CA VAL A 99 -39.70 -63.46 -45.84
C VAL A 99 -39.23 -62.86 -47.15
N PRO A 100 -38.89 -63.65 -48.15
CA PRO A 100 -38.43 -63.10 -49.43
C PRO A 100 -39.54 -62.36 -50.16
N TYR A 101 -39.14 -61.48 -51.05
CA TYR A 101 -40.07 -60.99 -52.07
C TYR A 101 -40.61 -62.17 -52.85
N GLY A 102 -41.82 -62.01 -53.37
CA GLY A 102 -42.39 -63.07 -54.16
C GLY A 102 -42.71 -64.35 -53.41
N ALA A 103 -42.78 -64.31 -52.09
CA ALA A 103 -43.18 -65.48 -51.32
C ALA A 103 -44.70 -65.56 -51.26
N THR A 104 -45.24 -66.76 -51.51
CA THR A 104 -46.68 -66.97 -51.49
C THR A 104 -47.23 -66.73 -50.10
N LEU A 105 -48.46 -66.22 -50.05
CA LEU A 105 -49.19 -66.16 -48.79
C LEU A 105 -49.17 -67.52 -48.10
N GLN A 106 -49.14 -68.60 -48.88
CA GLN A 106 -49.02 -69.93 -48.28
C GLN A 106 -47.66 -70.14 -47.65
N ASN A 107 -46.59 -69.64 -48.28
CA ASN A 107 -45.26 -69.74 -47.68
C ASN A 107 -45.19 -68.98 -46.35
N LYS A 108 -45.85 -67.82 -46.30
CA LYS A 108 -45.86 -67.03 -45.06
C LYS A 108 -46.61 -67.76 -43.95
N LYS A 109 -47.82 -68.25 -44.27
CA LYS A 109 -48.56 -69.10 -43.34
C LYS A 109 -47.68 -70.25 -42.85
N ASP A 110 -46.99 -70.91 -43.79
CA ASP A 110 -46.15 -72.06 -43.47
C ASP A 110 -45.12 -71.70 -42.40
N ILE A 111 -44.32 -70.67 -42.65
CA ILE A 111 -43.22 -70.41 -41.72
C ILE A 111 -43.74 -69.90 -40.37
N LEU A 112 -44.82 -69.09 -40.38
CA LEU A 112 -45.41 -68.72 -39.11
C LEU A 112 -45.79 -69.95 -38.30
N ALA A 113 -46.44 -70.91 -38.95
CA ALA A 113 -46.88 -72.12 -38.25
C ALA A 113 -45.69 -72.96 -37.78
N TYR A 114 -44.64 -73.07 -38.60
CA TYR A 114 -43.46 -73.84 -38.17
C TYR A 114 -42.87 -73.23 -36.91
N ALA A 115 -42.74 -71.90 -36.89
CA ALA A 115 -42.19 -71.22 -35.73
C ALA A 115 -43.04 -71.47 -34.49
N ARG A 116 -44.36 -71.28 -34.62
CA ARG A 116 -45.22 -71.42 -33.45
C ARG A 116 -45.23 -72.85 -32.93
N ASN A 117 -45.32 -73.83 -33.84
CA ASN A 117 -45.31 -75.23 -33.43
C ASN A 117 -43.98 -75.62 -32.80
N LEU A 118 -42.87 -75.09 -33.31
CA LEU A 118 -41.57 -75.42 -32.74
C LEU A 118 -41.43 -74.86 -31.33
N LEU A 119 -41.82 -73.59 -31.13
CA LEU A 119 -41.78 -73.05 -29.78
C LEU A 119 -42.75 -73.78 -28.85
N GLY A 120 -43.80 -74.37 -29.41
CA GLY A 120 -44.64 -75.22 -28.61
C GLY A 120 -44.15 -76.63 -28.40
N THR A 121 -43.00 -77.01 -28.94
CA THR A 121 -42.54 -78.40 -28.83
C THR A 121 -41.97 -78.68 -27.44
N GLN A 122 -42.03 -79.96 -27.06
CA GLN A 122 -41.55 -80.35 -25.74
C GLN A 122 -40.05 -80.13 -25.63
N VAL A 123 -39.29 -80.34 -26.70
CA VAL A 123 -37.85 -80.14 -26.62
C VAL A 123 -37.53 -78.66 -26.40
N VAL A 124 -38.30 -77.77 -27.03
CA VAL A 124 -38.04 -76.33 -26.87
C VAL A 124 -38.44 -75.84 -25.48
N THR A 125 -39.63 -76.25 -25.01
CA THR A 125 -40.03 -75.88 -23.65
C THR A 125 -39.04 -76.43 -22.63
N ASP A 126 -38.62 -77.68 -22.82
CA ASP A 126 -37.60 -78.29 -21.99
C ASP A 126 -36.33 -77.46 -21.96
N ALA A 127 -35.82 -77.07 -23.14
CA ALA A 127 -34.56 -76.34 -23.21
C ALA A 127 -34.65 -74.99 -22.52
N VAL A 128 -35.72 -74.23 -22.80
CA VAL A 128 -35.81 -72.87 -22.25
C VAL A 128 -36.04 -72.90 -20.74
N VAL A 129 -36.83 -73.85 -20.24
CA VAL A 129 -37.18 -73.82 -18.82
C VAL A 129 -36.11 -74.53 -17.98
N ASP A 130 -35.79 -75.78 -18.32
CA ASP A 130 -34.86 -76.55 -17.52
C ASP A 130 -33.41 -76.38 -17.93
N MET A 131 -33.13 -75.63 -19.00
CA MET A 131 -31.79 -75.51 -19.56
C MET A 131 -31.28 -76.84 -20.09
N THR A 132 -32.17 -77.60 -20.73
CA THR A 132 -31.83 -78.95 -21.15
C THR A 132 -31.68 -79.00 -22.67
N PRO A 133 -30.52 -79.42 -23.18
CA PRO A 133 -30.29 -79.42 -24.63
C PRO A 133 -30.77 -80.69 -25.31
N ALA A 134 -30.58 -80.76 -26.62
CA ALA A 134 -30.85 -81.98 -27.39
C ALA A 134 -29.53 -82.69 -27.63
N TRP A 135 -29.24 -83.71 -26.81
CA TRP A 135 -27.93 -84.38 -26.85
C TRP A 135 -27.90 -85.67 -27.67
N ALA B 1 -59.13 -36.47 -41.98
CA ALA B 1 -59.02 -37.82 -42.54
C ALA B 1 -58.07 -38.67 -41.72
N GLN B 2 -58.58 -39.42 -40.74
CA GLN B 2 -57.77 -40.47 -40.16
C GLN B 2 -57.47 -41.49 -41.26
N ILE B 3 -56.26 -42.04 -41.24
CA ILE B 3 -55.90 -42.98 -42.30
C ILE B 3 -56.85 -44.16 -42.26
N ALA B 4 -57.31 -44.57 -43.43
CA ALA B 4 -58.23 -45.68 -43.54
C ALA B 4 -58.09 -46.27 -44.92
N ASN B 5 -58.78 -47.39 -45.14
CA ASN B 5 -58.72 -48.10 -46.40
C ASN B 5 -58.98 -47.15 -47.57
N LEU B 6 -58.44 -47.49 -48.73
CA LEU B 6 -58.53 -46.63 -49.90
C LEU B 6 -58.98 -47.48 -51.09
N ILE B 7 -59.99 -47.05 -51.82
CA ILE B 7 -60.58 -47.88 -52.86
C ILE B 7 -60.44 -47.16 -54.21
N LEU B 8 -59.68 -47.75 -55.13
CA LEU B 8 -59.41 -47.17 -56.44
C LEU B 8 -59.82 -48.14 -57.54
N ALA B 9 -60.51 -47.63 -58.56
CA ALA B 9 -61.02 -48.47 -59.63
C ALA B 9 -60.05 -48.52 -60.80
N ASP B 10 -59.70 -49.72 -61.24
CA ASP B 10 -58.84 -49.89 -62.40
C ASP B 10 -59.60 -49.55 -63.70
N GLY B 11 -58.82 -49.36 -64.77
CA GLY B 11 -59.39 -49.05 -66.06
C GLY B 11 -59.65 -50.30 -66.88
N GLN B 12 -60.91 -50.69 -66.98
CA GLN B 12 -61.34 -51.79 -67.80
C GLN B 12 -62.65 -51.40 -68.46
N ALA B 13 -63.17 -52.31 -69.27
CA ALA B 13 -64.54 -52.14 -69.74
C ALA B 13 -65.48 -51.93 -68.58
N THR B 14 -65.47 -52.87 -67.65
CA THR B 14 -66.17 -52.69 -66.39
C THR B 14 -65.07 -52.55 -65.35
N PRO B 15 -64.83 -51.34 -64.85
CA PRO B 15 -63.78 -51.15 -63.85
C PRO B 15 -64.06 -51.98 -62.60
N ALA B 16 -62.98 -52.44 -61.98
CA ALA B 16 -63.05 -53.28 -60.79
C ALA B 16 -62.40 -52.55 -59.62
N ASN B 17 -63.16 -52.36 -58.54
CA ASN B 17 -62.62 -51.69 -57.36
C ASN B 17 -61.48 -52.53 -56.76
N HIS B 18 -60.37 -51.87 -56.44
CA HIS B 18 -59.24 -52.48 -55.77
C HIS B 18 -58.99 -51.75 -54.47
N THR B 19 -58.82 -52.51 -53.39
CA THR B 19 -58.72 -51.97 -52.05
C THR B 19 -57.24 -51.83 -51.64
N PHE B 20 -56.99 -50.86 -50.76
CA PHE B 20 -55.66 -50.48 -50.31
C PHE B 20 -55.69 -50.41 -48.77
N VAL B 21 -55.09 -51.40 -48.13
CA VAL B 21 -54.95 -51.40 -46.67
C VAL B 21 -53.94 -50.33 -46.28
N PRO B 22 -54.17 -49.58 -45.21
CA PRO B 22 -53.13 -48.66 -44.74
C PRO B 22 -51.99 -49.40 -44.06
N MET B 23 -50.79 -48.83 -44.22
CA MET B 23 -49.57 -49.37 -43.64
C MET B 23 -49.03 -48.53 -42.50
N GLN B 24 -48.97 -47.21 -42.68
CA GLN B 24 -48.59 -46.32 -41.60
C GLN B 24 -49.19 -44.96 -41.88
N PRO B 25 -49.55 -44.19 -40.85
CA PRO B 25 -50.12 -42.87 -41.06
C PRO B 25 -49.02 -41.91 -41.49
N GLN B 26 -49.40 -40.65 -41.68
CA GLN B 26 -48.47 -39.61 -42.04
C GLN B 26 -47.85 -39.01 -40.79
N THR B 27 -46.54 -38.89 -40.79
CA THR B 27 -45.75 -38.34 -39.70
C THR B 27 -45.02 -37.11 -40.22
N GLY B 28 -44.26 -36.44 -39.35
CA GLY B 28 -43.49 -35.29 -39.78
C GLY B 28 -42.42 -35.61 -40.81
N ILE B 29 -41.90 -36.84 -40.81
CA ILE B 29 -40.86 -37.23 -41.76
C ILE B 29 -41.30 -38.35 -42.69
N THR B 30 -42.25 -39.19 -42.31
CA THR B 30 -42.70 -40.30 -43.14
C THR B 30 -44.08 -40.00 -43.73
N PRO B 31 -44.29 -40.33 -45.01
CA PRO B 31 -45.60 -40.10 -45.63
C PRO B 31 -46.57 -41.25 -45.43
N SER B 32 -47.86 -40.89 -45.31
CA SER B 32 -48.88 -41.91 -45.16
C SER B 32 -48.92 -42.79 -46.41
N GLN B 33 -49.08 -44.11 -46.22
CA GLN B 33 -48.99 -44.99 -47.37
C GLN B 33 -49.84 -46.24 -47.18
N TRP B 34 -50.40 -46.72 -48.30
CA TRP B 34 -51.29 -47.87 -48.41
C TRP B 34 -50.66 -48.94 -49.32
N LEU B 35 -51.30 -50.11 -49.36
CA LEU B 35 -50.82 -51.29 -50.08
C LEU B 35 -51.99 -52.05 -50.68
N ASN B 36 -51.81 -52.57 -51.91
CA ASN B 36 -52.89 -53.28 -52.59
C ASN B 36 -53.10 -54.67 -51.99
N LYS B 37 -52.03 -55.45 -51.87
CA LYS B 37 -52.08 -56.77 -51.24
C LYS B 37 -52.96 -57.76 -51.99
N GLU B 38 -52.94 -57.67 -53.32
CA GLU B 38 -53.71 -58.57 -54.15
C GLU B 38 -52.87 -59.70 -54.75
N ALA B 39 -51.80 -59.38 -55.48
CA ALA B 39 -50.99 -60.43 -56.08
C ALA B 39 -50.31 -61.26 -54.99
N ALA B 40 -50.01 -62.52 -55.32
CA ALA B 40 -49.47 -63.42 -54.30
C ALA B 40 -48.06 -63.01 -53.88
N SER B 41 -47.29 -62.45 -54.81
CA SER B 41 -45.91 -62.08 -54.54
C SER B 41 -45.82 -60.74 -53.84
N ASN B 42 -44.85 -60.61 -52.93
CA ASN B 42 -44.59 -59.33 -52.29
C ASN B 42 -44.37 -58.21 -53.31
N ILE B 43 -43.85 -58.55 -54.49
CA ILE B 43 -43.55 -57.54 -55.49
C ILE B 43 -44.82 -56.98 -56.09
N GLY B 44 -45.79 -57.85 -56.40
CA GLY B 44 -47.01 -57.47 -57.09
C GLY B 44 -47.96 -56.59 -56.30
N TYR B 45 -47.71 -56.37 -55.01
CA TYR B 45 -48.52 -55.43 -54.26
C TYR B 45 -48.36 -54.03 -54.85
N ARG B 46 -49.46 -53.31 -54.97
CA ARG B 46 -49.45 -51.94 -55.50
C ARG B 46 -49.52 -50.96 -54.35
N LYS B 47 -48.67 -49.93 -54.39
CA LYS B 47 -48.59 -49.01 -53.27
C LYS B 47 -49.02 -47.61 -53.68
N VAL B 48 -49.50 -46.86 -52.70
CA VAL B 48 -49.96 -45.49 -52.88
C VAL B 48 -49.50 -44.70 -51.66
N SER B 49 -48.67 -43.69 -51.87
CA SER B 49 -48.19 -42.90 -50.75
C SER B 49 -48.46 -41.42 -51.00
N MET B 50 -48.60 -40.68 -49.89
CA MET B 50 -49.02 -39.29 -49.93
C MET B 50 -48.42 -38.55 -48.74
N PHE B 51 -48.07 -37.29 -48.95
CA PHE B 51 -47.52 -36.45 -47.88
C PHE B 51 -47.93 -34.99 -48.05
N VAL B 52 -48.40 -34.39 -46.96
CA VAL B 52 -48.96 -33.04 -46.95
C VAL B 52 -48.05 -32.16 -46.08
N LYS B 53 -47.10 -31.47 -46.70
CA LYS B 53 -46.19 -30.59 -45.99
C LYS B 53 -46.81 -29.20 -45.88
N TYR B 54 -47.23 -28.83 -44.66
CA TYR B 54 -47.79 -27.52 -44.39
C TYR B 54 -46.69 -26.54 -44.04
N VAL B 55 -46.59 -25.46 -44.81
CA VAL B 55 -45.61 -24.40 -44.58
C VAL B 55 -46.40 -23.13 -44.28
N SER B 56 -46.42 -22.74 -43.00
CA SER B 56 -47.32 -21.68 -42.56
C SER B 56 -46.98 -20.33 -43.19
N ASN B 57 -45.72 -20.10 -43.53
CA ASN B 57 -45.32 -18.92 -44.32
C ASN B 57 -44.42 -19.39 -45.46
N GLY B 58 -45.05 -19.83 -46.54
CA GLY B 58 -44.32 -20.32 -47.69
C GLY B 58 -45.18 -21.26 -48.52
N THR B 59 -44.51 -22.02 -49.37
CA THR B 59 -45.19 -22.87 -50.34
C THR B 59 -45.43 -24.24 -49.73
N SER B 60 -46.67 -24.49 -49.29
CA SER B 60 -47.06 -25.82 -48.86
C SER B 60 -47.08 -26.78 -50.06
N LYS B 61 -46.94 -28.07 -49.79
CA LYS B 61 -46.81 -29.04 -50.87
C LYS B 61 -47.48 -30.36 -50.54
N VAL B 62 -48.39 -30.80 -51.42
CA VAL B 62 -49.02 -32.12 -51.34
C VAL B 62 -48.37 -33.00 -52.41
N THR B 63 -47.85 -34.16 -52.00
CA THR B 63 -47.12 -35.05 -52.89
C THR B 63 -47.76 -36.42 -52.88
N ILE B 64 -47.97 -37.00 -54.06
CA ILE B 64 -48.66 -38.26 -54.23
C ILE B 64 -47.89 -39.13 -55.23
N ARG B 65 -47.74 -40.42 -54.90
CA ARG B 65 -47.13 -41.34 -55.86
C ARG B 65 -47.80 -42.71 -55.78
N ILE B 66 -48.08 -43.26 -56.96
CA ILE B 66 -48.82 -44.49 -57.16
C ILE B 66 -47.95 -45.45 -57.95
N ALA B 67 -47.82 -46.69 -57.47
CA ALA B 67 -46.96 -47.68 -58.10
C ALA B 67 -47.75 -48.97 -58.33
N ASP B 68 -47.82 -49.39 -59.61
CA ASP B 68 -48.52 -50.60 -60.04
C ASP B 68 -47.51 -51.54 -60.69
N PRO B 69 -47.04 -52.56 -59.98
CA PRO B 69 -46.12 -53.54 -60.60
C PRO B 69 -46.87 -54.40 -61.61
N VAL B 70 -46.40 -54.37 -62.86
CA VAL B 70 -46.96 -55.23 -63.88
C VAL B 70 -45.95 -56.33 -64.21
N LEU B 71 -45.99 -57.41 -63.45
CA LEU B 71 -45.09 -58.53 -63.69
C LEU B 71 -45.62 -59.46 -64.76
N ALA B 72 -46.94 -59.47 -64.98
CA ALA B 72 -47.51 -60.23 -66.07
C ALA B 72 -46.89 -59.81 -67.40
N SER B 73 -46.64 -58.51 -67.55
CA SER B 73 -46.11 -57.99 -68.81
C SER B 73 -44.65 -58.34 -69.03
N VAL B 74 -43.95 -58.83 -68.00
CA VAL B 74 -42.52 -59.17 -68.13
C VAL B 74 -42.37 -60.44 -68.97
N PRO B 75 -41.45 -60.47 -69.94
CA PRO B 75 -41.24 -61.70 -70.71
C PRO B 75 -40.79 -62.83 -69.80
N ALA B 76 -41.10 -64.06 -70.22
CA ALA B 76 -40.74 -65.22 -69.41
C ALA B 76 -39.23 -65.39 -69.33
N GLY B 77 -38.50 -64.98 -70.38
CA GLY B 77 -37.07 -65.16 -70.39
C GLY B 77 -36.32 -64.24 -69.44
N CYS B 78 -36.89 -63.06 -69.15
CA CYS B 78 -36.24 -62.11 -68.26
C CYS B 78 -36.52 -62.46 -66.80
N CYS B 79 -35.46 -62.51 -66.00
CA CYS B 79 -35.57 -62.74 -64.57
C CYS B 79 -35.67 -61.41 -63.83
N VAL B 80 -36.52 -61.38 -62.82
CA VAL B 80 -36.72 -60.20 -61.98
C VAL B 80 -36.20 -60.52 -60.59
N ASP B 81 -35.22 -59.74 -60.14
CA ASP B 81 -34.61 -59.90 -58.82
C ASP B 81 -34.37 -58.52 -58.22
N THR B 82 -33.80 -58.49 -57.01
CA THR B 82 -33.65 -57.23 -56.28
C THR B 82 -32.91 -56.19 -57.11
N ASN B 83 -31.99 -56.64 -57.96
CA ASN B 83 -31.19 -55.75 -58.78
C ASN B 83 -31.93 -55.22 -60.00
N THR B 84 -33.09 -55.77 -60.34
CA THR B 84 -33.85 -55.24 -61.48
C THR B 84 -34.36 -53.85 -61.11
N PRO B 85 -34.10 -52.85 -61.96
CA PRO B 85 -34.59 -51.50 -61.65
C PRO B 85 -36.11 -51.44 -61.63
N GLN B 86 -36.65 -50.73 -60.65
CA GLN B 86 -38.10 -50.70 -60.47
C GLN B 86 -38.80 -50.18 -61.70
N VAL B 87 -38.28 -49.10 -62.29
CA VAL B 87 -39.00 -48.35 -63.32
C VAL B 87 -39.10 -49.16 -64.61
N ALA B 88 -38.53 -50.36 -64.59
CA ALA B 88 -38.61 -51.24 -65.74
C ALA B 88 -39.71 -52.29 -65.65
N TYR B 89 -40.23 -52.58 -64.44
CA TYR B 89 -41.25 -53.63 -64.31
C TYR B 89 -42.50 -53.15 -63.59
N SER B 90 -42.77 -51.83 -63.60
CA SER B 90 -43.96 -51.32 -62.95
C SER B 90 -44.25 -49.91 -63.47
N THR B 91 -45.54 -49.56 -63.48
CA THR B 91 -45.97 -48.22 -63.87
C THR B 91 -46.03 -47.31 -62.65
N PHE B 92 -45.79 -46.02 -62.87
CA PHE B 92 -45.68 -45.05 -61.79
C PHE B 92 -46.40 -43.75 -62.14
N PHE B 93 -47.04 -43.14 -61.14
CA PHE B 93 -47.64 -41.81 -61.29
C PHE B 93 -47.24 -40.95 -60.10
N GLU B 94 -46.63 -39.79 -60.37
CA GLU B 94 -46.18 -38.91 -59.29
C GLU B 94 -46.64 -37.49 -59.55
N CYS B 95 -47.39 -36.91 -58.61
CA CYS B 95 -47.84 -35.53 -58.72
C CYS B 95 -47.53 -34.74 -57.46
N THR B 96 -47.41 -33.42 -57.63
CA THR B 96 -47.14 -32.48 -56.54
C THR B 96 -47.96 -31.21 -56.76
N PHE B 97 -48.83 -30.91 -55.79
CA PHE B 97 -49.52 -29.63 -55.70
C PHE B 97 -48.68 -28.67 -54.87
N SER B 98 -48.40 -27.49 -55.41
CA SER B 98 -47.70 -26.43 -54.70
C SER B 98 -48.69 -25.30 -54.45
N VAL B 99 -48.94 -25.01 -53.17
CA VAL B 99 -49.92 -24.03 -52.73
C VAL B 99 -49.24 -22.97 -51.89
N PRO B 100 -49.09 -21.74 -52.37
CA PRO B 100 -48.44 -20.71 -51.57
C PRO B 100 -49.32 -20.29 -50.40
N TYR B 101 -48.68 -19.85 -49.33
CA TYR B 101 -49.42 -19.25 -48.22
C TYR B 101 -50.23 -18.07 -48.76
N GLY B 102 -51.37 -17.81 -48.14
CA GLY B 102 -52.17 -16.72 -48.64
C GLY B 102 -53.00 -17.07 -49.85
N ALA B 103 -53.17 -18.37 -50.14
CA ALA B 103 -54.01 -18.77 -51.25
C ALA B 103 -55.44 -18.87 -50.77
N THR B 104 -56.36 -18.25 -51.49
CA THR B 104 -57.73 -18.32 -51.07
C THR B 104 -58.21 -19.77 -51.15
N LEU B 105 -59.17 -20.10 -50.29
CA LEU B 105 -59.82 -21.39 -50.38
C LEU B 105 -60.27 -21.67 -51.80
N GLN B 106 -60.68 -20.61 -52.50
CA GLN B 106 -61.11 -20.76 -53.88
C GLN B 106 -59.94 -21.06 -54.79
N ASN B 107 -58.74 -20.53 -54.50
CA ASN B 107 -57.56 -20.88 -55.29
C ASN B 107 -57.20 -22.34 -55.12
N LYS B 108 -57.31 -22.86 -53.89
CA LYS B 108 -57.02 -24.28 -53.65
C LYS B 108 -58.02 -25.18 -54.38
N LYS B 109 -59.33 -24.90 -54.21
CA LYS B 109 -60.35 -25.62 -54.96
C LYS B 109 -60.11 -25.52 -56.46
N ASP B 110 -59.73 -24.32 -56.93
CA ASP B 110 -59.51 -24.10 -58.33
C ASP B 110 -58.46 -25.05 -58.87
N ILE B 111 -57.28 -25.07 -58.23
CA ILE B 111 -56.20 -25.86 -58.83
C ILE B 111 -56.50 -27.35 -58.71
N LEU B 112 -57.15 -27.78 -57.63
CA LEU B 112 -57.57 -29.17 -57.56
C LEU B 112 -58.46 -29.52 -58.76
N ALA B 113 -59.43 -28.66 -59.04
CA ALA B 113 -60.36 -28.94 -60.13
C ALA B 113 -59.67 -28.90 -61.49
N TYR B 114 -58.74 -27.95 -61.68
CA TYR B 114 -58.03 -27.88 -62.95
C TYR B 114 -57.23 -29.15 -63.20
N ALA B 115 -56.54 -29.63 -62.16
CA ALA B 115 -55.77 -30.88 -62.29
C ALA B 115 -56.68 -32.04 -62.63
N ARG B 116 -57.79 -32.19 -61.89
CA ARG B 116 -58.64 -33.35 -62.10
C ARG B 116 -59.30 -33.32 -63.47
N ASN B 117 -59.82 -32.15 -63.89
CA ASN B 117 -60.41 -32.04 -65.21
C ASN B 117 -59.38 -32.27 -66.31
N LEU B 118 -58.16 -31.77 -66.14
CA LEU B 118 -57.14 -31.97 -67.15
C LEU B 118 -56.78 -33.44 -67.31
N LEU B 119 -56.58 -34.14 -66.20
CA LEU B 119 -56.34 -35.58 -66.31
C LEU B 119 -57.55 -36.33 -66.84
N GLY B 120 -58.76 -35.79 -66.67
CA GLY B 120 -59.91 -36.37 -67.33
C GLY B 120 -60.01 -36.09 -68.82
N THR B 121 -59.30 -35.07 -69.30
CA THR B 121 -59.43 -34.66 -70.70
C THR B 121 -59.05 -35.79 -71.65
N GLN B 122 -59.66 -35.75 -72.84
CA GLN B 122 -59.35 -36.75 -73.85
C GLN B 122 -57.91 -36.66 -74.30
N VAL B 123 -57.35 -35.45 -74.36
CA VAL B 123 -55.97 -35.33 -74.84
C VAL B 123 -55.04 -36.05 -73.89
N VAL B 124 -55.28 -35.93 -72.58
CA VAL B 124 -54.45 -36.62 -71.59
C VAL B 124 -54.68 -38.13 -71.66
N THR B 125 -55.94 -38.56 -71.72
CA THR B 125 -56.22 -39.99 -71.84
C THR B 125 -55.51 -40.59 -73.06
N ASP B 126 -55.61 -39.89 -74.19
CA ASP B 126 -55.00 -40.31 -75.44
C ASP B 126 -53.47 -40.36 -75.32
N ALA B 127 -52.88 -39.36 -74.67
CA ALA B 127 -51.43 -39.29 -74.57
C ALA B 127 -50.86 -40.36 -73.65
N VAL B 128 -51.57 -40.69 -72.58
CA VAL B 128 -51.03 -41.68 -71.63
C VAL B 128 -51.25 -43.10 -72.14
N VAL B 129 -52.41 -43.38 -72.73
CA VAL B 129 -52.67 -44.74 -73.18
C VAL B 129 -52.05 -44.98 -74.56
N ASP B 130 -52.43 -44.17 -75.55
CA ASP B 130 -51.97 -44.40 -76.92
C ASP B 130 -50.64 -43.72 -77.22
N MET B 131 -50.02 -43.09 -76.23
CA MET B 131 -48.71 -42.45 -76.37
C MET B 131 -48.72 -41.32 -77.39
N THR B 132 -49.91 -40.80 -77.72
CA THR B 132 -50.02 -39.83 -78.80
C THR B 132 -50.05 -38.43 -78.23
N PRO B 133 -49.07 -37.57 -78.56
CA PRO B 133 -48.99 -36.24 -77.96
C PRO B 133 -49.78 -35.19 -78.73
N ALA B 134 -49.66 -33.92 -78.31
CA ALA B 134 -50.32 -32.79 -78.96
C ALA B 134 -49.29 -32.07 -79.83
N TRP B 135 -49.39 -32.25 -81.14
CA TRP B 135 -48.39 -31.73 -82.08
C TRP B 135 -48.86 -30.55 -82.91
N ALA C 1 -53.16 -42.44 -26.62
CA ALA C 1 -53.85 -41.35 -27.31
C ALA C 1 -53.37 -41.23 -28.75
N GLN C 2 -54.09 -41.84 -29.70
CA GLN C 2 -53.82 -41.49 -31.09
C GLN C 2 -54.32 -40.08 -31.37
N ILE C 3 -53.61 -39.39 -32.26
CA ILE C 3 -53.95 -38.00 -32.51
C ILE C 3 -55.31 -37.94 -33.16
N ALA C 4 -56.10 -36.95 -32.76
CA ALA C 4 -57.44 -36.75 -33.31
C ALA C 4 -57.80 -35.29 -33.14
N ASN C 5 -58.95 -34.93 -33.68
CA ASN C 5 -59.40 -33.54 -33.69
C ASN C 5 -59.38 -32.97 -32.27
N LEU C 6 -59.25 -31.65 -32.18
CA LEU C 6 -59.21 -30.98 -30.87
C LEU C 6 -60.14 -29.79 -30.86
N ILE C 7 -61.05 -29.73 -29.90
CA ILE C 7 -62.09 -28.70 -29.85
C ILE C 7 -61.87 -27.82 -28.62
N LEU C 8 -61.75 -26.51 -28.85
CA LEU C 8 -61.44 -25.53 -27.80
C LEU C 8 -62.39 -24.35 -27.90
N ALA C 9 -62.91 -23.91 -26.75
CA ALA C 9 -63.91 -22.86 -26.71
C ALA C 9 -63.26 -21.49 -26.55
N ASP C 10 -63.58 -20.57 -27.47
CA ASP C 10 -63.04 -19.22 -27.38
C ASP C 10 -63.71 -18.45 -26.23
N GLY C 11 -63.07 -17.35 -25.86
CA GLY C 11 -63.58 -16.50 -24.81
C GLY C 11 -64.49 -15.42 -25.36
N GLN C 12 -65.78 -15.54 -25.09
CA GLN C 12 -66.78 -14.59 -25.53
C GLN C 12 -67.87 -14.55 -24.48
N ALA C 13 -68.82 -13.64 -24.69
CA ALA C 13 -70.04 -13.68 -23.89
C ALA C 13 -70.65 -15.08 -23.92
N THR C 14 -70.85 -15.60 -25.12
CA THR C 14 -71.18 -17.00 -25.29
C THR C 14 -70.02 -17.64 -26.03
N PRO C 15 -69.29 -18.57 -25.41
CA PRO C 15 -68.17 -19.19 -26.09
C PRO C 15 -68.64 -20.02 -27.28
N ALA C 16 -67.81 -20.05 -28.32
CA ALA C 16 -68.09 -20.80 -29.53
C ALA C 16 -66.97 -21.82 -29.76
N ASN C 17 -67.34 -23.08 -29.94
CA ASN C 17 -66.35 -24.13 -30.12
C ASN C 17 -65.58 -23.93 -31.43
N HIS C 18 -64.26 -24.03 -31.35
CA HIS C 18 -63.37 -23.95 -32.50
C HIS C 18 -62.65 -25.28 -32.65
N THR C 19 -62.58 -25.79 -33.89
CA THR C 19 -62.02 -27.09 -34.13
C THR C 19 -60.59 -26.98 -34.65
N PHE C 20 -59.77 -27.99 -34.35
CA PHE C 20 -58.34 -28.03 -34.63
C PHE C 20 -58.04 -29.37 -35.29
N VAL C 21 -57.87 -29.33 -36.61
CA VAL C 21 -57.49 -30.54 -37.36
C VAL C 21 -56.03 -30.85 -37.07
N PRO C 22 -55.67 -32.10 -36.80
CA PRO C 22 -54.25 -32.42 -36.59
C PRO C 22 -53.44 -32.27 -37.88
N MET C 23 -52.19 -31.83 -37.72
CA MET C 23 -51.21 -31.78 -38.79
C MET C 23 -50.07 -32.76 -38.60
N GLN C 24 -49.70 -33.04 -37.36
CA GLN C 24 -48.42 -33.69 -37.12
C GLN C 24 -48.51 -34.48 -35.83
N PRO C 25 -48.31 -35.77 -35.85
CA PRO C 25 -48.22 -36.52 -34.59
C PRO C 25 -46.81 -36.44 -34.01
N GLN C 26 -46.76 -36.58 -32.68
CA GLN C 26 -45.48 -36.52 -31.96
C GLN C 26 -44.67 -37.78 -32.23
N THR C 27 -43.45 -37.58 -32.72
CA THR C 27 -42.52 -38.67 -33.02
C THR C 27 -41.11 -38.12 -32.93
N GLY C 28 -40.29 -38.69 -32.05
CA GLY C 28 -38.94 -38.18 -31.88
C GLY C 28 -38.96 -36.78 -31.29
N ILE C 29 -38.30 -35.84 -31.98
CA ILE C 29 -38.30 -34.45 -31.52
C ILE C 29 -39.55 -33.72 -31.99
N THR C 30 -40.11 -34.14 -33.10
CA THR C 30 -41.27 -33.45 -33.69
C THR C 30 -42.49 -33.58 -32.79
N PRO C 31 -43.13 -32.49 -32.36
CA PRO C 31 -44.24 -32.58 -31.42
C PRO C 31 -45.60 -32.62 -32.11
N SER C 32 -46.58 -33.18 -31.40
CA SER C 32 -47.93 -33.23 -31.95
C SER C 32 -48.44 -31.80 -32.11
N GLN C 33 -49.14 -31.54 -33.23
CA GLN C 33 -49.65 -30.20 -33.45
C GLN C 33 -50.92 -30.20 -34.31
N TRP C 34 -51.86 -29.32 -33.93
CA TRP C 34 -53.15 -29.12 -34.59
C TRP C 34 -53.27 -27.68 -35.07
N LEU C 35 -54.16 -27.47 -36.05
CA LEU C 35 -54.36 -26.18 -36.70
C LEU C 35 -55.83 -25.79 -36.72
N ASN C 36 -56.12 -24.48 -36.63
CA ASN C 36 -57.50 -24.02 -36.50
C ASN C 36 -58.26 -24.03 -37.82
N LYS C 37 -57.63 -23.54 -38.90
CA LYS C 37 -58.16 -23.61 -40.28
C LYS C 37 -59.34 -22.67 -40.52
N GLU C 38 -59.34 -21.52 -39.86
CA GLU C 38 -60.47 -20.61 -40.03
C GLU C 38 -60.17 -19.38 -40.89
N ALA C 39 -59.05 -18.72 -40.66
CA ALA C 39 -58.71 -17.58 -41.52
C ALA C 39 -58.42 -18.07 -42.93
N ALA C 40 -58.59 -17.16 -43.90
CA ALA C 40 -58.62 -17.57 -45.31
C ALA C 40 -57.24 -17.99 -45.82
N SER C 41 -56.20 -17.27 -45.43
CA SER C 41 -54.83 -17.54 -45.84
C SER C 41 -54.19 -18.58 -44.95
N ASN C 42 -53.18 -19.27 -45.50
CA ASN C 42 -52.49 -20.30 -44.74
C ASN C 42 -51.83 -19.76 -43.48
N ILE C 43 -51.61 -18.45 -43.40
CA ILE C 43 -50.89 -17.88 -42.25
C ILE C 43 -51.81 -17.78 -41.03
N GLY C 44 -53.08 -17.43 -41.24
CA GLY C 44 -53.96 -17.10 -40.14
C GLY C 44 -54.37 -18.30 -39.30
N TYR C 45 -54.18 -19.51 -39.84
CA TYR C 45 -54.45 -20.75 -39.11
C TYR C 45 -53.82 -20.69 -37.73
N ARG C 46 -54.61 -20.92 -36.70
CA ARG C 46 -54.10 -20.93 -35.33
C ARG C 46 -53.52 -22.29 -35.00
N LYS C 47 -52.48 -22.31 -34.18
CA LYS C 47 -51.72 -23.55 -34.00
C LYS C 47 -51.60 -23.93 -32.53
N VAL C 48 -51.86 -25.19 -32.23
CA VAL C 48 -51.67 -25.75 -30.90
C VAL C 48 -50.64 -26.86 -31.01
N SER C 49 -49.67 -26.89 -30.11
CA SER C 49 -48.69 -27.98 -30.19
C SER C 49 -48.27 -28.41 -28.80
N MET C 50 -47.91 -29.69 -28.69
CA MET C 50 -47.59 -30.32 -27.42
C MET C 50 -46.53 -31.39 -27.64
N PHE C 51 -45.66 -31.54 -26.64
CA PHE C 51 -44.62 -32.57 -26.64
C PHE C 51 -44.48 -33.18 -25.26
N VAL C 52 -44.58 -34.51 -25.19
CA VAL C 52 -44.52 -35.25 -23.93
C VAL C 52 -43.18 -35.98 -23.93
N LYS C 53 -42.23 -35.51 -23.12
CA LYS C 53 -40.94 -36.17 -22.94
C LYS C 53 -41.00 -37.00 -21.66
N TYR C 54 -41.15 -38.31 -21.81
CA TYR C 54 -41.14 -39.24 -20.68
C TYR C 54 -39.70 -39.62 -20.39
N VAL C 55 -39.20 -39.22 -19.21
CA VAL C 55 -37.87 -39.58 -18.76
C VAL C 55 -38.05 -40.65 -17.68
N SER C 56 -37.62 -41.89 -18.01
CA SER C 56 -37.94 -43.02 -17.14
C SER C 56 -37.30 -42.90 -15.77
N ASN C 57 -36.17 -42.20 -15.66
CA ASN C 57 -35.53 -41.91 -14.37
C ASN C 57 -35.07 -40.46 -14.39
N GLY C 58 -35.96 -39.56 -13.98
CA GLY C 58 -35.64 -38.14 -13.98
C GLY C 58 -36.92 -37.31 -14.08
N THR C 59 -36.73 -36.06 -14.45
CA THR C 59 -37.84 -35.10 -14.53
C THR C 59 -38.44 -35.16 -15.93
N SER C 60 -39.63 -35.76 -16.04
CA SER C 60 -40.37 -35.78 -17.29
C SER C 60 -41.04 -34.43 -17.53
N LYS C 61 -41.31 -34.10 -18.79
CA LYS C 61 -41.71 -32.74 -19.15
C LYS C 61 -42.76 -32.75 -20.24
N VAL C 62 -43.92 -32.15 -19.97
CA VAL C 62 -44.96 -31.92 -20.96
C VAL C 62 -44.91 -30.44 -21.33
N THR C 63 -44.80 -30.14 -22.62
CA THR C 63 -44.66 -28.77 -23.10
C THR C 63 -45.77 -28.44 -24.09
N ILE C 64 -46.41 -27.29 -23.92
CA ILE C 64 -47.59 -26.92 -24.70
C ILE C 64 -47.48 -25.46 -25.13
N ARG C 65 -47.90 -25.15 -26.35
CA ARG C 65 -47.93 -23.77 -26.84
C ARG C 65 -49.11 -23.56 -27.77
N ILE C 66 -49.78 -22.43 -27.60
CA ILE C 66 -50.97 -22.03 -28.35
C ILE C 66 -50.68 -20.69 -29.00
N ALA C 67 -50.87 -20.62 -30.32
CA ALA C 67 -50.56 -19.42 -31.10
C ALA C 67 -51.81 -18.97 -31.84
N ASP C 68 -52.29 -17.77 -31.49
CA ASP C 68 -53.49 -17.11 -32.01
C ASP C 68 -53.03 -15.93 -32.85
N PRO C 69 -52.79 -16.11 -34.13
CA PRO C 69 -52.38 -14.99 -34.98
C PRO C 69 -53.59 -14.26 -35.56
N VAL C 70 -53.40 -12.96 -35.82
CA VAL C 70 -54.42 -12.14 -36.45
C VAL C 70 -53.82 -11.45 -37.67
N LEU C 71 -54.45 -11.64 -38.82
CA LEU C 71 -53.97 -11.06 -40.07
C LEU C 71 -54.12 -9.55 -40.07
N ALA C 72 -53.16 -8.86 -40.67
CA ALA C 72 -53.19 -7.41 -40.75
C ALA C 72 -54.09 -6.96 -41.90
N SER C 73 -54.84 -5.89 -41.64
CA SER C 73 -55.60 -5.20 -42.68
C SER C 73 -54.88 -3.87 -42.93
N VAL C 74 -54.23 -3.76 -44.08
CA VAL C 74 -53.42 -2.60 -44.39
C VAL C 74 -54.31 -1.44 -44.78
N PRO C 75 -53.87 -0.19 -44.64
CA PRO C 75 -54.61 0.94 -45.18
C PRO C 75 -54.21 1.16 -46.63
N ALA C 76 -54.93 2.07 -47.29
CA ALA C 76 -54.68 2.32 -48.70
C ALA C 76 -53.28 2.85 -48.94
N GLY C 77 -52.68 3.50 -47.93
CA GLY C 77 -51.48 4.28 -48.17
C GLY C 77 -50.26 3.45 -48.51
N CYS C 78 -50.05 2.34 -47.80
CA CYS C 78 -48.81 1.59 -48.00
C CYS C 78 -48.82 0.74 -49.26
N CYS C 79 -50.00 0.43 -49.79
CA CYS C 79 -50.16 -0.17 -51.12
C CYS C 79 -49.53 -1.55 -51.24
N VAL C 80 -49.45 -2.30 -50.15
CA VAL C 80 -49.22 -3.73 -50.29
C VAL C 80 -50.44 -4.33 -50.94
N ASP C 81 -50.23 -5.18 -51.94
CA ASP C 81 -51.33 -5.76 -52.70
C ASP C 81 -52.31 -6.46 -51.76
N THR C 82 -53.60 -6.26 -52.03
CA THR C 82 -54.66 -6.93 -51.27
C THR C 82 -54.41 -8.43 -51.18
N ASN C 83 -53.73 -9.00 -52.17
CA ASN C 83 -53.66 -10.46 -52.29
C ASN C 83 -52.60 -11.08 -51.39
N THR C 84 -51.54 -10.34 -51.04
CA THR C 84 -50.48 -10.87 -50.19
C THR C 84 -50.73 -10.48 -48.74
N PRO C 85 -51.26 -11.38 -47.91
CA PRO C 85 -51.50 -11.02 -46.51
C PRO C 85 -50.25 -11.17 -45.68
N GLN C 86 -50.22 -10.41 -44.60
CA GLN C 86 -49.15 -10.50 -43.61
C GLN C 86 -49.78 -10.62 -42.23
N VAL C 87 -49.09 -11.31 -41.33
CA VAL C 87 -49.57 -11.46 -39.97
C VAL C 87 -49.21 -10.22 -39.18
N ALA C 88 -50.22 -9.60 -38.56
CA ALA C 88 -50.00 -8.36 -37.82
C ALA C 88 -49.33 -8.63 -36.49
N TYR C 89 -49.86 -9.58 -35.75
CA TYR C 89 -49.43 -9.92 -34.40
C TYR C 89 -50.07 -11.24 -34.04
N SER C 90 -49.59 -11.86 -32.97
CA SER C 90 -50.16 -13.13 -32.50
C SER C 90 -49.96 -13.23 -30.99
N THR C 91 -51.02 -13.66 -30.31
CA THR C 91 -50.94 -13.94 -28.89
C THR C 91 -50.41 -15.37 -28.68
N PHE C 92 -49.63 -15.56 -27.62
CA PHE C 92 -48.96 -16.82 -27.37
C PHE C 92 -49.19 -17.29 -25.94
N PHE C 93 -49.42 -18.59 -25.77
CA PHE C 93 -49.47 -19.21 -24.44
C PHE C 93 -48.53 -20.41 -24.43
N GLU C 94 -47.57 -20.42 -23.50
CA GLU C 94 -46.60 -21.52 -23.44
C GLU C 94 -46.46 -22.00 -22.01
N CYS C 95 -46.75 -23.28 -21.77
CA CYS C 95 -46.66 -23.86 -20.45
C CYS C 95 -45.81 -25.13 -20.49
N THR C 96 -45.28 -25.49 -19.31
CA THR C 96 -44.46 -26.69 -19.13
C THR C 96 -44.79 -27.30 -17.77
N PHE C 97 -45.21 -28.57 -17.79
CA PHE C 97 -45.35 -29.38 -16.60
C PHE C 97 -44.07 -30.19 -16.39
N SER C 98 -43.52 -30.13 -15.18
CA SER C 98 -42.36 -30.91 -14.77
C SER C 98 -42.81 -31.92 -13.72
N VAL C 99 -42.69 -33.21 -14.06
CA VAL C 99 -43.11 -34.32 -13.21
C VAL C 99 -41.89 -35.17 -12.86
N PRO C 100 -41.43 -35.16 -11.61
CA PRO C 100 -40.23 -35.91 -11.26
C PRO C 100 -40.49 -37.41 -11.25
N TYR C 101 -39.41 -38.17 -11.07
CA TYR C 101 -39.51 -39.61 -11.18
C TYR C 101 -40.50 -40.18 -10.18
N GLY C 102 -40.41 -39.76 -8.92
CA GLY C 102 -41.15 -40.38 -7.84
C GLY C 102 -42.57 -39.92 -7.69
N ALA C 103 -43.08 -39.13 -8.63
CA ALA C 103 -44.36 -38.46 -8.44
C ALA C 103 -45.50 -39.45 -8.39
N THR C 104 -46.39 -39.26 -7.43
CA THR C 104 -47.58 -40.09 -7.36
C THR C 104 -48.52 -39.75 -8.52
N LEU C 105 -49.27 -40.77 -8.95
CA LEU C 105 -50.32 -40.50 -9.92
C LEU C 105 -51.31 -39.48 -9.38
N GLN C 106 -51.60 -39.56 -8.09
CA GLN C 106 -52.44 -38.55 -7.47
C GLN C 106 -51.78 -37.16 -7.55
N ASN C 107 -50.46 -37.10 -7.44
CA ASN C 107 -49.73 -35.83 -7.58
C ASN C 107 -49.87 -35.25 -8.98
N LYS C 108 -49.77 -36.11 -10.00
CA LYS C 108 -49.97 -35.66 -11.38
C LYS C 108 -51.37 -35.07 -11.56
N LYS C 109 -52.39 -35.82 -11.11
CA LYS C 109 -53.75 -35.30 -11.10
C LYS C 109 -53.82 -33.94 -10.39
N ASP C 110 -53.21 -33.86 -9.20
CA ASP C 110 -53.23 -32.65 -8.41
C ASP C 110 -52.73 -31.46 -9.22
N ILE C 111 -51.52 -31.58 -9.79
CA ILE C 111 -50.92 -30.40 -10.40
C ILE C 111 -51.67 -30.00 -11.67
N LEU C 112 -52.15 -30.99 -12.44
CA LEU C 112 -52.96 -30.61 -13.59
C LEU C 112 -54.20 -29.82 -13.15
N ALA C 113 -54.84 -30.26 -12.06
CA ALA C 113 -56.03 -29.57 -11.59
C ALA C 113 -55.69 -28.17 -11.07
N TYR C 114 -54.56 -28.03 -10.36
CA TYR C 114 -54.16 -26.72 -9.87
C TYR C 114 -53.92 -25.75 -11.02
N ALA C 115 -53.28 -26.25 -12.09
CA ALA C 115 -53.06 -25.40 -13.27
C ALA C 115 -54.38 -24.97 -13.90
N ARG C 116 -55.29 -25.93 -14.12
CA ARG C 116 -56.55 -25.59 -14.77
C ARG C 116 -57.36 -24.61 -13.92
N ASN C 117 -57.49 -24.88 -12.62
CA ASN C 117 -58.26 -24.00 -11.75
C ASN C 117 -57.61 -22.62 -11.65
N LEU C 118 -56.26 -22.57 -11.64
CA LEU C 118 -55.59 -21.28 -11.53
C LEU C 118 -55.78 -20.44 -12.78
N LEU C 119 -55.78 -21.07 -13.96
CA LEU C 119 -56.18 -20.33 -15.15
C LEU C 119 -57.65 -19.93 -15.10
N GLY C 120 -58.45 -20.66 -14.31
CA GLY C 120 -59.81 -20.22 -14.06
C GLY C 120 -59.93 -19.03 -13.12
N THR C 121 -58.95 -18.82 -12.25
CA THR C 121 -59.10 -17.89 -11.13
C THR C 121 -59.33 -16.46 -11.59
N GLN C 122 -60.02 -15.70 -10.74
CA GLN C 122 -60.32 -14.31 -11.03
C GLN C 122 -59.04 -13.47 -11.09
N VAL C 123 -58.06 -13.78 -10.25
CA VAL C 123 -56.81 -13.01 -10.26
C VAL C 123 -56.10 -13.16 -11.59
N VAL C 124 -56.04 -14.39 -12.12
CA VAL C 124 -55.34 -14.62 -13.38
C VAL C 124 -56.12 -14.02 -14.55
N THR C 125 -57.44 -14.21 -14.58
CA THR C 125 -58.24 -13.60 -15.64
C THR C 125 -58.04 -12.08 -15.65
N ASP C 126 -58.12 -11.47 -14.46
CA ASP C 126 -57.86 -10.05 -14.30
C ASP C 126 -56.49 -9.67 -14.85
N ALA C 127 -55.45 -10.41 -14.44
CA ALA C 127 -54.08 -10.03 -14.78
C ALA C 127 -53.82 -10.15 -16.28
N VAL C 128 -54.26 -11.24 -16.89
CA VAL C 128 -53.99 -11.47 -18.31
C VAL C 128 -54.79 -10.52 -19.20
N VAL C 129 -56.04 -10.20 -18.80
CA VAL C 129 -56.85 -9.39 -19.71
C VAL C 129 -56.60 -7.90 -19.51
N ASP C 130 -56.52 -7.42 -18.27
CA ASP C 130 -56.38 -6.00 -18.01
C ASP C 130 -54.95 -5.59 -17.65
N MET C 131 -54.00 -6.52 -17.70
CA MET C 131 -52.60 -6.23 -17.37
C MET C 131 -52.46 -5.60 -15.98
N THR C 132 -53.32 -6.04 -15.07
CA THR C 132 -53.31 -5.54 -13.71
C THR C 132 -52.68 -6.59 -12.81
N PRO C 133 -51.59 -6.26 -12.11
CA PRO C 133 -50.95 -7.26 -11.25
C PRO C 133 -51.76 -7.58 -10.00
N ALA C 134 -51.23 -8.47 -9.16
CA ALA C 134 -51.81 -8.73 -7.85
C ALA C 134 -50.96 -7.98 -6.83
N TRP C 135 -51.33 -6.72 -6.60
CA TRP C 135 -50.54 -5.82 -5.74
C TRP C 135 -50.89 -5.96 -4.27
N ALA D 1 -14.24 30.02 60.30
CA ALA D 1 -13.48 29.06 61.10
C ALA D 1 -11.99 29.34 61.04
N GLN D 2 -11.50 30.20 61.93
CA GLN D 2 -10.06 30.24 62.17
C GLN D 2 -9.59 28.85 62.60
N ILE D 3 -8.34 28.52 62.25
CA ILE D 3 -7.83 27.21 62.62
C ILE D 3 -7.67 27.13 64.14
N ALA D 4 -8.01 25.98 64.69
CA ALA D 4 -7.93 25.76 66.13
C ALA D 4 -7.89 24.25 66.36
N ASN D 5 -7.73 23.88 67.63
CA ASN D 5 -7.57 22.49 68.03
C ASN D 5 -8.68 21.61 67.48
N LEU D 6 -8.44 20.30 67.39
CA LEU D 6 -9.41 19.35 66.87
C LEU D 6 -9.49 18.17 67.82
N ILE D 7 -10.68 17.69 68.15
CA ILE D 7 -10.83 16.62 69.13
C ILE D 7 -11.63 15.49 68.50
N LEU D 8 -10.97 14.34 68.33
CA LEU D 8 -11.57 13.17 67.67
C LEU D 8 -11.50 11.97 68.59
N ALA D 9 -12.59 11.22 68.68
CA ALA D 9 -12.68 10.09 69.59
C ALA D 9 -12.38 8.79 68.87
N ASP D 10 -11.44 8.02 69.41
CA ASP D 10 -11.11 6.73 68.84
C ASP D 10 -12.23 5.71 69.11
N GLY D 11 -12.14 4.58 68.42
CA GLY D 11 -13.13 3.54 68.61
C GLY D 11 -12.66 2.50 69.60
N GLN D 12 -13.24 2.50 70.79
CA GLN D 12 -12.94 1.50 71.80
C GLN D 12 -14.24 1.09 72.45
N ALA D 13 -14.13 0.18 73.42
CA ALA D 13 -15.26 -0.08 74.30
C ALA D 13 -15.81 1.23 74.85
N THR D 14 -14.94 2.00 75.48
CA THR D 14 -15.24 3.38 75.82
C THR D 14 -14.29 4.25 75.01
N PRO D 15 -14.80 5.05 74.08
CA PRO D 15 -13.91 5.91 73.30
C PRO D 15 -13.17 6.90 74.19
N ALA D 16 -11.90 7.11 73.87
CA ALA D 16 -11.07 8.10 74.55
C ALA D 16 -10.72 9.22 73.57
N ASN D 17 -10.96 10.46 73.98
CA ASN D 17 -10.76 11.61 73.12
C ASN D 17 -9.27 11.86 72.87
N HIS D 18 -8.93 12.16 71.61
CA HIS D 18 -7.57 12.50 71.21
C HIS D 18 -7.57 13.89 70.60
N THR D 19 -6.56 14.66 70.92
CA THR D 19 -6.50 16.06 70.54
C THR D 19 -5.45 16.28 69.46
N PHE D 20 -5.72 17.26 68.59
CA PHE D 20 -4.94 17.55 67.40
C PHE D 20 -4.61 19.04 67.41
N VAL D 21 -3.32 19.34 67.63
CA VAL D 21 -2.84 20.72 67.60
C VAL D 21 -2.72 21.16 66.15
N PRO D 22 -3.13 22.38 65.80
CA PRO D 22 -2.93 22.86 64.43
C PRO D 22 -1.47 23.21 64.17
N MET D 23 -1.00 22.91 62.96
CA MET D 23 0.36 23.20 62.56
C MET D 23 0.46 24.15 61.38
N GLN D 24 -0.38 23.99 60.35
CA GLN D 24 -0.38 24.90 59.23
C GLN D 24 -1.81 25.13 58.76
N PRO D 25 -2.21 26.37 58.50
CA PRO D 25 -3.54 26.66 57.99
C PRO D 25 -3.59 26.66 56.47
N GLN D 26 -4.81 26.81 55.96
CA GLN D 26 -5.08 26.76 54.54
C GLN D 26 -4.85 28.14 53.91
N THR D 27 -3.76 28.27 53.17
CA THR D 27 -3.50 29.44 52.35
C THR D 27 -2.97 28.96 51.01
N GLY D 28 -3.66 29.32 49.93
CA GLY D 28 -3.20 28.92 48.61
C GLY D 28 -3.35 27.41 48.40
N ILE D 29 -2.27 26.78 47.95
CA ILE D 29 -2.29 25.34 47.71
C ILE D 29 -2.19 24.56 49.02
N THR D 30 -1.51 25.10 50.02
CA THR D 30 -1.24 24.35 51.24
C THR D 30 -2.53 24.18 52.05
N PRO D 31 -2.84 22.97 52.50
CA PRO D 31 -4.09 22.73 53.24
C PRO D 31 -3.92 22.83 54.74
N SER D 32 -5.03 23.16 55.41
CA SER D 32 -5.02 23.19 56.87
C SER D 32 -4.75 21.78 57.40
N GLN D 33 -3.98 21.69 58.49
CA GLN D 33 -3.57 20.38 58.97
C GLN D 33 -3.21 20.40 60.46
N TRP D 34 -3.59 19.33 61.14
CA TRP D 34 -3.43 19.13 62.59
C TRP D 34 -2.65 17.85 62.85
N LEU D 35 -1.97 17.82 64.00
CA LEU D 35 -1.10 16.72 64.42
C LEU D 35 -1.53 16.23 65.80
N ASN D 36 -1.45 14.91 66.02
CA ASN D 36 -1.93 14.34 67.28
C ASN D 36 -0.91 14.52 68.41
N LYS D 37 0.37 14.28 68.12
CA LYS D 37 1.48 14.51 69.06
C LYS D 37 1.43 13.57 70.27
N GLU D 38 0.94 12.35 70.05
CA GLU D 38 0.86 11.37 71.13
C GLU D 38 1.93 10.29 71.07
N ALA D 39 2.41 9.92 69.88
CA ALA D 39 3.31 8.78 69.78
C ALA D 39 4.70 9.13 70.33
N ALA D 40 5.53 8.09 70.46
CA ALA D 40 6.85 8.25 71.06
C ALA D 40 7.80 9.08 70.19
N SER D 41 7.82 8.80 68.89
CA SER D 41 8.70 9.50 67.95
C SER D 41 7.91 10.55 67.16
N ASN D 42 8.65 11.45 66.52
CA ASN D 42 7.98 12.50 65.76
C ASN D 42 7.24 11.98 64.54
N ILE D 43 7.53 10.75 64.11
CA ILE D 43 6.91 10.21 62.91
C ILE D 43 5.58 9.51 63.22
N GLY D 44 5.38 9.05 64.45
CA GLY D 44 4.15 8.38 64.83
C GLY D 44 2.96 9.29 65.03
N TYR D 45 3.19 10.61 65.00
CA TYR D 45 2.12 11.57 65.22
C TYR D 45 1.02 11.38 64.19
N ARG D 46 -0.22 11.30 64.66
CA ARG D 46 -1.34 11.12 63.75
C ARG D 46 -1.76 12.47 63.18
N LYS D 47 -2.09 12.49 61.89
CA LYS D 47 -2.32 13.78 61.25
C LYS D 47 -3.65 13.82 60.51
N VAL D 48 -4.23 15.01 60.46
CA VAL D 48 -5.46 15.27 59.76
C VAL D 48 -5.21 16.48 58.88
N SER D 49 -5.78 16.49 57.68
CA SER D 49 -5.64 17.68 56.85
C SER D 49 -6.88 17.84 55.98
N MET D 50 -7.16 19.09 55.61
CA MET D 50 -8.38 19.47 54.93
C MET D 50 -8.10 20.68 54.02
N PHE D 51 -8.76 20.71 52.87
CA PHE D 51 -8.66 21.81 51.91
C PHE D 51 -10.02 22.07 51.26
N VAL D 52 -10.42 23.35 51.23
CA VAL D 52 -11.74 23.76 50.74
C VAL D 52 -11.53 24.66 49.52
N LYS D 53 -11.48 24.05 48.34
CA LYS D 53 -11.33 24.79 47.10
C LYS D 53 -12.68 25.32 46.65
N TYR D 54 -12.87 26.63 46.77
CA TYR D 54 -14.10 27.30 46.36
C TYR D 54 -13.96 27.76 44.91
N VAL D 55 -14.75 27.18 44.02
CA VAL D 55 -14.75 27.51 42.60
C VAL D 55 -16.05 28.23 42.27
N SER D 56 -15.95 29.54 42.03
CA SER D 56 -17.16 30.37 41.95
C SER D 56 -18.04 29.98 40.76
N ASN D 57 -17.43 29.70 39.60
CA ASN D 57 -18.17 29.13 38.48
C ASN D 57 -17.53 27.80 38.12
N GLY D 58 -17.93 26.75 38.83
CA GLY D 58 -17.35 25.44 38.62
C GLY D 58 -17.58 24.58 39.84
N THR D 59 -16.82 23.49 39.89
CA THR D 59 -17.06 22.40 40.83
C THR D 59 -16.16 22.58 42.04
N SER D 60 -16.70 23.15 43.11
CA SER D 60 -15.97 23.30 44.35
C SER D 60 -15.70 21.94 44.97
N LYS D 61 -14.64 21.85 45.78
CA LYS D 61 -14.19 20.56 46.32
C LYS D 61 -13.65 20.70 47.73
N VAL D 62 -14.11 19.82 48.63
CA VAL D 62 -13.58 19.73 49.99
C VAL D 62 -12.88 18.39 50.13
N THR D 63 -11.58 18.42 50.42
CA THR D 63 -10.76 17.22 50.51
C THR D 63 -10.24 17.04 51.93
N ILE D 64 -10.40 15.83 52.46
CA ILE D 64 -10.01 15.51 53.84
C ILE D 64 -9.22 14.22 53.85
N ARG D 65 -8.14 14.17 54.63
CA ARG D 65 -7.38 12.94 54.78
C ARG D 65 -6.88 12.78 56.22
N ILE D 66 -7.00 11.56 56.73
CA ILE D 66 -6.69 11.19 58.11
C ILE D 66 -5.69 10.05 58.09
N ALA D 67 -4.57 10.21 58.80
CA ALA D 67 -3.48 9.24 58.82
C ALA D 67 -3.18 8.81 60.24
N ASP D 68 -3.34 7.51 60.50
CA ASP D 68 -3.10 6.89 61.82
C ASP D 68 -1.96 5.91 61.68
N PRO D 69 -0.73 6.30 62.00
CA PRO D 69 0.39 5.36 61.89
C PRO D 69 0.65 4.60 63.18
N VAL D 70 1.26 3.43 63.03
CA VAL D 70 1.68 2.59 64.15
C VAL D 70 3.17 2.33 63.98
N LEU D 71 3.96 2.75 64.95
CA LEU D 71 5.42 2.65 64.85
C LEU D 71 5.86 1.21 65.09
N ALA D 72 7.11 0.93 64.73
CA ALA D 72 7.69 -0.41 64.81
C ALA D 72 8.39 -0.56 66.15
N SER D 73 7.83 -1.37 67.04
CA SER D 73 8.41 -1.61 68.36
C SER D 73 9.23 -2.90 68.33
N VAL D 74 10.50 -2.78 68.70
CA VAL D 74 11.44 -3.90 68.68
C VAL D 74 11.73 -4.32 70.12
N PRO D 75 12.14 -5.57 70.35
CA PRO D 75 12.46 -6.00 71.72
C PRO D 75 13.49 -5.09 72.38
N ALA D 76 13.34 -4.89 73.69
CA ALA D 76 14.08 -3.86 74.39
C ALA D 76 15.58 -4.11 74.35
N GLY D 77 16.00 -5.35 74.61
CA GLY D 77 17.42 -5.66 74.56
C GLY D 77 18.03 -5.47 73.19
N CYS D 78 17.23 -5.51 72.14
CA CYS D 78 17.76 -5.39 70.79
C CYS D 78 18.25 -3.97 70.53
N CYS D 79 19.09 -3.81 69.51
CA CYS D 79 19.74 -2.55 69.21
C CYS D 79 19.33 -2.07 67.82
N VAL D 80 18.38 -1.14 67.79
CA VAL D 80 18.14 -0.30 66.61
C VAL D 80 18.14 1.14 67.12
N ASP D 81 18.90 1.99 66.45
CA ASP D 81 19.09 3.36 66.93
C ASP D 81 17.74 4.03 67.11
N THR D 82 17.47 4.47 68.33
CA THR D 82 16.21 5.15 68.62
C THR D 82 16.08 6.47 67.86
N ASN D 83 17.21 7.03 67.42
CA ASN D 83 17.15 8.23 66.60
C ASN D 83 16.60 7.94 65.21
N THR D 84 16.62 6.69 64.76
CA THR D 84 16.10 6.31 63.45
C THR D 84 14.99 5.28 63.61
N PRO D 85 13.73 5.71 63.95
CA PRO D 85 12.61 4.78 63.98
C PRO D 85 11.88 4.76 62.65
N GLN D 86 11.10 3.72 62.42
CA GLN D 86 10.31 3.59 61.21
C GLN D 86 8.86 3.38 61.57
N VAL D 87 8.01 3.65 60.61
CA VAL D 87 6.59 3.34 60.70
C VAL D 87 6.37 1.96 60.11
N ALA D 88 5.81 1.06 60.91
CA ALA D 88 5.51 -0.29 60.44
C ALA D 88 4.41 -0.25 59.38
N TYR D 89 3.32 0.45 59.66
CA TYR D 89 2.18 0.56 58.76
C TYR D 89 1.31 1.70 59.28
N SER D 90 0.41 2.19 58.41
CA SER D 90 -0.46 3.29 58.79
C SER D 90 -1.78 3.19 58.04
N THR D 91 -2.87 3.37 58.76
CA THR D 91 -4.19 3.38 58.15
C THR D 91 -4.51 4.79 57.63
N PHE D 92 -5.29 4.85 56.55
CA PHE D 92 -5.58 6.11 55.89
C PHE D 92 -7.06 6.23 55.55
N PHE D 93 -7.59 7.45 55.65
CA PHE D 93 -8.95 7.76 55.19
C PHE D 93 -8.92 9.01 54.34
N GLU D 94 -9.39 8.92 53.09
CA GLU D 94 -9.37 10.08 52.19
C GLU D 94 -10.73 10.25 51.54
N CYS D 95 -11.35 11.43 51.72
CA CYS D 95 -12.65 11.72 51.12
C CYS D 95 -12.63 13.08 50.42
N THR D 96 -13.46 13.20 49.39
CA THR D 96 -13.60 14.43 48.62
C THR D 96 -15.08 14.66 48.33
N PHE D 97 -15.58 15.80 48.81
CA PHE D 97 -16.89 16.32 48.43
C PHE D 97 -16.73 17.17 47.18
N SER D 98 -17.61 16.97 46.20
CA SER D 98 -17.63 17.76 44.97
C SER D 98 -19.00 18.39 44.83
N VAL D 99 -19.05 19.71 44.98
CA VAL D 99 -20.29 20.48 45.01
C VAL D 99 -20.32 21.40 43.79
N PRO D 100 -21.32 21.31 42.93
CA PRO D 100 -21.36 22.19 41.75
C PRO D 100 -21.56 23.65 42.14
N TYR D 101 -21.17 24.53 41.23
CA TYR D 101 -21.65 25.90 41.30
C TYR D 101 -23.17 25.91 41.29
N GLY D 102 -23.74 26.92 41.89
CA GLY D 102 -25.18 27.04 41.90
C GLY D 102 -25.92 25.96 42.66
N ALA D 103 -25.24 25.23 43.54
CA ALA D 103 -25.92 24.25 44.38
C ALA D 103 -26.50 24.94 45.60
N THR D 104 -27.76 24.61 45.91
CA THR D 104 -28.44 25.20 47.06
C THR D 104 -27.75 24.80 48.35
N LEU D 105 -27.78 25.72 49.32
CA LEU D 105 -27.36 25.38 50.67
C LEU D 105 -28.06 24.10 51.14
N GLN D 106 -29.29 23.88 50.68
CA GLN D 106 -29.98 22.63 51.01
C GLN D 106 -29.33 21.43 50.35
N ASN D 107 -28.86 21.58 49.10
CA ASN D 107 -28.16 20.48 48.44
C ASN D 107 -26.86 20.13 49.18
N LYS D 108 -26.17 21.16 49.69
CA LYS D 108 -24.93 20.92 50.44
C LYS D 108 -25.21 20.19 51.75
N LYS D 109 -26.20 20.69 52.52
CA LYS D 109 -26.67 19.97 53.70
C LYS D 109 -26.99 18.53 53.36
N ASP D 110 -27.74 18.32 52.26
CA ASP D 110 -28.15 16.99 51.87
C ASP D 110 -26.97 16.05 51.71
N ILE D 111 -25.98 16.44 50.89
CA ILE D 111 -24.91 15.49 50.61
C ILE D 111 -24.03 15.27 51.83
N LEU D 112 -23.79 16.32 52.62
CA LEU D 112 -23.06 16.10 53.88
C LEU D 112 -23.76 15.04 54.72
N ALA D 113 -25.09 15.16 54.86
CA ALA D 113 -25.83 14.21 55.68
C ALA D 113 -25.81 12.81 55.08
N TYR D 114 -25.94 12.69 53.76
CA TYR D 114 -25.89 11.36 53.15
C TYR D 114 -24.55 10.69 53.44
N ALA D 115 -23.46 11.44 53.31
CA ALA D 115 -22.13 10.89 53.57
C ALA D 115 -22.01 10.43 55.02
N ARG D 116 -22.41 11.30 55.96
CA ARG D 116 -22.25 10.96 57.36
C ARG D 116 -23.11 9.76 57.75
N ASN D 117 -24.37 9.73 57.30
CA ASN D 117 -25.25 8.62 57.60
C ASN D 117 -24.74 7.32 56.97
N LEU D 118 -24.18 7.40 55.77
CA LEU D 118 -23.68 6.19 55.13
C LEU D 118 -22.48 5.63 55.87
N LEU D 119 -21.53 6.50 56.26
CA LEU D 119 -20.41 6.00 57.05
C LEU D 119 -20.85 5.50 58.41
N GLY D 120 -21.98 6.00 58.90
CA GLY D 120 -22.55 5.42 60.09
C GLY D 120 -23.37 4.16 59.90
N THR D 121 -23.52 3.66 58.67
CA THR D 121 -24.38 2.50 58.44
C THR D 121 -23.69 1.21 58.87
N GLN D 122 -24.52 0.22 59.22
CA GLN D 122 -23.98 -1.05 59.67
C GLN D 122 -23.20 -1.75 58.56
N VAL D 123 -23.63 -1.62 57.31
CA VAL D 123 -22.90 -2.27 56.23
C VAL D 123 -21.52 -1.65 56.06
N VAL D 124 -21.42 -0.33 56.23
CA VAL D 124 -20.12 0.34 56.07
C VAL D 124 -19.19 0.02 57.23
N THR D 125 -19.70 0.08 58.47
CA THR D 125 -18.87 -0.28 59.61
C THR D 125 -18.43 -1.73 59.50
N ASP D 126 -19.35 -2.62 59.10
CA ASP D 126 -19.03 -4.01 58.86
C ASP D 126 -17.89 -4.15 57.85
N ALA D 127 -18.01 -3.47 56.70
CA ALA D 127 -17.02 -3.61 55.64
C ALA D 127 -15.64 -3.14 56.09
N VAL D 128 -15.57 -1.96 56.72
CA VAL D 128 -14.28 -1.39 57.08
C VAL D 128 -13.61 -2.18 58.21
N VAL D 129 -14.38 -2.67 59.17
CA VAL D 129 -13.77 -3.33 60.32
C VAL D 129 -13.52 -4.80 60.04
N ASP D 130 -14.55 -5.54 59.64
CA ASP D 130 -14.40 -6.98 59.45
C ASP D 130 -13.94 -7.36 58.05
N MET D 131 -13.80 -6.39 57.13
CA MET D 131 -13.50 -6.67 55.73
C MET D 131 -14.62 -7.44 55.06
N THR D 132 -15.86 -7.08 55.38
CA THR D 132 -17.01 -7.85 54.91
C THR D 132 -17.76 -7.05 53.84
N PRO D 133 -17.93 -7.60 52.64
CA PRO D 133 -18.57 -6.86 51.55
C PRO D 133 -20.08 -7.00 51.55
N ALA D 134 -20.74 -6.37 50.58
CA ALA D 134 -22.17 -6.53 50.37
C ALA D 134 -22.37 -7.51 49.21
N TRP D 135 -22.65 -8.77 49.54
CA TRP D 135 -22.71 -9.83 48.53
C TRP D 135 -24.12 -10.16 48.04
N ALA E 1 -4.36 44.87 61.48
CA ALA E 1 -5.64 44.31 61.11
C ALA E 1 -5.56 42.81 60.91
N GLN E 2 -5.82 42.03 61.95
CA GLN E 2 -6.07 40.62 61.72
C GLN E 2 -7.30 40.49 60.84
N ILE E 3 -7.28 39.51 59.92
CA ILE E 3 -8.42 39.36 59.03
C ILE E 3 -9.67 39.10 59.84
N ALA E 4 -10.74 39.77 59.48
CA ALA E 4 -12.00 39.61 60.19
C ALA E 4 -13.12 39.98 59.23
N ASN E 5 -14.35 39.77 59.68
CA ASN E 5 -15.52 40.05 58.87
C ASN E 5 -15.47 41.47 58.31
N LEU E 6 -16.12 41.67 57.17
CA LEU E 6 -16.08 42.95 56.48
C LEU E 6 -17.51 43.34 56.12
N ILE E 7 -17.92 44.57 56.43
CA ILE E 7 -19.31 44.97 56.27
C ILE E 7 -19.37 46.15 55.30
N LEU E 8 -20.03 45.94 54.16
CA LEU E 8 -20.13 46.95 53.11
C LEU E 8 -21.60 47.20 52.78
N ALA E 9 -21.96 48.48 52.64
CA ALA E 9 -23.35 48.85 52.42
C ALA E 9 -23.63 49.03 50.93
N ASP E 10 -24.66 48.36 50.44
CA ASP E 10 -25.08 48.52 49.05
C ASP E 10 -25.74 49.88 48.81
N GLY E 11 -25.85 50.24 47.53
CA GLY E 11 -26.47 51.48 47.16
C GLY E 11 -27.95 51.33 46.89
N GLN E 12 -28.77 51.78 47.83
CA GLN E 12 -30.21 51.80 47.69
C GLN E 12 -30.70 53.09 48.29
N ALA E 13 -32.03 53.29 48.22
CA ALA E 13 -32.63 54.36 48.98
C ALA E 13 -32.22 54.29 50.44
N THR E 14 -32.47 53.14 51.06
CA THR E 14 -31.95 52.85 52.38
C THR E 14 -30.91 51.77 52.17
N PRO E 15 -29.63 52.10 52.24
CA PRO E 15 -28.59 51.09 52.04
C PRO E 15 -28.71 49.97 53.07
N ALA E 16 -28.36 48.77 52.64
CA ALA E 16 -28.44 47.58 53.47
C ALA E 16 -27.04 47.01 53.67
N ASN E 17 -26.62 46.86 54.93
CA ASN E 17 -25.31 46.30 55.21
C ASN E 17 -25.24 44.85 54.73
N HIS E 18 -24.16 44.51 54.03
CA HIS E 18 -23.88 43.16 53.59
C HIS E 18 -22.55 42.71 54.19
N THR E 19 -22.55 41.51 54.75
CA THR E 19 -21.41 41.00 55.49
C THR E 19 -20.55 40.10 54.59
N PHE E 20 -19.26 40.04 54.91
CA PHE E 20 -18.25 39.32 54.14
C PHE E 20 -17.42 38.48 55.12
N VAL E 21 -17.66 37.17 55.09
CA VAL E 21 -16.86 36.24 55.90
C VAL E 21 -15.46 36.15 55.31
N PRO E 22 -14.41 36.10 56.12
CA PRO E 22 -13.07 35.87 55.57
C PRO E 22 -12.89 34.43 55.14
N MET E 23 -12.09 34.27 54.08
CA MET E 23 -11.78 32.96 53.50
C MET E 23 -10.34 32.54 53.76
N GLN E 24 -9.38 33.44 53.55
CA GLN E 24 -8.00 33.17 53.90
C GLN E 24 -7.30 34.48 54.14
N PRO E 25 -6.32 34.53 55.02
CA PRO E 25 -5.59 35.76 55.29
C PRO E 25 -4.66 36.05 54.12
N GLN E 26 -3.91 37.14 54.25
CA GLN E 26 -2.94 37.53 53.24
C GLN E 26 -1.61 36.86 53.54
N THR E 27 -1.04 36.26 52.51
CA THR E 27 0.23 35.55 52.55
C THR E 27 1.20 36.27 51.61
N GLY E 28 2.44 35.78 51.53
CA GLY E 28 3.40 36.36 50.60
C GLY E 28 3.01 36.23 49.15
N ILE E 29 2.25 35.19 48.79
CA ILE E 29 1.84 34.98 47.40
C ILE E 29 0.33 35.06 47.20
N THR E 30 -0.47 34.80 48.22
CA THR E 30 -1.92 34.84 48.10
C THR E 30 -2.50 36.07 48.79
N PRO E 31 -3.48 36.73 48.18
CA PRO E 31 -4.09 37.91 48.80
C PRO E 31 -5.24 37.57 49.73
N SER E 32 -5.38 38.37 50.79
CA SER E 32 -6.48 38.17 51.72
C SER E 32 -7.79 38.38 51.00
N GLN E 33 -8.79 37.53 51.30
CA GLN E 33 -10.04 37.62 50.55
C GLN E 33 -11.22 37.16 51.38
N TRP E 34 -12.37 37.81 51.13
CA TRP E 34 -13.65 37.61 51.81
C TRP E 34 -14.71 37.16 50.80
N LEU E 35 -15.89 36.79 51.31
CA LEU E 35 -16.98 36.23 50.54
C LEU E 35 -18.32 36.71 51.10
N ASN E 36 -19.28 37.02 50.21
CA ASN E 36 -20.57 37.53 50.66
C ASN E 36 -21.44 36.42 51.25
N LYS E 37 -21.60 35.32 50.52
CA LYS E 37 -22.32 34.14 51.01
C LYS E 37 -23.79 34.42 51.27
N GLU E 38 -24.39 35.26 50.42
CA GLU E 38 -25.80 35.58 50.54
C GLU E 38 -26.67 34.81 49.56
N ALA E 39 -26.41 34.90 48.25
CA ALA E 39 -27.23 34.19 47.30
C ALA E 39 -27.08 32.68 47.48
N ALA E 40 -28.11 31.93 47.08
CA ALA E 40 -28.11 30.50 47.33
C ALA E 40 -27.06 29.79 46.48
N SER E 41 -26.82 30.30 45.28
CA SER E 41 -25.89 29.67 44.35
C SER E 41 -24.45 30.04 44.68
N ASN E 42 -23.54 29.08 44.48
CA ASN E 42 -22.12 29.38 44.62
C ASN E 42 -21.69 30.57 43.77
N ILE E 43 -22.36 30.78 42.64
CA ILE E 43 -21.96 31.86 41.73
C ILE E 43 -22.29 33.22 42.33
N GLY E 44 -23.48 33.35 42.93
CA GLY E 44 -23.99 34.61 43.43
C GLY E 44 -23.24 35.17 44.63
N TYR E 45 -22.32 34.42 45.23
CA TYR E 45 -21.50 34.97 46.30
C TYR E 45 -20.65 36.11 45.75
N ARG E 46 -20.54 37.19 46.51
CA ARG E 46 -19.76 38.35 46.11
C ARG E 46 -18.42 38.31 46.84
N LYS E 47 -17.33 38.56 46.11
CA LYS E 47 -16.02 38.41 46.72
C LYS E 47 -15.28 39.75 46.74
N VAL E 48 -14.37 39.87 47.69
CA VAL E 48 -13.57 41.08 47.88
C VAL E 48 -12.17 40.61 48.25
N SER E 49 -11.18 40.95 47.44
CA SER E 49 -9.81 40.53 47.73
C SER E 49 -8.88 41.73 47.73
N MET E 50 -7.80 41.61 48.49
CA MET E 50 -6.88 42.70 48.75
C MET E 50 -5.49 42.15 49.00
N PHE E 51 -4.47 42.88 48.53
CA PHE E 51 -3.08 42.49 48.74
C PHE E 51 -2.18 43.72 48.90
N VAL E 52 -1.33 43.68 49.92
CA VAL E 52 -0.48 44.80 50.32
C VAL E 52 0.98 44.38 50.10
N LYS E 53 1.56 44.69 48.95
CA LYS E 53 2.95 44.35 48.64
C LYS E 53 3.85 45.46 49.15
N TYR E 54 4.60 45.18 50.22
CA TYR E 54 5.56 46.13 50.79
C TYR E 54 6.91 45.97 50.10
N VAL E 55 7.39 47.05 49.49
CA VAL E 55 8.70 47.08 48.83
C VAL E 55 9.56 48.08 49.58
N SER E 56 10.50 47.58 50.39
CA SER E 56 11.23 48.43 51.32
C SER E 56 12.09 49.47 50.61
N ASN E 57 12.55 49.18 49.40
CA ASN E 57 13.22 50.17 48.55
C ASN E 57 12.60 50.12 47.15
N GLY E 58 11.48 50.80 46.99
CA GLY E 58 10.79 50.80 45.72
C GLY E 58 9.32 51.15 45.91
N THR E 59 8.53 50.85 44.89
CA THR E 59 7.13 51.24 44.83
C THR E 59 6.28 50.14 45.47
N SER E 60 5.85 50.36 46.71
CA SER E 60 4.89 49.47 47.34
C SER E 60 3.53 49.60 46.65
N LYS E 61 2.71 48.56 46.76
CA LYS E 61 1.45 48.52 46.02
C LYS E 61 0.33 47.85 46.80
N VAL E 62 -0.78 48.58 46.99
CA VAL E 62 -2.00 48.02 47.57
C VAL E 62 -2.99 47.77 46.44
N THR E 63 -3.50 46.54 46.34
CA THR E 63 -4.38 46.14 45.24
C THR E 63 -5.68 45.62 45.81
N ILE E 64 -6.80 46.06 45.24
CA ILE E 64 -8.13 45.73 45.74
C ILE E 64 -9.02 45.38 44.56
N ARG E 65 -9.81 44.31 44.68
CA ARG E 65 -10.80 44.00 43.65
C ARG E 65 -12.08 43.44 44.29
N ILE E 66 -13.21 43.93 43.78
CA ILE E 66 -14.54 43.66 44.29
C ILE E 66 -15.36 43.09 43.15
N ALA E 67 -16.04 41.96 43.40
CA ALA E 67 -16.83 41.29 42.38
C ALA E 67 -18.24 41.03 42.90
N ASP E 68 -19.23 41.56 42.17
CA ASP E 68 -20.66 41.41 42.49
C ASP E 68 -21.34 40.71 41.34
N PRO E 69 -21.62 39.40 41.45
CA PRO E 69 -22.36 38.70 40.40
C PRO E 69 -23.82 39.14 40.38
N VAL E 70 -24.26 39.66 39.23
CA VAL E 70 -25.66 40.02 39.07
C VAL E 70 -26.31 39.02 38.12
N LEU E 71 -26.79 37.92 38.67
CA LEU E 71 -27.44 36.91 37.86
C LEU E 71 -28.91 37.22 37.64
N ALA E 72 -29.50 38.03 38.53
CA ALA E 72 -30.87 38.49 38.32
C ALA E 72 -30.99 39.23 37.00
N SER E 73 -29.96 40.00 36.65
CA SER E 73 -29.98 40.79 35.44
C SER E 73 -29.85 39.96 34.17
N VAL E 74 -29.45 38.69 34.28
CA VAL E 74 -29.26 37.83 33.11
C VAL E 74 -30.62 37.47 32.51
N PRO E 75 -30.80 37.56 31.19
CA PRO E 75 -32.07 37.15 30.60
C PRO E 75 -32.33 35.67 30.85
N ALA E 76 -33.62 35.31 30.90
CA ALA E 76 -33.98 33.93 31.16
C ALA E 76 -33.52 33.00 30.05
N GLY E 77 -33.47 33.52 28.81
CA GLY E 77 -33.08 32.67 27.69
C GLY E 77 -31.61 32.31 27.67
N CYS E 78 -30.76 33.15 28.24
CA CYS E 78 -29.32 32.90 28.25
C CYS E 78 -28.96 31.94 29.39
N CYS E 79 -28.21 30.90 29.06
CA CYS E 79 -27.70 29.95 30.05
C CYS E 79 -26.33 30.41 30.53
N VAL E 80 -26.10 30.25 31.84
CA VAL E 80 -24.83 30.59 32.46
C VAL E 80 -24.18 29.30 32.95
N ASP E 81 -22.98 29.02 32.43
CA ASP E 81 -22.22 27.83 32.77
C ASP E 81 -20.75 28.21 32.92
N THR E 82 -19.91 27.22 33.22
CA THR E 82 -18.49 27.49 33.51
C THR E 82 -17.83 28.26 32.37
N ASN E 83 -18.28 28.02 31.14
CA ASN E 83 -17.71 28.66 29.97
C ASN E 83 -18.18 30.09 29.77
N THR E 84 -19.22 30.54 30.48
CA THR E 84 -19.65 31.92 30.34
C THR E 84 -18.57 32.83 30.91
N PRO E 85 -18.12 33.83 30.14
CA PRO E 85 -17.08 34.73 30.66
C PRO E 85 -17.59 35.53 31.86
N GLN E 86 -16.73 35.67 32.86
CA GLN E 86 -17.14 36.30 34.10
C GLN E 86 -17.62 37.73 33.86
N VAL E 87 -16.88 38.49 33.04
CA VAL E 87 -17.08 39.94 32.93
C VAL E 87 -18.41 40.24 32.24
N ALA E 88 -19.13 39.20 31.85
CA ALA E 88 -20.43 39.36 31.23
C ALA E 88 -21.59 39.22 32.19
N TYR E 89 -21.41 38.59 33.36
CA TYR E 89 -22.53 38.38 34.27
C TYR E 89 -22.24 38.88 35.68
N SER E 90 -21.32 39.83 35.83
CA SER E 90 -21.02 40.39 37.15
C SER E 90 -20.29 41.71 37.00
N THR E 91 -20.49 42.59 37.98
CA THR E 91 -19.82 43.88 38.01
C THR E 91 -18.51 43.76 38.79
N PHE E 92 -17.52 44.57 38.41
CA PHE E 92 -16.18 44.48 38.96
C PHE E 92 -15.59 45.86 39.26
N PHE E 93 -14.84 45.97 40.35
CA PHE E 93 -14.10 47.18 40.69
C PHE E 93 -12.68 46.82 41.08
N GLU E 94 -11.69 47.38 40.39
CA GLU E 94 -10.29 47.07 40.66
C GLU E 94 -9.49 48.35 40.81
N CYS E 95 -8.82 48.52 41.96
CA CYS E 95 -7.97 49.69 42.19
C CYS E 95 -6.60 49.26 42.70
N THR E 96 -5.61 50.13 42.45
CA THR E 96 -4.23 49.93 42.88
C THR E 96 -3.65 51.27 43.33
N PHE E 97 -3.23 51.32 44.59
CA PHE E 97 -2.45 52.41 45.13
C PHE E 97 -0.97 52.08 44.97
N SER E 98 -0.23 53.00 44.37
CA SER E 98 1.22 52.89 44.22
C SER E 98 1.88 53.94 45.11
N VAL E 99 2.65 53.49 46.08
CA VAL E 99 3.28 54.34 47.08
C VAL E 99 4.79 54.16 47.03
N PRO E 100 5.56 55.13 46.57
CA PRO E 100 7.01 54.97 46.52
C PRO E 100 7.60 54.98 47.92
N TYR E 101 8.73 54.28 48.08
CA TYR E 101 9.49 54.39 49.31
C TYR E 101 9.84 55.84 49.57
N GLY E 102 9.94 56.22 50.83
CA GLY E 102 10.25 57.61 51.11
C GLY E 102 9.05 58.53 51.00
N ALA E 103 7.83 57.99 51.01
CA ALA E 103 6.65 58.82 50.98
C ALA E 103 6.30 59.19 52.41
N THR E 104 6.09 60.47 52.64
CA THR E 104 5.73 60.87 53.98
C THR E 104 4.38 60.27 54.36
N LEU E 105 4.22 60.04 55.67
CA LEU E 105 2.92 59.62 56.17
C LEU E 105 1.83 60.52 55.64
N GLN E 106 2.14 61.80 55.49
CA GLN E 106 1.18 62.75 54.97
C GLN E 106 0.91 62.51 53.49
N ASN E 107 1.90 62.05 52.71
CA ASN E 107 1.66 61.71 51.32
C ASN E 107 0.73 60.51 51.20
N LYS E 108 0.91 59.52 52.07
CA LYS E 108 0.03 58.34 52.06
C LYS E 108 -1.41 58.72 52.42
N LYS E 109 -1.58 59.46 53.52
CA LYS E 109 -2.89 59.97 53.88
C LYS E 109 -3.49 60.80 52.75
N ASP E 110 -2.65 61.63 52.13
CA ASP E 110 -3.11 62.50 51.06
C ASP E 110 -3.74 61.68 49.95
N ILE E 111 -2.99 60.70 49.43
CA ILE E 111 -3.53 60.02 48.25
C ILE E 111 -4.75 59.17 48.61
N LEU E 112 -4.76 58.59 49.81
CA LEU E 112 -5.97 57.89 50.24
C LEU E 112 -7.17 58.84 50.20
N ALA E 113 -7.01 60.04 50.74
CA ALA E 113 -8.11 60.99 50.80
C ALA E 113 -8.50 61.47 49.41
N TYR E 114 -7.53 61.70 48.52
CA TYR E 114 -7.87 62.13 47.18
C TYR E 114 -8.69 61.07 46.46
N ALA E 115 -8.28 59.81 46.58
CA ALA E 115 -9.03 58.73 45.95
C ALA E 115 -10.46 58.67 46.50
N ARG E 116 -10.60 58.70 47.82
CA ARG E 116 -11.93 58.54 48.41
C ARG E 116 -12.84 59.71 48.06
N ASN E 117 -12.32 60.94 48.16
CA ASN E 117 -13.12 62.11 47.79
C ASN E 117 -13.49 62.09 46.31
N LEU E 118 -12.56 61.67 45.44
CA LEU E 118 -12.86 61.64 44.02
C LEU E 118 -13.95 60.63 43.71
N LEU E 119 -13.87 59.43 44.28
CA LEU E 119 -14.96 58.48 44.08
C LEU E 119 -16.25 58.94 44.72
N GLY E 120 -16.18 59.80 45.74
CA GLY E 120 -17.40 60.40 46.26
C GLY E 120 -17.97 61.51 45.39
N THR E 121 -17.15 62.08 44.49
CA THR E 121 -17.60 63.23 43.71
C THR E 121 -18.83 62.90 42.86
N GLN E 122 -19.62 63.95 42.60
CA GLN E 122 -20.79 63.76 41.76
C GLN E 122 -20.42 63.36 40.35
N VAL E 123 -19.30 63.87 39.83
CA VAL E 123 -18.95 63.51 38.46
C VAL E 123 -18.68 62.02 38.35
N VAL E 124 -18.02 61.44 39.35
CA VAL E 124 -17.76 60.01 39.35
C VAL E 124 -19.06 59.22 39.53
N THR E 125 -19.89 59.64 40.50
CA THR E 125 -21.16 58.96 40.70
C THR E 125 -21.98 58.95 39.41
N ASP E 126 -22.05 60.11 38.75
CA ASP E 126 -22.79 60.27 37.51
C ASP E 126 -22.21 59.40 36.40
N ALA E 127 -20.88 59.33 36.31
CA ALA E 127 -20.24 58.58 35.24
C ALA E 127 -20.41 57.08 35.40
N VAL E 128 -20.38 56.59 36.65
CA VAL E 128 -20.47 55.15 36.86
C VAL E 128 -21.92 54.66 36.77
N VAL E 129 -22.87 55.43 37.32
CA VAL E 129 -24.25 54.99 37.29
C VAL E 129 -24.91 55.34 35.96
N ASP E 130 -24.92 56.63 35.60
CA ASP E 130 -25.63 57.06 34.39
C ASP E 130 -24.77 56.99 33.14
N MET E 131 -23.53 56.48 33.25
CA MET E 131 -22.63 56.30 32.12
C MET E 131 -22.27 57.62 31.44
N THR E 132 -22.46 58.74 32.14
CA THR E 132 -22.30 60.04 31.52
C THR E 132 -20.92 60.59 31.84
N PRO E 133 -20.06 60.82 30.83
CA PRO E 133 -18.69 61.27 31.09
C PRO E 133 -18.54 62.78 31.18
N ALA E 134 -17.30 63.24 31.31
CA ALA E 134 -16.99 64.67 31.36
C ALA E 134 -16.49 65.12 30.00
N TRP E 135 -17.34 65.84 29.25
CA TRP E 135 -17.03 66.21 27.87
C TRP E 135 -16.71 67.68 27.67
N ALA F 1 0.94 29.00 66.67
CA ALA F 1 1.20 30.43 66.71
C ALA F 1 0.73 31.12 65.45
N GLN F 2 -0.49 31.67 65.43
CA GLN F 2 -0.82 32.58 64.34
C GLN F 2 -0.03 33.87 64.50
N ILE F 3 0.31 34.48 63.37
CA ILE F 3 1.14 35.67 63.41
C ILE F 3 0.35 36.78 64.07
N ALA F 4 1.05 37.55 64.90
CA ALA F 4 0.43 38.68 65.59
C ALA F 4 1.53 39.67 65.93
N ASN F 5 1.12 40.82 66.46
CA ASN F 5 2.04 41.90 66.76
C ASN F 5 3.20 41.41 67.60
N LEU F 6 4.34 42.12 67.51
CA LEU F 6 5.53 41.73 68.25
C LEU F 6 6.13 42.95 68.95
N ILE F 7 6.33 42.87 70.27
CA ILE F 7 6.78 44.01 71.05
C ILE F 7 8.17 43.72 71.61
N LEU F 8 9.13 44.61 71.32
CA LEU F 8 10.53 44.44 71.69
C LEU F 8 11.05 45.72 72.34
N ALA F 9 11.79 45.57 73.44
CA ALA F 9 12.26 46.71 74.20
C ALA F 9 13.65 47.14 73.74
N ASP F 10 13.79 48.42 73.38
CA ASP F 10 15.09 48.93 72.97
C ASP F 10 16.02 49.07 74.17
N GLY F 11 17.31 49.21 73.85
CA GLY F 11 18.32 49.38 74.88
C GLY F 11 18.55 50.84 75.20
N GLN F 12 18.11 51.25 76.37
CA GLN F 12 18.27 52.62 76.84
C GLN F 12 18.44 52.57 78.35
N ALA F 13 18.69 53.74 78.93
CA ALA F 13 18.63 53.86 80.38
C ALA F 13 17.30 53.33 80.89
N THR F 14 16.20 53.82 80.32
CA THR F 14 14.90 53.21 80.53
C THR F 14 14.46 52.66 79.18
N PRO F 15 14.31 51.35 79.05
CA PRO F 15 13.89 50.79 77.75
C PRO F 15 12.47 51.22 77.42
N ALA F 16 12.22 51.40 76.12
CA ALA F 16 10.92 51.79 75.62
C ALA F 16 10.42 50.73 74.64
N ASN F 17 9.21 50.23 74.87
CA ASN F 17 8.65 49.18 74.02
C ASN F 17 8.44 49.70 72.60
N HIS F 18 8.87 48.92 71.62
CA HIS F 18 8.68 49.19 70.21
C HIS F 18 7.82 48.09 69.59
N THR F 19 6.83 48.48 68.80
CA THR F 19 5.89 47.52 68.26
C THR F 19 6.24 47.18 66.81
N PHE F 20 5.90 45.95 66.41
CA PHE F 20 6.25 45.36 65.12
C PHE F 20 4.98 44.77 64.52
N VAL F 21 4.40 45.49 63.56
CA VAL F 21 3.22 44.99 62.86
C VAL F 21 3.66 43.88 61.90
N PRO F 22 2.95 42.77 61.84
CA PRO F 22 3.32 41.72 60.88
C PRO F 22 3.08 42.16 59.45
N MET F 23 3.97 41.71 58.55
CA MET F 23 3.83 41.87 57.10
C MET F 23 3.57 40.57 56.38
N GLN F 24 4.12 39.48 56.87
CA GLN F 24 4.19 38.28 56.05
C GLN F 24 4.21 37.07 56.97
N PRO F 25 3.24 36.16 56.84
CA PRO F 25 3.33 34.91 57.59
C PRO F 25 4.22 33.90 56.85
N GLN F 26 4.79 32.99 57.64
CA GLN F 26 5.67 31.95 57.11
C GLN F 26 4.84 30.92 56.34
N THR F 27 5.20 30.71 55.07
CA THR F 27 4.53 29.74 54.21
C THR F 27 5.54 29.32 53.15
N GLY F 28 5.82 28.02 53.09
CA GLY F 28 6.80 27.55 52.11
C GLY F 28 8.18 28.07 52.44
N ILE F 29 8.81 28.73 51.46
CA ILE F 29 10.13 29.33 51.69
C ILE F 29 10.00 30.70 52.34
N THR F 30 8.91 31.39 52.10
CA THR F 30 8.74 32.75 52.61
C THR F 30 8.63 32.76 54.14
N PRO F 31 9.47 33.50 54.84
CA PRO F 31 9.48 33.45 56.31
C PRO F 31 8.60 34.53 56.94
N SER F 32 8.16 34.26 58.17
CA SER F 32 7.36 35.24 58.88
C SER F 32 8.20 36.49 59.13
N GLN F 33 7.59 37.67 58.96
CA GLN F 33 8.34 38.91 59.17
C GLN F 33 7.43 40.05 59.61
N TRP F 34 7.96 40.86 60.55
CA TRP F 34 7.32 42.02 61.15
C TRP F 34 8.15 43.27 60.88
N LEU F 35 7.50 44.44 60.95
CA LEU F 35 8.11 45.73 60.64
C LEU F 35 7.86 46.72 61.77
N ASN F 36 8.82 47.64 61.99
CA ASN F 36 8.75 48.55 63.14
C ASN F 36 7.79 49.71 62.90
N LYS F 37 7.85 50.34 61.71
CA LYS F 37 6.91 51.39 61.28
C LYS F 37 7.09 52.72 62.01
N GLU F 38 8.32 53.05 62.38
CA GLU F 38 8.54 54.29 63.11
C GLU F 38 9.16 55.40 62.28
N ALA F 39 10.22 55.12 61.53
CA ALA F 39 10.79 56.16 60.68
C ALA F 39 9.79 56.55 59.60
N ALA F 40 9.95 57.77 59.09
CA ALA F 40 8.92 58.38 58.24
C ALA F 40 8.82 57.72 56.87
N SER F 41 9.97 57.41 56.28
CA SER F 41 10.06 56.78 54.96
C SER F 41 9.92 55.28 55.05
N ASN F 42 9.47 54.67 53.95
CA ASN F 42 9.30 53.22 53.94
C ASN F 42 10.61 52.47 54.19
N ILE F 43 11.76 53.13 54.00
CA ILE F 43 13.03 52.44 54.14
C ILE F 43 13.40 52.24 55.61
N GLY F 44 13.10 53.23 56.46
CA GLY F 44 13.60 53.23 57.83
C GLY F 44 12.94 52.19 58.71
N TYR F 45 11.79 51.66 58.28
CA TYR F 45 11.09 50.60 59.00
C TYR F 45 12.08 49.48 59.35
N ARG F 46 12.12 49.12 60.64
CA ARG F 46 13.00 48.06 61.10
C ARG F 46 12.31 46.72 60.89
N LYS F 47 13.09 45.68 60.60
CA LYS F 47 12.49 44.41 60.17
C LYS F 47 12.99 43.25 61.01
N VAL F 48 12.06 42.41 61.45
CA VAL F 48 12.35 41.18 62.16
C VAL F 48 11.80 40.04 61.33
N SER F 49 12.59 38.98 61.13
CA SER F 49 12.06 37.86 60.37
C SER F 49 12.60 36.55 60.92
N MET F 50 11.78 35.50 60.76
CA MET F 50 12.04 34.19 61.33
C MET F 50 11.48 33.11 60.41
N PHE F 51 12.19 31.98 60.35
CA PHE F 51 11.76 30.82 59.58
C PHE F 51 12.04 29.54 60.37
N VAL F 52 10.99 28.73 60.54
CA VAL F 52 11.07 27.49 61.31
C VAL F 52 10.99 26.34 60.30
N LYS F 53 12.13 25.67 60.04
CA LYS F 53 12.17 24.50 59.18
C LYS F 53 12.16 23.25 60.07
N TYR F 54 10.99 22.60 60.13
CA TYR F 54 10.84 21.35 60.87
C TYR F 54 11.22 20.20 59.95
N VAL F 55 12.30 19.50 60.27
CA VAL F 55 12.75 18.32 59.53
C VAL F 55 12.39 17.11 60.38
N SER F 56 11.42 16.32 59.91
CA SER F 56 10.85 15.25 60.73
C SER F 56 11.87 14.20 61.09
N ASN F 57 12.88 13.99 60.24
CA ASN F 57 14.00 13.09 60.54
C ASN F 57 15.30 13.76 60.11
N GLY F 58 15.88 14.53 61.02
CA GLY F 58 17.10 15.26 60.72
C GLY F 58 17.23 16.47 61.62
N THR F 59 18.10 17.39 61.19
CA THR F 59 18.39 18.59 61.96
C THR F 59 17.43 19.69 61.57
N SER F 60 16.47 19.99 62.44
CA SER F 60 15.55 21.10 62.24
C SER F 60 16.24 22.42 62.56
N LYS F 61 15.75 23.50 61.97
CA LYS F 61 16.48 24.77 62.01
C LYS F 61 15.54 25.96 62.14
N VAL F 62 15.73 26.75 63.20
CA VAL F 62 15.03 28.02 63.37
C VAL F 62 16.01 29.13 63.05
N THR F 63 15.62 30.03 62.14
CA THR F 63 16.51 31.10 61.68
C THR F 63 15.85 32.46 61.92
N ILE F 64 16.61 33.40 62.48
CA ILE F 64 16.08 34.70 62.89
C ILE F 64 17.05 35.80 62.48
N ARG F 65 16.50 36.94 62.03
CA ARG F 65 17.32 38.10 61.69
C ARG F 65 16.58 39.39 62.02
N ILE F 66 17.32 40.33 62.61
CA ILE F 66 16.82 41.62 63.05
C ILE F 66 17.64 42.71 62.36
N ALA F 67 16.96 43.63 61.69
CA ALA F 67 17.60 44.68 60.91
C ALA F 67 17.13 46.04 61.40
N ASP F 68 18.07 46.82 61.94
CA ASP F 68 17.88 48.14 62.53
C ASP F 68 18.55 49.15 61.60
N PRO F 69 17.84 49.68 60.61
CA PRO F 69 18.44 50.67 59.73
C PRO F 69 18.28 52.08 60.27
N VAL F 70 19.22 52.95 59.92
CA VAL F 70 19.17 54.36 60.28
C VAL F 70 19.31 55.21 59.02
N LEU F 71 18.35 56.10 58.81
CA LEU F 71 18.35 56.95 57.62
C LEU F 71 19.47 57.97 57.69
N ALA F 72 20.06 58.27 56.53
CA ALA F 72 21.13 59.24 56.46
C ALA F 72 20.58 60.66 56.42
N SER F 73 21.27 61.56 57.13
CA SER F 73 21.02 62.98 57.04
C SER F 73 22.18 63.59 56.27
N VAL F 74 21.92 64.02 55.04
CA VAL F 74 22.97 64.51 54.16
C VAL F 74 23.34 65.93 54.56
N PRO F 75 24.56 66.39 54.27
CA PRO F 75 24.89 67.79 54.46
C PRO F 75 24.48 68.59 53.23
N ALA F 76 24.58 69.91 53.35
CA ALA F 76 24.17 70.79 52.26
C ALA F 76 24.98 70.53 50.99
N GLY F 77 26.21 70.05 51.13
CA GLY F 77 27.14 70.06 50.01
C GLY F 77 26.76 69.13 48.88
N CYS F 78 26.33 67.91 49.20
CA CYS F 78 26.10 66.93 48.15
C CYS F 78 24.79 67.15 47.40
N CYS F 79 23.84 67.87 48.00
CA CYS F 79 22.65 68.38 47.32
C CYS F 79 21.74 67.27 46.81
N VAL F 80 21.73 66.10 47.47
CA VAL F 80 20.63 65.18 47.25
C VAL F 80 19.38 65.82 47.82
N ASP F 81 18.29 65.77 47.06
CA ASP F 81 17.06 66.43 47.48
C ASP F 81 16.63 65.93 48.85
N THR F 82 16.17 66.87 49.68
CA THR F 82 15.65 66.53 50.99
C THR F 82 14.62 65.42 50.93
N ASN F 83 13.91 65.31 49.81
CA ASN F 83 12.75 64.44 49.74
C ASN F 83 13.10 62.97 49.49
N THR F 84 14.25 62.69 48.85
CA THR F 84 14.64 61.32 48.57
C THR F 84 15.59 60.82 49.67
N PRO F 85 15.12 60.04 50.63
CA PRO F 85 16.01 59.56 51.68
C PRO F 85 16.78 58.33 51.23
N GLN F 86 17.93 58.14 51.86
CA GLN F 86 18.75 56.96 51.65
C GLN F 86 19.13 56.38 53.00
N VAL F 87 19.29 55.06 53.04
CA VAL F 87 19.69 54.40 54.28
C VAL F 87 21.20 54.53 54.44
N ALA F 88 21.63 55.05 55.59
CA ALA F 88 23.04 55.29 55.83
C ALA F 88 23.76 53.98 56.16
N TYR F 89 23.19 53.21 57.07
CA TYR F 89 23.77 51.99 57.58
C TYR F 89 22.68 51.27 58.36
N SER F 90 22.92 50.00 58.68
CA SER F 90 21.96 49.23 59.47
C SER F 90 22.71 48.17 60.26
N THR F 91 22.34 48.04 61.53
CA THR F 91 22.87 46.97 62.37
C THR F 91 22.05 45.70 62.15
N PHE F 92 22.73 44.54 62.20
CA PHE F 92 22.10 43.26 61.88
C PHE F 92 22.39 42.24 62.98
N PHE F 93 21.37 41.44 63.33
CA PHE F 93 21.54 40.29 64.21
C PHE F 93 20.96 39.07 63.53
N GLU F 94 21.76 38.02 63.38
CA GLU F 94 21.29 36.81 62.69
C GLU F 94 21.69 35.58 63.49
N CYS F 95 20.71 34.80 63.92
CA CYS F 95 20.96 33.59 64.69
C CYS F 95 20.26 32.40 64.07
N THR F 96 20.76 31.21 64.39
CA THR F 96 20.22 29.94 63.92
C THR F 96 20.31 28.92 65.05
N PHE F 97 19.16 28.35 65.42
CA PHE F 97 19.07 27.20 66.30
C PHE F 97 19.02 25.93 65.47
N SER F 98 19.88 24.97 65.79
CA SER F 98 19.90 23.64 65.18
C SER F 98 19.48 22.61 66.22
N VAL F 99 18.34 21.96 65.97
CA VAL F 99 17.75 20.97 66.87
C VAL F 99 17.72 19.62 66.18
N PRO F 100 18.52 18.65 66.60
CA PRO F 100 18.55 17.36 65.91
C PRO F 100 17.30 16.56 66.18
N TYR F 101 17.18 15.42 65.47
CA TYR F 101 15.96 14.63 65.53
C TYR F 101 15.65 14.19 66.97
N GLY F 102 16.65 13.66 67.66
CA GLY F 102 16.46 13.00 68.94
C GLY F 102 16.38 13.92 70.13
N ALA F 103 16.32 15.24 69.91
CA ALA F 103 16.49 16.19 70.99
C ALA F 103 15.31 16.13 71.95
N THR F 104 15.62 16.12 73.24
CA THR F 104 14.57 16.17 74.23
C THR F 104 13.90 17.54 74.24
N LEU F 105 12.63 17.55 74.60
CA LEU F 105 11.95 18.82 74.80
C LEU F 105 12.66 19.64 75.87
N GLN F 106 13.15 18.97 76.91
CA GLN F 106 13.95 19.67 77.90
C GLN F 106 15.22 20.24 77.29
N ASN F 107 15.81 19.54 76.31
CA ASN F 107 17.00 20.04 75.61
C ASN F 107 16.70 21.31 74.82
N LYS F 108 15.55 21.33 74.15
CA LYS F 108 15.12 22.53 73.42
C LYS F 108 14.98 23.72 74.37
N LYS F 109 14.25 23.50 75.48
CA LYS F 109 14.17 24.52 76.53
C LYS F 109 15.56 24.98 76.97
N ASP F 110 16.45 24.01 77.23
CA ASP F 110 17.80 24.31 77.70
C ASP F 110 18.49 25.26 76.75
N ILE F 111 18.55 24.91 75.46
CA ILE F 111 19.39 25.72 74.57
C ILE F 111 18.77 27.09 74.34
N LEU F 112 17.45 27.19 74.27
CA LEU F 112 16.86 28.52 74.17
C LEU F 112 17.24 29.37 75.37
N ALA F 113 17.21 28.78 76.57
CA ALA F 113 17.57 29.54 77.77
C ALA F 113 19.04 29.92 77.77
N TYR F 114 19.92 29.02 77.32
CA TYR F 114 21.34 29.35 77.27
C TYR F 114 21.60 30.50 76.33
N ALA F 115 20.91 30.52 75.18
CA ALA F 115 21.06 31.62 74.24
C ALA F 115 20.59 32.94 74.86
N ARG F 116 19.40 32.93 75.47
CA ARG F 116 18.87 34.17 76.03
C ARG F 116 19.77 34.70 77.15
N ASN F 117 20.16 33.81 78.07
CA ASN F 117 21.01 34.24 79.18
C ASN F 117 22.38 34.70 78.67
N LEU F 118 22.92 34.05 77.64
CA LEU F 118 24.23 34.44 77.13
C LEU F 118 24.18 35.81 76.48
N LEU F 119 23.10 36.11 75.76
CA LEU F 119 22.93 37.49 75.30
C LEU F 119 22.72 38.45 76.45
N GLY F 120 22.27 37.94 77.60
CA GLY F 120 22.24 38.76 78.80
C GLY F 120 23.59 39.00 79.43
N THR F 121 24.56 38.11 79.20
CA THR F 121 25.79 38.10 79.98
C THR F 121 26.61 39.39 79.82
N GLN F 122 27.37 39.70 80.86
CA GLN F 122 28.20 40.89 80.84
C GLN F 122 29.29 40.80 79.78
N VAL F 123 29.83 39.61 79.55
CA VAL F 123 30.89 39.46 78.55
C VAL F 123 30.35 39.79 77.16
N VAL F 124 29.15 39.32 76.83
CA VAL F 124 28.59 39.57 75.51
C VAL F 124 28.18 41.03 75.36
N THR F 125 27.52 41.59 76.39
CA THR F 125 27.18 43.02 76.32
C THR F 125 28.43 43.86 76.10
N ASP F 126 29.48 43.58 76.88
CA ASP F 126 30.77 44.24 76.72
C ASP F 126 31.29 44.11 75.29
N ALA F 127 31.31 42.88 74.77
CA ALA F 127 31.92 42.61 73.46
C ALA F 127 31.16 43.31 72.34
N VAL F 128 29.84 43.21 72.34
CA VAL F 128 29.04 43.78 71.25
C VAL F 128 29.04 45.30 71.29
N VAL F 129 29.04 45.90 72.49
CA VAL F 129 28.91 47.35 72.53
C VAL F 129 30.27 48.04 72.41
N ASP F 130 31.30 47.55 73.09
CA ASP F 130 32.59 48.21 73.08
C ASP F 130 33.62 47.54 72.17
N MET F 131 33.22 46.49 71.44
CA MET F 131 34.12 45.77 70.54
C MET F 131 35.36 45.27 71.27
N THR F 132 35.17 44.89 72.54
CA THR F 132 36.25 44.38 73.36
C THR F 132 36.13 42.88 73.47
N PRO F 133 37.12 42.11 73.04
CA PRO F 133 37.02 40.65 73.12
C PRO F 133 37.10 40.12 74.54
N ALA F 134 37.03 38.80 74.69
CA ALA F 134 37.27 38.16 75.97
C ALA F 134 38.69 37.60 75.92
N TRP F 135 39.66 38.42 76.30
CA TRP F 135 41.08 38.07 76.19
C TRP F 135 41.59 37.28 77.38
N ALA G 1 -29.77 -92.55 -38.46
CA ALA G 1 -28.76 -93.52 -38.04
C ALA G 1 -27.94 -93.03 -36.86
N GLN G 2 -28.40 -93.27 -35.65
CA GLN G 2 -27.52 -93.14 -34.49
C GLN G 2 -26.32 -94.07 -34.69
N ILE G 3 -25.17 -93.67 -34.15
CA ILE G 3 -23.99 -94.50 -34.30
C ILE G 3 -24.17 -95.79 -33.52
N ALA G 4 -23.71 -96.89 -34.10
CA ALA G 4 -23.82 -98.20 -33.48
C ALA G 4 -22.79 -99.10 -34.13
N ASN G 5 -22.70 -100.34 -33.61
CA ASN G 5 -21.70 -101.30 -34.04
C ASN G 5 -21.71 -101.49 -35.56
N LEU G 6 -20.60 -101.99 -36.11
CA LEU G 6 -20.48 -102.21 -37.54
C LEU G 6 -19.90 -103.60 -37.78
N ILE G 7 -20.46 -104.36 -38.71
CA ILE G 7 -20.02 -105.75 -38.92
C ILE G 7 -19.62 -105.92 -40.38
N LEU G 8 -18.34 -106.18 -40.60
CA LEU G 8 -17.77 -106.30 -41.94
C LEU G 8 -17.08 -107.65 -42.09
N ALA G 9 -17.31 -108.31 -43.22
CA ALA G 9 -16.79 -109.66 -43.45
C ALA G 9 -15.49 -109.58 -44.25
N ASP G 10 -14.44 -110.22 -43.73
CA ASP G 10 -13.19 -110.27 -44.46
C ASP G 10 -13.28 -111.23 -45.66
N GLY G 11 -12.28 -111.16 -46.53
CA GLY G 11 -12.25 -112.03 -47.68
C GLY G 11 -11.44 -113.28 -47.42
N GLN G 12 -12.09 -114.41 -47.27
CA GLN G 12 -11.41 -115.69 -47.10
C GLN G 12 -12.14 -116.72 -47.93
N ALA G 13 -11.65 -117.96 -47.87
CA ALA G 13 -12.42 -119.07 -48.39
C ALA G 13 -13.83 -119.03 -47.83
N THR G 14 -13.93 -119.01 -46.51
CA THR G 14 -15.19 -118.71 -45.83
C THR G 14 -14.99 -117.40 -45.09
N PRO G 15 -15.68 -116.34 -45.47
CA PRO G 15 -15.50 -115.06 -44.76
C PRO G 15 -15.89 -115.20 -43.29
N ALA G 16 -15.12 -114.55 -42.43
CA ALA G 16 -15.40 -114.46 -41.01
C ALA G 16 -15.74 -113.03 -40.64
N ASN G 17 -16.87 -112.84 -39.95
CA ASN G 17 -17.34 -111.51 -39.61
C ASN G 17 -16.46 -110.86 -38.56
N HIS G 18 -16.16 -109.58 -38.75
CA HIS G 18 -15.40 -108.78 -37.80
C HIS G 18 -16.23 -107.59 -37.36
N THR G 19 -16.16 -107.28 -36.09
CA THR G 19 -17.02 -106.28 -35.48
C THR G 19 -16.23 -105.02 -35.14
N PHE G 20 -16.91 -103.88 -35.23
CA PHE G 20 -16.32 -102.55 -35.09
C PHE G 20 -17.13 -101.78 -34.06
N VAL G 21 -16.53 -101.56 -32.89
CA VAL G 21 -17.17 -100.76 -31.84
C VAL G 21 -17.07 -99.28 -32.21
N PRO G 22 -18.13 -98.49 -32.02
CA PRO G 22 -18.02 -97.06 -32.28
C PRO G 22 -17.24 -96.35 -31.18
N MET G 23 -16.43 -95.37 -31.59
CA MET G 23 -15.62 -94.59 -30.66
C MET G 23 -15.97 -93.11 -30.65
N GLN G 24 -16.19 -92.49 -31.81
CA GLN G 24 -16.58 -91.10 -31.86
C GLN G 24 -17.60 -90.90 -32.98
N PRO G 25 -18.68 -90.17 -32.72
CA PRO G 25 -19.67 -89.88 -33.76
C PRO G 25 -19.36 -88.60 -34.52
N GLN G 26 -20.18 -88.35 -35.53
CA GLN G 26 -20.01 -87.23 -36.43
C GLN G 26 -20.68 -85.99 -35.84
N THR G 27 -19.86 -85.06 -35.35
CA THR G 27 -20.34 -83.74 -34.93
C THR G 27 -19.34 -82.72 -35.44
N GLY G 28 -19.82 -81.79 -36.26
CA GLY G 28 -18.92 -80.75 -36.77
C GLY G 28 -17.93 -81.32 -37.76
N ILE G 29 -16.65 -81.01 -37.54
CA ILE G 29 -15.60 -81.50 -38.44
C ILE G 29 -15.27 -82.96 -38.16
N THR G 30 -15.41 -83.40 -36.91
CA THR G 30 -14.99 -84.75 -36.54
C THR G 30 -15.91 -85.79 -37.16
N PRO G 31 -15.38 -86.83 -37.80
CA PRO G 31 -16.21 -87.83 -38.46
C PRO G 31 -16.51 -89.03 -37.57
N SER G 32 -17.64 -89.68 -37.87
CA SER G 32 -17.98 -90.91 -37.16
C SER G 32 -16.93 -91.98 -37.46
N GLN G 33 -16.59 -92.78 -36.45
CA GLN G 33 -15.49 -93.73 -36.62
C GLN G 33 -15.60 -94.90 -35.65
N TRP G 34 -15.26 -96.09 -36.16
CA TRP G 34 -15.33 -97.37 -35.47
C TRP G 34 -13.96 -98.04 -35.45
N LEU G 35 -13.73 -98.89 -34.45
CA LEU G 35 -12.48 -99.59 -34.23
C LEU G 35 -12.72 -101.09 -34.14
N ASN G 36 -11.80 -101.90 -34.67
CA ASN G 36 -12.00 -103.34 -34.70
C ASN G 36 -11.69 -103.99 -33.36
N LYS G 37 -10.59 -103.59 -32.72
CA LYS G 37 -10.22 -104.04 -31.37
C LYS G 37 -9.85 -105.52 -31.32
N GLU G 38 -9.28 -106.04 -32.42
CA GLU G 38 -8.89 -107.44 -32.49
C GLU G 38 -7.39 -107.68 -32.33
N ALA G 39 -6.55 -106.74 -32.75
CA ALA G 39 -5.11 -107.00 -32.75
C ALA G 39 -4.55 -107.00 -31.33
N ALA G 40 -3.28 -107.43 -31.23
CA ALA G 40 -2.63 -107.58 -29.92
C ALA G 40 -2.38 -106.23 -29.24
N SER G 41 -1.89 -105.25 -29.98
CA SER G 41 -1.57 -103.93 -29.44
C SER G 41 -2.66 -102.93 -29.82
N ASN G 42 -2.66 -101.79 -29.12
CA ASN G 42 -3.68 -100.79 -29.40
C ASN G 42 -3.53 -100.16 -30.77
N ILE G 43 -2.37 -100.31 -31.42
CA ILE G 43 -2.16 -99.69 -32.72
C ILE G 43 -2.61 -100.57 -33.87
N GLY G 44 -2.71 -101.88 -33.67
CA GLY G 44 -3.15 -102.79 -34.71
C GLY G 44 -4.64 -102.78 -34.98
N TYR G 45 -5.41 -102.07 -34.15
CA TYR G 45 -6.86 -102.04 -34.28
C TYR G 45 -7.23 -101.49 -35.64
N ARG G 46 -8.11 -102.18 -36.34
CA ARG G 46 -8.55 -101.74 -37.66
C ARG G 46 -9.65 -100.70 -37.51
N LYS G 47 -9.61 -99.66 -38.36
CA LYS G 47 -10.52 -98.56 -38.13
C LYS G 47 -11.27 -98.19 -39.40
N VAL G 48 -12.49 -97.70 -39.20
CA VAL G 48 -13.35 -97.25 -40.27
C VAL G 48 -13.84 -95.87 -39.88
N SER G 49 -13.95 -94.96 -40.85
CA SER G 49 -14.52 -93.66 -40.52
C SER G 49 -15.28 -93.11 -41.71
N MET G 50 -16.26 -92.26 -41.43
CA MET G 50 -17.20 -91.74 -42.41
C MET G 50 -17.65 -90.35 -42.00
N PHE G 51 -17.87 -89.49 -43.01
CA PHE G 51 -18.36 -88.13 -42.81
C PHE G 51 -19.32 -87.74 -43.92
N VAL G 52 -20.48 -87.19 -43.56
CA VAL G 52 -21.54 -86.86 -44.50
C VAL G 52 -21.75 -85.36 -44.46
N LYS G 53 -21.03 -84.62 -45.31
CA LYS G 53 -21.17 -83.18 -45.40
C LYS G 53 -22.36 -82.84 -46.28
N TYR G 54 -23.44 -82.35 -45.66
CA TYR G 54 -24.64 -81.95 -46.38
C TYR G 54 -24.55 -80.46 -46.72
N VAL G 55 -24.49 -80.16 -48.01
CA VAL G 55 -24.38 -78.78 -48.50
C VAL G 55 -25.70 -78.44 -49.20
N SER G 56 -26.51 -77.58 -48.56
CA SER G 56 -27.88 -77.38 -49.01
C SER G 56 -27.93 -76.75 -50.39
N ASN G 57 -27.07 -75.77 -50.67
CA ASN G 57 -26.91 -75.24 -52.03
C ASN G 57 -25.46 -75.42 -52.44
N GLY G 58 -25.16 -76.62 -52.94
CA GLY G 58 -23.81 -76.94 -53.32
C GLY G 58 -23.61 -78.44 -53.35
N THR G 59 -22.35 -78.83 -53.37
CA THR G 59 -21.95 -80.21 -53.67
C THR G 59 -21.74 -80.96 -52.36
N SER G 60 -22.75 -81.71 -51.95
CA SER G 60 -22.65 -82.55 -50.75
C SER G 60 -21.64 -83.68 -50.99
N LYS G 61 -21.05 -84.17 -49.91
CA LYS G 61 -19.95 -85.15 -50.01
C LYS G 61 -20.00 -86.17 -48.89
N VAL G 62 -19.89 -87.45 -49.25
CA VAL G 62 -19.78 -88.54 -48.28
C VAL G 62 -18.39 -89.15 -48.43
N THR G 63 -17.61 -89.11 -47.35
CA THR G 63 -16.23 -89.57 -47.37
C THR G 63 -16.08 -90.76 -46.42
N ILE G 64 -15.44 -91.82 -46.91
CA ILE G 64 -15.27 -93.07 -46.16
C ILE G 64 -13.82 -93.53 -46.28
N ARG G 65 -13.24 -93.98 -45.17
CA ARG G 65 -11.89 -94.54 -45.21
C ARG G 65 -11.77 -95.72 -44.26
N ILE G 66 -11.10 -96.77 -44.74
CA ILE G 66 -10.95 -98.06 -44.07
C ILE G 66 -9.46 -98.37 -43.97
N ALA G 67 -8.98 -98.65 -42.75
CA ALA G 67 -7.57 -98.89 -42.50
C ALA G 67 -7.38 -100.25 -41.83
N ASP G 68 -6.63 -101.13 -42.51
CA ASP G 68 -6.34 -102.49 -42.05
C ASP G 68 -4.84 -102.60 -41.82
N PRO G 69 -4.35 -102.42 -40.60
CA PRO G 69 -2.91 -102.53 -40.35
C PRO G 69 -2.49 -103.94 -39.96
N VAL G 70 -1.22 -104.24 -40.22
CA VAL G 70 -0.60 -105.50 -39.83
C VAL G 70 0.64 -105.17 -38.99
N LEU G 71 0.65 -105.63 -37.75
CA LEU G 71 1.73 -105.28 -36.83
C LEU G 71 2.98 -106.06 -37.16
N ALA G 72 4.11 -105.61 -36.60
CA ALA G 72 5.41 -106.20 -36.86
C ALA G 72 5.71 -107.27 -35.80
N SER G 73 5.69 -108.54 -36.21
CA SER G 73 5.96 -109.66 -35.30
C SER G 73 7.41 -110.07 -35.41
N VAL G 74 8.11 -110.06 -34.27
CA VAL G 74 9.54 -110.36 -34.22
C VAL G 74 9.71 -111.72 -33.55
N PRO G 75 10.81 -112.44 -33.81
CA PRO G 75 11.02 -113.74 -33.16
C PRO G 75 10.92 -113.64 -31.64
N ALA G 76 10.39 -114.71 -31.03
CA ALA G 76 10.01 -114.63 -29.62
C ALA G 76 11.21 -114.40 -28.72
N GLY G 77 12.30 -115.12 -28.95
CA GLY G 77 13.49 -114.93 -28.14
C GLY G 77 14.08 -113.54 -28.25
N CYS G 78 13.80 -112.83 -29.33
CA CYS G 78 14.38 -111.51 -29.53
C CYS G 78 13.76 -110.51 -28.57
N CYS G 79 14.45 -109.38 -28.38
CA CYS G 79 14.07 -108.38 -27.39
C CYS G 79 13.76 -107.06 -28.09
N VAL G 80 12.47 -106.79 -28.29
CA VAL G 80 11.99 -105.45 -28.57
C VAL G 80 10.87 -105.19 -27.57
N ASP G 81 10.92 -104.04 -26.90
CA ASP G 81 9.98 -103.76 -25.83
C ASP G 81 8.56 -103.89 -26.33
N THR G 82 7.79 -104.78 -25.71
CA THR G 82 6.40 -104.97 -26.11
C THR G 82 5.56 -103.72 -25.86
N ASN G 83 6.03 -102.84 -24.98
CA ASN G 83 5.33 -101.57 -24.78
C ASN G 83 5.47 -100.64 -25.98
N THR G 84 6.47 -100.86 -26.83
CA THR G 84 6.67 -100.03 -28.03
C THR G 84 6.61 -100.90 -29.28
N PRO G 85 5.38 -101.25 -29.77
CA PRO G 85 5.27 -101.96 -31.05
C PRO G 85 5.10 -100.99 -32.20
N GLN G 86 5.36 -101.46 -33.41
CA GLN G 86 5.18 -100.66 -34.60
C GLN G 86 4.28 -101.39 -35.57
N VAL G 87 3.73 -100.62 -36.49
CA VAL G 87 2.95 -101.16 -37.60
C VAL G 87 3.91 -101.35 -38.76
N ALA G 88 3.99 -102.59 -39.26
CA ALA G 88 4.83 -102.89 -40.40
C ALA G 88 4.31 -102.22 -41.66
N TYR G 89 3.02 -102.35 -41.92
CA TYR G 89 2.37 -101.78 -43.10
C TYR G 89 0.87 -101.86 -42.87
N SER G 90 0.11 -101.09 -43.65
CA SER G 90 -1.33 -101.07 -43.52
C SER G 90 -1.98 -100.76 -44.85
N THR G 91 -3.01 -101.52 -45.19
CA THR G 91 -3.78 -101.27 -46.40
C THR G 91 -4.86 -100.23 -46.13
N PHE G 92 -5.18 -99.45 -47.16
CA PHE G 92 -6.13 -98.34 -47.01
C PHE G 92 -7.13 -98.31 -48.16
N PHE G 93 -8.38 -97.94 -47.85
CA PHE G 93 -9.40 -97.69 -48.86
C PHE G 93 -10.07 -96.36 -48.57
N GLU G 94 -10.05 -95.44 -49.55
CA GLU G 94 -10.64 -94.12 -49.35
C GLU G 94 -11.54 -93.77 -50.53
N CYS G 95 -12.82 -93.50 -50.26
CA CYS G 95 -13.78 -93.13 -51.30
C CYS G 95 -14.55 -91.88 -50.91
N THR G 96 -14.97 -91.12 -51.92
CA THR G 96 -15.76 -89.91 -51.74
C THR G 96 -16.86 -89.87 -52.79
N PHE G 97 -18.10 -89.84 -52.33
CA PHE G 97 -19.26 -89.56 -53.14
C PHE G 97 -19.48 -88.04 -53.17
N SER G 98 -19.71 -87.50 -54.37
CA SER G 98 -20.00 -86.08 -54.56
C SER G 98 -21.34 -85.94 -55.26
N VAL G 99 -22.34 -85.46 -54.54
CA VAL G 99 -23.73 -85.38 -54.98
C VAL G 99 -24.11 -83.92 -55.09
N PRO G 100 -24.54 -83.43 -56.25
CA PRO G 100 -24.92 -82.02 -56.38
C PRO G 100 -26.16 -81.70 -55.56
N TYR G 101 -26.32 -80.41 -55.26
CA TYR G 101 -27.61 -79.93 -54.84
C TYR G 101 -28.64 -80.24 -55.92
N GLY G 102 -29.89 -80.39 -55.50
CA GLY G 102 -30.93 -80.65 -56.46
C GLY G 102 -30.85 -81.97 -57.18
N ALA G 103 -30.08 -82.93 -56.68
CA ALA G 103 -30.03 -84.26 -57.27
C ALA G 103 -31.18 -85.09 -56.74
N THR G 104 -31.86 -85.79 -57.65
CA THR G 104 -33.00 -86.63 -57.28
C THR G 104 -32.54 -87.77 -56.39
N LEU G 105 -33.42 -88.16 -55.47
CA LEU G 105 -33.20 -89.39 -54.72
C LEU G 105 -32.88 -90.55 -55.66
N GLN G 106 -33.45 -90.52 -56.87
CA GLN G 106 -33.12 -91.55 -57.85
C GLN G 106 -31.69 -91.42 -58.33
N ASN G 107 -31.19 -90.19 -58.52
CA ASN G 107 -29.80 -90.00 -58.91
C ASN G 107 -28.85 -90.52 -57.83
N LYS G 108 -29.22 -90.31 -56.55
CA LYS G 108 -28.38 -90.80 -55.46
C LYS G 108 -28.35 -92.32 -55.42
N LYS G 109 -29.53 -92.95 -55.49
CA LYS G 109 -29.61 -94.41 -55.63
C LYS G 109 -28.74 -94.87 -56.79
N ASP G 110 -28.85 -94.19 -57.94
CA ASP G 110 -28.11 -94.58 -59.13
C ASP G 110 -26.62 -94.64 -58.86
N ILE G 111 -26.04 -93.55 -58.35
CA ILE G 111 -24.58 -93.53 -58.23
C ILE G 111 -24.11 -94.49 -57.14
N LEU G 112 -24.87 -94.62 -56.04
CA LEU G 112 -24.50 -95.62 -55.05
C LEU G 112 -24.41 -97.00 -55.69
N ALA G 113 -25.42 -97.35 -56.51
CA ALA G 113 -25.44 -98.66 -57.13
C ALA G 113 -24.31 -98.82 -58.15
N TYR G 114 -24.01 -97.77 -58.93
CA TYR G 114 -22.91 -97.87 -59.88
C TYR G 114 -21.60 -98.15 -59.15
N ALA G 115 -21.36 -97.44 -58.05
CA ALA G 115 -20.14 -97.65 -57.28
C ALA G 115 -20.06 -99.08 -56.75
N ARG G 116 -21.15 -99.55 -56.14
CA ARG G 116 -21.11 -100.87 -55.52
C ARG G 116 -20.93 -101.97 -56.59
N ASN G 117 -21.67 -101.86 -57.70
CA ASN G 117 -21.54 -102.84 -58.77
C ASN G 117 -20.15 -102.82 -59.39
N LEU G 118 -19.55 -101.63 -59.53
CA LEU G 118 -18.22 -101.56 -60.11
C LEU G 118 -17.18 -102.20 -59.20
N LEU G 119 -17.24 -101.91 -57.90
CA LEU G 119 -16.31 -102.57 -56.99
C LEU G 119 -16.56 -104.07 -56.92
N GLY G 120 -17.78 -104.50 -57.23
CA GLY G 120 -18.03 -105.91 -57.36
C GLY G 120 -17.66 -106.52 -58.70
N THR G 121 -17.13 -105.75 -59.65
CA THR G 121 -16.84 -106.29 -60.98
C THR G 121 -15.57 -107.13 -60.96
N GLN G 122 -15.50 -108.07 -61.91
CA GLN G 122 -14.34 -108.95 -61.99
C GLN G 122 -13.08 -108.18 -62.33
N VAL G 123 -13.19 -107.14 -63.16
CA VAL G 123 -11.99 -106.37 -63.50
C VAL G 123 -11.47 -105.64 -62.27
N VAL G 124 -12.36 -105.13 -61.42
CA VAL G 124 -11.92 -104.38 -60.24
C VAL G 124 -11.32 -105.33 -59.20
N THR G 125 -11.99 -106.46 -58.93
CA THR G 125 -11.42 -107.43 -57.99
C THR G 125 -10.08 -107.94 -58.50
N ASP G 126 -9.99 -108.21 -59.81
CA ASP G 126 -8.74 -108.61 -60.43
C ASP G 126 -7.65 -107.57 -60.18
N ALA G 127 -7.96 -106.29 -60.45
CA ALA G 127 -6.95 -105.24 -60.32
C ALA G 127 -6.45 -105.11 -58.89
N VAL G 128 -7.37 -105.06 -57.93
CA VAL G 128 -6.98 -104.82 -56.54
C VAL G 128 -6.23 -106.01 -55.95
N VAL G 129 -6.63 -107.23 -56.29
CA VAL G 129 -6.01 -108.39 -55.66
C VAL G 129 -4.74 -108.81 -56.39
N ASP G 130 -4.82 -109.04 -57.71
CA ASP G 130 -3.67 -109.52 -58.46
C ASP G 130 -2.78 -108.42 -58.99
N MET G 131 -3.16 -107.14 -58.82
CA MET G 131 -2.44 -106.02 -59.41
C MET G 131 -2.51 -106.06 -60.93
N THR G 132 -3.67 -106.43 -61.46
CA THR G 132 -3.80 -106.62 -62.90
C THR G 132 -4.62 -105.51 -63.51
N PRO G 133 -4.08 -104.79 -64.49
CA PRO G 133 -4.80 -103.64 -65.07
C PRO G 133 -5.72 -104.03 -66.21
N ALA G 134 -6.39 -103.05 -66.80
CA ALA G 134 -7.19 -103.25 -67.99
C ALA G 134 -6.38 -102.77 -69.20
N TRP G 135 -5.75 -103.72 -69.91
CA TRP G 135 -4.82 -103.37 -70.99
C TRP G 135 -5.44 -103.41 -72.39
N ALA H 1 -33.81 -84.34 -23.09
CA ALA H 1 -34.20 -84.56 -24.47
C ALA H 1 -33.04 -85.09 -25.29
N GLN H 2 -32.90 -86.42 -25.40
CA GLN H 2 -32.03 -86.94 -26.43
C GLN H 2 -32.57 -86.52 -27.78
N ILE H 3 -31.66 -86.21 -28.72
CA ILE H 3 -32.13 -85.75 -30.01
C ILE H 3 -32.96 -86.85 -30.65
N ALA H 4 -34.08 -86.45 -31.23
CA ALA H 4 -34.98 -87.39 -31.87
C ALA H 4 -35.78 -86.64 -32.91
N ASN H 5 -36.57 -87.39 -33.68
CA ASN H 5 -37.38 -86.82 -34.74
C ASN H 5 -38.21 -85.66 -34.23
N LEU H 6 -38.53 -84.73 -35.12
CA LEU H 6 -39.26 -83.52 -34.75
C LEU H 6 -40.41 -83.33 -35.71
N ILE H 7 -41.62 -83.11 -35.20
CA ILE H 7 -42.80 -83.06 -36.06
C ILE H 7 -43.46 -81.70 -35.94
N LEU H 8 -43.50 -80.97 -37.05
CA LEU H 8 -44.04 -79.61 -37.09
C LEU H 8 -45.13 -79.52 -38.15
N ALA H 9 -46.25 -78.88 -37.81
CA ALA H 9 -47.40 -78.81 -38.69
C ALA H 9 -47.37 -77.51 -39.50
N ASP H 10 -47.49 -77.63 -40.82
CA ASP H 10 -47.57 -76.47 -41.68
C ASP H 10 -48.92 -75.75 -41.55
N GLY H 11 -48.96 -74.52 -42.04
CA GLY H 11 -50.18 -73.74 -42.00
C GLY H 11 -51.00 -73.91 -43.26
N GLN H 12 -52.09 -74.66 -43.14
CA GLN H 12 -53.03 -74.84 -44.22
C GLN H 12 -54.43 -74.84 -43.60
N ALA H 13 -55.42 -74.98 -44.46
CA ALA H 13 -56.77 -75.24 -43.97
C ALA H 13 -56.76 -76.44 -43.03
N THR H 14 -56.27 -77.56 -43.52
CA THR H 14 -56.00 -78.71 -42.67
C THR H 14 -54.50 -78.82 -42.61
N PRO H 15 -53.88 -78.45 -41.50
CA PRO H 15 -52.42 -78.55 -41.40
C PRO H 15 -51.96 -79.98 -41.58
N ALA H 16 -50.77 -80.11 -42.17
CA ALA H 16 -50.16 -81.41 -42.46
C ALA H 16 -48.87 -81.55 -41.67
N ASN H 17 -48.77 -82.59 -40.87
CA ASN H 17 -47.54 -82.82 -40.09
C ASN H 17 -46.38 -83.09 -41.03
N HIS H 18 -45.25 -82.43 -40.78
CA HIS H 18 -44.01 -82.64 -41.52
C HIS H 18 -42.94 -83.08 -40.53
N THR H 19 -42.22 -84.13 -40.88
CA THR H 19 -41.25 -84.76 -40.00
C THR H 19 -39.85 -84.24 -40.30
N PHE H 20 -38.99 -84.26 -39.26
CA PHE H 20 -37.63 -83.72 -39.29
C PHE H 20 -36.71 -84.78 -38.69
N VAL H 21 -35.94 -85.43 -39.56
CA VAL H 21 -34.93 -86.39 -39.11
C VAL H 21 -33.80 -85.63 -38.45
N PRO H 22 -33.23 -86.12 -37.35
CA PRO H 22 -32.04 -85.48 -36.79
C PRO H 22 -30.80 -85.76 -37.62
N MET H 23 -29.92 -84.77 -37.64
CA MET H 23 -28.66 -84.83 -38.38
C MET H 23 -27.45 -84.95 -37.46
N GLN H 24 -27.39 -84.13 -36.41
CA GLN H 24 -26.34 -84.26 -35.42
C GLN H 24 -26.84 -83.68 -34.11
N PRO H 25 -26.41 -84.20 -32.97
CA PRO H 25 -26.86 -83.68 -31.69
C PRO H 25 -26.16 -82.34 -31.43
N GLN H 26 -26.46 -81.78 -30.27
CA GLN H 26 -25.86 -80.53 -29.85
C GLN H 26 -24.54 -80.82 -29.13
N THR H 27 -23.50 -80.09 -29.52
CA THR H 27 -22.16 -80.20 -28.98
C THR H 27 -21.80 -78.84 -28.38
N GLY H 28 -20.60 -78.75 -27.80
CA GLY H 28 -20.15 -77.48 -27.25
C GLY H 28 -20.00 -76.38 -28.28
N ILE H 29 -19.71 -76.73 -29.53
CA ILE H 29 -19.52 -75.74 -30.57
C ILE H 29 -20.55 -75.84 -31.70
N THR H 30 -21.14 -77.03 -31.93
CA THR H 30 -22.11 -77.21 -32.99
C THR H 30 -23.53 -77.34 -32.42
N PRO H 31 -24.52 -76.71 -33.06
CA PRO H 31 -25.90 -76.81 -32.57
C PRO H 31 -26.65 -78.01 -33.12
N SER H 32 -27.54 -78.55 -32.30
CA SER H 32 -28.34 -79.68 -32.73
C SER H 32 -29.22 -79.26 -33.90
N GLN H 33 -29.37 -80.12 -34.90
CA GLN H 33 -30.10 -79.71 -36.10
C GLN H 33 -30.76 -80.90 -36.78
N TRP H 34 -31.94 -80.62 -37.37
CA TRP H 34 -32.81 -81.57 -38.05
C TRP H 34 -32.99 -81.15 -39.52
N LEU H 35 -33.63 -82.02 -40.30
CA LEU H 35 -33.81 -81.86 -41.74
C LEU H 35 -35.17 -82.40 -42.15
N ASN H 36 -35.83 -81.71 -43.09
CA ASN H 36 -37.17 -82.12 -43.52
C ASN H 36 -37.11 -83.33 -44.43
N LYS H 37 -36.28 -83.28 -45.47
CA LYS H 37 -36.05 -84.42 -46.37
C LYS H 37 -37.29 -84.81 -47.14
N GLU H 38 -38.09 -83.82 -47.52
CA GLU H 38 -39.30 -84.07 -48.30
C GLU H 38 -39.12 -83.79 -49.79
N ALA H 39 -38.71 -82.58 -50.16
CA ALA H 39 -38.56 -82.28 -51.58
C ALA H 39 -37.43 -83.11 -52.18
N ALA H 40 -37.52 -83.36 -53.50
CA ALA H 40 -36.56 -84.26 -54.13
C ALA H 40 -35.16 -83.65 -54.16
N SER H 41 -35.09 -82.33 -54.29
CA SER H 41 -33.82 -81.64 -54.41
C SER H 41 -33.18 -81.42 -53.04
N ASN H 42 -31.84 -81.52 -52.99
CA ASN H 42 -31.12 -81.20 -51.77
C ASN H 42 -31.48 -79.81 -51.23
N ILE H 43 -31.82 -78.89 -52.14
CA ILE H 43 -32.11 -77.52 -51.71
C ILE H 43 -33.42 -77.45 -50.95
N GLY H 44 -34.46 -78.15 -51.44
CA GLY H 44 -35.80 -78.09 -50.89
C GLY H 44 -35.96 -78.68 -49.50
N TYR H 45 -34.94 -79.35 -48.97
CA TYR H 45 -35.02 -79.83 -47.59
C TYR H 45 -35.12 -78.63 -46.66
N ARG H 46 -35.98 -78.73 -45.64
CA ARG H 46 -36.17 -77.67 -44.67
C ARG H 46 -35.41 -78.02 -43.40
N LYS H 47 -34.68 -77.06 -42.84
CA LYS H 47 -33.83 -77.35 -41.70
C LYS H 47 -34.28 -76.58 -40.48
N VAL H 48 -33.97 -77.13 -39.32
CA VAL H 48 -34.32 -76.55 -38.03
C VAL H 48 -33.13 -76.79 -37.11
N SER H 49 -32.51 -75.72 -36.61
CA SER H 49 -31.35 -75.88 -35.74
C SER H 49 -31.57 -75.10 -34.45
N MET H 50 -30.92 -75.57 -33.39
CA MET H 50 -31.15 -75.08 -32.04
C MET H 50 -29.87 -75.25 -31.23
N PHE H 51 -29.59 -74.29 -30.34
CA PHE H 51 -28.42 -74.34 -29.47
C PHE H 51 -28.71 -73.71 -28.12
N VAL H 52 -28.34 -74.41 -27.05
CA VAL H 52 -28.64 -74.02 -25.66
C VAL H 52 -27.31 -73.74 -24.97
N LYS H 53 -26.89 -72.48 -24.94
CA LYS H 53 -25.65 -72.09 -24.29
C LYS H 53 -25.92 -71.79 -22.82
N TYR H 54 -25.46 -72.67 -21.93
CA TYR H 54 -25.60 -72.50 -20.49
C TYR H 54 -24.43 -71.69 -19.94
N VAL H 55 -24.74 -70.56 -19.32
CA VAL H 55 -23.73 -69.70 -18.70
C VAL H 55 -24.03 -69.69 -17.20
N SER H 56 -23.21 -70.40 -16.42
CA SER H 56 -23.53 -70.64 -15.01
C SER H 56 -23.52 -69.34 -14.21
N ASN H 57 -22.73 -68.35 -14.60
CA ASN H 57 -22.80 -67.01 -14.01
C ASN H 57 -22.85 -65.99 -15.14
N GLY H 58 -24.06 -65.76 -15.64
CA GLY H 58 -24.24 -64.82 -16.74
C GLY H 58 -25.52 -65.14 -17.49
N THR H 59 -25.60 -64.58 -18.70
CA THR H 59 -26.81 -64.65 -19.50
C THR H 59 -26.75 -65.90 -20.38
N SER H 60 -27.47 -66.94 -19.98
CA SER H 60 -27.64 -68.12 -20.83
C SER H 60 -28.49 -67.75 -22.05
N LYS H 61 -28.34 -68.52 -23.13
CA LYS H 61 -29.01 -68.17 -24.38
C LYS H 61 -29.46 -69.41 -25.15
N VAL H 62 -30.76 -69.46 -25.47
CA VAL H 62 -31.32 -70.48 -26.36
C VAL H 62 -31.56 -69.85 -27.72
N THR H 63 -31.01 -70.46 -28.77
CA THR H 63 -31.09 -69.91 -30.12
C THR H 63 -31.72 -70.93 -31.05
N ILE H 64 -32.67 -70.47 -31.88
CA ILE H 64 -33.43 -71.34 -32.76
C ILE H 64 -33.53 -70.68 -34.14
N ARG H 65 -33.34 -71.48 -35.19
CA ARG H 65 -33.55 -70.96 -36.54
C ARG H 65 -34.17 -72.04 -37.44
N ILE H 66 -35.16 -71.61 -38.20
CA ILE H 66 -35.99 -72.46 -39.05
C ILE H 66 -35.89 -71.95 -40.48
N ALA H 67 -35.61 -72.84 -41.43
CA ALA H 67 -35.43 -72.46 -42.83
C ALA H 67 -36.32 -73.33 -43.71
N ASP H 68 -37.20 -72.67 -44.47
CA ASP H 68 -38.13 -73.32 -45.41
C ASP H 68 -37.83 -72.83 -46.81
N PRO H 69 -37.14 -73.61 -47.64
CA PRO H 69 -36.91 -73.20 -49.03
C PRO H 69 -38.18 -73.28 -49.84
N VAL H 70 -38.59 -72.15 -50.41
CA VAL H 70 -39.76 -72.14 -51.30
C VAL H 70 -39.28 -71.95 -52.73
N LEU H 71 -38.94 -73.05 -53.39
CA LEU H 71 -38.50 -72.98 -54.77
C LEU H 71 -39.67 -72.97 -55.74
N ALA H 72 -40.82 -73.46 -55.31
CA ALA H 72 -42.02 -73.36 -56.13
C ALA H 72 -42.33 -71.91 -56.45
N SER H 73 -42.09 -71.02 -55.49
CA SER H 73 -42.40 -69.61 -55.65
C SER H 73 -41.44 -68.90 -56.60
N VAL H 74 -40.31 -69.52 -56.94
CA VAL H 74 -39.32 -68.89 -57.81
C VAL H 74 -39.85 -68.85 -59.25
N PRO H 75 -39.74 -67.72 -59.94
CA PRO H 75 -40.17 -67.68 -61.35
C PRO H 75 -39.36 -68.67 -62.19
N ALA H 76 -39.99 -69.15 -63.26
CA ALA H 76 -39.32 -70.11 -64.12
C ALA H 76 -38.10 -69.50 -64.81
N GLY H 77 -38.15 -68.19 -65.09
CA GLY H 77 -37.05 -67.55 -65.80
C GLY H 77 -35.79 -67.40 -64.95
N CYS H 78 -35.94 -67.29 -63.63
CA CYS H 78 -34.79 -67.12 -62.76
C CYS H 78 -34.15 -68.47 -62.46
N CYS H 79 -32.83 -68.52 -62.64
CA CYS H 79 -32.04 -69.70 -62.31
C CYS H 79 -31.55 -69.62 -60.87
N VAL H 80 -31.57 -70.75 -60.17
CA VAL H 80 -31.09 -70.84 -58.80
C VAL H 80 -29.84 -71.73 -58.80
N ASP H 81 -28.73 -71.17 -58.34
CA ASP H 81 -27.45 -71.86 -58.27
C ASP H 81 -26.76 -71.49 -56.96
N THR H 82 -25.57 -72.05 -56.74
CA THR H 82 -24.87 -71.85 -55.47
C THR H 82 -24.71 -70.38 -55.14
N ASN H 83 -24.57 -69.54 -56.16
CA ASN H 83 -24.36 -68.12 -55.97
C ASN H 83 -25.64 -67.36 -55.65
N THR H 84 -26.82 -67.97 -55.81
CA THR H 84 -28.05 -67.29 -55.45
C THR H 84 -28.09 -67.10 -53.93
N PRO H 85 -28.32 -65.88 -53.46
CA PRO H 85 -28.37 -65.66 -52.00
C PRO H 85 -29.54 -66.42 -51.38
N GLN H 86 -29.27 -67.01 -50.22
CA GLN H 86 -30.29 -67.86 -49.60
C GLN H 86 -31.56 -67.07 -49.30
N VAL H 87 -31.41 -65.86 -48.75
CA VAL H 87 -32.53 -65.11 -48.18
C VAL H 87 -33.49 -64.67 -49.29
N ALA H 88 -33.15 -64.98 -50.54
CA ALA H 88 -34.02 -64.65 -51.66
C ALA H 88 -34.92 -65.80 -52.10
N TYR H 89 -34.60 -67.06 -51.75
CA TYR H 89 -35.42 -68.18 -52.22
C TYR H 89 -35.90 -69.07 -51.09
N SER H 90 -35.97 -68.54 -49.86
CA SER H 90 -36.45 -69.35 -48.73
C SER H 90 -36.86 -68.42 -47.59
N THR H 91 -37.84 -68.88 -46.81
CA THR H 91 -38.29 -68.15 -45.63
C THR H 91 -37.49 -68.59 -44.41
N PHE H 92 -37.32 -67.66 -43.46
CA PHE H 92 -36.47 -67.90 -42.29
C PHE H 92 -37.11 -67.35 -41.02
N PHE H 93 -36.93 -68.08 -39.91
CA PHE H 93 -37.36 -67.62 -38.60
C PHE H 93 -36.23 -67.82 -37.60
N GLU H 94 -35.80 -66.75 -36.92
CA GLU H 94 -34.71 -66.84 -35.98
C GLU H 94 -35.09 -66.18 -34.66
N CYS H 95 -35.01 -66.93 -33.56
CA CYS H 95 -35.32 -66.38 -32.24
C CYS H 95 -34.21 -66.72 -31.25
N THR H 96 -34.09 -65.89 -30.21
CA THR H 96 -33.12 -66.06 -29.14
C THR H 96 -33.76 -65.67 -27.81
N PHE H 97 -33.80 -66.63 -26.89
CA PHE H 97 -34.17 -66.40 -25.50
C PHE H 97 -32.91 -66.10 -24.72
N SER H 98 -32.91 -64.99 -23.99
CA SER H 98 -31.82 -64.61 -23.10
C SER H 98 -32.32 -64.72 -21.66
N VAL H 99 -31.70 -65.60 -20.89
CA VAL H 99 -32.09 -65.92 -19.52
C VAL H 99 -30.93 -65.64 -18.58
N PRO H 100 -31.00 -64.61 -17.75
CA PRO H 100 -29.89 -64.34 -16.83
C PRO H 100 -29.82 -65.39 -15.73
N TYR H 101 -28.61 -65.61 -15.24
CA TYR H 101 -28.43 -66.45 -14.06
C TYR H 101 -29.28 -65.90 -12.92
N GLY H 102 -29.78 -66.77 -12.05
CA GLY H 102 -30.60 -66.28 -10.98
C GLY H 102 -32.03 -66.01 -11.39
N ALA H 103 -32.46 -66.54 -12.53
CA ALA H 103 -33.84 -66.38 -12.93
C ALA H 103 -34.66 -67.49 -12.32
N THR H 104 -35.76 -67.12 -11.68
CA THR H 104 -36.58 -68.14 -11.09
C THR H 104 -37.14 -69.06 -12.18
N LEU H 105 -37.40 -70.30 -11.80
CA LEU H 105 -38.08 -71.21 -12.70
C LEU H 105 -39.33 -70.56 -13.25
N GLN H 106 -40.00 -69.76 -12.42
CA GLN H 106 -41.20 -69.07 -12.85
C GLN H 106 -40.88 -67.98 -13.87
N ASN H 107 -39.71 -67.33 -13.76
CA ASN H 107 -39.31 -66.35 -14.78
C ASN H 107 -39.07 -67.02 -16.13
N LYS H 108 -38.46 -68.20 -16.11
CA LYS H 108 -38.22 -68.94 -17.35
C LYS H 108 -39.53 -69.38 -18.00
N LYS H 109 -40.41 -70.00 -17.21
CA LYS H 109 -41.75 -70.34 -17.70
C LYS H 109 -42.48 -69.11 -18.21
N ASP H 110 -42.36 -68.01 -17.48
CA ASP H 110 -43.03 -66.78 -17.85
C ASP H 110 -42.63 -66.36 -19.25
N ILE H 111 -41.33 -66.22 -19.50
CA ILE H 111 -40.95 -65.66 -20.79
C ILE H 111 -41.25 -66.63 -21.92
N LEU H 112 -41.12 -67.94 -21.66
CA LEU H 112 -41.54 -68.90 -22.70
C LEU H 112 -43.01 -68.67 -23.06
N ALA H 113 -43.86 -68.53 -22.05
CA ALA H 113 -45.28 -68.36 -22.30
C ALA H 113 -45.58 -67.03 -22.99
N TYR H 114 -44.89 -65.96 -22.60
CA TYR H 114 -45.11 -64.67 -23.25
C TYR H 114 -44.76 -64.74 -24.72
N ALA H 115 -43.63 -65.36 -25.04
CA ALA H 115 -43.24 -65.50 -26.45
C ALA H 115 -44.27 -66.30 -27.22
N ARG H 116 -44.69 -67.45 -26.68
CA ARG H 116 -45.60 -68.31 -27.43
C ARG H 116 -46.96 -67.65 -27.61
N ASN H 117 -47.51 -67.03 -26.56
CA ASN H 117 -48.78 -66.34 -26.68
C ASN H 117 -48.69 -65.16 -27.64
N LEU H 118 -47.57 -64.42 -27.62
CA LEU H 118 -47.43 -63.29 -28.52
C LEU H 118 -47.39 -63.73 -29.98
N LEU H 119 -46.62 -64.78 -30.28
CA LEU H 119 -46.63 -65.30 -31.65
C LEU H 119 -47.98 -65.90 -32.02
N GLY H 120 -48.76 -66.35 -31.03
CA GLY H 120 -50.12 -66.76 -31.33
C GLY H 120 -51.09 -65.62 -31.54
N THR H 121 -50.75 -64.41 -31.10
CA THR H 121 -51.68 -63.28 -31.18
C THR H 121 -52.08 -62.98 -32.62
N GLN H 122 -53.29 -62.43 -32.75
CA GLN H 122 -53.77 -62.06 -34.08
C GLN H 122 -52.92 -60.97 -34.70
N VAL H 123 -52.40 -60.05 -33.89
CA VAL H 123 -51.62 -58.97 -34.46
C VAL H 123 -50.36 -59.53 -35.12
N VAL H 124 -49.74 -60.52 -34.48
CA VAL H 124 -48.55 -61.14 -35.05
C VAL H 124 -48.91 -61.95 -36.29
N THR H 125 -49.98 -62.76 -36.21
CA THR H 125 -50.41 -63.53 -37.38
C THR H 125 -50.66 -62.61 -38.56
N ASP H 126 -51.38 -61.51 -38.31
CA ASP H 126 -51.71 -60.53 -39.34
C ASP H 126 -50.46 -59.87 -39.91
N ALA H 127 -49.50 -59.55 -39.05
CA ALA H 127 -48.29 -58.85 -39.50
C ALA H 127 -47.39 -59.76 -40.33
N VAL H 128 -47.31 -61.04 -39.99
CA VAL H 128 -46.40 -61.93 -40.71
C VAL H 128 -47.02 -62.38 -42.02
N VAL H 129 -48.32 -62.69 -42.03
CA VAL H 129 -48.94 -63.18 -43.26
C VAL H 129 -49.34 -62.02 -44.17
N ASP H 130 -50.16 -61.11 -43.67
CA ASP H 130 -50.67 -60.03 -44.50
C ASP H 130 -49.76 -58.80 -44.53
N MET H 131 -48.60 -58.88 -43.88
CA MET H 131 -47.60 -57.81 -43.87
C MET H 131 -48.14 -56.53 -43.24
N THR H 132 -49.21 -56.62 -42.45
CA THR H 132 -49.88 -55.43 -41.95
C THR H 132 -49.40 -55.14 -40.53
N PRO H 133 -48.76 -54.00 -40.29
CA PRO H 133 -48.21 -53.71 -38.96
C PRO H 133 -49.19 -53.04 -38.02
N ALA H 134 -48.71 -52.65 -36.83
CA ALA H 134 -49.52 -51.94 -35.83
C ALA H 134 -49.18 -50.47 -35.89
N TRP H 135 -50.09 -49.68 -36.46
CA TRP H 135 -49.84 -48.25 -36.72
C TRP H 135 -50.62 -47.30 -35.79
N ALA I 1 -20.22 -95.19 -25.25
CA ALA I 1 -21.08 -94.51 -24.29
C ALA I 1 -21.59 -93.19 -24.86
N GLN I 2 -22.80 -93.18 -25.44
CA GLN I 2 -23.42 -91.89 -25.71
C GLN I 2 -23.84 -91.24 -24.41
N ILE I 3 -23.77 -89.91 -24.37
CA ILE I 3 -24.06 -89.20 -23.14
C ILE I 3 -25.53 -89.40 -22.79
N ALA I 4 -25.78 -89.59 -21.50
CA ALA I 4 -27.14 -89.77 -21.01
C ALA I 4 -27.18 -89.34 -19.56
N ASN I 5 -28.38 -89.34 -19.00
CA ASN I 5 -28.59 -88.88 -17.64
C ASN I 5 -27.64 -89.58 -16.67
N LEU I 6 -27.36 -88.93 -15.54
CA LEU I 6 -26.45 -89.49 -14.56
C LEU I 6 -27.05 -89.37 -13.16
N ILE I 7 -27.16 -90.48 -12.45
CA ILE I 7 -27.83 -90.52 -11.15
C ILE I 7 -26.82 -90.83 -10.05
N LEU I 8 -26.73 -89.95 -9.05
CA LEU I 8 -25.75 -90.05 -7.97
C LEU I 8 -26.44 -89.87 -6.63
N ALA I 9 -26.08 -90.73 -5.66
CA ALA I 9 -26.74 -90.72 -4.36
C ALA I 9 -26.00 -89.83 -3.38
N ASP I 10 -26.72 -88.88 -2.78
CA ASP I 10 -26.12 -88.01 -1.79
C ASP I 10 -25.85 -88.76 -0.48
N GLY I 11 -25.02 -88.15 0.37
CA GLY I 11 -24.68 -88.73 1.64
C GLY I 11 -25.62 -88.25 2.73
N GLN I 12 -26.48 -89.15 3.19
CA GLN I 12 -27.43 -88.86 4.25
C GLN I 12 -27.63 -90.13 5.05
N ALA I 13 -28.41 -90.01 6.11
CA ALA I 13 -28.86 -91.21 6.82
C ALA I 13 -29.49 -92.18 5.85
N THR I 14 -30.45 -91.69 5.06
CA THR I 14 -30.94 -92.45 3.92
C THR I 14 -30.56 -91.65 2.68
N PRO I 15 -29.70 -92.19 1.82
CA PRO I 15 -29.31 -91.46 0.61
C PRO I 15 -30.49 -91.26 -0.32
N ALA I 16 -30.49 -90.13 -1.01
CA ALA I 16 -31.53 -89.79 -1.97
C ALA I 16 -30.90 -89.58 -3.34
N ASN I 17 -31.43 -90.27 -4.35
CA ASN I 17 -30.87 -90.16 -5.69
C ASN I 17 -31.07 -88.76 -6.24
N HIS I 18 -29.99 -88.21 -6.82
CA HIS I 18 -30.01 -86.91 -7.47
C HIS I 18 -29.68 -87.10 -8.95
N THR I 19 -30.44 -86.45 -9.82
CA THR I 19 -30.28 -86.65 -11.25
C THR I 19 -29.47 -85.50 -11.86
N PHE I 20 -28.75 -85.82 -12.94
CA PHE I 20 -27.81 -84.91 -13.61
C PHE I 20 -28.13 -84.97 -15.11
N VAL I 21 -28.80 -83.94 -15.59
CA VAL I 21 -29.09 -83.83 -17.02
C VAL I 21 -27.80 -83.44 -17.75
N PRO I 22 -27.48 -84.09 -18.87
CA PRO I 22 -26.28 -83.68 -19.61
C PRO I 22 -26.43 -82.30 -20.23
N MET I 23 -25.31 -81.56 -20.26
CA MET I 23 -25.20 -80.29 -20.96
C MET I 23 -24.30 -80.34 -22.18
N GLN I 24 -23.26 -81.16 -22.14
CA GLN I 24 -22.19 -81.03 -23.10
C GLN I 24 -21.53 -82.39 -23.29
N PRO I 25 -21.52 -82.91 -24.50
CA PRO I 25 -20.74 -84.13 -24.75
C PRO I 25 -19.28 -83.80 -25.01
N GLN I 26 -18.42 -84.77 -24.70
CA GLN I 26 -16.98 -84.63 -24.88
C GLN I 26 -16.64 -84.65 -26.37
N THR I 27 -15.97 -83.59 -26.83
CA THR I 27 -15.54 -83.46 -28.23
C THR I 27 -14.34 -82.54 -28.24
N GLY I 28 -13.20 -83.05 -28.75
CA GLY I 28 -12.00 -82.24 -28.77
C GLY I 28 -11.51 -81.96 -27.36
N ILE I 29 -11.34 -80.69 -27.04
CA ILE I 29 -10.91 -80.31 -25.69
C ILE I 29 -12.11 -80.24 -24.74
N THR I 30 -13.28 -79.94 -25.26
CA THR I 30 -14.46 -79.76 -24.44
C THR I 30 -14.88 -81.08 -23.78
N PRO I 31 -15.00 -81.14 -22.44
CA PRO I 31 -15.29 -82.41 -21.78
C PRO I 31 -16.78 -82.62 -21.54
N SER I 32 -17.15 -83.90 -21.41
CA SER I 32 -18.55 -84.22 -21.12
C SER I 32 -18.92 -83.63 -19.75
N GLN I 33 -20.12 -83.06 -19.64
CA GLN I 33 -20.53 -82.50 -18.37
C GLN I 33 -22.05 -82.52 -18.19
N TRP I 34 -22.47 -82.82 -16.95
CA TRP I 34 -23.86 -82.91 -16.51
C TRP I 34 -24.11 -81.91 -15.38
N LEU I 35 -25.39 -81.56 -15.19
CA LEU I 35 -25.82 -80.54 -14.23
C LEU I 35 -26.94 -81.07 -13.35
N ASN I 36 -26.98 -80.62 -12.08
CA ASN I 36 -27.93 -81.18 -11.12
C ASN I 36 -29.34 -80.64 -11.29
N LYS I 37 -29.47 -79.30 -11.47
CA LYS I 37 -30.75 -78.63 -11.80
C LYS I 37 -31.72 -78.59 -10.62
N GLU I 38 -31.20 -78.47 -9.41
CA GLU I 38 -32.09 -78.46 -8.24
C GLU I 38 -32.27 -77.09 -7.61
N ALA I 39 -31.19 -76.36 -7.38
CA ALA I 39 -31.36 -75.02 -6.83
C ALA I 39 -32.06 -74.12 -7.84
N ALA I 40 -32.69 -73.06 -7.32
CA ALA I 40 -33.63 -72.27 -8.13
C ALA I 40 -32.92 -71.45 -9.20
N SER I 41 -31.79 -70.84 -8.83
CA SER I 41 -31.01 -69.99 -9.72
C SER I 41 -30.06 -70.83 -10.57
N ASN I 42 -29.68 -70.28 -11.73
CA ASN I 42 -28.77 -70.98 -12.62
C ASN I 42 -27.43 -71.28 -11.98
N ILE I 43 -27.07 -70.57 -10.90
CA ILE I 43 -25.75 -70.74 -10.30
C ILE I 43 -25.70 -72.00 -9.45
N GLY I 44 -26.78 -72.32 -8.73
CA GLY I 44 -26.76 -73.38 -7.74
C GLY I 44 -26.66 -74.77 -8.34
N TYR I 45 -26.97 -74.89 -9.63
CA TYR I 45 -26.85 -76.17 -10.34
C TYR I 45 -25.50 -76.79 -10.06
N ARG I 46 -25.50 -78.05 -9.61
CA ARG I 46 -24.25 -78.75 -9.34
C ARG I 46 -23.73 -79.38 -10.63
N LYS I 47 -22.40 -79.46 -10.76
CA LYS I 47 -21.83 -79.82 -12.06
C LYS I 47 -20.86 -80.98 -11.92
N VAL I 48 -21.01 -81.97 -12.81
CA VAL I 48 -20.09 -83.09 -12.91
C VAL I 48 -19.47 -83.05 -14.29
N SER I 49 -18.15 -83.21 -14.38
CA SER I 49 -17.55 -83.21 -15.71
C SER I 49 -16.40 -84.19 -15.78
N MET I 50 -16.17 -84.73 -16.98
CA MET I 50 -15.20 -85.79 -17.20
C MET I 50 -14.61 -85.63 -18.60
N PHE I 51 -13.34 -85.98 -18.73
CA PHE I 51 -12.62 -85.97 -20.01
C PHE I 51 -11.72 -87.19 -20.12
N VAL I 52 -11.89 -87.95 -21.19
CA VAL I 52 -11.13 -89.18 -21.44
C VAL I 52 -10.16 -88.89 -22.58
N LYS I 53 -8.86 -88.73 -22.24
CA LYS I 53 -7.81 -88.56 -23.23
C LYS I 53 -7.15 -89.91 -23.48
N TYR I 54 -7.48 -90.53 -24.62
CA TYR I 54 -6.87 -91.78 -25.04
C TYR I 54 -5.60 -91.46 -25.81
N VAL I 55 -4.45 -91.84 -25.26
CA VAL I 55 -3.17 -91.68 -25.91
C VAL I 55 -2.74 -93.06 -26.41
N SER I 56 -2.73 -93.24 -27.73
CA SER I 56 -2.56 -94.57 -28.31
C SER I 56 -1.20 -95.17 -27.97
N ASN I 57 -0.18 -94.32 -27.77
CA ASN I 57 1.14 -94.77 -27.32
C ASN I 57 1.63 -93.80 -26.25
N GLY I 58 1.29 -94.09 -24.99
CA GLY I 58 1.67 -93.23 -23.89
C GLY I 58 0.69 -93.38 -22.74
N THR I 59 0.73 -92.39 -21.85
CA THR I 59 -0.08 -92.41 -20.64
C THR I 59 -1.43 -91.75 -20.93
N SER I 60 -2.47 -92.56 -21.04
CA SER I 60 -3.83 -92.06 -21.20
C SER I 60 -4.37 -91.56 -19.85
N LYS I 61 -5.33 -90.63 -19.91
CA LYS I 61 -5.73 -89.91 -18.71
C LYS I 61 -7.23 -89.65 -18.69
N VAL I 62 -7.89 -90.14 -17.64
CA VAL I 62 -9.30 -89.83 -17.38
C VAL I 62 -9.35 -88.81 -16.26
N THR I 63 -10.03 -87.69 -16.48
CA THR I 63 -10.09 -86.60 -15.52
C THR I 63 -11.54 -86.30 -15.15
N ILE I 64 -11.81 -86.16 -13.85
CA ILE I 64 -13.18 -86.01 -13.35
C ILE I 64 -13.20 -84.92 -12.28
N ARG I 65 -14.27 -84.11 -12.28
CA ARG I 65 -14.46 -83.10 -11.25
C ARG I 65 -15.94 -82.91 -10.94
N ILE I 66 -16.24 -82.82 -9.64
CA ILE I 66 -17.59 -82.68 -9.10
C ILE I 66 -17.63 -81.40 -8.28
N ALA I 67 -18.60 -80.53 -8.59
CA ALA I 67 -18.73 -79.22 -7.95
C ALA I 67 -20.12 -79.10 -7.35
N ASP I 68 -20.15 -78.98 -6.01
CA ASP I 68 -21.34 -78.90 -5.17
C ASP I 68 -21.39 -77.48 -4.61
N PRO I 69 -22.02 -76.54 -5.29
CA PRO I 69 -22.13 -75.18 -4.77
C PRO I 69 -23.35 -75.00 -3.88
N VAL I 70 -23.23 -74.08 -2.93
CA VAL I 70 -24.34 -73.73 -2.05
C VAL I 70 -24.56 -72.22 -2.10
N LEU I 71 -25.79 -71.82 -2.41
CA LEU I 71 -26.12 -70.40 -2.53
C LEU I 71 -26.10 -69.73 -1.16
N ALA I 72 -25.65 -68.48 -1.14
CA ALA I 72 -25.59 -67.71 0.10
C ALA I 72 -26.94 -67.14 0.44
N SER I 73 -27.27 -67.15 1.72
CA SER I 73 -28.43 -66.45 2.26
C SER I 73 -27.90 -65.26 3.04
N VAL I 74 -28.11 -64.06 2.50
CA VAL I 74 -27.55 -62.84 3.09
C VAL I 74 -28.38 -62.44 4.29
N PRO I 75 -27.82 -61.70 5.25
CA PRO I 75 -28.62 -61.13 6.31
C PRO I 75 -29.19 -59.79 5.85
N ALA I 76 -30.08 -59.23 6.69
CA ALA I 76 -30.72 -57.98 6.34
C ALA I 76 -29.72 -56.84 6.18
N GLY I 77 -28.58 -56.93 6.86
CA GLY I 77 -27.71 -55.77 6.99
C GLY I 77 -27.05 -55.33 5.69
N CYS I 78 -26.56 -56.28 4.90
CA CYS I 78 -25.79 -55.90 3.71
C CYS I 78 -26.66 -55.43 2.56
N CYS I 79 -27.94 -55.81 2.56
CA CYS I 79 -28.95 -55.24 1.66
C CYS I 79 -28.67 -55.53 0.18
N VAL I 80 -28.00 -56.65 -0.12
CA VAL I 80 -28.04 -57.15 -1.48
C VAL I 80 -29.47 -57.60 -1.76
N ASP I 81 -30.00 -57.21 -2.92
CA ASP I 81 -31.38 -57.52 -3.25
C ASP I 81 -31.63 -59.02 -3.17
N THR I 82 -32.79 -59.37 -2.59
CA THR I 82 -33.20 -60.77 -2.51
C THR I 82 -33.10 -61.46 -3.86
N ASN I 83 -33.24 -60.71 -4.95
CA ASN I 83 -33.40 -61.32 -6.27
C ASN I 83 -32.08 -61.73 -6.90
N THR I 84 -30.96 -61.08 -6.55
CA THR I 84 -29.66 -61.41 -7.12
C THR I 84 -28.92 -62.37 -6.20
N PRO I 85 -28.92 -63.68 -6.48
CA PRO I 85 -28.20 -64.61 -5.60
C PRO I 85 -26.73 -64.63 -5.92
N GLN I 86 -25.94 -65.01 -4.92
CA GLN I 86 -24.52 -65.22 -5.08
C GLN I 86 -24.16 -66.56 -4.46
N VAL I 87 -23.13 -67.20 -5.02
CA VAL I 87 -22.67 -68.48 -4.50
C VAL I 87 -21.78 -68.23 -3.30
N ALA I 88 -22.12 -68.87 -2.17
CA ALA I 88 -21.38 -68.66 -0.94
C ALA I 88 -20.05 -69.40 -0.96
N TYR I 89 -20.10 -70.68 -1.33
CA TYR I 89 -18.96 -71.58 -1.32
C TYR I 89 -19.38 -72.81 -2.11
N SER I 90 -18.39 -73.63 -2.45
CA SER I 90 -18.67 -74.89 -3.16
C SER I 90 -17.59 -75.91 -2.82
N THR I 91 -18.03 -77.13 -2.56
CA THR I 91 -17.12 -78.24 -2.34
C THR I 91 -16.72 -78.83 -3.70
N PHE I 92 -15.46 -79.29 -3.79
CA PHE I 92 -14.92 -79.77 -5.05
C PHE I 92 -14.25 -81.12 -4.88
N PHE I 93 -14.46 -82.01 -5.86
CA PHE I 93 -13.72 -83.27 -5.92
C PHE I 93 -13.11 -83.41 -7.30
N GLU I 94 -11.79 -83.61 -7.36
CA GLU I 94 -11.10 -83.71 -8.65
C GLU I 94 -10.15 -84.89 -8.64
N CYS I 95 -10.36 -85.84 -9.54
CA CYS I 95 -9.52 -87.02 -9.63
C CYS I 95 -9.01 -87.21 -11.05
N THR I 96 -7.90 -87.95 -11.17
CA THR I 96 -7.27 -88.27 -12.45
C THR I 96 -6.74 -89.69 -12.39
N PHE I 97 -7.20 -90.52 -13.33
CA PHE I 97 -6.66 -91.85 -13.57
C PHE I 97 -5.61 -91.76 -14.68
N SER I 98 -4.42 -92.30 -14.42
CA SER I 98 -3.34 -92.40 -15.40
C SER I 98 -3.14 -93.88 -15.74
N VAL I 99 -3.38 -94.22 -17.01
CA VAL I 99 -3.28 -95.59 -17.51
C VAL I 99 -2.20 -95.66 -18.58
N PRO I 100 -1.07 -96.31 -18.32
CA PRO I 100 0.01 -96.33 -19.31
C PRO I 100 -0.34 -97.21 -20.50
N TYR I 101 0.53 -97.17 -21.50
CA TYR I 101 0.26 -97.87 -22.75
C TYR I 101 0.04 -99.35 -22.52
N GLY I 102 0.93 -99.99 -21.77
CA GLY I 102 0.98 -101.44 -21.65
C GLY I 102 0.01 -102.03 -20.65
N ALA I 103 -0.90 -101.22 -20.11
CA ALA I 103 -1.71 -101.65 -18.98
C ALA I 103 -2.67 -102.77 -19.39
N THR I 104 -2.74 -103.79 -18.56
CA THR I 104 -3.71 -104.84 -18.80
C THR I 104 -5.12 -104.33 -18.55
N LEU I 105 -6.08 -104.91 -19.27
CA LEU I 105 -7.47 -104.62 -18.99
C LEU I 105 -7.81 -104.98 -17.55
N GLN I 106 -7.24 -106.08 -17.07
CA GLN I 106 -7.41 -106.43 -15.66
C GLN I 106 -6.82 -105.36 -14.75
N ASN I 107 -5.71 -104.73 -15.17
CA ASN I 107 -5.10 -103.65 -14.39
C ASN I 107 -6.01 -102.43 -14.32
N LYS I 108 -6.67 -102.09 -15.43
CA LYS I 108 -7.62 -100.99 -15.44
C LYS I 108 -8.78 -101.27 -14.47
N LYS I 109 -9.36 -102.47 -14.57
CA LYS I 109 -10.36 -102.90 -13.60
C LYS I 109 -9.84 -102.75 -12.17
N ASP I 110 -8.63 -103.26 -11.93
CA ASP I 110 -8.03 -103.21 -10.61
C ASP I 110 -8.02 -101.80 -10.06
N ILE I 111 -7.45 -100.85 -10.80
CA ILE I 111 -7.25 -99.53 -10.22
C ILE I 111 -8.58 -98.81 -10.03
N LEU I 112 -9.53 -98.99 -10.95
CA LEU I 112 -10.84 -98.40 -10.72
C LEU I 112 -11.45 -98.94 -9.42
N ALA I 113 -11.32 -100.24 -9.19
CA ALA I 113 -11.88 -100.82 -7.98
C ALA I 113 -11.15 -100.33 -6.73
N TYR I 114 -9.82 -100.19 -6.80
CA TYR I 114 -9.08 -99.68 -5.65
C TYR I 114 -9.52 -98.27 -5.30
N ALA I 115 -9.73 -97.44 -6.32
CA ALA I 115 -10.20 -96.08 -6.08
C ALA I 115 -11.58 -96.07 -5.43
N ARG I 116 -12.51 -96.85 -5.98
CA ARG I 116 -13.87 -96.84 -5.43
C ARG I 116 -13.88 -97.36 -3.99
N ASN I 117 -13.20 -98.49 -3.75
CA ASN I 117 -13.17 -99.04 -2.40
C ASN I 117 -12.47 -98.09 -1.43
N LEU I 118 -11.41 -97.41 -1.88
CA LEU I 118 -10.69 -96.51 -1.00
C LEU I 118 -11.54 -95.30 -0.62
N LEU I 119 -12.33 -94.78 -1.56
CA LEU I 119 -13.30 -93.76 -1.17
C LEU I 119 -14.38 -94.35 -0.27
N GLY I 120 -14.58 -95.66 -0.31
CA GLY I 120 -15.44 -96.29 0.67
C GLY I 120 -14.83 -96.43 2.06
N THR I 121 -13.51 -96.45 2.15
CA THR I 121 -12.85 -96.85 3.40
C THR I 121 -13.17 -95.92 4.56
N GLN I 122 -13.10 -96.50 5.76
CA GLN I 122 -13.37 -95.74 6.98
C GLN I 122 -12.34 -94.64 7.19
N VAL I 123 -11.08 -94.90 6.83
CA VAL I 123 -10.04 -93.89 7.02
C VAL I 123 -10.33 -92.66 6.18
N VAL I 124 -10.73 -92.86 4.91
CA VAL I 124 -11.00 -91.74 4.02
C VAL I 124 -12.27 -91.00 4.43
N THR I 125 -13.33 -91.75 4.76
CA THR I 125 -14.55 -91.09 5.23
C THR I 125 -14.25 -90.22 6.45
N ASP I 126 -13.52 -90.80 7.41
CA ASP I 126 -13.07 -90.07 8.59
C ASP I 126 -12.30 -88.80 8.21
N ALA I 127 -11.32 -88.94 7.33
CA ALA I 127 -10.43 -87.83 7.01
C ALA I 127 -11.17 -86.70 6.31
N VAL I 128 -12.00 -87.03 5.32
CA VAL I 128 -12.69 -86.01 4.54
C VAL I 128 -13.77 -85.31 5.36
N VAL I 129 -14.46 -86.05 6.24
CA VAL I 129 -15.58 -85.41 6.93
C VAL I 129 -15.12 -84.69 8.19
N ASP I 130 -14.23 -85.29 9.00
CA ASP I 130 -13.83 -84.68 10.25
C ASP I 130 -12.46 -84.02 10.19
N MET I 131 -11.82 -83.97 9.01
CA MET I 131 -10.50 -83.35 8.84
C MET I 131 -9.48 -83.96 9.80
N THR I 132 -9.63 -85.25 10.06
CA THR I 132 -8.73 -85.96 10.95
C THR I 132 -7.77 -86.81 10.12
N PRO I 133 -6.46 -86.59 10.21
CA PRO I 133 -5.53 -87.37 9.41
C PRO I 133 -5.42 -88.82 9.86
N ALA I 134 -4.57 -89.59 9.19
CA ALA I 134 -4.24 -90.94 9.63
C ALA I 134 -2.88 -90.86 10.30
N TRP I 135 -2.88 -90.58 11.61
CA TRP I 135 -1.66 -90.34 12.38
C TRP I 135 -1.02 -91.64 12.88
N ALA J 1 -14.07 -100.06 -81.39
CA ALA J 1 -13.12 -100.33 -82.47
C ALA J 1 -11.70 -100.50 -81.95
N GLN J 2 -11.34 -101.71 -81.56
CA GLN J 2 -9.92 -102.02 -81.40
C GLN J 2 -9.20 -101.74 -82.71
N ILE J 3 -7.93 -101.35 -82.61
CA ILE J 3 -7.17 -101.05 -83.83
C ILE J 3 -6.95 -102.33 -84.60
N ALA J 4 -7.06 -102.24 -85.92
CA ALA J 4 -6.88 -103.38 -86.81
C ALA J 4 -6.56 -102.85 -88.19
N ASN J 5 -6.30 -103.78 -89.11
CA ASN J 5 -5.87 -103.45 -90.47
C ASN J 5 -6.84 -102.48 -91.15
N LEU J 6 -6.36 -101.78 -92.16
CA LEU J 6 -7.18 -100.82 -92.89
C LEU J 6 -7.00 -101.05 -94.38
N ILE J 7 -8.08 -101.04 -95.15
CA ILE J 7 -8.01 -101.36 -96.57
C ILE J 7 -8.61 -100.22 -97.37
N LEU J 8 -7.78 -99.54 -98.15
CA LEU J 8 -8.17 -98.36 -98.92
C LEU J 8 -7.85 -98.58 -100.40
N ALA J 9 -8.79 -98.21 -101.27
CA ALA J 9 -8.65 -98.46 -102.69
C ALA J 9 -8.14 -97.21 -103.40
N ASP J 10 -7.06 -97.36 -104.16
CA ASP J 10 -6.53 -96.24 -104.93
C ASP J 10 -7.43 -95.91 -106.12
N GLY J 11 -7.18 -94.76 -106.73
CA GLY J 11 -7.97 -94.37 -107.88
C GLY J 11 -7.28 -94.75 -109.18
N GLN J 12 -7.81 -95.75 -109.87
CA GLN J 12 -7.29 -96.16 -111.16
C GLN J 12 -8.48 -96.45 -112.05
N ALA J 13 -8.17 -96.86 -113.29
CA ALA J 13 -9.20 -97.43 -114.14
C ALA J 13 -9.94 -98.52 -113.39
N THR J 14 -9.20 -99.49 -112.88
CA THR J 14 -9.74 -100.45 -111.93
C THR J 14 -8.99 -100.23 -110.62
N PRO J 15 -9.66 -99.78 -109.57
CA PRO J 15 -8.97 -99.57 -108.30
C PRO J 15 -8.38 -100.87 -107.77
N ALA J 16 -7.18 -100.76 -107.20
CA ALA J 16 -6.51 -101.87 -106.55
C ALA J 16 -6.41 -101.59 -105.05
N ASN J 17 -6.86 -102.56 -104.24
CA ASN J 17 -6.88 -102.37 -102.80
C ASN J 17 -5.47 -102.35 -102.21
N HIS J 18 -5.25 -101.43 -101.28
CA HIS J 18 -3.99 -101.33 -100.55
C HIS J 18 -4.26 -101.47 -99.07
N THR J 19 -3.38 -102.19 -98.39
CA THR J 19 -3.59 -102.55 -96.99
C THR J 19 -2.63 -101.77 -96.10
N PHE J 20 -3.11 -101.48 -94.89
CA PHE J 20 -2.45 -100.62 -93.91
C PHE J 20 -2.37 -101.38 -92.59
N VAL J 21 -1.16 -101.80 -92.22
CA VAL J 21 -0.92 -102.47 -90.94
C VAL J 21 -0.94 -101.42 -89.83
N PRO J 22 -1.57 -101.69 -88.70
CA PRO J 22 -1.51 -100.75 -87.57
C PRO J 22 -0.16 -100.78 -86.89
N MET J 23 0.32 -99.60 -86.48
CA MET J 23 1.59 -99.46 -85.79
C MET J 23 1.47 -98.91 -84.38
N GLN J 24 0.63 -97.90 -84.17
CA GLN J 24 0.42 -97.36 -82.83
C GLN J 24 -1.04 -96.99 -82.66
N PRO J 25 -1.65 -97.36 -81.54
CA PRO J 25 -3.04 -96.97 -81.27
C PRO J 25 -3.15 -95.65 -80.54
N GLN J 26 -4.39 -95.22 -80.36
CA GLN J 26 -4.71 -93.95 -79.75
C GLN J 26 -4.74 -94.09 -78.23
N THR J 27 -3.72 -93.56 -77.57
CA THR J 27 -3.71 -93.44 -76.11
C THR J 27 -3.15 -92.07 -75.77
N GLY J 28 -3.94 -91.26 -75.07
CA GLY J 28 -3.46 -89.95 -74.68
C GLY J 28 -3.36 -89.02 -75.88
N ILE J 29 -2.20 -88.37 -76.01
CA ILE J 29 -1.98 -87.46 -77.13
C ILE J 29 -1.69 -88.22 -78.42
N THR J 30 -1.06 -89.39 -78.33
CA THR J 30 -0.63 -90.11 -79.53
C THR J 30 -1.83 -90.65 -80.29
N PRO J 31 -1.91 -90.44 -81.60
CA PRO J 31 -3.06 -90.89 -82.38
C PRO J 31 -2.86 -92.26 -83.01
N SER J 32 -3.98 -92.94 -83.25
CA SER J 32 -3.92 -94.23 -83.94
C SER J 32 -3.39 -94.01 -85.35
N GLN J 33 -2.58 -94.96 -85.83
CA GLN J 33 -1.91 -94.76 -87.12
C GLN J 33 -1.51 -96.08 -87.76
N TRP J 34 -1.67 -96.13 -89.09
CA TRP J 34 -1.42 -97.30 -89.94
C TRP J 34 -0.41 -96.95 -91.03
N LEU J 35 0.31 -97.96 -91.50
CA LEU J 35 1.37 -97.83 -92.50
C LEU J 35 1.08 -98.76 -93.67
N ASN J 36 1.40 -98.32 -94.89
CA ASN J 36 1.09 -99.12 -96.08
C ASN J 36 2.10 -100.24 -96.30
N LYS J 37 3.40 -99.94 -96.14
CA LYS J 37 4.48 -100.94 -96.21
C LYS J 37 4.65 -101.52 -97.62
N GLU J 38 4.37 -100.70 -98.64
CA GLU J 38 4.50 -101.15 -100.03
C GLU J 38 5.74 -100.63 -100.74
N ALA J 39 6.24 -99.44 -100.38
CA ALA J 39 7.33 -98.85 -101.14
C ALA J 39 8.64 -99.57 -100.88
N ALA J 40 9.66 -99.21 -101.69
CA ALA J 40 10.95 -99.89 -101.62
C ALA J 40 11.70 -99.58 -100.31
N SER J 41 11.72 -98.32 -99.90
CA SER J 41 12.42 -97.89 -98.70
C SER J 41 11.43 -97.68 -97.56
N ASN J 42 11.96 -97.60 -96.34
CA ASN J 42 11.10 -97.42 -95.18
C ASN J 42 10.42 -96.06 -95.16
N ILE J 43 10.90 -95.10 -95.95
CA ILE J 43 10.34 -93.77 -95.92
C ILE J 43 9.17 -93.61 -96.90
N GLY J 44 9.10 -94.46 -97.93
CA GLY J 44 8.02 -94.39 -98.90
C GLY J 44 6.71 -94.94 -98.43
N TYR J 45 6.69 -95.57 -97.25
CA TYR J 45 5.49 -96.19 -96.72
C TYR J 45 4.39 -95.13 -96.57
N ARG J 46 3.21 -95.42 -97.08
CA ARG J 46 2.10 -94.49 -96.99
C ARG J 46 1.43 -94.63 -95.62
N LYS J 47 1.04 -93.50 -95.04
CA LYS J 47 0.57 -93.58 -93.66
C LYS J 47 -0.78 -92.87 -93.50
N VAL J 48 -1.55 -93.39 -92.54
CA VAL J 48 -2.84 -92.83 -92.19
C VAL J 48 -2.85 -92.68 -90.68
N SER J 49 -3.45 -91.59 -90.19
CA SER J 49 -3.56 -91.48 -88.74
C SER J 49 -4.84 -90.73 -88.39
N MET J 50 -5.35 -91.01 -87.20
CA MET J 50 -6.64 -90.53 -86.73
C MET J 50 -6.62 -90.35 -85.21
N PHE J 51 -7.32 -89.33 -84.74
CA PHE J 51 -7.46 -89.04 -83.30
C PHE J 51 -8.85 -88.53 -83.00
N VAL J 52 -9.48 -89.11 -81.97
CA VAL J 52 -10.87 -88.82 -81.60
C VAL J 52 -10.86 -88.20 -80.20
N LYS J 53 -10.77 -86.88 -80.13
CA LYS J 53 -10.78 -86.17 -78.86
C LYS J 53 -12.22 -85.97 -78.42
N TYR J 54 -12.64 -86.71 -77.40
CA TYR J 54 -13.99 -86.60 -76.83
C TYR J 54 -13.98 -85.58 -75.71
N VAL J 55 -14.70 -84.48 -75.90
CA VAL J 55 -14.81 -83.41 -74.92
C VAL J 55 -16.23 -83.41 -74.37
N SER J 56 -16.37 -83.84 -73.11
CA SER J 56 -17.71 -84.12 -72.58
C SER J 56 -18.55 -82.84 -72.48
N ASN J 57 -17.95 -81.73 -72.04
CA ASN J 57 -18.62 -80.43 -72.11
C ASN J 57 -17.76 -79.49 -72.95
N GLY J 58 -17.95 -79.58 -74.25
CA GLY J 58 -17.16 -78.79 -75.17
C GLY J 58 -17.17 -79.41 -76.55
N THR J 59 -16.24 -78.96 -77.37
CA THR J 59 -16.25 -79.23 -78.81
C THR J 59 -15.34 -80.42 -79.08
N SER J 60 -15.94 -81.60 -79.23
CA SER J 60 -15.20 -82.81 -79.58
C SER J 60 -14.67 -82.69 -81.01
N LYS J 61 -13.58 -83.41 -81.29
CA LYS J 61 -12.88 -83.26 -82.57
C LYS J 61 -12.32 -84.58 -83.06
N VAL J 62 -12.58 -84.92 -84.33
CA VAL J 62 -11.99 -86.08 -84.99
C VAL J 62 -11.06 -85.57 -86.08
N THR J 63 -9.78 -85.93 -85.97
CA THR J 63 -8.76 -85.45 -86.90
C THR J 63 -8.16 -86.63 -87.66
N ILE J 64 -8.08 -86.50 -88.98
CA ILE J 64 -7.60 -87.56 -89.87
C ILE J 64 -6.58 -86.97 -90.84
N ARG J 65 -5.48 -87.69 -91.07
CA ARG J 65 -4.51 -87.26 -92.08
C ARG J 65 -3.94 -88.46 -92.82
N ILE J 66 -3.81 -88.31 -94.14
CA ILE J 66 -3.40 -89.34 -95.08
C ILE J 66 -2.20 -88.81 -95.87
N ALA J 67 -1.11 -89.57 -95.89
CA ALA J 67 0.13 -89.17 -96.53
C ALA J 67 0.57 -90.21 -97.55
N ASP J 68 0.64 -89.80 -98.82
CA ASP J 68 1.03 -90.65 -99.94
C ASP J 68 2.33 -90.11 -100.52
N PRO J 69 3.48 -90.64 -100.14
CA PRO J 69 4.76 -90.15 -100.69
C PRO J 69 5.18 -90.91 -101.92
N VAL J 70 5.99 -90.23 -102.75
CA VAL J 70 6.60 -90.81 -103.94
C VAL J 70 8.11 -90.63 -103.82
N LEU J 71 8.84 -91.72 -103.80
CA LEU J 71 10.28 -91.66 -103.59
C LEU J 71 10.99 -91.19 -104.85
N ALA J 72 12.26 -90.80 -104.69
CA ALA J 72 13.05 -90.26 -105.79
C ALA J 72 13.84 -91.38 -106.46
N SER J 73 13.46 -91.73 -107.68
CA SER J 73 14.13 -92.79 -108.43
C SER J 73 15.15 -92.18 -109.37
N VAL J 74 16.39 -92.63 -109.24
CA VAL J 74 17.52 -92.11 -110.01
C VAL J 74 17.94 -93.17 -111.04
N PRO J 75 18.56 -92.78 -112.15
CA PRO J 75 19.02 -93.78 -113.13
C PRO J 75 19.89 -94.86 -112.49
N ALA J 76 19.75 -96.09 -113.00
CA ALA J 76 20.33 -97.25 -112.33
C ALA J 76 21.84 -97.16 -112.26
N GLY J 77 22.49 -96.80 -113.38
CA GLY J 77 23.93 -96.68 -113.38
C GLY J 77 24.46 -95.63 -112.43
N CYS J 78 23.64 -94.64 -112.09
CA CYS J 78 24.09 -93.56 -111.23
C CYS J 78 24.30 -94.06 -109.80
N CYS J 79 25.06 -93.27 -109.03
CA CYS J 79 25.46 -93.67 -107.69
C CYS J 79 24.92 -92.68 -106.66
N VAL J 80 23.82 -93.06 -106.02
CA VAL J 80 23.38 -92.44 -104.78
C VAL J 80 23.16 -93.58 -103.80
N ASP J 81 23.72 -93.46 -102.60
CA ASP J 81 23.68 -94.55 -101.64
C ASP J 81 22.25 -94.97 -101.39
N THR J 82 21.95 -96.24 -101.66
CA THR J 82 20.60 -96.75 -101.43
C THR J 82 20.21 -96.73 -99.96
N ASN J 83 21.20 -96.68 -99.08
CA ASN J 83 20.91 -96.55 -97.66
C ASN J 83 20.36 -95.17 -97.30
N THR J 84 20.59 -94.17 -98.16
CA THR J 84 20.10 -92.81 -97.92
C THR J 84 19.19 -92.39 -99.08
N PRO J 85 17.89 -92.83 -99.10
CA PRO J 85 16.94 -92.34 -100.09
C PRO J 85 16.19 -91.13 -99.58
N GLN J 86 15.59 -90.37 -100.49
CA GLN J 86 14.79 -89.22 -100.14
C GLN J 86 13.42 -89.35 -100.76
N VAL J 87 12.49 -88.60 -100.20
CA VAL J 87 11.16 -88.45 -100.75
C VAL J 87 11.17 -87.25 -101.68
N ALA J 88 10.80 -87.48 -102.94
CA ALA J 88 10.72 -86.39 -103.91
C ALA J 88 9.60 -85.43 -103.55
N TYR J 89 8.41 -85.96 -103.27
CA TYR J 89 7.23 -85.17 -102.94
C TYR J 89 6.20 -86.13 -102.37
N SER J 90 5.20 -85.57 -101.69
CA SER J 90 4.15 -86.39 -101.09
C SER J 90 2.85 -85.61 -101.03
N THR J 91 1.76 -86.27 -101.42
CA THR J 91 0.45 -85.67 -101.32
C THR J 91 -0.13 -85.90 -99.92
N PHE J 92 -0.96 -84.94 -99.48
CA PHE J 92 -1.49 -84.97 -98.13
C PHE J 92 -2.98 -84.65 -98.12
N PHE J 93 -3.72 -85.31 -97.22
CA PHE J 93 -5.12 -84.98 -96.96
C PHE J 93 -5.34 -84.86 -95.47
N GLU J 94 -5.85 -83.72 -95.01
CA GLU J 94 -6.07 -83.50 -93.59
C GLU J 94 -7.46 -82.93 -93.34
N CYS J 95 -8.26 -83.64 -92.54
CA CYS J 95 -9.61 -83.20 -92.22
C CYS J 95 -9.86 -83.25 -90.71
N THR J 96 -10.74 -82.37 -90.24
CA THR J 96 -11.13 -82.29 -88.85
C THR J 96 -12.63 -82.07 -88.76
N PHE J 97 -13.31 -83.01 -88.11
CA PHE J 97 -14.71 -82.88 -87.70
C PHE J 97 -14.74 -82.22 -86.34
N SER J 98 -15.61 -81.22 -86.18
CA SER J 98 -15.83 -80.53 -84.91
C SER J 98 -17.29 -80.65 -84.53
N VAL J 99 -17.57 -81.42 -83.49
CA VAL J 99 -18.92 -81.76 -83.06
C VAL J 99 -19.15 -81.15 -81.69
N PRO J 100 -20.16 -80.30 -81.50
CA PRO J 100 -20.40 -79.71 -80.18
C PRO J 100 -20.83 -80.75 -79.16
N TYR J 101 -20.64 -80.41 -77.90
CA TYR J 101 -21.35 -81.11 -76.84
C TYR J 101 -22.85 -81.02 -77.09
N GLY J 102 -23.58 -82.02 -76.62
CA GLY J 102 -25.02 -82.00 -76.77
C GLY J 102 -25.51 -82.10 -78.20
N ALA J 103 -24.69 -82.54 -79.14
CA ALA J 103 -25.14 -82.74 -80.51
C ALA J 103 -25.80 -84.12 -80.62
N THR J 104 -26.96 -84.17 -81.27
CA THR J 104 -27.69 -85.41 -81.45
C THR J 104 -26.89 -86.38 -82.31
N LEU J 105 -27.04 -87.67 -82.00
CA LEU J 105 -26.52 -88.70 -82.89
C LEU J 105 -26.96 -88.45 -84.32
N GLN J 106 -28.16 -87.87 -84.51
CA GLN J 106 -28.60 -87.52 -85.85
C GLN J 106 -27.77 -86.38 -86.44
N ASN J 107 -27.38 -85.39 -85.61
CA ASN J 107 -26.52 -84.32 -86.11
C ASN J 107 -25.16 -84.87 -86.54
N LYS J 108 -24.64 -85.85 -85.80
CA LYS J 108 -23.35 -86.44 -86.16
C LYS J 108 -23.45 -87.21 -87.47
N LYS J 109 -24.47 -88.06 -87.59
CA LYS J 109 -24.76 -88.72 -88.87
C LYS J 109 -24.85 -87.70 -90.00
N ASP J 110 -25.58 -86.61 -89.75
CA ASP J 110 -25.78 -85.58 -90.77
C ASP J 110 -24.45 -85.06 -91.29
N ILE J 111 -23.58 -84.59 -90.39
CA ILE J 111 -22.36 -83.93 -90.87
C ILE J 111 -21.41 -84.94 -91.51
N LEU J 112 -21.33 -86.15 -90.97
CA LEU J 112 -20.53 -87.17 -91.64
C LEU J 112 -21.00 -87.36 -93.07
N ALA J 113 -22.32 -87.46 -93.27
CA ALA J 113 -22.85 -87.67 -94.62
C ALA J 113 -22.60 -86.46 -95.51
N TYR J 114 -22.75 -85.25 -94.99
CA TYR J 114 -22.50 -84.07 -95.81
C TYR J 114 -21.06 -84.06 -96.29
N ALA J 115 -20.12 -84.37 -95.40
CA ALA J 115 -18.71 -84.40 -95.77
C ALA J 115 -18.45 -85.45 -96.85
N ARG J 116 -18.96 -86.66 -96.65
CA ARG J 116 -18.68 -87.73 -97.60
C ARG J 116 -19.30 -87.43 -98.96
N ASN J 117 -20.55 -86.97 -98.98
CA ASN J 117 -21.21 -86.63 -100.24
C ASN J 117 -20.51 -85.48 -100.94
N LEU J 118 -20.01 -84.49 -100.18
CA LEU J 118 -19.33 -83.37 -100.81
C LEU J 118 -18.02 -83.81 -101.46
N LEU J 119 -17.23 -84.62 -100.74
CA LEU J 119 -16.01 -85.12 -101.35
C LEU J 119 -16.31 -86.04 -102.53
N GLY J 120 -17.48 -86.65 -102.54
CA GLY J 120 -17.90 -87.37 -103.72
C GLY J 120 -18.49 -86.55 -104.84
N THR J 121 -18.59 -85.22 -104.69
CA THR J 121 -19.23 -84.41 -105.71
C THR J 121 -18.31 -84.19 -106.91
N GLN J 122 -18.94 -83.96 -108.07
CA GLN J 122 -18.16 -83.76 -109.29
C GLN J 122 -17.32 -82.49 -109.20
N VAL J 123 -17.82 -81.44 -108.55
CA VAL J 123 -17.02 -80.22 -108.45
C VAL J 123 -15.79 -80.46 -107.59
N VAL J 124 -15.91 -81.26 -106.53
CA VAL J 124 -14.77 -81.52 -105.65
C VAL J 124 -13.75 -82.42 -106.34
N THR J 125 -14.20 -83.50 -106.98
CA THR J 125 -13.28 -84.36 -107.71
C THR J 125 -12.59 -83.58 -108.82
N ASP J 126 -13.35 -82.75 -109.53
CA ASP J 126 -12.80 -81.87 -110.55
C ASP J 126 -11.70 -80.99 -109.98
N ALA J 127 -11.98 -80.32 -108.85
CA ALA J 127 -11.03 -79.37 -108.28
C ALA J 127 -9.74 -80.07 -107.86
N VAL J 128 -9.85 -81.20 -107.16
CA VAL J 128 -8.66 -81.86 -106.62
C VAL J 128 -7.83 -82.49 -107.73
N VAL J 129 -8.47 -83.05 -108.76
CA VAL J 129 -7.70 -83.76 -109.78
C VAL J 129 -7.20 -82.81 -110.87
N ASP J 130 -8.10 -82.04 -111.48
CA ASP J 130 -7.71 -81.17 -112.57
C ASP J 130 -7.24 -79.79 -112.13
N MET J 131 -7.31 -79.48 -110.83
CA MET J 131 -7.02 -78.13 -110.32
C MET J 131 -8.02 -77.11 -110.85
N THR J 132 -9.29 -77.50 -110.91
CA THR J 132 -10.29 -76.65 -111.53
C THR J 132 -11.21 -76.08 -110.47
N PRO J 133 -11.32 -74.77 -110.37
CA PRO J 133 -12.14 -74.15 -109.31
C PRO J 133 -13.60 -73.99 -109.69
N ALA J 134 -14.39 -73.43 -108.79
CA ALA J 134 -15.78 -73.08 -109.07
C ALA J 134 -15.85 -71.58 -109.37
N TRP J 135 -15.89 -71.24 -110.66
CA TRP J 135 -15.80 -69.83 -111.08
C TRP J 135 -17.15 -69.17 -111.37
N ALA K 1 -6.92 -108.90 -67.59
CA ALA K 1 -8.11 -108.23 -68.10
C ALA K 1 -7.77 -107.33 -69.27
N GLN K 2 -7.85 -107.84 -70.50
CA GLN K 2 -7.84 -106.93 -71.63
C GLN K 2 -9.08 -106.03 -71.52
N ILE K 3 -8.92 -104.77 -71.91
CA ILE K 3 -10.04 -103.85 -71.78
C ILE K 3 -11.19 -104.36 -72.63
N ALA K 4 -12.39 -104.31 -72.07
CA ALA K 4 -13.56 -104.78 -72.77
C ALA K 4 -14.76 -104.07 -72.16
N ASN K 5 -15.92 -104.30 -72.78
CA ASN K 5 -17.16 -103.66 -72.34
C ASN K 5 -17.37 -103.88 -70.85
N LEU K 6 -18.09 -102.95 -70.23
CA LEU K 6 -18.31 -102.98 -68.80
C LEU K 6 -19.80 -102.77 -68.52
N ILE K 7 -20.40 -103.64 -67.71
CA ILE K 7 -21.85 -103.61 -67.52
C ILE K 7 -22.16 -103.34 -66.05
N LEU K 8 -22.82 -102.21 -65.78
CA LEU K 8 -23.13 -101.79 -64.42
C LEU K 8 -24.62 -101.54 -64.30
N ALA K 9 -25.22 -102.03 -63.21
CA ALA K 9 -26.67 -101.95 -63.02
C ALA K 9 -27.02 -100.72 -62.18
N ASP K 10 -27.94 -99.91 -62.69
CA ASP K 10 -28.43 -98.75 -61.95
C ASP K 10 -29.33 -99.18 -60.78
N GLY K 11 -29.55 -98.24 -59.87
CA GLY K 11 -30.41 -98.49 -58.73
C GLY K 11 -31.84 -98.10 -58.99
N GLN K 12 -32.68 -99.10 -59.19
CA GLN K 12 -34.11 -98.90 -59.37
C GLN K 12 -34.81 -100.04 -58.64
N ALA K 13 -36.14 -100.00 -58.68
CA ALA K 13 -36.89 -101.16 -58.22
C ALA K 13 -36.43 -102.40 -58.95
N THR K 14 -36.45 -102.37 -60.26
CA THR K 14 -35.82 -103.41 -61.07
C THR K 14 -34.63 -102.74 -61.71
N PRO K 15 -33.43 -103.04 -61.24
CA PRO K 15 -32.23 -102.43 -61.83
C PRO K 15 -32.11 -102.77 -63.31
N ALA K 16 -31.57 -101.82 -64.07
CA ALA K 16 -31.40 -101.96 -65.51
C ALA K 16 -29.91 -101.93 -65.85
N ASN K 17 -29.43 -102.97 -66.51
CA ASN K 17 -28.02 -103.01 -66.91
C ASN K 17 -27.72 -101.89 -67.89
N HIS K 18 -26.62 -101.18 -67.66
CA HIS K 18 -26.13 -100.14 -68.55
C HIS K 18 -24.73 -100.52 -69.00
N THR K 19 -24.48 -100.42 -70.30
CA THR K 19 -23.23 -100.87 -70.89
C THR K 19 -22.27 -99.70 -71.08
N PHE K 20 -20.98 -100.02 -71.06
CA PHE K 20 -19.88 -99.05 -71.11
C PHE K 20 -18.89 -99.53 -72.17
N VAL K 21 -18.89 -98.85 -73.31
CA VAL K 21 -17.91 -99.14 -74.37
C VAL K 21 -16.55 -98.67 -73.91
N PRO K 22 -15.47 -99.40 -74.17
CA PRO K 22 -14.13 -98.88 -73.87
C PRO K 22 -13.72 -97.80 -74.86
N MET K 23 -12.94 -96.85 -74.34
CA MET K 23 -12.43 -95.73 -75.11
C MET K 23 -10.93 -95.83 -75.35
N GLN K 24 -10.15 -96.12 -74.31
CA GLN K 24 -8.73 -96.38 -74.48
C GLN K 24 -8.26 -97.26 -73.35
N PRO K 25 -7.27 -98.11 -73.58
CA PRO K 25 -6.77 -98.98 -72.53
C PRO K 25 -5.94 -98.16 -71.54
N GLN K 26 -5.41 -98.84 -70.55
CA GLN K 26 -4.56 -98.22 -69.56
C GLN K 26 -3.12 -98.21 -70.04
N THR K 27 -2.48 -97.06 -69.95
CA THR K 27 -1.11 -96.81 -70.35
C THR K 27 -0.32 -96.39 -69.12
N GLY K 28 0.98 -96.15 -69.29
CA GLY K 28 1.79 -95.69 -68.16
C GLY K 28 1.37 -94.33 -67.62
N ILE K 29 0.78 -93.48 -68.47
CA ILE K 29 0.37 -92.15 -68.02
C ILE K 29 -1.13 -91.92 -68.12
N THR K 30 -1.84 -92.64 -69.00
CA THR K 30 -3.27 -92.47 -69.15
C THR K 30 -4.03 -93.65 -68.54
N PRO K 31 -5.13 -93.39 -67.84
CA PRO K 31 -5.93 -94.48 -67.24
C PRO K 31 -6.96 -95.05 -68.19
N SER K 32 -7.19 -96.36 -68.06
CA SER K 32 -8.20 -97.01 -68.87
C SER K 32 -9.57 -96.42 -68.58
N GLN K 33 -10.38 -96.21 -69.61
CA GLN K 33 -11.65 -95.53 -69.38
C GLN K 33 -12.71 -95.96 -70.39
N TRP K 34 -13.96 -96.00 -69.91
CA TRP K 34 -15.15 -96.43 -70.63
C TRP K 34 -16.16 -95.27 -70.71
N LEU K 35 -17.23 -95.47 -71.48
CA LEU K 35 -18.25 -94.46 -71.77
C LEU K 35 -19.62 -95.12 -71.86
N ASN K 36 -20.64 -94.44 -71.33
CA ASN K 36 -21.99 -95.01 -71.34
C ASN K 36 -22.63 -94.95 -72.72
N LYS K 37 -22.62 -93.76 -73.33
CA LYS K 37 -23.09 -93.57 -74.70
C LYS K 37 -24.59 -93.85 -74.84
N GLU K 38 -25.36 -93.50 -73.81
CA GLU K 38 -26.80 -93.67 -73.84
C GLU K 38 -27.56 -92.39 -74.17
N ALA K 39 -27.35 -91.32 -73.40
CA ALA K 39 -28.08 -90.09 -73.68
C ALA K 39 -27.66 -89.51 -75.03
N ALA K 40 -28.56 -88.75 -75.65
CA ALA K 40 -28.30 -88.26 -77.00
C ALA K 40 -27.17 -87.23 -77.02
N SER K 41 -27.06 -86.45 -75.94
CA SER K 41 -26.08 -85.39 -75.86
C SER K 41 -24.72 -85.92 -75.45
N ASN K 42 -23.66 -85.34 -76.01
CA ASN K 42 -22.30 -85.68 -75.59
C ASN K 42 -22.12 -85.55 -74.08
N ILE K 43 -22.86 -84.63 -73.46
CA ILE K 43 -22.70 -84.39 -72.03
C ILE K 43 -23.24 -85.56 -71.21
N GLY K 44 -24.41 -86.08 -71.61
CA GLY K 44 -25.11 -87.12 -70.86
C GLY K 44 -24.43 -88.47 -70.84
N TYR K 45 -23.37 -88.68 -71.63
CA TYR K 45 -22.62 -89.92 -71.54
C TYR K 45 -22.01 -90.04 -70.14
N ARG K 46 -22.07 -91.24 -69.58
CA ARG K 46 -21.51 -91.51 -68.25
C ARG K 46 -20.17 -92.19 -68.42
N LYS K 47 -19.16 -91.75 -67.67
CA LYS K 47 -17.82 -92.27 -67.85
C LYS K 47 -17.34 -92.98 -66.60
N VAL K 48 -16.42 -93.92 -66.80
CA VAL K 48 -15.83 -94.71 -65.73
C VAL K 48 -14.37 -94.88 -66.07
N SER K 49 -13.48 -94.39 -65.21
CA SER K 49 -12.06 -94.51 -65.48
C SER K 49 -11.36 -95.15 -64.29
N MET K 50 -10.23 -95.82 -64.58
CA MET K 50 -9.53 -96.63 -63.61
C MET K 50 -8.04 -96.65 -63.97
N PHE K 51 -7.20 -96.66 -62.93
CA PHE K 51 -5.75 -96.72 -63.13
C PHE K 51 -5.07 -97.51 -62.01
N VAL K 52 -4.17 -98.42 -62.39
CA VAL K 52 -3.52 -99.37 -61.48
C VAL K 52 -2.03 -99.05 -61.49
N LYS K 53 -1.57 -98.23 -60.56
CA LYS K 53 -0.16 -97.87 -60.46
C LYS K 53 0.57 -98.90 -59.60
N TYR K 54 1.40 -99.73 -60.24
CA TYR K 54 2.19 -100.75 -59.54
C TYR K 54 3.51 -100.14 -59.10
N VAL K 55 3.78 -100.18 -57.81
CA VAL K 55 5.03 -99.68 -57.22
C VAL K 55 5.72 -100.88 -56.59
N SER K 56 6.78 -101.38 -57.25
CA SER K 56 7.38 -102.65 -56.86
C SER K 56 8.01 -102.59 -55.47
N ASN K 57 8.47 -101.41 -55.04
CA ASN K 57 8.92 -101.21 -53.66
C ASN K 57 8.26 -99.92 -53.14
N GLY K 58 7.03 -100.05 -52.66
CA GLY K 58 6.30 -98.90 -52.16
C GLY K 58 4.81 -99.17 -52.21
N THR K 59 4.05 -98.09 -52.10
CA THR K 59 2.60 -98.16 -51.99
C THR K 59 1.99 -98.13 -53.38
N SER K 60 1.57 -99.30 -53.87
CA SER K 60 0.80 -99.36 -55.11
C SER K 60 -0.58 -98.74 -54.90
N LYS K 61 -1.20 -98.28 -55.98
CA LYS K 61 -2.47 -97.55 -55.86
C LYS K 61 -3.41 -97.84 -57.02
N VAL K 62 -4.63 -98.30 -56.69
CA VAL K 62 -5.71 -98.47 -57.65
C VAL K 62 -6.68 -97.31 -57.48
N THR K 63 -6.97 -96.60 -58.56
CA THR K 63 -7.80 -95.40 -58.52
C THR K 63 -8.98 -95.56 -59.48
N ILE K 64 -10.17 -95.23 -59.01
CA ILE K 64 -11.40 -95.42 -59.77
C ILE K 64 -12.27 -94.17 -59.64
N ARG K 65 -12.85 -93.72 -60.76
CA ARG K 65 -13.80 -92.61 -60.68
C ARG K 65 -14.93 -92.82 -61.69
N ILE K 66 -16.14 -92.57 -61.21
CA ILE K 66 -17.39 -92.80 -61.93
C ILE K 66 -18.15 -91.49 -62.00
N ALA K 67 -18.60 -91.12 -63.19
CA ALA K 67 -19.30 -89.85 -63.41
C ALA K 67 -20.62 -90.11 -64.13
N ASP K 68 -21.73 -89.68 -63.49
CA ASP K 68 -23.08 -89.81 -64.03
C ASP K 68 -23.68 -88.42 -64.18
N PRO K 69 -23.72 -87.87 -65.40
CA PRO K 69 -24.36 -86.56 -65.60
C PRO K 69 -25.87 -86.68 -65.46
N VAL K 70 -26.43 -85.91 -64.53
CA VAL K 70 -27.88 -85.88 -64.39
C VAL K 70 -28.38 -84.53 -64.88
N LEU K 71 -28.63 -84.43 -66.19
CA LEU K 71 -29.14 -83.20 -66.76
C LEU K 71 -30.65 -83.09 -66.64
N ALA K 72 -31.33 -84.23 -66.49
CA ALA K 72 -32.76 -84.19 -66.23
C ALA K 72 -33.07 -83.40 -64.97
N SER K 73 -32.20 -83.54 -63.97
CA SER K 73 -32.42 -82.87 -62.69
C SER K 73 -32.18 -81.37 -62.76
N VAL K 74 -31.57 -80.86 -63.83
CA VAL K 74 -31.27 -79.43 -63.96
C VAL K 74 -32.57 -78.66 -64.21
N PRO K 75 -32.81 -77.55 -63.50
CA PRO K 75 -34.01 -76.76 -63.79
C PRO K 75 -34.00 -76.24 -65.23
N ALA K 76 -35.19 -76.03 -65.77
CA ALA K 76 -35.30 -75.56 -67.14
C ALA K 76 -34.73 -74.16 -67.31
N GLY K 77 -34.81 -73.34 -66.25
CA GLY K 77 -34.32 -71.97 -66.35
C GLY K 77 -32.82 -71.85 -66.40
N CYS K 78 -32.10 -72.82 -65.81
CA CYS K 78 -30.64 -72.78 -65.78
C CYS K 78 -30.08 -73.33 -67.10
N CYS K 79 -29.17 -72.56 -67.70
CA CYS K 79 -28.47 -72.99 -68.90
C CYS K 79 -27.18 -73.70 -68.52
N VAL K 80 -26.88 -74.77 -69.25
CA VAL K 80 -25.66 -75.56 -69.04
C VAL K 80 -24.78 -75.37 -70.27
N ASP K 81 -23.56 -74.86 -70.05
CA ASP K 81 -22.60 -74.61 -71.11
C ASP K 81 -21.21 -75.00 -70.60
N THR K 82 -20.19 -74.83 -71.45
CA THR K 82 -18.84 -75.29 -71.11
C THR K 82 -18.37 -74.70 -69.79
N ASN K 83 -18.82 -73.49 -69.47
CA ASN K 83 -18.41 -72.82 -68.24
C ASN K 83 -19.13 -73.32 -67.01
N THR K 84 -20.20 -74.09 -67.15
CA THR K 84 -20.88 -74.64 -65.97
C THR K 84 -19.95 -75.63 -65.29
N PRO K 85 -19.73 -75.48 -63.99
CA PRO K 85 -18.84 -76.43 -63.28
C PRO K 85 -19.44 -77.84 -63.29
N GLN K 86 -18.58 -78.82 -63.51
CA GLN K 86 -19.05 -80.20 -63.65
C GLN K 86 -19.77 -80.65 -62.39
N VAL K 87 -19.22 -80.36 -61.22
CA VAL K 87 -19.67 -80.96 -59.96
C VAL K 87 -21.05 -80.43 -59.59
N ALA K 88 -21.59 -79.55 -60.42
CA ALA K 88 -22.93 -79.02 -60.18
C ALA K 88 -24.01 -79.72 -60.99
N TYR K 89 -23.67 -80.44 -62.07
CA TYR K 89 -24.70 -81.07 -62.90
C TYR K 89 -24.46 -82.56 -63.10
N SER K 90 -23.72 -83.20 -62.20
CA SER K 90 -23.47 -84.64 -62.33
C SER K 90 -22.99 -85.20 -61.00
N THR K 91 -23.30 -86.47 -60.76
CA THR K 91 -22.87 -87.17 -59.58
C THR K 91 -21.52 -87.86 -59.83
N PHE K 92 -20.71 -87.97 -58.77
CA PHE K 92 -19.35 -88.49 -58.90
C PHE K 92 -19.01 -89.44 -57.76
N PHE K 93 -18.25 -90.50 -58.08
CA PHE K 93 -17.73 -91.42 -57.08
C PHE K 93 -16.24 -91.65 -57.33
N GLU K 94 -15.40 -91.39 -56.34
CA GLU K 94 -13.96 -91.55 -56.50
C GLU K 94 -13.39 -92.35 -55.34
N CYS K 95 -12.72 -93.46 -55.65
CA CYS K 95 -12.08 -94.28 -54.62
C CYS K 95 -10.64 -94.60 -54.99
N THR K 96 -9.83 -94.86 -53.96
CA THR K 96 -8.42 -95.21 -54.11
C THR K 96 -8.07 -96.28 -53.08
N PHE K 97 -7.62 -97.43 -53.58
CA PHE K 97 -7.01 -98.48 -52.78
C PHE K 97 -5.51 -98.26 -52.73
N SER K 98 -4.96 -98.22 -51.52
CA SER K 98 -3.52 -98.12 -51.29
C SER K 98 -3.04 -99.44 -50.72
N VAL K 99 -2.15 -100.10 -51.45
CA VAL K 99 -1.64 -101.43 -51.11
C VAL K 99 -0.13 -101.38 -50.98
N PRO K 100 0.43 -101.48 -49.78
CA PRO K 100 1.89 -101.45 -49.65
C PRO K 100 2.52 -102.70 -50.22
N TYR K 101 3.76 -102.56 -50.69
CA TYR K 101 4.54 -103.72 -51.09
C TYR K 101 4.63 -104.69 -49.91
N GLY K 102 4.71 -105.98 -50.18
CA GLY K 102 4.77 -106.91 -49.09
C GLY K 102 3.43 -107.22 -48.46
N ALA K 103 2.34 -106.88 -49.13
CA ALA K 103 1.02 -107.20 -48.62
C ALA K 103 0.67 -108.60 -49.06
N THR K 104 0.24 -109.42 -48.12
CA THR K 104 -0.14 -110.77 -48.49
C THR K 104 -1.33 -110.73 -49.44
N LEU K 105 -1.40 -111.75 -50.30
CA LEU K 105 -2.59 -111.90 -51.14
C LEU K 105 -3.85 -111.82 -50.29
N GLN K 106 -3.77 -112.35 -49.07
CA GLN K 106 -4.90 -112.30 -48.17
C GLN K 106 -5.18 -110.87 -47.70
N ASN K 107 -4.15 -110.04 -47.53
CA ASN K 107 -4.39 -108.64 -47.18
C ASN K 107 -5.10 -107.90 -48.31
N LYS K 108 -4.71 -108.19 -49.55
CA LYS K 108 -5.37 -107.55 -50.70
C LYS K 108 -6.83 -107.97 -50.80
N LYS K 109 -7.08 -109.28 -50.75
CA LYS K 109 -8.46 -109.78 -50.70
C LYS K 109 -9.22 -109.17 -49.54
N ASP K 110 -8.58 -109.07 -48.39
CA ASP K 110 -9.22 -108.54 -47.20
C ASP K 110 -9.74 -107.15 -47.46
N ILE K 111 -8.86 -106.25 -47.91
CA ILE K 111 -9.31 -104.86 -48.01
C ILE K 111 -10.33 -104.70 -49.12
N LEU K 112 -10.21 -105.47 -50.22
CA LEU K 112 -11.26 -105.42 -51.23
C LEU K 112 -12.61 -105.78 -50.61
N ALA K 113 -12.63 -106.86 -49.83
CA ALA K 113 -13.89 -107.30 -49.23
C ALA K 113 -14.41 -106.31 -48.21
N TYR K 114 -13.53 -105.71 -47.40
CA TYR K 114 -13.99 -104.73 -46.43
C TYR K 114 -14.64 -103.54 -47.12
N ALA K 115 -14.01 -103.05 -48.19
CA ALA K 115 -14.58 -101.94 -48.93
C ALA K 115 -15.94 -102.30 -49.51
N ARG K 116 -16.04 -103.47 -50.15
CA ARG K 116 -17.30 -103.81 -50.81
C ARG K 116 -18.42 -104.05 -49.79
N ASN K 117 -18.12 -104.75 -48.70
CA ASN K 117 -19.13 -104.97 -47.67
C ASN K 117 -19.54 -103.65 -47.01
N LEU K 118 -18.59 -102.75 -46.78
CA LEU K 118 -18.93 -101.47 -46.16
C LEU K 118 -19.84 -100.65 -47.06
N LEU K 119 -19.52 -100.56 -48.35
CA LEU K 119 -20.43 -99.86 -49.25
C LEU K 119 -21.77 -100.58 -49.40
N GLY K 120 -21.82 -101.89 -49.16
CA GLY K 120 -23.09 -102.57 -49.10
C GLY K 120 -23.88 -102.32 -47.83
N THR K 121 -23.21 -101.87 -46.76
CA THR K 121 -23.88 -101.72 -45.47
C THR K 121 -25.06 -100.76 -45.54
N GLN K 122 -26.04 -101.00 -44.67
CA GLN K 122 -27.20 -100.12 -44.62
C GLN K 122 -26.82 -98.71 -44.20
N VAL K 123 -25.82 -98.57 -43.31
CA VAL K 123 -25.46 -97.23 -42.88
C VAL K 123 -24.95 -96.41 -44.05
N VAL K 124 -24.15 -97.04 -44.93
CA VAL K 124 -23.64 -96.35 -46.11
C VAL K 124 -24.77 -96.05 -47.08
N THR K 125 -25.62 -97.04 -47.36
CA THR K 125 -26.75 -96.82 -48.26
C THR K 125 -27.61 -95.66 -47.77
N ASP K 126 -27.91 -95.65 -46.47
CA ASP K 126 -28.70 -94.60 -45.85
C ASP K 126 -28.03 -93.24 -45.95
N ALA K 127 -26.71 -93.20 -45.72
CA ALA K 127 -25.98 -91.94 -45.73
C ALA K 127 -25.88 -91.34 -47.13
N VAL K 128 -25.72 -92.18 -48.15
CA VAL K 128 -25.55 -91.65 -49.50
C VAL K 128 -26.89 -91.26 -50.11
N VAL K 129 -27.93 -92.06 -49.89
CA VAL K 129 -29.22 -91.74 -50.50
C VAL K 129 -29.99 -90.73 -49.66
N ASP K 130 -30.24 -91.04 -48.38
CA ASP K 130 -31.06 -90.17 -47.54
C ASP K 130 -30.24 -89.09 -46.84
N MET K 131 -28.94 -89.00 -47.12
CA MET K 131 -28.06 -87.97 -46.56
C MET K 131 -27.96 -88.05 -45.04
N THR K 132 -28.32 -89.20 -44.46
CA THR K 132 -28.41 -89.30 -43.01
C THR K 132 -27.14 -89.92 -42.47
N PRO K 133 -26.38 -89.21 -41.62
CA PRO K 133 -25.10 -89.73 -41.13
C PRO K 133 -25.22 -90.56 -39.86
N ALA K 134 -24.07 -90.96 -39.31
CA ALA K 134 -24.02 -91.73 -38.06
C ALA K 134 -23.66 -90.78 -36.92
N TRP K 135 -24.65 -90.44 -36.09
CA TRP K 135 -24.47 -89.44 -35.05
C TRP K 135 -24.42 -90.00 -33.63
N ALA L 1 1.30 -105.92 -82.77
CA ALA L 1 1.29 -106.68 -81.53
C ALA L 1 0.66 -105.89 -80.39
N GLN L 2 -0.63 -106.08 -80.12
CA GLN L 2 -1.16 -105.55 -78.88
C GLN L 2 -0.62 -106.37 -77.71
N ILE L 3 -0.43 -105.70 -76.58
CA ILE L 3 0.18 -106.37 -75.44
C ILE L 3 -0.76 -107.44 -74.95
N ALA L 4 -0.18 -108.58 -74.57
CA ALA L 4 -0.96 -109.70 -74.06
C ALA L 4 -0.04 -110.54 -73.19
N ASN L 5 -0.64 -111.54 -72.55
CA ASN L 5 0.09 -112.38 -71.60
C ASN L 5 1.36 -112.93 -72.24
N LEU L 6 2.34 -113.27 -71.40
CA LEU L 6 3.61 -113.79 -71.89
C LEU L 6 4.01 -115.02 -71.09
N ILE L 7 4.28 -116.14 -71.76
CA ILE L 7 4.55 -117.41 -71.10
C ILE L 7 5.99 -117.83 -71.39
N LEU L 8 6.76 -118.06 -70.32
CA LEU L 8 8.18 -118.37 -70.40
C LEU L 8 8.50 -119.59 -69.54
N ALA L 9 9.29 -120.52 -70.08
CA ALA L 9 9.58 -121.77 -69.39
C ALA L 9 10.86 -121.65 -68.56
N ASP L 10 10.76 -121.97 -67.28
CA ASP L 10 11.92 -121.93 -66.41
C ASP L 10 12.87 -123.10 -66.71
N GLY L 11 14.10 -122.97 -66.22
CA GLY L 11 15.10 -123.99 -66.40
C GLY L 11 15.07 -125.00 -65.28
N GLN L 12 14.62 -126.20 -65.58
CA GLN L 12 14.55 -127.29 -64.61
C GLN L 12 14.78 -128.58 -65.36
N ALA L 13 14.84 -129.67 -64.61
CA ALA L 13 14.82 -130.98 -65.23
C ALA L 13 13.62 -131.10 -66.16
N THR L 14 12.44 -130.78 -65.65
CA THR L 14 11.28 -130.59 -66.50
C THR L 14 10.88 -129.13 -66.39
N PRO L 15 10.97 -128.36 -67.46
CA PRO L 15 10.60 -126.94 -67.38
C PRO L 15 9.12 -126.79 -67.09
N ALA L 16 8.79 -125.73 -66.35
CA ALA L 16 7.42 -125.41 -65.99
C ALA L 16 7.08 -124.02 -66.51
N ASN L 17 5.98 -123.91 -67.24
CA ASN L 17 5.59 -122.62 -67.82
C ASN L 17 5.23 -121.63 -66.72
N HIS L 18 5.77 -120.42 -66.83
CA HIS L 18 5.47 -119.31 -65.93
C HIS L 18 4.79 -118.20 -66.72
N THR L 19 3.72 -117.65 -66.17
CA THR L 19 2.94 -116.65 -66.88
C THR L 19 3.30 -115.24 -66.41
N PHE L 20 3.17 -114.28 -67.32
CA PHE L 20 3.56 -112.87 -67.12
C PHE L 20 2.39 -112.01 -67.56
N VAL L 21 1.66 -111.49 -66.58
CA VAL L 21 0.56 -110.57 -66.84
C VAL L 21 1.15 -109.22 -67.25
N PRO L 22 0.64 -108.58 -68.29
CA PRO L 22 1.16 -107.25 -68.65
C PRO L 22 0.79 -106.21 -67.61
N MET L 23 1.71 -105.25 -67.41
CA MET L 23 1.48 -104.07 -66.58
C MET L 23 1.43 -102.78 -67.38
N GLN L 24 2.18 -102.70 -68.46
CA GLN L 24 2.43 -101.42 -69.07
C GLN L 24 2.70 -101.61 -70.55
N PRO L 25 1.91 -101.01 -71.42
CA PRO L 25 2.25 -101.04 -72.84
C PRO L 25 3.27 -99.96 -73.19
N GLN L 26 4.03 -100.23 -74.26
CA GLN L 26 5.05 -99.30 -74.72
C GLN L 26 4.39 -98.09 -75.38
N THR L 27 4.73 -96.90 -74.87
CA THR L 27 4.21 -95.64 -75.39
C THR L 27 5.23 -94.56 -75.06
N GLY L 28 5.75 -93.89 -76.08
CA GLY L 28 6.76 -92.86 -75.84
C GLY L 28 8.03 -93.48 -75.31
N ILE L 29 8.49 -92.99 -74.16
CA ILE L 29 9.69 -93.55 -73.54
C ILE L 29 9.35 -94.78 -72.71
N THR L 30 8.14 -94.86 -72.19
CA THR L 30 7.76 -95.95 -71.31
C THR L 30 7.70 -97.27 -72.07
N PRO L 31 8.43 -98.30 -71.64
CA PRO L 31 8.49 -99.55 -72.40
C PRO L 31 7.47 -100.58 -71.94
N SER L 32 7.14 -101.49 -72.85
CA SER L 32 6.20 -102.55 -72.50
C SER L 32 6.81 -103.42 -71.41
N GLN L 33 5.99 -103.82 -70.43
CA GLN L 33 6.52 -104.64 -69.35
C GLN L 33 5.45 -105.55 -68.75
N TRP L 34 5.86 -106.79 -68.43
CA TRP L 34 5.04 -107.84 -67.83
C TRP L 34 5.63 -108.27 -66.50
N LEU L 35 4.79 -108.87 -65.65
CA LEU L 35 5.15 -109.26 -64.29
C LEU L 35 4.77 -110.73 -64.04
N ASN L 36 5.56 -111.41 -63.20
CA ASN L 36 5.38 -112.86 -63.00
C ASN L 36 4.21 -113.17 -62.06
N LYS L 37 4.12 -112.44 -60.92
CA LYS L 37 2.99 -112.53 -59.98
C LYS L 37 2.96 -113.82 -59.17
N GLU L 38 4.13 -114.37 -58.85
CA GLU L 38 4.16 -115.63 -58.12
C GLU L 38 4.54 -115.49 -56.66
N ALA L 39 5.59 -114.75 -56.34
CA ALA L 39 5.93 -114.57 -54.94
C ALA L 39 4.84 -113.76 -54.25
N ALA L 40 4.77 -113.91 -52.92
CA ALA L 40 3.61 -113.42 -52.17
C ALA L 40 3.59 -111.90 -52.08
N SER L 41 4.74 -111.29 -51.86
CA SER L 41 4.89 -109.85 -51.72
C SER L 41 5.02 -109.18 -53.08
N ASN L 42 4.65 -107.91 -53.13
CA ASN L 42 4.74 -107.17 -54.38
C ASN L 42 6.16 -107.09 -54.93
N ILE L 43 7.17 -107.32 -54.08
CA ILE L 43 8.56 -107.17 -54.51
C ILE L 43 9.00 -108.37 -55.34
N GLY L 44 8.57 -109.57 -54.97
CA GLY L 44 9.11 -110.79 -55.55
C GLY L 44 8.68 -111.01 -57.00
N TYR L 45 7.62 -110.32 -57.43
CA TYR L 45 7.16 -110.38 -58.80
C TYR L 45 8.33 -110.21 -59.76
N ARG L 46 8.49 -111.15 -60.69
CA ARG L 46 9.56 -111.06 -61.68
C ARG L 46 9.11 -110.19 -62.84
N LYS L 47 10.06 -109.47 -63.45
CA LYS L 47 9.68 -108.45 -64.41
C LYS L 47 10.39 -108.63 -65.74
N VAL L 48 9.64 -108.56 -66.83
CA VAL L 48 10.19 -108.58 -68.18
C VAL L 48 9.82 -107.27 -68.85
N SER L 49 10.78 -106.62 -69.51
CA SER L 49 10.42 -105.38 -70.19
C SER L 49 11.19 -105.24 -71.48
N MET L 50 10.58 -104.55 -72.44
CA MET L 50 11.09 -104.42 -73.79
C MET L 50 10.69 -103.06 -74.35
N PHE L 51 11.58 -102.50 -75.17
CA PHE L 51 11.34 -101.23 -75.86
C PHE L 51 11.86 -101.30 -77.29
N VAL L 52 10.99 -101.00 -78.25
CA VAL L 52 11.32 -101.06 -79.67
C VAL L 52 11.41 -99.62 -80.16
N LYS L 53 12.63 -99.13 -80.41
CA LYS L 53 12.85 -97.81 -80.98
C LYS L 53 13.08 -97.97 -82.49
N TYR L 54 12.06 -97.63 -83.27
CA TYR L 54 12.16 -97.66 -84.73
C TYR L 54 12.70 -96.30 -85.20
N VAL L 55 13.90 -96.32 -85.76
CA VAL L 55 14.51 -95.12 -86.33
C VAL L 55 14.41 -95.23 -87.84
N SER L 56 13.58 -94.38 -88.45
CA SER L 56 13.24 -94.55 -89.87
C SER L 56 14.45 -94.40 -90.77
N ASN L 57 15.45 -93.61 -90.35
CA ASN L 57 16.71 -93.49 -91.08
C ASN L 57 17.86 -93.52 -90.06
N GLY L 58 18.33 -94.72 -89.76
CA GLY L 58 19.40 -94.88 -88.78
C GLY L 58 19.34 -96.27 -88.16
N THR L 59 20.00 -96.39 -87.02
CA THR L 59 20.12 -97.67 -86.32
C THR L 59 18.95 -97.81 -85.34
N SER L 60 17.99 -98.67 -85.70
CA SER L 60 16.89 -98.98 -84.81
C SER L 60 17.34 -99.95 -83.72
N LYS L 61 16.64 -99.94 -82.58
CA LYS L 61 17.15 -100.63 -81.40
C LYS L 61 16.02 -101.28 -80.61
N VAL L 62 16.10 -102.59 -80.42
CA VAL L 62 15.19 -103.34 -79.55
C VAL L 62 15.95 -103.65 -78.26
N THR L 63 15.38 -103.27 -77.12
CA THR L 63 16.04 -103.44 -75.82
C THR L 63 15.17 -104.29 -74.91
N ILE L 64 15.76 -105.28 -74.24
CA ILE L 64 15.03 -106.24 -73.43
C ILE L 64 15.77 -106.48 -72.12
N ARG L 65 15.02 -106.61 -71.02
CA ARG L 65 15.60 -106.93 -69.73
C ARG L 65 14.66 -107.81 -68.91
N ILE L 66 15.24 -108.83 -68.28
CA ILE L 66 14.53 -109.83 -67.47
C ILE L 66 15.13 -109.79 -66.07
N ALA L 67 14.27 -109.63 -65.06
CA ALA L 67 14.68 -109.49 -63.66
C ALA L 67 14.00 -110.56 -62.84
N ASP L 68 14.80 -111.47 -62.27
CA ASP L 68 14.40 -112.62 -61.46
C ASP L 68 14.85 -112.34 -60.04
N PRO L 69 14.02 -111.71 -59.22
CA PRO L 69 14.39 -111.45 -57.83
C PRO L 69 14.01 -112.61 -56.93
N VAL L 70 14.77 -112.77 -55.85
CA VAL L 70 14.48 -113.79 -54.83
C VAL L 70 14.42 -113.11 -53.46
N LEU L 71 13.31 -113.31 -52.76
CA LEU L 71 13.12 -112.69 -51.45
C LEU L 71 14.04 -113.31 -50.43
N ALA L 72 14.51 -112.48 -49.50
CA ALA L 72 15.41 -112.95 -48.44
C ALA L 72 14.62 -113.59 -47.32
N SER L 73 15.16 -114.67 -46.77
CA SER L 73 14.64 -115.29 -45.55
C SER L 73 15.65 -114.97 -44.46
N VAL L 74 15.28 -114.10 -43.53
CA VAL L 74 16.19 -113.63 -42.49
C VAL L 74 16.33 -114.70 -41.43
N PRO L 75 17.42 -114.73 -40.68
CA PRO L 75 17.51 -115.61 -39.51
C PRO L 75 16.91 -114.90 -38.30
N ALA L 76 16.79 -115.67 -37.21
CA ALA L 76 16.18 -115.13 -36.00
C ALA L 76 16.97 -113.95 -35.44
N GLY L 77 18.28 -113.89 -35.73
CA GLY L 77 19.15 -112.97 -35.01
C GLY L 77 18.89 -111.50 -35.31
N CYS L 78 18.70 -111.17 -36.58
CA CYS L 78 18.61 -109.76 -36.94
C CYS L 78 17.25 -109.15 -36.60
N CYS L 79 16.22 -109.98 -36.44
CA CYS L 79 14.92 -109.56 -35.90
C CYS L 79 14.21 -108.52 -36.75
N VAL L 80 14.44 -108.53 -38.06
CA VAL L 80 13.50 -107.83 -38.94
C VAL L 80 12.18 -108.57 -38.88
N ASP L 81 11.09 -107.82 -38.75
CA ASP L 81 9.78 -108.44 -38.61
C ASP L 81 9.49 -109.37 -39.77
N THR L 82 8.91 -110.53 -39.46
CA THR L 82 8.51 -111.48 -40.48
C THR L 82 7.69 -110.82 -41.58
N ASN L 83 6.97 -109.75 -41.25
CA ASN L 83 5.97 -109.20 -42.16
C ASN L 83 6.57 -108.28 -43.22
N THR L 84 7.73 -107.65 -42.95
CA THR L 84 8.35 -106.76 -43.92
C THR L 84 9.41 -107.52 -44.72
N PRO L 85 9.11 -107.95 -45.95
CA PRO L 85 10.13 -108.68 -46.72
C PRO L 85 11.08 -107.72 -47.40
N GLN L 86 12.27 -108.23 -47.67
CA GLN L 86 13.27 -107.52 -48.44
C GLN L 86 13.80 -108.43 -49.52
N VAL L 87 14.20 -107.84 -50.65
CA VAL L 87 14.75 -108.61 -51.75
C VAL L 87 16.22 -108.89 -51.46
N ALA L 88 16.59 -110.17 -51.50
CA ALA L 88 17.96 -110.57 -51.18
C ALA L 88 18.90 -110.26 -52.33
N TYR L 89 18.52 -110.63 -53.53
CA TYR L 89 19.32 -110.52 -54.73
C TYR L 89 18.40 -110.78 -55.91
N SER L 90 18.88 -110.46 -57.11
CA SER L 90 18.11 -110.70 -58.33
C SER L 90 19.06 -110.91 -59.50
N THR L 91 18.77 -111.94 -60.30
CA THR L 91 19.51 -112.18 -61.53
C THR L 91 18.92 -111.30 -62.64
N PHE L 92 19.80 -110.83 -63.53
CA PHE L 92 19.40 -109.90 -64.58
C PHE L 92 19.90 -110.36 -65.94
N PHE L 93 19.05 -110.21 -66.97
CA PHE L 93 19.46 -110.43 -68.36
C PHE L 93 19.07 -109.21 -69.17
N GLU L 94 20.04 -108.60 -69.84
CA GLU L 94 19.77 -107.39 -70.63
C GLU L 94 20.42 -107.50 -72.00
N CYS L 95 19.60 -107.44 -73.05
CA CYS L 95 20.09 -107.54 -74.42
C CYS L 95 19.59 -106.37 -75.25
N THR L 96 20.30 -106.09 -76.33
CA THR L 96 19.97 -105.03 -77.28
C THR L 96 20.30 -105.51 -78.69
N PHE L 97 19.28 -105.49 -79.56
CA PHE L 97 19.43 -105.70 -80.98
C PHE L 97 19.56 -104.35 -81.67
N SER L 98 20.60 -104.20 -82.50
CA SER L 98 20.82 -103.02 -83.32
C SER L 98 20.64 -103.40 -84.79
N VAL L 99 19.63 -102.80 -85.43
CA VAL L 99 19.26 -103.06 -86.81
C VAL L 99 19.43 -101.80 -87.63
N PRO L 100 20.41 -101.73 -88.53
CA PRO L 100 20.64 -100.50 -89.29
C PRO L 100 19.55 -100.28 -90.32
N TYR L 101 19.62 -99.10 -90.96
CA TYR L 101 18.56 -98.71 -91.87
C TYR L 101 18.40 -99.71 -93.01
N GLY L 102 19.50 -100.12 -93.62
CA GLY L 102 19.47 -100.89 -94.85
C GLY L 102 19.27 -102.38 -94.66
N ALA L 103 18.98 -102.83 -93.45
CA ALA L 103 19.01 -104.24 -93.13
C ALA L 103 17.90 -104.98 -93.87
N THR L 104 18.26 -106.12 -94.45
CA THR L 104 17.27 -106.95 -95.08
C THR L 104 16.36 -107.58 -94.02
N LEU L 105 15.12 -107.85 -94.42
CA LEU L 105 14.24 -108.60 -93.54
C LEU L 105 14.83 -109.97 -93.25
N GLN L 106 15.47 -110.57 -94.25
CA GLN L 106 16.17 -111.82 -94.00
C GLN L 106 17.30 -111.64 -92.99
N ASN L 107 17.97 -110.47 -93.01
CA ASN L 107 19.02 -110.18 -92.03
C ASN L 107 18.47 -110.09 -90.62
N LYS L 108 17.30 -109.46 -90.46
CA LYS L 108 16.64 -109.39 -89.15
C LYS L 108 16.33 -110.79 -88.63
N LYS L 109 15.70 -111.61 -89.48
CA LYS L 109 15.48 -113.02 -89.15
C LYS L 109 16.78 -113.69 -88.74
N ASP L 110 17.83 -113.50 -89.55
CA ASP L 110 19.12 -114.11 -89.28
C ASP L 110 19.60 -113.81 -87.88
N ILE L 111 19.68 -112.52 -87.53
CA ILE L 111 20.32 -112.17 -86.26
C ILE L 111 19.47 -112.62 -85.08
N LEU L 112 18.14 -112.54 -85.20
CA LEU L 112 17.32 -113.07 -84.11
C LEU L 112 17.59 -114.56 -83.91
N ALA L 113 17.72 -115.31 -85.01
CA ALA L 113 17.98 -116.74 -84.89
C ALA L 113 19.36 -117.01 -84.31
N TYR L 114 20.37 -116.22 -84.70
CA TYR L 114 21.71 -116.41 -84.16
C TYR L 114 21.72 -116.17 -82.66
N ALA L 115 20.99 -115.15 -82.21
CA ALA L 115 20.91 -114.88 -80.78
C ALA L 115 20.23 -116.02 -80.03
N ARG L 116 19.09 -116.50 -80.55
CA ARG L 116 18.37 -117.57 -79.86
C ARG L 116 19.21 -118.85 -79.81
N ASN L 117 19.78 -119.24 -80.95
CA ASN L 117 20.59 -120.45 -80.98
C ASN L 117 21.83 -120.32 -80.10
N LEU L 118 22.44 -119.12 -80.05
CA LEU L 118 23.63 -118.94 -79.24
C LEU L 118 23.32 -119.05 -77.76
N LEU L 119 22.18 -118.51 -77.33
CA LEU L 119 21.75 -118.77 -75.96
C LEU L 119 21.41 -120.24 -75.74
N GLY L 120 21.10 -120.96 -76.82
CA GLY L 120 20.98 -122.41 -76.72
C GLY L 120 22.29 -123.15 -76.59
N THR L 121 23.40 -122.56 -77.07
CA THR L 121 24.64 -123.30 -77.25
C THR L 121 25.20 -123.83 -75.93
N GLN L 122 25.94 -124.94 -76.04
CA GLN L 122 26.56 -125.55 -74.87
C GLN L 122 27.59 -124.65 -74.24
N VAL L 123 28.33 -123.88 -75.06
CA VAL L 123 29.35 -123.00 -74.51
C VAL L 123 28.71 -121.93 -73.62
N VAL L 124 27.60 -121.34 -74.08
CA VAL L 124 26.95 -120.28 -73.31
C VAL L 124 26.29 -120.85 -72.06
N THR L 125 25.58 -121.99 -72.20
CA THR L 125 25.00 -122.60 -71.01
C THR L 125 26.06 -122.89 -69.96
N ASP L 126 27.17 -123.49 -70.41
CA ASP L 126 28.32 -123.74 -69.55
C ASP L 126 28.79 -122.46 -68.87
N ALA L 127 29.01 -121.41 -69.65
CA ALA L 127 29.61 -120.18 -69.13
C ALA L 127 28.70 -119.50 -68.12
N VAL L 128 27.42 -119.38 -68.44
CA VAL L 128 26.49 -118.66 -67.55
C VAL L 128 26.22 -119.45 -66.27
N VAL L 129 26.16 -120.78 -66.35
CA VAL L 129 25.77 -121.52 -65.16
C VAL L 129 26.98 -121.82 -64.27
N ASP L 130 28.11 -122.25 -64.85
CA ASP L 130 29.27 -122.63 -64.05
C ASP L 130 30.36 -121.56 -64.00
N MET L 131 30.13 -120.39 -64.60
CA MET L 131 31.10 -119.30 -64.61
C MET L 131 32.44 -119.76 -65.19
N THR L 132 32.37 -120.66 -66.17
CA THR L 132 33.56 -121.19 -66.82
C THR L 132 33.70 -120.54 -68.18
N PRO L 133 34.80 -119.84 -68.45
CA PRO L 133 34.96 -119.19 -69.76
C PRO L 133 35.18 -120.18 -70.89
N ALA L 134 35.36 -119.65 -72.10
CA ALA L 134 35.77 -120.46 -73.25
C ALA L 134 37.26 -120.22 -73.46
N TRP L 135 38.08 -121.01 -72.77
CA TRP L 135 39.53 -120.82 -72.77
C TRP L 135 40.23 -121.49 -73.94
N ALA M 1 69.94 0.60 94.71
CA ALA M 1 68.55 0.14 94.61
C ALA M 1 68.43 -1.07 93.71
N GLN M 2 68.58 -2.27 94.26
CA GLN M 2 68.13 -3.46 93.55
C GLN M 2 66.64 -3.32 93.25
N ILE M 3 66.21 -3.92 92.15
CA ILE M 3 64.80 -3.82 91.79
C ILE M 3 63.97 -4.59 92.79
N ALA M 4 62.82 -4.03 93.15
CA ALA M 4 61.92 -4.64 94.11
C ALA M 4 60.55 -4.04 93.91
N ASN M 5 59.57 -4.55 94.67
CA ASN M 5 58.17 -4.17 94.53
C ASN M 5 57.99 -2.65 94.60
N LEU M 6 56.88 -2.16 94.07
CA LEU M 6 56.59 -0.73 94.07
C LEU M 6 55.16 -0.52 94.53
N ILE M 7 54.91 0.45 95.42
CA ILE M 7 53.59 0.63 95.99
C ILE M 7 53.14 2.08 95.75
N LEU M 8 52.10 2.23 94.93
CA LEU M 8 51.59 3.55 94.54
C LEU M 8 50.12 3.67 94.89
N ALA M 9 49.73 4.81 95.45
CA ALA M 9 48.38 5.01 95.93
C ALA M 9 47.56 5.75 94.88
N ASP M 10 46.40 5.19 94.53
CA ASP M 10 45.51 5.86 93.58
C ASP M 10 44.83 7.05 94.24
N GLY M 11 44.19 7.87 93.40
CA GLY M 11 43.48 9.03 93.91
C GLY M 11 42.01 8.73 94.11
N GLN M 12 41.59 8.63 95.36
CA GLN M 12 40.19 8.42 95.68
C GLN M 12 39.87 9.29 96.88
N ALA M 13 38.61 9.22 97.33
CA ALA M 13 38.25 9.78 98.61
C ALA M 13 39.22 9.29 99.68
N THR M 14 39.35 7.97 99.79
CA THR M 14 40.41 7.35 100.57
C THR M 14 41.28 6.59 99.58
N PRO M 15 42.53 7.00 99.39
CA PRO M 15 43.41 6.28 98.45
C PRO M 15 43.60 4.83 98.89
N ALA M 16 43.62 3.94 97.91
CA ALA M 16 43.91 2.53 98.14
C ALA M 16 45.22 2.17 97.46
N ASN M 17 46.12 1.54 98.22
CA ASN M 17 47.45 1.22 97.72
C ASN M 17 47.39 0.11 96.66
N HIS M 18 48.16 0.30 95.59
CA HIS M 18 48.29 -0.69 94.53
C HIS M 18 49.75 -1.09 94.39
N THR M 19 49.98 -2.38 94.19
CA THR M 19 51.31 -2.94 94.21
C THR M 19 51.75 -3.33 92.80
N PHE M 20 53.06 -3.21 92.55
CA PHE M 20 53.67 -3.38 91.25
C PHE M 20 54.82 -4.37 91.39
N VAL M 21 54.63 -5.56 90.85
CA VAL M 21 55.68 -6.59 90.84
C VAL M 21 56.72 -6.23 89.78
N PRO M 22 58.01 -6.37 90.07
CA PRO M 22 59.03 -6.13 89.04
C PRO M 22 59.07 -7.26 88.03
N MET M 23 59.28 -6.90 86.76
CA MET M 23 59.36 -7.87 85.68
C MET M 23 60.71 -7.86 84.97
N GLN M 24 61.28 -6.70 84.69
CA GLN M 24 62.59 -6.63 84.06
C GLN M 24 63.37 -5.47 84.66
N PRO M 25 64.64 -5.67 85.01
CA PRO M 25 65.47 -4.59 85.53
C PRO M 25 66.22 -3.85 84.42
N GLN M 26 66.92 -2.80 84.85
CA GLN M 26 67.63 -1.92 83.94
C GLN M 26 69.02 -2.48 83.65
N THR M 27 69.20 -3.01 82.45
CA THR M 27 70.52 -3.40 81.96
C THR M 27 70.63 -2.95 80.52
N GLY M 28 71.61 -2.11 80.23
CA GLY M 28 71.80 -1.64 78.86
C GLY M 28 70.69 -0.70 78.44
N ILE M 29 70.09 -0.99 77.28
CA ILE M 29 69.01 -0.14 76.78
C ILE M 29 67.70 -0.44 77.51
N THR M 30 67.50 -1.67 77.95
CA THR M 30 66.21 -2.05 78.52
C THR M 30 66.01 -1.39 79.87
N PRO M 31 64.85 -0.77 80.13
CA PRO M 31 64.62 -0.07 81.39
C PRO M 31 63.94 -0.94 82.44
N SER M 32 64.17 -0.58 83.70
CA SER M 32 63.49 -1.28 84.79
C SER M 32 61.99 -1.03 84.69
N GLN M 33 61.19 -2.05 85.00
CA GLN M 33 59.76 -1.92 84.78
C GLN M 33 58.97 -2.89 85.67
N TRP M 34 57.83 -2.39 86.17
CA TRP M 34 56.94 -3.07 87.10
C TRP M 34 55.53 -3.14 86.50
N LEU M 35 54.77 -4.15 86.93
CA LEU M 35 53.42 -4.44 86.43
C LEU M 35 52.46 -4.51 87.61
N ASN M 36 51.22 -4.02 87.42
CA ASN M 36 50.26 -3.98 88.53
C ASN M 36 49.61 -5.33 88.77
N LYS M 37 49.21 -6.02 87.70
CA LYS M 37 48.67 -7.39 87.77
C LYS M 37 47.30 -7.45 88.47
N GLU M 38 46.52 -6.38 88.33
CA GLU M 38 45.19 -6.32 88.95
C GLU M 38 44.04 -6.55 87.98
N ALA M 39 44.19 -6.18 86.71
CA ALA M 39 43.05 -6.25 85.81
C ALA M 39 42.72 -7.69 85.43
N ALA M 40 41.57 -7.85 84.76
CA ALA M 40 41.07 -9.19 84.42
C ALA M 40 41.94 -9.90 83.38
N SER M 41 42.34 -9.18 82.33
CA SER M 41 43.15 -9.73 81.25
C SER M 41 44.61 -9.31 81.41
N ASN M 42 45.48 -10.01 80.68
CA ASN M 42 46.89 -9.69 80.79
C ASN M 42 47.24 -8.32 80.20
N ILE M 43 46.34 -7.73 79.41
CA ILE M 43 46.63 -6.44 78.79
C ILE M 43 46.24 -5.27 79.66
N GLY M 44 45.31 -5.46 80.61
CA GLY M 44 44.88 -4.39 81.49
C GLY M 44 45.87 -4.06 82.60
N TYR M 45 46.92 -4.86 82.74
CA TYR M 45 47.90 -4.66 83.80
C TYR M 45 48.52 -3.28 83.68
N ARG M 46 48.54 -2.53 84.77
CA ARG M 46 49.12 -1.19 84.76
C ARG M 46 50.63 -1.29 84.90
N LYS M 47 51.36 -0.46 84.16
CA LYS M 47 52.81 -0.63 84.14
C LYS M 47 53.54 0.66 84.42
N VAL M 48 54.71 0.52 85.02
CA VAL M 48 55.60 1.63 85.33
C VAL M 48 56.96 1.26 84.81
N SER M 49 57.69 2.23 84.26
CA SER M 49 59.05 1.92 83.85
C SER M 49 59.93 3.16 84.02
N MET M 50 61.22 2.91 84.21
CA MET M 50 62.20 3.93 84.54
C MET M 50 63.56 3.54 83.99
N PHE M 51 64.32 4.56 83.55
CA PHE M 51 65.68 4.38 83.03
C PHE M 51 66.56 5.54 83.46
N VAL M 52 67.75 5.23 83.98
CA VAL M 52 68.67 6.23 84.54
C VAL M 52 69.95 6.18 83.71
N LYS M 53 70.00 7.00 82.65
CA LYS M 53 71.18 7.08 81.81
C LYS M 53 72.20 8.02 82.45
N TYR M 54 73.28 7.46 82.97
CA TYR M 54 74.36 8.23 83.58
C TYR M 54 75.40 8.56 82.52
N VAL M 55 75.56 9.84 82.22
CA VAL M 55 76.52 10.33 81.22
C VAL M 55 77.61 11.09 81.97
N SER M 56 78.81 10.48 82.04
CA SER M 56 79.85 11.00 82.94
C SER M 56 80.32 12.38 82.50
N ASN M 57 80.49 12.61 81.19
CA ASN M 57 80.75 13.95 80.68
C ASN M 57 79.64 14.30 79.69
N GLY M 58 78.54 14.79 80.22
CA GLY M 58 77.39 15.10 79.40
C GLY M 58 76.13 15.13 80.24
N THR M 59 75.00 15.09 79.54
CA THR M 59 73.70 15.37 80.14
C THR M 59 73.03 14.06 80.51
N SER M 60 73.13 13.70 81.80
CA SER M 60 72.46 12.51 82.31
C SER M 60 70.95 12.70 82.27
N LYS M 61 70.21 11.58 82.19
CA LYS M 61 68.77 11.64 81.99
C LYS M 61 68.06 10.52 82.75
N VAL M 62 67.01 10.89 83.50
CA VAL M 62 66.14 9.92 84.16
C VAL M 62 64.76 10.00 83.51
N THR M 63 64.32 8.89 82.93
CA THR M 63 63.06 8.84 82.20
C THR M 63 62.09 7.89 82.89
N ILE M 64 60.86 8.34 83.10
CA ILE M 64 59.82 7.60 83.82
C ILE M 64 58.53 7.64 83.01
N ARG M 65 57.84 6.51 82.91
CA ARG M 65 56.53 6.49 82.26
C ARG M 65 55.58 5.54 82.99
N ILE M 66 54.34 5.99 83.15
CA ILE M 66 53.29 5.31 83.90
C ILE M 66 52.08 5.14 82.99
N ALA M 67 51.59 3.91 82.87
CA ALA M 67 50.49 3.58 81.96
C ALA M 67 49.36 2.91 82.74
N ASP M 68 48.19 3.55 82.72
CA ASP M 68 46.98 3.08 83.41
C ASP M 68 45.92 2.78 82.36
N PRO M 69 45.77 1.55 81.92
CA PRO M 69 44.76 1.21 80.91
C PRO M 69 43.43 0.82 81.54
N VAL M 70 42.37 1.02 80.77
CA VAL M 70 41.01 0.60 81.14
C VAL M 70 40.49 -0.29 80.02
N LEU M 71 40.17 -1.54 80.36
CA LEU M 71 39.75 -2.52 79.36
C LEU M 71 38.32 -2.24 78.91
N ALA M 72 37.94 -2.86 77.79
CA ALA M 72 36.64 -2.66 77.19
C ALA M 72 35.68 -3.72 77.70
N SER M 73 34.71 -3.31 78.53
CA SER M 73 33.72 -4.23 79.09
C SER M 73 32.45 -4.19 78.25
N VAL M 74 32.03 -5.35 77.77
CA VAL M 74 30.88 -5.48 76.90
C VAL M 74 29.75 -6.15 77.68
N PRO M 75 28.49 -5.94 77.32
CA PRO M 75 27.38 -6.60 78.03
C PRO M 75 27.56 -8.10 78.10
N ALA M 76 27.13 -8.69 79.22
CA ALA M 76 27.47 -10.08 79.53
C ALA M 76 26.89 -11.04 78.50
N GLY M 77 25.61 -10.86 78.13
CA GLY M 77 25.02 -11.73 77.14
C GLY M 77 25.68 -11.66 75.78
N CYS M 78 26.36 -10.56 75.49
CA CYS M 78 26.97 -10.39 74.19
C CYS M 78 28.16 -11.33 74.03
N CYS M 79 28.57 -11.55 72.77
CA CYS M 79 29.60 -12.53 72.45
C CYS M 79 30.78 -11.82 71.78
N VAL M 80 31.82 -11.56 72.57
CA VAL M 80 33.15 -11.26 72.05
C VAL M 80 34.10 -12.20 72.76
N ASP M 81 34.95 -12.88 71.99
CA ASP M 81 35.81 -13.91 72.56
C ASP M 81 36.63 -13.34 73.70
N THR M 82 36.48 -13.91 74.89
CA THR M 82 37.24 -13.44 76.04
C THR M 82 38.74 -13.65 75.86
N ASN M 83 39.13 -14.56 74.97
CA ASN M 83 40.55 -14.73 74.68
C ASN M 83 41.13 -13.55 73.92
N THR M 84 40.28 -12.74 73.27
CA THR M 84 40.74 -11.56 72.53
C THR M 84 40.07 -10.31 73.09
N PRO M 85 40.60 -9.76 74.23
CA PRO M 85 40.11 -8.47 74.73
C PRO M 85 40.91 -7.31 74.18
N GLN M 86 40.36 -6.12 74.26
CA GLN M 86 41.04 -4.91 73.81
C GLN M 86 41.05 -3.91 74.93
N VAL M 87 41.97 -2.97 74.81
CA VAL M 87 42.04 -1.82 75.70
C VAL M 87 41.23 -0.70 75.06
N ALA M 88 40.23 -0.21 75.79
CA ALA M 88 39.41 0.90 75.31
C ALA M 88 40.23 2.18 75.21
N TYR M 89 40.97 2.51 76.27
CA TYR M 89 41.79 3.71 76.34
C TYR M 89 42.71 3.56 77.53
N SER M 90 43.76 4.36 77.56
CA SER M 90 44.74 4.31 78.65
C SER M 90 45.36 5.67 78.88
N THR M 91 45.44 6.06 80.15
CA THR M 91 46.10 7.31 80.51
C THR M 91 47.60 7.08 80.65
N PHE M 92 48.38 8.12 80.35
CA PHE M 92 49.84 8.02 80.34
C PHE M 92 50.47 9.21 81.03
N PHE M 93 51.58 8.96 81.74
CA PHE M 93 52.41 10.02 82.30
C PHE M 93 53.87 9.76 81.96
N GLU M 94 54.52 10.73 81.29
CA GLU M 94 55.91 10.56 80.89
C GLU M 94 56.73 11.78 81.29
N CYS M 95 57.78 11.57 82.08
CA CYS M 95 58.65 12.65 82.52
C CYS M 95 60.12 12.30 82.32
N THR M 96 60.93 13.33 82.09
CA THR M 96 62.38 13.18 81.89
C THR M 96 63.09 14.29 82.66
N PHE M 97 63.94 13.88 83.59
CA PHE M 97 64.89 14.76 84.25
C PHE M 97 66.17 14.79 83.42
N SER M 98 66.71 15.99 83.19
CA SER M 98 67.96 16.18 82.47
C SER M 98 68.92 16.96 83.37
N VAL M 99 69.96 16.28 83.83
CA VAL M 99 70.91 16.79 84.81
C VAL M 99 72.26 16.91 84.13
N PRO M 100 72.88 18.09 84.09
CA PRO M 100 74.18 18.23 83.45
C PRO M 100 75.26 17.48 84.21
N TYR M 101 76.35 17.18 83.50
CA TYR M 101 77.58 16.82 84.18
C TYR M 101 77.99 17.95 85.11
N GLY M 102 78.70 17.58 86.17
CA GLY M 102 79.17 18.60 87.09
C GLY M 102 78.09 19.32 87.86
N ALA M 103 76.88 18.78 87.92
CA ALA M 103 75.82 19.38 88.74
C ALA M 103 75.96 18.91 90.18
N THR M 104 75.85 19.86 91.12
CA THR M 104 75.97 19.54 92.53
C THR M 104 74.84 18.63 92.97
N LEU M 105 75.15 17.76 93.92
CA LEU M 105 74.10 17.00 94.59
C LEU M 105 72.99 17.93 95.08
N GLN M 106 73.34 19.15 95.44
CA GLN M 106 72.32 20.13 95.83
C GLN M 106 71.46 20.55 94.63
N ASN M 107 72.07 20.70 93.45
CA ASN M 107 71.28 21.03 92.26
C ASN M 107 70.30 19.89 91.93
N LYS M 108 70.73 18.64 92.12
CA LYS M 108 69.85 17.50 91.85
C LYS M 108 68.68 17.47 92.83
N LYS M 109 68.98 17.61 94.13
CA LYS M 109 67.93 17.76 95.13
C LYS M 109 66.97 18.88 94.74
N ASP M 110 67.52 20.02 94.34
CA ASP M 110 66.71 21.18 93.98
C ASP M 110 65.70 20.83 92.91
N ILE M 111 66.16 20.29 91.77
CA ILE M 111 65.22 20.10 90.67
C ILE M 111 64.23 18.99 90.98
N LEU M 112 64.65 17.93 91.68
CA LEU M 112 63.68 16.93 92.11
C LEU M 112 62.57 17.58 92.92
N ALA M 113 62.94 18.44 93.87
CA ALA M 113 61.94 19.08 94.72
C ALA M 113 61.05 20.03 93.94
N TYR M 114 61.63 20.78 93.00
CA TYR M 114 60.80 21.68 92.19
C TYR M 114 59.75 20.89 91.42
N ALA M 115 60.16 19.78 90.80
CA ALA M 115 59.22 18.96 90.05
C ALA M 115 58.12 18.42 90.95
N ARG M 116 58.49 17.87 92.10
CA ARG M 116 57.48 17.27 92.97
C ARG M 116 56.51 18.31 93.51
N ASN M 117 57.04 19.46 93.94
CA ASN M 117 56.18 20.53 94.46
C ASN M 117 55.28 21.08 93.36
N LEU M 118 55.77 21.18 92.13
CA LEU M 118 54.94 21.69 91.05
C LEU M 118 53.80 20.75 90.73
N LEU M 119 54.10 19.44 90.62
CA LEU M 119 53.01 18.49 90.40
C LEU M 119 52.05 18.45 91.58
N GLY M 120 52.52 18.80 92.77
CA GLY M 120 51.61 18.97 93.87
C GLY M 120 50.86 20.28 93.94
N THR M 121 51.08 21.21 92.99
CA THR M 121 50.44 22.51 93.09
C THR M 121 48.97 22.44 92.67
N GLN M 122 48.18 23.38 93.21
CA GLN M 122 46.76 23.41 92.90
C GLN M 122 46.51 23.68 91.43
N VAL M 123 47.34 24.52 90.80
CA VAL M 123 47.12 24.79 89.38
C VAL M 123 47.37 23.55 88.55
N VAL M 124 48.37 22.74 88.92
CA VAL M 124 48.68 21.53 88.16
C VAL M 124 47.60 20.47 88.37
N THR M 125 47.20 20.24 89.62
CA THR M 125 46.12 19.28 89.87
C THR M 125 44.83 19.72 89.17
N ASP M 126 44.54 21.02 89.23
CA ASP M 126 43.40 21.58 88.51
C ASP M 126 43.48 21.28 87.02
N ALA M 127 44.64 21.55 86.41
CA ALA M 127 44.77 21.38 84.96
C ALA M 127 44.59 19.92 84.55
N VAL M 128 45.25 19.00 85.26
CA VAL M 128 45.22 17.60 84.86
C VAL M 128 43.85 16.98 85.09
N VAL M 129 43.17 17.35 86.18
CA VAL M 129 41.90 16.69 86.51
C VAL M 129 40.74 17.36 85.79
N ASP M 130 40.58 18.68 85.95
CA ASP M 130 39.44 19.37 85.37
C ASP M 130 39.67 19.85 83.95
N MET M 131 40.89 19.70 83.40
CA MET M 131 41.26 20.25 82.09
C MET M 131 41.23 21.77 82.12
N THR M 132 41.70 22.36 83.21
CA THR M 132 41.58 23.80 83.39
C THR M 132 42.95 24.45 83.26
N PRO M 133 43.11 25.39 82.34
CA PRO M 133 44.43 26.01 82.11
C PRO M 133 44.70 27.19 83.01
N ALA M 134 45.88 27.80 82.85
CA ALA M 134 46.22 29.04 83.54
C ALA M 134 46.01 30.21 82.57
N TRP M 135 44.86 30.89 82.69
CA TRP M 135 44.48 31.92 81.72
C TRP M 135 44.80 33.35 82.15
N ALA N 1 79.24 -14.58 92.98
CA ALA N 1 79.28 -13.18 93.37
C ALA N 1 78.10 -12.41 92.80
N GLN N 2 77.01 -12.31 93.56
CA GLN N 2 76.00 -11.32 93.20
C GLN N 2 76.64 -9.95 93.28
N ILE N 3 76.26 -9.06 92.36
CA ILE N 3 76.86 -7.75 92.36
C ILE N 3 76.56 -7.05 93.69
N ALA N 4 77.58 -6.42 94.25
CA ALA N 4 77.43 -5.74 95.52
C ALA N 4 78.50 -4.66 95.59
N ASN N 5 78.43 -3.86 96.64
CA ASN N 5 79.35 -2.76 96.83
C ASN N 5 80.80 -3.24 96.72
N LEU N 6 81.67 -2.33 96.32
CA LEU N 6 83.07 -2.67 96.09
C LEU N 6 83.96 -1.65 96.79
N ILE N 7 84.93 -2.10 97.58
CA ILE N 7 85.70 -1.19 98.42
C ILE N 7 87.17 -1.29 98.02
N LEU N 8 87.72 -0.17 97.52
CA LEU N 8 89.10 -0.12 97.04
C LEU N 8 89.84 1.00 97.77
N ALA N 9 91.07 0.70 98.21
CA ALA N 9 91.85 1.65 99.00
C ALA N 9 92.79 2.44 98.09
N ASP N 10 92.73 3.77 98.21
CA ASP N 10 93.64 4.64 97.47
C ASP N 10 95.07 4.56 98.03
N GLY N 11 96.02 5.05 97.23
CA GLY N 11 97.40 5.07 97.64
C GLY N 11 97.77 6.36 98.32
N GLN N 12 97.92 6.30 99.63
CA GLN N 12 98.38 7.43 100.43
C GLN N 12 99.30 6.88 101.50
N ALA N 13 99.83 7.78 102.32
CA ALA N 13 100.53 7.36 103.52
C ALA N 13 99.64 6.42 104.33
N THR N 14 98.46 6.89 104.67
CA THR N 14 97.45 6.04 105.27
C THR N 14 96.38 5.91 104.20
N PRO N 15 96.28 4.76 103.53
CA PRO N 15 95.26 4.59 102.51
C PRO N 15 93.86 4.75 103.08
N ALA N 16 92.97 5.28 102.26
CA ALA N 16 91.60 5.56 102.64
C ALA N 16 90.66 4.70 101.78
N ASN N 17 89.82 3.89 102.42
CA ASN N 17 88.87 3.07 101.67
C ASN N 17 87.88 3.95 100.93
N HIS N 18 87.65 3.63 99.67
CA HIS N 18 86.66 4.31 98.84
C HIS N 18 85.65 3.28 98.35
N THR N 19 84.37 3.60 98.49
CA THR N 19 83.29 2.68 98.20
C THR N 19 82.75 2.90 96.79
N PHE N 20 82.22 1.83 96.21
CA PHE N 20 81.73 1.78 94.82
C PHE N 20 80.34 1.15 94.84
N VAL N 21 79.32 1.98 94.66
CA VAL N 21 77.94 1.49 94.55
C VAL N 21 77.80 0.75 93.21
N PRO N 22 77.09 -0.37 93.15
CA PRO N 22 76.81 -0.98 91.86
C PRO N 22 75.77 -0.21 91.07
N MET N 23 75.94 -0.23 89.75
CA MET N 23 75.04 0.44 88.82
C MET N 23 74.20 -0.53 88.02
N GLN N 24 74.80 -1.59 87.47
CA GLN N 24 74.04 -2.64 86.80
C GLN N 24 74.85 -3.92 86.85
N PRO N 25 74.20 -5.07 86.91
CA PRO N 25 74.92 -6.33 86.96
C PRO N 25 75.49 -6.63 85.58
N GLN N 26 76.14 -7.77 85.48
CA GLN N 26 76.70 -8.22 84.21
C GLN N 26 75.66 -9.01 83.44
N THR N 27 75.51 -8.67 82.17
CA THR N 27 74.57 -9.28 81.24
C THR N 27 75.36 -9.90 80.10
N GLY N 28 74.68 -10.54 79.16
CA GLY N 28 75.36 -11.12 78.02
C GLY N 28 76.06 -10.10 77.14
N ILE N 29 75.56 -8.86 77.10
CA ILE N 29 76.16 -7.82 76.27
C ILE N 29 76.71 -6.65 77.07
N THR N 30 76.21 -6.40 78.28
CA THR N 30 76.67 -5.29 79.09
C THR N 30 77.52 -5.78 80.26
N PRO N 31 78.62 -5.10 80.57
CA PRO N 31 79.47 -5.53 81.70
C PRO N 31 79.03 -4.93 83.03
N SER N 32 79.22 -5.71 84.09
CA SER N 32 78.89 -5.23 85.42
C SER N 32 79.75 -4.02 85.76
N GLN N 33 79.16 -3.01 86.39
CA GLN N 33 79.92 -1.79 86.63
C GLN N 33 79.44 -1.07 87.89
N TRP N 34 80.40 -0.43 88.57
CA TRP N 34 80.24 0.31 89.82
C TRP N 34 80.62 1.77 89.62
N LEU N 35 80.36 2.59 90.65
CA LEU N 35 80.56 4.04 90.62
C LEU N 35 81.03 4.52 91.99
N ASN N 36 81.96 5.49 91.99
CA ASN N 36 82.51 5.98 93.26
C ASN N 36 81.52 6.90 93.97
N LYS N 37 80.99 7.90 93.27
CA LYS N 37 79.96 8.79 93.80
C LYS N 37 80.45 9.62 94.97
N GLU N 38 81.72 10.03 94.91
CA GLU N 38 82.29 10.87 95.95
C GLU N 38 82.35 12.34 95.58
N ALA N 39 82.98 12.69 94.46
CA ALA N 39 83.07 14.10 94.09
C ALA N 39 81.68 14.65 93.77
N ALA N 40 81.51 15.96 93.95
CA ALA N 40 80.19 16.56 93.79
C ALA N 40 79.73 16.52 92.34
N SER N 41 80.67 16.64 91.41
CA SER N 41 80.35 16.69 89.99
C SER N 41 80.14 15.29 89.41
N ASN N 42 79.20 15.18 88.48
CA ASN N 42 79.01 13.93 87.77
C ASN N 42 80.30 13.41 87.15
N ILE N 43 81.20 14.32 86.77
CA ILE N 43 82.43 13.91 86.11
C ILE N 43 83.37 13.21 87.08
N GLY N 44 83.50 13.75 88.30
CA GLY N 44 84.44 13.26 89.30
C GLY N 44 84.14 11.89 89.86
N TYR N 45 82.98 11.31 89.56
CA TYR N 45 82.72 9.94 89.98
C TYR N 45 83.71 9.01 89.30
N ARG N 46 84.23 8.04 90.06
CA ARG N 46 85.18 7.06 89.54
C ARG N 46 84.46 5.76 89.25
N LYS N 47 84.73 5.17 88.09
CA LYS N 47 83.98 3.99 87.68
C LYS N 47 84.89 2.79 87.57
N VAL N 48 84.30 1.61 87.74
CA VAL N 48 85.01 0.33 87.66
C VAL N 48 84.08 -0.63 86.97
N SER N 49 84.50 -1.16 85.82
CA SER N 49 83.65 -2.09 85.09
C SER N 49 84.42 -3.37 84.78
N MET N 50 83.67 -4.47 84.65
CA MET N 50 84.23 -5.80 84.55
C MET N 50 83.28 -6.67 83.72
N PHE N 51 83.86 -7.58 82.92
CA PHE N 51 83.07 -8.50 82.11
C PHE N 51 83.78 -9.84 81.97
N VAL N 52 83.04 -10.93 82.18
CA VAL N 52 83.56 -12.29 82.22
C VAL N 52 82.93 -13.05 81.06
N LYS N 53 83.61 -13.10 79.91
CA LYS N 53 83.11 -13.82 78.73
C LYS N 53 83.56 -15.27 78.81
N TYR N 54 82.62 -16.18 79.07
CA TYR N 54 82.88 -17.61 79.13
C TYR N 54 82.74 -18.22 77.73
N VAL N 55 83.81 -18.83 77.25
CA VAL N 55 83.81 -19.50 75.95
C VAL N 55 84.07 -20.98 76.22
N SER N 56 83.01 -21.79 76.10
CA SER N 56 83.09 -23.18 76.55
C SER N 56 84.08 -24.01 75.73
N ASN N 57 84.30 -23.64 74.47
CA ASN N 57 85.38 -24.25 73.66
C ASN N 57 86.15 -23.11 72.99
N GLY N 58 87.10 -22.55 73.72
CA GLY N 58 87.90 -21.45 73.21
C GLY N 58 88.47 -20.64 74.36
N THR N 59 88.91 -19.44 74.01
CA THR N 59 89.62 -18.56 74.93
C THR N 59 88.62 -17.69 75.67
N SER N 60 88.32 -18.05 76.92
CA SER N 60 87.52 -17.19 77.78
C SER N 60 88.31 -15.94 78.13
N LYS N 61 87.60 -14.86 78.48
CA LYS N 61 88.26 -13.58 78.70
C LYS N 61 87.60 -12.78 79.82
N VAL N 62 88.40 -12.40 80.83
CA VAL N 62 87.98 -11.48 81.88
C VAL N 62 88.57 -10.11 81.60
N THR N 63 87.73 -9.09 81.55
CA THR N 63 88.14 -7.73 81.19
C THR N 63 87.76 -6.77 82.30
N ILE N 64 88.70 -5.91 82.68
CA ILE N 64 88.53 -4.98 83.79
C ILE N 64 89.04 -3.61 83.38
N ARG N 65 88.28 -2.56 83.72
CA ARG N 65 88.77 -1.21 83.49
C ARG N 65 88.34 -0.28 84.61
N ILE N 66 89.29 0.54 85.06
CA ILE N 66 89.16 1.43 86.20
C ILE N 66 89.44 2.84 85.74
N ALA N 67 88.56 3.79 86.08
CA ALA N 67 88.69 5.18 85.64
C ALA N 67 88.59 6.10 86.85
N ASP N 68 89.64 6.91 87.05
CA ASP N 68 89.73 7.88 88.14
C ASP N 68 89.87 9.28 87.54
N PRO N 69 88.80 10.07 87.49
CA PRO N 69 88.91 11.45 86.99
C PRO N 69 89.66 12.31 87.99
N VAL N 70 90.77 12.91 87.53
CA VAL N 70 91.51 13.84 88.37
C VAL N 70 91.30 15.25 87.83
N LEU N 71 90.23 15.89 88.27
CA LEU N 71 89.96 17.25 87.83
C LEU N 71 90.70 18.28 88.66
N ALA N 72 91.10 17.91 89.89
CA ALA N 72 91.93 18.78 90.69
C ALA N 72 93.23 19.11 89.96
N SER N 73 93.77 18.13 89.24
CA SER N 73 95.03 18.32 88.54
C SER N 73 94.91 19.20 87.30
N VAL N 74 93.69 19.49 86.86
CA VAL N 74 93.49 20.31 85.64
C VAL N 74 93.83 21.77 85.96
N PRO N 75 94.59 22.46 85.11
CA PRO N 75 94.84 23.88 85.36
C PRO N 75 93.56 24.68 85.37
N ALA N 76 93.58 25.79 86.11
CA ALA N 76 92.39 26.63 86.21
C ALA N 76 92.04 27.25 84.86
N GLY N 77 93.04 27.53 84.03
CA GLY N 77 92.79 28.17 82.76
C GLY N 77 92.11 27.28 81.73
N CYS N 78 92.31 25.96 81.83
CA CYS N 78 91.72 25.03 80.89
C CYS N 78 90.29 24.71 81.29
N CYS N 79 89.38 24.81 80.33
CA CYS N 79 87.98 24.46 80.53
C CYS N 79 87.76 22.99 80.14
N VAL N 80 86.95 22.30 80.93
CA VAL N 80 86.60 20.91 80.69
C VAL N 80 85.12 20.85 80.33
N ASP N 81 84.82 20.34 79.14
CA ASP N 81 83.46 20.20 78.64
C ASP N 81 83.33 18.87 77.92
N THR N 82 82.13 18.59 77.39
CA THR N 82 81.86 17.29 76.79
C THR N 82 82.88 16.94 75.71
N ASN N 83 83.38 17.96 75.01
CA ASN N 83 84.34 17.75 73.93
C ASN N 83 85.76 17.49 74.42
N THR N 84 86.06 17.71 75.70
CA THR N 84 87.40 17.41 76.20
C THR N 84 87.60 15.89 76.16
N PRO N 85 88.70 15.42 75.55
CA PRO N 85 88.94 13.97 75.51
C PRO N 85 89.15 13.40 76.90
N GLN N 86 88.56 12.24 77.15
CA GLN N 86 88.60 11.67 78.49
C GLN N 86 90.04 11.43 78.94
N VAL N 87 90.87 10.88 78.05
CA VAL N 87 92.19 10.36 78.44
C VAL N 87 93.12 11.51 78.81
N ALA N 88 92.62 12.73 78.73
CA ALA N 88 93.40 13.89 79.10
C ALA N 88 93.11 14.38 80.52
N TYR N 89 91.97 14.03 81.12
CA TYR N 89 91.64 14.54 82.45
C TYR N 89 91.31 13.43 83.45
N SER N 90 91.80 12.21 83.21
CA SER N 90 91.55 11.11 84.15
C SER N 90 92.53 9.99 83.90
N THR N 91 92.85 9.26 84.95
CA THR N 91 93.74 8.10 84.87
C THR N 91 92.91 6.84 84.60
N PHE N 92 93.53 5.89 83.90
CA PHE N 92 92.84 4.68 83.45
C PHE N 92 93.70 3.44 83.63
N PHE N 93 93.07 2.32 84.01
CA PHE N 93 93.74 1.03 84.08
C PHE N 93 92.87 -0.03 83.40
N GLU N 94 93.43 -0.73 82.41
CA GLU N 94 92.66 -1.72 81.67
C GLU N 94 93.45 -3.02 81.58
N CYS N 95 92.87 -4.12 82.07
CA CYS N 95 93.51 -5.43 81.99
C CYS N 95 92.56 -6.47 81.42
N THR N 96 93.14 -7.51 80.82
CA THR N 96 92.42 -8.63 80.24
C THR N 96 93.16 -9.92 80.53
N PHE N 97 92.49 -10.83 81.22
CA PHE N 97 92.94 -12.21 81.40
C PHE N 97 92.36 -13.07 80.27
N SER N 98 93.24 -13.79 79.58
CA SER N 98 92.84 -14.74 78.54
C SER N 98 93.12 -16.14 79.05
N VAL N 99 92.06 -16.94 79.18
CA VAL N 99 92.12 -18.29 79.75
C VAL N 99 91.61 -19.29 78.72
N PRO N 100 92.46 -20.12 78.12
CA PRO N 100 91.96 -21.09 77.16
C PRO N 100 91.15 -22.18 77.83
N TYR N 101 90.20 -22.74 77.07
CA TYR N 101 89.49 -23.91 77.55
C TYR N 101 90.50 -25.01 77.87
N GLY N 102 90.18 -25.85 78.84
CA GLY N 102 91.12 -26.89 79.19
C GLY N 102 92.25 -26.41 80.08
N ALA N 103 92.11 -25.25 80.70
CA ALA N 103 93.12 -24.77 81.62
C ALA N 103 92.83 -25.35 82.99
N THR N 104 93.85 -25.94 83.61
CA THR N 104 93.64 -26.49 84.92
C THR N 104 93.28 -25.37 85.90
N LEU N 105 92.51 -25.73 86.91
CA LEU N 105 92.25 -24.80 88.00
C LEU N 105 93.55 -24.19 88.50
N GLN N 106 94.61 -24.98 88.50
CA GLN N 106 95.90 -24.50 88.93
C GLN N 106 96.48 -23.50 87.94
N ASN N 107 96.22 -23.67 86.64
CA ASN N 107 96.68 -22.67 85.66
C ASN N 107 95.97 -21.34 85.86
N LYS N 108 94.66 -21.37 86.17
CA LYS N 108 93.92 -20.14 86.43
C LYS N 108 94.43 -19.43 87.68
N LYS N 109 94.55 -20.17 88.79
CA LYS N 109 95.16 -19.63 90.00
C LYS N 109 96.55 -19.08 89.72
N ASP N 110 97.33 -19.82 88.93
CA ASP N 110 98.69 -19.41 88.63
C ASP N 110 98.70 -18.04 87.99
N ILE N 111 97.95 -17.86 86.91
CA ILE N 111 98.09 -16.59 86.21
C ILE N 111 97.50 -15.45 87.03
N LEU N 112 96.44 -15.70 87.81
CA LEU N 112 95.97 -14.66 88.70
C LEU N 112 97.09 -14.21 89.64
N ALA N 113 97.79 -15.19 90.23
CA ALA N 113 98.85 -14.86 91.18
C ALA N 113 100.02 -14.16 90.50
N TYR N 114 100.39 -14.59 89.30
CA TYR N 114 101.49 -13.94 88.60
C TYR N 114 101.17 -12.49 88.33
N ALA N 115 99.94 -12.22 87.87
CA ALA N 115 99.53 -10.84 87.61
C ALA N 115 99.58 -10.00 88.89
N ARG N 116 99.02 -10.53 89.98
CA ARG N 116 98.93 -9.73 91.19
C ARG N 116 100.32 -9.48 91.79
N ASN N 117 101.17 -10.50 91.82
CA ASN N 117 102.53 -10.33 92.33
C ASN N 117 103.33 -9.37 91.45
N LEU N 118 103.15 -9.46 90.13
CA LEU N 118 103.89 -8.57 89.24
C LEU N 118 103.49 -7.11 89.45
N LEU N 119 102.19 -6.84 89.54
CA LEU N 119 101.77 -5.48 89.84
C LEU N 119 102.17 -5.04 91.24
N GLY N 120 102.38 -5.99 92.16
CA GLY N 120 102.95 -5.62 93.44
C GLY N 120 104.44 -5.35 93.41
N THR N 121 105.15 -5.83 92.37
CA THR N 121 106.60 -5.70 92.34
C THR N 121 107.05 -4.24 92.39
N GLN N 122 108.25 -4.05 92.94
CA GLN N 122 108.80 -2.71 93.01
C GLN N 122 109.06 -2.14 91.62
N VAL N 123 109.44 -2.97 90.66
CA VAL N 123 109.72 -2.44 89.33
C VAL N 123 108.46 -1.84 88.73
N VAL N 124 107.32 -2.51 88.92
CA VAL N 124 106.05 -1.99 88.42
C VAL N 124 105.64 -0.73 89.17
N THR N 125 105.73 -0.76 90.51
CA THR N 125 105.41 0.43 91.30
C THR N 125 106.23 1.63 90.85
N ASP N 126 107.53 1.41 90.67
CA ASP N 126 108.46 2.44 90.24
C ASP N 126 108.12 2.95 88.85
N ALA N 127 107.76 2.05 87.93
CA ALA N 127 107.48 2.43 86.56
C ALA N 127 106.19 3.22 86.43
N VAL N 128 105.17 2.87 87.22
CA VAL N 128 103.90 3.56 87.10
C VAL N 128 103.90 4.90 87.81
N VAL N 129 104.53 4.96 88.99
CA VAL N 129 104.53 6.23 89.74
C VAL N 129 105.64 7.16 89.24
N ASP N 130 106.89 6.69 89.28
CA ASP N 130 108.01 7.55 88.93
C ASP N 130 108.33 7.52 87.44
N MET N 131 107.54 6.81 86.63
CA MET N 131 107.70 6.76 85.18
C MET N 131 109.03 6.15 84.77
N THR N 132 109.69 5.41 85.67
CA THR N 132 111.04 4.94 85.42
C THR N 132 110.98 3.50 84.92
N PRO N 133 111.44 3.22 83.69
CA PRO N 133 111.33 1.86 83.14
C PRO N 133 112.52 0.97 83.48
N ALA N 134 112.52 -0.23 82.91
CA ALA N 134 113.61 -1.20 83.10
C ALA N 134 114.52 -1.16 81.87
N TRP N 135 115.69 -0.55 82.02
CA TRP N 135 116.60 -0.31 80.88
C TRP N 135 117.84 -1.20 80.89
N ALA O 1 62.08 -13.04 89.76
CA ALA O 1 63.19 -13.96 89.99
C ALA O 1 64.50 -13.38 89.49
N GLN O 2 65.29 -12.74 90.38
CA GLN O 2 66.65 -12.44 89.98
C GLN O 2 67.46 -13.73 89.92
N ILE O 3 68.42 -13.76 89.00
CA ILE O 3 69.18 -14.98 88.80
C ILE O 3 70.00 -15.26 90.05
N ALA O 4 70.06 -16.53 90.42
CA ALA O 4 70.83 -16.95 91.58
C ALA O 4 71.21 -18.41 91.39
N ASN O 5 72.02 -18.91 92.32
CA ASN O 5 72.55 -20.26 92.22
C ASN O 5 71.42 -21.27 92.01
N LEU O 6 71.77 -22.41 91.41
CA LEU O 6 70.77 -23.45 91.13
C LEU O 6 71.30 -24.80 91.56
N ILE O 7 70.55 -25.52 92.39
CA ILE O 7 71.01 -26.78 92.97
C ILE O 7 70.14 -27.92 92.46
N LEU O 8 70.77 -28.93 91.86
CA LEU O 8 70.09 -30.05 91.22
C LEU O 8 70.71 -31.36 91.68
N ALA O 9 69.86 -32.34 92.00
CA ALA O 9 70.33 -33.62 92.56
C ALA O 9 70.56 -34.62 91.44
N ASP O 10 71.75 -35.20 91.39
CA ASP O 10 72.05 -36.22 90.40
C ASP O 10 71.34 -37.53 90.74
N GLY O 11 71.28 -38.41 89.75
CA GLY O 11 70.67 -39.71 89.93
C GLY O 11 71.68 -40.74 90.37
N GLN O 12 71.56 -41.17 91.62
CA GLN O 12 72.44 -42.17 92.19
C GLN O 12 71.63 -42.96 93.19
N ALA O 13 72.27 -44.00 93.76
CA ALA O 13 71.68 -44.67 94.90
C ALA O 13 71.34 -43.66 95.98
N THR O 14 72.29 -42.83 96.35
CA THR O 14 72.03 -41.67 97.18
C THR O 14 72.33 -40.45 96.32
N PRO O 15 71.34 -39.63 95.99
CA PRO O 15 71.61 -38.45 95.16
C PRO O 15 72.50 -37.46 95.90
N ALA O 16 73.33 -36.77 95.12
CA ALA O 16 74.24 -35.77 95.65
C ALA O 16 73.95 -34.42 94.99
N ASN O 17 73.74 -33.39 95.79
CA ASN O 17 73.42 -32.08 95.25
C ASN O 17 74.59 -31.52 94.45
N HIS O 18 74.29 -31.00 93.26
CA HIS O 18 75.26 -30.35 92.40
C HIS O 18 74.86 -28.90 92.22
N THR O 19 75.82 -27.99 92.33
CA THR O 19 75.53 -26.57 92.28
C THR O 19 75.85 -26.00 90.90
N PHE O 20 75.10 -24.95 90.53
CA PHE O 20 75.15 -24.33 89.20
C PHE O 20 75.26 -22.82 89.41
N VAL O 21 76.48 -22.32 89.22
CA VAL O 21 76.71 -20.87 89.31
C VAL O 21 76.14 -20.21 88.07
N PRO O 22 75.41 -19.10 88.20
CA PRO O 22 74.90 -18.42 87.00
C PRO O 22 76.03 -17.80 86.18
N MET O 23 75.85 -17.83 84.86
CA MET O 23 76.73 -17.14 83.91
C MET O 23 76.05 -15.97 83.22
N GLN O 24 74.76 -16.06 82.98
CA GLN O 24 74.13 -15.15 82.04
C GLN O 24 72.67 -14.98 82.43
N PRO O 25 72.23 -13.77 82.72
CA PRO O 25 70.79 -13.55 82.91
C PRO O 25 70.06 -13.38 81.58
N GLN O 26 68.78 -13.72 81.59
CA GLN O 26 67.95 -13.60 80.40
C GLN O 26 67.67 -12.14 80.10
N THR O 27 68.00 -11.71 78.88
CA THR O 27 67.79 -10.34 78.42
C THR O 27 67.68 -10.39 76.90
N GLY O 28 66.56 -9.93 76.37
CA GLY O 28 66.38 -9.97 74.92
C GLY O 28 66.30 -11.40 74.43
N ILE O 29 67.16 -11.74 73.46
CA ILE O 29 67.21 -13.11 72.96
C ILE O 29 68.07 -14.00 73.85
N THR O 30 69.06 -13.42 74.52
CA THR O 30 69.99 -14.19 75.32
C THR O 30 69.29 -14.82 76.53
N PRO O 31 69.35 -16.15 76.71
CA PRO O 31 68.60 -16.79 77.79
C PRO O 31 69.42 -16.96 79.06
N SER O 32 68.72 -17.07 80.19
CA SER O 32 69.40 -17.29 81.45
C SER O 32 70.12 -18.63 81.41
N GLN O 33 71.34 -18.69 81.95
CA GLN O 33 72.07 -19.95 81.93
C GLN O 33 73.06 -20.05 83.11
N TRP O 34 73.14 -21.27 83.66
CA TRP O 34 73.99 -21.64 84.78
C TRP O 34 74.95 -22.75 84.37
N LEU O 35 76.06 -22.89 85.10
CA LEU O 35 77.13 -23.83 84.80
C LEU O 35 77.48 -24.65 86.03
N ASN O 36 77.89 -25.92 85.81
CA ASN O 36 78.11 -26.84 86.94
C ASN O 36 79.45 -26.59 87.63
N LYS O 37 80.53 -26.41 86.85
CA LYS O 37 81.87 -26.02 87.36
C LYS O 37 82.58 -27.15 88.12
N GLU O 38 82.36 -28.39 87.69
CA GLU O 38 82.99 -29.50 88.41
C GLU O 38 84.16 -30.14 87.66
N ALA O 39 84.01 -30.42 86.38
CA ALA O 39 85.14 -30.98 85.64
C ALA O 39 86.25 -29.93 85.54
N ALA O 40 87.49 -30.42 85.35
CA ALA O 40 88.66 -29.56 85.51
C ALA O 40 88.79 -28.54 84.39
N SER O 41 88.52 -28.96 83.16
CA SER O 41 88.62 -28.11 81.98
C SER O 41 87.35 -27.31 81.78
N ASN O 42 87.49 -26.18 81.09
CA ASN O 42 86.32 -25.33 80.83
C ASN O 42 85.24 -26.03 80.04
N ILE O 43 85.58 -27.12 79.33
CA ILE O 43 84.61 -27.80 78.49
C ILE O 43 83.64 -28.64 79.31
N GLY O 44 84.13 -29.29 80.35
CA GLY O 44 83.34 -30.29 81.08
C GLY O 44 82.22 -29.69 81.89
N TYR O 45 82.28 -28.38 82.15
CA TYR O 45 81.22 -27.68 82.87
C TYR O 45 79.87 -28.02 82.27
N ARG O 46 78.94 -28.46 83.11
CA ARG O 46 77.59 -28.79 82.65
C ARG O 46 76.75 -27.52 82.60
N LYS O 47 75.81 -27.46 81.65
CA LYS O 47 75.12 -26.20 81.40
C LYS O 47 73.61 -26.37 81.44
N VAL O 48 72.95 -25.48 82.16
CA VAL O 48 71.49 -25.42 82.20
C VAL O 48 71.07 -24.06 81.65
N SER O 49 70.08 -24.04 80.76
CA SER O 49 69.66 -22.74 80.25
C SER O 49 68.16 -22.74 80.02
N MET O 50 67.57 -21.55 80.16
CA MET O 50 66.13 -21.35 80.11
C MET O 50 65.82 -19.98 79.51
N PHE O 51 64.72 -19.92 78.77
CA PHE O 51 64.22 -18.68 78.18
C PHE O 51 62.71 -18.61 78.30
N VAL O 52 62.21 -17.53 78.88
CA VAL O 52 60.79 -17.32 79.10
C VAL O 52 60.33 -16.23 78.13
N LYS O 53 59.61 -16.62 77.08
CA LYS O 53 59.02 -15.68 76.12
C LYS O 53 57.56 -15.45 76.50
N TYR O 54 57.29 -14.31 77.11
CA TYR O 54 55.92 -13.92 77.45
C TYR O 54 55.30 -13.21 76.26
N VAL O 55 54.29 -13.82 75.66
CA VAL O 55 53.55 -13.22 74.56
C VAL O 55 52.21 -12.75 75.13
N SER O 56 52.03 -11.42 75.19
CA SER O 56 50.89 -10.85 75.91
C SER O 56 49.56 -11.26 75.28
N ASN O 57 49.54 -11.51 73.97
CA ASN O 57 48.34 -12.02 73.28
C ASN O 57 48.79 -13.12 72.32
N GLY O 58 48.84 -14.35 72.81
CA GLY O 58 49.27 -15.47 72.01
C GLY O 58 49.83 -16.57 72.88
N THR O 59 50.58 -17.47 72.25
CA THR O 59 51.13 -18.64 72.92
C THR O 59 52.50 -18.28 73.49
N SER O 60 52.56 -18.13 74.81
CA SER O 60 53.83 -17.90 75.49
C SER O 60 54.59 -19.22 75.62
N LYS O 61 55.92 -19.11 75.74
CA LYS O 61 56.78 -20.30 75.61
C LYS O 61 57.95 -20.24 76.58
N VAL O 62 58.05 -21.26 77.43
CA VAL O 62 59.21 -21.45 78.31
C VAL O 62 60.05 -22.58 77.72
N THR O 63 61.33 -22.33 77.49
CA THR O 63 62.22 -23.29 76.86
C THR O 63 63.41 -23.59 77.77
N ILE O 64 63.73 -24.87 77.93
CA ILE O 64 64.75 -25.30 78.89
C ILE O 64 65.62 -26.37 78.23
N ARG O 65 66.93 -26.33 78.51
CA ARG O 65 67.85 -27.35 78.02
C ARG O 65 68.97 -27.60 79.04
N ILE O 66 69.27 -28.86 79.25
CA ILE O 66 70.27 -29.34 80.20
C ILE O 66 71.30 -30.17 79.42
N ALA O 67 72.57 -29.81 79.57
CA ALA O 67 73.67 -30.45 78.83
C ALA O 67 74.69 -30.99 79.82
N ASP O 68 74.83 -32.33 79.83
CA ASP O 68 75.71 -33.10 80.70
C ASP O 68 76.82 -33.67 79.82
N PRO O 69 77.92 -32.96 79.66
CA PRO O 69 79.04 -33.48 78.86
C PRO O 69 79.99 -34.30 79.71
N VAL O 70 80.65 -35.27 79.05
CA VAL O 70 81.66 -36.09 79.70
C VAL O 70 82.94 -36.04 78.87
N LEU O 71 84.04 -35.67 79.53
CA LEU O 71 85.32 -35.54 78.85
C LEU O 71 85.86 -36.91 78.44
N ALA O 72 86.52 -36.95 77.28
CA ALA O 72 87.08 -38.20 76.78
C ALA O 72 88.43 -38.47 77.44
N SER O 73 88.66 -39.75 77.75
CA SER O 73 89.97 -40.22 78.18
C SER O 73 90.55 -41.03 77.04
N VAL O 74 91.57 -40.49 76.38
CA VAL O 74 92.13 -41.10 75.18
C VAL O 74 93.02 -42.26 75.59
N PRO O 75 93.24 -43.25 74.72
CA PRO O 75 94.24 -44.27 74.99
C PRO O 75 95.60 -43.81 74.52
N ALA O 76 96.62 -44.59 74.86
CA ALA O 76 97.99 -44.22 74.52
C ALA O 76 98.19 -44.11 73.01
N GLY O 77 97.38 -44.83 72.23
CA GLY O 77 97.70 -45.01 70.82
C GLY O 77 97.57 -43.75 69.99
N CYS O 78 96.50 -42.98 70.21
CA CYS O 78 96.25 -41.85 69.33
C CYS O 78 97.14 -40.64 69.64
N CYS O 79 97.70 -40.57 70.85
CA CYS O 79 98.74 -39.63 71.20
C CYS O 79 98.30 -38.18 71.13
N VAL O 80 97.02 -37.90 71.34
CA VAL O 80 96.63 -36.54 71.65
C VAL O 80 97.21 -36.18 73.01
N ASP O 81 97.82 -35.01 73.11
CA ASP O 81 98.49 -34.61 74.34
C ASP O 81 97.53 -34.67 75.52
N THR O 82 98.03 -35.19 76.64
CA THR O 82 97.24 -35.25 77.87
C THR O 82 96.60 -33.90 78.19
N ASN O 83 97.24 -32.80 77.77
CA ASN O 83 96.85 -31.48 78.23
C ASN O 83 95.65 -30.91 77.48
N THR O 84 95.43 -31.32 76.23
CA THR O 84 94.30 -30.81 75.45
C THR O 84 93.12 -31.76 75.55
N PRO O 85 92.12 -31.47 76.38
CA PRO O 85 90.98 -32.38 76.49
C PRO O 85 89.98 -32.13 75.38
N GLN O 86 89.22 -33.18 75.08
CA GLN O 86 88.12 -33.09 74.13
C GLN O 86 86.89 -33.71 74.78
N VAL O 87 85.72 -33.21 74.39
CA VAL O 87 84.46 -33.74 74.91
C VAL O 87 84.11 -34.99 74.12
N ALA O 88 83.88 -36.09 74.84
CA ALA O 88 83.59 -37.37 74.19
C ALA O 88 82.15 -37.40 73.67
N TYR O 89 81.21 -37.02 74.52
CA TYR O 89 79.79 -37.08 74.26
C TYR O 89 79.11 -36.28 75.35
N SER O 90 77.82 -35.99 75.14
CA SER O 90 77.04 -35.25 76.13
C SER O 90 75.57 -35.64 76.01
N THR O 91 74.95 -35.88 77.15
CA THR O 91 73.52 -36.13 77.20
C THR O 91 72.77 -34.80 77.22
N PHE O 92 71.61 -34.76 76.57
CA PHE O 92 70.84 -33.52 76.43
C PHE O 92 69.39 -33.73 76.83
N PHE O 93 68.82 -32.74 77.53
CA PHE O 93 67.39 -32.70 77.80
C PHE O 93 66.83 -31.36 77.37
N GLU O 94 65.83 -31.35 76.50
CA GLU O 94 65.27 -30.10 76.00
C GLU O 94 63.75 -30.16 76.04
N CYS O 95 63.15 -29.25 76.79
CA CYS O 95 61.69 -29.19 76.94
C CYS O 95 61.18 -27.79 76.62
N THR O 96 59.90 -27.73 76.26
CA THR O 96 59.20 -26.49 75.95
C THR O 96 57.78 -26.56 76.48
N PHE O 97 57.43 -25.60 77.33
CA PHE O 97 56.07 -25.38 77.79
C PHE O 97 55.42 -24.32 76.89
N SER O 98 54.23 -24.64 76.36
CA SER O 98 53.41 -23.71 75.58
C SER O 98 52.17 -23.38 76.38
N VAL O 99 52.02 -22.10 76.74
CA VAL O 99 50.92 -21.59 77.54
C VAL O 99 50.13 -20.58 76.73
N PRO O 100 48.91 -20.89 76.30
CA PRO O 100 48.15 -19.96 75.46
C PRO O 100 47.67 -18.75 76.26
N TYR O 101 47.10 -17.79 75.53
CA TYR O 101 46.72 -16.52 76.15
C TYR O 101 45.74 -16.74 77.30
N GLY O 102 44.70 -17.53 77.08
CA GLY O 102 43.59 -17.65 77.99
C GLY O 102 43.80 -18.59 79.15
N ALA O 103 45.02 -19.10 79.33
CA ALA O 103 45.26 -20.18 80.27
C ALA O 103 45.04 -19.73 81.70
N THR O 104 44.33 -20.55 82.46
CA THR O 104 44.17 -20.26 83.88
C THR O 104 45.49 -20.44 84.62
N LEU O 105 45.65 -19.67 85.69
CA LEU O 105 46.79 -19.90 86.56
C LEU O 105 46.78 -21.31 87.10
N GLN O 106 45.59 -21.81 87.42
CA GLN O 106 45.48 -23.20 87.83
C GLN O 106 45.92 -24.15 86.71
N ASN O 107 45.67 -23.79 85.45
CA ASN O 107 46.11 -24.60 84.31
C ASN O 107 47.63 -24.63 84.20
N LYS O 108 48.28 -23.48 84.42
CA LYS O 108 49.73 -23.43 84.44
C LYS O 108 50.31 -24.34 85.51
N LYS O 109 49.78 -24.21 86.74
CA LYS O 109 50.14 -25.13 87.82
C LYS O 109 49.95 -26.58 87.39
N ASP O 110 48.79 -26.88 86.81
CA ASP O 110 48.47 -28.24 86.39
C ASP O 110 49.54 -28.79 85.47
N ILE O 111 49.86 -28.08 84.39
CA ILE O 111 50.75 -28.68 83.39
C ILE O 111 52.16 -28.80 83.93
N LEU O 112 52.62 -27.83 84.73
CA LEU O 112 53.94 -28.01 85.34
C LEU O 112 53.97 -29.27 86.20
N ALA O 113 52.90 -29.50 86.97
CA ALA O 113 52.87 -30.68 87.82
C ALA O 113 52.80 -31.97 87.00
N TYR O 114 52.04 -31.96 85.90
CA TYR O 114 51.97 -33.15 85.06
C TYR O 114 53.33 -33.48 84.47
N ALA O 115 54.07 -32.46 84.05
CA ALA O 115 55.41 -32.67 83.52
C ALA O 115 56.33 -33.26 84.58
N ARG O 116 56.34 -32.66 85.78
CA ARG O 116 57.25 -33.13 86.82
C ARG O 116 56.91 -34.58 87.22
N ASN O 117 55.63 -34.85 87.45
CA ASN O 117 55.22 -36.20 87.85
C ASN O 117 55.50 -37.20 86.74
N LEU O 118 55.32 -36.81 85.47
CA LEU O 118 55.55 -37.73 84.37
C LEU O 118 57.02 -38.07 84.23
N LEU O 119 57.91 -37.10 84.45
CA LEU O 119 59.32 -37.43 84.54
C LEU O 119 59.63 -38.28 85.77
N GLY O 120 58.76 -38.22 86.78
CA GLY O 120 58.87 -39.16 87.88
C GLY O 120 58.41 -40.57 87.57
N THR O 121 57.53 -40.74 86.58
CA THR O 121 56.83 -42.01 86.39
C THR O 121 57.78 -43.16 86.07
N GLN O 122 57.33 -44.36 86.44
CA GLN O 122 58.13 -45.56 86.20
C GLN O 122 58.28 -45.83 84.71
N VAL O 123 57.25 -45.53 83.91
CA VAL O 123 57.35 -45.77 82.48
C VAL O 123 58.44 -44.92 81.86
N VAL O 124 58.51 -43.64 82.24
CA VAL O 124 59.50 -42.74 81.66
C VAL O 124 60.90 -43.09 82.17
N THR O 125 61.05 -43.37 83.47
CA THR O 125 62.36 -43.78 83.96
C THR O 125 62.84 -45.01 83.23
N ASP O 126 61.97 -46.01 83.09
CA ASP O 126 62.26 -47.22 82.32
C ASP O 126 62.70 -46.87 80.90
N ALA O 127 61.92 -46.04 80.21
CA ALA O 127 62.17 -45.76 78.80
C ALA O 127 63.49 -45.04 78.59
N VAL O 128 63.75 -44.00 79.40
CA VAL O 128 64.95 -43.19 79.21
C VAL O 128 66.21 -43.97 79.61
N VAL O 129 66.14 -44.80 80.65
CA VAL O 129 67.36 -45.45 81.10
C VAL O 129 67.65 -46.73 80.32
N ASP O 130 66.64 -47.58 80.08
CA ASP O 130 66.87 -48.86 79.43
C ASP O 130 66.47 -48.86 77.95
N MET O 131 66.06 -47.71 77.40
CA MET O 131 65.65 -47.61 76.00
C MET O 131 64.56 -48.61 75.65
N THR O 132 63.68 -48.86 76.62
CA THR O 132 62.58 -49.79 76.44
C THR O 132 61.30 -49.00 76.24
N PRO O 133 60.60 -49.17 75.13
CA PRO O 133 59.37 -48.40 74.91
C PRO O 133 58.22 -48.85 75.79
N ALA O 134 57.07 -48.22 75.62
CA ALA O 134 55.84 -48.67 76.28
C ALA O 134 55.03 -49.41 75.22
N TRP O 135 55.29 -50.72 75.10
CA TRP O 135 54.69 -51.54 74.05
C TRP O 135 53.31 -52.08 74.42
N ALA P 1 -35.58 -7.22 42.82
CA ALA P 1 -35.77 -8.59 42.34
C ALA P 1 -34.48 -9.40 42.42
N GLN P 2 -34.23 -10.04 43.56
CA GLN P 2 -33.23 -11.09 43.59
C GLN P 2 -33.60 -12.16 42.57
N ILE P 3 -32.59 -12.82 42.01
CA ILE P 3 -32.88 -13.84 41.02
C ILE P 3 -33.56 -15.02 41.70
N ALA P 4 -34.54 -15.59 41.01
CA ALA P 4 -35.30 -16.73 41.53
C ALA P 4 -35.95 -17.43 40.35
N ASN P 5 -36.63 -18.54 40.65
CA ASN P 5 -37.22 -19.40 39.64
C ASN P 5 -38.13 -18.62 38.69
N LEU P 6 -38.38 -19.17 37.51
CA LEU P 6 -39.22 -18.51 36.51
C LEU P 6 -40.20 -19.53 35.97
N ILE P 7 -41.48 -19.17 35.83
CA ILE P 7 -42.50 -20.12 35.42
C ILE P 7 -43.22 -19.57 34.19
N LEU P 8 -43.06 -20.25 33.06
CA LEU P 8 -43.61 -19.83 31.79
C LEU P 8 -44.49 -20.93 31.20
N ALA P 9 -45.65 -20.55 30.68
CA ALA P 9 -46.61 -21.52 30.18
C ALA P 9 -46.49 -21.66 28.66
N ASP P 10 -46.33 -22.89 28.20
CA ASP P 10 -46.27 -23.15 26.77
C ASP P 10 -47.66 -22.98 26.12
N GLY P 11 -47.66 -22.93 24.79
CA GLY P 11 -48.91 -22.80 24.08
C GLY P 11 -49.44 -24.14 23.64
N GLN P 12 -50.51 -24.61 24.29
CA GLN P 12 -51.17 -25.85 23.90
C GLN P 12 -52.66 -25.62 23.98
N ALA P 13 -53.41 -26.68 23.68
CA ALA P 13 -54.83 -26.67 23.99
C ALA P 13 -55.05 -26.26 25.44
N THR P 14 -54.40 -26.98 26.35
CA THR P 14 -54.30 -26.56 27.74
C THR P 14 -52.83 -26.29 28.00
N PRO P 15 -52.44 -25.05 28.27
CA PRO P 15 -51.03 -24.77 28.54
C PRO P 15 -50.54 -25.52 29.76
N ALA P 16 -49.32 -26.02 29.69
CA ALA P 16 -48.65 -26.67 30.80
C ALA P 16 -47.46 -25.83 31.26
N ASN P 17 -47.40 -25.54 32.55
CA ASN P 17 -46.36 -24.67 33.09
C ASN P 17 -44.99 -25.34 33.04
N HIS P 18 -43.97 -24.58 32.65
CA HIS P 18 -42.59 -25.04 32.62
C HIS P 18 -41.76 -24.13 33.52
N THR P 19 -40.84 -24.73 34.26
CA THR P 19 -40.08 -24.02 35.27
C THR P 19 -38.64 -23.86 34.83
N PHE P 20 -38.04 -22.75 35.25
CA PHE P 20 -36.71 -22.30 34.85
C PHE P 20 -35.90 -22.02 36.10
N VAL P 21 -34.92 -22.88 36.36
CA VAL P 21 -34.00 -22.68 37.49
C VAL P 21 -33.00 -21.59 37.13
N PRO P 22 -32.69 -20.68 38.04
CA PRO P 22 -31.64 -19.69 37.75
C PRO P 22 -30.26 -20.30 37.81
N MET P 23 -29.39 -19.85 36.90
CA MET P 23 -28.01 -20.33 36.82
C MET P 23 -26.98 -19.24 37.05
N GLN P 24 -27.16 -18.06 36.47
CA GLN P 24 -26.25 -16.95 36.69
C GLN P 24 -27.03 -15.65 36.78
N PRO P 25 -26.73 -14.80 37.75
CA PRO P 25 -27.40 -13.50 37.86
C PRO P 25 -26.66 -12.40 37.10
N GLN P 26 -27.27 -11.23 37.09
CA GLN P 26 -26.78 -10.08 36.36
C GLN P 26 -25.76 -9.33 37.20
N THR P 27 -24.48 -9.45 36.84
CA THR P 27 -23.43 -8.63 37.43
C THR P 27 -22.51 -8.21 36.30
N GLY P 28 -22.36 -6.90 36.12
CA GLY P 28 -21.48 -6.40 35.07
C GLY P 28 -22.05 -6.68 33.69
N ILE P 29 -21.22 -7.26 32.82
CA ILE P 29 -21.66 -7.57 31.46
C ILE P 29 -22.55 -8.81 31.44
N THR P 30 -22.32 -9.76 32.35
CA THR P 30 -23.03 -11.03 32.30
C THR P 30 -24.49 -10.83 32.66
N PRO P 31 -25.42 -11.38 31.87
CA PRO P 31 -26.85 -11.20 32.15
C PRO P 31 -27.46 -12.31 32.97
N SER P 32 -28.54 -11.97 33.68
CA SER P 32 -29.27 -12.98 34.44
C SER P 32 -29.85 -14.00 33.47
N GLN P 33 -29.86 -15.27 33.87
CA GLN P 33 -30.28 -16.32 32.94
C GLN P 33 -30.74 -17.57 33.68
N TRP P 34 -31.80 -18.19 33.13
CA TRP P 34 -32.49 -19.35 33.67
C TRP P 34 -32.50 -20.47 32.63
N LEU P 35 -32.57 -21.72 33.12
CA LEU P 35 -32.53 -22.93 32.30
C LEU P 35 -33.76 -23.79 32.61
N ASN P 36 -34.31 -24.44 31.57
CA ASN P 36 -35.52 -25.23 31.77
C ASN P 36 -35.25 -26.59 32.39
N LYS P 37 -34.21 -27.28 31.93
CA LYS P 37 -33.75 -28.55 32.51
C LYS P 37 -34.74 -29.69 32.31
N GLU P 38 -35.49 -29.64 31.18
CA GLU P 38 -36.47 -30.67 30.88
C GLU P 38 -36.02 -31.68 29.82
N ALA P 39 -35.18 -31.28 28.89
CA ALA P 39 -34.85 -32.16 27.78
C ALA P 39 -33.93 -33.31 28.22
N ALA P 40 -33.74 -34.28 27.32
CA ALA P 40 -32.96 -35.48 27.65
C ALA P 40 -31.48 -35.17 27.85
N SER P 41 -30.90 -34.37 26.96
CA SER P 41 -29.48 -34.03 27.02
C SER P 41 -29.29 -32.63 27.59
N ASN P 42 -28.05 -32.34 27.99
CA ASN P 42 -27.78 -31.03 28.57
C ASN P 42 -27.92 -29.90 27.56
N ILE P 43 -27.94 -30.20 26.26
CA ILE P 43 -28.01 -29.15 25.25
C ILE P 43 -29.46 -28.77 24.92
N GLY P 44 -30.41 -29.66 25.16
CA GLY P 44 -31.82 -29.38 24.88
C GLY P 44 -32.49 -28.47 25.86
N TYR P 45 -31.80 -28.13 26.96
CA TYR P 45 -32.38 -27.29 28.00
C TYR P 45 -32.78 -25.94 27.41
N ARG P 46 -34.01 -25.51 27.67
CA ARG P 46 -34.47 -24.23 27.16
C ARG P 46 -33.99 -23.11 28.07
N LYS P 47 -33.59 -21.98 27.48
CA LYS P 47 -32.95 -20.96 28.30
C LYS P 47 -33.58 -19.60 28.06
N VAL P 48 -33.56 -18.80 29.12
CA VAL P 48 -34.05 -17.43 29.10
C VAL P 48 -32.95 -16.56 29.68
N SER P 49 -32.78 -15.36 29.13
CA SER P 49 -31.80 -14.46 29.73
C SER P 49 -32.26 -13.02 29.54
N MET P 50 -31.81 -12.16 30.46
CA MET P 50 -32.25 -10.78 30.55
C MET P 50 -31.12 -9.92 31.12
N PHE P 51 -31.03 -8.68 30.62
CA PHE P 51 -30.05 -7.70 31.08
C PHE P 51 -30.67 -6.31 31.10
N VAL P 52 -30.48 -5.59 32.21
CA VAL P 52 -31.11 -4.28 32.44
C VAL P 52 -29.98 -3.26 32.58
N LYS P 53 -29.56 -2.67 31.46
CA LYS P 53 -28.53 -1.64 31.46
C LYS P 53 -29.15 -0.30 31.81
N TYR P 54 -28.87 0.18 33.02
CA TYR P 54 -29.35 1.48 33.49
C TYR P 54 -28.32 2.55 33.15
N VAL P 55 -28.70 3.48 32.28
CA VAL P 55 -27.84 4.57 31.84
C VAL P 55 -28.41 5.86 32.42
N SER P 56 -27.72 6.43 33.42
CA SER P 56 -28.31 7.53 34.20
C SER P 56 -28.52 8.77 33.34
N ASN P 57 -27.57 9.10 32.47
CA ASN P 57 -27.77 10.16 31.47
C ASN P 57 -27.59 9.55 30.09
N GLY P 58 -28.65 8.95 29.59
CA GLY P 58 -28.59 8.29 28.30
C GLY P 58 -29.71 7.28 28.18
N THR P 59 -29.56 6.39 27.20
CA THR P 59 -30.64 5.52 26.76
C THR P 59 -30.49 4.16 27.45
N SER P 60 -31.25 3.96 28.52
CA SER P 60 -31.27 2.68 29.21
C SER P 60 -31.89 1.60 28.32
N LYS P 61 -31.51 0.34 28.55
CA LYS P 61 -31.91 -0.74 27.68
C LYS P 61 -32.18 -2.03 28.45
N VAL P 62 -33.32 -2.66 28.18
CA VAL P 62 -33.65 -3.98 28.75
C VAL P 62 -33.68 -4.98 27.60
N THR P 63 -32.81 -5.99 27.66
CA THR P 63 -32.68 -6.97 26.60
C THR P 63 -33.07 -8.35 27.11
N ILE P 64 -33.92 -9.06 26.36
CA ILE P 64 -34.44 -10.36 26.73
C ILE P 64 -34.33 -11.30 25.55
N ARG P 65 -33.91 -12.55 25.81
CA ARG P 65 -33.87 -13.56 24.76
C ARG P 65 -34.27 -14.92 25.31
N ILE P 66 -35.08 -15.63 24.52
CA ILE P 66 -35.69 -16.91 24.86
C ILE P 66 -35.34 -17.92 23.78
N ALA P 67 -34.77 -19.06 24.19
CA ALA P 67 -34.29 -20.08 23.26
C ALA P 67 -34.96 -21.43 23.58
N ASP P 68 -35.70 -21.95 22.60
CA ASP P 68 -36.43 -23.22 22.72
C ASP P 68 -35.85 -24.18 21.69
N PRO P 69 -34.91 -25.05 22.08
CA PRO P 69 -34.34 -26.00 21.13
C PRO P 69 -35.10 -27.33 21.10
N VAL P 70 -34.98 -28.00 19.95
CA VAL P 70 -35.53 -29.34 19.76
C VAL P 70 -34.40 -30.24 19.32
N LEU P 71 -34.13 -31.28 20.10
CA LEU P 71 -33.00 -32.16 19.84
C LEU P 71 -33.31 -33.10 18.68
N ALA P 72 -32.26 -33.72 18.16
CA ALA P 72 -32.37 -34.60 17.00
C ALA P 72 -32.56 -36.04 17.47
N SER P 73 -33.75 -36.58 17.27
CA SER P 73 -34.07 -37.94 17.67
C SER P 73 -33.91 -38.89 16.48
N VAL P 74 -33.08 -39.91 16.65
CA VAL P 74 -32.75 -40.86 15.60
C VAL P 74 -33.43 -42.19 15.93
N PRO P 75 -33.70 -43.04 14.94
CA PRO P 75 -34.32 -44.35 15.23
C PRO P 75 -33.52 -45.14 16.26
N ALA P 76 -34.23 -45.89 17.09
CA ALA P 76 -33.63 -46.49 18.28
C ALA P 76 -32.54 -47.49 17.90
N GLY P 77 -32.82 -48.36 16.93
CA GLY P 77 -31.81 -49.32 16.51
C GLY P 77 -30.56 -48.69 15.95
N CYS P 78 -30.66 -47.47 15.45
CA CYS P 78 -29.52 -46.82 14.83
C CYS P 78 -28.47 -46.46 15.89
N CYS P 79 -27.24 -46.22 15.42
CA CYS P 79 -26.11 -45.98 16.32
C CYS P 79 -25.53 -44.59 16.08
N VAL P 80 -25.90 -43.65 16.93
CA VAL P 80 -25.18 -42.40 17.09
C VAL P 80 -24.89 -42.27 18.58
N ASP P 81 -23.63 -41.99 18.92
CA ASP P 81 -23.23 -41.96 20.31
C ASP P 81 -24.11 -41.01 21.10
N THR P 82 -24.79 -41.54 22.13
CA THR P 82 -25.65 -40.72 22.96
C THR P 82 -24.87 -39.66 23.72
N ASN P 83 -23.55 -39.87 23.89
CA ASN P 83 -22.73 -38.85 24.52
C ASN P 83 -22.55 -37.62 23.62
N THR P 84 -22.77 -37.76 22.31
CA THR P 84 -22.65 -36.64 21.37
C THR P 84 -23.98 -36.42 20.66
N PRO P 85 -24.95 -35.71 21.31
CA PRO P 85 -26.19 -35.34 20.62
C PRO P 85 -26.07 -33.96 20.00
N GLN P 86 -26.96 -33.67 19.06
CA GLN P 86 -26.99 -32.37 18.41
C GLN P 86 -28.37 -31.79 18.53
N VAL P 87 -28.44 -30.48 18.36
CA VAL P 87 -29.70 -29.76 18.27
C VAL P 87 -30.08 -29.68 16.80
N ALA P 88 -31.27 -30.21 16.47
CA ALA P 88 -31.76 -30.14 15.10
C ALA P 88 -32.05 -28.70 14.69
N TYR P 89 -32.78 -27.97 15.53
CA TYR P 89 -33.16 -26.59 15.27
C TYR P 89 -33.67 -26.01 16.58
N SER P 90 -33.73 -24.68 16.65
CA SER P 90 -34.19 -24.01 17.86
C SER P 90 -34.86 -22.69 17.51
N THR P 91 -36.01 -22.44 18.12
CA THR P 91 -36.70 -21.17 17.94
C THR P 91 -36.16 -20.14 18.92
N PHE P 92 -36.18 -18.87 18.51
CA PHE P 92 -35.60 -17.79 19.28
C PHE P 92 -36.52 -16.58 19.34
N PHE P 93 -36.53 -15.90 20.48
CA PHE P 93 -37.22 -14.62 20.64
C PHE P 93 -36.29 -13.62 21.29
N GLU P 94 -36.05 -12.49 20.63
CA GLU P 94 -35.14 -11.47 21.17
C GLU P 94 -35.79 -10.10 21.11
N CYS P 95 -35.92 -9.44 22.26
CA CYS P 95 -36.51 -8.10 22.34
C CYS P 95 -35.62 -7.17 23.15
N THR P 96 -35.70 -5.88 22.81
CA THR P 96 -34.94 -4.83 23.49
C THR P 96 -35.85 -3.62 23.67
N PHE P 97 -36.06 -3.24 24.94
CA PHE P 97 -36.68 -1.98 25.31
C PHE P 97 -35.60 -0.92 25.41
N SER P 98 -35.85 0.25 24.82
CA SER P 98 -34.95 1.39 24.88
C SER P 98 -35.70 2.57 25.47
N VAL P 99 -35.31 2.96 26.69
CA VAL P 99 -35.99 3.98 27.48
C VAL P 99 -35.04 5.15 27.66
N PRO P 100 -35.41 6.36 27.24
CA PRO P 100 -34.51 7.50 27.41
C PRO P 100 -34.32 7.86 28.87
N TYR P 101 -33.22 8.55 29.14
CA TYR P 101 -33.11 9.27 30.41
C TYR P 101 -34.27 10.24 30.53
N GLY P 102 -34.65 10.53 31.77
CA GLY P 102 -35.72 11.47 31.98
C GLY P 102 -37.09 11.03 31.50
N ALA P 103 -37.29 9.74 31.26
CA ALA P 103 -38.61 9.25 30.88
C ALA P 103 -39.43 9.00 32.15
N THR P 104 -40.68 9.46 32.12
CA THR P 104 -41.57 9.29 33.26
C THR P 104 -41.85 7.81 33.50
N LEU P 105 -42.02 7.48 34.79
CA LEU P 105 -42.52 6.15 35.13
C LEU P 105 -43.78 5.83 34.33
N GLN P 106 -44.58 6.85 34.01
CA GLN P 106 -45.75 6.62 33.16
C GLN P 106 -45.35 6.27 31.74
N ASN P 107 -44.30 6.90 31.20
CA ASN P 107 -43.83 6.52 29.86
C ASN P 107 -43.34 5.08 29.83
N LYS P 108 -42.68 4.64 30.91
CA LYS P 108 -42.20 3.25 30.97
C LYS P 108 -43.36 2.27 31.02
N LYS P 109 -44.33 2.53 31.91
CA LYS P 109 -45.57 1.75 31.93
C LYS P 109 -46.19 1.69 30.54
N ASP P 110 -46.27 2.85 29.89
CA ASP P 110 -46.89 2.95 28.57
C ASP P 110 -46.25 1.98 27.58
N ILE P 111 -44.92 2.07 27.43
CA ILE P 111 -44.31 1.27 26.37
C ILE P 111 -44.34 -0.21 26.73
N LEU P 112 -44.17 -0.56 28.01
CA LEU P 112 -44.33 -1.97 28.38
C LEU P 112 -45.69 -2.48 27.96
N ALA P 113 -46.74 -1.71 28.23
CA ALA P 113 -48.10 -2.13 27.90
C ALA P 113 -48.30 -2.21 26.38
N TYR P 114 -47.77 -1.25 25.63
CA TYR P 114 -47.91 -1.31 24.18
C TYR P 114 -47.28 -2.58 23.63
N ALA P 115 -46.08 -2.92 24.12
CA ALA P 115 -45.41 -4.13 23.66
C ALA P 115 -46.22 -5.37 23.98
N ARG P 116 -46.69 -5.48 25.22
CA ARG P 116 -47.41 -6.68 25.63
C ARG P 116 -48.72 -6.81 24.86
N ASN P 117 -49.47 -5.71 24.72
CA ASN P 117 -50.73 -5.76 23.98
C ASN P 117 -50.50 -6.08 22.51
N LEU P 118 -49.41 -5.56 21.92
CA LEU P 118 -49.15 -5.85 20.52
C LEU P 118 -48.82 -7.33 20.31
N LEU P 119 -47.96 -7.88 21.16
CA LEU P 119 -47.68 -9.32 21.04
C LEU P 119 -48.92 -10.15 21.32
N GLY P 120 -49.85 -9.62 22.10
CA GLY P 120 -51.12 -10.29 22.25
C GLY P 120 -52.12 -10.07 21.14
N THR P 121 -51.79 -9.29 20.10
CA THR P 121 -52.78 -8.99 19.06
C THR P 121 -52.96 -10.17 18.11
N GLN P 122 -54.14 -10.22 17.50
CA GLN P 122 -54.43 -11.31 16.58
C GLN P 122 -53.53 -11.27 15.37
N VAL P 123 -53.17 -10.09 14.88
CA VAL P 123 -52.29 -10.02 13.71
C VAL P 123 -50.91 -10.56 14.05
N VAL P 124 -50.42 -10.27 15.26
CA VAL P 124 -49.08 -10.75 15.65
C VAL P 124 -49.09 -12.26 15.87
N THR P 125 -50.08 -12.78 16.60
CA THR P 125 -50.16 -14.22 16.78
C THR P 125 -50.31 -14.93 15.44
N ASP P 126 -51.14 -14.37 14.56
CA ASP P 126 -51.29 -14.88 13.20
C ASP P 126 -49.95 -14.93 12.48
N ALA P 127 -49.20 -13.83 12.50
CA ALA P 127 -47.94 -13.76 11.76
C ALA P 127 -46.94 -14.78 12.27
N VAL P 128 -46.77 -14.85 13.60
CA VAL P 128 -45.73 -15.73 14.16
C VAL P 128 -46.10 -17.21 13.99
N VAL P 129 -47.37 -17.56 14.13
CA VAL P 129 -47.74 -18.97 14.08
C VAL P 129 -47.95 -19.44 12.64
N ASP P 130 -48.81 -18.76 11.89
CA ASP P 130 -49.15 -19.22 10.54
C ASP P 130 -48.21 -18.66 9.47
N MET P 131 -47.27 -17.77 9.84
CA MET P 131 -46.42 -17.08 8.87
C MET P 131 -47.24 -16.17 7.96
N THR P 132 -48.22 -15.50 8.54
CA THR P 132 -49.15 -14.71 7.74
C THR P 132 -48.88 -13.22 7.96
N PRO P 133 -48.60 -12.47 6.90
CA PRO P 133 -48.28 -11.05 7.06
C PRO P 133 -49.49 -10.14 7.06
N ALA P 134 -49.26 -8.84 7.18
CA ALA P 134 -50.32 -7.84 7.05
C ALA P 134 -50.24 -7.24 5.65
N TRP P 135 -51.10 -7.73 4.75
CA TRP P 135 -51.03 -7.35 3.33
C TRP P 135 -51.99 -6.24 2.93
N ALA Q 1 -22.99 -9.19 55.36
CA ALA Q 1 -24.00 -8.30 54.80
C ALA Q 1 -24.39 -8.74 53.40
N GLN Q 2 -25.42 -9.57 53.27
CA GLN Q 2 -26.02 -9.73 51.96
C GLN Q 2 -26.58 -8.39 51.52
N ILE Q 3 -26.47 -8.09 50.22
CA ILE Q 3 -26.93 -6.81 49.74
C ILE Q 3 -28.42 -6.68 50.02
N ALA Q 4 -28.81 -5.51 50.51
CA ALA Q 4 -30.20 -5.27 50.83
C ALA Q 4 -30.44 -3.77 50.78
N ASN Q 5 -31.69 -3.38 50.93
CA ASN Q 5 -32.08 -1.98 50.87
C ASN Q 5 -31.22 -1.15 51.80
N LEU Q 6 -31.07 0.12 51.46
CA LEU Q 6 -30.20 1.03 52.21
C LEU Q 6 -30.96 2.32 52.49
N ILE Q 7 -30.99 2.77 53.74
CA ILE Q 7 -31.83 3.90 54.12
C ILE Q 7 -30.95 5.01 54.66
N LEU Q 8 -30.93 6.16 53.96
CA LEU Q 8 -30.10 7.29 54.32
C LEU Q 8 -30.96 8.54 54.49
N ALA Q 9 -30.71 9.30 55.56
CA ALA Q 9 -31.53 10.45 55.89
C ALA Q 9 -30.90 11.73 55.31
N ASP Q 10 -31.70 12.50 54.58
CA ASP Q 10 -31.25 13.77 54.06
C ASP Q 10 -31.13 14.83 55.16
N GLY Q 11 -30.43 15.91 54.85
CA GLY Q 11 -30.25 16.99 55.79
C GLY Q 11 -31.32 18.06 55.64
N GLN Q 12 -32.26 18.07 56.57
CA GLN Q 12 -33.29 19.08 56.64
C GLN Q 12 -33.50 19.41 58.11
N ALA Q 13 -34.41 20.35 58.35
CA ALA Q 13 -34.86 20.58 59.71
C ALA Q 13 -35.32 19.28 60.33
N THR Q 14 -36.26 18.61 59.68
CA THR Q 14 -36.64 17.26 60.05
C THR Q 14 -36.14 16.39 58.92
N PRO Q 15 -35.07 15.64 59.13
CA PRO Q 15 -34.54 14.78 58.07
C PRO Q 15 -35.58 13.76 57.64
N ALA Q 16 -35.54 13.42 56.35
CA ALA Q 16 -36.47 12.48 55.74
C ALA Q 16 -35.70 11.27 55.24
N ASN Q 17 -36.07 10.08 55.71
CA ASN Q 17 -35.41 8.86 55.25
C ASN Q 17 -35.67 8.66 53.76
N HIS Q 18 -34.60 8.35 53.03
CA HIS Q 18 -34.68 8.02 51.61
C HIS Q 18 -34.12 6.61 51.41
N THR Q 19 -34.86 5.80 50.66
CA THR Q 19 -34.53 4.40 50.49
C THR Q 19 -33.75 4.18 49.19
N PHE Q 20 -32.94 3.12 49.19
CA PHE Q 20 -32.03 2.77 48.10
C PHE Q 20 -32.21 1.29 47.79
N VAL Q 21 -32.87 1.00 46.67
CA VAL Q 21 -33.02 -0.37 46.21
C VAL Q 21 -31.67 -0.87 45.72
N PRO Q 22 -31.29 -2.12 45.99
CA PRO Q 22 -30.07 -2.66 45.40
C PRO Q 22 -30.24 -2.97 43.92
N MET Q 23 -29.14 -2.79 43.19
CA MET Q 23 -29.10 -3.04 41.75
C MET Q 23 -28.28 -4.26 41.39
N GLN Q 24 -27.09 -4.41 41.97
CA GLN Q 24 -26.30 -5.62 41.79
C GLN Q 24 -25.38 -5.77 42.99
N PRO Q 25 -25.06 -6.99 43.38
CA PRO Q 25 -24.18 -7.20 44.53
C PRO Q 25 -22.75 -6.88 44.11
N GLN Q 26 -21.84 -7.07 45.05
CA GLN Q 26 -20.42 -6.85 44.80
C GLN Q 26 -19.80 -8.12 44.25
N THR Q 27 -19.05 -7.96 43.17
CA THR Q 27 -18.35 -9.04 42.48
C THR Q 27 -16.86 -8.74 42.53
N GLY Q 28 -16.05 -9.63 41.96
CA GLY Q 28 -14.62 -9.40 41.92
C GLY Q 28 -14.21 -8.17 41.11
N ILE Q 29 -15.01 -7.80 40.11
CA ILE Q 29 -14.69 -6.65 39.28
C ILE Q 29 -15.72 -5.53 39.37
N THR Q 30 -16.96 -5.83 39.72
CA THR Q 30 -18.01 -4.82 39.81
C THR Q 30 -18.35 -4.52 41.27
N PRO Q 31 -18.54 -3.25 41.62
CA PRO Q 31 -18.89 -2.89 43.00
C PRO Q 31 -20.39 -2.93 43.26
N SER Q 32 -20.73 -3.32 44.50
CA SER Q 32 -22.14 -3.34 44.89
C SER Q 32 -22.70 -1.93 44.82
N GLN Q 33 -23.94 -1.81 44.33
CA GLN Q 33 -24.49 -0.47 44.13
C GLN Q 33 -26.00 -0.45 44.25
N TRP Q 34 -26.51 0.66 44.79
CA TRP Q 34 -27.93 0.93 45.07
C TRP Q 34 -28.40 2.14 44.27
N LEU Q 35 -29.71 2.39 44.30
CA LEU Q 35 -30.38 3.44 43.53
C LEU Q 35 -31.51 4.04 44.34
N ASN Q 36 -31.68 5.37 44.23
CA ASN Q 36 -32.72 6.05 45.01
C ASN Q 36 -34.11 5.80 44.43
N LYS Q 37 -34.27 6.04 43.13
CA LYS Q 37 -35.52 5.74 42.43
C LYS Q 37 -36.69 6.58 42.92
N GLU Q 38 -36.40 7.84 43.26
CA GLU Q 38 -37.42 8.76 43.72
C GLU Q 38 -37.88 9.73 42.64
N ALA Q 39 -36.98 10.50 42.04
CA ALA Q 39 -37.39 11.45 41.02
C ALA Q 39 -37.92 10.70 39.80
N ALA Q 40 -38.81 11.38 39.05
CA ALA Q 40 -39.47 10.71 37.93
C ALA Q 40 -38.50 10.39 36.81
N SER Q 41 -37.49 11.25 36.63
CA SER Q 41 -36.54 11.10 35.54
C SER Q 41 -35.45 10.10 35.89
N ASN Q 42 -35.01 9.34 34.89
CA ASN Q 42 -33.87 8.44 35.10
C ASN Q 42 -32.65 9.17 35.66
N ILE Q 43 -32.51 10.46 35.34
CA ILE Q 43 -31.33 11.20 35.77
C ILE Q 43 -31.39 11.47 37.28
N GLY Q 44 -32.57 11.84 37.79
CA GLY Q 44 -32.74 12.23 39.17
C GLY Q 44 -32.57 11.13 40.19
N TYR Q 45 -32.46 9.87 39.76
CA TYR Q 45 -32.16 8.80 40.71
C TYR Q 45 -30.80 9.04 41.34
N ARG Q 46 -30.69 8.81 42.64
CA ARG Q 46 -29.44 8.99 43.38
C ARG Q 46 -28.80 7.63 43.59
N LYS Q 47 -27.50 7.53 43.35
CA LYS Q 47 -26.85 6.23 43.41
C LYS Q 47 -25.79 6.22 44.50
N VAL Q 48 -25.52 5.02 45.01
CA VAL Q 48 -24.56 4.79 46.08
C VAL Q 48 -23.84 3.50 45.74
N SER Q 49 -22.53 3.56 45.54
CA SER Q 49 -21.78 2.36 45.20
C SER Q 49 -20.61 2.18 46.16
N MET Q 50 -20.20 0.93 46.34
CA MET Q 50 -19.23 0.55 47.35
C MET Q 50 -18.49 -0.69 46.87
N PHE Q 51 -17.18 -0.76 47.17
CA PHE Q 51 -16.36 -1.91 46.83
C PHE Q 51 -15.28 -2.17 47.88
N VAL Q 52 -15.16 -3.43 48.29
CA VAL Q 52 -14.29 -3.86 49.38
C VAL Q 52 -13.22 -4.78 48.78
N LYS Q 53 -12.06 -4.22 48.42
CA LYS Q 53 -10.97 -5.00 47.86
C LYS Q 53 -10.10 -5.54 48.99
N TYR Q 54 -10.18 -6.85 49.22
CA TYR Q 54 -9.37 -7.53 50.24
C TYR Q 54 -8.03 -7.95 49.65
N VAL Q 55 -6.94 -7.47 50.24
CA VAL Q 55 -5.60 -7.81 49.81
C VAL Q 55 -4.94 -8.54 50.98
N SER Q 56 -4.81 -9.86 50.86
CA SER Q 56 -4.40 -10.68 52.01
C SER Q 56 -2.99 -10.36 52.47
N ASN Q 57 -2.11 -9.91 51.58
CA ASN Q 57 -0.80 -9.40 51.96
C ASN Q 57 -0.58 -8.06 51.25
N GLY Q 58 -1.10 -7.00 51.85
CA GLY Q 58 -0.98 -5.68 51.28
C GLY Q 58 -2.09 -4.78 51.81
N THR Q 59 -2.28 -3.67 51.10
CA THR Q 59 -3.20 -2.62 51.53
C THR Q 59 -4.59 -2.91 50.97
N SER Q 60 -5.47 -3.42 51.82
CA SER Q 60 -6.87 -3.57 51.46
C SER Q 60 -7.51 -2.18 51.33
N LYS Q 61 -8.60 -2.09 50.56
CA LYS Q 61 -9.21 -0.80 50.27
C LYS Q 61 -10.72 -0.88 50.18
N VAL Q 62 -11.41 -0.06 50.98
CA VAL Q 62 -12.85 0.12 50.91
C VAL Q 62 -13.13 1.44 50.22
N THR Q 63 -13.93 1.41 49.15
CA THR Q 63 -14.20 2.59 48.33
C THR Q 63 -15.70 2.84 48.27
N ILE Q 64 -16.10 4.09 48.47
CA ILE Q 64 -17.51 4.46 48.54
C ILE Q 64 -17.73 5.73 47.72
N ARG Q 65 -18.80 5.78 46.93
CA ARG Q 65 -19.16 7.01 46.23
C ARG Q 65 -20.67 7.18 46.18
N ILE Q 66 -21.10 8.41 46.46
CA ILE Q 66 -22.49 8.80 46.59
C ILE Q 66 -22.76 9.92 45.60
N ALA Q 67 -23.84 9.78 44.81
CA ALA Q 67 -24.17 10.76 43.78
C ALA Q 67 -25.63 11.20 43.95
N ASP Q 68 -25.83 12.52 44.12
CA ASP Q 68 -27.14 13.13 44.27
C ASP Q 68 -27.36 14.13 43.15
N PRO Q 69 -28.11 13.77 42.11
CA PRO Q 69 -28.40 14.73 41.04
C PRO Q 69 -29.35 15.82 41.53
N VAL Q 70 -28.90 17.08 41.44
CA VAL Q 70 -29.76 18.19 41.80
C VAL Q 70 -30.16 18.93 40.51
N LEU Q 71 -31.22 18.46 39.87
CA LEU Q 71 -31.70 19.10 38.65
C LEU Q 71 -32.60 20.28 38.95
N ALA Q 72 -33.21 20.30 40.13
CA ALA Q 72 -33.99 21.46 40.54
C ALA Q 72 -33.13 22.72 40.54
N SER Q 73 -31.86 22.58 40.93
CA SER Q 73 -30.97 23.71 41.02
C SER Q 73 -30.51 24.22 39.65
N VAL Q 74 -30.75 23.46 38.58
CA VAL Q 74 -30.32 23.86 37.24
C VAL Q 74 -31.20 25.01 36.75
N PRO Q 75 -30.63 26.07 36.18
CA PRO Q 75 -31.46 27.15 35.62
C PRO Q 75 -32.35 26.62 34.50
N ALA Q 76 -33.49 27.29 34.33
CA ALA Q 76 -34.43 26.86 33.30
C ALA Q 76 -33.84 27.03 31.90
N GLY Q 77 -32.98 28.03 31.72
CA GLY Q 77 -32.43 28.29 30.41
C GLY Q 77 -31.42 27.24 29.95
N CYS Q 78 -30.74 26.60 30.89
CA CYS Q 78 -29.73 25.60 30.55
C CYS Q 78 -30.39 24.26 30.27
N CYS Q 79 -30.03 23.66 29.15
CA CYS Q 79 -30.50 22.33 28.78
C CYS Q 79 -29.52 21.27 29.30
N VAL Q 80 -30.07 20.17 29.80
CA VAL Q 80 -29.28 19.05 30.29
C VAL Q 80 -29.51 17.87 29.36
N ASP Q 81 -28.42 17.37 28.77
CA ASP Q 81 -28.47 16.25 27.84
C ASP Q 81 -27.26 15.35 28.12
N THR Q 82 -27.14 14.26 27.34
CA THR Q 82 -26.09 13.27 27.60
C THR Q 82 -24.71 13.91 27.64
N ASN Q 83 -24.52 14.97 26.85
CA ASN Q 83 -23.22 15.64 26.77
C ASN Q 83 -22.95 16.57 27.94
N THR Q 84 -23.95 16.88 28.76
CA THR Q 84 -23.69 17.72 29.93
C THR Q 84 -22.80 16.96 30.90
N PRO Q 85 -21.70 17.55 31.35
CA PRO Q 85 -20.82 16.85 32.29
C PRO Q 85 -21.53 16.60 33.62
N GLN Q 86 -21.32 15.41 34.17
CA GLN Q 86 -22.04 15.03 35.38
C GLN Q 86 -21.75 15.98 36.52
N VAL Q 87 -20.47 16.35 36.71
CA VAL Q 87 -20.03 17.04 37.91
C VAL Q 87 -20.58 18.46 37.94
N ALA Q 88 -21.33 18.83 36.91
CA ALA Q 88 -21.95 20.15 36.86
C ALA Q 88 -23.41 20.16 37.32
N TYR Q 89 -24.10 19.01 37.33
CA TYR Q 89 -25.51 19.00 37.71
C TYR Q 89 -25.82 18.02 38.82
N SER Q 90 -24.84 17.66 39.64
CA SER Q 90 -25.08 16.74 40.75
C SER Q 90 -23.93 16.83 41.76
N THR Q 91 -24.26 16.59 43.01
CA THR Q 91 -23.27 16.58 44.09
C THR Q 91 -22.71 15.16 44.26
N PHE Q 92 -21.44 15.09 44.68
CA PHE Q 92 -20.72 13.83 44.77
C PHE Q 92 -19.90 13.73 46.05
N PHE Q 93 -19.84 12.53 46.63
CA PHE Q 93 -18.99 12.25 47.78
C PHE Q 93 -18.22 10.96 47.53
N GLU Q 94 -16.90 11.01 47.60
CA GLU Q 94 -16.08 9.82 47.34
C GLU Q 94 -15.05 9.65 48.45
N CYS Q 95 -15.06 8.49 49.11
CA CYS Q 95 -14.08 8.20 50.16
C CYS Q 95 -13.44 6.83 49.93
N THR Q 96 -12.23 6.68 50.47
CA THR Q 96 -11.46 5.44 50.40
C THR Q 96 -10.74 5.23 51.72
N PHE Q 97 -11.05 4.10 52.36
CA PHE Q 97 -10.30 3.60 53.51
C PHE Q 97 -9.20 2.67 53.02
N SER Q 98 -7.97 2.94 53.45
CA SER Q 98 -6.82 2.10 53.15
C SER Q 98 -6.37 1.43 54.44
N VAL Q 99 -6.44 0.10 54.48
CA VAL Q 99 -6.16 -0.71 55.66
C VAL Q 99 -5.04 -1.68 55.34
N PRO Q 100 -3.84 -1.50 55.88
CA PRO Q 100 -2.75 -2.44 55.59
C PRO Q 100 -3.01 -3.78 56.26
N TYR Q 101 -2.48 -4.84 55.64
CA TYR Q 101 -2.49 -6.15 56.28
C TYR Q 101 -1.80 -6.04 57.64
N GLY Q 102 -2.23 -6.85 58.60
CA GLY Q 102 -1.62 -6.76 59.89
C GLY Q 102 -2.15 -5.63 60.73
N ALA Q 103 -3.29 -5.06 60.38
CA ALA Q 103 -3.88 -4.00 61.18
C ALA Q 103 -4.74 -4.65 62.24
N THR Q 104 -4.54 -4.24 63.48
CA THR Q 104 -5.35 -4.81 64.53
C THR Q 104 -6.82 -4.44 64.31
N LEU Q 105 -7.70 -5.32 64.79
CA LEU Q 105 -9.11 -5.00 64.78
C LEU Q 105 -9.35 -3.64 65.38
N GLN Q 106 -8.55 -3.28 66.39
CA GLN Q 106 -8.67 -1.99 67.02
C GLN Q 106 -8.22 -0.88 66.10
N ASN Q 107 -7.22 -1.12 65.25
CA ASN Q 107 -6.81 -0.11 64.27
C ASN Q 107 -7.92 0.15 63.25
N LYS Q 108 -8.60 -0.91 62.82
CA LYS Q 108 -9.72 -0.76 61.87
C LYS Q 108 -10.88 0.03 62.50
N LYS Q 109 -11.30 -0.38 63.70
CA LYS Q 109 -12.30 0.38 64.45
C LYS Q 109 -11.87 1.82 64.65
N ASP Q 110 -10.59 2.01 64.97
CA ASP Q 110 -10.07 3.34 65.22
C ASP Q 110 -10.29 4.23 64.02
N ILE Q 111 -9.83 3.79 62.85
CA ILE Q 111 -9.89 4.72 61.72
C ILE Q 111 -11.33 4.93 61.27
N LEU Q 112 -12.18 3.91 61.38
CA LEU Q 112 -13.59 4.14 61.08
C LEU Q 112 -14.15 5.24 61.98
N ALA Q 113 -13.85 5.17 63.29
CA ALA Q 113 -14.38 6.15 64.22
C ALA Q 113 -13.78 7.54 63.97
N TYR Q 114 -12.49 7.62 63.65
CA TYR Q 114 -11.89 8.92 63.37
C TYR Q 114 -12.56 9.58 62.17
N ALA Q 115 -12.78 8.80 61.10
CA ALA Q 115 -13.45 9.34 59.93
C ALA Q 115 -14.85 9.83 60.27
N ARG Q 116 -15.62 9.02 60.98
CA ARG Q 116 -17.01 9.39 61.24
C ARG Q 116 -17.10 10.60 62.16
N ASN Q 117 -16.29 10.63 63.22
CA ASN Q 117 -16.29 11.78 64.11
C ASN Q 117 -15.81 13.05 63.39
N LEU Q 118 -14.80 12.92 62.51
CA LEU Q 118 -14.32 14.09 61.79
C LEU Q 118 -15.38 14.66 60.87
N LEU Q 119 -16.06 13.80 60.12
CA LEU Q 119 -17.15 14.29 59.28
C LEU Q 119 -18.32 14.82 60.12
N GLY Q 120 -18.47 14.36 61.35
CA GLY Q 120 -19.43 14.97 62.24
C GLY Q 120 -19.02 16.31 62.81
N THR Q 121 -17.72 16.62 62.78
CA THR Q 121 -17.22 17.85 63.42
C THR Q 121 -17.86 19.09 62.82
N GLN Q 122 -17.95 20.13 63.65
CA GLN Q 122 -18.50 21.39 63.17
C GLN Q 122 -17.64 22.00 62.09
N VAL Q 123 -16.31 21.84 62.17
CA VAL Q 123 -15.47 22.45 61.15
C VAL Q 123 -15.77 21.85 59.78
N VAL Q 124 -15.99 20.53 59.74
CA VAL Q 124 -16.32 19.87 58.48
C VAL Q 124 -17.70 20.29 58.00
N THR Q 125 -18.69 20.28 58.90
CA THR Q 125 -20.03 20.72 58.53
C THR Q 125 -20.01 22.13 57.96
N ASP Q 126 -19.30 23.03 58.63
CA ASP Q 126 -19.17 24.42 58.21
C ASP Q 126 -18.47 24.52 56.86
N ALA Q 127 -17.43 23.73 56.63
CA ALA Q 127 -16.66 23.82 55.40
C ALA Q 127 -17.45 23.29 54.20
N VAL Q 128 -18.24 22.24 54.40
CA VAL Q 128 -18.96 21.66 53.27
C VAL Q 128 -20.21 22.46 52.93
N VAL Q 129 -20.93 22.93 53.95
CA VAL Q 129 -22.16 23.68 53.67
C VAL Q 129 -21.86 25.15 53.37
N ASP Q 130 -21.20 25.84 54.29
CA ASP Q 130 -20.97 27.27 54.13
C ASP Q 130 -19.68 27.58 53.37
N MET Q 131 -18.98 26.55 52.88
CA MET Q 131 -17.77 26.71 52.07
C MET Q 131 -16.65 27.41 52.84
N THR Q 132 -16.74 27.42 54.18
CA THR Q 132 -15.79 28.21 54.97
C THR Q 132 -14.70 27.30 55.48
N PRO Q 133 -13.43 27.55 55.10
CA PRO Q 133 -12.34 26.65 55.50
C PRO Q 133 -11.70 27.01 56.83
N ALA Q 134 -10.63 26.31 57.20
CA ALA Q 134 -9.88 26.56 58.42
C ALA Q 134 -8.63 27.35 58.08
N TRP Q 135 -8.63 28.65 58.40
CA TRP Q 135 -7.55 29.55 58.00
C TRP Q 135 -6.65 29.99 59.14
N ALA R 1 -27.50 -21.58 43.83
CA ALA R 1 -26.79 -21.28 45.07
C ALA R 1 -26.24 -19.86 45.07
N GLN R 2 -26.97 -18.90 45.64
CA GLN R 2 -26.33 -17.62 45.90
C GLN R 2 -25.32 -17.78 47.02
N ILE R 3 -24.25 -17.00 46.95
CA ILE R 3 -23.18 -17.14 47.92
C ILE R 3 -23.71 -16.73 49.29
N ALA R 4 -23.31 -17.48 50.31
CA ALA R 4 -23.71 -17.19 51.68
C ALA R 4 -22.66 -17.76 52.61
N ASN R 5 -22.83 -17.49 53.90
CA ASN R 5 -21.86 -17.90 54.90
C ASN R 5 -21.57 -19.40 54.79
N LEU R 6 -20.40 -19.81 55.26
CA LEU R 6 -20.00 -21.20 55.20
C LEU R 6 -19.44 -21.64 56.55
N ILE R 7 -19.99 -22.72 57.13
CA ILE R 7 -19.62 -23.16 58.46
C ILE R 7 -18.94 -24.52 58.36
N LEU R 8 -17.72 -24.62 58.91
CA LEU R 8 -16.88 -25.82 58.83
C LEU R 8 -16.34 -26.16 60.20
N ALA R 9 -16.38 -27.45 60.56
CA ALA R 9 -15.98 -27.88 61.90
C ALA R 9 -14.50 -28.28 61.91
N ASP R 10 -13.74 -27.68 62.81
CA ASP R 10 -12.33 -28.04 62.94
C ASP R 10 -12.18 -29.42 63.58
N GLY R 11 -10.96 -29.96 63.45
CA GLY R 11 -10.65 -31.25 64.01
C GLY R 11 -10.09 -31.12 65.41
N GLN R 12 -10.87 -31.52 66.39
CA GLN R 12 -10.47 -31.48 67.78
C GLN R 12 -11.13 -32.65 68.48
N ALA R 13 -10.81 -32.82 69.77
CA ALA R 13 -11.55 -33.75 70.59
C ALA R 13 -13.03 -33.45 70.51
N THR R 14 -13.40 -32.19 70.74
CA THR R 14 -14.74 -31.73 70.43
C THR R 14 -14.61 -30.70 69.31
N PRO R 15 -15.14 -30.96 68.14
CA PRO R 15 -15.02 -29.99 67.05
C PRO R 15 -15.78 -28.71 67.37
N ALA R 16 -15.23 -27.59 66.90
CA ALA R 16 -15.84 -26.28 67.08
C ALA R 16 -16.13 -25.65 65.72
N ASN R 17 -17.36 -25.22 65.52
CA ASN R 17 -17.75 -24.64 64.24
C ASN R 17 -16.99 -23.34 63.99
N HIS R 18 -16.45 -23.20 62.78
CA HIS R 18 -15.77 -22.00 62.34
C HIS R 18 -16.53 -21.41 61.16
N THR R 19 -16.75 -20.09 61.18
CA THR R 19 -17.55 -19.45 60.16
C THR R 19 -16.67 -18.79 59.11
N PHE R 20 -17.18 -18.71 57.89
CA PHE R 20 -16.47 -18.22 56.70
C PHE R 20 -17.37 -17.21 56.00
N VAL R 21 -17.06 -15.94 56.19
CA VAL R 21 -17.79 -14.87 55.51
C VAL R 21 -17.37 -14.85 54.03
N PRO R 22 -18.31 -14.75 53.10
CA PRO R 22 -17.93 -14.67 51.68
C PRO R 22 -17.21 -13.37 51.38
N MET R 23 -16.24 -13.46 50.46
CA MET R 23 -15.55 -12.31 49.89
C MET R 23 -15.86 -12.08 48.42
N GLN R 24 -16.10 -13.15 47.68
CA GLN R 24 -16.08 -13.03 46.24
C GLN R 24 -16.98 -14.10 45.65
N PRO R 25 -18.01 -13.71 44.89
CA PRO R 25 -18.78 -14.72 44.17
C PRO R 25 -18.11 -15.11 42.86
N GLN R 26 -18.40 -16.33 42.42
CA GLN R 26 -17.84 -16.86 41.18
C GLN R 26 -18.48 -16.17 39.98
N THR R 27 -17.63 -15.58 39.14
CA THR R 27 -18.06 -14.90 37.93
C THR R 27 -16.91 -14.93 36.94
N GLY R 28 -17.13 -15.51 35.78
CA GLY R 28 -16.07 -15.61 34.79
C GLY R 28 -14.96 -16.53 35.29
N ILE R 29 -13.73 -16.01 35.32
CA ILE R 29 -12.61 -16.80 35.83
C ILE R 29 -12.53 -16.71 37.35
N THR R 30 -12.98 -15.61 37.92
CA THR R 30 -12.87 -15.39 39.36
C THR R 30 -13.73 -16.38 40.14
N PRO R 31 -13.16 -17.16 41.06
CA PRO R 31 -13.93 -18.19 41.75
C PRO R 31 -14.53 -17.71 43.07
N SER R 32 -15.59 -18.39 43.49
CA SER R 32 -16.22 -18.04 44.76
C SER R 32 -15.22 -18.31 45.89
N GLN R 33 -15.17 -17.41 46.87
CA GLN R 33 -14.24 -17.60 47.97
C GLN R 33 -14.74 -16.95 49.27
N TRP R 34 -14.50 -17.66 50.38
CA TRP R 34 -14.86 -17.27 51.74
C TRP R 34 -13.62 -17.18 52.61
N LEU R 35 -13.72 -16.42 53.71
CA LEU R 35 -12.61 -16.15 54.61
C LEU R 35 -13.01 -16.44 56.06
N ASN R 36 -12.04 -16.88 56.88
CA ASN R 36 -12.34 -17.33 58.23
C ASN R 36 -12.53 -16.16 59.21
N LYS R 37 -11.62 -15.15 59.15
CA LYS R 37 -11.74 -13.89 59.91
C LYS R 37 -11.47 -14.06 61.41
N GLU R 38 -10.58 -14.98 61.76
CA GLU R 38 -10.33 -15.21 63.19
C GLU R 38 -9.00 -14.64 63.68
N ALA R 39 -7.91 -14.87 62.96
CA ALA R 39 -6.66 -14.29 63.40
C ALA R 39 -6.71 -12.77 63.27
N ALA R 40 -5.88 -12.09 64.05
CA ALA R 40 -6.01 -10.65 64.23
C ALA R 40 -5.63 -9.86 63.00
N SER R 41 -4.55 -10.27 62.32
CA SER R 41 -4.04 -9.62 61.13
C SER R 41 -4.76 -10.11 59.88
N ASN R 42 -4.77 -9.28 58.85
CA ASN R 42 -5.43 -9.65 57.60
C ASN R 42 -4.85 -10.90 56.97
N ILE R 43 -3.61 -11.28 57.35
CA ILE R 43 -2.95 -12.42 56.71
C ILE R 43 -3.50 -13.73 57.25
N GLY R 44 -3.79 -13.80 58.55
CA GLY R 44 -4.12 -15.07 59.19
C GLY R 44 -5.46 -15.62 58.79
N TYR R 45 -6.33 -14.78 58.22
CA TYR R 45 -7.63 -15.21 57.73
C TYR R 45 -7.48 -16.46 56.86
N ARG R 46 -8.23 -17.51 57.19
CA ARG R 46 -8.19 -18.74 56.42
C ARG R 46 -9.12 -18.63 55.22
N LYS R 47 -8.76 -19.27 54.12
CA LYS R 47 -9.47 -19.02 52.86
C LYS R 47 -9.96 -20.32 52.24
N VAL R 48 -11.22 -20.33 51.83
CA VAL R 48 -11.81 -21.44 51.09
C VAL R 48 -12.24 -20.91 49.73
N SER R 49 -11.93 -21.62 48.66
CA SER R 49 -12.36 -21.13 47.36
C SER R 49 -12.73 -22.31 46.45
N MET R 50 -13.66 -22.04 45.54
CA MET R 50 -14.24 -23.06 44.68
C MET R 50 -14.60 -22.43 43.34
N PHE R 51 -14.47 -23.22 42.28
CA PHE R 51 -14.84 -22.82 40.92
C PHE R 51 -15.50 -23.97 40.19
N VAL R 52 -16.70 -23.72 39.67
CA VAL R 52 -17.49 -24.72 38.98
C VAL R 52 -17.47 -24.37 37.50
N LYS R 53 -16.71 -25.13 36.69
CA LYS R 53 -16.68 -24.96 35.24
C LYS R 53 -17.61 -25.99 34.62
N TYR R 54 -18.79 -25.53 34.19
CA TYR R 54 -19.74 -26.38 33.49
C TYR R 54 -19.42 -26.37 32.01
N VAL R 55 -19.00 -27.51 31.47
CA VAL R 55 -18.73 -27.69 30.05
C VAL R 55 -19.89 -28.46 29.46
N SER R 56 -20.69 -27.80 28.63
CA SER R 56 -21.96 -28.38 28.17
C SER R 56 -21.75 -29.64 27.35
N ASN R 57 -20.61 -29.75 26.66
CA ASN R 57 -20.24 -30.98 25.94
C ASN R 57 -18.76 -31.25 26.20
N GLY R 58 -18.49 -31.99 27.26
CA GLY R 58 -17.13 -32.31 27.63
C GLY R 58 -17.03 -32.59 29.12
N THR R 59 -15.80 -32.53 29.62
CA THR R 59 -15.51 -32.85 31.02
C THR R 59 -15.64 -31.58 31.85
N SER R 60 -16.72 -31.49 32.62
CA SER R 60 -16.91 -30.38 33.56
C SER R 60 -16.05 -30.60 34.80
N LYS R 61 -15.72 -29.50 35.48
CA LYS R 61 -14.69 -29.56 36.52
C LYS R 61 -15.05 -28.65 37.69
N VAL R 62 -15.14 -29.22 38.89
CA VAL R 62 -15.30 -28.48 40.13
C VAL R 62 -13.96 -28.48 40.85
N THR R 63 -13.45 -27.30 41.20
CA THR R 63 -12.13 -27.17 41.81
C THR R 63 -12.25 -26.47 43.15
N ILE R 64 -11.59 -27.01 44.17
CA ILE R 64 -11.73 -26.51 45.55
C ILE R 64 -10.37 -26.46 46.21
N ARG R 65 -10.12 -25.41 47.01
CA ARG R 65 -8.88 -25.30 47.77
C ARG R 65 -9.14 -24.62 49.11
N ILE R 66 -8.54 -25.17 50.16
CA ILE R 66 -8.65 -24.72 51.53
C ILE R 66 -7.26 -24.38 52.05
N ALA R 67 -7.09 -23.16 52.57
CA ALA R 67 -5.80 -22.67 53.03
C ALA R 67 -5.92 -22.24 54.48
N ASP R 68 -5.17 -22.95 55.35
CA ASP R 68 -5.12 -22.79 56.80
C ASP R 68 -3.75 -22.22 57.14
N PRO R 69 -3.60 -20.90 57.16
CA PRO R 69 -2.31 -20.31 57.53
C PRO R 69 -2.18 -20.11 59.04
N VAL R 70 -0.95 -20.16 59.52
CA VAL R 70 -0.64 -19.90 60.91
C VAL R 70 0.43 -18.81 61.01
N LEU R 71 0.12 -17.76 61.75
CA LEU R 71 1.05 -16.64 61.89
C LEU R 71 2.28 -17.04 62.70
N ALA R 72 3.43 -16.50 62.33
CA ALA R 72 4.67 -16.79 63.04
C ALA R 72 4.79 -15.94 64.29
N SER R 73 5.29 -16.55 65.35
CA SER R 73 5.68 -15.83 66.57
C SER R 73 7.20 -15.83 66.61
N VAL R 74 7.79 -14.66 66.38
CA VAL R 74 9.25 -14.53 66.27
C VAL R 74 9.85 -14.58 67.66
N PRO R 75 11.11 -14.97 67.81
CA PRO R 75 11.80 -14.83 69.08
C PRO R 75 12.41 -13.44 69.19
N ALA R 76 12.92 -13.14 70.38
CA ALA R 76 13.50 -11.82 70.63
C ALA R 76 14.68 -11.53 69.70
N GLY R 77 15.37 -12.57 69.25
CA GLY R 77 16.66 -12.37 68.62
C GLY R 77 16.60 -11.65 67.28
N CYS R 78 15.65 -12.03 66.43
CA CYS R 78 15.65 -11.48 65.07
C CYS R 78 15.10 -10.06 65.01
N CYS R 79 14.33 -9.64 66.02
CA CYS R 79 13.94 -8.24 66.20
C CYS R 79 13.09 -7.69 65.06
N VAL R 80 12.32 -8.54 64.40
CA VAL R 80 11.23 -8.02 63.58
C VAL R 80 10.20 -7.41 64.53
N ASP R 81 9.73 -6.21 64.20
CA ASP R 81 8.81 -5.51 65.08
C ASP R 81 7.59 -6.36 65.38
N THR R 82 7.17 -6.33 66.65
CA THR R 82 5.96 -7.04 67.06
C THR R 82 4.78 -6.72 66.15
N ASN R 83 4.77 -5.53 65.55
CA ASN R 83 3.58 -5.04 64.87
C ASN R 83 3.44 -5.60 63.46
N THR R 84 4.54 -5.98 62.80
CA THR R 84 4.47 -6.50 61.44
C THR R 84 4.46 -8.02 61.47
N PRO R 85 3.30 -8.67 61.33
CA PRO R 85 3.27 -10.13 61.37
C PRO R 85 3.64 -10.72 60.02
N GLN R 86 4.14 -11.95 60.06
CA GLN R 86 4.44 -12.71 58.86
C GLN R 86 3.82 -14.09 59.02
N VAL R 87 3.43 -14.68 57.89
CA VAL R 87 2.85 -16.02 57.90
C VAL R 87 3.98 -17.04 57.97
N ALA R 88 3.92 -17.93 58.97
CA ALA R 88 4.99 -18.91 59.16
C ALA R 88 4.88 -20.03 58.13
N TYR R 89 3.68 -20.58 57.98
CA TYR R 89 3.40 -21.72 57.13
C TYR R 89 1.89 -21.82 57.00
N SER R 90 1.45 -22.64 56.05
CA SER R 90 0.01 -22.84 55.85
C SER R 90 -0.22 -24.23 55.26
N THR R 91 -1.21 -24.93 55.82
CA THR R 91 -1.63 -26.21 55.28
C THR R 91 -2.62 -25.98 54.15
N PHE R 92 -2.56 -26.84 53.12
CA PHE R 92 -3.35 -26.67 51.91
C PHE R 92 -4.08 -27.96 51.55
N PHE R 93 -5.34 -27.83 51.13
CA PHE R 93 -6.10 -28.95 50.56
C PHE R 93 -6.66 -28.53 49.22
N GLU R 94 -6.35 -29.29 48.16
CA GLU R 94 -6.82 -28.93 46.82
C GLU R 94 -7.38 -30.16 46.13
N CYS R 95 -8.65 -30.11 45.75
CA CYS R 95 -9.31 -31.23 45.08
C CYS R 95 -9.98 -30.75 43.80
N THR R 96 -10.20 -31.71 42.90
CA THR R 96 -10.85 -31.47 41.62
C THR R 96 -11.74 -32.66 41.29
N PHE R 97 -13.03 -32.38 41.08
CA PHE R 97 -13.99 -33.34 40.55
C PHE R 97 -14.08 -33.16 39.04
N SER R 98 -13.94 -34.26 38.29
CA SER R 98 -14.11 -34.29 36.85
C SER R 98 -15.35 -35.12 36.52
N VAL R 99 -16.34 -34.45 35.93
CA VAL R 99 -17.63 -35.05 35.58
C VAL R 99 -17.81 -35.00 34.07
N PRO R 100 -17.77 -36.13 33.38
CA PRO R 100 -17.87 -36.12 31.91
C PRO R 100 -19.29 -35.78 31.47
N TYR R 101 -19.44 -35.61 30.15
CA TYR R 101 -20.71 -35.16 29.60
C TYR R 101 -21.84 -36.12 29.97
N GLY R 102 -21.62 -37.42 29.77
CA GLY R 102 -22.68 -38.41 29.86
C GLY R 102 -23.01 -38.87 31.26
N ALA R 103 -22.44 -38.23 32.28
CA ALA R 103 -22.52 -38.76 33.63
C ALA R 103 -23.94 -38.71 34.16
N THR R 104 -24.36 -39.80 34.77
CA THR R 104 -25.66 -39.83 35.41
C THR R 104 -25.67 -38.94 36.65
N LEU R 105 -26.83 -38.38 36.94
CA LEU R 105 -26.99 -37.67 38.20
C LEU R 105 -26.67 -38.58 39.38
N GLN R 106 -27.08 -39.84 39.27
CA GLN R 106 -26.71 -40.80 40.30
C GLN R 106 -25.19 -40.98 40.38
N ASN R 107 -24.50 -40.90 39.24
CA ASN R 107 -23.04 -40.99 39.23
C ASN R 107 -22.40 -39.82 39.94
N LYS R 108 -22.93 -38.61 39.72
CA LYS R 108 -22.43 -37.42 40.43
C LYS R 108 -22.59 -37.59 41.94
N LYS R 109 -23.79 -37.98 42.37
CA LYS R 109 -24.02 -38.32 43.78
C LYS R 109 -23.00 -39.34 44.27
N ASP R 110 -22.81 -40.41 43.49
CA ASP R 110 -21.90 -41.48 43.87
C ASP R 110 -20.52 -40.94 44.16
N ILE R 111 -19.94 -40.19 43.21
CA ILE R 111 -18.54 -39.82 43.38
C ILE R 111 -18.37 -38.79 44.50
N LEU R 112 -19.33 -37.88 44.66
CA LEU R 112 -19.24 -36.98 45.81
C LEU R 112 -19.24 -37.78 47.12
N ALA R 113 -20.09 -38.80 47.21
CA ALA R 113 -20.15 -39.60 48.42
C ALA R 113 -18.87 -40.40 48.64
N TYR R 114 -18.30 -40.94 47.55
CA TYR R 114 -17.05 -41.69 47.68
C TYR R 114 -15.94 -40.79 48.19
N ALA R 115 -15.87 -39.56 47.69
CA ALA R 115 -14.87 -38.61 48.15
C ALA R 115 -15.05 -38.30 49.64
N ARG R 116 -16.29 -37.98 50.04
CA ARG R 116 -16.52 -37.61 51.44
C ARG R 116 -16.20 -38.79 52.37
N ASN R 117 -16.70 -39.98 52.04
CA ASN R 117 -16.44 -41.14 52.88
C ASN R 117 -14.97 -41.49 52.92
N LEU R 118 -14.26 -41.32 51.79
CA LEU R 118 -12.84 -41.66 51.76
C LEU R 118 -12.02 -40.70 52.62
N LEU R 119 -12.38 -39.42 52.61
CA LEU R 119 -11.76 -38.52 53.58
C LEU R 119 -12.16 -38.87 55.01
N GLY R 120 -13.28 -39.56 55.18
CA GLY R 120 -13.62 -40.09 56.49
C GLY R 120 -12.81 -41.30 56.89
N THR R 121 -12.27 -42.05 55.92
CA THR R 121 -11.72 -43.38 56.20
C THR R 121 -10.52 -43.33 57.16
N GLN R 122 -10.35 -44.44 57.88
CA GLN R 122 -9.25 -44.55 58.84
C GLN R 122 -7.91 -44.52 58.13
N VAL R 123 -7.82 -45.11 56.94
CA VAL R 123 -6.55 -45.12 56.22
C VAL R 123 -6.11 -43.70 55.87
N VAL R 124 -7.05 -42.87 55.39
CA VAL R 124 -6.72 -41.51 55.00
C VAL R 124 -6.41 -40.65 56.22
N THR R 125 -7.22 -40.77 57.27
CA THR R 125 -6.93 -40.01 58.49
C THR R 125 -5.54 -40.36 59.00
N ASP R 126 -5.23 -41.65 59.06
CA ASP R 126 -3.91 -42.14 59.43
C ASP R 126 -2.82 -41.51 58.56
N ALA R 127 -3.00 -41.57 57.23
CA ALA R 127 -1.96 -41.14 56.31
C ALA R 127 -1.70 -39.64 56.40
N VAL R 128 -2.76 -38.84 56.44
CA VAL R 128 -2.61 -37.39 56.45
C VAL R 128 -2.05 -36.90 57.77
N VAL R 129 -2.46 -37.51 58.89
CA VAL R 129 -2.03 -36.97 60.18
C VAL R 129 -0.66 -37.50 60.59
N ASP R 130 -0.40 -38.80 60.43
CA ASP R 130 0.86 -39.37 60.88
C ASP R 130 1.86 -39.63 59.76
N MET R 131 1.54 -39.22 58.52
CA MET R 131 2.43 -39.40 57.37
C MET R 131 2.82 -40.87 57.21
N THR R 132 1.88 -41.76 57.52
CA THR R 132 2.11 -43.19 57.41
C THR R 132 1.39 -43.70 56.18
N PRO R 133 2.09 -44.30 55.22
CA PRO R 133 1.42 -44.78 54.00
C PRO R 133 0.56 -46.00 54.26
N ALA R 134 -0.07 -46.52 53.19
CA ALA R 134 -0.78 -47.79 53.27
C ALA R 134 0.14 -48.84 52.63
N TRP R 135 1.00 -49.43 53.44
CA TRP R 135 2.02 -50.36 52.97
C TRP R 135 1.51 -51.79 52.84
N ALA S 1 19.01 117.55 2.65
CA ALA S 1 17.75 117.08 2.08
C ALA S 1 17.40 115.68 2.56
N GLN S 2 16.71 115.58 3.70
CA GLN S 2 16.04 114.34 4.03
C GLN S 2 15.07 113.98 2.91
N ILE S 3 14.85 112.68 2.69
CA ILE S 3 13.96 112.27 1.63
C ILE S 3 12.53 112.67 2.00
N ALA S 4 11.79 113.13 1.00
CA ALA S 4 10.40 113.56 1.20
C ALA S 4 9.71 113.53 -0.14
N ASN S 5 8.41 113.83 -0.14
CA ASN S 5 7.57 113.75 -1.32
C ASN S 5 8.15 114.55 -2.48
N LEU S 6 7.74 114.21 -3.70
CA LEU S 6 8.22 114.89 -4.90
C LEU S 6 7.04 115.24 -5.78
N ILE S 7 6.98 116.45 -6.32
CA ILE S 7 5.82 116.89 -7.09
C ILE S 7 6.28 117.35 -8.46
N LEU S 8 5.88 116.62 -9.50
CA LEU S 8 6.29 116.88 -10.88
C LEU S 8 5.06 117.09 -11.75
N ALA S 9 5.12 118.09 -12.62
CA ALA S 9 3.97 118.46 -13.45
C ALA S 9 4.11 117.84 -14.83
N ASP S 10 3.07 117.13 -15.27
CA ASP S 10 3.07 116.56 -16.59
C ASP S 10 2.88 117.64 -17.66
N GLY S 11 3.12 117.26 -18.92
CA GLY S 11 2.95 118.19 -20.00
C GLY S 11 1.59 118.06 -20.64
N GLN S 12 0.72 119.04 -20.41
CA GLN S 12 -0.59 119.07 -21.03
C GLN S 12 -0.88 120.50 -21.45
N ALA S 13 -2.06 120.70 -22.02
CA ALA S 13 -2.56 122.06 -22.21
C ALA S 13 -2.46 122.82 -20.89
N THR S 14 -3.06 122.28 -19.85
CA THR S 14 -2.84 122.76 -18.49
C THR S 14 -2.16 121.63 -17.75
N PRO S 15 -0.91 121.80 -17.32
CA PRO S 15 -0.23 120.73 -16.58
C PRO S 15 -0.97 120.41 -15.28
N ALA S 16 -1.03 119.11 -14.97
CA ALA S 16 -1.59 118.64 -13.71
C ALA S 16 -0.48 118.03 -12.87
N ASN S 17 -0.38 118.46 -11.61
CA ASN S 17 0.68 118.01 -10.73
C ASN S 17 0.49 116.55 -10.33
N HIS S 18 1.59 115.80 -10.34
CA HIS S 18 1.61 114.40 -9.91
C HIS S 18 2.60 114.25 -8.77
N THR S 19 2.21 113.46 -7.78
CA THR S 19 2.97 113.34 -6.55
C THR S 19 3.65 111.98 -6.47
N PHE S 20 4.83 111.97 -5.83
CA PHE S 20 5.72 110.82 -5.76
C PHE S 20 6.07 110.59 -4.29
N VAL S 21 5.54 109.50 -3.74
CA VAL S 21 5.85 109.09 -2.37
C VAL S 21 7.24 108.48 -2.33
N PRO S 22 8.06 108.80 -1.34
CA PRO S 22 9.37 108.14 -1.23
C PRO S 22 9.23 106.71 -0.73
N MET S 23 10.06 105.83 -1.28
CA MET S 23 10.06 104.41 -0.90
C MET S 23 11.38 103.95 -0.31
N GLN S 24 12.52 104.35 -0.87
CA GLN S 24 13.81 103.99 -0.32
C GLN S 24 14.77 105.17 -0.46
N PRO S 25 15.51 105.50 0.59
CA PRO S 25 16.50 106.58 0.51
C PRO S 25 17.87 106.07 0.08
N GLN S 26 18.77 107.03 -0.10
CA GLN S 26 20.12 106.77 -0.58
C GLN S 26 21.02 106.39 0.58
N THR S 27 21.37 105.11 0.67
CA THR S 27 22.39 104.64 1.60
C THR S 27 23.25 103.63 0.86
N GLY S 28 24.55 103.91 0.78
CA GLY S 28 25.46 102.98 0.12
C GLY S 28 25.22 102.98 -1.38
N ILE S 29 25.06 101.77 -1.95
CA ILE S 29 24.83 101.64 -3.39
C ILE S 29 23.39 101.98 -3.74
N THR S 30 22.44 101.72 -2.85
CA THR S 30 21.03 101.89 -3.17
C THR S 30 20.69 103.36 -3.32
N PRO S 31 20.00 103.76 -4.40
CA PRO S 31 19.68 105.18 -4.62
C PRO S 31 18.32 105.57 -4.08
N SER S 32 18.18 106.86 -3.76
CA SER S 32 16.89 107.38 -3.33
C SER S 32 15.89 107.25 -4.46
N GLN S 33 14.64 106.93 -4.13
CA GLN S 33 13.67 106.64 -5.18
C GLN S 33 12.23 106.84 -4.69
N TRP S 34 11.40 107.40 -5.58
CA TRP S 34 10.01 107.77 -5.35
C TRP S 34 9.11 107.06 -6.36
N LEU S 35 7.86 106.85 -5.97
CA LEU S 35 6.85 106.13 -6.76
C LEU S 35 5.61 107.00 -6.92
N ASN S 36 4.97 106.95 -8.09
CA ASN S 36 3.82 107.83 -8.36
C ASN S 36 2.55 107.29 -7.72
N LYS S 37 2.31 105.97 -7.83
CA LYS S 37 1.17 105.30 -7.17
C LYS S 37 -0.18 105.72 -7.75
N GLU S 38 -0.21 106.05 -9.03
CA GLU S 38 -1.45 106.47 -9.68
C GLU S 38 -2.08 105.40 -10.56
N ALA S 39 -1.30 104.50 -11.16
CA ALA S 39 -1.86 103.57 -12.11
C ALA S 39 -2.70 102.49 -11.42
N ALA S 40 -3.41 101.70 -12.25
CA ALA S 40 -4.33 100.70 -11.72
C ALA S 40 -3.60 99.55 -11.02
N SER S 41 -2.53 99.04 -11.63
CA SER S 41 -1.77 97.93 -11.10
C SER S 41 -0.48 98.43 -10.45
N ASN S 42 0.13 97.55 -9.64
CA ASN S 42 1.35 97.96 -8.97
C ASN S 42 2.51 98.17 -9.92
N ILE S 43 2.42 97.68 -11.16
CA ILE S 43 3.53 97.81 -12.10
C ILE S 43 3.46 99.12 -12.88
N GLY S 44 2.30 99.73 -13.01
CA GLY S 44 2.15 100.98 -13.73
C GLY S 44 2.65 102.20 -13.01
N TYR S 45 3.01 102.05 -11.73
CA TYR S 45 3.47 103.16 -10.91
C TYR S 45 4.69 103.80 -11.55
N ARG S 46 4.65 105.12 -11.70
CA ARG S 46 5.78 105.84 -12.30
C ARG S 46 6.85 106.08 -11.24
N LYS S 47 8.11 105.93 -11.63
CA LYS S 47 9.15 105.98 -10.61
C LYS S 47 10.26 106.95 -11.00
N VAL S 48 10.87 107.52 -9.97
CA VAL S 48 11.99 108.44 -10.11
C VAL S 48 13.07 107.95 -9.17
N SER S 49 14.33 108.04 -9.58
CA SER S 49 15.39 107.68 -8.66
C SER S 49 16.63 108.53 -8.94
N MET S 50 17.44 108.71 -7.89
CA MET S 50 18.57 109.62 -7.90
C MET S 50 19.65 109.09 -6.98
N PHE S 51 20.91 109.30 -7.37
CA PHE S 51 22.08 108.91 -6.57
C PHE S 51 23.18 109.95 -6.71
N VAL S 52 23.74 110.38 -5.58
CA VAL S 52 24.74 111.45 -5.53
C VAL S 52 26.03 110.86 -4.99
N LYS S 53 26.89 110.36 -5.88
CA LYS S 53 28.18 109.80 -5.49
C LYS S 53 29.19 110.92 -5.32
N TYR S 54 29.55 111.22 -4.07
CA TYR S 54 30.53 112.25 -3.75
C TYR S 54 31.92 111.61 -3.68
N VAL S 55 32.79 112.01 -4.61
CA VAL S 55 34.16 111.50 -4.69
C VAL S 55 35.10 112.63 -4.30
N SER S 56 35.71 112.52 -3.10
CA SER S 56 36.43 113.65 -2.53
C SER S 56 37.65 114.02 -3.37
N ASN S 57 38.39 113.03 -3.86
CA ASN S 57 39.46 113.29 -4.83
C ASN S 57 39.16 112.48 -6.08
N GLY S 58 38.33 113.06 -6.94
CA GLY S 58 37.92 112.39 -8.15
C GLY S 58 36.63 112.99 -8.67
N THR S 59 36.00 112.25 -9.57
CA THR S 59 34.90 112.76 -10.39
C THR S 59 33.58 112.36 -9.73
N SER S 60 32.99 113.30 -8.99
CA SER S 60 31.68 113.06 -8.39
C SER S 60 30.60 112.97 -9.47
N LYS S 61 29.52 112.26 -9.16
CA LYS S 61 28.49 111.97 -10.16
C LYS S 61 27.10 111.99 -9.56
N VAL S 62 26.17 112.69 -10.22
CA VAL S 62 24.76 112.70 -9.85
C VAL S 62 23.98 112.02 -10.97
N THR S 63 23.30 110.92 -10.65
CA THR S 63 22.58 110.14 -11.65
C THR S 63 21.09 110.15 -11.33
N ILE S 64 20.28 110.42 -12.35
CA ILE S 64 18.84 110.56 -12.23
C ILE S 64 18.15 109.75 -13.34
N ARG S 65 17.09 109.03 -12.98
CA ARG S 65 16.32 108.31 -14.00
C ARG S 65 14.82 108.37 -13.66
N ILE S 66 14.02 108.60 -14.70
CA ILE S 66 12.58 108.78 -14.62
C ILE S 66 11.90 107.79 -15.56
N ALA S 67 10.96 107.01 -15.02
CA ALA S 67 10.29 105.95 -15.77
C ALA S 67 8.78 106.17 -15.74
N ASP S 68 8.19 106.35 -16.93
CA ASP S 68 6.76 106.57 -17.11
C ASP S 68 6.20 105.41 -17.91
N PRO S 69 5.62 104.40 -17.26
CA PRO S 69 5.06 103.27 -17.99
C PRO S 69 3.59 103.45 -18.32
N VAL S 70 3.16 102.78 -19.38
CA VAL S 70 1.75 102.75 -19.80
C VAL S 70 1.33 101.28 -19.86
N LEU S 71 0.33 100.92 -19.06
CA LEU S 71 -0.08 99.53 -18.96
C LEU S 71 -0.89 99.12 -20.20
N ALA S 72 -1.06 97.81 -20.35
CA ALA S 72 -1.75 97.25 -21.52
C ALA S 72 -3.22 97.05 -21.19
N SER S 73 -4.08 97.86 -21.79
CA SER S 73 -5.53 97.79 -21.58
C SER S 73 -6.18 96.95 -22.66
N VAL S 74 -6.89 95.91 -22.25
CA VAL S 74 -7.53 94.97 -23.17
C VAL S 74 -9.03 95.19 -23.13
N PRO S 75 -9.77 94.85 -24.19
CA PRO S 75 -11.23 95.01 -24.17
C PRO S 75 -11.86 94.34 -22.96
N ALA S 76 -12.93 94.97 -22.44
CA ALA S 76 -13.47 94.58 -21.14
C ALA S 76 -14.00 93.15 -21.15
N GLY S 77 -14.76 92.79 -22.19
CA GLY S 77 -15.28 91.44 -22.29
C GLY S 77 -14.21 90.38 -22.37
N CYS S 78 -13.01 90.74 -22.84
CA CYS S 78 -11.96 89.77 -23.01
C CYS S 78 -11.43 89.30 -21.65
N CYS S 79 -10.75 88.15 -21.67
CA CYS S 79 -10.29 87.50 -20.44
C CYS S 79 -8.77 87.40 -20.43
N VAL S 80 -8.14 88.32 -19.71
CA VAL S 80 -6.77 88.17 -19.27
C VAL S 80 -6.77 88.41 -17.78
N ASP S 81 -6.15 87.50 -17.02
CA ASP S 81 -6.20 87.58 -15.57
C ASP S 81 -5.71 88.93 -15.09
N THR S 82 -6.58 89.65 -14.37
CA THR S 82 -6.20 90.96 -13.86
C THR S 82 -5.08 90.87 -12.83
N ASN S 83 -4.88 89.68 -12.25
CA ASN S 83 -3.75 89.50 -11.34
C ASN S 83 -2.41 89.50 -12.08
N THR S 84 -2.42 89.25 -13.40
CA THR S 84 -1.20 89.25 -14.20
C THR S 84 -1.30 90.29 -15.30
N PRO S 85 -1.05 91.60 -15.01
CA PRO S 85 -1.00 92.61 -16.05
C PRO S 85 0.42 92.81 -16.55
N GLN S 86 0.56 93.40 -17.72
CA GLN S 86 1.85 93.69 -18.31
C GLN S 86 1.94 95.16 -18.63
N VAL S 87 3.16 95.63 -18.78
CA VAL S 87 3.45 96.97 -19.27
C VAL S 87 3.61 96.89 -20.77
N ALA S 88 2.80 97.66 -21.50
CA ALA S 88 2.90 97.70 -22.95
C ALA S 88 4.22 98.34 -23.38
N TYR S 89 4.55 99.49 -22.80
CA TYR S 89 5.75 100.23 -23.13
C TYR S 89 5.94 101.29 -22.05
N SER S 90 7.15 101.84 -21.96
CA SER S 90 7.45 102.84 -20.95
C SER S 90 8.52 103.79 -21.47
N THR S 91 8.30 105.08 -21.27
CA THR S 91 9.28 106.09 -21.63
C THR S 91 10.29 106.26 -20.48
N PHE S 92 11.53 106.60 -20.85
CA PHE S 92 12.61 106.70 -19.87
C PHE S 92 13.43 107.96 -20.09
N PHE S 93 13.90 108.56 -18.99
CA PHE S 93 14.85 109.66 -19.04
C PHE S 93 16.00 109.39 -18.08
N GLU S 94 17.22 109.38 -18.58
CA GLU S 94 18.38 109.09 -17.73
C GLU S 94 19.48 110.13 -17.97
N CYS S 95 19.88 110.83 -16.90
CA CYS S 95 20.92 111.84 -16.98
C CYS S 95 21.97 111.63 -15.88
N THR S 96 23.20 112.04 -16.18
CA THR S 96 24.33 111.96 -15.26
C THR S 96 25.14 113.24 -15.35
N PHE S 97 25.23 113.94 -14.22
CA PHE S 97 26.16 115.04 -14.03
C PHE S 97 27.49 114.48 -13.54
N SER S 98 28.59 114.94 -14.14
CA SER S 98 29.94 114.56 -13.74
C SER S 98 30.72 115.82 -13.39
N VAL S 99 31.01 115.98 -12.11
CA VAL S 99 31.64 117.18 -11.56
C VAL S 99 33.01 116.81 -11.03
N PRO S 100 34.09 117.43 -11.50
CA PRO S 100 35.42 117.09 -11.00
C PRO S 100 35.59 117.48 -9.55
N TYR S 101 36.56 116.84 -8.90
CA TYR S 101 37.09 117.37 -7.65
C TYR S 101 37.59 118.78 -7.90
N GLY S 102 37.56 119.59 -6.85
CA GLY S 102 38.08 120.94 -6.97
C GLY S 102 37.30 121.84 -7.89
N ALA S 103 36.06 121.50 -8.24
CA ALA S 103 35.23 122.38 -9.05
C ALA S 103 34.55 123.40 -8.15
N THR S 104 34.58 124.67 -8.57
CA THR S 104 33.97 125.74 -7.81
C THR S 104 32.46 125.55 -7.72
N LEU S 105 31.90 125.97 -6.58
CA LEU S 105 30.45 126.05 -6.47
C LEU S 105 29.86 126.81 -7.66
N GLN S 106 30.61 127.78 -8.20
CA GLN S 106 30.15 128.48 -9.38
C GLN S 106 30.15 127.57 -10.61
N ASN S 107 31.15 126.69 -10.74
CA ASN S 107 31.15 125.74 -11.85
C ASN S 107 29.97 124.79 -11.78
N LYS S 108 29.60 124.38 -10.55
CA LYS S 108 28.45 123.48 -10.38
C LYS S 108 27.16 124.19 -10.76
N LYS S 109 26.96 125.41 -10.23
CA LYS S 109 25.82 126.23 -10.65
C LYS S 109 25.78 126.35 -12.17
N ASP S 110 26.94 126.63 -12.78
CA ASP S 110 27.02 126.81 -14.22
C ASP S 110 26.47 125.60 -14.96
N ILE S 111 27.00 124.41 -14.67
CA ILE S 111 26.60 123.27 -15.48
C ILE S 111 25.15 122.87 -15.21
N LEU S 112 24.70 122.99 -13.96
CA LEU S 112 23.27 122.75 -13.71
C LEU S 112 22.41 123.66 -14.59
N ALA S 113 22.77 124.94 -14.65
CA ALA S 113 21.98 125.88 -15.43
C ALA S 113 22.07 125.58 -16.93
N TYR S 114 23.25 125.21 -17.43
CA TYR S 114 23.36 124.88 -18.85
C TYR S 114 22.45 123.71 -19.19
N ALA S 115 22.45 122.67 -18.35
CA ALA S 115 21.61 121.52 -18.59
C ALA S 115 20.13 121.90 -18.60
N ARG S 116 19.70 122.66 -17.60
CA ARG S 116 18.28 123.00 -17.50
C ARG S 116 17.85 123.87 -18.66
N ASN S 117 18.66 124.89 -19.00
CA ASN S 117 18.33 125.76 -20.12
C ASN S 117 18.31 124.99 -21.44
N LEU S 118 19.23 124.04 -21.62
CA LEU S 118 19.25 123.27 -22.86
C LEU S 118 18.01 122.40 -23.00
N LEU S 119 17.64 121.70 -21.92
CA LEU S 119 16.41 120.91 -21.99
C LEU S 119 15.19 121.80 -22.16
N GLY S 120 15.27 123.05 -21.73
CA GLY S 120 14.22 123.99 -22.05
C GLY S 120 14.27 124.62 -23.42
N THR S 121 15.26 124.28 -24.25
CA THR S 121 15.37 124.94 -25.56
C THR S 121 14.36 124.39 -26.55
N GLN S 122 14.01 125.24 -27.52
CA GLN S 122 13.04 124.84 -28.52
C GLN S 122 13.55 123.69 -29.37
N VAL S 123 14.84 123.64 -29.66
CA VAL S 123 15.36 122.54 -30.47
C VAL S 123 15.25 121.23 -29.70
N VAL S 124 15.49 121.26 -28.38
CA VAL S 124 15.42 120.03 -27.58
C VAL S 124 13.97 119.55 -27.43
N THR S 125 13.06 120.48 -27.10
CA THR S 125 11.65 120.10 -27.01
C THR S 125 11.14 119.57 -28.34
N ASP S 126 11.53 120.24 -29.44
CA ASP S 126 11.20 119.79 -30.78
C ASP S 126 11.69 118.36 -31.00
N ALA S 127 12.96 118.09 -30.69
CA ALA S 127 13.54 116.77 -30.97
C ALA S 127 12.83 115.68 -30.18
N VAL S 128 12.62 115.91 -28.88
CA VAL S 128 12.05 114.85 -28.03
C VAL S 128 10.58 114.61 -28.37
N VAL S 129 9.82 115.65 -28.68
CA VAL S 129 8.39 115.46 -28.89
C VAL S 129 8.09 115.06 -30.33
N ASP S 130 8.56 115.82 -31.31
CA ASP S 130 8.23 115.55 -32.71
C ASP S 130 9.21 114.59 -33.38
N MET S 131 10.28 114.18 -32.69
CA MET S 131 11.35 113.38 -33.29
C MET S 131 12.07 114.15 -34.38
N THR S 132 12.31 115.44 -34.15
CA THR S 132 12.86 116.28 -35.19
C THR S 132 14.30 116.65 -34.84
N PRO S 133 15.25 116.33 -35.72
CA PRO S 133 16.67 116.59 -35.42
C PRO S 133 17.12 118.00 -35.79
N ALA S 134 18.40 118.28 -35.55
CA ALA S 134 19.01 119.53 -35.99
C ALA S 134 19.80 119.25 -37.27
N TRP S 135 19.22 119.56 -38.42
CA TRP S 135 19.80 119.20 -39.72
C TRP S 135 20.59 120.32 -40.39
N ALA T 1 19.36 109.49 18.62
CA ALA T 1 19.94 110.54 17.78
C ALA T 1 19.63 110.31 16.31
N GLN T 2 18.53 110.89 15.82
CA GLN T 2 18.38 110.97 14.37
C GLN T 2 19.53 111.79 13.81
N ILE T 3 20.03 111.40 12.64
CA ILE T 3 21.16 112.11 12.08
C ILE T 3 20.76 113.56 11.85
N ALA T 4 21.65 114.47 12.21
CA ALA T 4 21.38 115.90 12.06
C ALA T 4 22.72 116.60 11.99
N ASN T 5 22.65 117.91 11.71
CA ASN T 5 23.85 118.72 11.57
C ASN T 5 24.77 118.53 12.77
N LEU T 6 26.06 118.73 12.54
CA LEU T 6 27.07 118.51 13.57
C LEU T 6 27.99 119.73 13.63
N ILE T 7 28.22 120.29 14.81
CA ILE T 7 28.95 121.55 14.92
C ILE T 7 30.20 121.32 15.77
N LEU T 8 31.37 121.51 15.15
CA LEU T 8 32.65 121.27 15.80
C LEU T 8 33.51 122.52 15.71
N ALA T 9 34.15 122.88 16.82
CA ALA T 9 34.92 124.12 16.91
C ALA T 9 36.40 123.84 16.62
N ASP T 10 36.97 124.59 15.69
CA ASP T 10 38.39 124.48 15.39
C ASP T 10 39.25 125.08 16.50
N GLY T 11 40.53 124.75 16.47
CA GLY T 11 41.47 125.26 17.46
C GLY T 11 42.13 126.52 17.00
N GLN T 12 41.71 127.63 17.57
CA GLN T 12 42.31 128.93 17.32
C GLN T 12 42.35 129.68 18.63
N ALA T 13 42.90 130.90 18.59
CA ALA T 13 42.77 131.79 19.73
C ALA T 13 41.31 131.93 20.12
N THR T 14 40.48 132.33 19.16
CA THR T 14 39.04 132.30 19.34
C THR T 14 38.55 131.21 18.42
N PRO T 15 38.16 130.06 18.95
CA PRO T 15 37.68 128.97 18.10
C PRO T 15 36.46 129.40 17.31
N ALA T 16 36.35 128.85 16.10
CA ALA T 16 35.27 129.17 15.18
C ALA T 16 34.45 127.91 14.92
N ASN T 17 33.14 127.97 15.19
CA ASN T 17 32.28 126.81 14.95
C ASN T 17 32.24 126.51 13.45
N HIS T 18 32.39 125.23 13.10
CA HIS T 18 32.27 124.75 11.75
C HIS T 18 31.16 123.71 11.69
N THR T 19 30.28 123.85 10.72
CA THR T 19 29.09 123.02 10.60
C THR T 19 29.33 121.86 9.65
N PHE T 20 28.60 120.76 9.88
CA PHE T 20 28.73 119.51 9.15
C PHE T 20 27.32 119.05 8.74
N VAL T 21 27.02 119.20 7.47
CA VAL T 21 25.75 118.70 6.93
C VAL T 21 25.78 117.19 6.90
N PRO T 22 24.69 116.50 7.24
CA PRO T 22 24.67 115.04 7.07
C PRO T 22 24.55 114.63 5.61
N MET T 23 25.17 113.50 5.30
CA MET T 23 25.18 112.95 3.95
C MET T 23 24.34 111.68 3.85
N GLN T 24 24.50 110.75 4.79
CA GLN T 24 23.65 109.58 4.85
C GLN T 24 23.62 109.07 6.27
N PRO T 25 22.52 108.47 6.71
CA PRO T 25 22.43 107.96 8.07
C PRO T 25 23.26 106.68 8.17
N GLN T 26 23.24 106.09 9.36
CA GLN T 26 23.93 104.85 9.60
C GLN T 26 23.03 103.67 9.26
N THR T 27 23.57 102.73 8.50
CA THR T 27 22.89 101.53 8.04
C THR T 27 23.64 100.34 8.60
N GLY T 28 23.14 99.13 8.32
CA GLY T 28 23.83 97.93 8.76
C GLY T 28 25.22 97.75 8.17
N ILE T 29 25.46 98.29 6.98
CA ILE T 29 26.76 98.15 6.33
C ILE T 29 27.46 99.48 6.12
N THR T 30 26.74 100.60 6.02
CA THR T 30 27.34 101.90 5.78
C THR T 30 27.30 102.75 7.06
N PRO T 31 28.37 103.47 7.37
CA PRO T 31 28.39 104.32 8.56
C PRO T 31 27.83 105.73 8.31
N SER T 32 27.18 106.26 9.34
CA SER T 32 26.65 107.62 9.24
C SER T 32 27.79 108.60 9.03
N GLN T 33 27.59 109.58 8.16
CA GLN T 33 28.69 110.48 7.83
C GLN T 33 28.20 111.87 7.44
N TRP T 34 29.01 112.88 7.81
CA TRP T 34 28.76 114.30 7.60
C TRP T 34 29.87 114.90 6.73
N LEU T 35 29.68 116.16 6.33
CA LEU T 35 30.56 116.88 5.42
C LEU T 35 30.65 118.35 5.82
N ASN T 36 31.85 118.94 5.71
CA ASN T 36 32.03 120.33 6.12
C ASN T 36 31.44 121.30 5.10
N LYS T 37 31.80 121.13 3.83
CA LYS T 37 31.23 121.92 2.73
C LYS T 37 31.58 123.40 2.84
N GLU T 38 32.79 123.68 3.30
CA GLU T 38 33.25 125.06 3.42
C GLU T 38 34.17 125.48 2.27
N ALA T 39 35.26 124.76 2.04
CA ALA T 39 36.17 125.14 0.98
C ALA T 39 35.49 125.00 -0.37
N ALA T 40 35.95 125.79 -1.36
CA ALA T 40 35.27 125.80 -2.66
C ALA T 40 35.46 124.48 -3.40
N SER T 41 36.61 123.84 -3.20
CA SER T 41 36.93 122.61 -3.91
C SER T 41 36.29 121.40 -3.24
N ASN T 42 35.87 120.44 -4.06
CA ASN T 42 35.37 119.18 -3.52
C ASN T 42 36.36 118.53 -2.56
N ILE T 43 37.65 118.75 -2.77
CA ILE T 43 38.66 118.11 -1.94
C ILE T 43 38.67 118.70 -0.53
N GLY T 44 38.56 120.03 -0.44
CA GLY T 44 38.68 120.76 0.83
C GLY T 44 37.54 120.52 1.81
N TYR T 45 36.47 119.84 1.40
CA TYR T 45 35.43 119.49 2.35
C TYR T 45 35.99 118.55 3.41
N ARG T 46 35.61 118.79 4.67
CA ARG T 46 36.08 117.96 5.78
C ARG T 46 34.97 116.99 6.15
N LYS T 47 35.34 115.72 6.36
CA LYS T 47 34.33 114.70 6.59
C LYS T 47 34.49 114.10 7.97
N VAL T 48 33.37 113.60 8.50
CA VAL T 48 33.32 112.97 9.82
C VAL T 48 32.38 111.79 9.70
N SER T 49 32.89 110.59 9.95
CA SER T 49 32.05 109.40 9.84
C SER T 49 32.12 108.59 11.13
N MET T 50 31.05 107.85 11.40
CA MET T 50 30.86 107.16 12.66
C MET T 50 30.01 105.91 12.42
N PHE T 51 30.31 104.83 13.14
CA PHE T 51 29.56 103.59 13.05
C PHE T 51 29.50 102.87 14.39
N VAL T 52 28.29 102.44 14.78
CA VAL T 52 28.01 101.85 16.08
C VAL T 52 27.58 100.40 15.85
N LYS T 53 28.53 99.46 15.91
CA LYS T 53 28.23 98.04 15.72
C LYS T 53 27.84 97.43 17.06
N TYR T 54 26.55 97.10 17.21
CA TYR T 54 26.03 96.47 18.41
C TYR T 54 26.16 94.95 18.29
N VAL T 55 26.86 94.34 19.23
CA VAL T 55 27.03 92.89 19.27
C VAL T 55 26.39 92.41 20.58
N SER T 56 25.22 91.79 20.46
CA SER T 56 24.40 91.50 21.65
C SER T 56 25.09 90.50 22.57
N ASN T 57 25.93 89.61 22.03
CA ASN T 57 26.76 88.72 22.85
C ASN T 57 28.19 88.80 22.30
N GLY T 58 28.93 89.81 22.74
CA GLY T 58 30.28 90.00 22.27
C GLY T 58 30.71 91.45 22.44
N THR T 59 31.78 91.80 21.74
CA THR T 59 32.41 93.11 21.87
C THR T 59 31.77 94.07 20.87
N SER T 60 30.88 94.93 21.36
CA SER T 60 30.36 96.01 20.54
C SER T 60 31.47 97.02 20.25
N LYS T 61 31.31 97.79 19.17
CA LYS T 61 32.37 98.69 18.73
C LYS T 61 31.83 99.98 18.14
N VAL T 62 32.26 101.12 18.69
CA VAL T 62 31.97 102.44 18.14
C VAL T 62 33.22 102.94 17.43
N THR T 63 33.10 103.32 16.16
CA THR T 63 34.23 103.72 15.34
C THR T 63 33.99 105.11 14.79
N ILE T 64 35.00 105.97 14.89
CA ILE T 64 34.89 107.38 14.49
C ILE T 64 36.14 107.77 13.69
N ARG T 65 35.94 108.50 12.59
CA ARG T 65 37.09 109.02 11.86
C ARG T 65 36.77 110.41 11.30
N ILE T 66 37.74 111.31 11.46
CA ILE T 66 37.65 112.72 11.13
C ILE T 66 38.76 113.05 10.14
N ALA T 67 38.40 113.71 9.04
CA ALA T 67 39.36 114.04 7.99
C ALA T 67 39.28 115.53 7.67
N ASP T 68 40.41 116.22 7.81
CA ASP T 68 40.55 117.65 7.54
C ASP T 68 41.59 117.85 6.44
N PRO T 69 41.16 118.07 5.20
CA PRO T 69 42.14 118.35 4.12
C PRO T 69 42.77 119.72 4.30
N VAL T 70 44.10 119.73 4.41
CA VAL T 70 44.82 121.00 4.48
C VAL T 70 45.56 121.22 3.18
N LEU T 71 44.88 121.80 2.20
CA LEU T 71 45.51 122.07 0.92
C LEU T 71 46.28 123.38 0.93
N ALA T 72 45.93 124.29 1.85
CA ALA T 72 46.70 125.51 2.00
C ALA T 72 48.16 125.18 2.33
N SER T 73 48.37 124.13 3.13
CA SER T 73 49.71 123.76 3.55
C SER T 73 50.54 123.12 2.43
N VAL T 74 49.91 122.74 1.32
CA VAL T 74 50.62 122.10 0.21
C VAL T 74 51.48 123.13 -0.51
N PRO T 75 52.75 122.82 -0.81
CA PRO T 75 53.56 123.78 -1.58
C PRO T 75 52.96 124.04 -2.95
N ALA T 76 53.23 125.23 -3.48
CA ALA T 76 52.69 125.59 -4.78
C ALA T 76 53.24 124.72 -5.89
N GLY T 77 54.48 124.25 -5.74
CA GLY T 77 55.10 123.45 -6.78
C GLY T 77 54.51 122.04 -6.90
N CYS T 78 53.98 121.50 -5.80
CA CYS T 78 53.42 120.16 -5.83
C CYS T 78 52.00 120.18 -6.35
N CYS T 79 51.71 119.31 -7.31
CA CYS T 79 50.37 119.16 -7.85
C CYS T 79 49.63 118.08 -7.08
N VAL T 80 48.34 118.33 -6.83
CA VAL T 80 47.47 117.38 -6.14
C VAL T 80 46.43 116.88 -7.14
N ASP T 81 46.40 115.57 -7.35
CA ASP T 81 45.47 114.92 -8.27
C ASP T 81 44.98 113.63 -7.64
N THR T 82 44.12 112.91 -8.36
CA THR T 82 43.48 111.71 -7.81
C THR T 82 44.52 110.72 -7.28
N ASN T 83 45.69 110.68 -7.93
CA ASN T 83 46.74 109.75 -7.55
C ASN T 83 47.53 110.19 -6.32
N THR T 84 47.38 111.43 -5.87
CA THR T 84 48.07 111.86 -4.65
C THR T 84 47.50 111.10 -3.46
N PRO T 85 48.34 110.46 -2.66
CA PRO T 85 47.83 109.72 -1.49
C PRO T 85 47.18 110.67 -0.49
N GLN T 86 46.05 110.23 0.05
CA GLN T 86 45.28 111.10 0.94
C GLN T 86 46.10 111.52 2.14
N VAL T 87 46.82 110.58 2.76
CA VAL T 87 47.43 110.79 4.07
C VAL T 87 48.58 111.80 3.96
N ALA T 88 48.84 112.28 2.74
CA ALA T 88 49.88 113.26 2.53
C ALA T 88 49.35 114.70 2.48
N TYR T 89 48.06 114.91 2.22
CA TYR T 89 47.54 116.27 2.10
C TYR T 89 46.35 116.54 3.01
N SER T 90 46.21 115.79 4.11
CA SER T 90 45.11 116.02 5.04
C SER T 90 45.42 115.35 6.36
N THR T 91 44.89 115.93 7.44
CA THR T 91 45.04 115.37 8.78
C THR T 91 43.87 114.43 9.08
N PHE T 92 44.15 113.41 9.90
CA PHE T 92 43.18 112.36 10.18
C PHE T 92 43.17 111.99 11.66
N PHE T 93 41.98 111.69 12.18
CA PHE T 93 41.82 111.18 13.54
C PHE T 93 40.89 109.98 13.53
N GLU T 94 41.36 108.84 14.03
CA GLU T 94 40.55 107.62 14.03
C GLU T 94 40.55 106.98 15.41
N CYS T 95 39.37 106.79 15.99
CA CYS T 95 39.25 106.14 17.29
C CYS T 95 38.21 105.02 17.25
N THR T 96 38.38 104.06 18.16
CA THR T 96 37.47 102.92 18.31
C THR T 96 37.31 102.60 19.78
N PHE T 97 36.06 102.68 20.26
CA PHE T 97 35.66 102.19 21.57
C PHE T 97 35.22 100.75 21.44
N SER T 98 35.80 99.88 22.26
CA SER T 98 35.42 98.47 22.34
C SER T 98 34.75 98.24 23.68
N VAL T 99 33.47 97.84 23.64
CA VAL T 99 32.63 97.65 24.82
C VAL T 99 32.13 96.23 24.87
N PRO T 100 32.61 95.39 25.79
CA PRO T 100 32.11 94.02 25.84
C PRO T 100 30.68 93.97 26.35
N TYR T 101 29.96 92.94 25.91
CA TYR T 101 28.63 92.69 26.46
C TYR T 101 28.75 92.52 27.97
N GLY T 102 27.71 92.91 28.70
CA GLY T 102 27.80 92.80 30.13
C GLY T 102 28.57 93.91 30.79
N ALA T 103 28.79 95.02 30.08
CA ALA T 103 29.46 96.15 30.68
C ALA T 103 28.43 97.01 31.37
N THR T 104 28.69 97.36 32.62
CA THR T 104 27.75 98.19 33.31
C THR T 104 27.65 99.56 32.63
N LEU T 105 26.47 100.17 32.75
CA LEU T 105 26.33 101.54 32.28
C LEU T 105 27.44 102.41 32.82
N GLN T 106 27.87 102.13 34.04
CA GLN T 106 28.95 102.88 34.64
C GLN T 106 30.28 102.59 33.96
N ASN T 107 30.50 101.36 33.49
CA ASN T 107 31.72 101.06 32.73
C ASN T 107 31.75 101.82 31.41
N LYS T 108 30.60 101.92 30.74
CA LYS T 108 30.53 102.68 29.49
C LYS T 108 30.80 104.17 29.71
N LYS T 109 30.10 104.76 30.69
CA LYS T 109 30.38 106.14 31.07
C LYS T 109 31.84 106.33 31.46
N ASP T 110 32.39 105.36 32.20
CA ASP T 110 33.76 105.45 32.66
C ASP T 110 34.70 105.59 31.49
N ILE T 111 34.61 104.67 30.52
CA ILE T 111 35.62 104.70 29.47
C ILE T 111 35.42 105.92 28.57
N LEU T 112 34.18 106.35 28.35
CA LEU T 112 33.99 107.59 27.61
C LEU T 112 34.71 108.74 28.30
N ALA T 113 34.55 108.84 29.63
CA ALA T 113 35.16 109.94 30.37
C ALA T 113 36.68 109.83 30.37
N TYR T 114 37.21 108.61 30.51
CA TYR T 114 38.68 108.46 30.49
C TYR T 114 39.24 108.91 29.16
N ALA T 115 38.61 108.51 28.06
CA ALA T 115 39.08 108.94 26.74
C ALA T 115 39.03 110.45 26.61
N ARG T 116 37.92 111.07 26.99
CA ARG T 116 37.78 112.50 26.77
C ARG T 116 38.75 113.29 27.65
N ASN T 117 38.89 112.90 28.93
CA ASN T 117 39.84 113.58 29.81
C ASN T 117 41.27 113.37 29.33
N LEU T 118 41.60 112.18 28.84
CA LEU T 118 42.96 111.94 28.37
C LEU T 118 43.29 112.80 27.16
N LEU T 119 42.38 112.87 26.19
CA LEU T 119 42.62 113.76 25.05
C LEU T 119 42.61 115.23 25.47
N GLY T 120 41.95 115.57 26.57
CA GLY T 120 42.08 116.92 27.09
C GLY T 120 43.39 117.19 27.82
N THR T 121 44.09 116.14 28.25
CA THR T 121 45.30 116.32 29.05
C THR T 121 46.36 117.14 28.31
N GLN T 122 47.18 117.84 29.10
CA GLN T 122 48.25 118.62 28.51
C GLN T 122 49.26 117.74 27.80
N VAL T 123 49.51 116.55 28.31
CA VAL T 123 50.51 115.70 27.65
C VAL T 123 50.05 115.34 26.26
N VAL T 124 48.76 115.06 26.09
CA VAL T 124 48.22 114.74 24.76
C VAL T 124 48.25 115.97 23.87
N THR T 125 47.79 117.11 24.39
CA THR T 125 47.81 118.34 23.61
C THR T 125 49.23 118.65 23.12
N ASP T 126 50.20 118.52 24.02
CA ASP T 126 51.60 118.78 23.71
C ASP T 126 52.13 117.79 22.68
N ALA T 127 51.75 116.52 22.80
CA ALA T 127 52.26 115.49 21.88
C ALA T 127 51.70 115.63 20.48
N VAL T 128 50.42 116.04 20.36
CA VAL T 128 49.82 116.12 19.04
C VAL T 128 50.22 117.42 18.33
N VAL T 129 50.28 118.53 19.06
CA VAL T 129 50.63 119.79 18.42
C VAL T 129 52.14 119.95 18.28
N ASP T 130 52.86 119.89 19.40
CA ASP T 130 54.30 120.13 19.36
C ASP T 130 55.11 118.87 19.09
N MET T 131 54.45 117.75 18.84
CA MET T 131 55.10 116.48 18.49
C MET T 131 56.00 115.97 19.60
N THR T 132 55.80 116.45 20.84
CA THR T 132 56.71 116.14 21.92
C THR T 132 56.14 114.99 22.75
N PRO T 133 56.83 113.86 22.83
CA PRO T 133 56.28 112.68 23.53
C PRO T 133 56.63 112.66 25.02
N ALA T 134 56.26 111.56 25.69
CA ALA T 134 56.55 111.38 27.11
C ALA T 134 57.75 110.43 27.23
N TRP T 135 58.91 110.99 27.57
CA TRP T 135 60.16 110.22 27.59
C TRP T 135 60.69 109.92 29.00
N ALA U 1 8.03 105.65 5.82
CA ALA U 1 8.34 105.51 7.24
C ALA U 1 9.85 105.50 7.47
N GLN U 2 10.43 106.66 7.79
CA GLN U 2 11.80 106.63 8.30
C GLN U 2 11.80 106.02 9.69
N ILE U 3 12.89 105.32 10.00
CA ILE U 3 12.95 104.62 11.28
C ILE U 3 12.97 105.64 12.40
N ALA U 4 12.24 105.34 13.47
CA ALA U 4 12.19 106.22 14.63
C ALA U 4 11.84 105.36 15.83
N ASN U 5 11.85 106.00 17.00
CA ASN U 5 11.63 105.30 18.26
C ASN U 5 10.34 104.48 18.21
N LEU U 6 10.26 103.45 19.03
CA LEU U 6 9.09 102.59 19.05
C LEU U 6 8.66 102.34 20.50
N ILE U 7 7.39 102.62 20.81
CA ILE U 7 6.90 102.54 22.19
C ILE U 7 5.86 101.44 22.28
N LEU U 8 6.08 100.48 23.19
CA LEU U 8 5.23 99.30 23.36
C LEU U 8 4.89 99.12 24.83
N ALA U 9 3.62 98.82 25.10
CA ALA U 9 3.14 98.70 26.48
C ALA U 9 3.24 97.27 26.97
N ASP U 10 3.91 97.07 28.10
CA ASP U 10 4.01 95.74 28.68
C ASP U 10 2.67 95.31 29.29
N GLY U 11 2.57 94.00 29.55
CA GLY U 11 1.38 93.44 30.15
C GLY U 11 1.48 93.42 31.66
N GLN U 12 0.71 94.27 32.30
CA GLN U 12 0.67 94.36 33.75
C GLN U 12 -0.75 94.74 34.15
N ALA U 13 -0.98 94.78 35.46
CA ALA U 13 -2.21 95.36 35.96
C ALA U 13 -2.40 96.75 35.39
N THR U 14 -1.38 97.59 35.52
CA THR U 14 -1.32 98.85 34.80
C THR U 14 -0.15 98.76 33.84
N PRO U 15 -0.40 98.78 32.53
CA PRO U 15 0.72 98.69 31.58
C PRO U 15 1.62 99.90 31.67
N ALA U 16 2.92 99.66 31.44
CA ALA U 16 3.91 100.72 31.47
C ALA U 16 4.62 100.78 30.11
N ASN U 17 4.65 101.97 29.52
CA ASN U 17 5.26 102.12 28.20
C ASN U 17 6.76 101.84 28.26
N HIS U 18 7.24 101.04 27.32
CA HIS U 18 8.66 100.73 27.17
C HIS U 18 9.13 101.25 25.82
N THR U 19 10.29 101.91 25.81
CA THR U 19 10.79 102.54 24.60
C THR U 19 11.85 101.67 23.93
N PHE U 20 11.93 101.78 22.60
CA PHE U 20 12.79 100.95 21.75
C PHE U 20 13.55 101.89 20.83
N VAL U 21 14.82 102.13 21.15
CA VAL U 21 15.68 102.95 20.30
C VAL U 21 16.05 102.13 19.05
N PRO U 22 15.98 102.73 17.87
CA PRO U 22 16.39 101.98 16.66
C PRO U 22 17.88 101.69 16.66
N MET U 23 18.25 100.53 16.11
CA MET U 23 19.64 100.15 15.85
C MET U 23 19.96 100.06 14.38
N GLN U 24 19.00 99.68 13.56
CA GLN U 24 19.32 99.25 12.21
C GLN U 24 18.12 99.51 11.31
N PRO U 25 18.26 100.31 10.27
CA PRO U 25 17.19 100.44 9.30
C PRO U 25 17.23 99.30 8.28
N GLN U 26 16.06 99.00 7.72
CA GLN U 26 15.92 97.94 6.73
C GLN U 26 16.54 98.38 5.41
N THR U 27 17.49 97.59 4.92
CA THR U 27 18.18 97.84 3.66
C THR U 27 18.66 96.51 3.12
N GLY U 28 18.21 96.15 1.92
CA GLY U 28 18.61 94.87 1.36
C GLY U 28 18.03 93.72 2.17
N ILE U 29 18.90 92.82 2.62
CA ILE U 29 18.45 91.71 3.45
C ILE U 29 18.34 92.12 4.91
N THR U 30 19.13 93.09 5.34
CA THR U 30 19.16 93.50 6.73
C THR U 30 17.84 94.15 7.14
N PRO U 31 17.16 93.66 8.17
CA PRO U 31 15.85 94.18 8.54
C PRO U 31 15.91 95.29 9.60
N SER U 32 14.88 96.12 9.60
CA SER U 32 14.80 97.18 10.60
C SER U 32 14.71 96.55 11.99
N GLN U 33 15.42 97.11 12.96
CA GLN U 33 15.38 96.55 14.31
C GLN U 33 15.63 97.62 15.38
N TRP U 34 14.89 97.50 16.48
CA TRP U 34 14.93 98.37 17.65
C TRP U 34 15.29 97.56 18.90
N LEU U 35 15.80 98.25 19.92
CA LEU U 35 16.27 97.64 21.15
C LEU U 35 15.67 98.32 22.37
N ASN U 36 15.44 97.55 23.45
CA ASN U 36 14.72 98.08 24.62
C ASN U 36 15.61 98.95 25.50
N LYS U 37 16.85 98.49 25.78
CA LYS U 37 17.88 99.26 26.51
C LYS U 37 17.59 99.42 28.00
N GLU U 38 16.96 98.42 28.60
CA GLU U 38 16.62 98.54 30.03
C GLU U 38 17.50 97.72 30.95
N ALA U 39 17.74 96.45 30.63
CA ALA U 39 18.63 95.67 31.48
C ALA U 39 20.05 96.22 31.40
N ALA U 40 20.84 95.95 32.44
CA ALA U 40 22.11 96.64 32.62
C ALA U 40 23.15 96.19 31.60
N SER U 41 23.22 94.90 31.31
CA SER U 41 24.17 94.32 30.38
C SER U 41 23.66 94.40 28.95
N ASN U 42 24.59 94.39 28.01
CA ASN U 42 24.21 94.47 26.59
C ASN U 42 23.32 93.30 26.17
N ILE U 43 23.31 92.20 26.92
CA ILE U 43 22.55 91.03 26.50
C ILE U 43 21.06 91.21 26.77
N GLY U 44 20.72 91.84 27.90
CA GLY U 44 19.33 91.88 28.35
C GLY U 44 18.44 92.76 27.51
N TYR U 45 19.04 93.64 26.71
CA TYR U 45 18.28 94.50 25.79
C TYR U 45 17.29 93.66 24.99
N ARG U 46 16.03 94.06 25.02
CA ARG U 46 15.00 93.36 24.26
C ARG U 46 14.98 93.86 22.82
N LYS U 47 14.66 92.97 21.88
CA LYS U 47 14.85 93.31 20.47
C LYS U 47 13.57 93.10 19.67
N VAL U 48 13.22 94.09 18.86
CA VAL U 48 12.10 94.00 17.92
C VAL U 48 12.66 94.16 16.53
N SER U 49 12.25 93.30 15.60
CA SER U 49 12.76 93.46 14.24
C SER U 49 11.69 93.10 13.23
N MET U 50 11.76 93.75 12.06
CA MET U 50 10.76 93.64 11.02
C MET U 50 11.43 93.77 9.66
N PHE U 51 10.89 93.05 8.68
CA PHE U 51 11.35 93.10 7.29
C PHE U 51 10.17 93.07 6.34
N VAL U 52 10.09 94.06 5.46
CA VAL U 52 9.00 94.20 4.50
C VAL U 52 9.56 93.86 3.13
N LYS U 53 9.21 92.68 2.61
CA LYS U 53 9.59 92.27 1.25
C LYS U 53 8.43 92.54 0.32
N TYR U 54 8.54 93.61 -0.47
CA TYR U 54 7.54 93.95 -1.47
C TYR U 54 7.88 93.21 -2.76
N VAL U 55 7.01 92.29 -3.16
CA VAL U 55 7.16 91.55 -4.40
C VAL U 55 6.15 92.13 -5.38
N SER U 56 6.63 92.83 -6.42
CA SER U 56 5.76 93.60 -7.29
C SER U 56 4.76 92.72 -8.03
N ASN U 57 5.12 91.47 -8.30
CA ASN U 57 4.21 90.49 -8.91
C ASN U 57 4.38 89.16 -8.17
N GLY U 58 3.61 88.98 -7.10
CA GLY U 58 3.71 87.77 -6.31
C GLY U 58 3.25 88.04 -4.89
N THR U 59 3.63 87.12 -4.00
CA THR U 59 3.22 87.19 -2.60
C THR U 59 4.23 88.00 -1.81
N SER U 60 3.86 89.22 -1.44
CA SER U 60 4.69 90.06 -0.59
C SER U 60 4.59 89.60 0.85
N LYS U 61 5.62 89.89 1.65
CA LYS U 61 5.75 89.28 2.97
C LYS U 61 6.31 90.27 3.99
N VAL U 62 5.55 90.51 5.06
CA VAL U 62 6.02 91.30 6.20
C VAL U 62 6.34 90.32 7.32
N THR U 63 7.55 90.39 7.86
CA THR U 63 8.02 89.46 8.89
C THR U 63 8.44 90.22 10.14
N ILE U 64 7.99 89.76 11.30
CA ILE U 64 8.20 90.47 12.57
C ILE U 64 8.59 89.48 13.64
N ARG U 65 9.53 89.88 14.51
CA ARG U 65 9.92 89.05 15.66
C ARG U 65 10.28 89.92 16.85
N ILE U 66 9.81 89.50 18.02
CA ILE U 66 9.98 90.18 19.30
C ILE U 66 10.66 89.23 20.26
N ALA U 67 11.78 89.66 20.85
CA ALA U 67 12.59 88.83 21.73
C ALA U 67 12.73 89.52 23.07
N ASP U 68 12.18 88.88 24.11
CA ASP U 68 12.14 89.33 25.50
C ASP U 68 13.06 88.42 26.30
N PRO U 69 14.33 88.75 26.42
CA PRO U 69 15.25 87.93 27.22
C PRO U 69 15.26 88.34 28.68
N VAL U 70 15.54 87.38 29.55
CA VAL U 70 15.67 87.63 30.98
C VAL U 70 17.01 87.09 31.46
N LEU U 71 17.80 87.95 32.10
CA LEU U 71 19.12 87.56 32.58
C LEU U 71 19.00 86.59 33.74
N ALA U 72 19.94 85.64 33.80
CA ALA U 72 19.96 84.66 34.87
C ALA U 72 20.61 85.22 36.11
N SER U 73 20.05 84.89 37.26
CA SER U 73 20.65 85.17 38.56
C SER U 73 21.15 83.83 39.11
N VAL U 74 22.47 83.66 39.14
CA VAL U 74 23.05 82.38 39.52
C VAL U 74 23.01 82.24 41.03
N PRO U 75 23.03 81.03 41.58
CA PRO U 75 23.19 80.86 43.01
C PRO U 75 24.67 80.85 43.37
N ALA U 76 24.94 80.84 44.67
CA ALA U 76 26.31 80.89 45.15
C ALA U 76 27.11 79.66 44.68
N GLY U 77 26.42 78.54 44.45
CA GLY U 77 27.11 77.28 44.30
C GLY U 77 27.96 77.18 43.04
N CYS U 78 27.43 77.63 41.91
CA CYS U 78 28.15 77.42 40.65
C CYS U 78 29.31 78.38 40.45
N CYS U 79 29.31 79.51 41.15
CA CYS U 79 30.46 80.41 41.25
C CYS U 79 30.87 81.01 39.91
N VAL U 80 29.93 81.19 38.98
CA VAL U 80 30.19 82.09 37.88
C VAL U 80 30.30 83.50 38.45
N ASP U 81 31.31 84.24 38.01
CA ASP U 81 31.55 85.57 38.56
C ASP U 81 30.31 86.44 38.41
N THR U 82 30.02 87.21 39.45
CA THR U 82 28.91 88.15 39.42
C THR U 82 28.96 89.03 38.18
N ASN U 83 30.16 89.29 37.65
CA ASN U 83 30.33 90.31 36.62
C ASN U 83 29.97 89.81 35.23
N THR U 84 30.07 88.50 34.96
CA THR U 84 29.77 87.96 33.64
C THR U 84 28.33 87.45 33.62
N PRO U 85 27.38 88.20 33.07
CA PRO U 85 26.00 87.72 33.04
C PRO U 85 25.77 86.78 31.88
N GLN U 86 24.77 85.92 32.05
CA GLN U 86 24.32 85.03 30.99
C GLN U 86 22.81 85.14 30.89
N VAL U 87 22.30 84.93 29.67
CA VAL U 87 20.86 84.98 29.45
C VAL U 87 20.26 83.64 29.85
N ALA U 88 19.26 83.68 30.74
CA ALA U 88 18.65 82.45 31.24
C ALA U 88 17.72 81.84 30.21
N TYR U 89 16.85 82.67 29.64
CA TYR U 89 15.82 82.25 28.71
C TYR U 89 15.26 83.52 28.08
N SER U 90 14.50 83.34 27.01
CA SER U 90 13.87 84.47 26.33
C SER U 90 12.59 84.01 25.66
N THR U 91 11.54 84.81 25.83
CA THR U 91 10.28 84.57 25.13
C THR U 91 10.35 85.18 23.73
N PHE U 92 9.71 84.51 22.77
CA PHE U 92 9.80 84.92 21.36
C PHE U 92 8.41 85.00 20.74
N PHE U 93 8.19 86.03 19.92
CA PHE U 93 6.99 86.13 19.10
C PHE U 93 7.39 86.38 17.66
N GLU U 94 6.94 85.52 16.74
CA GLU U 94 7.33 85.66 15.33
C GLU U 94 6.10 85.50 14.45
N CYS U 95 5.80 86.54 13.67
CA CYS U 95 4.64 86.52 12.78
C CYS U 95 5.06 86.89 11.36
N THR U 96 4.23 86.47 10.41
CA THR U 96 4.42 86.76 8.99
C THR U 96 3.08 87.02 8.34
N PHE U 97 2.95 88.20 7.73
CA PHE U 97 1.83 88.55 6.87
C PHE U 97 2.19 88.23 5.43
N SER U 98 1.32 87.50 4.74
CA SER U 98 1.45 87.19 3.31
C SER U 98 0.33 87.91 2.56
N VAL U 99 0.72 88.84 1.69
CA VAL U 99 -0.19 89.66 0.91
C VAL U 99 0.01 89.39 -0.57
N PRO U 100 -0.93 88.74 -1.25
CA PRO U 100 -0.74 88.40 -2.66
C PRO U 100 -0.81 89.63 -3.54
N TYR U 101 -0.50 89.43 -4.83
CA TYR U 101 -0.40 90.54 -5.75
C TYR U 101 -1.72 91.32 -5.83
N GLY U 102 -2.84 90.62 -5.98
CA GLY U 102 -4.10 91.23 -6.28
C GLY U 102 -4.86 91.78 -5.10
N ALA U 103 -4.23 91.82 -3.92
CA ALA U 103 -4.94 92.11 -2.69
C ALA U 103 -5.44 93.54 -2.68
N THR U 104 -6.69 93.72 -2.27
CA THR U 104 -7.22 95.05 -2.12
C THR U 104 -6.57 95.75 -0.92
N LEU U 105 -6.47 97.07 -1.01
CA LEU U 105 -6.03 97.83 0.15
C LEU U 105 -6.96 97.60 1.32
N GLN U 106 -8.26 97.49 1.06
CA GLN U 106 -9.18 97.13 2.11
C GLN U 106 -8.87 95.75 2.69
N ASN U 107 -8.41 94.82 1.85
CA ASN U 107 -8.03 93.49 2.32
C ASN U 107 -6.83 93.53 3.25
N LYS U 108 -5.84 94.37 2.91
CA LYS U 108 -4.68 94.56 3.78
C LYS U 108 -5.10 95.10 5.14
N LYS U 109 -5.93 96.16 5.13
CA LYS U 109 -6.52 96.67 6.37
C LYS U 109 -7.22 95.55 7.14
N ASP U 110 -8.05 94.78 6.43
CA ASP U 110 -8.81 93.71 7.06
C ASP U 110 -7.90 92.76 7.82
N ILE U 111 -6.87 92.22 7.15
CA ILE U 111 -6.10 91.16 7.78
C ILE U 111 -5.26 91.71 8.93
N LEU U 112 -4.74 92.94 8.80
CA LEU U 112 -4.04 93.52 9.94
C LEU U 112 -4.97 93.64 11.15
N ALA U 113 -6.22 94.06 10.90
CA ALA U 113 -7.16 94.20 12.00
C ALA U 113 -7.53 92.84 12.60
N TYR U 114 -7.70 91.82 11.76
CA TYR U 114 -8.01 90.50 12.28
C TYR U 114 -6.90 89.98 13.16
N ALA U 115 -5.65 90.20 12.75
CA ALA U 115 -4.51 89.79 13.55
C ALA U 115 -4.49 90.51 14.90
N ARG U 116 -4.65 91.83 14.88
CA ARG U 116 -4.59 92.59 16.13
C ARG U 116 -5.72 92.18 17.07
N ASN U 117 -6.95 92.11 16.55
CA ASN U 117 -8.08 91.73 17.39
C ASN U 117 -7.94 90.31 17.91
N LEU U 118 -7.39 89.40 17.09
CA LEU U 118 -7.25 88.01 17.53
C LEU U 118 -6.21 87.88 18.64
N LEU U 119 -5.13 88.66 18.56
CA LEU U 119 -4.22 88.71 19.71
C LEU U 119 -4.89 89.37 20.91
N GLY U 120 -5.92 90.19 20.67
CA GLY U 120 -6.73 90.69 21.77
C GLY U 120 -7.66 89.66 22.38
N THR U 121 -8.05 88.64 21.62
CA THR U 121 -9.15 87.77 22.03
C THR U 121 -8.86 87.02 23.33
N GLN U 122 -9.95 86.69 24.04
CA GLN U 122 -9.84 85.97 25.30
C GLN U 122 -9.28 84.57 25.09
N VAL U 123 -9.62 83.92 23.97
CA VAL U 123 -9.12 82.57 23.72
C VAL U 123 -7.61 82.59 23.58
N VAL U 124 -7.07 83.56 22.84
CA VAL U 124 -5.62 83.62 22.63
C VAL U 124 -4.90 84.02 23.91
N THR U 125 -5.43 85.03 24.63
CA THR U 125 -4.81 85.39 25.90
C THR U 125 -4.76 84.20 26.84
N ASP U 126 -5.88 83.49 26.96
CA ASP U 126 -5.96 82.25 27.73
C ASP U 126 -4.90 81.25 27.30
N ALA U 127 -4.82 80.99 25.99
CA ALA U 127 -3.95 79.94 25.48
C ALA U 127 -2.48 80.26 25.71
N VAL U 128 -2.08 81.49 25.40
CA VAL U 128 -0.67 81.88 25.52
C VAL U 128 -0.23 81.96 26.97
N VAL U 129 -1.10 82.43 27.87
CA VAL U 129 -0.64 82.63 29.23
C VAL U 129 -0.76 81.35 30.07
N ASP U 130 -1.87 80.63 29.96
CA ASP U 130 -2.08 79.45 30.79
C ASP U 130 -1.82 78.14 30.06
N MET U 131 -1.36 78.18 28.80
CA MET U 131 -1.07 76.98 28.01
C MET U 131 -2.30 76.07 27.94
N THR U 132 -3.48 76.69 27.89
CA THR U 132 -4.73 75.95 27.81
C THR U 132 -5.25 76.03 26.38
N PRO U 133 -5.44 74.91 25.71
CA PRO U 133 -5.94 74.97 24.32
C PRO U 133 -7.39 75.38 24.23
N ALA U 134 -7.92 75.43 23.00
CA ALA U 134 -9.34 75.63 22.79
C ALA U 134 -9.94 74.27 22.45
N TRP U 135 -10.33 73.53 23.50
CA TRP U 135 -10.81 72.16 23.36
C TRP U 135 -12.29 72.08 23.02
N ALA V 1 -42.87 29.15 -110.70
CA ALA V 1 -42.65 27.89 -111.41
C ALA V 1 -42.41 26.74 -110.46
N GLN V 2 -43.48 26.08 -110.02
CA GLN V 2 -43.32 24.77 -109.41
C GLN V 2 -42.64 23.84 -110.40
N ILE V 3 -41.87 22.88 -109.87
CA ILE V 3 -41.17 21.97 -110.75
C ILE V 3 -42.18 21.08 -111.46
N ALA V 4 -41.93 20.83 -112.74
CA ALA V 4 -42.81 19.99 -113.54
C ALA V 4 -42.02 19.49 -114.73
N ASN V 5 -42.66 18.65 -115.55
CA ASN V 5 -42.02 17.98 -116.67
C ASN V 5 -41.33 18.98 -117.60
N LEU V 6 -40.37 18.51 -118.39
CA LEU V 6 -39.62 19.37 -119.31
C LEU V 6 -39.57 18.68 -120.66
N ILE V 7 -39.81 19.42 -121.75
CA ILE V 7 -39.88 18.81 -123.07
C ILE V 7 -38.90 19.52 -123.99
N LEU V 8 -37.87 18.79 -124.43
CA LEU V 8 -36.80 19.33 -125.26
C LEU V 8 -36.69 18.54 -126.55
N ALA V 9 -36.53 19.23 -127.67
CA ALA V 9 -36.51 18.60 -128.98
C ALA V 9 -35.06 18.39 -129.43
N ASP V 10 -34.74 17.15 -129.81
CA ASP V 10 -33.41 16.86 -130.32
C ASP V 10 -33.23 17.42 -131.73
N GLY V 11 -31.99 17.43 -132.20
CA GLY V 11 -31.71 17.92 -133.52
C GLY V 11 -31.65 16.79 -134.52
N GLN V 12 -32.66 16.70 -135.38
CA GLN V 12 -32.68 15.72 -136.45
C GLN V 12 -33.20 16.39 -137.70
N ALA V 13 -33.31 15.60 -138.77
CA ALA V 13 -34.05 16.06 -139.93
C ALA V 13 -35.43 16.55 -139.50
N THR V 14 -36.17 15.70 -138.80
CA THR V 14 -37.39 16.11 -138.11
C THR V 14 -37.12 15.92 -136.63
N PRO V 15 -37.08 16.99 -135.84
CA PRO V 15 -36.82 16.83 -134.40
C PRO V 15 -37.92 15.99 -133.75
N ALA V 16 -37.51 15.13 -132.82
CA ALA V 16 -38.42 14.35 -132.02
C ALA V 16 -38.35 14.80 -130.56
N ASN V 17 -39.51 15.08 -129.97
CA ASN V 17 -39.56 15.60 -128.61
C ASN V 17 -39.16 14.54 -127.59
N HIS V 18 -38.36 14.95 -126.60
CA HIS V 18 -37.95 14.08 -125.51
C HIS V 18 -38.39 14.72 -124.20
N THR V 19 -38.87 13.88 -123.29
CA THR V 19 -39.47 14.35 -122.05
C THR V 19 -38.57 14.05 -120.87
N PHE V 20 -38.62 14.93 -119.87
CA PHE V 20 -37.75 14.94 -118.71
C PHE V 20 -38.63 14.99 -117.46
N VAL V 21 -38.66 13.88 -116.73
CA VAL V 21 -39.40 13.82 -115.47
C VAL V 21 -38.59 14.53 -114.39
N PRO V 22 -39.22 15.33 -113.53
CA PRO V 22 -38.48 15.95 -112.43
C PRO V 22 -38.16 14.94 -111.33
N MET V 23 -36.97 15.07 -110.75
CA MET V 23 -36.51 14.19 -109.69
C MET V 23 -36.25 14.92 -108.38
N GLN V 24 -35.60 16.09 -108.41
CA GLN V 24 -35.36 16.87 -107.21
C GLN V 24 -35.53 18.35 -107.51
N PRO V 25 -36.23 19.09 -106.67
CA PRO V 25 -36.38 20.53 -106.87
C PRO V 25 -35.28 21.32 -106.16
N GLN V 26 -35.32 22.63 -106.40
CA GLN V 26 -34.31 23.55 -105.89
C GLN V 26 -34.68 23.98 -104.47
N THR V 27 -33.94 23.46 -103.49
CA THR V 27 -34.05 23.93 -102.11
C THR V 27 -32.63 24.02 -101.57
N GLY V 28 -32.24 25.22 -101.13
CA GLY V 28 -30.91 25.39 -100.57
C GLY V 28 -29.84 25.27 -101.63
N ILE V 29 -28.83 24.43 -101.37
CA ILE V 29 -27.74 24.24 -102.32
C ILE V 29 -28.17 23.32 -103.46
N THR V 30 -29.07 22.38 -103.20
CA THR V 30 -29.42 21.39 -104.22
C THR V 30 -30.22 22.03 -105.35
N PRO V 31 -29.85 21.77 -106.61
CA PRO V 31 -30.54 22.40 -107.73
C PRO V 31 -31.66 21.55 -108.30
N SER V 32 -32.64 22.23 -108.93
CA SER V 32 -33.71 21.50 -109.59
C SER V 32 -33.14 20.69 -110.74
N GLN V 33 -33.68 19.49 -110.96
CA GLN V 33 -33.08 18.59 -111.95
C GLN V 33 -34.09 17.57 -112.46
N TRP V 34 -34.00 17.30 -113.76
CA TRP V 34 -34.88 16.42 -114.52
C TRP V 34 -34.06 15.33 -115.20
N LEU V 35 -34.71 14.17 -115.45
CA LEU V 35 -34.10 12.99 -116.04
C LEU V 35 -34.89 12.56 -117.26
N ASN V 36 -34.19 12.07 -118.30
CA ASN V 36 -34.86 11.71 -119.54
C ASN V 36 -35.55 10.35 -119.45
N LYS V 37 -34.86 9.36 -118.87
CA LYS V 37 -35.42 8.02 -118.62
C LYS V 37 -35.71 7.25 -119.90
N GLU V 38 -34.90 7.48 -120.94
CA GLU V 38 -35.06 6.79 -122.22
C GLU V 38 -34.06 5.67 -122.45
N ALA V 39 -32.85 5.77 -121.92
CA ALA V 39 -31.84 4.79 -122.26
C ALA V 39 -32.10 3.44 -121.60
N ALA V 40 -31.33 2.43 -122.02
CA ALA V 40 -31.53 1.06 -121.55
C ALA V 40 -31.19 0.90 -120.06
N SER V 41 -30.07 1.46 -119.63
CA SER V 41 -29.61 1.36 -118.25
C SER V 41 -29.90 2.64 -117.49
N ASN V 42 -29.84 2.55 -116.16
CA ASN V 42 -30.12 3.73 -115.35
C ASN V 42 -29.07 4.82 -115.52
N ILE V 43 -27.90 4.50 -116.07
CA ILE V 43 -26.85 5.49 -116.20
C ILE V 43 -26.95 6.28 -117.50
N GLY V 44 -27.60 5.74 -118.51
CA GLY V 44 -27.76 6.42 -119.79
C GLY V 44 -28.78 7.55 -119.79
N TYR V 45 -29.54 7.67 -118.70
CA TYR V 45 -30.58 8.68 -118.61
C TYR V 45 -29.98 10.07 -118.80
N ARG V 46 -30.57 10.86 -119.69
CA ARG V 46 -30.09 12.21 -119.93
C ARG V 46 -30.63 13.15 -118.87
N LYS V 47 -29.80 14.07 -118.40
CA LYS V 47 -30.22 14.88 -117.26
C LYS V 47 -30.02 16.36 -117.53
N VAL V 48 -30.90 17.15 -116.91
CA VAL V 48 -30.86 18.60 -116.98
C VAL V 48 -30.93 19.10 -115.55
N SER V 49 -30.20 20.18 -115.25
CA SER V 49 -30.33 20.75 -113.92
C SER V 49 -30.11 22.26 -113.99
N MET V 50 -30.71 22.95 -113.02
CA MET V 50 -30.76 24.41 -113.01
C MET V 50 -30.80 24.90 -111.57
N PHE V 51 -30.15 26.04 -111.31
CA PHE V 51 -30.13 26.68 -110.00
C PHE V 51 -30.17 28.20 -110.15
N VAL V 52 -31.05 28.85 -109.40
CA VAL V 52 -31.29 30.29 -109.51
C VAL V 52 -30.92 30.92 -108.16
N LYS V 53 -29.66 31.32 -108.02
CA LYS V 53 -29.19 31.98 -106.81
C LYS V 53 -29.54 33.46 -106.86
N TYR V 54 -30.52 33.87 -106.06
CA TYR V 54 -30.95 35.26 -105.97
C TYR V 54 -30.16 35.96 -104.87
N VAL V 55 -29.34 36.93 -105.25
CA VAL V 55 -28.51 37.69 -104.33
C VAL V 55 -29.06 39.12 -104.27
N SER V 56 -29.70 39.47 -103.15
CA SER V 56 -30.47 40.71 -103.10
C SER V 56 -29.57 41.94 -103.24
N ASN V 57 -28.40 41.94 -102.60
CA ASN V 57 -27.40 42.98 -102.84
C ASN V 57 -26.13 42.30 -103.32
N GLY V 58 -26.07 42.05 -104.62
CA GLY V 58 -24.95 41.36 -105.20
C GLY V 58 -25.33 40.74 -106.53
N THR V 59 -24.48 39.83 -106.98
CA THR V 59 -24.53 39.32 -108.35
C THR V 59 -25.30 38.00 -108.35
N SER V 60 -26.57 38.07 -108.72
CA SER V 60 -27.40 36.87 -108.84
C SER V 60 -26.91 36.02 -110.01
N LYS V 61 -27.18 34.72 -109.94
CA LYS V 61 -26.63 33.77 -110.91
C LYS V 61 -27.62 32.65 -111.23
N VAL V 62 -27.82 32.39 -112.52
CA VAL V 62 -28.62 31.26 -112.99
C VAL V 62 -27.69 30.29 -113.70
N THR V 63 -27.60 29.07 -113.19
CA THR V 63 -26.70 28.06 -113.71
C THR V 63 -27.48 26.88 -114.27
N ILE V 64 -27.14 26.46 -115.48
CA ILE V 64 -27.84 25.39 -116.19
C ILE V 64 -26.81 24.41 -116.76
N ARG V 65 -27.09 23.11 -116.63
CA ARG V 65 -26.23 22.12 -117.25
C ARG V 65 -27.05 20.95 -117.80
N ILE V 66 -26.67 20.51 -119.00
CA ILE V 66 -27.36 19.49 -119.78
C ILE V 66 -26.37 18.38 -120.13
N ALA V 67 -26.72 17.13 -119.80
CA ALA V 67 -25.83 15.99 -119.99
C ALA V 67 -26.51 14.94 -120.83
N ASP V 68 -25.91 14.63 -122.00
CA ASP V 68 -26.42 13.65 -122.96
C ASP V 68 -25.40 12.53 -123.06
N PRO V 69 -25.58 11.43 -122.33
CA PRO V 69 -24.63 10.33 -122.41
C PRO V 69 -25.01 9.29 -123.46
N VAL V 70 -23.99 8.59 -123.96
CA VAL V 70 -24.17 7.48 -124.89
C VAL V 70 -23.51 6.25 -124.28
N LEU V 71 -24.30 5.20 -124.06
CA LEU V 71 -23.80 4.01 -123.38
C LEU V 71 -22.93 3.19 -124.33
N ALA V 72 -22.18 2.26 -123.75
CA ALA V 72 -21.25 1.42 -124.50
C ALA V 72 -21.94 0.12 -124.91
N SER V 73 -22.22 -0.04 -126.20
CA SER V 73 -22.88 -1.22 -126.72
C SER V 73 -21.83 -2.20 -127.25
N VAL V 74 -21.86 -3.41 -126.73
CA VAL V 74 -20.90 -4.46 -127.08
C VAL V 74 -21.60 -5.51 -127.93
N PRO V 75 -20.87 -6.25 -128.76
CA PRO V 75 -21.51 -7.30 -129.58
C PRO V 75 -22.32 -8.27 -128.73
N ALA V 76 -23.43 -8.74 -129.28
CA ALA V 76 -24.42 -9.47 -128.49
C ALA V 76 -23.85 -10.76 -127.94
N GLY V 77 -23.15 -11.53 -128.76
CA GLY V 77 -22.55 -12.77 -128.29
C GLY V 77 -21.54 -12.57 -127.18
N CYS V 78 -20.94 -11.38 -127.10
CA CYS V 78 -19.91 -11.14 -126.11
C CYS V 78 -20.51 -11.09 -124.71
N CYS V 79 -19.65 -11.25 -123.71
CA CYS V 79 -20.08 -11.35 -122.31
C CYS V 79 -19.48 -10.22 -121.50
N VAL V 80 -20.29 -9.18 -121.27
CA VAL V 80 -20.04 -8.20 -120.22
C VAL V 80 -21.31 -8.13 -119.40
N ASP V 81 -21.18 -8.23 -118.08
CA ASP V 81 -22.36 -8.29 -117.22
C ASP V 81 -23.26 -7.10 -117.47
N THR V 82 -24.50 -7.38 -117.86
CA THR V 82 -25.45 -6.30 -118.11
C THR V 82 -25.77 -5.51 -116.85
N ASN V 83 -25.53 -6.11 -115.68
CA ASN V 83 -25.71 -5.37 -114.43
C ASN V 83 -24.65 -4.29 -114.24
N THR V 84 -23.52 -4.39 -114.94
CA THR V 84 -22.46 -3.39 -114.84
C THR V 84 -22.19 -2.79 -116.22
N PRO V 85 -23.03 -1.80 -116.67
CA PRO V 85 -22.73 -1.08 -117.91
C PRO V 85 -21.92 0.17 -117.64
N GLN V 86 -21.29 0.70 -118.67
CA GLN V 86 -20.52 1.92 -118.57
C GLN V 86 -21.01 2.91 -119.61
N VAL V 87 -20.70 4.17 -119.37
CA VAL V 87 -20.93 5.24 -120.32
C VAL V 87 -19.67 5.39 -121.16
N ALA V 88 -19.82 5.25 -122.47
CA ALA V 88 -18.68 5.43 -123.38
C ALA V 88 -18.21 6.88 -123.38
N TYR V 89 -19.14 7.81 -123.53
CA TYR V 89 -18.84 9.23 -123.57
C TYR V 89 -20.16 9.98 -123.41
N SER V 90 -20.06 11.27 -123.07
CA SER V 90 -21.25 12.08 -122.88
C SER V 90 -20.97 13.53 -123.23
N THR V 91 -21.88 14.13 -123.97
CA THR V 91 -21.77 15.54 -124.30
C THR V 91 -22.37 16.39 -123.18
N PHE V 92 -21.82 17.59 -123.00
CA PHE V 92 -22.22 18.46 -121.90
C PHE V 92 -22.41 19.89 -122.36
N PHE V 93 -23.40 20.58 -121.79
CA PHE V 93 -23.60 22.01 -121.99
C PHE V 93 -23.77 22.70 -120.65
N GLU V 94 -22.93 23.69 -120.35
CA GLU V 94 -23.01 24.39 -119.06
C GLU V 94 -22.98 25.89 -119.29
N CYS V 95 -24.02 26.59 -118.81
CA CYS V 95 -24.10 28.04 -118.94
C CYS V 95 -24.45 28.69 -117.61
N THR V 96 -23.98 29.92 -117.43
CA THR V 96 -24.24 30.71 -116.23
C THR V 96 -24.55 32.14 -116.64
N PHE V 97 -25.74 32.60 -116.28
CA PHE V 97 -26.13 33.99 -116.35
C PHE V 97 -25.73 34.68 -115.04
N SER V 98 -25.11 35.86 -115.15
CA SER V 98 -24.72 36.66 -114.00
C SER V 98 -25.36 38.04 -114.13
N VAL V 99 -26.32 38.32 -113.26
CA VAL V 99 -27.16 39.51 -113.31
C VAL V 99 -26.86 40.34 -112.07
N PRO V 100 -26.42 41.59 -112.21
CA PRO V 100 -26.13 42.41 -111.02
C PRO V 100 -27.40 42.72 -110.24
N TYR V 101 -27.20 43.07 -108.97
CA TYR V 101 -28.24 43.75 -108.23
C TYR V 101 -28.62 45.02 -108.96
N GLY V 102 -29.86 45.45 -108.78
CA GLY V 102 -30.29 46.68 -109.40
C GLY V 102 -30.34 46.67 -110.91
N ALA V 103 -30.34 45.50 -111.55
CA ALA V 103 -30.50 45.42 -112.99
C ALA V 103 -31.97 45.48 -113.35
N THR V 104 -32.30 46.30 -114.34
CA THR V 104 -33.68 46.44 -114.79
C THR V 104 -34.19 45.12 -115.37
N LEU V 105 -35.49 44.90 -115.17
CA LEU V 105 -36.15 43.80 -115.87
C LEU V 105 -35.85 43.86 -117.37
N GLN V 106 -35.67 45.06 -117.91
CA GLN V 106 -35.30 45.19 -119.31
C GLN V 106 -33.88 44.68 -119.55
N ASN V 107 -32.95 44.94 -118.63
CA ASN V 107 -31.60 44.41 -118.77
C ASN V 107 -31.60 42.88 -118.75
N LYS V 108 -32.45 42.29 -117.90
CA LYS V 108 -32.53 40.84 -117.84
C LYS V 108 -33.09 40.26 -119.14
N LYS V 109 -34.20 40.82 -119.61
CA LYS V 109 -34.73 40.45 -120.93
C LYS V 109 -33.65 40.56 -122.00
N ASP V 110 -32.90 41.67 -121.97
CA ASP V 110 -31.86 41.91 -122.96
C ASP V 110 -30.85 40.78 -123.00
N ILE V 111 -30.26 40.44 -121.85
CA ILE V 111 -29.18 39.46 -121.89
C ILE V 111 -29.71 38.07 -122.20
N LEU V 112 -30.90 37.72 -121.70
CA LEU V 112 -31.49 36.45 -122.11
C LEU V 112 -31.61 36.37 -123.62
N ALA V 113 -32.11 37.44 -124.24
CA ALA V 113 -32.29 37.43 -125.69
C ALA V 113 -30.95 37.38 -126.43
N TYR V 114 -29.94 38.11 -125.94
CA TYR V 114 -28.63 38.06 -126.60
C TYR V 114 -28.09 36.64 -126.58
N ALA V 115 -28.19 35.96 -125.43
CA ALA V 115 -27.70 34.60 -125.33
C ALA V 115 -28.44 33.67 -126.29
N ARG V 116 -29.77 33.76 -126.30
CA ARG V 116 -30.53 32.84 -127.14
C ARG V 116 -30.26 33.09 -128.63
N ASN V 117 -30.23 34.36 -129.03
CA ASN V 117 -29.96 34.69 -130.43
C ASN V 117 -28.54 34.27 -130.83
N LEU V 118 -27.58 34.42 -129.92
CA LEU V 118 -26.21 34.02 -130.26
C LEU V 118 -26.10 32.51 -130.45
N LEU V 119 -26.69 31.74 -129.53
CA LEU V 119 -26.67 30.29 -129.72
C LEU V 119 -27.46 29.88 -130.97
N GLY V 120 -28.41 30.70 -131.38
CA GLY V 120 -29.06 30.45 -132.65
C GLY V 120 -28.31 30.94 -133.88
N THR V 121 -27.14 31.56 -133.73
CA THR V 121 -26.44 32.11 -134.88
C THR V 121 -25.76 31.02 -135.70
N GLN V 122 -25.58 31.31 -136.99
CA GLN V 122 -24.96 30.33 -137.88
C GLN V 122 -23.52 30.07 -137.49
N VAL V 123 -22.80 31.08 -137.01
CA VAL V 123 -21.41 30.84 -136.62
C VAL V 123 -21.34 29.91 -135.40
N VAL V 124 -22.29 30.05 -134.46
CA VAL V 124 -22.28 29.21 -133.28
C VAL V 124 -22.68 27.78 -133.61
N THR V 125 -23.75 27.61 -134.40
CA THR V 125 -24.14 26.26 -134.81
C THR V 125 -23.03 25.61 -135.61
N ASP V 126 -22.40 26.37 -136.50
CA ASP V 126 -21.25 25.89 -137.25
C ASP V 126 -20.15 25.41 -136.32
N ALA V 127 -19.77 26.23 -135.34
CA ALA V 127 -18.66 25.88 -134.45
C ALA V 127 -18.95 24.62 -133.65
N VAL V 128 -20.14 24.53 -133.06
CA VAL V 128 -20.46 23.40 -132.18
C VAL V 128 -20.60 22.11 -132.97
N VAL V 129 -21.19 22.16 -134.17
CA VAL V 129 -21.45 20.93 -134.90
C VAL V 129 -20.23 20.51 -135.73
N ASP V 130 -19.72 21.40 -136.57
CA ASP V 130 -18.63 21.04 -137.47
C ASP V 130 -17.25 21.25 -136.85
N MET V 131 -17.17 21.81 -135.64
CA MET V 131 -15.89 22.18 -135.02
C MET V 131 -15.19 23.28 -135.82
N THR V 132 -15.96 24.23 -136.31
CA THR V 132 -15.42 25.24 -137.19
C THR V 132 -15.34 26.59 -136.47
N PRO V 133 -14.16 27.19 -136.38
CA PRO V 133 -14.00 28.44 -135.63
C PRO V 133 -14.29 29.68 -136.47
N ALA V 134 -14.15 30.85 -135.85
CA ALA V 134 -14.25 32.13 -136.57
C ALA V 134 -12.83 32.63 -136.82
N TRP V 135 -12.33 32.40 -138.04
CA TRP V 135 -10.92 32.70 -138.36
C TRP V 135 -10.72 34.05 -139.06
N ALA W 1 -50.76 23.75 -95.59
CA ALA W 1 -50.45 24.89 -96.44
C ALA W 1 -49.32 24.57 -97.41
N GLN W 2 -49.66 24.09 -98.61
CA GLN W 2 -48.63 24.09 -99.65
C GLN W 2 -48.22 25.51 -99.93
N ILE W 3 -46.94 25.72 -100.20
CA ILE W 3 -46.46 27.08 -100.43
C ILE W 3 -47.20 27.67 -101.62
N ALA W 4 -47.63 28.91 -101.47
CA ALA W 4 -48.35 29.57 -102.54
C ALA W 4 -48.18 31.07 -102.34
N ASN W 5 -48.68 31.83 -103.32
CA ASN W 5 -48.56 33.28 -103.29
C ASN W 5 -49.04 33.84 -101.96
N LEU W 6 -48.50 34.99 -101.58
CA LEU W 6 -48.82 35.60 -100.30
C LEU W 6 -49.16 37.07 -100.53
N ILE W 7 -50.28 37.54 -99.98
CA ILE W 7 -50.75 38.89 -100.28
C ILE W 7 -50.82 39.68 -98.99
N LEU W 8 -50.02 40.76 -98.92
CA LEU W 8 -49.93 41.59 -97.72
C LEU W 8 -50.21 43.04 -98.09
N ALA W 9 -51.02 43.72 -97.28
CA ALA W 9 -51.44 45.08 -97.57
C ALA W 9 -50.53 46.08 -96.85
N ASP W 10 -50.01 47.04 -97.61
CA ASP W 10 -49.19 48.10 -97.04
C ASP W 10 -50.05 49.09 -96.24
N GLY W 11 -49.39 49.90 -95.42
CA GLY W 11 -50.07 50.91 -94.64
C GLY W 11 -50.14 52.23 -95.35
N GLN W 12 -51.32 52.56 -95.85
CA GLN W 12 -51.58 53.84 -96.47
C GLN W 12 -52.97 54.27 -96.05
N ALA W 13 -53.38 55.45 -96.52
CA ALA W 13 -54.77 55.84 -96.39
C ALA W 13 -55.67 54.76 -96.95
N THR W 14 -55.46 54.40 -98.19
CA THR W 14 -56.11 53.25 -98.79
C THR W 14 -55.00 52.23 -98.97
N PRO W 15 -54.95 51.19 -98.14
CA PRO W 15 -53.89 50.18 -98.29
C PRO W 15 -53.97 49.52 -99.66
N ALA W 16 -52.79 49.15 -100.17
CA ALA W 16 -52.65 48.53 -101.47
C ALA W 16 -52.09 47.12 -101.30
N ASN W 17 -52.81 46.11 -101.80
CA ASN W 17 -52.31 44.74 -101.71
C ASN W 17 -51.03 44.59 -102.51
N HIS W 18 -50.04 43.94 -101.90
CA HIS W 18 -48.78 43.61 -102.56
C HIS W 18 -48.61 42.10 -102.52
N THR W 19 -48.24 41.54 -103.67
CA THR W 19 -48.16 40.09 -103.83
C THR W 19 -46.73 39.61 -103.65
N PHE W 20 -46.60 38.35 -103.22
CA PHE W 20 -45.33 37.72 -102.88
C PHE W 20 -45.30 36.35 -103.57
N VAL W 21 -44.50 36.25 -104.63
CA VAL W 21 -44.29 34.97 -105.31
C VAL W 21 -43.46 34.07 -104.41
N PRO W 22 -43.76 32.77 -104.33
CA PRO W 22 -42.88 31.87 -103.59
C PRO W 22 -41.59 31.60 -104.35
N MET W 23 -40.52 31.40 -103.57
CA MET W 23 -39.19 31.12 -104.11
C MET W 23 -38.75 29.69 -103.84
N GLN W 24 -38.93 29.20 -102.62
CA GLN W 24 -38.67 27.81 -102.31
C GLN W 24 -39.51 27.40 -101.11
N PRO W 25 -39.94 26.15 -101.03
CA PRO W 25 -40.74 25.71 -99.91
C PRO W 25 -39.85 25.57 -98.68
N GLN W 26 -40.45 25.14 -97.58
CA GLN W 26 -39.74 24.90 -96.34
C GLN W 26 -39.18 23.49 -96.33
N THR W 27 -37.91 23.38 -96.00
CA THR W 27 -37.17 22.12 -95.92
C THR W 27 -36.69 21.95 -94.48
N GLY W 28 -36.02 20.84 -94.20
CA GLY W 28 -35.48 20.61 -92.87
C GLY W 28 -34.43 21.63 -92.45
N ILE W 29 -33.71 22.20 -93.41
CA ILE W 29 -32.66 23.18 -93.09
C ILE W 29 -32.94 24.56 -93.67
N THR W 30 -33.72 24.67 -94.75
CA THR W 30 -34.00 25.96 -95.37
C THR W 30 -35.44 26.39 -95.07
N PRO W 31 -35.67 27.66 -94.77
CA PRO W 31 -37.02 28.15 -94.50
C PRO W 31 -37.77 28.58 -95.76
N SER W 32 -39.08 28.36 -95.74
CA SER W 32 -39.90 28.77 -96.87
C SER W 32 -39.85 30.28 -97.01
N GLN W 33 -39.77 30.77 -98.25
CA GLN W 33 -39.58 32.20 -98.43
C GLN W 33 -40.19 32.69 -99.74
N TRP W 34 -40.71 33.92 -99.70
CA TRP W 34 -41.39 34.61 -100.80
C TRP W 34 -40.63 35.89 -101.16
N LEU W 35 -41.06 36.53 -102.25
CA LEU W 35 -40.42 37.72 -102.82
C LEU W 35 -41.47 38.66 -103.38
N ASN W 36 -41.26 39.98 -103.20
CA ASN W 36 -42.23 40.96 -103.67
C ASN W 36 -42.17 41.14 -105.17
N LYS W 37 -40.98 41.37 -105.71
CA LYS W 37 -40.76 41.45 -107.16
C LYS W 37 -41.49 42.63 -107.80
N GLU W 38 -41.55 43.74 -107.06
CA GLU W 38 -42.20 44.95 -107.58
C GLU W 38 -41.20 45.98 -108.09
N ALA W 39 -40.25 46.42 -107.27
CA ALA W 39 -39.30 47.42 -107.74
C ALA W 39 -38.43 46.85 -108.85
N ALA W 40 -37.93 47.73 -109.71
CA ALA W 40 -37.18 47.27 -110.89
C ALA W 40 -35.86 46.64 -110.49
N SER W 41 -35.25 47.15 -109.42
CA SER W 41 -33.94 46.67 -108.99
C SER W 41 -34.05 45.40 -108.17
N ASN W 42 -33.07 44.51 -108.34
CA ASN W 42 -33.01 43.31 -107.50
C ASN W 42 -33.04 43.65 -106.02
N ILE W 43 -32.52 44.82 -105.63
CA ILE W 43 -32.45 45.18 -104.23
C ILE W 43 -33.84 45.49 -103.68
N GLY W 44 -34.65 46.23 -104.45
CA GLY W 44 -35.96 46.69 -104.01
C GLY W 44 -37.00 45.61 -103.81
N TYR W 45 -36.72 44.37 -104.20
CA TYR W 45 -37.65 43.28 -103.90
C TYR W 45 -37.76 43.11 -102.40
N ARG W 46 -38.98 42.90 -101.92
CA ARG W 46 -39.24 42.71 -100.49
C ARG W 46 -39.41 41.22 -100.22
N LYS W 47 -38.78 40.71 -99.17
CA LYS W 47 -38.79 39.29 -98.92
C LYS W 47 -39.48 38.98 -97.61
N VAL W 48 -40.02 37.77 -97.52
CA VAL W 48 -40.73 37.28 -96.35
C VAL W 48 -40.36 35.83 -96.19
N SER W 49 -39.73 35.47 -95.07
CA SER W 49 -39.34 34.09 -94.85
C SER W 49 -39.87 33.59 -93.52
N MET W 50 -40.08 32.28 -93.44
CA MET W 50 -40.75 31.64 -92.32
C MET W 50 -40.23 30.22 -92.17
N PHE W 51 -40.10 29.77 -90.92
CA PHE W 51 -39.66 28.40 -90.62
C PHE W 51 -40.33 27.86 -89.37
N VAL W 52 -40.83 26.63 -89.47
CA VAL W 52 -41.63 25.98 -88.42
C VAL W 52 -40.84 24.77 -87.93
N LYS W 53 -40.06 24.93 -86.86
CA LYS W 53 -39.27 23.84 -86.31
C LYS W 53 -40.13 23.09 -85.28
N TYR W 54 -40.53 21.86 -85.63
CA TYR W 54 -41.32 21.01 -84.75
C TYR W 54 -40.38 20.18 -83.88
N VAL W 55 -40.52 20.32 -82.57
CA VAL W 55 -39.73 19.57 -81.60
C VAL W 55 -40.71 18.71 -80.80
N SER W 56 -40.73 17.40 -81.09
CA SER W 56 -41.78 16.53 -80.57
C SER W 56 -41.71 16.41 -79.05
N ASN W 57 -40.52 16.55 -78.45
CA ASN W 57 -40.38 16.64 -77.00
C ASN W 57 -39.48 17.83 -76.68
N GLY W 58 -40.08 19.02 -76.64
CA GLY W 58 -39.32 20.22 -76.37
C GLY W 58 -40.06 21.43 -76.92
N THR W 59 -39.30 22.52 -77.04
CA THR W 59 -39.87 23.82 -77.40
C THR W 59 -39.84 23.95 -78.92
N SER W 60 -40.99 23.76 -79.56
CA SER W 60 -41.12 24.05 -80.98
C SER W 60 -41.04 25.56 -81.22
N LYS W 61 -40.66 25.95 -82.44
CA LYS W 61 -40.40 27.37 -82.71
C LYS W 61 -40.83 27.75 -84.13
N VAL W 62 -41.70 28.76 -84.23
CA VAL W 62 -42.07 29.38 -85.50
C VAL W 62 -41.33 30.70 -85.62
N THR W 63 -40.61 30.88 -86.71
CA THR W 63 -39.76 32.07 -86.92
C THR W 63 -40.17 32.76 -88.21
N ILE W 64 -40.32 34.08 -88.15
CA ILE W 64 -40.80 34.88 -89.28
C ILE W 64 -39.93 36.13 -89.40
N ARG W 65 -39.54 36.48 -90.63
CA ARG W 65 -38.83 37.73 -90.85
C ARG W 65 -39.26 38.36 -92.17
N ILE W 66 -39.49 39.67 -92.11
CA ILE W 66 -40.02 40.48 -93.20
C ILE W 66 -39.02 41.60 -93.48
N ALA W 67 -38.65 41.78 -94.75
CA ALA W 67 -37.67 42.78 -95.15
C ALA W 67 -38.24 43.65 -96.26
N ASP W 68 -38.30 44.96 -96.01
CA ASP W 68 -38.79 45.96 -96.96
C ASP W 68 -37.67 46.94 -97.27
N PRO W 69 -37.00 46.81 -98.41
CA PRO W 69 -35.95 47.79 -98.77
C PRO W 69 -36.58 49.12 -99.15
N VAL W 70 -36.19 50.18 -98.43
CA VAL W 70 -36.65 51.52 -98.77
C VAL W 70 -35.49 52.30 -99.36
N LEU W 71 -35.29 52.16 -100.67
CA LEU W 71 -34.22 52.88 -101.34
C LEU W 71 -34.63 54.29 -101.72
N ALA W 72 -35.94 54.53 -101.84
CA ALA W 72 -36.42 55.89 -102.07
C ALA W 72 -35.97 56.81 -100.95
N SER W 73 -35.94 56.30 -99.72
CA SER W 73 -35.58 57.11 -98.57
C SER W 73 -34.09 57.42 -98.51
N VAL W 74 -33.27 56.74 -99.30
CA VAL W 74 -31.82 56.95 -99.28
C VAL W 74 -31.49 58.30 -99.92
N PRO W 75 -30.63 59.12 -99.31
CA PRO W 75 -30.24 60.38 -99.95
C PRO W 75 -29.56 60.13 -101.27
N ALA W 76 -29.68 61.11 -102.19
CA ALA W 76 -29.07 60.96 -103.50
C ALA W 76 -27.55 60.90 -103.41
N GLY W 77 -26.97 61.58 -102.43
CA GLY W 77 -25.52 61.62 -102.32
C GLY W 77 -24.90 60.32 -101.86
N CYS W 78 -25.65 59.51 -101.10
CA CYS W 78 -25.13 58.24 -100.60
C CYS W 78 -25.26 57.16 -101.67
N CYS W 79 -24.17 56.44 -101.91
CA CYS W 79 -24.17 55.31 -102.82
C CYS W 79 -24.47 54.03 -102.07
N VAL W 80 -25.26 53.16 -102.68
CA VAL W 80 -25.61 51.86 -102.12
C VAL W 80 -24.97 50.78 -102.98
N ASP W 81 -24.12 49.96 -102.35
CA ASP W 81 -23.42 48.87 -103.02
C ASP W 81 -23.41 47.67 -102.10
N THR W 82 -22.78 46.57 -102.57
CA THR W 82 -22.82 45.31 -101.82
C THR W 82 -22.31 45.50 -100.40
N ASN W 83 -21.38 46.42 -100.20
CA ASN W 83 -20.79 46.66 -98.90
C ASN W 83 -21.67 47.49 -97.97
N THR W 84 -22.73 48.12 -98.49
CA THR W 84 -23.63 48.88 -97.63
C THR W 84 -24.35 47.90 -96.71
N PRO W 85 -24.33 48.14 -95.39
CA PRO W 85 -25.02 47.22 -94.47
C PRO W 85 -26.53 47.25 -94.70
N GLN W 86 -27.13 46.06 -94.66
CA GLN W 86 -28.55 45.95 -94.99
C GLN W 86 -29.40 46.81 -94.06
N VAL W 87 -29.11 46.76 -92.76
CA VAL W 87 -30.00 47.33 -91.74
C VAL W 87 -30.01 48.85 -91.83
N ALA W 88 -29.25 49.40 -92.75
CA ALA W 88 -29.23 50.83 -92.96
C ALA W 88 -30.13 51.31 -94.10
N TYR W 89 -30.53 50.43 -95.03
CA TYR W 89 -31.33 50.87 -96.17
C TYR W 89 -32.61 50.05 -96.33
N SER W 90 -33.10 49.43 -95.26
CA SER W 90 -34.34 48.66 -95.34
C SER W 90 -34.90 48.42 -93.94
N THR W 91 -36.22 48.32 -93.86
CA THR W 91 -36.90 48.04 -92.62
C THR W 91 -37.05 46.53 -92.44
N PHE W 92 -37.06 46.08 -91.18
CA PHE W 92 -37.07 44.66 -90.85
C PHE W 92 -38.02 44.35 -89.70
N PHE W 93 -38.70 43.21 -89.79
CA PHE W 93 -39.53 42.71 -88.70
C PHE W 93 -39.23 41.24 -88.45
N GLU W 94 -38.85 40.88 -87.23
CA GLU W 94 -38.50 39.50 -86.92
C GLU W 94 -39.22 39.05 -85.66
N CYS W 95 -40.00 37.97 -85.76
CA CYS W 95 -40.71 37.42 -84.60
C CYS W 95 -40.47 35.92 -84.49
N THR W 96 -40.59 35.41 -83.26
CA THR W 96 -40.43 33.99 -82.94
C THR W 96 -41.47 33.60 -81.89
N PHE W 97 -42.32 32.64 -82.26
CA PHE W 97 -43.22 31.97 -81.33
C PHE W 97 -42.52 30.74 -80.77
N SER W 98 -42.48 30.62 -79.45
CA SER W 98 -41.94 29.46 -78.77
C SER W 98 -43.10 28.73 -78.09
N VAL W 99 -43.33 27.48 -78.52
CA VAL W 99 -44.44 26.66 -78.08
C VAL W 99 -43.92 25.38 -77.46
N PRO W 100 -44.01 25.19 -76.14
CA PRO W 100 -43.50 23.96 -75.54
C PRO W 100 -44.39 22.78 -75.91
N TYR W 101 -43.78 21.60 -75.94
CA TYR W 101 -44.55 20.37 -76.09
C TYR W 101 -45.58 20.29 -74.97
N GLY W 102 -46.73 19.68 -75.25
CA GLY W 102 -47.73 19.62 -74.22
C GLY W 102 -48.54 20.88 -74.08
N ALA W 103 -48.50 21.77 -75.07
CA ALA W 103 -49.31 22.97 -75.02
C ALA W 103 -50.67 22.65 -75.60
N THR W 104 -51.71 23.01 -74.88
CA THR W 104 -53.04 22.75 -75.39
C THR W 104 -53.25 23.55 -76.68
N LEU W 105 -54.10 22.99 -77.55
CA LEU W 105 -54.52 23.73 -78.73
C LEU W 105 -54.98 25.12 -78.34
N GLN W 106 -55.62 25.23 -77.18
CA GLN W 106 -56.08 26.52 -76.71
C GLN W 106 -54.91 27.42 -76.30
N ASN W 107 -53.82 26.86 -75.78
CA ASN W 107 -52.64 27.67 -75.48
C ASN W 107 -52.02 28.22 -76.76
N LYS W 108 -51.98 27.41 -77.81
CA LYS W 108 -51.44 27.88 -79.10
C LYS W 108 -52.29 28.99 -79.70
N LYS W 109 -53.61 28.76 -79.77
CA LYS W 109 -54.53 29.81 -80.20
C LYS W 109 -54.39 31.06 -79.33
N ASP W 110 -54.26 30.86 -78.02
CA ASP W 110 -54.14 31.98 -77.09
C ASP W 110 -52.97 32.85 -77.47
N ILE W 111 -51.78 32.26 -77.58
CA ILE W 111 -50.62 33.13 -77.78
C ILE W 111 -50.64 33.77 -79.16
N LEU W 112 -51.15 33.06 -80.17
CA LEU W 112 -51.31 33.70 -81.46
C LEU W 112 -52.19 34.94 -81.34
N ALA W 113 -53.31 34.82 -80.64
CA ALA W 113 -54.23 35.94 -80.50
C ALA W 113 -53.62 37.07 -79.68
N TYR W 114 -52.89 36.74 -78.62
CA TYR W 114 -52.26 37.79 -77.81
C TYR W 114 -51.27 38.58 -78.64
N ALA W 115 -50.45 37.89 -79.43
CA ALA W 115 -49.49 38.58 -80.29
C ALA W 115 -50.20 39.48 -81.29
N ARG W 116 -51.23 38.96 -81.97
CA ARG W 116 -51.87 39.75 -83.01
C ARG W 116 -52.60 40.95 -82.43
N ASN W 117 -53.33 40.76 -81.33
CA ASN W 117 -54.00 41.88 -80.68
C ASN W 117 -53.01 42.92 -80.17
N LEU W 118 -51.87 42.46 -79.61
CA LEU W 118 -50.89 43.40 -79.10
C LEU W 118 -50.29 44.24 -80.21
N LEU W 119 -49.92 43.62 -81.33
CA LEU W 119 -49.43 44.41 -82.46
C LEU W 119 -50.53 45.28 -83.06
N GLY W 120 -51.79 44.93 -82.89
CA GLY W 120 -52.86 45.83 -83.27
C GLY W 120 -53.08 46.99 -82.32
N THR W 121 -52.59 46.88 -81.08
CA THR W 121 -52.86 47.91 -80.07
C THR W 121 -52.34 49.27 -80.50
N GLN W 122 -53.01 50.31 -80.00
CA GLN W 122 -52.58 51.67 -80.31
C GLN W 122 -51.20 51.96 -79.75
N VAL W 123 -50.87 51.40 -78.59
CA VAL W 123 -49.56 51.69 -78.02
C VAL W 123 -48.45 51.18 -78.93
N VAL W 124 -48.65 50.00 -79.51
CA VAL W 124 -47.67 49.44 -80.44
C VAL W 124 -47.62 50.25 -81.73
N THR W 125 -48.80 50.56 -82.29
CA THR W 125 -48.83 51.38 -83.50
C THR W 125 -48.09 52.71 -83.29
N ASP W 126 -48.37 53.35 -82.16
CA ASP W 126 -47.75 54.63 -81.81
C ASP W 126 -46.24 54.48 -81.63
N ALA W 127 -45.81 53.39 -80.99
CA ALA W 127 -44.39 53.20 -80.72
C ALA W 127 -43.59 52.91 -81.99
N VAL W 128 -44.17 52.16 -82.92
CA VAL W 128 -43.43 51.80 -84.13
C VAL W 128 -43.42 52.94 -85.13
N VAL W 129 -44.54 53.65 -85.29
CA VAL W 129 -44.58 54.72 -86.28
C VAL W 129 -44.00 56.01 -85.71
N ASP W 130 -44.56 56.49 -84.60
CA ASP W 130 -44.14 57.78 -84.05
C ASP W 130 -42.97 57.66 -83.08
N MET W 131 -42.42 56.46 -82.90
CA MET W 131 -41.25 56.21 -82.07
C MET W 131 -41.51 56.55 -80.61
N THR W 132 -42.78 56.62 -80.20
CA THR W 132 -43.11 57.11 -78.87
C THR W 132 -43.36 55.92 -77.95
N PRO W 133 -42.57 55.75 -76.89
CA PRO W 133 -42.70 54.58 -76.02
C PRO W 133 -43.69 54.76 -74.89
N ALA W 134 -43.77 53.77 -74.00
CA ALA W 134 -44.65 53.82 -72.83
C ALA W 134 -43.81 54.17 -71.61
N TRP W 135 -43.95 55.41 -71.14
CA TRP W 135 -43.10 55.93 -70.06
C TRP W 135 -43.82 56.10 -68.73
N ALA X 1 -43.06 13.04 -107.12
CA ALA X 1 -43.97 13.14 -105.98
C ALA X 1 -43.60 14.32 -105.08
N GLN X 2 -44.24 15.47 -105.27
CA GLN X 2 -44.11 16.51 -104.24
C GLN X 2 -44.85 16.07 -103.00
N ILE X 3 -44.33 16.48 -101.84
CA ILE X 3 -44.91 16.05 -100.59
C ILE X 3 -46.31 16.64 -100.47
N ALA X 4 -47.23 15.83 -99.96
CA ALA X 4 -48.60 16.27 -99.76
C ALA X 4 -49.21 15.42 -98.66
N ASN X 5 -50.44 15.77 -98.28
CA ASN X 5 -51.12 15.11 -97.17
C ASN X 5 -51.12 13.60 -97.38
N LEU X 6 -51.23 12.86 -96.27
CA LEU X 6 -51.23 11.40 -96.33
C LEU X 6 -52.37 10.85 -95.48
N ILE X 7 -53.22 10.02 -96.07
CA ILE X 7 -54.41 9.51 -95.38
C ILE X 7 -54.28 8.01 -95.20
N LEU X 8 -54.41 7.56 -93.94
CA LEU X 8 -54.21 6.16 -93.57
C LEU X 8 -55.37 5.70 -92.69
N ALA X 9 -55.90 4.50 -92.96
CA ALA X 9 -57.07 4.00 -92.26
C ALA X 9 -56.66 3.16 -91.05
N ASP X 10 -57.18 3.52 -89.87
CA ASP X 10 -56.89 2.76 -88.67
C ASP X 10 -57.62 1.41 -88.69
N GLY X 11 -57.16 0.52 -87.81
CA GLY X 11 -57.76 -0.79 -87.69
C GLY X 11 -58.87 -0.80 -86.66
N GLN X 12 -60.10 -0.91 -87.13
CA GLN X 12 -61.27 -0.96 -86.27
C GLN X 12 -62.30 -1.85 -86.94
N ALA X 13 -63.41 -2.07 -86.25
CA ALA X 13 -64.55 -2.70 -86.87
C ALA X 13 -64.91 -1.96 -88.15
N THR X 14 -65.08 -0.65 -88.06
CA THR X 14 -65.16 0.20 -89.23
C THR X 14 -63.95 1.10 -89.22
N PRO X 15 -63.05 0.98 -90.18
CA PRO X 15 -61.86 1.84 -90.18
C PRO X 15 -62.23 3.30 -90.39
N ALA X 16 -61.47 4.18 -89.76
CA ALA X 16 -61.67 5.61 -89.86
C ALA X 16 -60.41 6.26 -90.42
N ASN X 17 -60.56 7.06 -91.48
CA ASN X 17 -59.41 7.69 -92.11
C ASN X 17 -58.76 8.70 -91.16
N HIS X 18 -57.44 8.63 -91.06
CA HIS X 18 -56.65 9.54 -90.27
C HIS X 18 -55.70 10.31 -91.19
N THR X 19 -55.62 11.62 -91.01
CA THR X 19 -54.84 12.46 -91.92
C THR X 19 -53.48 12.79 -91.30
N PHE X 20 -52.49 12.98 -92.18
CA PHE X 20 -51.09 13.20 -91.82
C PHE X 20 -50.60 14.41 -92.59
N VAL X 21 -50.49 15.53 -91.88
CA VAL X 21 -49.96 16.76 -92.48
C VAL X 21 -48.44 16.60 -92.62
N PRO X 22 -47.86 16.97 -93.76
CA PRO X 22 -46.40 16.89 -93.89
C PRO X 22 -45.70 17.89 -92.99
N MET X 23 -44.54 17.48 -92.47
CA MET X 23 -43.63 18.35 -91.72
C MET X 23 -42.33 18.62 -92.46
N GLN X 24 -41.85 17.67 -93.22
CA GLN X 24 -40.48 17.72 -93.68
C GLN X 24 -40.36 16.97 -95.00
N PRO X 25 -39.93 17.63 -96.06
CA PRO X 25 -39.64 16.90 -97.30
C PRO X 25 -38.25 16.28 -97.26
N GLN X 26 -38.10 15.20 -98.02
CA GLN X 26 -36.82 14.49 -98.09
C GLN X 26 -35.82 15.31 -98.89
N THR X 27 -34.67 15.59 -98.27
CA THR X 27 -33.60 16.34 -98.88
C THR X 27 -32.30 15.93 -98.20
N GLY X 28 -31.36 15.40 -98.98
CA GLY X 28 -30.11 14.96 -98.39
C GLY X 28 -30.33 13.76 -97.49
N ILE X 29 -29.89 13.87 -96.23
CA ILE X 29 -30.10 12.79 -95.27
C ILE X 29 -31.48 12.89 -94.64
N THR X 30 -32.02 14.09 -94.55
CA THR X 30 -33.30 14.31 -93.88
C THR X 30 -34.44 13.65 -94.65
N PRO X 31 -35.23 12.76 -94.04
CA PRO X 31 -36.27 12.04 -94.77
C PRO X 31 -37.63 12.71 -94.71
N SER X 32 -38.46 12.41 -95.71
CA SER X 32 -39.80 12.96 -95.73
C SER X 32 -40.57 12.44 -94.51
N GLN X 33 -41.36 13.30 -93.87
CA GLN X 33 -42.11 12.86 -92.70
C GLN X 33 -43.39 13.67 -92.51
N TRP X 34 -44.45 12.95 -92.10
CA TRP X 34 -45.80 13.48 -91.85
C TRP X 34 -46.19 13.20 -90.41
N LEU X 35 -47.16 13.98 -89.90
CA LEU X 35 -47.61 13.92 -88.52
C LEU X 35 -49.12 13.81 -88.44
N ASN X 36 -49.63 13.11 -87.42
CA ASN X 36 -51.07 12.82 -87.34
C ASN X 36 -51.88 14.01 -86.84
N LYS X 37 -51.40 14.69 -85.78
CA LYS X 37 -51.99 15.95 -85.25
C LYS X 37 -53.32 15.74 -84.54
N GLU X 38 -53.49 14.61 -83.87
CA GLU X 38 -54.77 14.34 -83.22
C GLU X 38 -54.72 14.49 -81.70
N ALA X 39 -53.72 13.92 -81.03
CA ALA X 39 -53.65 14.10 -79.59
C ALA X 39 -53.35 15.57 -79.27
N ALA X 40 -53.72 15.97 -78.06
CA ALA X 40 -53.75 17.39 -77.71
C ALA X 40 -52.35 17.99 -77.58
N SER X 41 -51.43 17.25 -76.98
CA SER X 41 -50.06 17.68 -76.76
C SER X 41 -49.19 17.39 -77.97
N ASN X 42 -48.11 18.17 -78.11
CA ASN X 42 -47.21 17.98 -79.24
C ASN X 42 -46.60 16.59 -79.28
N ILE X 43 -46.59 15.87 -78.16
CA ILE X 43 -45.93 14.57 -78.11
C ILE X 43 -46.79 13.49 -78.78
N GLY X 44 -48.12 13.56 -78.60
CA GLY X 44 -48.98 12.47 -79.02
C GLY X 44 -49.12 12.34 -80.52
N TYR X 45 -48.76 13.39 -81.26
CA TYR X 45 -48.78 13.38 -82.72
C TYR X 45 -48.09 12.11 -83.22
N ARG X 46 -48.78 11.36 -84.08
CA ARG X 46 -48.21 10.15 -84.65
C ARG X 46 -47.37 10.52 -85.87
N LYS X 47 -46.30 9.75 -86.11
CA LYS X 47 -45.33 10.18 -87.12
C LYS X 47 -45.07 9.08 -88.14
N VAL X 48 -45.10 9.44 -89.42
CA VAL X 48 -44.74 8.55 -90.51
C VAL X 48 -43.55 9.15 -91.23
N SER X 49 -42.53 8.34 -91.51
CA SER X 49 -41.38 8.90 -92.22
C SER X 49 -40.81 7.88 -93.20
N MET X 50 -40.24 8.39 -94.28
CA MET X 50 -39.75 7.59 -95.38
C MET X 50 -38.53 8.25 -96.00
N PHE X 51 -37.59 7.43 -96.46
CA PHE X 51 -36.40 7.89 -97.16
C PHE X 51 -36.08 6.98 -98.33
N VAL X 52 -35.94 7.57 -99.51
CA VAL X 52 -35.69 6.84 -100.75
C VAL X 52 -34.24 7.13 -101.15
N LYS X 53 -33.35 6.15 -100.96
CA LYS X 53 -31.95 6.26 -101.39
C LYS X 53 -31.80 5.55 -102.73
N TYR X 54 -31.73 6.34 -103.80
CA TYR X 54 -31.49 5.81 -105.15
C TYR X 54 -30.00 5.68 -105.36
N VAL X 55 -29.52 4.44 -105.51
CA VAL X 55 -28.13 4.16 -105.80
C VAL X 55 -28.05 3.76 -107.27
N SER X 56 -27.44 4.62 -108.09
CA SER X 56 -27.51 4.44 -109.54
C SER X 56 -26.83 3.16 -110.00
N ASN X 57 -25.83 2.68 -109.25
CA ASN X 57 -25.20 1.39 -109.52
C ASN X 57 -25.00 0.67 -108.18
N GLY X 58 -26.00 -0.09 -107.78
CA GLY X 58 -25.94 -0.80 -106.51
C GLY X 58 -27.34 -1.06 -105.98
N THR X 59 -27.40 -1.36 -104.69
CA THR X 59 -28.66 -1.71 -104.03
C THR X 59 -29.32 -0.44 -103.50
N SER X 60 -30.38 -0.01 -104.17
CA SER X 60 -31.16 1.13 -103.70
C SER X 60 -32.08 0.70 -102.56
N LYS X 61 -32.47 1.66 -101.71
CA LYS X 61 -33.12 1.32 -100.45
C LYS X 61 -34.21 2.32 -100.10
N VAL X 62 -35.43 1.83 -99.94
CA VAL X 62 -36.55 2.63 -99.43
C VAL X 62 -36.79 2.23 -97.98
N THR X 63 -36.79 3.20 -97.08
CA THR X 63 -36.92 2.94 -95.64
C THR X 63 -38.12 3.69 -95.09
N ILE X 64 -38.94 3.00 -94.30
CA ILE X 64 -40.20 3.55 -93.80
C ILE X 64 -40.36 3.20 -92.32
N ARG X 65 -40.90 4.14 -91.55
CA ARG X 65 -41.19 3.89 -90.13
C ARG X 65 -42.45 4.65 -89.70
N ILE X 66 -43.30 3.97 -88.94
CA ILE X 66 -44.57 4.47 -88.45
C ILE X 66 -44.55 4.38 -86.93
N ALA X 67 -44.83 5.50 -86.25
CA ALA X 67 -44.76 5.58 -84.80
C ALA X 67 -46.11 6.06 -84.28
N ASP X 68 -46.77 5.19 -83.51
CA ASP X 68 -48.10 5.37 -82.91
C ASP X 68 -47.90 5.49 -81.41
N PRO X 69 -47.69 6.70 -80.89
CA PRO X 69 -47.54 6.88 -79.45
C PRO X 69 -48.87 7.07 -78.76
N VAL X 70 -48.92 6.66 -77.49
CA VAL X 70 -50.11 6.85 -76.65
C VAL X 70 -49.71 7.55 -75.36
N LEU X 71 -50.35 8.67 -75.07
CA LEU X 71 -50.03 9.45 -73.89
C LEU X 71 -50.46 8.72 -72.63
N ALA X 72 -49.66 8.87 -71.57
CA ALA X 72 -49.95 8.23 -70.30
C ALA X 72 -50.97 9.04 -69.52
N SER X 73 -51.89 8.33 -68.86
CA SER X 73 -52.81 8.93 -67.90
C SER X 73 -52.35 8.47 -66.52
N VAL X 74 -51.79 9.39 -65.73
CA VAL X 74 -51.20 9.06 -64.45
C VAL X 74 -52.31 8.88 -63.43
N PRO X 75 -52.08 8.12 -62.35
CA PRO X 75 -53.04 8.07 -61.26
C PRO X 75 -52.75 9.21 -60.28
N ALA X 76 -53.67 9.37 -59.32
CA ALA X 76 -53.53 10.46 -58.36
C ALA X 76 -52.25 10.35 -57.55
N GLY X 77 -51.73 9.13 -57.38
CA GLY X 77 -50.70 8.91 -56.38
C GLY X 77 -49.36 9.56 -56.70
N CYS X 78 -48.93 9.48 -57.97
CA CYS X 78 -47.59 9.96 -58.29
C CYS X 78 -47.52 11.47 -58.40
N CYS X 79 -48.66 12.15 -58.62
CA CYS X 79 -48.77 13.60 -58.52
C CYS X 79 -47.92 14.36 -59.52
N VAL X 80 -47.65 13.76 -60.68
CA VAL X 80 -47.18 14.58 -61.79
C VAL X 80 -48.32 15.50 -62.21
N ASP X 81 -48.00 16.77 -62.41
CA ASP X 81 -49.04 17.75 -62.73
C ASP X 81 -49.82 17.32 -63.95
N THR X 82 -51.14 17.51 -63.88
CA THR X 82 -52.01 17.22 -65.01
C THR X 82 -51.51 17.87 -66.29
N ASN X 83 -50.79 18.98 -66.18
CA ASN X 83 -50.47 19.80 -67.36
C ASN X 83 -49.27 19.27 -68.13
N THR X 84 -48.34 18.55 -67.48
CA THR X 84 -47.17 18.04 -68.16
C THR X 84 -47.40 16.59 -68.59
N PRO X 85 -47.73 16.33 -69.85
CA PRO X 85 -47.96 14.95 -70.27
C PRO X 85 -46.66 14.25 -70.58
N GLN X 86 -46.70 12.92 -70.46
CA GLN X 86 -45.58 12.07 -70.83
C GLN X 86 -46.11 10.95 -71.71
N VAL X 87 -45.26 10.48 -72.62
CA VAL X 87 -45.64 9.38 -73.50
C VAL X 87 -45.46 8.06 -72.76
N ALA X 88 -46.53 7.27 -72.71
CA ALA X 88 -46.50 6.01 -71.96
C ALA X 88 -45.73 4.95 -72.73
N TYR X 89 -46.04 4.79 -74.01
CA TYR X 89 -45.48 3.77 -74.87
C TYR X 89 -45.87 4.13 -76.29
N SER X 90 -45.24 3.47 -77.26
CA SER X 90 -45.54 3.71 -78.66
C SER X 90 -45.25 2.44 -79.45
N THR X 91 -46.18 2.10 -80.34
CA THR X 91 -45.98 1.00 -81.27
C THR X 91 -45.20 1.49 -82.50
N PHE X 92 -44.35 0.62 -83.03
CA PHE X 92 -43.45 1.00 -84.12
C PHE X 92 -43.53 -0.02 -85.26
N PHE X 93 -43.53 0.48 -86.49
CA PHE X 93 -43.38 -0.37 -87.68
C PHE X 93 -42.25 0.17 -88.53
N GLU X 94 -41.27 -0.67 -88.84
CA GLU X 94 -40.12 -0.23 -89.63
C GLU X 94 -39.81 -1.24 -90.71
N CYS X 95 -39.87 -0.81 -91.97
CA CYS X 95 -39.60 -1.69 -93.10
C CYS X 95 -38.55 -1.06 -94.02
N THR X 96 -37.90 -1.94 -94.80
CA THR X 96 -36.89 -1.54 -95.77
C THR X 96 -37.02 -2.41 -97.01
N PHE X 97 -37.21 -1.76 -98.16
CA PHE X 97 -37.15 -2.40 -99.47
C PHE X 97 -35.74 -2.23 -100.03
N SER X 98 -35.15 -3.34 -100.46
CA SER X 98 -33.85 -3.36 -101.13
C SER X 98 -34.06 -3.77 -102.59
N VAL X 99 -33.74 -2.85 -103.50
CA VAL X 99 -33.91 -3.03 -104.95
C VAL X 99 -32.55 -2.97 -105.62
N PRO X 100 -32.04 -4.08 -106.14
CA PRO X 100 -30.70 -4.07 -106.74
C PRO X 100 -30.70 -3.33 -108.08
N TYR X 101 -29.49 -3.16 -108.61
CA TYR X 101 -29.34 -2.35 -109.82
C TYR X 101 -30.17 -2.91 -110.97
N GLY X 102 -30.08 -4.21 -111.21
CA GLY X 102 -30.65 -4.83 -112.39
C GLY X 102 -32.12 -5.13 -112.33
N ALA X 103 -32.81 -4.67 -111.28
CA ALA X 103 -34.16 -5.11 -111.03
C ALA X 103 -35.12 -4.62 -112.10
N THR X 104 -35.98 -5.51 -112.57
CA THR X 104 -37.00 -5.11 -113.51
C THR X 104 -38.04 -4.23 -112.84
N LEU X 105 -38.63 -3.34 -113.63
CA LEU X 105 -39.75 -2.57 -113.11
C LEU X 105 -40.88 -3.50 -112.68
N GLN X 106 -41.09 -4.58 -113.43
CA GLN X 106 -42.06 -5.58 -113.01
C GLN X 106 -41.65 -6.21 -111.68
N ASN X 107 -40.35 -6.38 -111.43
CA ASN X 107 -39.87 -6.92 -110.16
C ASN X 107 -40.17 -5.98 -109.01
N LYS X 108 -39.98 -4.68 -109.22
CA LYS X 108 -40.32 -3.68 -108.20
C LYS X 108 -41.82 -3.74 -107.86
N LYS X 109 -42.66 -3.74 -108.89
CA LYS X 109 -44.09 -3.95 -108.69
C LYS X 109 -44.36 -5.22 -107.90
N ASP X 110 -43.72 -6.32 -108.31
CA ASP X 110 -43.91 -7.61 -107.65
C ASP X 110 -43.66 -7.51 -106.16
N ILE X 111 -42.49 -7.01 -105.76
CA ILE X 111 -42.14 -7.07 -104.35
C ILE X 111 -43.00 -6.13 -103.53
N LEU X 112 -43.35 -4.96 -104.07
CA LEU X 112 -44.27 -4.10 -103.33
C LEU X 112 -45.60 -4.81 -103.10
N ALA X 113 -46.10 -5.53 -104.12
CA ALA X 113 -47.37 -6.23 -103.96
C ALA X 113 -47.25 -7.38 -102.96
N TYR X 114 -46.13 -8.10 -102.99
CA TYR X 114 -45.94 -9.20 -102.04
C TYR X 114 -45.93 -8.67 -100.61
N ALA X 115 -45.27 -7.53 -100.39
CA ALA X 115 -45.26 -6.93 -99.05
C ALA X 115 -46.66 -6.53 -98.62
N ARG X 116 -47.40 -5.84 -99.49
CA ARG X 116 -48.74 -5.38 -99.10
C ARG X 116 -49.66 -6.56 -98.83
N ASN X 117 -49.67 -7.55 -99.73
CA ASN X 117 -50.54 -8.71 -99.52
C ASN X 117 -50.13 -9.50 -98.28
N LEU X 118 -48.82 -9.60 -98.00
CA LEU X 118 -48.38 -10.35 -96.84
C LEU X 118 -48.79 -9.67 -95.54
N LEU X 119 -48.73 -8.33 -95.50
CA LEU X 119 -49.31 -7.64 -94.36
C LEU X 119 -50.82 -7.81 -94.31
N GLY X 120 -51.45 -8.11 -95.45
CA GLY X 120 -52.86 -8.49 -95.44
C GLY X 120 -53.13 -9.89 -94.91
N THR X 121 -52.14 -10.78 -94.98
CA THR X 121 -52.40 -12.21 -94.76
C THR X 121 -52.89 -12.51 -93.34
N GLN X 122 -53.67 -13.59 -93.24
CA GLN X 122 -54.22 -14.01 -91.95
C GLN X 122 -53.11 -14.41 -90.99
N VAL X 123 -52.04 -15.03 -91.49
CA VAL X 123 -50.96 -15.45 -90.61
C VAL X 123 -50.30 -14.25 -89.95
N VAL X 124 -50.06 -13.19 -90.73
CA VAL X 124 -49.39 -12.00 -90.19
C VAL X 124 -50.32 -11.24 -89.24
N THR X 125 -51.59 -11.08 -89.63
CA THR X 125 -52.54 -10.42 -88.73
C THR X 125 -52.60 -11.16 -87.41
N ASP X 126 -52.73 -12.48 -87.47
CA ASP X 126 -52.72 -13.34 -86.29
C ASP X 126 -51.47 -13.10 -85.45
N ALA X 127 -50.29 -13.14 -86.09
CA ALA X 127 -49.02 -13.08 -85.37
C ALA X 127 -48.83 -11.73 -84.69
N VAL X 128 -49.10 -10.64 -85.40
CA VAL X 128 -48.86 -9.30 -84.86
C VAL X 128 -49.87 -8.97 -83.76
N VAL X 129 -51.13 -9.41 -83.90
CA VAL X 129 -52.12 -8.98 -82.92
C VAL X 129 -52.13 -9.90 -81.69
N ASP X 130 -52.07 -11.22 -81.88
CA ASP X 130 -52.16 -12.14 -80.75
C ASP X 130 -50.81 -12.72 -80.33
N MET X 131 -49.70 -12.27 -80.93
CA MET X 131 -48.37 -12.75 -80.59
C MET X 131 -48.27 -14.26 -80.71
N THR X 132 -49.00 -14.81 -81.68
CA THR X 132 -49.01 -16.24 -81.92
C THR X 132 -48.15 -16.54 -83.13
N PRO X 133 -47.10 -17.36 -83.01
CA PRO X 133 -46.25 -17.64 -84.18
C PRO X 133 -46.93 -18.53 -85.20
N ALA X 134 -46.21 -18.86 -86.26
CA ALA X 134 -46.67 -19.85 -87.24
C ALA X 134 -45.91 -21.14 -86.94
N TRP X 135 -46.48 -21.94 -86.04
CA TRP X 135 -45.83 -23.16 -85.55
C TRP X 135 -46.06 -24.36 -86.45
N ALA Y 1 58.08 117.13 27.41
CA ALA Y 1 57.32 116.36 28.39
C ALA Y 1 58.06 115.11 28.84
N GLN Y 2 58.89 115.24 29.87
CA GLN Y 2 59.36 114.06 30.56
C GLN Y 2 58.16 113.27 31.08
N ILE Y 3 58.30 111.95 31.16
CA ILE Y 3 57.18 111.14 31.64
C ILE Y 3 56.95 111.43 33.11
N ALA Y 4 55.67 111.49 33.49
CA ALA Y 4 55.28 111.77 34.86
C ALA Y 4 53.86 111.28 35.05
N ASN Y 5 53.38 111.39 36.28
CA ASN Y 5 52.06 110.86 36.66
C ASN Y 5 50.96 111.38 35.76
N LEU Y 6 49.84 110.67 35.71
CA LEU Y 6 48.71 111.04 34.85
C LEU Y 6 47.44 110.96 35.69
N ILE Y 7 46.57 111.97 35.59
CA ILE Y 7 45.37 112.02 36.43
C ILE Y 7 44.14 112.13 35.54
N LEU Y 8 43.31 111.10 35.54
CA LEU Y 8 42.12 111.01 34.70
C LEU Y 8 40.88 110.80 35.55
N ALA Y 9 39.81 111.53 35.24
CA ALA Y 9 38.60 111.49 36.03
C ALA Y 9 37.58 110.53 35.42
N ASP Y 10 37.09 109.60 36.22
CA ASP Y 10 36.06 108.68 35.74
C ASP Y 10 34.72 109.38 35.59
N GLY Y 11 33.79 108.71 34.92
CA GLY Y 11 32.47 109.27 34.74
C GLY Y 11 31.51 108.79 35.80
N GLN Y 12 31.14 109.66 36.74
CA GLN Y 12 30.16 109.34 37.75
C GLN Y 12 29.25 110.54 37.92
N ALA Y 13 28.30 110.42 38.85
CA ALA Y 13 27.56 111.58 39.29
C ALA Y 13 28.53 112.69 39.67
N THR Y 14 29.44 112.39 40.57
CA THR Y 14 30.58 113.25 40.84
C THR Y 14 31.82 112.48 40.43
N PRO Y 15 32.54 112.93 39.40
CA PRO Y 15 33.75 112.21 38.99
C PRO Y 15 34.78 112.16 40.11
N ALA Y 16 35.44 111.01 40.22
CA ALA Y 16 36.54 110.83 41.17
C ALA Y 16 37.84 110.63 40.40
N ASN Y 17 38.86 111.41 40.76
CA ASN Y 17 40.12 111.37 40.05
C ASN Y 17 40.87 110.07 40.32
N HIS Y 18 41.45 109.50 39.25
CA HIS Y 18 42.26 108.30 39.34
C HIS Y 18 43.66 108.60 38.80
N THR Y 19 44.66 108.07 39.47
CA THR Y 19 46.05 108.40 39.18
C THR Y 19 46.74 107.22 38.51
N PHE Y 20 47.69 107.55 37.64
CA PHE Y 20 48.39 106.61 36.78
C PHE Y 20 49.90 106.83 36.95
N VAL Y 21 50.55 105.87 37.60
CA VAL Y 21 52.00 105.92 37.76
C VAL Y 21 52.67 105.53 36.45
N PRO Y 22 53.73 106.22 36.03
CA PRO Y 22 54.44 105.80 34.82
C PRO Y 22 55.28 104.56 35.07
N MET Y 23 55.32 103.68 34.07
CA MET Y 23 56.09 102.45 34.15
C MET Y 23 57.20 102.35 33.11
N GLN Y 24 56.91 102.73 31.86
CA GLN Y 24 57.93 102.71 30.82
C GLN Y 24 57.76 103.92 29.92
N PRO Y 25 58.83 104.63 29.58
CA PRO Y 25 58.74 105.77 28.67
C PRO Y 25 58.94 105.35 27.21
N GLN Y 26 58.77 106.33 26.34
CA GLN Y 26 58.84 106.13 24.90
C GLN Y 26 60.29 106.22 24.44
N THR Y 27 60.87 105.08 24.10
CA THR Y 27 62.18 105.03 23.46
C THR Y 27 62.10 103.98 22.36
N GLY Y 28 62.35 104.40 21.11
CA GLY Y 28 62.32 103.45 20.01
C GLY Y 28 60.91 102.99 19.72
N ILE Y 29 60.73 101.67 19.63
CA ILE Y 29 59.41 101.11 19.35
C ILE Y 29 58.52 101.14 20.58
N THR Y 30 59.11 101.01 21.77
CA THR Y 30 58.31 100.89 22.99
C THR Y 30 57.61 102.21 23.31
N PRO Y 31 56.31 102.20 23.61
CA PRO Y 31 55.58 103.44 23.88
C PRO Y 31 55.51 103.78 25.36
N SER Y 32 55.36 105.08 25.63
CA SER Y 32 55.18 105.51 27.01
C SER Y 32 53.87 104.94 27.55
N GLN Y 33 53.88 104.56 28.83
CA GLN Y 33 52.71 103.87 29.38
C GLN Y 33 52.63 103.99 30.90
N TRP Y 34 51.40 104.17 31.39
CA TRP Y 34 51.06 104.39 32.80
C TRP Y 34 50.09 103.32 33.26
N LEU Y 35 50.10 103.05 34.57
CA LEU Y 35 49.28 102.01 35.21
C LEU Y 35 48.49 102.63 36.36
N ASN Y 36 47.25 102.16 36.55
CA ASN Y 36 46.39 102.76 37.57
C ASN Y 36 46.72 102.26 38.97
N LYS Y 37 46.94 100.95 39.12
CA LYS Y 37 47.38 100.33 40.38
C LYS Y 37 46.32 100.40 41.47
N GLU Y 38 45.04 100.35 41.07
CA GLU Y 38 43.93 100.40 42.01
C GLU Y 38 43.28 99.05 42.28
N ALA Y 39 43.27 98.14 41.31
CA ALA Y 39 42.52 96.90 41.48
C ALA Y 39 43.20 95.96 42.46
N ALA Y 40 42.49 94.89 42.83
CA ALA Y 40 42.98 93.95 43.84
C ALA Y 40 44.18 93.15 43.35
N SER Y 41 44.13 92.64 42.12
CA SER Y 41 45.19 91.83 41.55
C SER Y 41 46.03 92.66 40.58
N ASN Y 42 47.22 92.14 40.25
CA ASN Y 42 48.09 92.87 39.35
C ASN Y 42 47.53 92.97 37.94
N ILE Y 43 46.54 92.15 37.58
CA ILE Y 43 46.01 92.17 36.23
C ILE Y 43 44.88 93.19 36.06
N GLY Y 44 44.21 93.57 37.14
CA GLY Y 44 43.13 94.53 37.07
C GLY Y 44 43.57 95.97 36.89
N TYR Y 45 44.88 96.23 36.98
CA TYR Y 45 45.41 97.57 36.87
C TYR Y 45 45.03 98.18 35.53
N ARG Y 46 44.47 99.38 35.56
CA ARG Y 46 44.08 100.05 34.32
C ARG Y 46 45.28 100.72 33.68
N LYS Y 47 45.39 100.64 32.36
CA LYS Y 47 46.61 101.11 31.73
C LYS Y 47 46.33 102.08 30.59
N VAL Y 48 47.26 102.99 30.40
CA VAL Y 48 47.22 103.97 29.33
C VAL Y 48 48.55 103.91 28.62
N SER Y 49 48.55 104.06 27.30
CA SER Y 49 49.82 104.11 26.60
C SER Y 49 49.69 105.01 25.38
N MET Y 50 50.83 105.58 24.98
CA MET Y 50 50.90 106.60 23.94
C MET Y 50 52.25 106.50 23.23
N PHE Y 51 52.23 106.76 21.91
CA PHE Y 51 53.43 106.77 21.09
C PHE Y 51 53.34 107.88 20.03
N VAL Y 52 54.41 108.67 19.90
CA VAL Y 52 54.43 109.84 19.03
C VAL Y 52 55.51 109.60 17.97
N LYS Y 53 55.14 108.99 16.85
CA LYS Y 53 56.07 108.74 15.75
C LYS Y 53 56.19 110.00 14.91
N TYR Y 54 57.34 110.67 15.00
CA TYR Y 54 57.62 111.88 14.22
C TYR Y 54 58.32 111.47 12.92
N VAL Y 55 57.64 111.72 11.81
CA VAL Y 55 58.16 111.39 10.48
C VAL Y 55 58.47 112.70 9.76
N SER Y 56 59.75 113.01 9.60
CA SER Y 56 60.15 114.35 9.16
C SER Y 56 59.68 114.63 7.74
N ASN Y 57 59.78 113.65 6.83
CA ASN Y 57 59.17 113.77 5.51
C ASN Y 57 58.18 112.62 5.33
N GLY Y 58 56.98 112.83 5.84
CA GLY Y 58 55.97 111.79 5.79
C GLY Y 58 54.90 112.04 6.84
N THR Y 59 54.13 111.00 7.09
CA THR Y 59 52.89 111.11 7.87
C THR Y 59 53.19 110.73 9.32
N SER Y 60 53.38 111.74 10.16
CA SER Y 60 53.57 111.52 11.58
C SER Y 60 52.29 110.99 12.21
N LYS Y 61 52.44 110.25 13.32
CA LYS Y 61 51.31 109.55 13.92
C LYS Y 61 51.40 109.55 15.45
N VAL Y 62 50.30 109.91 16.12
CA VAL Y 62 50.18 109.82 17.57
C VAL Y 62 49.13 108.77 17.89
N THR Y 63 49.54 107.71 18.60
CA THR Y 63 48.66 106.59 18.91
C THR Y 63 48.47 106.50 20.42
N ILE Y 64 47.21 106.36 20.84
CA ILE Y 64 46.83 106.32 22.25
C ILE Y 64 45.87 105.16 22.47
N ARG Y 65 46.06 104.42 23.57
CA ARG Y 65 45.13 103.36 23.92
C ARG Y 65 44.94 103.30 25.44
N ILE Y 66 43.69 103.12 25.85
CA ILE Y 66 43.23 103.13 27.24
C ILE Y 66 42.49 101.83 27.51
N ALA Y 67 42.91 101.12 28.56
CA ALA Y 67 42.35 99.81 28.89
C ALA Y 67 41.84 99.81 30.33
N ASP Y 68 40.53 99.58 30.48
CA ASP Y 68 39.85 99.54 31.78
C ASP Y 68 39.31 98.14 31.99
N PRO Y 69 40.01 97.28 32.71
CA PRO Y 69 39.54 95.92 32.96
C PRO Y 69 38.71 95.81 34.23
N VAL Y 70 37.83 94.81 34.25
CA VAL Y 70 37.03 94.47 35.42
C VAL Y 70 37.28 93.01 35.74
N LEU Y 71 37.79 92.75 36.94
CA LEU Y 71 38.18 91.40 37.33
C LEU Y 71 36.95 90.57 37.65
N ALA Y 72 37.14 89.24 37.70
CA ALA Y 72 36.06 88.30 37.94
C ALA Y 72 35.95 88.01 39.42
N SER Y 73 34.88 88.49 40.06
CA SER Y 73 34.65 88.29 41.48
C SER Y 73 33.72 87.10 41.68
N VAL Y 74 34.18 86.13 42.46
CA VAL Y 74 33.45 84.89 42.71
C VAL Y 74 32.94 84.92 44.15
N PRO Y 75 31.86 84.19 44.47
CA PRO Y 75 31.37 84.15 45.85
C PRO Y 75 32.45 83.76 46.83
N ALA Y 76 32.39 84.36 48.03
CA ALA Y 76 33.51 84.27 48.97
C ALA Y 76 33.76 82.84 49.41
N GLY Y 77 32.70 82.11 49.76
CA GLY Y 77 32.87 80.73 50.18
C GLY Y 77 33.45 79.84 49.10
N CYS Y 78 33.31 80.22 47.83
CA CYS Y 78 33.79 79.38 46.75
C CYS Y 78 35.31 79.38 46.72
N CYS Y 79 35.87 78.39 46.02
CA CYS Y 79 37.31 78.17 46.00
C CYS Y 79 37.83 78.29 44.57
N VAL Y 80 38.40 79.44 44.25
CA VAL Y 80 39.27 79.61 43.11
C VAL Y 80 40.54 80.26 43.62
N ASP Y 81 41.70 79.68 43.27
CA ASP Y 81 42.96 80.14 43.82
C ASP Y 81 43.12 81.64 43.58
N THR Y 82 43.27 82.40 44.66
CA THR Y 82 43.45 83.84 44.53
C THR Y 82 44.76 84.19 43.82
N ASN Y 83 45.71 83.26 43.80
CA ASN Y 83 46.94 83.49 43.04
C ASN Y 83 46.70 83.46 41.53
N THR Y 84 45.59 82.86 41.08
CA THR Y 84 45.26 82.80 39.66
C THR Y 84 43.91 83.46 39.41
N PRO Y 85 43.86 84.84 39.32
CA PRO Y 85 42.63 85.51 38.95
C PRO Y 85 42.56 85.75 37.45
N GLN Y 86 41.37 86.01 36.94
CA GLN Y 86 41.18 86.29 35.53
C GLN Y 86 40.45 87.62 35.40
N VAL Y 87 40.56 88.18 34.21
CA VAL Y 87 39.82 89.37 33.82
C VAL Y 87 38.54 88.89 33.14
N ALA Y 88 37.40 89.31 33.69
CA ALA Y 88 36.11 88.96 33.09
C ALA Y 88 35.94 89.63 31.73
N TYR Y 89 36.21 90.93 31.66
CA TYR Y 89 36.07 91.71 30.44
C TYR Y 89 36.78 93.04 30.67
N SER Y 90 37.07 93.74 29.57
CA SER Y 90 37.75 95.02 29.68
C SER Y 90 37.34 95.93 28.53
N THR Y 91 37.06 97.18 28.85
CA THR Y 91 36.74 98.16 27.83
C THR Y 91 38.03 98.78 27.29
N PHE Y 92 37.99 99.18 26.02
CA PHE Y 92 39.18 99.69 25.34
C PHE Y 92 38.86 100.94 24.52
N PHE Y 93 39.80 101.88 24.49
CA PHE Y 93 39.72 103.05 23.61
C PHE Y 93 41.03 103.20 22.87
N GLU Y 94 40.98 103.23 21.53
CA GLU Y 94 42.20 103.34 20.73
C GLU Y 94 42.02 104.42 19.66
N CYS Y 95 42.88 105.43 19.67
CA CYS Y 95 42.83 106.50 18.69
C CYS Y 95 44.21 106.76 18.09
N THR Y 96 44.21 107.23 16.84
CA THR Y 96 45.42 107.56 16.10
C THR Y 96 45.20 108.86 15.34
N PHE Y 97 46.03 109.85 15.67
CA PHE Y 97 46.16 111.08 14.90
C PHE Y 97 47.18 110.87 13.79
N SER Y 98 46.86 111.29 12.58
CA SER Y 98 47.76 111.21 11.43
C SER Y 98 47.93 112.62 10.86
N VAL Y 99 49.13 113.17 11.03
CA VAL Y 99 49.45 114.55 10.68
C VAL Y 99 50.47 114.53 9.56
N PRO Y 100 50.20 115.13 8.40
CA PRO Y 100 51.17 115.12 7.31
C PRO Y 100 52.41 115.93 7.66
N TYR Y 101 53.50 115.62 6.96
CA TYR Y 101 54.62 116.55 6.90
C TYR Y 101 54.13 117.89 6.39
N GLY Y 102 54.82 118.95 6.81
CA GLY Y 102 54.45 120.27 6.34
C GLY Y 102 53.10 120.77 6.78
N ALA Y 103 52.50 120.17 7.81
CA ALA Y 103 51.24 120.68 8.34
C ALA Y 103 51.51 121.80 9.32
N THR Y 104 50.76 122.90 9.19
CA THR Y 104 50.92 124.05 10.06
C THR Y 104 50.58 123.68 11.50
N LEU Y 105 51.29 124.32 12.43
CA LEU Y 105 50.90 124.24 13.83
C LEU Y 105 49.43 124.55 14.00
N GLN Y 106 48.88 125.41 13.15
CA GLN Y 106 47.44 125.70 13.19
C GLN Y 106 46.63 124.48 12.74
N ASN Y 107 47.10 123.75 11.73
CA ASN Y 107 46.39 122.55 11.31
C ASN Y 107 46.38 121.51 12.43
N LYS Y 108 47.49 121.39 13.17
CA LYS Y 108 47.56 120.44 14.27
C LYS Y 108 46.59 120.83 15.39
N LYS Y 109 46.63 122.10 15.80
CA LYS Y 109 45.64 122.62 16.74
C LYS Y 109 44.22 122.29 16.27
N ASP Y 110 43.96 122.55 14.99
CA ASP Y 110 42.63 122.34 14.42
C ASP Y 110 42.17 120.91 14.64
N ILE Y 111 42.96 119.93 14.21
CA ILE Y 111 42.46 118.56 14.26
C ILE Y 111 42.37 118.06 15.69
N LEU Y 112 43.30 118.46 16.56
CA LEU Y 112 43.16 118.11 17.98
C LEU Y 112 41.82 118.61 18.51
N ALA Y 113 41.47 119.86 18.20
CA ALA Y 113 40.23 120.44 18.71
C ALA Y 113 39.01 119.75 18.11
N TYR Y 114 39.06 119.42 16.80
CA TYR Y 114 37.92 118.72 16.20
C TYR Y 114 37.68 117.39 16.90
N ALA Y 115 38.76 116.64 17.16
CA ALA Y 115 38.63 115.36 17.82
C ALA Y 115 38.03 115.52 19.21
N ARG Y 116 38.56 116.46 19.99
CA ARG Y 116 38.10 116.61 21.37
C ARG Y 116 36.65 117.07 21.41
N ASN Y 117 36.29 118.04 20.56
CA ASN Y 117 34.90 118.52 20.52
C ASN Y 117 33.96 117.42 20.06
N LEU Y 118 34.38 116.59 19.11
CA LEU Y 118 33.51 115.52 18.63
C LEU Y 118 33.27 114.49 19.71
N LEU Y 119 34.33 114.07 20.41
CA LEU Y 119 34.12 113.13 21.51
C LEU Y 119 33.29 113.77 22.64
N GLY Y 120 33.32 115.08 22.74
CA GLY Y 120 32.43 115.75 23.66
C GLY Y 120 31.02 115.96 23.16
N THR Y 121 30.68 115.56 21.94
CA THR Y 121 29.35 115.83 21.41
C THR Y 121 28.31 114.90 21.99
N GLN Y 122 27.06 115.38 22.01
CA GLN Y 122 25.97 114.60 22.58
C GLN Y 122 25.73 113.33 21.77
N VAL Y 123 25.90 113.39 20.45
CA VAL Y 123 25.68 112.18 19.65
C VAL Y 123 26.73 111.13 19.97
N VAL Y 124 27.98 111.56 20.21
CA VAL Y 124 29.05 110.60 20.51
C VAL Y 124 28.88 110.00 21.90
N THR Y 125 28.60 110.85 22.89
CA THR Y 125 28.36 110.32 24.24
C THR Y 125 27.16 109.39 24.24
N ASP Y 126 26.09 109.77 23.52
CA ASP Y 126 24.93 108.92 23.35
C ASP Y 126 25.32 107.56 22.77
N ALA Y 127 26.08 107.56 21.68
CA ALA Y 127 26.42 106.31 20.99
C ALA Y 127 27.24 105.40 21.89
N VAL Y 128 28.27 105.94 22.55
CA VAL Y 128 29.17 105.10 23.34
C VAL Y 128 28.48 104.57 24.59
N VAL Y 129 27.64 105.38 25.23
CA VAL Y 129 27.06 104.95 26.50
C VAL Y 129 25.80 104.11 26.27
N ASP Y 130 24.82 104.64 25.52
CA ASP Y 130 23.56 103.95 25.34
C ASP Y 130 23.55 102.98 24.16
N MET Y 131 24.64 102.93 23.38
CA MET Y 131 24.69 102.14 22.14
C MET Y 131 23.69 102.67 21.11
N THR Y 132 23.58 103.99 21.02
CA THR Y 132 22.57 104.59 20.17
C THR Y 132 23.22 105.22 18.95
N PRO Y 133 22.84 104.81 17.74
CA PRO Y 133 23.48 105.33 16.52
C PRO Y 133 22.86 106.62 16.01
N ALA Y 134 23.38 107.13 14.90
CA ALA Y 134 22.80 108.28 14.23
C ALA Y 134 22.00 107.77 13.03
N TRP Y 135 20.67 107.66 13.21
CA TRP Y 135 19.81 107.03 12.20
C TRP Y 135 19.12 108.02 11.26
N ALA Z 1 74.99 113.96 32.29
CA ALA Z 1 74.10 114.79 31.49
C ALA Z 1 72.76 114.12 31.28
N GLN Z 2 71.79 114.40 32.15
CA GLN Z 2 70.43 114.04 31.81
C GLN Z 2 70.03 114.83 30.56
N ILE Z 3 69.26 114.20 29.68
CA ILE Z 3 68.89 114.88 28.44
C ILE Z 3 68.11 116.14 28.79
N ALA Z 4 68.45 117.22 28.12
CA ALA Z 4 67.79 118.50 28.36
C ALA Z 4 67.92 119.33 27.10
N ASN Z 5 67.26 120.49 27.11
CA ASN Z 5 67.26 121.38 25.96
C ASN Z 5 68.68 121.66 25.51
N LEU Z 6 68.83 121.97 24.22
CA LEU Z 6 70.13 122.18 23.63
C LEU Z 6 70.10 123.48 22.82
N ILE Z 7 71.07 124.37 23.03
CA ILE Z 7 71.02 125.69 22.43
C ILE Z 7 72.24 125.88 21.53
N LEU Z 8 72.00 126.04 20.23
CA LEU Z 8 73.06 126.18 19.24
C LEU Z 8 72.87 127.46 18.45
N ALA Z 9 73.97 128.20 18.24
CA ALA Z 9 73.90 129.50 17.58
C ALA Z 9 74.20 129.35 16.09
N ASP Z 10 73.30 129.89 15.26
CA ASP Z 10 73.52 129.89 13.82
C ASP Z 10 74.61 130.89 13.42
N GLY Z 11 75.09 130.74 12.20
CA GLY Z 11 76.12 131.62 11.68
C GLY Z 11 75.53 132.79 10.93
N GLN Z 12 75.57 133.95 11.56
CA GLN Z 12 75.12 135.19 10.95
C GLN Z 12 76.09 136.28 11.40
N ALA Z 13 75.86 137.49 10.90
CA ALA Z 13 76.56 138.64 11.45
C ALA Z 13 76.39 138.68 12.96
N THR Z 14 75.16 138.68 13.42
CA THR Z 14 74.87 138.52 14.83
C THR Z 14 74.22 137.16 14.93
N PRO Z 15 74.93 136.16 15.44
CA PRO Z 15 74.35 134.81 15.56
C PRO Z 15 73.12 134.84 16.46
N ALA Z 16 72.16 133.98 16.13
CA ALA Z 16 70.91 133.87 16.85
C ALA Z 16 70.80 132.49 17.49
N ASN Z 17 70.62 132.44 18.80
CA ASN Z 17 70.48 131.15 19.48
C ASN Z 17 69.22 130.45 19.00
N HIS Z 18 69.34 129.16 18.70
CA HIS Z 18 68.23 128.30 18.33
C HIS Z 18 68.15 127.15 19.32
N THR Z 19 66.95 126.89 19.81
CA THR Z 19 66.73 125.91 20.86
C THR Z 19 66.30 124.57 20.27
N PHE Z 20 66.62 123.50 21.01
CA PHE Z 20 66.39 122.11 20.59
C PHE Z 20 65.72 121.39 21.75
N VAL Z 21 64.43 121.13 21.60
CA VAL Z 21 63.69 120.33 22.60
C VAL Z 21 64.15 118.89 22.50
N PRO Z 22 64.33 118.17 23.62
CA PRO Z 22 64.61 116.75 23.53
C PRO Z 22 63.40 115.94 23.13
N MET Z 23 63.66 114.86 22.40
CA MET Z 23 62.62 113.96 21.92
C MET Z 23 62.65 112.60 22.63
N GLN Z 24 63.84 112.00 22.77
CA GLN Z 24 63.97 110.79 23.56
C GLN Z 24 65.40 110.70 24.04
N PRO Z 25 65.63 110.11 25.21
CA PRO Z 25 66.98 109.98 25.74
C PRO Z 25 67.73 108.91 24.96
N GLN Z 26 68.96 108.68 25.36
CA GLN Z 26 69.79 107.65 24.76
C GLN Z 26 69.55 106.32 25.45
N THR Z 27 69.32 105.29 24.65
CA THR Z 27 69.06 103.93 25.08
C THR Z 27 70.18 103.05 24.53
N GLY Z 28 70.14 101.75 24.86
CA GLY Z 28 71.13 100.83 24.33
C GLY Z 28 71.10 100.69 22.81
N ILE Z 29 69.94 100.89 22.19
CA ILE Z 29 69.81 100.76 20.75
C ILE Z 29 69.43 102.06 20.06
N THR Z 30 68.77 103.00 20.74
CA THR Z 30 68.34 104.26 20.15
C THR Z 30 69.21 105.41 20.65
N PRO Z 31 69.60 106.33 19.77
CA PRO Z 31 70.42 107.47 20.19
C PRO Z 31 69.59 108.65 20.68
N SER Z 32 70.15 109.37 21.65
CA SER Z 32 69.47 110.55 22.17
C SER Z 32 69.34 111.59 21.05
N GLN Z 33 68.19 112.25 20.98
CA GLN Z 33 67.98 113.16 19.86
C GLN Z 33 67.04 114.31 20.23
N TRP Z 34 67.31 115.48 19.64
CA TRP Z 34 66.61 116.74 19.85
C TRP Z 34 66.00 117.22 18.53
N LEU Z 35 65.19 118.29 18.62
CA LEU Z 35 64.43 118.83 17.50
C LEU Z 35 64.36 120.35 17.61
N ASN Z 36 64.47 121.04 16.46
CA ASN Z 36 64.47 122.51 16.48
C ASN Z 36 63.07 123.06 16.71
N LYS Z 37 62.09 122.60 15.93
CA LYS Z 37 60.69 122.97 16.12
C LYS Z 37 60.43 124.45 15.88
N GLU Z 38 61.15 125.01 14.91
CA GLU Z 38 60.98 126.42 14.56
C GLU Z 38 60.11 126.62 13.32
N ALA Z 39 60.47 126.03 12.19
CA ALA Z 39 59.68 126.22 10.98
C ALA Z 39 58.30 125.61 11.15
N ALA Z 40 57.32 126.15 10.42
CA ALA Z 40 55.94 125.71 10.61
C ALA Z 40 55.74 124.28 10.13
N SER Z 41 56.48 123.87 9.10
CA SER Z 41 56.32 122.55 8.51
C SER Z 41 57.09 121.51 9.29
N ASN Z 42 56.51 120.30 9.38
CA ASN Z 42 57.22 119.19 10.00
C ASN Z 42 58.60 118.97 9.38
N ILE Z 43 58.76 119.31 8.09
CA ILE Z 43 60.03 119.06 7.41
C ILE Z 43 61.10 120.01 7.90
N GLY Z 44 60.74 121.29 8.08
CA GLY Z 44 61.69 122.34 8.43
C GLY Z 44 62.29 122.24 9.83
N TYR Z 45 61.79 121.34 10.67
CA TYR Z 45 62.42 121.12 11.97
C TYR Z 45 63.83 120.60 11.77
N ARG Z 46 64.77 121.12 12.56
CA ARG Z 46 66.17 120.72 12.48
C ARG Z 46 66.45 119.73 13.62
N LYS Z 47 67.14 118.64 13.30
CA LYS Z 47 67.34 117.60 14.30
C LYS Z 47 68.82 117.43 14.60
N VAL Z 48 69.10 116.95 15.81
CA VAL Z 48 70.45 116.72 16.29
C VAL Z 48 70.41 115.43 17.08
N SER Z 49 71.17 114.42 16.66
CA SER Z 49 71.18 113.15 17.37
C SER Z 49 72.60 112.75 17.72
N MET Z 50 72.73 111.97 18.79
CA MET Z 50 74.02 111.63 19.38
C MET Z 50 73.91 110.28 20.05
N PHE Z 51 74.99 109.49 19.98
CA PHE Z 51 75.04 108.18 20.61
C PHE Z 51 76.45 107.86 21.11
N VAL Z 52 76.55 107.39 22.35
CA VAL Z 52 77.82 107.15 23.05
C VAL Z 52 77.91 105.65 23.31
N LYS Z 53 78.56 104.90 22.42
CA LYS Z 53 78.73 103.47 22.58
C LYS Z 53 80.00 103.20 23.40
N TYR Z 54 79.82 102.75 24.64
CA TYR Z 54 80.94 102.42 25.53
C TYR Z 54 81.32 100.96 25.32
N VAL Z 55 82.58 100.73 24.95
CA VAL Z 55 83.12 99.39 24.76
C VAL Z 55 84.23 99.21 25.78
N SER Z 56 83.95 98.42 26.84
CA SER Z 56 84.84 98.36 27.99
C SER Z 56 86.19 97.76 27.64
N ASN Z 57 86.25 96.88 26.64
CA ASN Z 57 87.52 96.39 26.10
C ASN Z 57 87.47 96.50 24.57
N GLY Z 58 87.78 97.68 24.06
CA GLY Z 58 87.73 97.92 22.63
C GLY Z 58 87.56 99.40 22.35
N THR Z 59 87.17 99.68 21.12
CA THR Z 59 87.09 101.05 20.61
C THR Z 59 85.69 101.60 20.89
N SER Z 60 85.58 102.43 21.92
CA SER Z 60 84.34 103.16 22.18
C SER Z 60 84.13 104.19 21.07
N LYS Z 61 82.87 104.60 20.87
CA LYS Z 61 82.55 105.47 19.75
C LYS Z 61 81.44 106.46 20.10
N VAL Z 62 81.73 107.76 19.93
CA VAL Z 62 80.72 108.82 20.05
C VAL Z 62 80.34 109.28 18.65
N THR Z 63 79.05 109.26 18.35
CA THR Z 63 78.54 109.57 17.01
C THR Z 63 77.54 110.72 17.10
N ILE Z 64 77.68 111.70 16.21
CA ILE Z 64 76.87 112.91 16.22
C ILE Z 64 76.42 113.21 14.80
N ARG Z 65 75.16 113.58 14.62
CA ARG Z 65 74.70 114.03 13.32
C ARG Z 65 73.67 115.15 13.47
N ILE Z 66 73.84 116.18 12.64
CA ILE Z 66 73.08 117.42 12.66
C ILE Z 66 72.45 117.61 11.30
N ALA Z 67 71.14 117.88 11.27
CA ALA Z 67 70.39 118.04 10.02
C ALA Z 67 69.63 119.36 10.04
N ASP Z 68 69.91 120.21 9.04
CA ASP Z 68 69.26 121.51 8.87
C ASP Z 68 68.54 121.53 7.53
N PRO Z 69 67.23 121.35 7.51
CA PRO Z 69 66.48 121.44 6.24
C PRO Z 69 66.43 122.87 5.74
N VAL Z 70 66.94 123.11 4.54
CA VAL Z 70 66.85 124.42 3.94
C VAL Z 70 65.85 124.36 2.79
N LEU Z 71 64.57 124.56 3.12
CA LEU Z 71 63.54 124.55 2.10
C LEU Z 71 63.38 125.89 1.43
N ALA Z 72 63.81 126.97 2.09
CA ALA Z 72 63.83 128.29 1.46
C ALA Z 72 64.68 128.25 0.20
N SER Z 73 65.79 127.50 0.23
CA SER Z 73 66.71 127.45 -0.89
C SER Z 73 66.15 126.65 -2.07
N VAL Z 74 65.08 125.89 -1.87
CA VAL Z 74 64.51 125.06 -2.94
C VAL Z 74 63.81 125.97 -3.97
N PRO Z 75 64.04 125.76 -5.26
CA PRO Z 75 63.31 126.56 -6.26
C PRO Z 75 61.82 126.35 -6.15
N ALA Z 76 61.06 127.37 -6.56
CA ALA Z 76 59.61 127.29 -6.48
C ALA Z 76 59.06 126.22 -7.41
N GLY Z 77 59.74 125.98 -8.54
CA GLY Z 77 59.24 125.01 -9.50
C GLY Z 77 59.38 123.57 -9.04
N CYS Z 78 60.36 123.29 -8.19
CA CYS Z 78 60.58 121.92 -7.71
C CYS Z 78 59.64 121.62 -6.55
N CYS Z 79 58.96 120.47 -6.64
CA CYS Z 79 58.10 119.99 -5.58
C CYS Z 79 58.89 119.08 -4.65
N VAL Z 80 58.62 119.21 -3.35
CA VAL Z 80 59.27 118.39 -2.32
C VAL Z 80 58.20 117.50 -1.70
N ASP Z 81 58.40 116.19 -1.80
CA ASP Z 81 57.47 115.19 -1.26
C ASP Z 81 58.29 114.07 -0.62
N THR Z 82 57.59 113.06 -0.08
CA THR Z 82 58.25 112.00 0.66
C THR Z 82 59.35 111.34 -0.17
N ASN Z 83 59.16 111.28 -1.48
CA ASN Z 83 60.12 110.64 -2.38
C ASN Z 83 61.33 111.51 -2.68
N THR Z 84 61.32 112.80 -2.34
CA THR Z 84 62.49 113.62 -2.56
C THR Z 84 63.61 113.16 -1.64
N PRO Z 85 64.80 112.89 -2.18
CA PRO Z 85 65.91 112.45 -1.32
C PRO Z 85 66.31 113.53 -0.33
N GLN Z 86 66.57 113.12 0.90
CA GLN Z 86 66.85 114.08 1.95
C GLN Z 86 68.06 114.93 1.61
N VAL Z 87 69.13 114.31 1.12
CA VAL Z 87 70.43 114.96 0.99
C VAL Z 87 70.40 116.03 -0.09
N ALA Z 88 69.24 116.18 -0.73
CA ALA Z 88 69.07 117.22 -1.74
C ALA Z 88 68.42 118.48 -1.22
N TYR Z 89 67.72 118.45 -0.08
CA TYR Z 89 67.02 119.64 0.40
C TYR Z 89 67.39 119.99 1.84
N SER Z 90 68.55 119.55 2.32
CA SER Z 90 68.97 119.87 3.67
C SER Z 90 70.47 119.65 3.82
N THR Z 91 71.08 120.43 4.70
CA THR Z 91 72.49 120.30 5.01
C THR Z 91 72.68 119.32 6.17
N PHE Z 92 73.82 118.62 6.16
CA PHE Z 92 74.10 117.57 7.13
C PHE Z 92 75.52 117.63 7.64
N PHE Z 93 75.71 117.33 8.93
CA PHE Z 93 77.04 117.19 9.53
C PHE Z 93 77.10 115.92 10.36
N GLU Z 94 78.06 115.04 10.05
CA GLU Z 94 78.17 113.77 10.77
C GLU Z 94 79.61 113.55 11.22
N CYS Z 95 79.81 113.36 12.52
CA CYS Z 95 81.14 113.09 13.05
C CYS Z 95 81.12 111.88 13.98
N THR Z 96 82.28 111.24 14.11
CA THR Z 96 82.48 110.07 14.96
C THR Z 96 83.85 110.16 15.61
N PHE Z 97 83.85 110.19 16.95
CA PHE Z 97 85.05 110.04 17.76
C PHE Z 97 85.24 108.57 18.08
N SER Z 98 86.43 108.04 17.79
CA SER Z 98 86.81 106.68 18.13
C SER Z 98 87.88 106.75 19.21
N VAL Z 99 87.57 106.18 20.37
CA VAL Z 99 88.41 106.22 21.56
C VAL Z 99 88.73 104.81 22.01
N PRO Z 100 89.97 104.34 21.85
CA PRO Z 100 90.28 102.97 22.28
C PRO Z 100 90.28 102.87 23.80
N TYR Z 101 89.98 101.68 24.29
CA TYR Z 101 90.15 101.41 25.71
C TYR Z 101 91.59 101.69 26.12
N GLY Z 102 91.79 102.12 27.36
CA GLY Z 102 93.13 102.42 27.76
C GLY Z 102 93.62 103.77 27.30
N ALA Z 103 92.73 104.65 26.89
CA ALA Z 103 93.13 105.99 26.50
C ALA Z 103 93.15 106.86 27.74
N THR Z 104 94.24 107.57 27.93
CA THR Z 104 94.32 108.43 29.09
C THR Z 104 93.25 109.52 28.98
N LEU Z 105 92.79 109.98 30.15
CA LEU Z 105 91.90 111.13 30.17
C LEU Z 105 92.47 112.26 29.34
N GLN Z 106 93.80 112.39 29.36
CA GLN Z 106 94.45 113.42 28.56
C GLN Z 106 94.34 113.14 27.07
N ASN Z 107 94.36 111.86 26.66
CA ASN Z 107 94.17 111.53 25.25
C ASN Z 107 92.76 111.90 24.79
N LYS Z 108 91.76 111.65 25.64
CA LYS Z 108 90.38 112.02 25.31
C LYS Z 108 90.21 113.53 25.18
N LYS Z 109 90.69 114.27 26.18
CA LYS Z 109 90.69 115.73 26.10
C LYS Z 109 91.45 116.21 24.87
N ASP Z 110 92.58 115.57 24.59
CA ASP Z 110 93.40 115.97 23.46
C ASP Z 110 92.60 115.90 22.17
N ILE Z 111 91.99 114.74 21.89
CA ILE Z 111 91.36 114.62 20.59
C ILE Z 111 90.11 115.50 20.51
N LEU Z 112 89.39 115.68 21.61
CA LEU Z 112 88.28 116.63 21.58
C LEU Z 112 88.78 118.02 21.18
N ALA Z 113 89.88 118.45 21.80
CA ALA Z 113 90.41 119.79 21.50
C ALA Z 113 90.93 119.89 20.07
N TYR Z 114 91.59 118.84 19.57
CA TYR Z 114 92.09 118.89 18.21
C TYR Z 114 90.94 119.02 17.22
N ALA Z 115 89.87 118.26 17.43
CA ALA Z 115 88.70 118.36 16.55
C ALA Z 115 88.11 119.76 16.60
N ARG Z 116 87.90 120.30 17.80
CA ARG Z 116 87.23 121.59 17.90
C ARG Z 116 88.09 122.71 17.31
N ASN Z 117 89.39 122.72 17.61
CA ASN Z 117 90.28 123.72 17.05
C ASN Z 117 90.36 123.60 15.53
N LEU Z 118 90.40 122.37 15.01
CA LEU Z 118 90.47 122.20 13.56
C LEU Z 118 89.22 122.71 12.87
N LEU Z 119 88.04 122.39 13.39
CA LEU Z 119 86.83 122.96 12.81
C LEU Z 119 86.74 124.46 13.00
N GLY Z 120 87.42 125.01 14.01
CA GLY Z 120 87.52 126.45 14.12
C GLY Z 120 88.50 127.08 13.15
N THR Z 121 89.43 126.30 12.60
CA THR Z 121 90.48 126.86 11.74
C THR Z 121 89.90 127.58 10.54
N GLN Z 122 90.65 128.58 10.05
CA GLN Z 122 90.22 129.30 8.87
C GLN Z 122 90.16 128.40 7.65
N VAL Z 123 91.08 127.44 7.54
CA VAL Z 123 91.07 126.59 6.36
C VAL Z 123 89.78 125.79 6.29
N VAL Z 124 89.30 125.31 7.44
CA VAL Z 124 88.05 124.56 7.48
C VAL Z 124 86.87 125.49 7.20
N THR Z 125 86.84 126.66 7.84
CA THR Z 125 85.77 127.62 7.59
C THR Z 125 85.68 127.96 6.10
N ASP Z 126 86.83 128.22 5.50
CA ASP Z 126 86.93 128.57 4.09
C ASP Z 126 86.47 127.42 3.20
N ALA Z 127 86.85 126.19 3.55
CA ALA Z 127 86.51 125.03 2.73
C ALA Z 127 85.02 124.70 2.79
N VAL Z 128 84.40 124.87 3.94
CA VAL Z 128 82.99 124.51 4.07
C VAL Z 128 82.09 125.60 3.48
N VAL Z 129 82.42 126.87 3.72
CA VAL Z 129 81.56 127.93 3.22
C VAL Z 129 81.87 128.25 1.76
N ASP Z 130 83.11 128.60 1.45
CA ASP Z 130 83.47 129.02 0.10
C ASP Z 130 83.87 127.85 -0.79
N MET Z 131 83.77 126.62 -0.30
CA MET Z 131 84.06 125.42 -1.07
C MET Z 131 85.50 125.35 -1.54
N THR Z 132 86.39 126.13 -0.92
CA THR Z 132 87.76 126.26 -1.42
C THR Z 132 88.67 125.32 -0.63
N PRO Z 133 89.30 124.34 -1.29
CA PRO Z 133 90.13 123.37 -0.57
C PRO Z 133 91.57 123.79 -0.40
N ALA Z 134 92.39 122.89 0.15
CA ALA Z 134 93.82 123.14 0.36
C ALA Z 134 94.59 122.45 -0.76
N TRP Z 135 95.11 123.23 -1.71
CA TRP Z 135 95.75 122.68 -2.90
C TRP Z 135 97.27 122.86 -2.93
N ALA AA 1 61.11 105.20 38.41
CA ALA AA 1 62.52 105.50 38.60
C ALA AA 1 63.20 105.78 37.26
N GLN AA 2 63.33 107.05 36.86
CA GLN AA 2 64.22 107.34 35.75
C GLN AA 2 65.66 107.15 36.21
N ILE AA 3 66.50 106.72 35.28
CA ILE AA 3 67.88 106.41 35.63
C ILE AA 3 68.58 107.70 36.03
N ALA AA 4 69.40 107.61 37.07
CA ALA AA 4 70.15 108.76 37.55
C ALA AA 4 71.39 108.23 38.26
N ASN AA 5 72.25 109.17 38.67
CA ASN AA 5 73.52 108.82 39.28
C ASN AA 5 73.31 107.87 40.45
N LEU AA 6 74.35 107.09 40.76
CA LEU AA 6 74.26 106.12 41.84
C LEU AA 6 75.49 106.23 42.74
N ILE AA 7 75.29 106.41 44.04
CA ILE AA 7 76.39 106.65 44.98
C ILE AA 7 76.48 105.49 45.96
N LEU AA 8 77.66 104.86 46.03
CA LEU AA 8 77.90 103.67 46.83
C LEU AA 8 79.17 103.85 47.65
N ALA AA 9 79.11 103.47 48.93
CA ALA AA 9 80.23 103.68 49.85
C ALA AA 9 81.14 102.46 49.88
N ASP AA 10 82.43 102.68 49.63
CA ASP AA 10 83.39 101.59 49.70
C ASP AA 10 83.65 101.17 51.15
N GLY AA 11 84.25 99.99 51.29
CA GLY AA 11 84.58 99.46 52.59
C GLY AA 11 85.97 99.87 53.01
N GLN AA 12 86.05 100.76 53.99
CA GLN AA 12 87.31 101.23 54.52
C GLN AA 12 87.10 101.52 56.00
N ALA AA 13 88.19 101.89 56.67
CA ALA AA 13 88.06 102.41 58.02
C ALA AA 13 87.06 103.55 58.04
N THR AA 14 87.24 104.52 57.16
CA THR AA 14 86.23 105.53 56.90
C THR AA 14 85.77 105.33 55.47
N PRO AA 15 84.51 104.96 55.25
CA PRO AA 15 84.04 104.75 53.88
C PRO AA 15 84.03 106.06 53.09
N ALA AA 16 84.32 105.95 51.80
CA ALA AA 16 84.33 107.08 50.90
C ALA AA 16 83.32 106.87 49.78
N ASN AA 17 82.43 107.84 49.58
CA ASN AA 17 81.40 107.71 48.56
C ASN AA 17 82.02 107.66 47.17
N HIS AA 18 81.56 106.70 46.37
CA HIS AA 18 81.97 106.54 44.98
C HIS AA 18 80.75 106.74 44.09
N THR AA 19 80.91 107.51 43.02
CA THR AA 19 79.79 107.84 42.15
C THR AA 19 79.79 106.97 40.90
N PHE AA 20 78.60 106.73 40.37
CA PHE AA 20 78.35 105.82 39.25
C PHE AA 20 77.47 106.57 38.25
N VAL AA 21 78.09 107.04 37.18
CA VAL AA 21 77.36 107.70 36.10
C VAL AA 21 76.60 106.64 35.31
N PRO AA 22 75.33 106.85 34.98
CA PRO AA 22 74.61 105.87 34.16
C PRO AA 22 75.16 105.80 32.74
N MET AA 23 75.15 104.58 32.18
CA MET AA 23 75.48 104.34 30.78
C MET AA 23 74.27 103.89 29.96
N GLN AA 24 73.36 103.16 30.57
CA GLN AA 24 72.39 102.44 29.79
C GLN AA 24 71.12 102.26 30.62
N PRO AA 25 69.98 102.77 30.15
CA PRO AA 25 68.73 102.46 30.84
C PRO AA 25 68.18 101.10 30.41
N GLN AA 26 67.40 100.51 31.31
CA GLN AA 26 66.79 99.20 31.06
C GLN AA 26 65.68 99.34 30.04
N THR AA 27 65.77 98.57 28.95
CA THR AA 27 64.78 98.56 27.88
C THR AA 27 64.86 97.21 27.21
N GLY AA 28 63.75 96.47 27.20
CA GLY AA 28 63.77 95.15 26.58
C GLY AA 28 64.66 94.21 27.37
N ILE AA 29 65.62 93.59 26.67
CA ILE AA 29 66.57 92.71 27.34
C ILE AA 29 67.72 93.49 27.96
N THR AA 30 68.04 94.63 27.40
CA THR AA 30 69.18 95.42 27.86
C THR AA 30 68.94 95.97 29.27
N PRO AA 31 69.79 95.70 30.24
CA PRO AA 31 69.54 96.12 31.63
C PRO AA 31 70.18 97.47 31.96
N SER AA 32 69.59 98.13 32.96
CA SER AA 32 70.15 99.40 33.41
C SER AA 32 71.55 99.17 33.95
N GLN AA 33 72.48 100.08 33.64
CA GLN AA 33 73.85 99.91 34.11
C GLN AA 33 74.56 101.25 34.28
N TRP AA 34 75.35 101.34 35.36
CA TRP AA 34 76.14 102.51 35.74
C TRP AA 34 77.62 102.12 35.81
N LEU AA 35 78.49 103.14 35.70
CA LEU AA 35 79.94 102.96 35.66
C LEU AA 35 80.63 103.88 36.67
N ASN AA 36 81.76 103.41 37.24
CA ASN AA 36 82.41 104.14 38.32
C ASN AA 36 83.23 105.34 37.82
N LYS AA 37 84.02 105.14 36.73
CA LYS AA 37 84.75 106.22 36.05
C LYS AA 37 85.95 106.75 36.84
N GLU AA 38 86.60 105.87 37.60
CA GLU AA 38 87.72 106.34 38.41
C GLU AA 38 89.09 105.93 37.87
N ALA AA 39 89.27 104.68 37.50
CA ALA AA 39 90.56 104.28 36.93
C ALA AA 39 90.76 104.98 35.58
N ALA AA 40 92.03 105.12 35.19
CA ALA AA 40 92.39 105.99 34.08
C ALA AA 40 91.94 105.43 32.73
N SER AA 41 92.10 104.13 32.53
CA SER AA 41 91.74 103.44 31.30
C SER AA 41 90.27 103.06 31.30
N ASN AA 42 89.73 102.91 30.10
CA ASN AA 42 88.31 102.54 29.97
C ASN AA 42 88.00 101.20 30.62
N ILE AA 43 89.01 100.36 30.84
CA ILE AA 43 88.76 99.02 31.38
C ILE AA 43 88.47 99.06 32.88
N GLY AA 44 89.18 99.93 33.61
CA GLY AA 44 89.14 99.91 35.07
C GLY AA 44 87.82 100.39 35.65
N TYR AA 45 87.02 101.08 34.84
CA TYR AA 45 85.70 101.54 35.26
C TYR AA 45 84.92 100.39 35.89
N ARG AA 46 84.42 100.61 37.09
CA ARG AA 46 83.64 99.59 37.78
C ARG AA 46 82.19 99.66 37.32
N LYS AA 47 81.51 98.52 37.27
CA LYS AA 47 80.20 98.48 36.62
C LYS AA 47 79.14 97.88 37.53
N VAL AA 48 78.00 98.54 37.62
CA VAL AA 48 76.84 98.05 38.34
C VAL AA 48 75.71 97.89 37.35
N SER AA 49 75.01 96.75 37.38
CA SER AA 49 73.91 96.60 36.44
C SER AA 49 72.77 95.83 37.10
N MET AA 50 71.54 96.13 36.65
CA MET AA 50 70.33 95.61 37.23
C MET AA 50 69.27 95.45 36.13
N PHE AA 51 68.45 94.42 36.28
CA PHE AA 51 67.33 94.14 35.38
C PHE AA 51 66.11 93.68 36.16
N VAL AA 52 65.00 94.37 35.96
CA VAL AA 52 63.75 94.09 36.67
C VAL AA 52 62.80 93.46 35.66
N LYS AA 53 62.58 92.15 35.76
CA LYS AA 53 61.62 91.43 34.93
C LYS AA 53 60.32 91.28 35.72
N TYR AA 54 59.33 92.09 35.37
CA TYR AA 54 58.01 92.00 35.97
C TYR AA 54 57.18 90.98 35.19
N VAL AA 55 56.84 89.87 35.84
CA VAL AA 55 55.98 88.84 35.25
C VAL AA 55 54.61 88.99 35.88
N SER AA 56 53.62 89.42 35.09
CA SER AA 56 52.32 89.80 35.64
C SER AA 56 51.62 88.62 36.29
N ASN AA 57 51.88 87.40 35.82
CA ASN AA 57 51.33 86.18 36.44
C ASN AA 57 52.46 85.15 36.49
N GLY AA 58 53.23 85.17 37.57
CA GLY AA 58 54.35 84.25 37.71
C GLY AA 58 55.40 84.83 38.63
N THR AA 59 56.60 84.27 38.55
CA THR AA 59 57.70 84.66 39.42
C THR AA 59 58.48 85.79 38.75
N SER AA 60 58.32 87.00 39.28
CA SER AA 60 59.09 88.15 38.82
C SER AA 60 60.49 88.10 39.40
N LYS AA 61 61.45 88.74 38.71
CA LYS AA 61 62.85 88.54 39.04
C LYS AA 61 63.64 89.84 38.88
N VAL AA 62 64.29 90.26 39.96
CA VAL AA 62 65.23 91.39 39.94
C VAL AA 62 66.63 90.82 40.00
N THR AA 63 67.48 91.20 39.05
CA THR AA 63 68.83 90.66 38.93
C THR AA 63 69.85 91.79 38.99
N ILE AA 64 70.90 91.62 39.80
CA ILE AA 64 71.87 92.67 40.06
C ILE AA 64 73.28 92.08 40.02
N ARG AA 65 74.24 92.82 39.45
CA ARG AA 65 75.63 92.41 39.45
C ARG AA 65 76.55 93.62 39.55
N ILE AA 66 77.58 93.49 40.39
CA ILE AA 66 78.57 94.52 40.69
C ILE AA 66 79.94 93.96 40.34
N ALA AA 67 80.69 94.69 39.50
CA ALA AA 67 82.00 94.25 39.02
C ALA AA 67 83.03 95.31 39.37
N ASP AA 68 83.99 94.91 40.23
CA ASP AA 68 85.08 95.72 40.75
C ASP AA 68 86.37 95.20 40.13
N PRO AA 69 86.78 95.73 38.99
CA PRO AA 69 88.04 95.28 38.38
C PRO AA 69 89.22 96.09 38.90
N VAL AA 70 90.39 95.44 38.90
CA VAL AA 70 91.64 96.09 39.27
C VAL AA 70 92.66 95.90 38.16
N LEU AA 71 93.22 97.00 37.66
CA LEU AA 71 94.18 96.95 36.57
C LEU AA 71 95.49 96.33 37.04
N ALA AA 72 96.12 95.58 36.15
CA ALA AA 72 97.40 94.93 36.46
C ALA AA 72 98.55 95.91 36.30
N SER AA 73 99.50 95.84 37.22
CA SER AA 73 100.77 96.54 37.10
C SER AA 73 101.83 95.49 36.78
N VAL AA 74 102.33 95.50 35.55
CA VAL AA 74 103.26 94.47 35.08
C VAL AA 74 104.64 94.77 35.63
N PRO AA 75 105.51 93.77 35.77
CA PRO AA 75 106.90 94.03 36.11
C PRO AA 75 107.69 94.31 34.84
N ALA AA 76 108.95 94.72 35.03
CA ALA AA 76 109.79 95.07 33.90
C ALA AA 76 110.00 93.88 32.96
N GLY AA 77 109.92 92.66 33.49
CA GLY AA 77 110.40 91.51 32.74
C GLY AA 77 109.56 91.17 31.52
N CYS AA 78 108.24 91.22 31.63
CA CYS AA 78 107.41 90.77 30.53
C CYS AA 78 107.30 91.78 29.40
N CYS AA 79 107.58 93.06 29.68
CA CYS AA 79 107.76 94.09 28.65
C CYS AA 79 106.51 94.35 27.84
N VAL AA 80 105.33 94.13 28.42
CA VAL AA 80 104.13 94.72 27.81
C VAL AA 80 104.24 96.23 27.96
N ASP AA 81 103.96 96.95 26.88
CA ASP AA 81 104.11 98.40 26.88
C ASP AA 81 103.31 99.02 28.02
N THR AA 82 103.92 100.00 28.68
CA THR AA 82 103.24 100.74 29.74
C THR AA 82 101.87 101.25 29.30
N ASN AA 83 101.71 101.50 28.01
CA ASN AA 83 100.53 102.20 27.52
C ASN AA 83 99.31 101.29 27.36
N THR AA 84 99.52 99.98 27.14
CA THR AA 84 98.39 99.07 26.95
C THR AA 84 98.07 98.38 28.28
N PRO AA 85 97.05 98.81 29.01
CA PRO AA 85 96.74 98.16 30.29
C PRO AA 85 95.91 96.91 30.07
N GLN AA 86 96.01 96.01 31.03
CA GLN AA 86 95.20 94.80 31.06
C GLN AA 86 94.59 94.67 32.44
N VAL AA 87 93.40 94.07 32.50
CA VAL AA 87 92.73 93.85 33.78
C VAL AA 87 93.31 92.61 34.43
N ALA AA 88 93.77 92.76 35.68
CA ALA AA 88 94.41 91.66 36.38
C ALA AA 88 93.38 90.66 36.88
N TYR AA 89 92.34 91.17 37.53
CA TYR AA 89 91.30 90.37 38.17
C TYR AA 89 90.17 91.33 38.52
N SER AA 90 89.02 90.76 38.87
CA SER AA 90 87.87 91.56 39.26
C SER AA 90 87.00 90.76 40.21
N THR AA 91 86.57 91.43 41.28
CA THR AA 91 85.62 90.84 42.22
C THR AA 91 84.20 91.04 41.69
N PHE AA 92 83.33 90.05 41.93
CA PHE AA 92 81.99 90.05 41.39
C PHE AA 92 80.96 89.77 42.48
N PHE AA 93 79.83 90.50 42.44
CA PHE AA 93 78.68 90.20 43.28
C PHE AA 93 77.44 90.08 42.42
N GLU AA 94 76.74 88.95 42.50
CA GLU AA 94 75.57 88.73 41.67
C GLU AA 94 74.43 88.19 42.51
N CYS AA 95 73.31 88.91 42.56
CA CYS AA 95 72.15 88.50 43.33
C CYS AA 95 70.90 88.52 42.48
N THR AA 96 69.91 87.74 42.91
CA THR AA 96 68.61 87.63 42.24
C THR AA 96 67.52 87.53 43.29
N PHE AA 97 66.56 88.45 43.24
CA PHE AA 97 65.34 88.40 44.02
C PHE AA 97 64.25 87.75 43.17
N SER AA 98 63.59 86.74 43.73
CA SER AA 98 62.45 86.07 43.11
C SER AA 98 61.19 86.39 43.93
N VAL AA 99 60.25 87.09 43.29
CA VAL AA 99 59.01 87.53 43.92
C VAL AA 99 57.82 86.88 43.20
N PRO AA 100 57.12 85.95 43.83
CA PRO AA 100 56.02 85.26 43.15
C PRO AA 100 54.82 86.18 42.96
N TYR AA 101 53.83 85.67 42.22
CA TYR AA 101 52.70 86.49 41.85
C TYR AA 101 51.98 87.03 43.09
N GLY AA 102 51.70 86.16 44.05
CA GLY AA 102 50.83 86.49 45.18
C GLY AA 102 51.49 87.24 46.30
N ALA AA 103 52.73 87.68 46.11
CA ALA AA 103 53.52 88.21 47.21
C ALA AA 103 52.94 89.51 47.73
N THR AA 104 52.86 89.62 49.05
CA THR AA 104 52.41 90.86 49.65
C THR AA 104 53.47 91.94 49.47
N LEU AA 105 53.02 93.19 49.39
CA LEU AA 105 53.96 94.29 49.40
C LEU AA 105 54.80 94.27 50.67
N GLN AA 106 54.18 93.91 51.78
CA GLN AA 106 54.94 93.75 53.01
C GLN AA 106 55.98 92.63 52.88
N ASN AA 107 55.66 91.57 52.12
CA ASN AA 107 56.61 90.49 51.88
C ASN AA 107 57.81 90.97 51.07
N LYS AA 108 57.56 91.80 50.06
CA LYS AA 108 58.65 92.38 49.27
C LYS AA 108 59.58 93.21 50.15
N LYS AA 109 58.98 94.11 50.96
CA LYS AA 109 59.75 94.85 51.96
C LYS AA 109 60.56 93.91 52.84
N ASP AA 110 59.91 92.87 53.35
CA ASP AA 110 60.55 91.91 54.24
C ASP AA 110 61.81 91.35 53.62
N ILE AA 111 61.70 90.79 52.41
CA ILE AA 111 62.84 90.06 51.87
C ILE AA 111 63.96 91.02 51.49
N LEU AA 112 63.64 92.22 50.99
CA LEU AA 112 64.70 93.18 50.75
C LEU AA 112 65.45 93.50 52.03
N ALA AA 113 64.71 93.67 53.14
CA ALA AA 113 65.36 93.98 54.41
C ALA AA 113 66.19 92.82 54.92
N TYR AA 114 65.70 91.58 54.75
CA TYR AA 114 66.47 90.42 55.18
C TYR AA 114 67.78 90.32 54.41
N ALA AA 115 67.73 90.59 53.11
CA ALA AA 115 68.95 90.57 52.31
C ALA AA 115 69.94 91.63 52.77
N ARG AA 116 69.46 92.87 52.96
CA ARG AA 116 70.37 93.95 53.35
C ARG AA 116 70.98 93.67 54.73
N ASN AA 117 70.15 93.29 55.70
CA ASN AA 117 70.66 93.01 57.04
C ASN AA 117 71.61 91.82 57.03
N LEU AA 118 71.32 90.79 56.21
CA LEU AA 118 72.19 89.62 56.18
C LEU AA 118 73.55 89.95 55.58
N LEU AA 119 73.59 90.81 54.56
CA LEU AA 119 74.89 91.30 54.11
C LEU AA 119 75.55 92.18 55.17
N GLY AA 120 74.75 92.74 56.08
CA GLY AA 120 75.34 93.41 57.23
C GLY AA 120 75.91 92.49 58.29
N THR AA 121 75.42 91.24 58.36
CA THR AA 121 75.70 90.38 59.50
C THR AA 121 77.19 90.07 59.66
N GLN AA 122 77.58 89.81 60.91
CA GLN AA 122 78.96 89.48 61.21
C GLN AA 122 79.38 88.17 60.56
N VAL AA 123 78.47 87.20 60.48
CA VAL AA 123 78.82 85.92 59.88
C VAL AA 123 79.17 86.10 58.41
N VAL AA 124 78.39 86.89 57.68
CA VAL AA 124 78.63 87.09 56.26
C VAL AA 124 79.89 87.92 56.03
N THR AA 125 80.06 89.01 56.80
CA THR AA 125 81.28 89.79 56.67
C THR AA 125 82.51 88.91 56.90
N ASP AA 126 82.47 88.12 57.98
CA ASP AA 126 83.52 87.15 58.28
C ASP AA 126 83.77 86.22 57.10
N ALA AA 127 82.70 85.62 56.57
CA ALA AA 127 82.85 84.60 55.54
C ALA AA 127 83.42 85.17 54.25
N VAL AA 128 82.90 86.31 53.80
CA VAL AA 128 83.33 86.89 52.53
C VAL AA 128 84.75 87.44 52.62
N VAL AA 129 85.13 88.02 53.76
CA VAL AA 129 86.44 88.66 53.81
C VAL AA 129 87.55 87.65 54.16
N ASP AA 130 87.32 86.78 55.14
CA ASP AA 130 88.36 85.86 55.58
C ASP AA 130 88.19 84.44 55.05
N MET AA 131 87.20 84.20 54.18
CA MET AA 131 86.95 82.88 53.61
C MET AA 131 86.76 81.83 54.70
N THR AA 132 86.16 82.25 55.81
CA THR AA 132 85.92 81.35 56.93
C THR AA 132 84.46 80.96 56.94
N PRO AA 133 84.13 79.67 56.85
CA PRO AA 133 82.71 79.28 56.83
C PRO AA 133 82.04 79.45 58.18
N ALA AA 134 80.76 79.09 58.26
CA ALA AA 134 80.05 79.02 59.53
C ALA AA 134 79.99 77.55 59.93
N TRP AA 135 81.02 77.09 60.64
CA TRP AA 135 81.17 75.68 60.99
C TRP AA 135 80.42 75.31 62.25
N ALA BA 1 -47.17 58.48 -75.05
CA ALA BA 1 -47.81 57.36 -74.37
C ALA BA 1 -47.25 57.16 -72.97
N GLN BA 2 -47.81 57.84 -71.98
CA GLN BA 2 -47.56 57.44 -70.61
C GLN BA 2 -48.00 55.99 -70.42
N ILE BA 3 -47.34 55.27 -69.52
CA ILE BA 3 -47.70 53.88 -69.30
C ILE BA 3 -49.08 53.82 -68.66
N ALA BA 4 -49.88 52.84 -69.10
CA ALA BA 4 -51.22 52.65 -68.59
C ALA BA 4 -51.64 51.23 -68.90
N ASN BA 5 -52.82 50.87 -68.43
CA ASN BA 5 -53.35 49.50 -68.54
C ASN BA 5 -53.31 49.00 -69.97
N LEU BA 6 -53.33 47.68 -70.15
CA LEU BA 6 -53.28 47.07 -71.47
C LEU BA 6 -54.36 45.99 -71.54
N ILE BA 7 -55.12 45.94 -72.64
CA ILE BA 7 -56.23 45.00 -72.74
C ILE BA 7 -56.07 44.15 -73.99
N LEU BA 8 -55.84 42.85 -73.79
CA LEU BA 8 -55.58 41.92 -74.87
C LEU BA 8 -56.59 40.78 -74.83
N ALA BA 9 -57.12 40.41 -75.99
CA ALA BA 9 -58.18 39.40 -76.08
C ALA BA 9 -57.58 38.04 -76.42
N ASP BA 10 -57.89 37.04 -75.60
CA ASP BA 10 -57.43 35.68 -75.88
C ASP BA 10 -58.18 35.08 -77.07
N GLY BA 11 -57.67 33.96 -77.56
CA GLY BA 11 -58.30 33.28 -78.67
C GLY BA 11 -59.23 32.19 -78.20
N GLN BA 12 -60.53 32.42 -78.31
CA GLN BA 12 -61.51 31.41 -77.97
C GLN BA 12 -62.59 31.44 -79.03
N ALA BA 13 -63.60 30.58 -78.84
CA ALA BA 13 -64.82 30.72 -79.63
C ALA BA 13 -65.33 32.15 -79.55
N THR BA 14 -65.53 32.63 -78.34
CA THR BA 14 -65.76 34.05 -78.10
C THR BA 14 -64.58 34.55 -77.29
N PRO BA 15 -63.75 35.44 -77.84
CA PRO BA 15 -62.61 35.95 -77.07
C PRO BA 15 -63.08 36.68 -75.82
N ALA BA 16 -62.33 36.47 -74.73
CA ALA BA 16 -62.57 37.18 -73.48
C ALA BA 16 -61.39 38.10 -73.19
N ASN BA 17 -61.68 39.37 -72.91
CA ASN BA 17 -60.64 40.36 -72.70
C ASN BA 17 -59.90 40.12 -71.39
N HIS BA 18 -58.58 40.26 -71.44
CA HIS BA 18 -57.71 40.14 -70.26
C HIS BA 18 -56.94 41.44 -70.08
N THR BA 19 -56.81 41.87 -68.84
CA THR BA 19 -56.25 43.17 -68.52
C THR BA 19 -54.87 43.00 -67.90
N PHE BA 20 -54.01 43.99 -68.17
CA PHE BA 20 -52.60 43.98 -67.80
C PHE BA 20 -52.29 45.28 -67.07
N VAL BA 21 -52.07 45.18 -65.77
CA VAL BA 21 -51.67 46.33 -64.95
C VAL BA 21 -50.21 46.66 -65.22
N PRO BA 22 -49.85 47.93 -65.37
CA PRO BA 22 -48.44 48.28 -65.52
C PRO BA 22 -47.68 48.16 -64.21
N MET BA 23 -46.44 47.68 -64.30
CA MET BA 23 -45.58 47.51 -63.14
C MET BA 23 -44.32 48.34 -63.19
N GLN BA 24 -43.65 48.42 -64.34
CA GLN BA 24 -42.45 49.24 -64.47
C GLN BA 24 -42.45 49.89 -65.85
N PRO BA 25 -42.16 51.19 -65.95
CA PRO BA 25 -42.06 51.85 -67.23
C PRO BA 25 -40.65 51.82 -67.81
N GLN BA 26 -40.54 52.34 -69.02
CA GLN BA 26 -39.30 52.33 -69.78
C GLN BA 26 -38.46 53.53 -69.40
N THR BA 27 -37.38 53.29 -68.64
CA THR BA 27 -36.37 54.30 -68.37
C THR BA 27 -35.01 53.62 -68.49
N GLY BA 28 -34.18 54.13 -69.38
CA GLY BA 28 -32.85 53.56 -69.55
C GLY BA 28 -32.91 52.19 -70.17
N ILE BA 29 -32.23 51.23 -69.54
CA ILE BA 29 -32.22 49.86 -70.06
C ILE BA 29 -33.52 49.13 -69.73
N THR BA 30 -34.16 49.47 -68.61
CA THR BA 30 -35.32 48.72 -68.17
C THR BA 30 -36.51 48.98 -69.09
N PRO BA 31 -37.21 47.95 -69.56
CA PRO BA 31 -38.33 48.13 -70.48
C PRO BA 31 -39.68 48.24 -69.78
N SER BA 32 -40.61 48.91 -70.45
CA SER BA 32 -41.97 48.99 -69.93
C SER BA 32 -42.58 47.59 -69.89
N GLN BA 33 -43.37 47.30 -68.86
CA GLN BA 33 -43.87 45.94 -68.70
C GLN BA 33 -45.13 45.90 -67.85
N TRP BA 34 -46.06 45.03 -68.26
CA TRP BA 34 -47.39 44.85 -67.67
C TRP BA 34 -47.57 43.39 -67.24
N LEU BA 35 -48.43 43.19 -66.24
CA LEU BA 35 -48.70 41.88 -65.63
C LEU BA 35 -50.19 41.60 -65.68
N ASN BA 36 -50.56 40.33 -65.90
CA ASN BA 36 -51.99 39.99 -66.05
C ASN BA 36 -52.69 39.88 -64.70
N LYS BA 37 -52.03 39.22 -63.72
CA LYS BA 37 -52.54 39.14 -62.35
C LYS BA 37 -53.81 38.30 -62.23
N GLU BA 38 -53.95 37.29 -63.10
CA GLU BA 38 -55.11 36.41 -63.07
C GLU BA 38 -54.86 35.05 -62.44
N ALA BA 39 -53.65 34.52 -62.53
CA ALA BA 39 -53.43 33.15 -62.08
C ALA BA 39 -53.45 33.06 -60.55
N ALA BA 40 -53.44 31.82 -60.05
CA ALA BA 40 -53.57 31.57 -58.60
C ALA BA 40 -52.33 32.04 -57.84
N SER BA 41 -51.14 31.73 -58.35
CA SER BA 41 -49.89 32.08 -57.70
C SER BA 41 -49.25 33.29 -58.37
N ASN BA 42 -48.29 33.90 -57.68
CA ASN BA 42 -47.64 35.07 -58.24
C ASN BA 42 -46.81 34.76 -59.47
N ILE BA 43 -46.49 33.49 -59.70
CA ILE BA 43 -45.64 33.14 -60.84
C ILE BA 43 -46.45 32.90 -62.12
N GLY BA 44 -47.73 32.57 -62.00
CA GLY BA 44 -48.58 32.33 -63.16
C GLY BA 44 -49.01 33.58 -63.89
N TYR BA 45 -48.72 34.75 -63.33
CA TYR BA 45 -49.14 36.01 -63.92
C TYR BA 45 -48.55 36.14 -65.32
N ARG BA 46 -49.40 36.47 -66.29
CA ARG BA 46 -48.93 36.62 -67.67
C ARG BA 46 -48.33 38.01 -67.86
N LYS BA 47 -47.23 38.10 -68.60
CA LYS BA 47 -46.53 39.37 -68.66
C LYS BA 47 -46.25 39.79 -70.10
N VAL BA 48 -46.23 41.10 -70.28
CA VAL BA 48 -45.92 41.71 -71.55
C VAL BA 48 -44.85 42.75 -71.30
N SER BA 49 -43.91 42.89 -72.22
CA SER BA 49 -42.91 43.95 -72.05
C SER BA 49 -42.48 44.47 -73.42
N MET BA 50 -42.05 45.73 -73.43
CA MET BA 50 -41.74 46.46 -74.65
C MET BA 50 -40.64 47.47 -74.37
N PHE BA 51 -39.76 47.68 -75.36
CA PHE BA 51 -38.68 48.65 -75.29
C PHE BA 51 -38.47 49.31 -76.65
N VAL BA 52 -38.39 50.64 -76.66
CA VAL BA 52 -38.29 51.43 -77.90
C VAL BA 52 -36.95 52.17 -77.87
N LYS BA 53 -35.92 51.53 -78.42
CA LYS BA 53 -34.59 52.15 -78.49
C LYS BA 53 -34.54 53.06 -79.71
N TYR BA 54 -34.53 54.37 -79.47
CA TYR BA 54 -34.44 55.38 -80.53
C TYR BA 54 -32.98 55.72 -80.77
N VAL BA 55 -32.47 55.39 -81.95
CA VAL BA 55 -31.09 55.64 -82.34
C VAL BA 55 -31.10 56.73 -83.41
N SER BA 56 -30.67 57.94 -83.05
CA SER BA 56 -30.86 59.09 -83.92
C SER BA 56 -30.08 58.96 -85.22
N ASN BA 57 -28.84 58.46 -85.17
CA ASN BA 57 -28.10 58.12 -86.38
C ASN BA 57 -27.74 56.64 -86.31
N GLY BA 58 -28.68 55.81 -86.71
CA GLY BA 58 -28.49 54.37 -86.65
C GLY BA 58 -29.82 53.66 -86.66
N THR BA 59 -29.77 52.38 -86.28
CA THR BA 59 -30.88 51.47 -86.48
C THR BA 59 -31.70 51.39 -85.20
N SER BA 60 -32.81 52.14 -85.16
CA SER BA 60 -33.72 52.10 -84.03
C SER BA 60 -34.41 50.73 -83.95
N LYS BA 61 -34.83 50.36 -82.75
CA LYS BA 61 -35.37 49.01 -82.53
C LYS BA 61 -36.50 49.02 -81.51
N VAL BA 62 -37.61 48.36 -81.86
CA VAL BA 62 -38.73 48.15 -80.95
C VAL BA 62 -38.82 46.66 -80.65
N THR BA 63 -38.68 46.30 -79.38
CA THR BA 63 -38.67 44.90 -78.96
C THR BA 63 -39.86 44.62 -78.05
N ILE BA 64 -40.59 43.54 -78.33
CA ILE BA 64 -41.79 43.17 -77.61
C ILE BA 64 -41.73 41.68 -77.27
N ARG BA 65 -42.12 41.33 -76.04
CA ARG BA 65 -42.20 39.93 -75.66
C ARG BA 65 -43.41 39.68 -74.76
N ILE BA 66 -44.09 38.57 -75.03
CA ILE BA 66 -45.34 38.18 -74.38
C ILE BA 66 -45.16 36.77 -73.82
N ALA BA 67 -45.45 36.60 -72.52
CA ALA BA 67 -45.25 35.34 -71.81
C ALA BA 67 -46.55 34.88 -71.17
N ASP BA 68 -47.03 33.71 -71.59
CA ASP BA 68 -48.27 33.10 -71.11
C ASP BA 68 -47.91 31.80 -70.41
N PRO BA 69 -47.76 31.79 -69.09
CA PRO BA 69 -47.43 30.55 -68.38
C PRO BA 69 -48.67 29.79 -67.92
N VAL BA 70 -48.50 28.48 -67.77
CA VAL BA 70 -49.53 27.59 -67.23
C VAL BA 70 -48.93 26.87 -66.03
N LEU BA 71 -49.53 27.06 -64.86
CA LEU BA 71 -49.00 26.50 -63.64
C LEU BA 71 -49.27 25.00 -63.56
N ALA BA 72 -48.56 24.34 -62.65
CA ALA BA 72 -48.65 22.89 -62.49
C ALA BA 72 -49.70 22.56 -61.43
N SER BA 73 -50.83 22.01 -61.85
CA SER BA 73 -51.92 21.64 -60.96
C SER BA 73 -51.80 20.16 -60.59
N VAL BA 74 -51.74 19.89 -59.29
CA VAL BA 74 -51.56 18.53 -58.77
C VAL BA 74 -52.89 18.09 -58.14
N PRO BA 75 -53.15 16.78 -58.05
CA PRO BA 75 -54.39 16.32 -57.40
C PRO BA 75 -54.54 16.89 -56.00
N ALA BA 76 -55.80 17.17 -55.63
CA ALA BA 76 -56.07 17.94 -54.43
C ALA BA 76 -55.59 17.23 -53.17
N GLY BA 77 -55.87 15.93 -53.05
CA GLY BA 77 -55.42 15.18 -51.89
C GLY BA 77 -53.91 15.13 -51.75
N CYS BA 78 -53.18 15.30 -52.85
CA CYS BA 78 -51.73 15.21 -52.81
C CYS BA 78 -51.14 16.40 -52.06
N CYS BA 79 -49.89 16.23 -51.62
CA CYS BA 79 -49.22 17.22 -50.79
C CYS BA 79 -47.99 17.77 -51.50
N VAL BA 80 -48.13 18.94 -52.10
CA VAL BA 80 -46.99 19.78 -52.48
C VAL BA 80 -47.27 21.15 -51.90
N ASP BA 81 -46.27 21.70 -51.20
CA ASP BA 81 -46.47 22.97 -50.49
C ASP BA 81 -46.98 24.02 -51.44
N THR BA 82 -48.16 24.58 -51.13
CA THR BA 82 -48.72 25.62 -51.97
C THR BA 82 -47.87 26.89 -51.98
N ASN BA 83 -47.02 27.05 -50.96
CA ASN BA 83 -46.11 28.18 -50.95
C ASN BA 83 -45.01 28.03 -52.02
N THR BA 84 -44.77 26.81 -52.50
CA THR BA 84 -43.75 26.57 -53.53
C THR BA 84 -44.40 25.95 -54.76
N PRO BA 85 -45.06 26.77 -55.65
CA PRO BA 85 -45.57 26.23 -56.91
C PRO BA 85 -44.56 26.40 -58.01
N GLN BA 86 -44.74 25.65 -59.09
CA GLN BA 86 -43.88 25.73 -60.25
C GLN BA 86 -44.72 26.00 -61.48
N VAL BA 87 -44.04 26.49 -62.50
CA VAL BA 87 -44.63 26.65 -63.83
C VAL BA 87 -44.34 25.39 -64.62
N ALA BA 88 -45.40 24.73 -65.10
CA ALA BA 88 -45.23 23.54 -65.92
C ALA BA 88 -44.58 23.87 -67.25
N TYR BA 89 -45.09 24.90 -67.92
CA TYR BA 89 -44.61 25.33 -69.23
C TYR BA 89 -45.20 26.70 -69.51
N SER BA 90 -44.62 27.40 -70.47
CA SER BA 90 -45.10 28.74 -70.82
C SER BA 90 -44.82 29.02 -72.29
N THR BA 91 -45.82 29.57 -72.96
CA THR BA 91 -45.66 29.98 -74.35
C THR BA 91 -45.09 31.39 -74.41
N PHE BA 92 -44.31 31.66 -75.46
CA PHE BA 92 -43.61 32.93 -75.60
C PHE BA 92 -43.74 33.49 -77.00
N PHE BA 93 -43.84 34.81 -77.10
CA PHE BA 93 -43.80 35.52 -78.38
C PHE BA 93 -42.81 36.68 -78.30
N GLU BA 94 -41.81 36.70 -79.17
CA GLU BA 94 -40.81 37.75 -79.15
C GLU BA 94 -40.60 38.32 -80.54
N CYS BA 95 -40.80 39.63 -80.70
CA CYS BA 95 -40.61 40.30 -81.98
C CYS BA 95 -39.76 41.56 -81.82
N THR BA 96 -39.05 41.90 -82.89
CA THR BA 96 -38.20 43.08 -82.94
C THR BA 96 -38.36 43.76 -84.29
N PHE BA 97 -38.81 45.01 -84.26
CA PHE BA 97 -38.80 45.90 -85.41
C PHE BA 97 -37.47 46.62 -85.45
N SER BA 98 -36.85 46.68 -86.64
CA SER BA 98 -35.60 47.38 -86.86
C SER BA 98 -35.81 48.40 -87.96
N VAL BA 99 -35.79 49.68 -87.59
CA VAL BA 99 -36.10 50.81 -88.46
C VAL BA 99 -34.85 51.63 -88.64
N PRO BA 100 -34.37 51.84 -89.86
CA PRO BA 100 -33.15 52.64 -90.06
C PRO BA 100 -33.38 54.10 -89.69
N TYR BA 101 -32.27 54.78 -89.41
CA TYR BA 101 -32.30 56.24 -89.42
C TYR BA 101 -32.77 56.72 -90.78
N GLY BA 102 -33.39 57.89 -90.79
CA GLY BA 102 -33.83 58.45 -92.05
C GLY BA 102 -34.93 57.68 -92.75
N ALA BA 103 -35.64 56.81 -92.05
CA ALA BA 103 -36.78 56.12 -92.65
C ALA BA 103 -38.02 56.99 -92.55
N THR BA 104 -38.76 57.09 -93.66
CA THR BA 104 -39.96 57.90 -93.70
C THR BA 104 -41.01 57.35 -92.74
N LEU BA 105 -41.79 58.27 -92.18
CA LEU BA 105 -42.98 57.85 -91.44
C LEU BA 105 -43.82 56.88 -92.25
N GLN BA 106 -43.82 57.04 -93.58
CA GLN BA 106 -44.52 56.09 -94.44
C GLN BA 106 -43.86 54.72 -94.42
N ASN BA 107 -42.52 54.67 -94.39
CA ASN BA 107 -41.83 53.39 -94.30
C ASN BA 107 -42.16 52.67 -92.99
N LYS BA 108 -42.28 53.45 -91.90
CA LYS BA 108 -42.61 52.86 -90.61
C LYS BA 108 -44.03 52.30 -90.61
N LYS BA 109 -45.00 53.11 -91.09
CA LYS BA 109 -46.36 52.61 -91.29
C LYS BA 109 -46.34 51.33 -92.11
N ASP BA 110 -45.58 51.33 -93.21
CA ASP BA 110 -45.52 50.19 -94.11
C ASP BA 110 -45.13 48.92 -93.36
N ILE BA 111 -43.99 48.95 -92.66
CA ILE BA 111 -43.52 47.70 -92.07
C ILE BA 111 -44.42 47.26 -90.92
N LEU BA 112 -44.94 48.21 -90.12
CA LEU BA 112 -45.91 47.82 -89.10
C LEU BA 112 -47.08 47.07 -89.74
N ALA BA 113 -47.60 47.60 -90.84
CA ALA BA 113 -48.75 46.96 -91.49
C ALA BA 113 -48.38 45.60 -92.08
N TYR BA 114 -47.20 45.47 -92.68
CA TYR BA 114 -46.80 44.18 -93.22
C TYR BA 114 -46.73 43.15 -92.12
N ALA BA 115 -46.15 43.51 -90.97
CA ALA BA 115 -46.06 42.57 -89.86
C ALA BA 115 -47.43 42.16 -89.37
N ARG BA 116 -48.32 43.13 -89.17
CA ARG BA 116 -49.63 42.81 -88.62
C ARG BA 116 -50.44 41.95 -89.59
N ASN BA 117 -50.42 42.30 -90.89
CA ASN BA 117 -51.14 41.53 -91.89
C ASN BA 117 -50.57 40.12 -92.01
N LEU BA 118 -49.25 39.97 -91.91
CA LEU BA 118 -48.66 38.65 -92.02
C LEU BA 118 -49.06 37.77 -90.85
N LEU BA 119 -48.99 38.30 -89.63
CA LEU BA 119 -49.44 37.51 -88.49
C LEU BA 119 -50.93 37.23 -88.56
N GLY BA 120 -51.68 38.06 -89.25
CA GLY BA 120 -53.06 37.73 -89.51
C GLY BA 120 -53.32 36.79 -90.68
N THR BA 121 -52.28 36.32 -91.37
CA THR BA 121 -52.51 35.49 -92.55
C THR BA 121 -52.86 34.05 -92.14
N GLN BA 122 -53.59 33.39 -93.04
CA GLN BA 122 -54.02 32.03 -92.77
C GLN BA 122 -52.84 31.08 -92.66
N VAL BA 123 -51.79 31.29 -93.44
CA VAL BA 123 -50.63 30.41 -93.34
C VAL BA 123 -49.95 30.57 -91.99
N VAL BA 124 -49.88 31.79 -91.47
CA VAL BA 124 -49.23 32.02 -90.18
C VAL BA 124 -50.07 31.46 -89.03
N THR BA 125 -51.37 31.72 -89.04
CA THR BA 125 -52.23 31.15 -88.00
C THR BA 125 -52.19 29.63 -88.05
N ASP BA 126 -52.23 29.07 -89.26
CA ASP BA 126 -52.09 27.64 -89.46
C ASP BA 126 -50.80 27.12 -88.83
N ALA BA 127 -49.67 27.76 -89.14
CA ALA BA 127 -48.38 27.27 -88.66
C ALA BA 127 -48.30 27.31 -87.14
N VAL BA 128 -48.71 28.43 -86.53
CA VAL BA 128 -48.55 28.57 -85.09
C VAL BA 128 -49.50 27.65 -84.32
N VAL BA 129 -50.73 27.47 -84.82
CA VAL BA 129 -51.70 26.69 -84.06
C VAL BA 129 -51.56 25.19 -84.34
N ASP BA 130 -51.61 24.81 -85.62
CA ASP BA 130 -51.59 23.39 -85.96
C ASP BA 130 -50.18 22.83 -86.14
N MET BA 131 -49.14 23.68 -86.06
CA MET BA 131 -47.76 23.27 -86.35
C MET BA 131 -47.60 22.87 -87.81
N THR BA 132 -48.25 23.61 -88.70
CA THR BA 132 -48.27 23.23 -90.10
C THR BA 132 -47.41 24.18 -90.92
N PRO BA 133 -46.42 23.68 -91.64
CA PRO BA 133 -45.50 24.54 -92.38
C PRO BA 133 -46.00 24.88 -93.78
N ALA BA 134 -45.21 25.66 -94.52
CA ALA BA 134 -45.49 25.94 -95.92
C ALA BA 134 -44.61 25.04 -96.78
N TRP BA 135 -45.18 23.94 -97.27
CA TRP BA 135 -44.40 22.91 -97.98
C TRP BA 135 -44.44 23.02 -99.50
N ALA CA 1 -43.06 69.51 -61.60
CA ALA CA 1 -43.20 69.37 -63.04
C ALA CA 1 -43.19 67.92 -63.46
N GLN CA 2 -44.37 67.30 -63.55
CA GLN CA 2 -44.42 66.01 -64.25
C GLN CA 2 -44.01 66.26 -65.70
N ILE CA 3 -43.29 65.29 -66.27
CA ILE CA 3 -42.82 65.48 -67.64
C ILE CA 3 -44.03 65.64 -68.55
N ALA CA 4 -43.93 66.61 -69.45
CA ALA CA 4 -45.01 66.87 -70.37
C ALA CA 4 -44.42 67.55 -71.60
N ASN CA 5 -45.27 67.75 -72.60
CA ASN CA 5 -44.84 68.36 -73.85
C ASN CA 5 -44.10 69.66 -73.60
N LEU CA 6 -43.22 70.02 -74.52
CA LEU CA 6 -42.38 71.20 -74.36
C LEU CA 6 -42.44 72.01 -75.65
N ILE CA 7 -42.69 73.31 -75.56
CA ILE CA 7 -42.92 74.12 -76.75
C ILE CA 7 -41.88 75.23 -76.80
N LEU CA 8 -41.04 75.19 -77.85
CA LEU CA 8 -39.95 76.15 -78.01
C LEU CA 8 -40.07 76.83 -79.36
N ALA CA 9 -39.89 78.15 -79.39
CA ALA CA 9 -40.07 78.94 -80.61
C ALA CA 9 -38.73 79.14 -81.32
N ASP CA 10 -38.70 78.81 -82.60
CA ASP CA 10 -37.51 79.04 -83.41
C ASP CA 10 -37.30 80.53 -83.69
N GLY CA 11 -36.09 80.86 -84.14
CA GLY CA 11 -35.77 82.24 -84.47
C GLY CA 11 -36.01 82.54 -85.93
N GLN CA 12 -37.08 83.25 -86.20
CA GLN CA 12 -37.41 83.72 -87.54
C GLN CA 12 -37.95 85.13 -87.41
N ALA CA 13 -38.29 85.72 -88.55
CA ALA CA 13 -39.04 86.96 -88.53
C ALA CA 13 -40.29 86.80 -87.68
N THR CA 14 -41.11 85.82 -88.02
CA THR CA 14 -42.22 85.43 -87.17
C THR CA 14 -41.84 84.07 -86.63
N PRO CA 15 -41.45 83.98 -85.36
CA PRO CA 15 -41.08 82.69 -84.79
C PRO CA 15 -42.24 81.71 -84.85
N ALA CA 16 -41.89 80.44 -85.03
CA ALA CA 16 -42.85 79.36 -85.15
C ALA CA 16 -42.67 78.38 -83.98
N ASN CA 17 -43.74 78.17 -83.22
CA ASN CA 17 -43.66 77.23 -82.10
C ASN CA 17 -43.39 75.81 -82.62
N HIS CA 18 -42.45 75.12 -81.98
CA HIS CA 18 -42.14 73.74 -82.28
C HIS CA 18 -42.34 72.92 -81.01
N THR CA 19 -43.03 71.80 -81.15
CA THR CA 19 -43.42 70.98 -80.02
C THR CA 19 -42.44 69.83 -79.82
N PHE CA 20 -42.33 69.38 -78.57
CA PHE CA 20 -41.38 68.35 -78.13
C PHE CA 20 -42.15 67.33 -77.30
N VAL CA 21 -42.38 66.16 -77.89
CA VAL CA 21 -43.02 65.06 -77.16
C VAL CA 21 -42.03 64.52 -76.14
N PRO CA 22 -42.47 64.17 -74.93
CA PRO CA 22 -41.56 63.50 -73.99
C PRO CA 22 -41.28 62.06 -74.39
N MET CA 23 -40.06 61.63 -74.08
CA MET CA 23 -39.61 60.27 -74.37
C MET CA 23 -39.46 59.42 -73.11
N GLN CA 24 -38.82 59.97 -72.08
CA GLN CA 24 -38.75 59.28 -70.79
C GLN CA 24 -38.56 60.32 -69.71
N PRO CA 25 -39.07 60.09 -68.51
CA PRO CA 25 -38.92 61.05 -67.43
C PRO CA 25 -37.49 60.98 -66.91
N GLN CA 26 -37.22 61.79 -65.90
CA GLN CA 26 -35.91 61.82 -65.26
C GLN CA 26 -35.86 60.78 -64.16
N THR CA 27 -34.78 59.99 -64.18
CA THR CA 27 -34.52 58.93 -63.22
C THR CA 27 -33.23 59.27 -62.49
N GLY CA 28 -32.84 58.41 -61.55
CA GLY CA 28 -31.58 58.64 -60.84
C GLY CA 28 -30.35 58.58 -61.72
N ILE CA 29 -30.41 57.82 -62.82
CA ILE CA 29 -29.26 57.71 -63.73
C ILE CA 29 -29.54 58.25 -65.12
N THR CA 30 -30.80 58.29 -65.57
CA THR CA 30 -31.13 58.77 -66.90
C THR CA 30 -31.80 60.14 -66.83
N PRO CA 31 -31.44 61.05 -67.72
CA PRO CA 31 -32.05 62.39 -67.72
C PRO CA 31 -33.34 62.46 -68.53
N SER CA 32 -34.27 63.30 -68.05
CA SER CA 32 -35.52 63.48 -68.77
C SER CA 32 -35.23 64.08 -70.15
N GLN CA 33 -35.95 63.59 -71.16
CA GLN CA 33 -35.63 64.04 -72.52
C GLN CA 33 -36.85 64.01 -73.43
N TRP CA 34 -36.89 64.98 -74.35
CA TRP CA 34 -37.96 65.20 -75.32
C TRP CA 34 -37.42 65.08 -76.74
N LEU CA 35 -38.33 65.11 -77.72
CA LEU CA 35 -38.03 64.89 -79.13
C LEU CA 35 -38.92 65.79 -79.99
N ASN CA 36 -38.35 66.35 -81.07
CA ASN CA 36 -39.11 67.26 -81.93
C ASN CA 36 -40.10 66.51 -82.81
N LYS CA 37 -39.62 65.48 -83.52
CA LYS CA 37 -40.47 64.61 -84.32
C LYS CA 37 -41.15 65.34 -85.47
N GLU CA 38 -40.42 66.29 -86.06
CA GLU CA 38 -40.94 67.05 -87.20
C GLU CA 38 -40.40 66.55 -88.53
N ALA CA 39 -39.09 66.51 -88.72
CA ALA CA 39 -38.54 66.06 -89.99
C ALA CA 39 -38.87 64.59 -90.23
N ALA CA 40 -38.94 64.20 -91.50
CA ALA CA 40 -39.37 62.83 -91.81
C ALA CA 40 -38.35 61.81 -91.37
N SER CA 41 -37.07 62.17 -91.42
CA SER CA 41 -35.99 61.25 -91.09
C SER CA 41 -35.78 61.17 -89.59
N ASN CA 42 -35.44 59.96 -89.11
CA ASN CA 42 -35.08 59.80 -87.70
C ASN CA 42 -33.97 60.77 -87.28
N ILE CA 43 -33.10 61.14 -88.20
CA ILE CA 43 -31.97 62.01 -87.86
C ILE CA 43 -32.45 63.42 -87.57
N GLY CA 44 -33.38 63.93 -88.39
CA GLY CA 44 -33.84 65.31 -88.31
C GLY CA 44 -34.64 65.65 -87.07
N TYR CA 45 -35.02 64.67 -86.25
CA TYR CA 45 -35.68 64.98 -84.99
C TYR CA 45 -34.73 65.76 -84.10
N ARG CA 46 -35.26 66.78 -83.44
CA ARG CA 46 -34.47 67.63 -82.54
C ARG CA 46 -34.73 67.20 -81.10
N LYS CA 47 -33.67 67.06 -80.31
CA LYS CA 47 -33.84 66.54 -78.96
C LYS CA 47 -33.43 67.57 -77.93
N VAL CA 48 -34.03 67.44 -76.74
CA VAL CA 48 -33.77 68.33 -75.62
C VAL CA 48 -33.74 67.47 -74.37
N SER CA 49 -32.62 67.45 -73.68
CA SER CA 49 -32.51 66.63 -72.48
C SER CA 49 -32.04 67.47 -71.30
N MET CA 50 -32.43 67.04 -70.10
CA MET CA 50 -32.23 67.82 -68.88
C MET CA 50 -32.10 66.86 -67.71
N PHE CA 51 -31.23 67.22 -66.76
CA PHE CA 51 -31.03 66.42 -65.54
C PHE CA 51 -30.72 67.31 -64.34
N VAL CA 52 -31.42 67.04 -63.22
CA VAL CA 52 -31.36 67.85 -62.01
C VAL CA 52 -30.77 66.98 -60.91
N LYS CA 53 -29.44 67.06 -60.71
CA LYS CA 53 -28.77 66.29 -59.66
C LYS CA 53 -28.79 67.08 -58.36
N TYR CA 54 -29.59 66.61 -57.40
CA TYR CA 54 -29.69 67.22 -56.08
C TYR CA 54 -28.64 66.63 -55.16
N VAL CA 55 -27.77 67.49 -54.63
CA VAL CA 55 -26.73 67.09 -53.68
C VAL CA 55 -27.02 67.80 -52.37
N SER CA 56 -27.54 67.05 -51.39
CA SER CA 56 -28.06 67.66 -50.17
C SER CA 56 -26.98 68.35 -49.36
N ASN CA 57 -25.73 67.89 -49.45
CA ASN CA 57 -24.59 68.60 -48.86
C ASN CA 57 -23.49 68.68 -49.92
N GLY CA 58 -23.59 69.69 -50.78
CA GLY CA 58 -22.62 69.85 -51.84
C GLY CA 58 -23.23 70.65 -52.98
N THR CA 59 -22.56 70.57 -54.13
CA THR CA 59 -22.90 71.38 -55.30
C THR CA 59 -23.92 70.62 -56.13
N SER CA 60 -25.19 71.01 -56.03
CA SER CA 60 -26.21 70.49 -56.93
C SER CA 60 -25.98 71.02 -58.34
N LYS CA 61 -26.49 70.29 -59.34
CA LYS CA 61 -26.20 70.63 -60.73
C LYS CA 61 -27.38 70.37 -61.65
N VAL CA 62 -27.81 71.41 -62.38
CA VAL CA 62 -28.82 71.28 -63.43
C VAL CA 62 -28.12 71.32 -64.77
N THR CA 63 -28.35 70.31 -65.61
CA THR CA 63 -27.67 70.17 -66.89
C THR CA 63 -28.69 70.09 -68.00
N ILE CA 64 -28.46 70.85 -69.08
CA ILE CA 64 -29.38 70.96 -70.20
C ILE CA 64 -28.61 70.88 -71.50
N ARG CA 65 -29.13 70.11 -72.46
CA ARG CA 65 -28.52 70.09 -73.79
C ARG CA 65 -29.60 69.98 -74.86
N ILE CA 66 -29.42 70.79 -75.91
CA ILE CA 66 -30.36 70.97 -77.00
C ILE CA 66 -29.63 70.64 -78.30
N ALA CA 67 -30.24 69.80 -79.14
CA ALA CA 67 -29.63 69.36 -80.39
C ALA CA 67 -30.60 69.59 -81.54
N ASP CA 68 -30.17 70.37 -82.53
CA ASP CA 68 -30.94 70.69 -83.73
C ASP CA 68 -30.19 70.20 -84.96
N PRO CA 69 -30.55 69.05 -85.53
CA PRO CA 69 -29.90 68.58 -86.75
C PRO CA 69 -30.28 69.46 -87.94
N VAL CA 70 -29.27 70.04 -88.58
CA VAL CA 70 -29.52 70.82 -89.79
C VAL CA 70 -28.97 70.04 -90.98
N LEU CA 71 -29.80 69.16 -91.53
CA LEU CA 71 -29.39 68.38 -92.68
C LEU CA 71 -29.61 69.14 -93.98
N ALA CA 72 -30.52 70.12 -93.97
CA ALA CA 72 -30.70 70.97 -95.15
C ALA CA 72 -29.39 71.67 -95.49
N SER CA 73 -28.63 72.06 -94.48
CA SER CA 73 -27.39 72.78 -94.70
C SER CA 73 -26.27 71.91 -95.24
N VAL CA 74 -26.43 70.59 -95.21
CA VAL CA 74 -25.39 69.66 -95.69
C VAL CA 74 -25.32 69.73 -97.22
N PRO CA 75 -24.12 69.83 -97.81
CA PRO CA 75 -24.03 69.81 -99.27
C PRO CA 75 -24.56 68.50 -99.83
N ALA CA 76 -25.06 68.56 -101.07
CA ALA CA 76 -25.62 67.37 -101.70
C ALA CA 76 -24.55 66.31 -101.93
N GLY CA 77 -23.30 66.74 -102.17
CA GLY CA 77 -22.24 65.79 -102.45
C GLY CA 77 -21.80 64.97 -101.24
N CYS CA 78 -21.95 65.53 -100.04
CA CYS CA 78 -21.54 64.83 -98.83
C CYS CA 78 -22.63 63.86 -98.38
N CYS CA 79 -22.23 62.62 -98.12
CA CYS CA 79 -23.12 61.60 -97.59
C CYS CA 79 -23.08 61.61 -96.07
N VAL CA 80 -24.25 61.45 -95.45
CA VAL CA 80 -24.38 61.39 -94.00
C VAL CA 80 -24.80 59.97 -93.63
N ASP CA 81 -23.98 59.31 -92.80
CA ASP CA 81 -24.22 57.95 -92.35
C ASP CA 81 -23.83 57.86 -90.87
N THR CA 82 -23.99 56.66 -90.29
CA THR CA 82 -23.77 56.49 -88.86
C THR CA 82 -22.39 56.98 -88.44
N ASN CA 83 -21.41 56.84 -89.34
CA ASN CA 83 -20.04 57.22 -89.05
C ASN CA 83 -19.80 58.73 -89.13
N THR CA 84 -20.73 59.50 -89.69
CA THR CA 84 -20.55 60.95 -89.73
C THR CA 84 -20.61 61.50 -88.31
N PRO CA 85 -19.61 62.27 -87.89
CA PRO CA 85 -19.64 62.83 -86.53
C PRO CA 85 -20.81 63.78 -86.35
N GLN CA 86 -21.46 63.67 -85.19
CA GLN CA 86 -22.67 64.46 -84.95
C GLN CA 86 -22.39 65.95 -85.05
N VAL CA 87 -21.28 66.40 -84.46
CA VAL CA 87 -21.04 67.84 -84.27
C VAL CA 87 -20.77 68.51 -85.60
N ALA CA 88 -20.78 67.74 -86.68
CA ALA CA 88 -20.59 68.29 -88.01
C ALA CA 88 -21.89 68.55 -88.76
N TYR CA 89 -23.02 67.93 -88.37
CA TYR CA 89 -24.25 68.11 -89.12
C TYR CA 89 -25.41 68.55 -88.23
N SER CA 90 -25.13 69.18 -87.08
CA SER CA 90 -26.19 69.65 -86.20
C SER CA 90 -25.64 70.67 -85.22
N THR CA 91 -26.49 71.61 -84.81
CA THR CA 91 -26.13 72.62 -83.83
C THR CA 91 -26.46 72.11 -82.43
N PHE CA 92 -25.67 72.57 -81.45
CA PHE CA 92 -25.78 72.07 -80.08
C PHE CA 92 -25.67 73.21 -79.07
N PHE CA 93 -26.44 73.11 -77.99
CA PHE CA 93 -26.35 74.04 -76.87
C PHE CA 93 -26.31 73.27 -75.56
N GLU CA 94 -25.28 73.48 -74.75
CA GLU CA 94 -25.14 72.75 -73.50
C GLU CA 94 -24.84 73.71 -72.36
N CYS CA 95 -25.67 73.71 -71.33
CA CYS CA 95 -25.45 74.55 -70.15
C CYS CA 95 -25.56 73.74 -68.87
N THR CA 96 -24.89 74.24 -67.83
CA THR CA 96 -24.88 73.64 -66.50
C THR CA 96 -24.93 74.73 -65.45
N PHE CA 97 -25.97 74.70 -64.62
CA PHE CA 97 -26.08 75.51 -63.42
C PHE CA 97 -25.49 74.73 -62.24
N SER CA 98 -24.56 75.35 -61.53
CA SER CA 98 -23.98 74.78 -60.32
C SER CA 98 -24.45 75.61 -59.14
N VAL CA 99 -25.19 74.97 -58.23
CA VAL CA 99 -25.81 75.61 -57.07
C VAL CA 99 -25.31 74.96 -55.80
N PRO CA 100 -24.48 75.63 -55.00
CA PRO CA 100 -24.01 75.02 -53.76
C PRO CA 100 -25.12 74.89 -52.74
N TYR CA 101 -25.00 73.89 -51.88
CA TYR CA 101 -25.91 73.79 -50.74
C TYR CA 101 -25.83 75.06 -49.92
N GLY CA 102 -26.93 75.45 -49.29
CA GLY CA 102 -26.90 76.67 -48.54
C GLY CA 102 -27.06 77.91 -49.37
N ALA CA 103 -27.52 77.78 -50.61
CA ALA CA 103 -27.76 78.94 -51.45
C ALA CA 103 -29.17 79.45 -51.16
N THR CA 104 -29.27 80.74 -50.91
CA THR CA 104 -30.58 81.28 -50.65
C THR CA 104 -31.46 81.14 -51.89
N LEU CA 105 -32.76 81.02 -51.65
CA LEU CA 105 -33.70 81.04 -52.76
C LEU CA 105 -33.43 82.22 -53.67
N GLN CA 106 -33.01 83.34 -53.07
CA GLN CA 106 -32.69 84.52 -53.85
C GLN CA 106 -31.43 84.33 -54.68
N ASN CA 107 -30.45 83.56 -54.17
CA ASN CA 107 -29.26 83.26 -54.98
C ASN CA 107 -29.61 82.41 -56.20
N LYS CA 108 -30.52 81.44 -56.01
CA LYS CA 108 -30.95 80.60 -57.12
C LYS CA 108 -31.69 81.42 -58.19
N LYS CA 109 -32.68 82.21 -57.75
CA LYS CA 109 -33.37 83.13 -58.65
C LYS CA 109 -32.38 84.06 -59.33
N ASP CA 110 -31.41 84.57 -58.57
CA ASP CA 110 -30.43 85.50 -59.10
C ASP CA 110 -29.70 84.88 -60.28
N ILE CA 111 -29.12 83.70 -60.08
CA ILE CA 111 -28.28 83.17 -61.16
C ILE CA 111 -29.13 82.76 -62.35
N LEU CA 112 -30.35 82.26 -62.12
CA LEU CA 112 -31.22 81.99 -63.26
C LEU CA 112 -31.44 83.26 -64.07
N ALA CA 113 -31.72 84.37 -63.39
CA ALA CA 113 -32.00 85.62 -64.10
C ALA CA 113 -30.75 86.15 -64.80
N TYR CA 114 -29.58 86.03 -64.17
CA TYR CA 114 -28.36 86.51 -64.81
C TYR CA 114 -28.10 85.74 -66.09
N ALA CA 115 -28.26 84.41 -66.04
CA ALA CA 115 -28.06 83.60 -67.24
C ALA CA 115 -29.04 84.00 -68.34
N ARG CA 116 -30.32 84.13 -68.00
CA ARG CA 116 -31.31 84.40 -69.03
C ARG CA 116 -31.11 85.80 -69.64
N ASN CA 117 -30.87 86.81 -68.79
CA ASN CA 117 -30.62 88.14 -69.31
C ASN CA 117 -29.35 88.19 -70.15
N LEU CA 118 -28.30 87.47 -69.73
CA LEU CA 118 -27.06 87.49 -70.50
C LEU CA 118 -27.26 86.87 -71.88
N LEU CA 119 -27.94 85.72 -71.95
CA LEU CA 119 -28.23 85.14 -73.26
C LEU CA 119 -29.18 86.02 -74.06
N GLY CA 120 -29.99 86.84 -73.41
CA GLY CA 120 -30.78 87.82 -74.15
C GLY CA 120 -30.00 89.02 -74.64
N THR CA 121 -28.82 89.28 -74.06
CA THR CA 121 -28.06 90.48 -74.40
C THR CA 121 -27.70 90.52 -75.89
N GLN CA 122 -27.56 91.75 -76.40
CA GLN CA 122 -27.18 91.91 -77.79
C GLN CA 122 -25.79 91.37 -78.06
N VAL CA 123 -24.88 91.48 -77.09
CA VAL CA 123 -23.53 90.99 -77.35
C VAL CA 123 -23.55 89.49 -77.58
N VAL CA 124 -24.36 88.76 -76.80
CA VAL CA 124 -24.48 87.33 -76.97
C VAL CA 124 -25.17 86.99 -78.28
N THR CA 125 -26.29 87.67 -78.58
CA THR CA 125 -26.98 87.44 -79.85
C THR CA 125 -26.03 87.64 -81.03
N ASP CA 126 -25.27 88.74 -80.99
CA ASP CA 126 -24.32 89.08 -82.03
C ASP CA 126 -23.21 88.04 -82.14
N ALA CA 127 -22.71 87.55 -81.01
CA ALA CA 127 -21.61 86.60 -81.02
C ALA CA 127 -22.04 85.23 -81.54
N VAL CA 128 -23.26 84.80 -81.22
CA VAL CA 128 -23.68 83.47 -81.64
C VAL CA 128 -24.13 83.47 -83.09
N VAL CA 129 -24.84 84.51 -83.53
CA VAL CA 129 -25.32 84.52 -84.91
C VAL CA 129 -24.23 85.02 -85.87
N ASP CA 130 -23.71 86.23 -85.63
CA ASP CA 130 -22.75 86.82 -86.56
C ASP CA 130 -21.31 86.44 -86.24
N MET CA 131 -21.10 85.57 -85.25
CA MET CA 131 -19.77 85.08 -84.88
C MET CA 131 -18.84 86.19 -84.42
N THR CA 132 -19.40 87.34 -84.03
CA THR CA 132 -18.58 88.51 -83.73
C THR CA 132 -18.36 88.60 -82.23
N PRO CA 133 -17.12 88.52 -81.75
CA PRO CA 133 -16.86 88.52 -80.31
C PRO CA 133 -16.69 89.91 -79.72
N ALA CA 134 -16.34 89.97 -78.44
CA ALA CA 134 -16.09 91.22 -77.73
C ALA CA 134 -14.59 91.45 -77.63
N TRP CA 135 -14.07 92.37 -78.44
CA TRP CA 135 -12.62 92.58 -78.54
C TRP CA 135 -12.12 93.87 -77.91
N ALA DA 1 -48.44 52.97 -59.56
CA ALA DA 1 -48.21 54.25 -58.90
C ALA DA 1 -47.07 55.01 -59.57
N GLN DA 2 -47.37 55.91 -60.51
CA GLN DA 2 -46.32 56.84 -60.92
C GLN DA 2 -46.04 57.82 -59.80
N ILE DA 3 -44.78 58.25 -59.71
CA ILE DA 3 -44.40 59.13 -58.62
C ILE DA 3 -45.11 60.46 -58.78
N ALA DA 4 -45.56 61.00 -57.65
CA ALA DA 4 -46.25 62.28 -57.64
C ALA DA 4 -46.07 62.89 -56.26
N ASN DA 5 -46.54 64.13 -56.12
CA ASN DA 5 -46.38 64.88 -54.89
C ASN DA 5 -46.86 64.07 -53.69
N LEU DA 6 -46.32 64.38 -52.51
CA LEU DA 6 -46.69 63.67 -51.30
C LEU DA 6 -46.98 64.67 -50.18
N ILE DA 7 -48.16 64.57 -49.57
CA ILE DA 7 -48.60 65.54 -48.57
C ILE DA 7 -48.72 64.84 -47.21
N LEU DA 8 -48.02 65.38 -46.20
CA LEU DA 8 -47.94 64.79 -44.88
C LEU DA 8 -48.20 65.86 -43.82
N ALA DA 9 -49.01 65.53 -42.82
CA ALA DA 9 -49.42 66.50 -41.80
C ALA DA 9 -48.49 66.44 -40.61
N ASP DA 10 -47.92 67.60 -40.25
CA ASP DA 10 -47.05 67.66 -39.08
C ASP DA 10 -47.86 67.55 -37.79
N GLY DA 11 -47.14 67.27 -36.70
CA GLY DA 11 -47.75 67.15 -35.40
C GLY DA 11 -47.77 68.48 -34.67
N GLN DA 12 -48.97 69.05 -34.54
CA GLN DA 12 -49.15 70.30 -33.84
C GLN DA 12 -50.52 70.26 -33.19
N ALA DA 13 -50.83 71.31 -32.43
CA ALA DA 13 -52.19 71.49 -31.95
C ALA DA 13 -53.17 71.42 -33.12
N THR DA 14 -52.91 72.20 -34.15
CA THR DA 14 -53.60 72.05 -35.41
C THR DA 14 -52.56 71.62 -36.43
N PRO DA 15 -52.66 70.41 -36.99
CA PRO DA 15 -51.67 69.98 -37.97
C PRO DA 15 -51.74 70.82 -39.23
N ALA DA 16 -50.58 71.01 -39.85
CA ALA DA 16 -50.47 71.78 -41.08
C ALA DA 16 -49.86 70.89 -42.17
N ASN DA 17 -50.53 70.81 -43.32
CA ASN DA 17 -50.05 69.96 -44.40
C ASN DA 17 -48.72 70.47 -44.94
N HIS DA 18 -47.78 69.55 -45.11
CA HIS DA 18 -46.48 69.83 -45.70
C HIS DA 18 -46.33 69.04 -46.98
N THR DA 19 -45.85 69.69 -48.03
CA THR DA 19 -45.77 69.05 -49.35
C THR DA 19 -44.35 68.56 -49.61
N PHE DA 20 -44.25 67.49 -50.40
CA PHE DA 20 -43.01 66.79 -50.71
C PHE DA 20 -42.94 66.60 -52.23
N VAL DA 21 -42.13 67.43 -52.87
CA VAL DA 21 -41.91 67.31 -54.31
C VAL DA 21 -41.03 66.08 -54.56
N PRO DA 22 -41.35 65.24 -55.54
CA PRO DA 22 -40.48 64.10 -55.84
C PRO DA 22 -39.14 64.54 -56.41
N MET DA 23 -38.10 63.81 -56.06
CA MET DA 23 -36.76 63.96 -56.64
C MET DA 23 -36.34 62.77 -57.50
N GLN DA 24 -36.78 61.58 -57.14
CA GLN DA 24 -36.16 60.40 -57.70
C GLN DA 24 -37.18 59.27 -57.71
N PRO DA 25 -37.50 58.71 -58.87
CA PRO DA 25 -38.34 57.51 -58.89
C PRO DA 25 -37.51 56.25 -58.64
N GLN DA 26 -38.19 55.24 -58.11
CA GLN DA 26 -37.56 53.97 -57.81
C GLN DA 26 -37.25 53.22 -59.10
N THR DA 27 -35.98 52.86 -59.27
CA THR DA 27 -35.52 52.12 -60.45
C THR DA 27 -34.26 51.37 -60.04
N GLY DA 28 -34.30 50.04 -60.17
CA GLY DA 28 -33.13 49.26 -59.76
C GLY DA 28 -32.93 49.33 -58.26
N ILE DA 29 -31.71 49.72 -57.86
CA ILE DA 29 -31.43 49.88 -56.44
C ILE DA 29 -31.89 51.24 -55.93
N THR DA 30 -31.91 52.24 -56.80
CA THR DA 30 -32.25 53.60 -56.39
C THR DA 30 -33.71 53.70 -55.96
N PRO DA 31 -34.01 54.16 -54.74
CA PRO DA 31 -35.39 54.17 -54.25
C PRO DA 31 -36.11 55.49 -54.50
N SER DA 32 -37.44 55.41 -54.55
CA SER DA 32 -38.23 56.61 -54.74
C SER DA 32 -38.01 57.54 -53.56
N GLN DA 33 -37.90 58.85 -53.83
CA GLN DA 33 -37.67 59.79 -52.74
C GLN DA 33 -38.22 61.18 -53.06
N TRP DA 34 -38.81 61.81 -52.04
CA TRP DA 34 -39.41 63.14 -52.08
C TRP DA 34 -38.73 64.06 -51.08
N LEU DA 35 -38.85 65.37 -51.30
CA LEU DA 35 -38.18 66.39 -50.50
C LEU DA 35 -39.17 67.45 -50.05
N ASN DA 36 -38.95 68.02 -48.85
CA ASN DA 36 -39.93 68.95 -48.27
C ASN DA 36 -39.84 70.35 -48.88
N LYS DA 37 -38.62 70.88 -49.05
CA LYS DA 37 -38.36 72.16 -49.75
C LYS DA 37 -38.81 73.40 -48.96
N GLU DA 38 -38.71 73.33 -47.64
CA GLU DA 38 -39.16 74.47 -46.84
C GLU DA 38 -38.03 75.30 -46.24
N ALA DA 39 -37.02 74.67 -45.64
CA ALA DA 39 -35.91 75.46 -45.14
C ALA DA 39 -35.15 76.10 -46.30
N ALA DA 40 -34.45 77.19 -45.99
CA ALA DA 40 -33.90 78.06 -47.03
C ALA DA 40 -32.74 77.42 -47.77
N SER DA 41 -31.85 76.73 -47.04
CA SER DA 41 -30.68 76.08 -47.60
C SER DA 41 -31.03 74.69 -48.11
N ASN DA 42 -30.23 74.21 -49.07
CA ASN DA 42 -30.46 72.89 -49.64
C ASN DA 42 -30.39 71.78 -48.60
N ILE DA 43 -29.75 72.04 -47.44
CA ILE DA 43 -29.57 71.00 -46.44
C ILE DA 43 -30.86 70.74 -45.66
N GLY DA 44 -31.61 71.80 -45.36
CA GLY DA 44 -32.74 71.69 -44.44
C GLY DA 44 -33.92 70.94 -45.02
N TYR DA 45 -33.95 70.78 -46.35
CA TYR DA 45 -35.01 70.02 -47.02
C TYR DA 45 -35.18 68.67 -46.34
N ARG DA 46 -36.42 68.36 -45.95
CA ARG DA 46 -36.71 67.09 -45.31
C ARG DA 46 -36.93 66.02 -46.38
N LYS DA 47 -36.56 64.78 -46.07
CA LYS DA 47 -36.52 63.76 -47.11
C LYS DA 47 -37.31 62.52 -46.71
N VAL DA 48 -38.14 62.04 -47.63
CA VAL DA 48 -38.88 60.79 -47.46
C VAL DA 48 -38.44 59.86 -48.57
N SER DA 49 -38.14 58.60 -48.22
CA SER DA 49 -37.75 57.68 -49.29
C SER DA 49 -38.28 56.28 -48.99
N MET DA 50 -38.54 55.53 -50.07
CA MET DA 50 -39.17 54.23 -50.00
C MET DA 50 -38.63 53.36 -51.13
N PHE DA 51 -38.52 52.06 -50.84
CA PHE DA 51 -38.10 51.06 -51.82
C PHE DA 51 -38.93 49.79 -51.66
N VAL DA 52 -39.53 49.35 -52.76
CA VAL DA 52 -40.40 48.17 -52.78
C VAL DA 52 -39.63 47.07 -53.52
N LYS DA 53 -39.13 46.08 -52.78
CA LYS DA 53 -38.47 44.92 -53.38
C LYS DA 53 -39.48 43.78 -53.45
N TYR DA 54 -39.99 43.52 -54.64
CA TYR DA 54 -40.91 42.41 -54.87
C TYR DA 54 -40.08 41.16 -55.18
N VAL DA 55 -40.14 40.18 -54.29
CA VAL DA 55 -39.48 38.90 -54.49
C VAL DA 55 -40.55 37.88 -54.86
N SER DA 56 -40.53 37.42 -56.12
CA SER DA 56 -41.63 36.62 -56.64
C SER DA 56 -41.79 35.30 -55.89
N ASN DA 57 -40.70 34.77 -55.34
CA ASN DA 57 -40.75 33.56 -54.50
C ASN DA 57 -39.83 33.79 -53.29
N GLY DA 58 -40.40 34.36 -52.24
CA GLY DA 58 -39.63 34.65 -51.05
C GLY DA 58 -40.25 35.81 -50.28
N THR DA 59 -39.46 36.39 -49.40
CA THR DA 59 -39.91 37.46 -48.52
C THR DA 59 -39.70 38.80 -49.21
N SER DA 60 -40.79 39.41 -49.68
CA SER DA 60 -40.73 40.74 -50.26
C SER DA 60 -40.64 41.78 -49.16
N LYS DA 61 -40.08 42.95 -49.49
CA LYS DA 61 -39.70 43.92 -48.47
C LYS DA 61 -39.96 45.35 -48.93
N VAL DA 62 -40.78 46.08 -48.17
CA VAL DA 62 -41.00 47.51 -48.37
C VAL DA 62 -40.23 48.25 -47.30
N THR DA 63 -39.36 49.19 -47.70
CA THR DA 63 -38.51 49.91 -46.76
C THR DA 63 -38.76 51.41 -46.88
N ILE DA 64 -38.90 52.09 -45.75
CA ILE DA 64 -39.28 53.50 -45.71
C ILE DA 64 -38.43 54.23 -44.67
N ARG DA 65 -38.02 55.46 -45.00
CA ARG DA 65 -37.29 56.30 -44.05
C ARG DA 65 -37.65 57.77 -44.23
N ILE DA 66 -37.84 58.45 -43.11
CA ILE DA 66 -38.23 59.85 -43.03
C ILE DA 66 -37.17 60.59 -42.23
N ALA DA 67 -36.62 61.66 -42.81
CA ALA DA 67 -35.54 62.42 -42.21
C ALA DA 67 -35.97 63.88 -42.08
N ASP DA 68 -36.07 64.35 -40.83
CA ASP DA 68 -36.49 65.68 -40.43
C ASP DA 68 -35.27 66.39 -39.86
N PRO DA 69 -34.50 67.09 -40.69
CA PRO DA 69 -33.34 67.82 -40.18
C PRO DA 69 -33.71 69.22 -39.73
N VAL DA 70 -32.94 69.74 -38.77
CA VAL DA 70 -33.10 71.11 -38.28
C VAL DA 70 -31.76 71.82 -38.36
N LEU DA 71 -31.75 72.96 -39.04
CA LEU DA 71 -30.52 73.72 -39.21
C LEU DA 71 -30.08 74.34 -37.90
N ALA DA 72 -28.76 74.41 -37.69
CA ALA DA 72 -28.21 74.98 -36.47
C ALA DA 72 -28.16 76.50 -36.58
N SER DA 73 -28.47 77.17 -35.47
CA SER DA 73 -28.27 78.60 -35.32
C SER DA 73 -27.10 78.78 -34.38
N VAL DA 74 -25.96 79.23 -34.91
CA VAL DA 74 -24.73 79.33 -34.13
C VAL DA 74 -24.80 80.58 -33.26
N PRO DA 75 -24.06 80.62 -32.15
CA PRO DA 75 -23.94 81.86 -31.39
C PRO DA 75 -22.82 82.71 -31.95
N ALA DA 76 -22.70 83.92 -31.44
CA ALA DA 76 -21.70 84.85 -31.94
C ALA DA 76 -20.29 84.32 -31.73
N GLY DA 77 -20.10 83.47 -30.72
CA GLY DA 77 -18.74 83.14 -30.27
C GLY DA 77 -17.93 82.34 -31.27
N CYS DA 78 -18.54 81.33 -31.89
CA CYS DA 78 -17.77 80.44 -32.74
C CYS DA 78 -17.45 81.04 -34.11
N CYS DA 79 -18.22 82.04 -34.53
CA CYS DA 79 -17.89 82.87 -35.70
C CYS DA 79 -17.85 82.08 -37.00
N VAL DA 80 -18.63 81.00 -37.11
CA VAL DA 80 -18.91 80.46 -38.43
C VAL DA 80 -19.76 81.48 -39.18
N ASP DA 81 -19.40 81.75 -40.43
CA ASP DA 81 -20.09 82.77 -41.20
C ASP DA 81 -21.59 82.49 -41.25
N THR DA 82 -22.38 83.56 -41.10
CA THR DA 82 -23.83 83.44 -41.21
C THR DA 82 -24.25 82.70 -42.47
N ASN DA 83 -23.43 82.78 -43.52
CA ASN DA 83 -23.86 82.32 -44.83
C ASN DA 83 -23.72 80.81 -45.02
N THR DA 84 -22.79 80.16 -44.29
CA THR DA 84 -22.61 78.72 -44.42
C THR DA 84 -23.39 77.99 -43.35
N PRO DA 85 -24.56 77.43 -43.65
CA PRO DA 85 -25.33 76.73 -42.63
C PRO DA 85 -24.83 75.31 -42.44
N GLN DA 86 -25.07 74.79 -41.24
CA GLN DA 86 -24.77 73.40 -40.93
C GLN DA 86 -26.01 72.78 -40.28
N VAL DA 87 -26.18 71.48 -40.48
CA VAL DA 87 -27.30 70.77 -39.89
C VAL DA 87 -26.96 70.43 -38.45
N ALA DA 88 -27.83 70.83 -37.52
CA ALA DA 88 -27.56 70.61 -36.10
C ALA DA 88 -27.83 69.17 -35.72
N TYR DA 89 -28.97 68.65 -36.13
CA TYR DA 89 -29.44 67.31 -35.78
C TYR DA 89 -30.61 67.01 -36.68
N SER DA 90 -31.02 65.74 -36.72
CA SER DA 90 -32.16 65.33 -37.52
C SER DA 90 -32.82 64.11 -36.88
N THR DA 91 -34.14 64.15 -36.82
CA THR DA 91 -34.91 63.00 -36.35
C THR DA 91 -35.13 62.04 -37.52
N PHE DA 92 -35.13 60.74 -37.21
CA PHE DA 92 -35.22 59.70 -38.24
C PHE DA 92 -36.29 58.69 -37.91
N PHE DA 93 -37.05 58.26 -38.92
CA PHE DA 93 -37.99 57.15 -38.79
C PHE DA 93 -37.72 56.14 -39.89
N GLU DA 94 -37.45 54.89 -39.52
CA GLU DA 94 -37.13 53.86 -40.52
C GLU DA 94 -37.92 52.60 -40.23
N CYS DA 95 -38.76 52.18 -41.19
CA CYS DA 95 -39.57 50.98 -41.04
C CYS DA 95 -39.38 50.05 -42.22
N THR DA 96 -39.68 48.77 -41.99
CA THR DA 96 -39.59 47.72 -43.00
C THR DA 96 -40.76 46.76 -42.82
N PHE DA 97 -41.55 46.60 -43.88
CA PHE DA 97 -42.57 45.57 -43.97
C PHE DA 97 -41.98 44.35 -44.67
N SER DA 98 -42.14 43.18 -44.07
CA SER DA 98 -41.74 41.89 -44.64
C SER DA 98 -43.00 41.09 -44.94
N VAL DA 99 -43.22 40.81 -46.22
CA VAL DA 99 -44.39 40.09 -46.72
C VAL DA 99 -43.94 38.79 -47.37
N PRO DA 100 -44.21 37.64 -46.78
CA PRO DA 100 -43.74 36.38 -47.36
C PRO DA 100 -44.50 36.02 -48.63
N TYR DA 101 -44.03 34.96 -49.29
CA TYR DA 101 -44.59 34.59 -50.58
C TYR DA 101 -46.09 34.31 -50.47
N GLY DA 102 -46.50 33.53 -49.49
CA GLY DA 102 -47.85 33.01 -49.42
C GLY DA 102 -48.86 33.94 -48.81
N ALA DA 103 -48.49 35.20 -48.57
CA ALA DA 103 -49.32 36.09 -47.78
C ALA DA 103 -50.61 36.43 -48.51
N THR DA 104 -51.71 36.38 -47.79
CA THR DA 104 -52.98 36.79 -48.36
C THR DA 104 -53.00 38.30 -48.57
N LEU DA 105 -53.75 38.72 -49.59
CA LEU DA 105 -53.97 40.15 -49.77
C LEU DA 105 -54.64 40.74 -48.53
N GLN DA 106 -55.55 39.99 -47.93
CA GLN DA 106 -56.13 40.43 -46.67
C GLN DA 106 -55.06 40.55 -45.57
N ASN DA 107 -54.06 39.66 -45.59
CA ASN DA 107 -52.95 39.75 -44.63
C ASN DA 107 -52.13 41.02 -44.81
N LYS DA 108 -51.86 41.37 -46.07
CA LYS DA 108 -51.15 42.62 -46.35
C LYS DA 108 -51.92 43.82 -45.83
N LYS DA 109 -53.23 43.89 -46.15
CA LYS DA 109 -54.10 44.91 -45.57
C LYS DA 109 -53.99 44.92 -44.05
N ASP DA 110 -54.10 43.73 -43.44
CA ASP DA 110 -54.06 43.61 -41.99
C ASP DA 110 -52.82 44.27 -41.42
N ILE DA 111 -51.64 43.88 -41.91
CA ILE DA 111 -50.42 44.35 -41.25
C ILE DA 111 -50.21 45.83 -41.48
N LEU DA 112 -50.56 46.34 -42.67
CA LEU DA 112 -50.47 47.78 -42.86
C LEU DA 112 -51.35 48.52 -41.85
N ALA DA 113 -52.57 48.00 -41.63
CA ALA DA 113 -53.47 48.65 -40.68
C ALA DA 113 -52.95 48.56 -39.25
N TYR DA 114 -52.37 47.41 -38.88
CA TYR DA 114 -51.82 47.27 -37.54
C TYR DA 114 -50.70 48.26 -37.30
N ALA DA 115 -49.84 48.45 -38.31
CA ALA DA 115 -48.76 49.41 -38.20
C ALA DA 115 -49.30 50.83 -38.03
N ARG DA 116 -50.25 51.22 -38.88
CA ARG DA 116 -50.78 52.58 -38.81
C ARG DA 116 -51.46 52.83 -37.47
N ASN DA 117 -52.33 51.90 -37.05
CA ASN DA 117 -53.03 52.08 -35.79
C ASN DA 117 -52.06 52.07 -34.61
N LEU DA 118 -51.01 51.25 -34.67
CA LEU DA 118 -50.07 51.19 -33.57
C LEU DA 118 -49.27 52.48 -33.45
N LEU DA 119 -48.90 53.09 -34.57
CA LEU DA 119 -48.33 54.44 -34.50
C LEU DA 119 -49.36 55.45 -34.01
N GLY DA 120 -50.64 55.15 -34.17
CA GLY DA 120 -51.66 55.97 -33.55
C GLY DA 120 -51.79 55.79 -32.04
N THR DA 121 -51.39 54.64 -31.52
CA THR DA 121 -51.72 54.27 -30.14
C THR DA 121 -51.13 55.23 -29.11
N GLN DA 122 -51.82 55.33 -27.97
CA GLN DA 122 -51.38 56.20 -26.89
C GLN DA 122 -50.05 55.74 -26.32
N VAL DA 123 -49.82 54.42 -26.26
CA VAL DA 123 -48.57 53.92 -25.70
C VAL DA 123 -47.40 54.36 -26.56
N VAL DA 124 -47.53 54.27 -27.88
CA VAL DA 124 -46.43 54.64 -28.77
C VAL DA 124 -46.23 56.15 -28.77
N THR DA 125 -47.32 56.92 -28.84
CA THR DA 125 -47.17 58.38 -28.78
C THR DA 125 -46.44 58.78 -27.50
N ASP DA 126 -46.87 58.22 -26.36
CA ASP DA 126 -46.23 58.42 -25.08
C ASP DA 126 -44.74 58.09 -25.15
N ALA DA 127 -44.41 56.90 -25.67
CA ALA DA 127 -43.04 56.41 -25.64
C ALA DA 127 -42.12 57.27 -26.51
N VAL DA 128 -42.56 57.59 -27.73
CA VAL DA 128 -41.72 58.34 -28.65
C VAL DA 128 -41.54 59.79 -28.21
N VAL DA 129 -42.58 60.40 -27.64
CA VAL DA 129 -42.46 61.82 -27.32
C VAL DA 129 -41.81 62.04 -25.96
N ASP DA 130 -42.20 61.28 -24.93
CA ASP DA 130 -41.68 61.50 -23.59
C ASP DA 130 -40.60 60.51 -23.18
N MET DA 131 -40.18 59.61 -24.08
CA MET DA 131 -39.14 58.62 -23.79
C MET DA 131 -39.51 57.78 -22.57
N THR DA 132 -40.80 57.52 -22.42
CA THR DA 132 -41.31 56.73 -21.31
C THR DA 132 -41.67 55.34 -21.81
N PRO DA 133 -41.05 54.29 -21.27
CA PRO DA 133 -41.36 52.93 -21.76
C PRO DA 133 -42.74 52.46 -21.35
N ALA DA 134 -43.09 51.24 -21.73
CA ALA DA 134 -44.30 50.59 -21.24
C ALA DA 134 -43.87 49.61 -20.15
N TRP DA 135 -43.81 50.10 -18.92
CA TRP DA 135 -43.29 49.33 -17.78
C TRP DA 135 -44.36 48.45 -17.14
N ALA EA 1 -57.03 5.41 3.82
CA ALA EA 1 -57.42 5.40 2.42
C ALA EA 1 -56.78 4.25 1.66
N GLN EA 2 -57.40 3.08 1.65
CA GLN EA 2 -57.03 2.07 0.67
C GLN EA 2 -57.20 2.65 -0.73
N ILE EA 3 -56.38 2.17 -1.66
CA ILE EA 3 -56.47 2.69 -3.01
C ILE EA 3 -57.78 2.25 -3.64
N ALA EA 4 -58.40 3.14 -4.39
CA ALA EA 4 -59.68 2.87 -5.04
C ALA EA 4 -59.84 3.85 -6.18
N ASN EA 5 -60.93 3.68 -6.94
CA ASN EA 5 -61.19 4.47 -8.13
C ASN EA 5 -61.13 5.97 -7.85
N LEU EA 6 -60.91 6.77 -8.89
CA LEU EA 6 -60.82 8.22 -8.75
C LEU EA 6 -61.68 8.86 -9.82
N ILE EA 7 -62.46 9.88 -9.47
CA ILE EA 7 -63.39 10.49 -10.42
C ILE EA 7 -63.12 11.98 -10.50
N LEU EA 8 -62.67 12.44 -11.66
CA LEU EA 8 -62.28 13.83 -11.89
C LEU EA 8 -63.08 14.40 -13.05
N ALA EA 9 -63.57 15.63 -12.89
CA ALA EA 9 -64.43 16.24 -13.89
C ALA EA 9 -63.60 17.17 -14.78
N ASP EA 10 -63.70 16.98 -16.09
CA ASP EA 10 -63.02 17.86 -17.03
C ASP EA 10 -63.69 19.23 -17.08
N GLY EA 11 -63.00 20.18 -17.71
CA GLY EA 11 -63.56 21.50 -17.85
C GLY EA 11 -64.24 21.68 -19.18
N GLN EA 12 -65.57 21.74 -19.17
CA GLN EA 12 -66.34 21.99 -20.37
C GLN EA 12 -67.46 22.96 -20.01
N ALA EA 13 -68.28 23.27 -21.02
CA ALA EA 13 -69.54 23.96 -20.73
C ALA EA 13 -70.29 23.21 -19.64
N THR EA 14 -70.53 21.92 -19.85
CA THR EA 14 -71.00 21.04 -18.81
C THR EA 14 -69.90 20.02 -18.57
N PRO EA 15 -69.27 20.02 -17.40
CA PRO EA 15 -68.21 19.04 -17.14
C PRO EA 15 -68.74 17.62 -17.22
N ALA EA 16 -67.93 16.74 -17.79
CA ALA EA 16 -68.23 15.32 -17.85
C ALA EA 16 -67.23 14.54 -17.00
N ASN EA 17 -67.74 13.69 -16.10
CA ASN EA 17 -66.88 12.97 -15.18
C ASN EA 17 -66.06 11.91 -15.90
N HIS EA 18 -64.77 11.81 -15.52
CA HIS EA 18 -63.86 10.81 -16.04
C HIS EA 18 -63.34 9.97 -14.88
N THR EA 19 -63.24 8.67 -15.11
CA THR EA 19 -62.90 7.73 -14.06
C THR EA 19 -61.49 7.19 -14.25
N PHE EA 20 -60.83 6.90 -13.14
CA PHE EA 20 -59.43 6.51 -13.07
C PHE EA 20 -59.33 5.22 -12.26
N VAL EA 21 -59.03 4.13 -12.96
CA VAL EA 21 -58.82 2.83 -12.30
C VAL EA 21 -57.46 2.82 -11.63
N PRO EA 22 -57.34 2.30 -10.41
CA PRO EA 22 -56.02 2.20 -9.78
C PRO EA 22 -55.20 1.08 -10.40
N MET EA 23 -53.89 1.32 -10.54
CA MET EA 23 -52.97 0.35 -11.11
C MET EA 23 -51.88 -0.08 -10.14
N GLN EA 24 -51.29 0.85 -9.40
CA GLN EA 24 -50.28 0.50 -8.41
C GLN EA 24 -50.43 1.37 -7.18
N PRO EA 25 -50.39 0.80 -5.99
CA PRO EA 25 -50.48 1.59 -4.76
C PRO EA 25 -49.10 2.04 -4.26
N GLN EA 26 -49.14 2.83 -3.20
CA GLN EA 26 -47.96 3.43 -2.62
C GLN EA 26 -47.32 2.46 -1.63
N THR EA 27 -46.20 1.86 -2.01
CA THR EA 27 -45.37 1.08 -1.11
C THR EA 27 -43.92 1.44 -1.38
N GLY EA 28 -43.23 1.92 -0.35
CA GLY EA 28 -41.83 2.27 -0.53
C GLY EA 28 -41.67 3.50 -1.40
N ILE EA 29 -40.80 3.39 -2.42
CA ILE EA 29 -40.56 4.50 -3.32
C ILE EA 29 -41.70 4.64 -4.33
N THR EA 30 -42.33 3.54 -4.71
CA THR EA 30 -43.32 3.59 -5.78
C THR EA 30 -44.58 4.32 -5.31
N PRO EA 31 -45.10 5.27 -6.09
CA PRO EA 31 -46.28 6.04 -5.67
C PRO EA 31 -47.59 5.45 -6.17
N SER EA 32 -48.66 5.75 -5.43
CA SER EA 32 -49.98 5.33 -5.86
C SER EA 32 -50.32 6.02 -7.17
N GLN EA 33 -51.01 5.31 -8.07
CA GLN EA 33 -51.24 5.85 -9.41
C GLN EA 33 -52.44 5.20 -10.08
N TRP EA 34 -53.22 6.05 -10.79
CA TRP EA 34 -54.45 5.70 -11.47
C TRP EA 34 -54.35 6.04 -12.95
N LEU EA 35 -55.12 5.32 -13.77
CA LEU EA 35 -55.12 5.45 -15.23
C LEU EA 35 -56.54 5.71 -15.72
N ASN EA 36 -56.69 6.54 -16.75
CA ASN EA 36 -58.03 6.91 -17.23
C ASN EA 36 -58.63 5.83 -18.11
N LYS EA 37 -57.84 5.27 -19.03
CA LYS EA 37 -58.26 4.14 -19.87
C LYS EA 37 -59.35 4.51 -20.87
N GLU EA 38 -59.34 5.77 -21.33
CA GLU EA 38 -60.33 6.25 -22.29
C GLU EA 38 -59.81 6.35 -23.72
N ALA EA 39 -58.53 6.62 -23.92
CA ALA EA 39 -58.04 6.88 -25.26
C ALA EA 39 -57.97 5.61 -26.10
N ALA EA 40 -57.73 5.79 -27.39
CA ALA EA 40 -57.74 4.66 -28.34
C ALA EA 40 -56.58 3.69 -28.10
N SER EA 41 -55.37 4.22 -27.90
CA SER EA 41 -54.18 3.42 -27.70
C SER EA 41 -53.80 3.38 -26.22
N ASN EA 42 -52.94 2.42 -25.87
CA ASN EA 42 -52.54 2.30 -24.48
C ASN EA 42 -51.71 3.49 -23.99
N ILE EA 43 -51.17 4.29 -24.90
CA ILE EA 43 -50.33 5.41 -24.49
C ILE EA 43 -51.13 6.68 -24.21
N GLY EA 44 -52.33 6.80 -24.77
CA GLY EA 44 -53.17 7.97 -24.56
C GLY EA 44 -53.85 8.03 -23.22
N TYR EA 45 -53.76 6.94 -22.44
CA TYR EA 45 -54.42 6.87 -21.15
C TYR EA 45 -53.92 7.98 -20.25
N ARG EA 46 -54.85 8.72 -19.65
CA ARG EA 46 -54.48 9.81 -18.75
C ARG EA 46 -54.15 9.27 -17.38
N LYS EA 47 -53.12 9.81 -16.74
CA LYS EA 47 -52.66 9.19 -15.50
C LYS EA 47 -52.53 10.22 -14.39
N VAL EA 48 -52.74 9.74 -13.17
CA VAL EA 48 -52.61 10.53 -11.96
C VAL EA 48 -51.73 9.74 -11.01
N SER EA 49 -50.87 10.43 -10.27
CA SER EA 49 -50.09 9.70 -9.28
C SER EA 49 -49.81 10.61 -8.09
N MET EA 50 -49.61 9.99 -6.94
CA MET EA 50 -49.49 10.67 -5.66
C MET EA 50 -48.58 9.87 -4.73
N PHE EA 51 -47.80 10.59 -3.91
CA PHE EA 51 -46.91 9.99 -2.92
C PHE EA 51 -46.88 10.84 -1.66
N VAL EA 52 -47.04 10.20 -0.50
CA VAL EA 52 -47.15 10.88 0.79
C VAL EA 52 -45.97 10.42 1.65
N LYS EA 53 -44.85 11.16 1.56
CA LYS EA 53 -43.66 10.85 2.36
C LYS EA 53 -43.83 11.45 3.75
N TYR EA 54 -44.05 10.60 4.75
CA TYR EA 54 -44.19 11.02 6.14
C TYR EA 54 -42.82 10.98 6.81
N VAL EA 55 -42.32 12.14 7.21
CA VAL EA 55 -41.03 12.29 7.86
C VAL EA 55 -41.28 12.69 9.31
N SER EA 56 -41.05 11.75 10.24
CA SER EA 56 -41.49 11.95 11.62
C SER EA 56 -40.75 13.11 12.28
N ASN EA 57 -39.44 13.24 12.05
CA ASN EA 57 -38.71 14.43 12.49
C ASN EA 57 -38.07 15.07 11.25
N GLY EA 58 -38.87 15.88 10.57
CA GLY EA 58 -38.42 16.51 9.36
C GLY EA 58 -39.60 16.95 8.52
N THR EA 59 -39.31 17.24 7.26
CA THR EA 59 -40.24 17.92 6.37
C THR EA 59 -40.98 16.88 5.53
N SER EA 60 -42.19 16.55 5.95
CA SER EA 60 -43.03 15.63 5.19
C SER EA 60 -43.46 16.28 3.88
N LYS EA 61 -43.76 15.44 2.88
CA LYS EA 61 -44.03 15.93 1.53
C LYS EA 61 -45.11 15.11 0.84
N VAL EA 62 -46.09 15.79 0.26
CA VAL EA 62 -47.12 15.16 -0.58
C VAL EA 62 -46.93 15.63 -2.01
N THR EA 63 -46.67 14.69 -2.92
CA THR EA 63 -46.39 15.01 -4.31
C THR EA 63 -47.46 14.43 -5.21
N ILE EA 64 -47.99 15.24 -6.12
CA ILE EA 64 -49.08 14.87 -7.01
C ILE EA 64 -48.73 15.30 -8.43
N ARG EA 65 -49.01 14.42 -9.40
CA ARG EA 65 -48.81 14.78 -10.80
C ARG EA 65 -49.91 14.18 -11.68
N ILE EA 66 -50.40 15.00 -12.61
CA ILE EA 66 -51.53 14.70 -13.49
C ILE EA 66 -51.07 14.88 -14.93
N ALA EA 67 -51.26 13.85 -15.76
CA ALA EA 67 -50.80 13.86 -17.14
C ALA EA 67 -51.98 13.59 -18.08
N ASP EA 68 -52.26 14.55 -18.96
CA ASP EA 68 -53.34 14.49 -19.94
C ASP EA 68 -52.73 14.51 -21.33
N PRO EA 69 -52.53 13.36 -21.96
CA PRO EA 69 -51.95 13.34 -23.30
C PRO EA 69 -53.00 13.37 -24.40
N VAL EA 70 -52.59 13.88 -25.56
CA VAL EA 70 -53.41 13.90 -26.77
C VAL EA 70 -52.65 13.18 -27.87
N LEU EA 71 -53.23 12.10 -28.38
CA LEU EA 71 -52.54 11.28 -29.37
C LEU EA 71 -52.53 11.96 -30.73
N ALA EA 72 -51.69 11.46 -31.62
CA ALA EA 72 -51.50 12.04 -32.95
C ALA EA 72 -52.43 11.33 -33.94
N SER EA 73 -53.46 12.04 -34.41
CA SER EA 73 -54.42 11.48 -35.36
C SER EA 73 -54.03 11.89 -36.77
N VAL EA 74 -53.86 10.89 -37.63
CA VAL EA 74 -53.42 11.10 -39.02
C VAL EA 74 -54.61 10.83 -39.94
N PRO EA 75 -54.63 11.41 -41.15
CA PRO EA 75 -55.74 11.14 -42.08
C PRO EA 75 -55.93 9.65 -42.31
N ALA EA 76 -57.20 9.26 -42.48
CA ALA EA 76 -57.56 7.84 -42.46
C ALA EA 76 -56.89 7.08 -43.60
N GLY EA 77 -56.93 7.63 -44.82
CA GLY EA 77 -56.31 6.96 -45.94
C GLY EA 77 -54.81 6.79 -45.78
N CYS EA 78 -54.17 7.62 -44.96
CA CYS EA 78 -52.73 7.55 -44.81
C CYS EA 78 -52.33 6.29 -44.06
N CYS EA 79 -51.05 5.92 -44.19
CA CYS EA 79 -50.54 4.67 -43.64
C CYS EA 79 -49.45 4.96 -42.61
N VAL EA 80 -49.84 4.91 -41.33
CA VAL EA 80 -48.89 4.77 -40.23
C VAL EA 80 -49.37 3.61 -39.40
N ASP EA 81 -48.47 2.68 -39.09
CA ASP EA 81 -48.86 1.46 -38.41
C ASP EA 81 -49.59 1.78 -37.12
N THR EA 82 -50.83 1.30 -37.01
CA THR EA 82 -51.63 1.55 -35.81
C THR EA 82 -51.02 0.89 -34.58
N ASN EA 83 -50.16 -0.12 -34.79
CA ASN EA 83 -49.47 -0.72 -33.66
C ASN EA 83 -48.42 0.21 -33.07
N THR EA 84 -47.97 1.22 -33.82
CA THR EA 84 -46.98 2.18 -33.34
C THR EA 84 -47.56 3.58 -33.39
N PRO EA 85 -48.39 3.98 -32.38
CA PRO EA 85 -48.85 5.37 -32.30
C PRO EA 85 -47.93 6.21 -31.43
N GLN EA 86 -48.02 7.52 -31.58
CA GLN EA 86 -47.22 8.44 -30.77
C GLN EA 86 -48.15 9.42 -30.10
N VAL EA 87 -47.63 10.04 -29.05
CA VAL EA 87 -48.28 11.14 -28.37
C VAL EA 87 -47.81 12.43 -29.00
N ALA EA 88 -48.75 13.22 -29.52
CA ALA EA 88 -48.41 14.52 -30.11
C ALA EA 88 -47.89 15.49 -29.04
N TYR EA 89 -48.61 15.59 -27.93
CA TYR EA 89 -48.25 16.49 -26.84
C TYR EA 89 -49.11 16.09 -25.64
N SER EA 90 -48.69 16.54 -24.46
CA SER EA 90 -49.43 16.22 -23.23
C SER EA 90 -49.27 17.34 -22.22
N THR EA 91 -50.38 17.71 -21.60
CA THR EA 91 -50.36 18.71 -20.55
C THR EA 91 -50.04 18.03 -19.21
N PHE EA 92 -49.38 18.78 -18.32
CA PHE EA 92 -48.93 18.24 -17.05
C PHE EA 92 -49.22 19.20 -15.90
N PHE EA 93 -49.56 18.64 -14.74
CA PHE EA 93 -49.69 19.40 -13.51
C PHE EA 93 -48.94 18.71 -12.38
N GLU EA 94 -47.99 19.41 -11.76
CA GLU EA 94 -47.19 18.81 -10.69
C GLU EA 94 -47.15 19.73 -9.48
N CYS EA 95 -47.60 19.23 -8.33
CA CYS EA 95 -47.59 20.01 -7.09
C CYS EA 95 -46.98 19.21 -5.95
N THR EA 96 -46.37 19.93 -5.00
CA THR EA 96 -45.75 19.35 -3.82
C THR EA 96 -46.10 20.20 -2.61
N PHE EA 97 -46.76 19.58 -1.64
CA PHE EA 97 -46.97 20.14 -0.31
C PHE EA 97 -45.79 19.76 0.56
N SER EA 98 -45.25 20.73 1.30
CA SER EA 98 -44.14 20.52 2.24
C SER EA 98 -44.59 20.98 3.61
N VAL EA 99 -44.78 20.02 4.51
CA VAL EA 99 -45.33 20.25 5.85
C VAL EA 99 -44.25 19.93 6.87
N PRO EA 100 -43.87 20.86 7.74
CA PRO EA 100 -42.84 20.58 8.73
C PRO EA 100 -43.31 19.55 9.75
N TYR EA 101 -42.33 18.92 10.39
CA TYR EA 101 -42.62 18.22 11.63
C TYR EA 101 -43.23 19.19 12.63
N GLY EA 102 -44.04 18.66 13.53
CA GLY EA 102 -44.63 19.51 14.54
C GLY EA 102 -45.60 20.55 14.04
N ALA EA 103 -46.11 20.40 12.81
CA ALA EA 103 -47.13 21.32 12.31
C ALA EA 103 -48.51 20.87 12.80
N THR EA 104 -49.30 21.82 13.29
CA THR EA 104 -50.63 21.52 13.79
C THR EA 104 -51.52 21.02 12.67
N LEU EA 105 -52.43 20.12 13.02
CA LEU EA 105 -53.49 19.74 12.09
C LEU EA 105 -54.18 20.97 11.52
N GLN EA 106 -54.25 22.05 12.31
CA GLN EA 106 -54.81 23.30 11.80
C GLN EA 106 -53.91 23.92 10.74
N ASN EA 107 -52.59 23.85 10.92
CA ASN EA 107 -51.67 24.36 9.90
C ASN EA 107 -51.82 23.58 8.59
N LYS EA 108 -52.02 22.26 8.70
CA LYS EA 108 -52.19 21.45 7.49
C LYS EA 108 -53.49 21.80 6.77
N LYS EA 109 -54.59 21.87 7.51
CA LYS EA 109 -55.85 22.36 6.95
C LYS EA 109 -55.65 23.71 6.27
N ASP EA 110 -54.95 24.62 6.95
CA ASP EA 110 -54.71 25.95 6.42
C ASP EA 110 -54.07 25.91 5.05
N ILE EA 111 -52.93 25.22 4.93
CA ILE EA 111 -52.21 25.30 3.67
C ILE EA 111 -52.97 24.57 2.56
N LEU EA 112 -53.62 23.45 2.89
CA LEU EA 112 -54.46 22.80 1.88
C LEU EA 112 -55.49 23.78 1.33
N ALA EA 113 -56.16 24.50 2.24
CA ALA EA 113 -57.19 25.44 1.81
C ALA EA 113 -56.61 26.59 1.01
N TYR EA 114 -55.45 27.12 1.41
CA TYR EA 114 -54.84 28.20 0.65
C TYR EA 114 -54.54 27.76 -0.78
N ALA EA 115 -53.99 26.55 -0.93
CA ALA EA 115 -53.68 26.03 -2.26
C ALA EA 115 -54.94 25.88 -3.09
N ARG EA 116 -55.98 25.28 -2.53
CA ARG EA 116 -57.18 25.03 -3.31
C ARG EA 116 -57.86 26.35 -3.70
N ASN EA 117 -57.96 27.29 -2.75
CA ASN EA 117 -58.57 28.58 -3.05
C ASN EA 117 -57.77 29.35 -4.09
N LEU EA 118 -56.44 29.26 -4.02
CA LEU EA 118 -55.62 29.97 -5.00
C LEU EA 118 -55.80 29.41 -6.40
N LEU EA 119 -55.78 28.08 -6.53
CA LEU EA 119 -56.03 27.50 -7.84
C LEU EA 119 -57.45 27.79 -8.32
N GLY EA 120 -58.37 28.02 -7.40
CA GLY EA 120 -59.68 28.48 -7.79
C GLY EA 120 -59.81 29.96 -8.07
N THR EA 121 -58.73 30.75 -7.94
CA THR EA 121 -58.85 32.19 -8.13
C THR EA 121 -58.93 32.57 -9.59
N GLN EA 122 -59.56 33.71 -9.86
CA GLN EA 122 -59.72 34.16 -11.23
C GLN EA 122 -58.39 34.46 -11.87
N VAL EA 123 -57.42 34.98 -11.12
CA VAL EA 123 -56.13 35.27 -11.72
C VAL EA 123 -55.42 33.99 -12.13
N VAL EA 124 -55.56 32.93 -11.32
CA VAL EA 124 -54.90 31.65 -11.65
C VAL EA 124 -55.57 30.98 -12.85
N THR EA 125 -56.91 30.92 -12.85
CA THR EA 125 -57.60 30.34 -14.00
C THR EA 125 -57.30 31.14 -15.27
N ASP EA 126 -57.28 32.47 -15.15
CA ASP EA 126 -56.90 33.33 -16.26
C ASP EA 126 -55.51 32.98 -16.78
N ALA EA 127 -54.53 32.87 -15.87
CA ALA EA 127 -53.15 32.63 -16.29
C ALA EA 127 -53.01 31.28 -17.00
N VAL EA 128 -53.58 30.22 -16.41
CA VAL EA 128 -53.39 28.89 -16.98
C VAL EA 128 -54.13 28.73 -18.30
N VAL EA 129 -55.32 29.31 -18.43
CA VAL EA 129 -56.11 29.08 -19.65
C VAL EA 129 -55.71 30.06 -20.75
N ASP EA 130 -55.74 31.37 -20.47
CA ASP EA 130 -55.48 32.35 -21.50
C ASP EA 130 -54.00 32.71 -21.63
N MET EA 131 -53.13 32.17 -20.77
CA MET EA 131 -51.71 32.54 -20.73
C MET EA 131 -51.55 34.01 -20.33
N THR EA 132 -52.35 34.46 -19.37
CA THR EA 132 -52.37 35.86 -19.01
C THR EA 132 -51.74 36.06 -17.64
N PRO EA 133 -50.69 36.88 -17.55
CA PRO EA 133 -49.98 37.06 -16.27
C PRO EA 133 -50.60 38.13 -15.38
N ALA EA 134 -49.99 38.34 -14.22
CA ALA EA 134 -50.37 39.44 -13.34
C ALA EA 134 -49.38 40.59 -13.53
N TRP EA 135 -49.75 41.58 -14.32
CA TRP EA 135 -48.83 42.66 -14.71
C TRP EA 135 -48.96 43.92 -13.88
N ALA FA 1 -54.40 -11.93 7.34
CA ALA FA 1 -54.58 -10.60 7.90
C ALA FA 1 -54.33 -9.53 6.87
N GLN FA 2 -55.37 -9.07 6.17
CA GLN FA 2 -55.22 -7.83 5.42
C GLN FA 2 -54.92 -6.71 6.40
N ILE FA 3 -54.06 -5.78 6.00
CA ILE FA 3 -53.70 -4.71 6.92
C ILE FA 3 -54.95 -3.93 7.28
N ALA FA 4 -55.07 -3.62 8.56
CA ALA FA 4 -56.23 -2.89 9.05
C ALA FA 4 -55.82 -2.20 10.34
N ASN FA 5 -56.73 -1.38 10.85
CA ASN FA 5 -56.48 -0.60 12.06
C ASN FA 5 -55.98 -1.52 13.18
N LEU FA 6 -55.20 -0.94 14.09
CA LEU FA 6 -54.59 -1.69 15.17
C LEU FA 6 -54.85 -0.97 16.49
N ILE FA 7 -55.34 -1.68 17.51
CA ILE FA 7 -55.76 -1.02 18.74
C ILE FA 7 -54.94 -1.57 19.91
N LEU FA 8 -54.15 -0.69 20.53
CA LEU FA 8 -53.25 -1.08 21.62
C LEU FA 8 -53.55 -0.22 22.85
N ALA FA 9 -53.62 -0.87 24.02
CA ALA FA 9 -53.98 -0.19 25.25
C ALA FA 9 -52.74 0.26 26.01
N ASP FA 10 -52.70 1.54 26.37
CA ASP FA 10 -51.60 2.06 27.18
C ASP FA 10 -51.68 1.57 28.62
N GLY FA 11 -50.58 1.73 29.34
CA GLY FA 11 -50.52 1.34 30.73
C GLY FA 11 -50.87 2.46 31.66
N GLN FA 12 -52.07 2.40 32.22
CA GLN FA 12 -52.53 3.35 33.21
C GLN FA 12 -53.32 2.57 34.25
N ALA FA 13 -53.80 3.30 35.26
CA ALA FA 13 -54.77 2.71 36.17
C ALA FA 13 -55.92 2.11 35.40
N THR FA 14 -56.57 2.93 34.58
CA THR FA 14 -57.55 2.45 33.63
C THR FA 14 -56.90 2.62 32.28
N PRO FA 15 -56.46 1.55 31.64
CA PRO FA 15 -55.83 1.66 30.33
C PRO FA 15 -56.79 2.26 29.31
N ALA FA 16 -56.23 3.02 28.38
CA ALA FA 16 -57.00 3.71 27.34
C ALA FA 16 -56.59 3.16 25.98
N ASN FA 17 -57.56 2.66 25.22
CA ASN FA 17 -57.27 2.14 23.89
C ASN FA 17 -56.77 3.27 22.99
N HIS FA 18 -55.69 3.01 22.26
CA HIS FA 18 -55.14 3.93 21.27
C HIS FA 18 -55.14 3.25 19.92
N THR FA 19 -55.62 3.95 18.90
CA THR FA 19 -55.81 3.39 17.58
C THR FA 19 -54.63 3.73 16.69
N PHE FA 20 -54.39 2.86 15.70
CA PHE FA 20 -53.25 2.92 14.78
C PHE FA 20 -53.79 2.75 13.36
N VAL FA 21 -53.84 3.84 12.62
CA VAL FA 21 -54.22 3.80 11.20
C VAL FA 21 -53.11 3.12 10.42
N PRO FA 22 -53.43 2.26 9.45
CA PRO FA 22 -52.38 1.72 8.57
C PRO FA 22 -51.86 2.76 7.59
N MET FA 23 -50.57 2.65 7.29
CA MET FA 23 -49.90 3.53 6.36
C MET FA 23 -49.53 2.85 5.05
N GLN FA 24 -48.96 1.65 5.11
CA GLN FA 24 -48.71 0.87 3.91
C GLN FA 24 -48.67 -0.60 4.30
N PRO FA 25 -49.09 -1.49 3.42
CA PRO FA 25 -49.05 -2.92 3.73
C PRO FA 25 -47.61 -3.41 3.68
N GLN FA 26 -47.46 -4.71 3.92
CA GLN FA 26 -46.15 -5.35 3.87
C GLN FA 26 -45.85 -5.79 2.44
N THR FA 27 -44.67 -5.45 1.96
CA THR FA 27 -44.18 -5.76 0.63
C THR FA 27 -42.93 -6.65 0.80
N GLY FA 28 -42.35 -7.06 -0.33
CA GLY FA 28 -41.13 -7.85 -0.26
C GLY FA 28 -39.95 -7.12 0.34
N ILE FA 29 -39.91 -5.79 0.24
CA ILE FA 29 -38.81 -5.01 0.78
C ILE FA 29 -39.24 -4.05 1.88
N THR FA 30 -40.49 -3.61 1.91
CA THR FA 30 -40.97 -2.68 2.91
C THR FA 30 -41.87 -3.37 3.93
N PRO FA 31 -41.73 -3.07 5.22
CA PRO FA 31 -42.57 -3.69 6.24
C PRO FA 31 -43.88 -2.96 6.47
N SER FA 32 -44.92 -3.73 6.78
CA SER FA 32 -46.22 -3.13 7.06
C SER FA 32 -46.11 -2.23 8.30
N GLN FA 33 -46.77 -1.07 8.26
CA GLN FA 33 -46.59 -0.13 9.37
C GLN FA 33 -47.82 0.73 9.57
N TRP FA 34 -48.08 1.07 10.84
CA TRP FA 34 -49.21 1.85 11.32
C TRP FA 34 -48.71 3.12 12.01
N LEU FA 35 -49.66 4.00 12.36
CA LEU FA 35 -49.39 5.32 12.92
C LEU FA 35 -50.46 5.67 13.95
N ASN FA 36 -50.04 6.31 15.06
CA ASN FA 36 -50.99 6.64 16.12
C ASN FA 36 -51.86 7.84 15.73
N LYS FA 37 -51.23 8.93 15.30
CA LYS FA 37 -51.95 10.11 14.80
C LYS FA 37 -52.79 10.78 15.88
N GLU FA 38 -52.28 10.79 17.10
CA GLU FA 38 -52.96 11.43 18.21
C GLU FA 38 -52.41 12.81 18.54
N ALA FA 39 -51.12 12.92 18.83
CA ALA FA 39 -50.56 14.22 19.18
C ALA FA 39 -50.63 15.16 17.97
N ALA FA 40 -50.67 16.46 18.25
CA ALA FA 40 -50.86 17.43 17.17
C ALA FA 40 -49.65 17.49 16.26
N SER FA 41 -48.46 17.29 16.82
CA SER FA 41 -47.23 17.41 16.07
C SER FA 41 -46.94 16.12 15.29
N ASN FA 42 -46.37 16.28 14.09
CA ASN FA 42 -45.93 15.13 13.32
C ASN FA 42 -45.00 14.22 14.13
N ILE FA 43 -44.24 14.79 15.06
CA ILE FA 43 -43.28 14.01 15.84
C ILE FA 43 -43.99 13.09 16.81
N GLY FA 44 -45.03 13.59 17.48
CA GLY FA 44 -45.72 12.87 18.54
C GLY FA 44 -46.52 11.66 18.08
N TYR FA 45 -46.68 11.46 16.77
CA TYR FA 45 -47.33 10.25 16.29
C TYR FA 45 -46.50 9.04 16.69
N ARG FA 46 -47.18 7.98 17.15
CA ARG FA 46 -46.52 6.75 17.56
C ARG FA 46 -46.64 5.73 16.44
N LYS FA 47 -45.54 5.05 16.13
CA LYS FA 47 -45.55 4.15 14.98
C LYS FA 47 -45.30 2.72 15.43
N VAL FA 48 -45.80 1.78 14.63
CA VAL FA 48 -45.67 0.35 14.89
C VAL FA 48 -45.43 -0.30 13.54
N SER FA 49 -44.29 -0.96 13.37
CA SER FA 49 -43.98 -1.61 12.11
C SER FA 49 -43.63 -3.08 12.34
N MET FA 50 -43.88 -3.88 11.32
CA MET FA 50 -43.77 -5.33 11.41
C MET FA 50 -43.41 -5.89 10.03
N PHE FA 51 -42.59 -6.94 10.02
CA PHE FA 51 -42.20 -7.61 8.79
C PHE FA 51 -42.01 -9.11 9.00
N VAL FA 52 -42.59 -9.91 8.10
CA VAL FA 52 -42.63 -11.37 8.20
C VAL FA 52 -41.84 -11.94 7.02
N LYS FA 53 -40.56 -12.22 7.23
CA LYS FA 53 -39.70 -12.78 6.18
C LYS FA 53 -39.81 -14.30 6.20
N TYR FA 54 -40.48 -14.86 5.20
CA TYR FA 54 -40.63 -16.31 5.06
C TYR FA 54 -39.44 -16.88 4.28
N VAL FA 55 -38.73 -17.80 4.90
CA VAL FA 55 -37.59 -18.48 4.29
C VAL FA 55 -37.94 -19.96 4.20
N SER FA 56 -38.27 -20.41 2.97
CA SER FA 56 -38.86 -21.74 2.81
C SER FA 56 -37.88 -22.86 3.19
N ASN FA 57 -36.58 -22.61 3.07
CA ASN FA 57 -35.55 -23.53 3.58
C ASN FA 57 -34.53 -22.70 4.37
N GLY FA 58 -34.85 -22.45 5.63
CA GLY FA 58 -33.97 -21.66 6.48
C GLY FA 58 -34.76 -21.03 7.61
N THR FA 59 -34.13 -20.03 8.22
CA THR FA 59 -34.67 -19.40 9.42
C THR FA 59 -35.57 -18.23 9.01
N SER FA 60 -36.88 -18.45 9.06
CA SER FA 60 -37.84 -17.37 8.87
C SER FA 60 -37.76 -16.40 10.06
N LYS FA 61 -38.17 -15.15 9.84
CA LYS FA 61 -38.01 -14.12 10.87
C LYS FA 61 -39.16 -13.13 10.89
N VAL FA 62 -39.81 -12.99 12.05
CA VAL FA 62 -40.83 -11.96 12.28
C VAL FA 62 -40.19 -10.85 13.10
N THR FA 63 -40.28 -9.61 12.61
CA THR FA 63 -39.63 -8.47 13.24
C THR FA 63 -40.67 -7.40 13.55
N ILE FA 64 -40.62 -6.85 14.76
CA ILE FA 64 -41.60 -5.89 15.24
C ILE FA 64 -40.88 -4.75 15.95
N ARG FA 65 -41.30 -3.51 15.67
CA ARG FA 65 -40.75 -2.38 16.42
C ARG FA 65 -41.83 -1.33 16.66
N ILE FA 66 -41.85 -0.84 17.90
CA ILE FA 66 -42.86 0.09 18.42
C ILE FA 66 -42.13 1.33 18.91
N ALA FA 67 -42.61 2.50 18.50
CA ALA FA 67 -41.99 3.77 18.85
C ALA FA 67 -43.03 4.72 19.43
N ASP FA 68 -42.79 5.17 20.67
CA ASP FA 68 -43.66 6.10 21.39
C ASP FA 68 -42.87 7.37 21.70
N PRO FA 69 -43.06 8.44 20.94
CA PRO FA 69 -42.38 9.71 21.27
C PRO FA 69 -42.96 10.33 22.52
N VAL FA 70 -42.11 10.55 23.52
CA VAL FA 70 -42.54 11.23 24.74
C VAL FA 70 -41.92 12.62 24.76
N LEU FA 71 -42.59 13.58 24.12
CA LEU FA 71 -42.09 14.94 24.11
C LEU FA 71 -42.51 15.70 25.34
N ALA FA 72 -43.57 15.26 26.01
CA ALA FA 72 -43.96 15.87 27.28
C ALA FA 72 -42.82 15.77 28.28
N SER FA 73 -42.09 14.64 28.26
CA SER FA 73 -41.02 14.42 29.21
C SER FA 73 -39.78 15.26 28.92
N VAL FA 74 -39.70 15.90 27.75
CA VAL FA 74 -38.53 16.71 27.39
C VAL FA 74 -38.53 18.00 28.21
N PRO FA 75 -37.40 18.40 28.79
CA PRO FA 75 -37.37 19.69 29.51
C PRO FA 75 -37.68 20.85 28.58
N ALA FA 76 -38.23 21.91 29.16
CA ALA FA 76 -38.58 23.07 28.35
C ALA FA 76 -37.35 23.73 27.76
N GLY FA 77 -36.22 23.67 28.45
CA GLY FA 77 -35.02 24.32 27.97
C GLY FA 77 -34.39 23.66 26.76
N CYS FA 78 -34.58 22.34 26.61
CA CYS FA 78 -34.01 21.61 25.50
C CYS FA 78 -34.87 21.75 24.26
N CYS FA 79 -34.25 22.11 23.14
CA CYS FA 79 -34.91 22.20 21.86
C CYS FA 79 -34.82 20.87 21.13
N VAL FA 80 -35.90 20.48 20.47
CA VAL FA 80 -35.96 19.25 19.68
C VAL FA 80 -36.11 19.64 18.22
N ASP FA 81 -35.14 19.21 17.40
CA ASP FA 81 -35.12 19.49 15.97
C ASP FA 81 -34.66 18.23 15.23
N THR FA 82 -34.57 18.33 13.90
CA THR FA 82 -34.27 17.15 13.10
C THR FA 82 -32.97 16.48 13.55
N ASN FA 83 -32.02 17.27 14.04
CA ASN FA 83 -30.74 16.76 14.48
C ASN FA 83 -30.78 16.09 15.84
N THR FA 84 -31.85 16.24 16.61
CA THR FA 84 -31.94 15.55 17.89
C THR FA 84 -32.04 14.05 17.65
N PRO FA 85 -31.18 13.25 18.28
CA PRO FA 85 -31.25 11.80 18.08
C PRO FA 85 -32.56 11.23 18.59
N GLN FA 86 -33.13 10.31 17.81
CA GLN FA 86 -34.45 9.78 18.15
C GLN FA 86 -34.45 9.13 19.52
N VAL FA 87 -33.42 8.33 19.82
CA VAL FA 87 -33.43 7.45 20.98
C VAL FA 87 -33.35 8.26 22.27
N ALA FA 88 -33.27 9.57 22.14
CA ALA FA 88 -33.24 10.45 23.29
C ALA FA 88 -34.59 11.04 23.65
N TYR FA 89 -35.56 11.07 22.73
CA TYR FA 89 -36.85 11.69 23.03
C TYR FA 89 -38.04 10.77 22.77
N SER FA 90 -37.82 9.46 22.79
CA SER FA 90 -38.90 8.51 22.56
C SER FA 90 -38.50 7.13 23.05
N THR FA 91 -39.50 6.37 23.50
CA THR FA 91 -39.29 4.99 23.93
C THR FA 91 -39.46 4.04 22.75
N PHE FA 92 -38.72 2.92 22.80
CA PHE FA 92 -38.68 1.97 21.69
C PHE FA 92 -38.74 0.53 22.19
N PHE FA 93 -39.44 -0.32 21.43
CA PHE FA 93 -39.46 -1.76 21.69
C PHE FA 93 -39.23 -2.51 20.39
N GLU FA 94 -38.21 -3.37 20.35
CA GLU FA 94 -37.89 -4.12 19.15
C GLU FA 94 -37.72 -5.59 19.46
N CYS FA 95 -38.50 -6.45 18.79
CA CYS FA 95 -38.39 -7.89 18.98
C CYS FA 95 -38.28 -8.61 17.63
N THR FA 96 -37.67 -9.79 17.67
CA THR FA 96 -37.50 -10.65 16.50
C THR FA 96 -37.70 -12.10 16.91
N PHE FA 97 -38.69 -12.75 16.29
CA PHE FA 97 -38.89 -14.19 16.37
C PHE FA 97 -38.12 -14.86 15.23
N SER FA 98 -37.29 -15.83 15.57
CA SER FA 98 -36.57 -16.64 14.60
C SER FA 98 -37.13 -18.04 14.63
N VAL FA 99 -37.69 -18.48 13.50
CA VAL FA 99 -38.37 -19.77 13.38
C VAL FA 99 -37.71 -20.58 12.28
N PRO FA 100 -36.99 -21.65 12.61
CA PRO FA 100 -36.34 -22.44 11.57
C PRO FA 100 -37.38 -23.21 10.76
N TYR FA 101 -37.05 -23.48 9.50
CA TYR FA 101 -37.87 -24.37 8.69
C TYR FA 101 -37.99 -25.72 9.40
N GLY FA 102 -39.11 -26.39 9.21
CA GLY FA 102 -39.28 -27.66 9.89
C GLY FA 102 -39.70 -27.53 11.33
N ALA FA 103 -40.18 -26.35 11.74
CA ALA FA 103 -40.65 -26.19 13.10
C ALA FA 103 -42.11 -26.62 13.15
N THR FA 104 -42.43 -27.47 14.10
CA THR FA 104 -43.82 -27.89 14.20
C THR FA 104 -44.70 -26.69 14.53
N LEU FA 105 -45.95 -26.77 14.09
CA LEU FA 105 -46.93 -25.77 14.48
C LEU FA 105 -46.91 -25.57 15.98
N GLN FA 106 -46.67 -26.66 16.71
CA GLN FA 106 -46.61 -26.58 18.16
C GLN FA 106 -45.37 -25.84 18.62
N ASN FA 107 -44.24 -25.94 17.90
CA ASN FA 107 -43.06 -25.16 18.25
C ASN FA 107 -43.30 -23.68 18.06
N LYS FA 108 -44.01 -23.31 16.98
CA LYS FA 108 -44.33 -21.90 16.74
C LYS FA 108 -45.25 -21.34 17.83
N LYS FA 109 -46.35 -22.06 18.11
CA LYS FA 109 -47.23 -21.69 19.22
C LYS FA 109 -46.45 -21.61 20.53
N ASP FA 110 -45.56 -22.56 20.75
CA ASP FA 110 -44.79 -22.61 21.98
C ASP FA 110 -44.01 -21.32 22.16
N ILE FA 111 -43.21 -20.95 21.16
CA ILE FA 111 -42.34 -19.80 21.40
C ILE FA 111 -43.15 -18.51 21.48
N LEU FA 112 -44.24 -18.41 20.72
CA LEU FA 112 -45.11 -17.24 20.90
C LEU FA 112 -45.58 -17.14 22.34
N ALA FA 113 -46.04 -18.26 22.90
CA ALA FA 113 -46.56 -18.24 24.27
C ALA FA 113 -45.47 -17.96 25.28
N TYR FA 114 -44.27 -18.52 25.08
CA TYR FA 114 -43.18 -18.26 26.02
C TYR FA 114 -42.83 -16.78 26.03
N ALA FA 115 -42.75 -16.15 24.86
CA ALA FA 115 -42.46 -14.73 24.79
C ALA FA 115 -43.54 -13.92 25.50
N ARG FA 116 -44.81 -14.21 25.21
CA ARG FA 116 -45.87 -13.39 25.78
C ARG FA 116 -45.97 -13.57 27.30
N ASN FA 117 -45.87 -14.80 27.78
CA ASN FA 117 -45.89 -15.03 29.23
C ASN FA 117 -44.68 -14.39 29.91
N LEU FA 118 -43.50 -14.46 29.28
CA LEU FA 118 -42.33 -13.85 29.89
C LEU FA 118 -42.46 -12.35 30.00
N LEU FA 119 -42.93 -11.68 28.94
CA LEU FA 119 -43.16 -10.25 29.04
C LEU FA 119 -44.30 -9.92 30.01
N GLY FA 120 -45.21 -10.86 30.25
CA GLY FA 120 -46.19 -10.65 31.29
C GLY FA 120 -45.66 -10.85 32.70
N THR FA 121 -44.53 -11.55 32.85
CA THR FA 121 -44.01 -11.88 34.18
C THR FA 121 -43.73 -10.63 35.00
N GLN FA 122 -43.84 -10.80 36.32
CA GLN FA 122 -43.55 -9.68 37.22
C GLN FA 122 -42.11 -9.25 37.13
N VAL FA 123 -41.18 -10.20 36.92
CA VAL FA 123 -39.78 -9.81 36.87
C VAL FA 123 -39.53 -8.87 35.70
N VAL FA 124 -40.17 -9.15 34.56
CA VAL FA 124 -40.03 -8.29 33.39
C VAL FA 124 -40.70 -6.94 33.63
N THR FA 125 -41.93 -6.96 34.15
CA THR FA 125 -42.63 -5.71 34.46
C THR FA 125 -41.78 -4.83 35.38
N ASP FA 126 -41.24 -5.45 36.43
CA ASP FA 126 -40.41 -4.75 37.41
C ASP FA 126 -39.14 -4.20 36.77
N ALA FA 127 -38.51 -4.98 35.89
CA ALA FA 127 -37.26 -4.57 35.28
C ALA FA 127 -37.45 -3.42 34.29
N VAL FA 128 -38.56 -3.41 33.55
CA VAL FA 128 -38.75 -2.38 32.54
C VAL FA 128 -39.25 -1.08 33.18
N VAL FA 129 -40.15 -1.18 34.16
CA VAL FA 129 -40.68 0.04 34.76
C VAL FA 129 -39.75 0.57 35.85
N ASP FA 130 -39.46 -0.25 36.85
CA ASP FA 130 -38.66 0.20 37.98
C ASP FA 130 -37.16 0.05 37.76
N MET FA 131 -36.74 -0.41 36.57
CA MET FA 131 -35.34 -0.56 36.21
C MET FA 131 -34.60 -1.55 37.10
N THR FA 132 -35.34 -2.43 37.79
CA THR FA 132 -34.73 -3.30 38.77
C THR FA 132 -34.47 -4.66 38.15
N PRO FA 133 -33.21 -5.10 38.07
CA PRO FA 133 -32.90 -6.38 37.41
C PRO FA 133 -32.96 -7.58 38.34
N ALA FA 134 -32.57 -8.74 37.81
CA ALA FA 134 -32.54 -9.99 38.58
C ALA FA 134 -31.09 -10.26 38.99
N TRP FA 135 -30.78 -10.03 40.26
CA TRP FA 135 -29.40 -10.12 40.76
C TRP FA 135 -29.12 -11.35 41.63
N ALA GA 1 -56.61 -5.30 -8.73
CA ALA GA 1 -56.60 -6.50 -7.91
C ALA GA 1 -55.63 -6.36 -6.74
N GLN GA 2 -56.13 -5.98 -5.56
CA GLN GA 2 -55.30 -6.13 -4.38
C GLN GA 2 -55.15 -7.60 -4.04
N ILE GA 3 -53.99 -7.95 -3.49
CA ILE GA 3 -53.72 -9.34 -3.22
C ILE GA 3 -54.67 -9.83 -2.14
N ALA GA 4 -55.16 -11.05 -2.31
CA ALA GA 4 -56.06 -11.65 -1.34
C ALA GA 4 -55.94 -13.16 -1.47
N ASN GA 5 -56.63 -13.86 -0.57
CA ASN GA 5 -56.55 -15.31 -0.50
C ASN GA 5 -56.82 -15.93 -1.87
N LEU GA 6 -56.30 -17.14 -2.08
CA LEU GA 6 -56.49 -17.82 -3.36
C LEU GA 6 -56.90 -19.27 -3.12
N ILE GA 7 -58.01 -19.70 -3.71
CA ILE GA 7 -58.58 -21.02 -3.46
C ILE GA 7 -58.51 -21.84 -4.73
N LEU GA 8 -57.88 -23.02 -4.64
CA LEU GA 8 -57.64 -23.89 -5.79
C LEU GA 8 -58.05 -25.33 -5.44
N ALA GA 9 -58.75 -25.98 -6.37
CA ALA GA 9 -59.27 -27.32 -6.11
C ALA GA 9 -58.30 -28.39 -6.58
N ASP GA 10 -57.93 -29.30 -5.67
CA ASP GA 10 -57.04 -30.39 -6.03
C ASP GA 10 -57.76 -31.41 -6.91
N GLY GA 11 -56.96 -32.26 -7.56
CA GLY GA 11 -57.48 -33.30 -8.41
C GLY GA 11 -57.71 -34.58 -7.64
N GLN GA 12 -58.98 -34.92 -7.44
CA GLN GA 12 -59.37 -36.13 -6.73
C GLN GA 12 -60.67 -36.61 -7.34
N ALA GA 13 -61.12 -37.77 -6.87
CA ALA GA 13 -62.48 -38.20 -7.20
C ALA GA 13 -63.46 -37.10 -6.85
N THR GA 14 -63.41 -36.59 -5.63
CA THR GA 14 -64.12 -35.38 -5.27
C THR GA 14 -63.05 -34.34 -4.95
N PRO GA 15 -62.96 -33.26 -5.71
CA PRO GA 15 -61.95 -32.25 -5.43
C PRO GA 15 -62.23 -31.56 -4.10
N ALA GA 16 -61.15 -31.18 -3.43
CA ALA GA 16 -61.22 -30.49 -2.15
C ALA GA 16 -60.52 -29.14 -2.26
N ASN GA 17 -61.21 -28.07 -1.89
CA ASN GA 17 -60.64 -26.74 -1.99
C ASN GA 17 -59.44 -26.59 -1.06
N HIS GA 18 -58.35 -26.04 -1.60
CA HIS GA 18 -57.15 -25.74 -0.83
C HIS GA 18 -56.92 -24.23 -0.84
N THR GA 19 -56.61 -23.66 0.31
CA THR GA 19 -56.47 -22.21 0.43
C THR GA 19 -55.00 -21.82 0.39
N PHE GA 20 -54.74 -20.60 -0.10
CA PHE GA 20 -53.40 -20.06 -0.33
C PHE GA 20 -53.38 -18.65 0.26
N VAL GA 21 -52.74 -18.54 1.43
CA VAL GA 21 -52.57 -17.24 2.08
C VAL GA 21 -51.50 -16.46 1.31
N PRO GA 22 -51.71 -15.19 1.02
CA PRO GA 22 -50.65 -14.41 0.34
C PRO GA 22 -49.44 -14.20 1.25
N MET GA 23 -48.26 -14.20 0.63
CA MET GA 23 -47.01 -13.84 1.29
C MET GA 23 -46.41 -12.54 0.78
N GLN GA 24 -46.62 -12.24 -0.49
CA GLN GA 24 -45.82 -11.20 -1.12
C GLN GA 24 -46.62 -10.59 -2.26
N PRO GA 25 -46.87 -9.29 -2.22
CA PRO GA 25 -47.49 -8.65 -3.38
C PRO GA 25 -46.44 -8.29 -4.43
N GLN GA 26 -46.90 -8.21 -5.67
CA GLN GA 26 -46.03 -7.88 -6.80
C GLN GA 26 -45.65 -6.40 -6.75
N THR GA 27 -44.34 -6.15 -6.73
CA THR GA 27 -43.80 -4.79 -6.71
C THR GA 27 -42.42 -4.83 -7.33
N GLY GA 28 -42.21 -4.08 -8.40
CA GLY GA 28 -40.91 -4.10 -9.06
C GLY GA 28 -40.66 -5.45 -9.70
N ILE GA 29 -39.52 -6.06 -9.34
CA ILE GA 29 -39.21 -7.39 -9.86
C ILE GA 29 -39.88 -8.47 -9.03
N THR GA 30 -40.14 -8.21 -7.76
CA THR GA 30 -40.69 -9.21 -6.86
C THR GA 30 -42.12 -9.56 -7.25
N PRO GA 31 -42.44 -10.83 -7.51
CA PRO GA 31 -43.78 -11.19 -7.98
C PRO GA 31 -44.74 -11.57 -6.87
N SER GA 32 -46.04 -11.42 -7.15
CA SER GA 32 -47.04 -11.80 -6.17
C SER GA 32 -46.94 -13.30 -5.92
N GLN GA 33 -47.07 -13.72 -4.65
CA GLN GA 33 -46.98 -15.14 -4.35
C GLN GA 33 -47.79 -15.51 -3.10
N TRP GA 34 -48.43 -16.68 -3.17
CA TRP GA 34 -49.27 -17.26 -2.12
C TRP GA 34 -48.72 -18.62 -1.72
N LEU GA 35 -49.08 -19.07 -0.51
CA LEU GA 35 -48.58 -20.30 0.08
C LEU GA 35 -49.73 -21.16 0.59
N ASN GA 36 -49.56 -22.50 0.53
CA ASN GA 36 -50.66 -23.41 0.85
C ASN GA 36 -50.86 -23.57 2.36
N LYS GA 37 -49.76 -23.74 3.12
CA LYS GA 37 -49.77 -23.78 4.61
C LYS GA 37 -50.40 -25.05 5.18
N GLU GA 38 -50.23 -26.17 4.50
CA GLU GA 38 -50.85 -27.41 4.98
C GLU GA 38 -49.87 -28.39 5.61
N ALA GA 39 -48.73 -28.65 4.96
CA ALA GA 39 -47.76 -29.54 5.57
C ALA GA 39 -47.18 -28.89 6.83
N ALA GA 40 -46.68 -29.73 7.73
CA ALA GA 40 -46.34 -29.28 9.08
C ALA GA 40 -45.11 -28.37 9.11
N SER GA 41 -44.09 -28.73 8.33
CA SER GA 41 -42.84 -27.98 8.24
C SER GA 41 -42.95 -26.83 7.26
N ASN GA 42 -42.12 -25.81 7.46
CA ASN GA 42 -42.13 -24.65 6.58
C ASN GA 42 -41.82 -25.02 5.13
N ILE GA 43 -41.20 -26.18 4.90
CA ILE GA 43 -40.78 -26.54 3.55
C ILE GA 43 -41.97 -27.02 2.71
N GLY GA 44 -42.89 -27.77 3.33
CA GLY GA 44 -43.94 -28.45 2.59
C GLY GA 44 -44.98 -27.52 2.03
N TYR GA 45 -45.05 -26.29 2.54
CA TYR GA 45 -45.97 -25.28 2.04
C TYR GA 45 -45.87 -25.20 0.52
N ARG GA 46 -47.01 -25.32 -0.16
CA ARG GA 46 -47.04 -25.23 -1.62
C ARG GA 46 -47.10 -23.77 -2.04
N LYS GA 47 -46.50 -23.45 -3.18
CA LYS GA 47 -46.32 -22.04 -3.53
C LYS GA 47 -46.87 -21.74 -4.92
N VAL GA 48 -47.63 -20.67 -5.03
CA VAL GA 48 -48.12 -20.16 -6.30
C VAL GA 48 -47.57 -18.76 -6.49
N SER GA 49 -47.04 -18.46 -7.67
CA SER GA 49 -46.52 -17.11 -7.86
C SER GA 49 -46.78 -16.64 -9.29
N MET GA 50 -46.95 -15.33 -9.44
CA MET GA 50 -47.33 -14.71 -10.70
C MET GA 50 -46.69 -13.34 -10.80
N PHE GA 51 -46.34 -12.95 -12.02
CA PHE GA 51 -45.77 -11.64 -12.32
C PHE GA 51 -46.35 -11.10 -13.62
N VAL GA 52 -46.92 -9.90 -13.57
CA VAL GA 52 -47.56 -9.26 -14.71
C VAL GA 52 -46.64 -8.12 -15.15
N LYS GA 53 -45.93 -8.29 -16.26
CA LYS GA 53 -45.10 -7.24 -16.85
C LYS GA 53 -45.88 -6.57 -17.97
N TYR GA 54 -46.40 -5.38 -17.69
CA TYR GA 54 -47.11 -4.58 -18.69
C TYR GA 54 -46.08 -3.75 -19.45
N VAL GA 55 -45.92 -4.04 -20.74
CA VAL GA 55 -45.05 -3.27 -21.62
C VAL GA 55 -45.93 -2.39 -22.48
N SER GA 56 -45.88 -1.07 -22.26
CA SER GA 56 -46.84 -0.16 -22.88
C SER GA 56 -46.72 -0.16 -24.40
N ASN GA 57 -45.54 -0.43 -24.93
CA ASN GA 57 -45.34 -0.57 -26.38
C ASN GA 57 -44.42 -1.77 -26.61
N GLY GA 58 -45.03 -2.95 -26.75
CA GLY GA 58 -44.28 -4.17 -26.95
C GLY GA 58 -45.07 -5.36 -26.46
N THR GA 59 -44.35 -6.46 -26.26
CA THR GA 59 -44.97 -7.73 -25.86
C THR GA 59 -45.02 -7.80 -24.33
N SER GA 60 -46.22 -7.63 -23.78
CA SER GA 60 -46.43 -7.78 -22.34
C SER GA 60 -46.48 -9.26 -21.98
N LYS GA 61 -46.16 -9.58 -20.73
CA LYS GA 61 -45.92 -10.97 -20.33
C LYS GA 61 -46.45 -11.24 -18.93
N VAL GA 62 -47.36 -12.22 -18.84
CA VAL GA 62 -47.84 -12.73 -17.55
C VAL GA 62 -47.17 -14.08 -17.31
N THR GA 63 -46.51 -14.23 -16.17
CA THR GA 63 -45.76 -15.44 -15.85
C THR GA 63 -46.27 -16.06 -14.57
N ILE GA 64 -46.49 -17.38 -14.57
CA ILE GA 64 -47.12 -18.08 -13.46
C ILE GA 64 -46.37 -19.38 -13.19
N ARG GA 65 -46.21 -19.73 -11.91
CA ARG GA 65 -45.59 -21.00 -11.53
C ARG GA 65 -46.23 -21.54 -10.26
N ILE GA 66 -46.49 -22.85 -10.26
CA ILE GA 66 -47.13 -23.58 -9.17
C ILE GA 66 -46.18 -24.70 -8.75
N ALA GA 67 -45.87 -24.75 -7.45
CA ALA GA 67 -44.91 -25.70 -6.90
C ALA GA 67 -45.59 -26.51 -5.81
N ASP GA 68 -45.73 -27.82 -6.03
CA ASP GA 68 -46.37 -28.80 -5.17
C ASP GA 68 -45.27 -29.71 -4.64
N PRO GA 69 -44.67 -29.37 -3.50
CA PRO GA 69 -43.64 -30.23 -2.92
C PRO GA 69 -44.23 -31.30 -2.00
N VAL GA 70 -43.54 -32.42 -1.91
CA VAL GA 70 -43.92 -33.50 -1.00
C VAL GA 70 -42.74 -33.87 -0.12
N LEU GA 71 -42.96 -33.83 1.19
CA LEU GA 71 -41.89 -34.13 2.15
C LEU GA 71 -41.52 -35.60 2.10
N ALA GA 72 -40.24 -35.88 2.29
CA ALA GA 72 -39.74 -37.25 2.28
C ALA GA 72 -39.97 -37.90 3.64
N SER GA 73 -40.35 -39.17 3.60
CA SER GA 73 -40.41 -40.01 4.79
C SER GA 73 -39.24 -40.99 4.68
N VAL GA 74 -38.23 -40.80 5.53
CA VAL GA 74 -37.01 -41.60 5.46
C VAL GA 74 -37.26 -42.97 6.07
N PRO GA 75 -36.51 -43.99 5.70
CA PRO GA 75 -36.58 -45.26 6.40
C PRO GA 75 -35.65 -45.24 7.60
N ALA GA 76 -35.74 -46.30 8.41
CA ALA GA 76 -34.94 -46.37 9.62
C ALA GA 76 -33.44 -46.37 9.32
N GLY GA 77 -33.06 -46.84 8.12
CA GLY GA 77 -31.65 -47.14 7.87
C GLY GA 77 -30.75 -45.93 7.82
N CYS GA 78 -31.20 -44.86 7.16
CA CYS GA 78 -30.31 -43.72 6.95
C CYS GA 78 -30.16 -42.85 8.20
N CYS GA 79 -31.11 -42.92 9.13
CA CYS GA 79 -30.99 -42.33 10.46
C CYS GA 79 -30.87 -40.81 10.43
N VAL GA 80 -31.44 -40.16 9.43
CA VAL GA 80 -31.67 -38.72 9.57
C VAL GA 80 -32.73 -38.53 10.66
N ASP GA 81 -32.48 -37.60 11.56
CA ASP GA 81 -33.38 -37.39 12.69
C ASP GA 81 -34.79 -37.12 12.21
N THR GA 82 -35.76 -37.74 12.90
CA THR GA 82 -37.17 -37.51 12.60
C THR GA 82 -37.50 -36.03 12.52
N ASN GA 83 -36.76 -35.20 13.25
CA ASN GA 83 -37.15 -33.80 13.42
C ASN GA 83 -36.76 -32.91 12.25
N THR GA 84 -35.70 -33.27 11.50
CA THR GA 84 -35.24 -32.46 10.38
C THR GA 84 -35.84 -33.00 9.08
N PRO GA 85 -36.91 -32.40 8.55
CA PRO GA 85 -37.48 -32.91 7.31
C PRO GA 85 -36.73 -32.40 6.10
N GLN GA 86 -36.82 -33.16 5.03
CA GLN GA 86 -36.27 -32.78 3.74
C GLN GA 86 -37.34 -32.97 2.67
N VAL GA 87 -37.29 -32.15 1.64
CA VAL GA 87 -38.23 -32.26 0.54
C VAL GA 87 -37.77 -33.36 -0.40
N ALA GA 88 -38.66 -34.32 -0.67
CA ALA GA 88 -38.30 -35.46 -1.51
C ALA GA 88 -38.28 -35.06 -2.98
N TYR GA 89 -39.33 -34.39 -3.43
CA TYR GA 89 -39.53 -34.02 -4.81
C TYR GA 89 -40.67 -33.02 -4.83
N SER GA 90 -40.84 -32.35 -5.97
CA SER GA 90 -41.92 -31.38 -6.13
C SER GA 90 -42.32 -31.31 -7.60
N THR GA 91 -43.62 -31.32 -7.84
CA THR GA 91 -44.16 -31.11 -9.18
C THR GA 91 -44.25 -29.62 -9.46
N PHE GA 92 -44.00 -29.24 -10.73
CA PHE GA 92 -43.94 -27.83 -11.12
C PHE GA 92 -44.80 -27.57 -12.34
N PHE GA 93 -45.51 -26.44 -12.34
CA PHE GA 93 -46.22 -25.97 -13.52
C PHE GA 93 -45.82 -24.53 -13.79
N GLU GA 94 -45.32 -24.23 -14.99
CA GLU GA 94 -44.85 -22.89 -15.31
C GLU GA 94 -45.39 -22.48 -16.67
N CYS GA 95 -46.17 -21.39 -16.71
CA CYS GA 95 -46.75 -20.90 -17.94
C CYS GA 95 -46.44 -19.41 -18.13
N THR GA 96 -46.50 -18.97 -19.38
CA THR GA 96 -46.26 -17.58 -19.76
C THR GA 96 -47.22 -17.21 -20.88
N PHE GA 97 -48.02 -16.17 -20.64
CA PHE GA 97 -48.85 -15.53 -21.65
C PHE GA 97 -48.08 -14.35 -22.24
N SER GA 98 -48.00 -14.29 -23.57
CA SER GA 98 -47.40 -13.18 -24.31
C SER GA 98 -48.49 -12.46 -25.07
N VAL GA 99 -48.72 -11.20 -24.72
CA VAL GA 99 -49.76 -10.35 -25.29
C VAL GA 99 -49.11 -9.17 -26.00
N PRO GA 100 -49.15 -9.10 -27.32
CA PRO GA 100 -48.48 -8.00 -28.03
C PRO GA 100 -49.22 -6.69 -27.85
N TYR GA 101 -48.58 -5.61 -28.34
CA TYR GA 101 -49.13 -4.29 -28.12
C TYR GA 101 -50.55 -4.16 -28.68
N GLY GA 102 -50.76 -4.60 -29.91
CA GLY GA 102 -51.99 -4.35 -30.62
C GLY GA 102 -53.14 -5.27 -30.30
N ALA GA 103 -52.99 -6.12 -29.28
CA ALA GA 103 -53.93 -7.20 -29.05
C ALA GA 103 -55.29 -6.66 -28.64
N THR GA 104 -56.33 -7.20 -29.24
CA THR GA 104 -57.66 -6.84 -28.83
C THR GA 104 -57.98 -7.40 -27.44
N LEU GA 105 -58.84 -6.68 -26.72
CA LEU GA 105 -59.32 -7.22 -25.46
C LEU GA 105 -60.02 -8.55 -25.68
N GLN GA 106 -60.76 -8.66 -26.78
CA GLN GA 106 -61.35 -9.93 -27.13
C GLN GA 106 -60.28 -11.00 -27.36
N ASN GA 107 -59.13 -10.61 -27.93
CA ASN GA 107 -58.02 -11.55 -28.15
C ASN GA 107 -57.45 -12.05 -26.83
N LYS GA 108 -57.31 -11.15 -25.85
CA LYS GA 108 -56.84 -11.55 -24.52
C LYS GA 108 -57.79 -12.56 -23.89
N LYS GA 109 -59.10 -12.24 -23.91
CA LYS GA 109 -60.11 -13.20 -23.49
C LYS GA 109 -59.96 -14.54 -24.20
N ASP GA 110 -59.82 -14.48 -25.53
CA ASP GA 110 -59.69 -15.68 -26.34
C ASP GA 110 -58.57 -16.57 -25.84
N ILE GA 111 -57.36 -16.01 -25.73
CA ILE GA 111 -56.23 -16.88 -25.43
C ILE GA 111 -56.29 -17.41 -24.01
N LEU GA 112 -56.78 -16.61 -23.06
CA LEU GA 112 -56.96 -17.16 -21.72
C LEU GA 112 -57.92 -18.35 -21.75
N ALA GA 113 -59.01 -18.23 -22.51
CA ALA GA 113 -59.98 -19.32 -22.59
C ALA GA 113 -59.38 -20.54 -23.28
N TYR GA 114 -58.60 -20.34 -24.34
CA TYR GA 114 -57.98 -21.47 -25.02
C TYR GA 114 -57.03 -22.21 -24.09
N ALA GA 115 -56.27 -21.47 -23.28
CA ALA GA 115 -55.37 -22.10 -22.32
C ALA GA 115 -56.16 -22.91 -21.30
N ARG GA 116 -57.20 -22.32 -20.72
CA ARG GA 116 -57.96 -23.02 -19.69
C ARG GA 116 -58.63 -24.27 -20.25
N ASN GA 117 -59.29 -24.14 -21.40
CA ASN GA 117 -59.96 -25.28 -22.00
C ASN GA 117 -58.96 -26.36 -22.40
N LEU GA 118 -57.77 -25.96 -22.89
CA LEU GA 118 -56.78 -26.93 -23.32
C LEU GA 118 -56.24 -27.71 -22.13
N LEU GA 119 -56.03 -27.05 -20.99
CA LEU GA 119 -55.71 -27.81 -19.79
C LEU GA 119 -56.87 -28.68 -19.34
N GLY GA 120 -58.10 -28.32 -19.75
CA GLY GA 120 -59.22 -29.22 -19.54
C GLY GA 120 -59.25 -30.43 -20.45
N THR GA 121 -58.62 -30.35 -21.62
CA THR GA 121 -58.83 -31.34 -22.68
C THR GA 121 -58.38 -32.74 -22.25
N GLN GA 122 -59.02 -33.74 -22.86
CA GLN GA 122 -58.70 -35.13 -22.57
C GLN GA 122 -57.28 -35.47 -23.01
N VAL GA 123 -56.83 -34.90 -24.12
CA VAL GA 123 -55.47 -35.20 -24.60
C VAL GA 123 -54.44 -34.73 -23.59
N VAL GA 124 -54.61 -33.52 -23.04
CA VAL GA 124 -53.64 -32.99 -22.09
C VAL GA 124 -53.70 -33.74 -20.77
N THR GA 125 -54.92 -34.01 -20.26
CA THR GA 125 -55.03 -34.79 -19.03
C THR GA 125 -54.34 -36.14 -19.19
N ASP GA 126 -54.62 -36.82 -20.31
CA ASP GA 126 -53.96 -38.07 -20.64
C ASP GA 126 -52.44 -37.92 -20.64
N ALA GA 127 -51.93 -36.91 -21.33
CA ALA GA 127 -50.48 -36.77 -21.51
C ALA GA 127 -49.78 -36.48 -20.20
N VAL GA 128 -50.32 -35.55 -19.40
CA VAL GA 128 -49.67 -35.16 -18.15
C VAL GA 128 -49.74 -36.27 -17.11
N VAL GA 129 -50.84 -37.01 -17.05
CA VAL GA 129 -50.97 -37.99 -15.97
C VAL GA 129 -50.31 -39.32 -16.34
N ASP GA 130 -50.52 -39.81 -17.56
CA ASP GA 130 -49.99 -41.13 -17.95
C ASP GA 130 -48.73 -41.05 -18.81
N MET GA 131 -48.19 -39.85 -19.05
CA MET GA 131 -46.99 -39.66 -19.86
C MET GA 131 -47.15 -40.29 -21.23
N THR GA 132 -48.37 -40.23 -21.76
CA THR GA 132 -48.66 -40.78 -23.08
C THR GA 132 -48.78 -39.65 -24.07
N PRO GA 133 -47.96 -39.63 -25.12
CA PRO GA 133 -48.05 -38.51 -26.09
C PRO GA 133 -49.30 -38.58 -26.94
N ALA GA 134 -49.44 -37.63 -27.86
CA ALA GA 134 -50.49 -37.66 -28.87
C ALA GA 134 -49.84 -38.15 -30.16
N TRP GA 135 -49.82 -39.47 -30.34
CA TRP GA 135 -49.12 -40.10 -31.47
C TRP GA 135 -49.98 -40.17 -32.72
N ALA HA 1 -28.86 -65.39 -108.26
CA ALA HA 1 -28.81 -64.29 -109.21
C ALA HA 1 -27.40 -64.05 -109.72
N GLN HA 2 -27.00 -64.74 -110.79
CA GLN HA 2 -25.82 -64.32 -111.53
C GLN HA 2 -26.03 -62.87 -112.00
N ILE HA 3 -24.93 -62.13 -112.11
CA ILE HA 3 -25.06 -60.74 -112.55
C ILE HA 3 -25.50 -60.71 -114.00
N ALA HA 4 -26.39 -59.78 -114.32
CA ALA HA 4 -26.90 -59.63 -115.68
C ALA HA 4 -27.45 -58.22 -115.80
N ASN HA 5 -27.91 -57.89 -117.01
CA ASN HA 5 -28.38 -56.55 -117.35
C ASN HA 5 -29.44 -56.06 -116.37
N LEU HA 6 -29.63 -54.75 -116.29
CA LEU HA 6 -30.61 -54.15 -115.39
C LEU HA 6 -31.42 -53.12 -116.17
N ILE HA 7 -32.74 -53.10 -116.01
CA ILE HA 7 -33.58 -52.21 -116.79
C ILE HA 7 -34.43 -51.37 -115.84
N LEU HA 8 -34.17 -50.06 -115.83
CA LEU HA 8 -34.84 -49.12 -114.93
C LEU HA 8 -35.52 -48.02 -115.73
N ALA HA 9 -36.75 -47.69 -115.36
CA ALA HA 9 -37.55 -46.73 -116.11
C ALA HA 9 -37.45 -45.35 -115.46
N ASP HA 10 -37.09 -44.34 -116.25
CA ASP HA 10 -37.03 -42.98 -115.74
C ASP HA 10 -38.44 -42.42 -115.52
N GLY HA 11 -38.50 -41.28 -114.82
CA GLY HA 11 -39.77 -40.65 -114.58
C GLY HA 11 -40.07 -39.58 -115.60
N GLN HA 12 -41.01 -39.85 -116.50
CA GLN HA 12 -41.44 -38.87 -117.48
C GLN HA 12 -42.96 -38.96 -117.58
N ALA HA 13 -43.51 -38.13 -118.46
CA ALA HA 13 -44.91 -38.31 -118.85
C ALA HA 13 -45.14 -39.77 -119.26
N THR HA 14 -44.34 -40.24 -120.21
CA THR HA 14 -44.27 -41.66 -120.51
C THR HA 14 -42.87 -42.11 -120.17
N PRO HA 15 -42.70 -42.97 -119.16
CA PRO HA 15 -41.36 -43.43 -118.82
C PRO HA 15 -40.70 -44.16 -119.99
N ALA HA 16 -39.40 -43.92 -120.16
CA ALA HA 16 -38.60 -44.61 -121.15
C ALA HA 16 -37.57 -45.49 -120.45
N ASN HA 17 -37.51 -46.76 -120.83
CA ASN HA 17 -36.63 -47.71 -120.18
C ASN HA 17 -35.17 -47.43 -120.50
N HIS HA 18 -34.32 -47.52 -119.47
CA HIS HA 18 -32.88 -47.37 -119.62
C HIS HA 18 -32.19 -48.64 -119.14
N THR HA 19 -31.17 -49.03 -119.86
CA THR HA 19 -30.50 -50.31 -119.63
C THR HA 19 -29.13 -50.09 -119.02
N PHE HA 20 -28.72 -51.05 -118.17
CA PHE HA 20 -27.52 -50.99 -117.37
C PHE HA 20 -26.73 -52.27 -117.61
N VAL HA 21 -25.60 -52.14 -118.30
CA VAL HA 21 -24.70 -53.27 -118.53
C VAL HA 21 -23.92 -53.55 -117.25
N PRO HA 22 -23.74 -54.82 -116.86
CA PRO HA 22 -22.91 -55.11 -115.70
C PRO HA 22 -21.42 -54.94 -116.01
N MET HA 23 -20.69 -54.42 -115.03
CA MET HA 23 -19.25 -54.21 -115.16
C MET HA 23 -18.42 -55.01 -114.17
N GLN HA 24 -18.84 -55.07 -112.90
CA GLN HA 24 -18.13 -55.86 -111.91
C GLN HA 24 -19.13 -56.53 -110.98
N PRO HA 25 -18.95 -57.81 -110.69
CA PRO HA 25 -19.84 -58.49 -109.75
C PRO HA 25 -19.32 -58.42 -108.31
N GLN HA 26 -20.15 -58.95 -107.42
CA GLN HA 26 -19.89 -58.90 -105.99
C GLN HA 26 -19.00 -60.07 -105.59
N THR HA 27 -17.74 -59.78 -105.29
CA THR HA 27 -16.83 -60.76 -104.70
C THR HA 27 -16.04 -60.04 -103.62
N GLY HA 28 -16.13 -60.54 -102.39
CA GLY HA 28 -15.39 -59.92 -101.30
C GLY HA 28 -15.94 -58.55 -100.95
N ILE HA 29 -15.05 -57.56 -100.89
CA ILE HA 29 -15.47 -56.21 -100.55
C ILE HA 29 -16.12 -55.52 -101.75
N THR HA 30 -15.69 -55.86 -102.97
CA THR HA 30 -16.17 -55.15 -104.14
C THR HA 30 -17.63 -55.47 -104.41
N PRO HA 31 -18.48 -54.46 -104.65
CA PRO HA 31 -19.90 -54.69 -104.87
C PRO HA 31 -20.28 -54.83 -106.33
N SER HA 32 -21.36 -55.55 -106.57
CA SER HA 32 -21.88 -55.67 -107.94
C SER HA 32 -22.31 -54.29 -108.43
N GLN HA 33 -22.07 -54.02 -109.71
CA GLN HA 33 -22.32 -52.67 -110.22
C GLN HA 33 -22.54 -52.67 -111.73
N TRP HA 34 -23.48 -51.83 -112.16
CA TRP HA 34 -23.93 -51.68 -113.54
C TRP HA 34 -23.77 -50.22 -113.99
N LEU HA 35 -23.61 -50.03 -115.30
CA LEU HA 35 -23.38 -48.73 -115.93
C LEU HA 35 -24.41 -48.50 -117.02
N ASN HA 36 -24.86 -47.25 -117.17
CA ASN HA 36 -25.93 -46.96 -118.14
C ASN HA 36 -25.39 -46.85 -119.56
N LYS HA 37 -24.25 -46.17 -119.73
CA LYS HA 37 -23.55 -46.08 -121.02
C LYS HA 37 -24.34 -45.27 -122.07
N GLU HA 38 -25.10 -44.28 -121.61
CA GLU HA 38 -25.90 -43.45 -122.51
C GLU HA 38 -25.31 -42.07 -122.76
N ALA HA 39 -24.58 -41.50 -121.81
CA ALA HA 39 -24.14 -40.13 -121.97
C ALA HA 39 -23.01 -40.01 -123.00
N ALA HA 40 -22.69 -38.76 -123.35
CA ALA HA 40 -21.70 -38.50 -124.39
C ALA HA 40 -20.28 -38.92 -123.98
N SER HA 41 -19.88 -38.56 -122.76
CA SER HA 41 -18.56 -38.87 -122.25
C SER HA 41 -18.60 -40.07 -121.31
N ASN HA 42 -17.42 -40.63 -121.04
CA ASN HA 42 -17.38 -41.79 -120.17
C ASN HA 42 -17.75 -41.47 -118.73
N ILE HA 43 -17.75 -40.19 -118.35
CA ILE HA 43 -18.05 -39.83 -116.97
C ILE HA 43 -19.55 -39.63 -116.73
N GLY HA 44 -20.32 -39.34 -117.77
CA GLY HA 44 -21.75 -39.15 -117.63
C GLY HA 44 -22.55 -40.43 -117.45
N TYR HA 45 -21.90 -41.58 -117.59
CA TYR HA 45 -22.58 -42.86 -117.49
C TYR HA 45 -23.24 -42.99 -116.12
N ARG HA 46 -24.51 -43.35 -116.09
CA ARG HA 46 -25.21 -43.51 -114.83
C ARG HA 46 -24.92 -44.88 -114.24
N LYS HA 47 -24.74 -44.93 -112.93
CA LYS HA 47 -24.28 -46.19 -112.34
C LYS HA 47 -25.15 -46.62 -111.17
N VAL HA 48 -25.23 -47.93 -111.01
CA VAL HA 48 -25.96 -48.55 -109.92
C VAL HA 48 -25.02 -49.55 -109.27
N SER HA 49 -25.08 -49.68 -107.95
CA SER HA 49 -24.26 -50.70 -107.31
C SER HA 49 -24.97 -51.21 -106.07
N MET HA 50 -24.65 -52.46 -105.72
CA MET HA 50 -25.34 -53.19 -104.66
C MET HA 50 -24.37 -54.17 -104.01
N PHE HA 51 -24.52 -54.35 -102.69
CA PHE HA 51 -23.71 -55.30 -101.92
C PHE HA 51 -24.58 -55.96 -100.85
N VAL HA 52 -24.48 -57.29 -100.75
CA VAL HA 52 -25.32 -58.09 -99.85
C VAL HA 52 -24.39 -58.78 -98.86
N LYS HA 53 -24.12 -58.12 -97.73
CA LYS HA 53 -23.28 -58.70 -96.68
C LYS HA 53 -24.12 -59.62 -95.81
N TYR HA 54 -23.89 -60.93 -95.95
CA TYR HA 54 -24.59 -61.94 -95.16
C TYR HA 54 -23.78 -62.23 -93.90
N VAL HA 55 -24.36 -61.92 -92.74
CA VAL HA 55 -23.72 -62.12 -91.45
C VAL HA 55 -24.49 -63.22 -90.72
N SER HA 56 -23.89 -64.41 -90.62
CA SER HA 56 -24.63 -65.59 -90.17
C SER HA 56 -25.08 -65.44 -88.72
N ASN HA 57 -24.25 -64.90 -87.85
CA ASN HA 57 -24.67 -64.55 -86.49
C ASN HA 57 -24.42 -63.05 -86.30
N GLY HA 58 -25.37 -62.26 -86.75
CA GLY HA 58 -25.24 -60.81 -86.66
C GLY HA 58 -26.16 -60.15 -87.66
N THR HA 59 -25.89 -58.87 -87.90
CA THR HA 59 -26.80 -58.00 -88.61
C THR HA 59 -26.39 -57.94 -90.08
N SER HA 60 -27.07 -58.72 -90.92
CA SER HA 60 -26.83 -58.69 -92.35
C SER HA 60 -27.28 -57.35 -92.94
N LYS HA 61 -26.67 -56.97 -94.06
CA LYS HA 61 -26.91 -55.63 -94.62
C LYS HA 61 -26.90 -55.67 -96.15
N VAL HA 62 -27.92 -55.05 -96.76
CA VAL HA 62 -27.99 -54.88 -98.21
C VAL HA 62 -27.88 -53.39 -98.50
N THR HA 63 -26.84 -53.00 -99.24
CA THR HA 63 -26.57 -51.60 -99.54
C THR HA 63 -26.69 -51.35 -101.03
N ILE HA 64 -27.42 -50.29 -101.40
CA ILE HA 64 -27.71 -49.95 -102.79
C ILE HA 64 -27.45 -48.46 -103.00
N ARG HA 65 -26.80 -48.11 -104.11
CA ARG HA 65 -26.61 -46.70 -104.44
C ARG HA 65 -26.75 -46.48 -105.94
N ILE HA 66 -27.45 -45.40 -106.30
CA ILE HA 66 -27.80 -45.03 -107.67
C ILE HA 66 -27.30 -43.62 -107.93
N ALA HA 67 -26.53 -43.45 -109.00
CA ALA HA 67 -25.92 -42.16 -109.35
C ALA HA 67 -26.32 -41.75 -110.75
N ASP HA 68 -26.99 -40.59 -110.85
CA ASP HA 68 -27.47 -40.01 -112.11
C ASP HA 68 -26.75 -38.69 -112.32
N PRO HA 69 -25.67 -38.67 -113.09
CA PRO HA 69 -24.96 -37.41 -113.34
C PRO HA 69 -25.47 -36.69 -114.58
N VAL HA 70 -25.28 -35.36 -114.58
CA VAL HA 70 -25.59 -34.50 -115.71
C VAL HA 70 -24.33 -33.75 -116.07
N LEU HA 71 -23.84 -33.93 -117.30
CA LEU HA 71 -22.58 -33.34 -117.72
C LEU HA 71 -22.76 -31.85 -118.00
N ALA HA 72 -21.64 -31.16 -118.10
CA ALA HA 72 -21.62 -29.70 -118.29
C ALA HA 72 -21.53 -29.41 -119.78
N SER HA 73 -22.62 -28.88 -120.36
CA SER HA 73 -22.68 -28.55 -121.77
C SER HA 73 -22.39 -27.06 -121.95
N VAL HA 74 -21.38 -26.76 -122.77
CA VAL HA 74 -20.93 -25.40 -123.00
C VAL HA 74 -21.33 -25.00 -124.42
N PRO HA 75 -21.49 -23.70 -124.71
CA PRO HA 75 -21.84 -23.27 -126.06
C PRO HA 75 -20.88 -23.82 -127.10
N ALA HA 76 -21.43 -24.13 -128.28
CA ALA HA 76 -20.68 -24.90 -129.28
C ALA HA 76 -19.44 -24.16 -129.76
N GLY HA 77 -19.59 -22.87 -130.06
CA GLY HA 77 -18.45 -22.09 -130.51
C GLY HA 77 -17.35 -21.98 -129.48
N CYS HA 78 -17.67 -22.15 -128.20
CA CYS HA 78 -16.69 -22.00 -127.15
C CYS HA 78 -15.69 -23.16 -127.18
N CYS HA 79 -14.55 -22.95 -126.54
CA CYS HA 79 -13.44 -23.91 -126.58
C CYS HA 79 -13.14 -24.41 -125.18
N VAL HA 80 -13.64 -25.60 -124.87
CA VAL HA 80 -13.15 -26.40 -123.75
C VAL HA 80 -12.84 -27.77 -124.32
N ASP HA 81 -11.65 -28.29 -124.03
CA ASP HA 81 -11.21 -29.54 -124.63
C ASP HA 81 -12.22 -30.63 -124.36
N THR HA 82 -12.75 -31.22 -125.44
CA THR HA 82 -13.72 -32.29 -125.29
C THR HA 82 -13.12 -33.52 -124.63
N ASN HA 83 -11.79 -33.65 -124.67
CA ASN HA 83 -11.14 -34.74 -123.96
C ASN HA 83 -11.21 -34.58 -122.44
N THR HA 84 -11.44 -33.36 -121.96
CA THR HA 84 -11.55 -33.10 -120.52
C THR HA 84 -12.93 -32.51 -120.21
N PRO HA 85 -13.99 -33.37 -120.09
CA PRO HA 85 -15.29 -32.87 -119.65
C PRO HA 85 -15.45 -33.02 -118.14
N GLN HA 86 -16.40 -32.29 -117.58
CA GLN HA 86 -16.68 -32.36 -116.16
C GLN HA 86 -18.15 -32.66 -115.97
N VAL HA 87 -18.46 -33.15 -114.78
CA VAL HA 87 -19.82 -33.35 -114.33
C VAL HA 87 -20.27 -32.08 -113.61
N ALA HA 88 -21.34 -31.48 -114.09
CA ALA HA 88 -21.89 -30.29 -113.44
C ALA HA 88 -22.45 -30.62 -112.07
N TYR HA 89 -23.25 -31.67 -111.98
CA TYR HA 89 -23.89 -32.10 -110.75
C TYR HA 89 -24.45 -33.49 -110.99
N SER HA 90 -24.76 -34.19 -109.90
CA SER HA 90 -25.29 -35.55 -110.00
C SER HA 90 -26.20 -35.85 -108.82
N THR HA 91 -27.35 -36.44 -109.11
CA THR HA 91 -28.26 -36.86 -108.06
C THR HA 91 -27.87 -38.25 -107.57
N PHE HA 92 -28.14 -38.51 -106.28
CA PHE HA 92 -27.73 -39.75 -105.65
C PHE HA 92 -28.86 -40.34 -104.80
N PHE HA 93 -28.96 -41.67 -104.79
CA PHE HA 93 -29.86 -42.38 -103.89
C PHE HA 93 -29.10 -43.50 -103.20
N GLU HA 94 -29.09 -43.51 -101.86
CA GLU HA 94 -28.36 -44.53 -101.12
C GLU HA 94 -29.26 -45.11 -100.03
N CYS HA 95 -29.46 -46.43 -100.06
CA CYS HA 95 -30.27 -47.11 -99.06
C CYS HA 95 -29.55 -48.33 -98.50
N THR HA 96 -29.85 -48.66 -97.25
CA THR HA 96 -29.29 -49.81 -96.55
C THR HA 96 -30.40 -50.51 -95.78
N PHE HA 97 -30.62 -51.78 -96.12
CA PHE HA 97 -31.44 -52.69 -95.34
C PHE HA 97 -30.56 -53.36 -94.29
N SER HA 98 -31.04 -53.41 -93.05
CA SER HA 98 -30.36 -54.07 -91.95
C SER HA 98 -31.28 -55.12 -91.35
N VAL HA 99 -30.94 -56.39 -91.57
CA VAL HA 99 -31.76 -57.54 -91.21
C VAL HA 99 -31.04 -58.33 -90.13
N PRO HA 100 -31.63 -58.54 -88.95
CA PRO HA 100 -30.94 -59.30 -87.91
C PRO HA 100 -30.77 -60.76 -88.31
N TYR HA 101 -29.81 -61.40 -87.65
CA TYR HA 101 -29.79 -62.86 -87.64
C TYR HA 101 -31.10 -63.37 -87.07
N GLY HA 102 -31.49 -64.57 -87.50
CA GLY HA 102 -32.70 -65.16 -86.99
C GLY HA 102 -33.97 -64.44 -87.37
N ALA HA 103 -33.95 -63.57 -88.38
CA ALA HA 103 -35.17 -62.92 -88.84
C ALA HA 103 -35.89 -63.85 -89.82
N THR HA 104 -37.21 -63.99 -89.63
CA THR HA 104 -38.02 -64.84 -90.50
C THR HA 104 -38.02 -64.30 -91.92
N LEU HA 105 -38.08 -65.24 -92.86
CA LEU HA 105 -38.33 -64.86 -94.25
C LEU HA 105 -39.53 -63.93 -94.35
N GLN HA 106 -40.51 -64.10 -93.46
CA GLN HA 106 -41.65 -63.19 -93.44
C GLN HA 106 -41.24 -61.80 -92.97
N ASN HA 107 -40.33 -61.70 -91.99
CA ASN HA 107 -39.85 -60.39 -91.56
C ASN HA 107 -39.11 -59.68 -92.69
N LYS HA 108 -38.35 -60.44 -93.49
CA LYS HA 108 -37.62 -59.84 -94.61
C LYS HA 108 -38.59 -59.34 -95.68
N LYS HA 109 -39.56 -60.18 -96.07
CA LYS HA 109 -40.63 -59.73 -96.95
C LYS HA 109 -41.28 -58.46 -96.42
N ASP HA 110 -41.60 -58.46 -95.12
CA ASP HA 110 -42.27 -57.32 -94.50
C ASP HA 110 -41.49 -56.03 -94.72
N ILE HA 111 -40.21 -56.02 -94.34
CA ILE HA 111 -39.49 -54.74 -94.40
C ILE HA 111 -39.24 -54.32 -95.85
N LEU HA 112 -38.98 -55.27 -96.75
CA LEU HA 112 -38.87 -54.90 -98.15
C LEU HA 112 -40.13 -54.19 -98.61
N ALA HA 113 -41.30 -54.75 -98.26
CA ALA HA 113 -42.55 -54.16 -98.71
C ALA HA 113 -42.80 -52.81 -98.06
N TYR HA 114 -42.46 -52.66 -96.78
CA TYR HA 114 -42.64 -51.36 -96.14
C TYR HA 114 -41.81 -50.29 -96.84
N ALA HA 115 -40.56 -50.62 -97.16
CA ALA HA 115 -39.69 -49.67 -97.85
C ALA HA 115 -40.26 -49.29 -99.21
N ARG HA 116 -40.67 -50.30 -99.99
CA ARG HA 116 -41.14 -50.00 -101.35
C ARG HA 116 -42.43 -49.19 -101.30
N ASN HA 117 -43.37 -49.56 -100.43
CA ASN HA 117 -44.62 -48.82 -100.32
C ASN HA 117 -44.39 -47.41 -99.83
N LEU HA 118 -43.44 -47.21 -98.90
CA LEU HA 118 -43.17 -45.87 -98.41
C LEU HA 118 -42.58 -44.98 -99.50
N LEU HA 119 -41.61 -45.50 -100.26
CA LEU HA 119 -41.08 -44.71 -101.37
C LEU HA 119 -42.13 -44.47 -102.44
N GLY HA 120 -43.13 -45.35 -102.53
CA GLY HA 120 -44.26 -45.07 -103.39
C GLY HA 120 -45.32 -44.15 -102.82
N THR HA 121 -45.17 -43.66 -101.59
CA THR HA 121 -46.22 -42.84 -101.00
C THR HA 121 -46.21 -41.42 -101.55
N GLN HA 122 -47.39 -40.79 -101.51
CA GLN HA 122 -47.51 -39.44 -102.04
C GLN HA 122 -46.67 -38.46 -101.24
N VAL HA 123 -46.54 -38.65 -99.93
CA VAL HA 123 -45.74 -37.72 -99.15
C VAL HA 123 -44.26 -37.83 -99.53
N VAL HA 124 -43.79 -39.04 -99.81
CA VAL HA 124 -42.39 -39.23 -100.17
C VAL HA 124 -42.10 -38.68 -101.57
N THR HA 125 -42.97 -39.00 -102.54
CA THR HA 125 -42.78 -38.45 -103.88
C THR HA 125 -42.85 -36.92 -103.84
N ASP HA 126 -43.79 -36.38 -103.07
CA ASP HA 126 -43.90 -34.94 -102.87
C ASP HA 126 -42.59 -34.37 -102.33
N ALA HA 127 -42.05 -34.99 -101.26
CA ALA HA 127 -40.85 -34.44 -100.62
C ALA HA 127 -39.66 -34.45 -101.57
N VAL HA 128 -39.43 -35.58 -102.26
CA VAL HA 128 -38.24 -35.70 -103.11
C VAL HA 128 -38.34 -34.79 -104.34
N VAL HA 129 -39.52 -34.67 -104.93
CA VAL HA 129 -39.63 -33.91 -106.18
C VAL HA 129 -39.80 -32.42 -105.90
N ASP HA 130 -40.80 -32.05 -105.11
CA ASP HA 130 -41.09 -30.64 -104.88
C ASP HA 130 -40.31 -30.03 -103.71
N MET HA 131 -39.53 -30.84 -102.97
CA MET HA 131 -38.85 -30.39 -101.77
C MET HA 131 -39.84 -30.00 -100.69
N THR HA 132 -40.92 -30.78 -100.56
CA THR HA 132 -42.00 -30.41 -99.65
C THR HA 132 -42.00 -31.35 -98.45
N PRO HA 133 -41.89 -30.83 -97.24
CA PRO HA 133 -41.81 -31.67 -96.04
C PRO HA 133 -43.17 -32.05 -95.49
N ALA HA 134 -43.18 -32.80 -94.39
CA ALA HA 134 -44.40 -33.12 -93.66
C ALA HA 134 -44.48 -32.19 -92.45
N TRP HA 135 -45.27 -31.12 -92.56
CA TRP HA 135 -45.31 -30.08 -91.53
C TRP HA 135 -46.47 -30.21 -90.54
N ALA IA 1 -15.70 -76.10 -113.96
CA ALA IA 1 -16.88 -75.98 -113.09
C ALA IA 1 -17.23 -74.53 -112.84
N GLN IA 2 -18.10 -73.95 -113.66
CA GLN IA 2 -18.70 -72.69 -113.26
C GLN IA 2 -19.50 -72.93 -111.98
N ILE IA 3 -19.49 -71.95 -111.09
CA ILE IA 3 -20.19 -72.14 -109.82
C ILE IA 3 -21.66 -72.36 -110.11
N ALA IA 4 -22.24 -73.33 -109.43
CA ALA IA 4 -23.65 -73.65 -109.62
C ALA IA 4 -24.14 -74.32 -108.35
N ASN IA 5 -25.46 -74.57 -108.32
CA ASN IA 5 -26.08 -75.17 -107.17
C ASN IA 5 -25.35 -76.45 -106.76
N LEU IA 6 -25.44 -76.78 -105.48
CA LEU IA 6 -24.73 -77.93 -104.94
C LEU IA 6 -25.71 -78.76 -104.11
N ILE IA 7 -25.77 -80.07 -104.34
CA ILE IA 7 -26.78 -80.90 -103.71
C ILE IA 7 -26.09 -81.98 -102.87
N LEU IA 8 -26.32 -81.93 -101.56
CA LEU IA 8 -25.69 -82.85 -100.61
C LEU IA 8 -26.76 -83.56 -99.79
N ALA IA 9 -26.60 -84.87 -99.63
CA ALA IA 9 -27.61 -85.67 -98.94
C ALA IA 9 -27.24 -85.85 -97.46
N ASP IA 10 -28.20 -85.54 -96.59
CA ASP IA 10 -27.99 -85.73 -95.16
C ASP IA 10 -28.02 -87.23 -94.79
N GLY IA 11 -27.55 -87.52 -93.59
CA GLY IA 11 -27.53 -88.88 -93.10
C GLY IA 11 -28.77 -89.21 -92.31
N GLN IA 12 -29.67 -89.97 -92.91
CA GLN IA 12 -30.87 -90.46 -92.26
C GLN IA 12 -31.08 -91.89 -92.73
N ALA IA 13 -32.14 -92.50 -92.21
CA ALA IA 13 -32.58 -93.77 -92.77
C ALA IA 13 -32.78 -93.64 -94.27
N THR IA 14 -33.61 -92.70 -94.68
CA THR IA 14 -33.72 -92.34 -96.07
C THR IA 14 -33.11 -90.94 -96.17
N PRO IA 15 -31.91 -90.83 -96.73
CA PRO IA 15 -31.28 -89.52 -96.84
C PRO IA 15 -32.13 -88.58 -97.69
N ALA IA 16 -32.07 -87.30 -97.33
CA ALA IA 16 -32.83 -86.25 -97.99
C ALA IA 16 -31.88 -85.27 -98.64
N ASN IA 17 -32.02 -85.06 -99.95
CA ASN IA 17 -31.17 -84.11 -100.65
C ASN IA 17 -31.42 -82.70 -100.13
N HIS IA 18 -30.34 -81.97 -99.86
CA HIS IA 18 -30.40 -80.57 -99.44
C HIS IA 18 -29.62 -79.75 -100.45
N THR IA 19 -30.21 -78.65 -100.90
CA THR IA 19 -29.65 -77.83 -101.95
C THR IA 19 -28.89 -76.65 -101.37
N PHE IA 20 -27.90 -76.17 -102.13
CA PHE IA 20 -26.97 -75.11 -101.73
C PHE IA 20 -26.91 -74.10 -102.88
N VAL IA 21 -27.53 -72.95 -102.67
CA VAL IA 21 -27.45 -71.86 -103.65
C VAL IA 21 -26.05 -71.27 -103.61
N PRO IA 22 -25.45 -70.93 -104.73
CA PRO IA 22 -24.17 -70.22 -104.69
C PRO IA 22 -24.33 -68.77 -104.24
N MET IA 23 -23.31 -68.29 -103.54
CA MET IA 23 -23.27 -66.92 -103.04
C MET IA 23 -22.24 -66.05 -103.77
N GLN IA 24 -21.03 -66.56 -103.97
CA GLN IA 24 -20.05 -65.86 -104.78
C GLN IA 24 -19.08 -66.88 -105.35
N PRO IA 25 -18.53 -66.64 -106.53
CA PRO IA 25 -17.59 -67.57 -107.12
C PRO IA 25 -16.25 -67.47 -106.39
N GLN IA 26 -15.29 -68.25 -106.86
CA GLN IA 26 -13.95 -68.22 -106.30
C GLN IA 26 -13.12 -67.15 -107.01
N THR IA 27 -12.45 -66.33 -106.21
CA THR IA 27 -11.60 -65.25 -106.66
C THR IA 27 -10.18 -65.54 -106.18
N GLY IA 28 -9.24 -64.65 -106.52
CA GLY IA 28 -7.88 -64.82 -106.06
C GLY IA 28 -7.73 -64.74 -104.55
N ILE IA 29 -8.60 -64.00 -103.87
CA ILE IA 29 -8.52 -63.86 -102.42
C ILE IA 29 -9.74 -64.43 -101.69
N THR IA 30 -10.90 -64.52 -102.33
CA THR IA 30 -12.10 -65.02 -101.70
C THR IA 30 -12.44 -66.42 -102.21
N PRO IA 31 -12.85 -67.34 -101.34
CA PRO IA 31 -13.22 -68.69 -101.78
C PRO IA 31 -14.67 -68.82 -102.20
N SER IA 32 -14.89 -69.68 -103.19
CA SER IA 32 -16.25 -69.92 -103.66
C SER IA 32 -17.07 -70.51 -102.52
N GLN IA 33 -18.33 -70.07 -102.38
CA GLN IA 33 -19.11 -70.52 -101.23
C GLN IA 33 -20.60 -70.54 -101.55
N TRP IA 34 -21.29 -71.52 -100.94
CA TRP IA 34 -22.71 -71.81 -101.11
C TRP IA 34 -23.42 -71.69 -99.75
N LEU IA 35 -24.75 -71.76 -99.78
CA LEU IA 35 -25.62 -71.56 -98.62
C LEU IA 35 -26.82 -72.50 -98.70
N ASN IA 36 -27.23 -73.05 -97.54
CA ASN IA 36 -28.35 -74.00 -97.54
C ASN IA 36 -29.68 -73.29 -97.70
N LYS IA 37 -29.93 -72.26 -96.88
CA LYS IA 37 -31.13 -71.42 -96.99
C LYS IA 37 -32.41 -72.20 -96.73
N GLU IA 38 -32.33 -73.13 -95.77
CA GLU IA 38 -33.51 -73.92 -95.39
C GLU IA 38 -34.16 -73.42 -94.12
N ALA IA 39 -33.42 -73.34 -93.01
CA ALA IA 39 -34.04 -72.89 -91.77
C ALA IA 39 -34.47 -71.44 -91.88
N ALA IA 40 -35.48 -71.06 -91.09
CA ALA IA 40 -36.06 -69.72 -91.22
C ALA IA 40 -35.07 -68.65 -90.77
N SER IA 41 -34.25 -68.97 -89.78
CA SER IA 41 -33.31 -68.01 -89.20
C SER IA 41 -32.06 -67.90 -90.05
N ASN IA 42 -31.52 -66.68 -90.13
CA ASN IA 42 -30.23 -66.49 -90.79
C ASN IA 42 -29.15 -67.40 -90.24
N ILE IA 43 -29.24 -67.76 -88.96
CA ILE IA 43 -28.22 -68.59 -88.34
C ILE IA 43 -28.26 -70.01 -88.86
N GLY IA 44 -29.47 -70.57 -89.00
CA GLY IA 44 -29.68 -71.96 -89.38
C GLY IA 44 -29.27 -72.31 -90.80
N TYR IA 45 -28.94 -71.33 -91.63
CA TYR IA 45 -28.43 -71.64 -92.96
C TYR IA 45 -27.11 -72.38 -92.84
N ARG IA 46 -26.93 -73.42 -93.65
CA ARG IA 46 -25.71 -74.21 -93.65
C ARG IA 46 -24.82 -73.77 -94.81
N LYS IA 47 -23.53 -73.59 -94.55
CA LYS IA 47 -22.66 -73.05 -95.57
C LYS IA 47 -21.58 -74.06 -95.94
N VAL IA 48 -21.10 -73.93 -97.17
CA VAL IA 48 -20.06 -74.79 -97.72
C VAL IA 48 -19.13 -73.92 -98.53
N SER IA 49 -17.86 -73.84 -98.16
CA SER IA 49 -16.92 -73.01 -98.89
C SER IA 49 -15.71 -73.82 -99.31
N MET IA 50 -15.08 -73.39 -100.40
CA MET IA 50 -14.02 -74.14 -101.05
C MET IA 50 -13.08 -73.16 -101.75
N PHE IA 51 -11.78 -73.47 -101.73
CA PHE IA 51 -10.77 -72.66 -102.39
C PHE IA 51 -9.64 -73.51 -102.95
N VAL IA 52 -9.27 -73.25 -104.21
CA VAL IA 52 -8.30 -74.04 -104.96
C VAL IA 52 -7.11 -73.14 -105.26
N LYS IA 53 -6.08 -73.17 -104.42
CA LYS IA 53 -4.88 -72.37 -104.62
C LYS IA 53 -3.89 -73.14 -105.49
N TYR IA 54 -3.73 -72.68 -106.73
CA TYR IA 54 -2.78 -73.28 -107.67
C TYR IA 54 -1.42 -72.64 -107.50
N VAL IA 55 -0.41 -73.46 -107.20
CA VAL IA 55 0.97 -73.01 -107.05
C VAL IA 55 1.78 -73.70 -108.13
N SER IA 56 2.15 -72.96 -109.18
CA SER IA 56 2.72 -73.58 -110.37
C SER IA 56 4.07 -74.22 -110.09
N ASN IA 57 4.82 -73.71 -109.11
CA ASN IA 57 6.04 -74.38 -108.63
C ASN IA 57 5.99 -74.44 -107.10
N GLY IA 58 5.31 -75.45 -106.59
CA GLY IA 58 5.17 -75.60 -105.16
C GLY IA 58 3.94 -76.44 -104.84
N THR IA 59 3.53 -76.35 -103.59
CA THR IA 59 2.45 -77.19 -103.05
C THR IA 59 1.11 -76.48 -103.27
N SER IA 60 0.37 -76.91 -104.28
CA SER IA 60 -1.00 -76.44 -104.46
C SER IA 60 -1.88 -76.97 -103.33
N LYS IA 61 -2.99 -76.29 -103.06
CA LYS IA 61 -3.82 -76.63 -101.91
C LYS IA 61 -5.31 -76.41 -102.20
N VAL IA 62 -6.10 -77.48 -102.02
CA VAL IA 62 -7.56 -77.41 -102.07
C VAL IA 62 -8.09 -77.44 -100.65
N THR IA 63 -8.91 -76.45 -100.29
CA THR IA 63 -9.42 -76.30 -98.94
C THR IA 63 -10.93 -76.28 -98.95
N ILE IA 64 -11.55 -77.04 -98.05
CA ILE IA 64 -13.00 -77.21 -98.00
C ILE IA 64 -13.47 -77.11 -96.55
N ARG IA 65 -14.56 -76.37 -96.32
CA ARG IA 65 -15.14 -76.35 -94.98
C ARG IA 65 -16.67 -76.30 -95.07
N ILE IA 66 -17.29 -77.11 -94.23
CA ILE IA 66 -18.74 -77.34 -94.20
C ILE IA 66 -19.24 -77.01 -92.80
N ALA IA 67 -20.29 -76.19 -92.72
CA ALA IA 67 -20.84 -75.75 -91.44
C ALA IA 67 -22.33 -76.03 -91.39
N ASP IA 68 -22.75 -76.81 -90.39
CA ASP IA 68 -24.16 -77.18 -90.18
C ASP IA 68 -24.58 -76.67 -88.80
N PRO IA 69 -25.29 -75.54 -88.72
CA PRO IA 69 -25.79 -75.07 -87.42
C PRO IA 69 -26.90 -75.97 -86.90
N VAL IA 70 -26.69 -76.54 -85.71
CA VAL IA 70 -27.73 -77.33 -85.08
C VAL IA 70 -28.29 -76.56 -83.90
N LEU IA 71 -29.27 -75.71 -84.16
CA LEU IA 71 -29.89 -74.94 -83.10
C LEU IA 71 -30.98 -75.71 -82.39
N ALA IA 72 -31.55 -76.72 -83.06
CA ALA IA 72 -32.51 -77.60 -82.40
C ALA IA 72 -31.88 -78.26 -81.19
N SER IA 73 -30.60 -78.61 -81.28
CA SER IA 73 -29.92 -79.30 -80.20
C SER IA 73 -29.62 -78.39 -79.01
N VAL IA 74 -29.75 -77.07 -79.17
CA VAL IA 74 -29.44 -76.13 -78.09
C VAL IA 74 -30.53 -76.21 -77.03
N PRO IA 75 -30.18 -76.27 -75.73
CA PRO IA 75 -31.21 -76.27 -74.70
C PRO IA 75 -32.02 -74.99 -74.74
N ALA IA 76 -33.27 -75.09 -74.29
CA ALA IA 76 -34.15 -73.93 -74.31
C ALA IA 76 -33.65 -72.84 -73.37
N GLY IA 77 -32.99 -73.22 -72.28
CA GLY IA 77 -32.53 -72.23 -71.31
C GLY IA 77 -31.37 -71.39 -71.80
N CYS IA 78 -30.55 -71.93 -72.70
CA CYS IA 78 -29.40 -71.21 -73.21
C CYS IA 78 -29.81 -70.27 -74.33
N CYS IA 79 -29.39 -69.01 -74.23
CA CYS IA 79 -29.62 -68.02 -75.27
C CYS IA 79 -28.46 -68.00 -76.25
N VAL IA 80 -28.78 -67.87 -77.54
CA VAL IA 80 -27.78 -67.80 -78.60
C VAL IA 80 -27.83 -66.39 -79.18
N ASP IA 81 -26.69 -65.69 -79.12
CA ASP IA 81 -26.55 -64.34 -79.64
C ASP IA 81 -25.20 -64.21 -80.32
N THR IA 82 -24.91 -63.01 -80.84
CA THR IA 82 -23.70 -62.81 -81.65
C THR IA 82 -22.46 -63.24 -80.87
N ASN IA 83 -22.48 -63.09 -79.56
CA ASN IA 83 -21.33 -63.42 -78.71
C ASN IA 83 -21.19 -64.91 -78.45
N THR IA 84 -22.20 -65.73 -78.76
CA THR IA 84 -22.06 -67.17 -78.58
C THR IA 84 -21.03 -67.69 -79.56
N PRO IA 85 -20.02 -68.44 -79.08
CA PRO IA 85 -19.01 -68.96 -80.00
C PRO IA 85 -19.61 -69.96 -80.98
N GLN IA 86 -19.17 -69.86 -82.24
CA GLN IA 86 -19.78 -70.68 -83.28
C GLN IA 86 -19.62 -72.16 -82.98
N VAL IA 87 -18.44 -72.57 -82.54
CA VAL IA 87 -18.08 -73.99 -82.47
C VAL IA 87 -18.88 -74.69 -81.37
N ALA IA 88 -19.71 -73.92 -80.67
CA ALA IA 88 -20.56 -74.49 -79.63
C ALA IA 88 -21.97 -74.80 -80.11
N TYR IA 89 -22.45 -74.21 -81.21
CA TYR IA 89 -23.82 -74.44 -81.64
C TYR IA 89 -23.92 -74.91 -83.08
N SER IA 90 -22.86 -75.51 -83.63
CA SER IA 90 -22.89 -76.00 -85.00
C SER IA 90 -21.75 -76.99 -85.21
N THR IA 91 -21.99 -77.95 -86.11
CA THR IA 91 -20.97 -78.93 -86.48
C THR IA 91 -20.17 -78.41 -87.67
N PHE IA 92 -18.89 -78.83 -87.72
CA PHE IA 92 -17.95 -78.32 -88.72
C PHE IA 92 -17.10 -79.45 -89.30
N PHE IA 93 -16.80 -79.36 -90.59
CA PHE IA 93 -15.87 -80.28 -91.26
C PHE IA 93 -14.90 -79.48 -92.10
N GLU IA 94 -13.60 -79.64 -91.86
CA GLU IA 94 -12.59 -78.88 -92.60
C GLU IA 94 -11.51 -79.82 -93.11
N CYS IA 95 -11.29 -79.83 -94.43
CA CYS IA 95 -10.25 -80.66 -95.03
C CYS IA 95 -9.38 -79.83 -95.97
N THR IA 96 -8.14 -80.29 -96.15
CA THR IA 96 -7.16 -79.67 -97.04
C THR IA 96 -6.37 -80.76 -97.76
N PHE IA 97 -6.45 -80.74 -99.09
CA PHE IA 97 -5.58 -81.54 -99.96
C PHE IA 97 -4.36 -80.72 -100.32
N SER IA 98 -3.18 -81.30 -100.08
CA SER IA 98 -1.91 -80.69 -100.46
C SER IA 98 -1.31 -81.52 -101.59
N VAL IA 99 -1.14 -80.89 -102.75
CA VAL IA 99 -0.67 -81.54 -103.97
C VAL IA 99 0.59 -80.86 -104.46
N PRO IA 100 1.76 -81.48 -104.36
CA PRO IA 100 2.99 -80.84 -104.83
C PRO IA 100 3.00 -80.74 -106.35
N TYR IA 101 3.69 -79.72 -106.85
CA TYR IA 101 3.93 -79.64 -108.28
C TYR IA 101 4.64 -80.90 -108.75
N GLY IA 102 4.39 -81.31 -109.99
CA GLY IA 102 5.02 -82.52 -110.45
C GLY IA 102 4.33 -83.78 -109.99
N ALA IA 103 3.09 -83.67 -109.51
CA ALA IA 103 2.35 -84.86 -109.12
C ALA IA 103 1.65 -85.41 -110.35
N THR IA 104 1.81 -86.70 -110.57
CA THR IA 104 1.14 -87.29 -111.72
C THR IA 104 -0.36 -87.19 -111.54
N LEU IA 105 -1.05 -87.12 -112.68
CA LEU IA 105 -2.51 -87.17 -112.65
C LEU IA 105 -2.97 -88.36 -111.82
N GLN IA 106 -2.21 -89.45 -111.89
CA GLN IA 106 -2.53 -90.64 -111.11
C GLN IA 106 -2.32 -90.41 -109.63
N ASN IA 107 -1.33 -89.60 -109.24
CA ASN IA 107 -1.14 -89.27 -107.83
C ASN IA 107 -2.31 -88.46 -107.29
N LYS IA 108 -2.81 -87.51 -108.10
CA LYS IA 108 -3.96 -86.71 -107.70
C LYS IA 108 -5.21 -87.57 -107.54
N LYS IA 109 -5.52 -88.38 -108.56
CA LYS IA 109 -6.62 -89.33 -108.44
C LYS IA 109 -6.45 -90.24 -107.25
N ASP IA 110 -5.21 -90.70 -107.02
CA ASP IA 110 -4.94 -91.60 -105.92
C ASP IA 110 -5.35 -90.98 -104.61
N ILE IA 111 -4.85 -89.77 -104.32
CA ILE IA 111 -5.12 -89.24 -102.98
C ILE IA 111 -6.58 -88.87 -102.82
N LEU IA 112 -7.23 -88.41 -103.90
CA LEU IA 112 -8.67 -88.19 -103.81
C LEU IA 112 -9.38 -89.47 -103.41
N ALA IA 113 -9.04 -90.59 -104.05
CA ALA IA 113 -9.69 -91.85 -103.77
C ALA IA 113 -9.38 -92.34 -102.36
N TYR IA 114 -8.14 -92.19 -101.91
CA TYR IA 114 -7.79 -92.62 -100.57
C TYR IA 114 -8.59 -91.86 -99.52
N ALA IA 115 -8.71 -90.55 -99.70
CA ALA IA 115 -9.50 -89.74 -98.77
C ALA IA 115 -10.95 -90.19 -98.76
N ARG IA 116 -11.55 -90.36 -99.95
CA ARG IA 116 -12.97 -90.68 -100.00
C ARG IA 116 -13.24 -92.08 -99.43
N ASN IA 117 -12.42 -93.06 -99.78
CA ASN IA 117 -12.59 -94.40 -99.24
C ASN IA 117 -12.38 -94.42 -97.73
N LEU IA 118 -11.38 -93.67 -97.23
CA LEU IA 118 -11.15 -93.64 -95.80
C LEU IA 118 -12.32 -93.06 -95.04
N LEU IA 119 -12.86 -91.93 -95.52
CA LEU IA 119 -14.05 -91.39 -94.87
C LEU IA 119 -15.26 -92.30 -95.03
N GLY IA 120 -15.29 -93.13 -96.07
CA GLY IA 120 -16.32 -94.15 -96.15
C GLY IA 120 -16.13 -95.33 -95.22
N THR IA 121 -14.91 -95.54 -94.71
CA THR IA 121 -14.62 -96.72 -93.90
C THR IA 121 -15.49 -96.77 -92.65
N GLN IA 122 -15.74 -98.00 -92.19
CA GLN IA 122 -16.52 -98.17 -90.97
C GLN IA 122 -15.82 -97.58 -89.77
N VAL IA 123 -14.49 -97.65 -89.72
CA VAL IA 123 -13.80 -97.12 -88.55
C VAL IA 123 -14.03 -95.61 -88.44
N VAL IA 124 -14.01 -94.91 -89.57
CA VAL IA 124 -14.27 -93.47 -89.57
C VAL IA 124 -15.72 -93.19 -89.21
N THR IA 125 -16.66 -93.91 -89.84
CA THR IA 125 -18.07 -93.72 -89.52
C THR IA 125 -18.32 -93.90 -88.03
N ASP IA 126 -17.76 -94.98 -87.47
CA ASP IA 126 -17.89 -95.30 -86.06
C ASP IA 126 -17.27 -94.23 -85.18
N ALA IA 127 -16.11 -93.70 -85.57
CA ALA IA 127 -15.41 -92.72 -84.76
C ALA IA 127 -16.12 -91.37 -84.74
N VAL IA 128 -16.71 -90.98 -85.87
CA VAL IA 128 -17.36 -89.66 -85.93
C VAL IA 128 -18.73 -89.71 -85.30
N VAL IA 129 -19.50 -90.77 -85.52
CA VAL IA 129 -20.85 -90.82 -84.96
C VAL IA 129 -20.82 -91.29 -83.51
N ASP IA 130 -20.27 -92.48 -83.25
CA ASP IA 130 -20.30 -93.05 -81.92
C ASP IA 130 -19.12 -92.62 -81.06
N MET IA 131 -18.26 -91.73 -81.58
CA MET IA 131 -17.13 -91.18 -80.83
C MET IA 131 -16.12 -92.26 -80.42
N THR IA 132 -16.16 -93.42 -81.08
CA THR IA 132 -15.36 -94.55 -80.65
C THR IA 132 -14.10 -94.62 -81.48
N PRO IA 133 -12.91 -94.49 -80.87
CA PRO IA 133 -11.66 -94.46 -81.64
C PRO IA 133 -11.06 -95.83 -81.88
N ALA IA 134 -9.86 -95.87 -82.47
CA ALA IA 134 -9.14 -97.11 -82.74
C ALA IA 134 -8.06 -97.27 -81.68
N TRP IA 135 -8.28 -98.19 -80.74
CA TRP IA 135 -7.39 -98.35 -79.58
C TRP IA 135 -6.55 -99.62 -79.61
N ALA JA 1 -18.30 -59.72 -119.59
CA ALA JA 1 -17.61 -60.98 -119.84
C ALA JA 1 -17.32 -61.71 -118.54
N GLN JA 2 -18.20 -62.64 -118.11
CA GLN JA 2 -17.79 -63.53 -117.05
C GLN JA 2 -16.72 -64.49 -117.56
N ILE JA 3 -15.81 -64.87 -116.68
CA ILE JA 3 -14.71 -65.72 -117.10
C ILE JA 3 -15.25 -67.08 -117.51
N ALA JA 4 -14.69 -67.62 -118.58
CA ALA JA 4 -15.10 -68.92 -119.08
C ALA JA 4 -13.94 -69.51 -119.85
N ASN JA 5 -14.11 -70.76 -120.28
CA ASN JA 5 -13.04 -71.48 -120.96
C ASN JA 5 -12.50 -70.68 -122.14
N LEU JA 6 -11.25 -70.95 -122.51
CA LEU JA 6 -10.62 -70.24 -123.61
C LEU JA 6 -9.94 -71.22 -124.55
N ILE JA 7 -10.26 -71.16 -125.84
CA ILE JA 7 -9.77 -72.13 -126.82
C ILE JA 7 -8.87 -71.42 -127.82
N LEU JA 8 -7.63 -71.91 -127.95
CA LEU JA 8 -6.60 -71.31 -128.78
C LEU JA 8 -5.95 -72.38 -129.67
N ALA JA 9 -5.76 -72.05 -130.95
CA ALA JA 9 -5.24 -73.02 -131.91
C ALA JA 9 -3.72 -72.93 -132.01
N ASP JA 10 -3.04 -74.05 -131.81
CA ASP JA 10 -1.59 -74.07 -131.93
C ASP JA 10 -1.16 -73.96 -133.40
N GLY JA 11 0.11 -73.65 -133.59
CA GLY JA 11 0.68 -73.52 -134.91
C GLY JA 11 1.25 -74.84 -135.39
N GLN JA 12 0.58 -75.45 -136.36
CA GLN JA 12 1.01 -76.71 -136.94
C GLN JA 12 0.60 -76.70 -138.40
N ALA JA 13 0.99 -77.76 -139.11
CA ALA JA 13 0.45 -77.97 -140.44
C ALA JA 13 -1.06 -77.95 -140.40
N THR JA 14 -1.64 -78.74 -139.51
CA THR JA 14 -3.05 -78.62 -139.19
C THR JA 14 -3.14 -78.17 -137.74
N PRO JA 15 -3.66 -76.98 -137.47
CA PRO JA 15 -3.75 -76.52 -136.08
C PRO JA 15 -4.72 -77.38 -135.28
N ALA JA 16 -4.39 -77.55 -134.00
CA ALA JA 16 -5.22 -78.32 -133.08
C ALA JA 16 -5.66 -77.43 -131.93
N ASN JA 17 -6.96 -77.40 -131.67
CA ASN JA 17 -7.48 -76.54 -130.60
C ASN JA 17 -6.98 -77.02 -129.24
N HIS JA 18 -6.51 -76.06 -128.44
CA HIS JA 18 -6.08 -76.31 -127.07
C HIS JA 18 -6.97 -75.53 -126.12
N THR JA 19 -7.42 -76.17 -125.04
CA THR JA 19 -8.36 -75.56 -124.13
C THR JA 19 -7.64 -75.02 -122.89
N PHE JA 20 -8.21 -73.96 -122.32
CA PHE JA 20 -7.63 -73.22 -121.19
C PHE JA 20 -8.72 -73.05 -120.15
N VAL JA 21 -8.63 -73.86 -119.09
CA VAL JA 21 -9.57 -73.75 -117.97
C VAL JA 21 -9.21 -72.51 -117.16
N PRO JA 22 -10.19 -71.69 -116.78
CA PRO JA 22 -9.87 -70.51 -115.95
C PRO JA 22 -9.40 -70.93 -114.56
N MET JA 23 -8.46 -70.14 -114.02
CA MET JA 23 -8.01 -70.26 -112.63
C MET JA 23 -8.41 -69.08 -111.76
N GLN JA 24 -8.47 -67.89 -112.35
CA GLN JA 24 -8.52 -66.70 -111.54
C GLN JA 24 -9.24 -65.60 -112.31
N PRO JA 25 -10.33 -65.08 -111.79
CA PRO JA 25 -10.94 -63.90 -112.42
C PRO JA 25 -10.25 -62.62 -111.99
N GLN JA 26 -10.33 -61.62 -112.86
CA GLN JA 26 -9.73 -60.32 -112.61
C GLN JA 26 -10.52 -59.57 -111.54
N THR JA 27 -9.82 -59.19 -110.48
CA THR JA 27 -10.41 -58.45 -109.36
C THR JA 27 -9.30 -57.64 -108.71
N GLY JA 28 -9.45 -56.32 -108.67
CA GLY JA 28 -8.41 -55.49 -108.08
C GLY JA 28 -7.15 -55.54 -108.92
N ILE JA 29 -6.03 -55.89 -108.28
CA ILE JA 29 -4.78 -56.02 -109.00
C ILE JA 29 -4.66 -57.38 -109.66
N THR JA 30 -5.29 -58.39 -109.09
CA THR JA 30 -5.16 -59.75 -109.60
C THR JA 30 -5.81 -59.90 -110.98
N PRO JA 31 -5.08 -60.35 -112.00
CA PRO JA 31 -5.63 -60.40 -113.35
C PRO JA 31 -6.26 -61.75 -113.70
N SER JA 32 -7.18 -61.71 -114.66
CA SER JA 32 -7.80 -62.94 -115.11
C SER JA 32 -6.74 -63.85 -115.72
N GLN JA 33 -6.82 -65.16 -115.43
CA GLN JA 33 -5.83 -66.07 -115.97
C GLN JA 33 -6.39 -67.49 -116.15
N TRP JA 34 -6.00 -68.13 -117.25
CA TRP JA 34 -6.39 -69.47 -117.66
C TRP JA 34 -5.15 -70.35 -117.79
N LEU JA 35 -5.35 -71.67 -117.72
CA LEU JA 35 -4.28 -72.65 -117.73
C LEU JA 35 -4.56 -73.74 -118.76
N ASN JA 36 -3.50 -74.29 -119.38
CA ASN JA 36 -3.68 -75.25 -120.48
C ASN JA 36 -4.04 -76.65 -119.99
N LYS JA 37 -3.34 -77.14 -118.95
CA LYS JA 37 -3.65 -78.42 -118.28
C LYS JA 37 -3.31 -79.65 -119.11
N GLU JA 38 -2.26 -79.57 -119.92
CA GLU JA 38 -1.92 -80.71 -120.78
C GLU JA 38 -0.70 -81.50 -120.30
N ALA JA 39 0.39 -80.82 -119.95
CA ALA JA 39 1.54 -81.57 -119.46
C ALA JA 39 1.20 -82.20 -118.11
N ALA JA 40 1.94 -83.26 -117.77
CA ALA JA 40 1.54 -84.12 -116.66
C ALA JA 40 1.74 -83.44 -115.31
N SER JA 41 2.84 -82.73 -115.14
CA SER JA 41 3.19 -82.05 -113.91
C SER JA 41 2.53 -80.67 -113.84
N ASN JA 42 2.34 -80.18 -112.62
CA ASN JA 42 1.71 -78.88 -112.43
C ASN JA 42 2.50 -77.76 -113.09
N ILE JA 43 3.79 -77.97 -113.38
CA ILE JA 43 4.62 -76.90 -113.92
C ILE JA 43 4.33 -76.68 -115.41
N GLY JA 44 4.10 -77.77 -116.16
CA GLY JA 44 4.03 -77.68 -117.61
C GLY JA 44 2.79 -76.98 -118.12
N TYR JA 45 1.78 -76.84 -117.27
CA TYR JA 45 0.56 -76.13 -117.61
C TYR JA 45 0.90 -74.78 -118.22
N ARG JA 46 0.35 -74.50 -119.41
CA ARG JA 46 0.60 -73.23 -120.08
C ARG JA 46 -0.39 -72.18 -119.55
N LYS JA 47 0.06 -70.92 -119.48
CA LYS JA 47 -0.73 -69.92 -118.78
C LYS JA 47 -1.00 -68.71 -119.66
N VAL JA 48 -2.24 -68.26 -119.68
CA VAL JA 48 -2.65 -67.05 -120.36
C VAL JA 48 -3.22 -66.10 -119.32
N SER JA 49 -2.81 -64.83 -119.34
CA SER JA 49 -3.37 -63.92 -118.36
C SER JA 49 -3.55 -62.54 -118.97
N MET JA 50 -4.55 -61.81 -118.46
CA MET JA 50 -4.97 -60.53 -119.00
C MET JA 50 -5.47 -59.66 -117.86
N PHE JA 51 -5.23 -58.35 -117.99
CA PHE JA 51 -5.71 -57.35 -117.05
C PHE JA 51 -6.18 -56.11 -117.78
N VAL JA 52 -7.43 -55.70 -117.51
CA VAL JA 52 -8.05 -54.55 -118.17
C VAL JA 52 -8.13 -53.45 -117.12
N LYS JA 53 -7.28 -52.43 -117.24
CA LYS JA 53 -7.33 -51.25 -116.38
C LYS JA 53 -8.08 -50.14 -117.10
N TYR JA 54 -9.33 -49.92 -116.71
CA TYR JA 54 -10.14 -48.84 -117.25
C TYR JA 54 -9.87 -47.58 -116.45
N VAL JA 55 -9.27 -46.58 -117.10
CA VAL JA 55 -9.02 -45.29 -116.49
C VAL JA 55 -10.05 -44.31 -117.07
N SER JA 56 -10.98 -43.87 -116.22
CA SER JA 56 -12.14 -43.11 -116.71
C SER JA 56 -11.73 -41.78 -117.35
N ASN JA 57 -10.61 -41.21 -116.91
CA ASN JA 57 -10.06 -40.00 -117.52
C ASN JA 57 -8.54 -40.17 -117.63
N GLY JA 58 -8.11 -40.75 -118.75
CA GLY JA 58 -6.70 -40.99 -118.96
C GLY JA 58 -6.50 -42.15 -119.92
N THR JA 59 -5.28 -42.70 -119.90
CA THR JA 59 -4.91 -43.78 -120.81
C THR JA 59 -5.23 -45.12 -120.17
N SER JA 60 -6.28 -45.77 -120.65
CA SER JA 60 -6.64 -47.11 -120.21
C SER JA 60 -5.71 -48.13 -120.86
N LYS JA 61 -5.56 -49.29 -120.20
CA LYS JA 61 -4.51 -50.23 -120.59
C LYS JA 61 -4.97 -51.67 -120.45
N VAL JA 62 -4.93 -52.41 -121.56
CA VAL JA 62 -5.18 -53.85 -121.55
C VAL JA 62 -3.84 -54.55 -121.68
N THR JA 63 -3.54 -55.47 -120.76
CA THR JA 63 -2.25 -56.15 -120.72
C THR JA 63 -2.45 -57.65 -120.81
N ILE JA 64 -1.67 -58.33 -121.66
CA ILE JA 64 -1.85 -59.74 -121.95
C ILE JA 64 -0.49 -60.43 -121.98
N ARG JA 65 -0.42 -61.66 -121.45
CA ARG JA 65 0.80 -62.45 -121.51
C ARG JA 65 0.47 -63.93 -121.63
N ILE JA 66 1.21 -64.60 -122.52
CA ILE JA 66 1.05 -66.01 -122.84
C ILE JA 66 2.38 -66.71 -122.57
N ALA JA 67 2.34 -67.77 -121.75
CA ALA JA 67 3.54 -68.49 -121.33
C ALA JA 67 3.40 -69.96 -121.71
N ASP JA 68 4.29 -70.40 -122.62
CA ASP JA 68 4.35 -71.76 -123.19
C ASP JA 68 5.61 -72.41 -122.63
N PRO JA 69 5.53 -73.09 -121.49
CA PRO JA 69 6.70 -73.78 -120.94
C PRO JA 69 6.83 -75.18 -121.50
N VAL JA 70 8.08 -75.66 -121.56
CA VAL JA 70 8.38 -77.02 -121.98
C VAL JA 70 9.24 -77.70 -120.93
N LEU JA 71 8.78 -78.84 -120.43
CA LEU JA 71 9.49 -79.57 -119.39
C LEU JA 71 10.78 -80.15 -119.93
N ALA JA 72 11.81 -80.16 -119.08
CA ALA JA 72 13.10 -80.71 -119.46
C ALA JA 72 13.12 -82.22 -119.33
N SER JA 73 13.76 -82.88 -120.29
CA SER JA 73 14.04 -84.31 -120.22
C SER JA 73 15.54 -84.43 -119.97
N VAL JA 74 15.90 -84.85 -118.76
CA VAL JA 74 17.31 -84.91 -118.36
C VAL JA 74 17.96 -86.14 -118.97
N PRO JA 75 19.27 -86.14 -119.15
CA PRO JA 75 19.96 -87.36 -119.55
C PRO JA 75 20.32 -88.17 -118.31
N ALA JA 76 20.81 -89.39 -118.56
CA ALA JA 76 21.13 -90.29 -117.45
C ALA JA 76 22.22 -89.70 -116.55
N GLY JA 77 23.07 -88.83 -117.09
CA GLY JA 77 24.29 -88.46 -116.39
C GLY JA 77 24.05 -87.64 -115.12
N CYS JA 78 23.16 -86.66 -115.18
CA CYS JA 78 23.01 -85.76 -114.05
C CYS JA 78 22.22 -86.37 -112.90
N CYS JA 79 21.42 -87.40 -113.17
CA CYS JA 79 20.79 -88.22 -112.14
C CYS JA 79 19.82 -87.45 -111.26
N VAL JA 80 19.19 -86.41 -111.79
CA VAL JA 80 18.00 -85.90 -111.13
C VAL JA 80 16.91 -86.95 -111.26
N ASP JA 81 16.22 -87.23 -110.15
CA ASP JA 81 15.22 -88.28 -110.14
C ASP JA 81 14.19 -88.04 -111.23
N THR JA 82 13.81 -89.13 -111.89
CA THR JA 82 12.76 -89.07 -112.91
C THR JA 82 11.51 -88.37 -112.40
N ASN JA 83 11.27 -88.43 -111.09
CA ASN JA 83 9.98 -88.01 -110.54
C ASN JA 83 9.89 -86.50 -110.34
N THR JA 84 11.02 -85.80 -110.15
CA THR JA 84 11.01 -84.36 -109.94
C THR JA 84 11.27 -83.65 -111.26
N PRO JA 85 10.24 -83.13 -111.93
CA PRO JA 85 10.48 -82.43 -113.20
C PRO JA 85 10.91 -81.01 -112.97
N GLN JA 86 11.62 -80.47 -113.96
CA GLN JA 86 12.01 -79.07 -113.97
C GLN JA 86 11.66 -78.49 -115.33
N VAL JA 87 11.34 -77.20 -115.34
CA VAL JA 87 11.02 -76.52 -116.58
C VAL JA 87 12.31 -76.14 -117.29
N ALA JA 88 12.44 -76.56 -118.55
CA ALA JA 88 13.67 -76.31 -119.29
C ALA JA 88 13.74 -74.87 -119.77
N TYR JA 89 12.65 -74.40 -120.36
CA TYR JA 89 12.56 -73.08 -120.97
C TYR JA 89 11.09 -72.83 -121.25
N SER JA 90 10.76 -71.58 -121.55
CA SER JA 90 9.39 -71.21 -121.88
C SER JA 90 9.39 -70.01 -122.81
N THR JA 91 8.56 -70.08 -123.84
CA THR JA 91 8.35 -68.96 -124.75
C THR JA 91 7.30 -68.02 -124.15
N PHE JA 92 7.48 -66.72 -124.38
CA PHE JA 92 6.63 -65.70 -123.77
C PHE JA 92 6.13 -64.71 -124.82
N PHE JA 93 4.86 -64.33 -124.72
CA PHE JA 93 4.30 -63.25 -125.52
C PHE JA 93 3.63 -62.25 -124.60
N GLU JA 94 4.02 -60.98 -124.67
CA GLU JA 94 3.46 -59.96 -123.78
C GLU JA 94 3.11 -58.72 -124.58
N CYS JA 95 1.83 -58.34 -124.58
CA CYS JA 95 1.37 -57.17 -125.31
C CYS JA 95 0.58 -56.25 -124.39
N THR JA 96 0.51 -54.98 -124.79
CA THR JA 96 -0.22 -53.94 -124.07
C THR JA 96 -0.90 -53.03 -125.07
N PHE JA 97 -2.21 -52.90 -124.96
CA PHE JA 97 -3.00 -51.91 -125.68
C PHE JA 97 -3.17 -50.67 -124.80
N SER JA 98 -2.86 -49.51 -125.34
CA SER JA 98 -3.06 -48.21 -124.68
C SER JA 98 -4.15 -47.46 -125.44
N VAL JA 99 -5.26 -47.20 -124.75
CA VAL JA 99 -6.44 -46.53 -125.31
C VAL JA 99 -6.67 -45.22 -124.56
N PRO JA 100 -6.46 -44.07 -125.17
CA PRO JA 100 -6.61 -42.81 -124.46
C PRO JA 100 -8.08 -42.49 -124.20
N TYR JA 101 -8.30 -41.43 -123.42
CA TYR JA 101 -9.64 -41.09 -122.98
C TYR JA 101 -10.57 -40.87 -124.17
N GLY JA 102 -10.13 -40.08 -125.15
CA GLY JA 102 -10.98 -39.60 -126.22
C GLY JA 102 -11.18 -40.57 -127.35
N ALA JA 103 -10.71 -41.80 -127.22
CA ALA JA 103 -10.64 -42.72 -128.36
C ALA JA 103 -12.04 -43.12 -128.82
N THR JA 104 -12.23 -43.09 -130.13
CA THR JA 104 -13.48 -43.54 -130.68
C THR JA 104 -13.60 -45.06 -130.53
N LEU JA 105 -14.84 -45.52 -130.42
CA LEU JA 105 -15.08 -46.96 -130.45
C LEU JA 105 -14.57 -47.55 -131.75
N GLN JA 106 -14.75 -46.82 -132.84
CA GLN JA 106 -14.18 -47.26 -134.11
C GLN JA 106 -12.66 -47.34 -134.04
N ASN JA 107 -12.03 -46.42 -133.29
CA ASN JA 107 -10.57 -46.45 -133.10
C ASN JA 107 -10.13 -47.68 -132.35
N LYS JA 108 -10.87 -48.06 -131.30
CA LYS JA 108 -10.58 -49.29 -130.56
C LYS JA 108 -10.65 -50.51 -131.47
N LYS JA 109 -11.76 -50.62 -132.22
CA LYS JA 109 -11.87 -51.66 -133.24
C LYS JA 109 -10.66 -51.64 -134.18
N ASP JA 110 -10.32 -50.46 -134.68
CA ASP JA 110 -9.21 -50.31 -135.62
C ASP JA 110 -7.94 -50.92 -135.06
N ILE JA 111 -7.53 -50.49 -133.86
CA ILE JA 111 -6.22 -50.91 -133.37
C ILE JA 111 -6.20 -52.40 -133.04
N LEU JA 112 -7.31 -52.93 -132.51
CA LEU JA 112 -7.33 -54.37 -132.29
C LEU JA 112 -7.15 -55.12 -133.61
N ALA JA 113 -7.81 -54.64 -134.67
CA ALA JA 113 -7.68 -55.31 -135.96
C ALA JA 113 -6.27 -55.17 -136.53
N TYR JA 114 -5.64 -54.01 -136.37
CA TYR JA 114 -4.28 -53.83 -136.85
C TYR JA 114 -3.33 -54.78 -136.15
N ALA JA 115 -3.50 -54.94 -134.83
CA ALA JA 115 -2.67 -55.88 -134.09
C ALA JA 115 -2.85 -57.30 -134.58
N ARG JA 116 -4.11 -57.74 -134.72
CA ARG JA 116 -4.36 -59.12 -135.14
C ARG JA 116 -3.82 -59.37 -136.54
N ASN JA 117 -4.10 -58.47 -137.48
CA ASN JA 117 -3.61 -58.65 -138.84
C ASN JA 117 -2.10 -58.60 -138.90
N LEU JA 118 -1.47 -57.74 -138.08
CA LEU JA 118 -0.01 -57.64 -138.12
C LEU JA 118 0.64 -58.90 -137.57
N LEU JA 119 0.07 -59.51 -136.54
CA LEU JA 119 0.55 -60.83 -136.14
C LEU JA 119 0.26 -61.87 -137.22
N GLY JA 120 -0.71 -61.62 -138.08
CA GLY JA 120 -0.91 -62.46 -139.24
C GLY JA 120 0.13 -62.28 -140.34
N THR JA 121 0.76 -61.10 -140.40
CA THR JA 121 1.55 -60.73 -141.59
C THR JA 121 2.74 -61.64 -141.80
N GLN JA 122 3.13 -61.75 -143.07
CA GLN JA 122 4.27 -62.59 -143.44
C GLN JA 122 5.57 -62.07 -142.85
N VAL JA 123 5.72 -60.75 -142.74
CA VAL JA 123 6.94 -60.20 -142.18
C VAL JA 123 7.10 -60.61 -140.72
N VAL JA 124 6.01 -60.55 -139.94
CA VAL JA 124 6.09 -60.89 -138.53
C VAL JA 124 6.28 -62.39 -138.34
N THR JA 125 5.53 -63.21 -139.10
CA THR JA 125 5.72 -64.65 -139.01
C THR JA 125 7.18 -65.01 -139.32
N ASP JA 126 7.71 -64.44 -140.40
CA ASP JA 126 9.11 -64.61 -140.77
C ASP JA 126 10.04 -64.23 -139.61
N ALA JA 127 9.83 -63.03 -139.04
CA ALA JA 127 10.74 -62.50 -138.03
C ALA JA 127 10.73 -63.34 -136.77
N VAL JA 128 9.54 -63.69 -136.28
CA VAL JA 128 9.44 -64.42 -135.02
C VAL JA 128 9.93 -65.86 -135.16
N VAL JA 129 9.69 -66.50 -136.31
CA VAL JA 129 10.06 -67.91 -136.41
C VAL JA 129 11.51 -68.09 -136.82
N ASP JA 130 11.99 -67.33 -137.81
CA ASP JA 130 13.35 -67.52 -138.31
C ASP JA 130 14.34 -66.48 -137.79
N MET JA 131 13.91 -65.59 -136.90
CA MET JA 131 14.77 -64.55 -136.33
C MET JA 131 15.42 -63.71 -137.43
N THR JA 132 14.67 -63.49 -138.51
CA THR JA 132 15.14 -62.70 -139.63
C THR JA 132 14.49 -61.33 -139.58
N PRO JA 133 15.26 -60.26 -139.49
CA PRO JA 133 14.64 -58.92 -139.43
C PRO JA 133 14.02 -58.49 -140.74
N ALA JA 134 13.47 -57.28 -140.76
CA ALA JA 134 13.00 -56.66 -142.00
C ALA JA 134 14.06 -55.66 -142.42
N TRP JA 135 15.04 -56.13 -143.18
CA TRP JA 135 16.21 -55.32 -143.57
C TRP JA 135 15.95 -54.47 -144.80
N ALA KA 1 52.47 42.62 86.52
CA ALA KA 1 51.60 43.66 85.96
C ALA KA 1 50.55 43.08 85.02
N GLN KA 2 49.40 42.68 85.57
CA GLN KA 2 48.24 42.44 84.72
C GLN KA 2 47.93 43.72 83.95
N ILE KA 3 47.38 43.57 82.75
CA ILE KA 3 47.07 44.75 81.95
C ILE KA 3 45.93 45.51 82.62
N ALA KA 4 46.04 46.83 82.60
CA ALA KA 4 45.02 47.69 83.21
C ALA KA 4 45.17 49.07 82.57
N ASN KA 5 44.26 49.97 82.97
CA ASN KA 5 44.17 51.31 82.40
C ASN KA 5 45.52 52.04 82.46
N LEU KA 6 45.69 53.04 81.61
CA LEU KA 6 46.94 53.81 81.56
C LEU KA 6 46.59 55.29 81.54
N ILE KA 7 47.28 56.11 82.33
CA ILE KA 7 46.94 57.52 82.44
C ILE KA 7 48.18 58.36 82.12
N LEU KA 8 48.11 59.11 81.02
CA LEU KA 8 49.22 59.91 80.52
C LEU KA 8 48.80 61.36 80.39
N ALA KA 9 49.65 62.27 80.82
CA ALA KA 9 49.33 63.69 80.84
C ALA KA 9 49.91 64.38 79.61
N ASP KA 10 49.05 65.10 78.88
CA ASP KA 10 49.51 65.85 77.72
C ASP KA 10 50.32 67.08 78.15
N GLY KA 11 50.99 67.68 77.19
CA GLY KA 11 51.77 68.88 77.48
C GLY KA 11 50.98 70.13 77.18
N GLN KA 12 50.56 70.83 78.23
CA GLN KA 12 49.86 72.10 78.07
C GLN KA 12 50.39 73.05 79.12
N ALA KA 13 49.85 74.27 79.14
CA ALA KA 13 50.07 75.16 80.26
C ALA KA 13 49.78 74.43 81.56
N THR KA 14 48.57 73.89 81.66
CA THR KA 14 48.23 72.94 82.73
C THR KA 14 47.96 71.61 82.05
N PRO KA 15 48.77 70.59 82.29
CA PRO KA 15 48.52 69.29 81.66
C PRO KA 15 47.17 68.72 82.10
N ALA KA 16 46.48 68.11 81.14
CA ALA KA 16 45.23 67.42 81.40
C ALA KA 16 45.42 65.92 81.18
N ASN KA 17 45.02 65.12 82.16
CA ASN KA 17 45.23 63.68 82.11
C ASN KA 17 44.33 63.04 81.06
N HIS KA 18 44.91 62.10 80.30
CA HIS KA 18 44.18 61.32 79.31
C HIS KA 18 44.30 59.84 79.65
N THR KA 19 43.21 59.13 79.49
CA THR KA 19 43.11 57.74 79.91
C THR KA 19 43.10 56.81 78.71
N PHE KA 20 43.68 55.62 78.91
CA PHE KA 20 43.90 54.62 77.87
C PHE KA 20 43.34 53.30 78.34
N VAL KA 21 42.24 52.88 77.72
CA VAL KA 21 41.63 51.58 78.03
C VAL KA 21 42.46 50.48 77.38
N PRO KA 22 42.71 49.37 78.06
CA PRO KA 22 43.42 48.25 77.42
C PRO KA 22 42.52 47.52 76.44
N MET KA 23 43.11 47.10 75.33
CA MET KA 23 42.39 46.35 74.30
C MET KA 23 42.93 44.95 74.05
N GLN KA 24 44.25 44.78 74.01
CA GLN KA 24 44.84 43.46 73.85
C GLN KA 24 46.09 43.35 74.71
N PRO KA 25 46.26 42.25 75.44
CA PRO KA 25 47.47 42.06 76.23
C PRO KA 25 48.56 41.33 75.46
N GLN KA 26 49.71 41.22 76.11
CA GLN KA 26 50.91 40.63 75.50
C GLN KA 26 50.87 39.11 75.67
N THR KA 27 50.61 38.41 74.58
CA THR KA 27 50.74 36.95 74.53
C THR KA 27 51.42 36.61 73.21
N GLY KA 28 52.57 35.95 73.29
CA GLY KA 28 53.26 35.55 72.06
C GLY KA 28 53.82 36.74 71.34
N ILE KA 29 53.54 36.84 70.05
CA ILE KA 29 54.04 37.95 69.24
C ILE KA 29 53.24 39.23 69.50
N THR KA 30 51.95 39.09 69.80
CA THR KA 30 51.08 40.26 69.92
C THR KA 30 51.45 41.07 71.16
N PRO KA 31 51.61 42.39 71.05
CA PRO KA 31 52.00 43.22 72.18
C PRO KA 31 50.83 43.82 72.93
N SER KA 32 51.05 44.11 74.21
CA SER KA 32 50.02 44.78 75.00
C SER KA 32 49.78 46.17 74.42
N GLN KA 33 48.52 46.62 74.43
CA GLN KA 33 48.19 47.86 73.76
C GLN KA 33 46.91 48.48 74.31
N TRP KA 34 46.93 49.81 74.44
CA TRP KA 34 45.86 50.64 75.00
C TRP KA 34 45.42 51.68 73.99
N LEU KA 35 44.16 52.12 74.11
CA LEU KA 35 43.53 53.07 73.20
C LEU KA 35 42.97 54.25 74.00
N ASN KA 36 43.05 55.46 73.44
CA ASN KA 36 42.62 56.66 74.17
C ASN KA 36 41.11 56.82 74.14
N LYS KA 37 40.48 56.61 72.98
CA LYS KA 37 39.02 56.64 72.83
C LYS KA 37 38.42 58.02 73.05
N GLU KA 38 39.17 59.06 72.70
CA GLU KA 38 38.70 60.43 72.85
C GLU KA 38 38.25 61.09 71.56
N ALA KA 39 38.83 60.73 70.42
CA ALA KA 39 38.52 61.44 69.19
C ALA KA 39 37.12 61.11 68.68
N ALA KA 40 36.68 61.88 67.66
CA ALA KA 40 35.32 61.75 67.14
C ALA KA 40 35.10 60.42 66.42
N SER KA 41 36.05 60.02 65.58
CA SER KA 41 35.96 58.79 64.81
C SER KA 41 36.80 57.69 65.43
N ASN KA 42 36.55 56.45 65.01
CA ASN KA 42 37.30 55.34 65.57
C ASN KA 42 38.77 55.36 65.18
N ILE KA 43 39.13 56.14 64.15
CA ILE KA 43 40.52 56.15 63.70
C ILE KA 43 41.37 57.17 64.45
N GLY KA 44 40.75 58.21 65.03
CA GLY KA 44 41.48 59.21 65.76
C GLY KA 44 41.95 58.80 67.13
N TYR KA 45 41.52 57.62 67.59
CA TYR KA 45 41.88 57.13 68.91
C TYR KA 45 43.40 57.03 69.04
N ARG KA 46 43.94 57.60 70.11
CA ARG KA 46 45.39 57.55 70.32
C ARG KA 46 45.77 56.22 70.95
N LYS KA 47 46.89 55.66 70.51
CA LYS KA 47 47.20 54.30 70.95
C LYS KA 47 48.62 54.20 71.48
N VAL KA 48 48.78 53.29 72.43
CA VAL KA 48 50.07 52.99 73.05
C VAL KA 48 50.24 51.49 72.99
N SER KA 49 51.46 51.03 72.73
CA SER KA 49 51.69 49.59 72.78
C SER KA 49 53.09 49.30 73.25
N MET KA 50 53.27 48.12 73.85
CA MET KA 50 54.49 47.72 74.52
C MET KA 50 54.66 46.21 74.42
N PHE KA 51 55.91 45.76 74.28
CA PHE KA 51 56.27 44.34 74.22
C PHE KA 51 57.59 44.10 74.94
N VAL KA 52 57.60 43.09 75.81
CA VAL KA 52 58.75 42.79 76.68
C VAL KA 52 59.26 41.40 76.30
N LYS KA 53 60.19 41.34 75.35
CA LYS KA 53 60.77 40.06 74.93
C LYS KA 53 61.90 39.69 75.89
N TYR KA 54 61.66 38.69 76.72
CA TYR KA 54 62.64 38.19 77.67
C TYR KA 54 63.44 37.06 77.02
N VAL KA 55 64.74 37.29 76.82
CA VAL KA 55 65.64 36.34 76.21
C VAL KA 55 66.60 35.84 77.28
N SER KA 56 66.42 34.58 77.73
CA SER KA 56 67.12 34.10 78.92
C SER KA 56 68.63 34.05 78.70
N ASN KA 57 69.08 33.61 77.54
CA ASN KA 57 70.50 33.71 77.17
C ASN KA 57 70.59 34.52 75.89
N GLY KA 58 70.61 35.84 76.05
CA GLY KA 58 70.66 36.73 74.91
C GLY KA 58 70.15 38.10 75.30
N THR KA 59 69.84 38.88 74.28
CA THR KA 59 69.59 40.31 74.43
C THR KA 59 68.08 40.54 74.52
N SER KA 60 67.59 40.70 75.76
CA SER KA 60 66.19 41.02 75.98
C SER KA 60 65.88 42.42 75.47
N LYS KA 61 64.60 42.64 75.12
CA LYS KA 61 64.22 43.89 74.47
C LYS KA 61 62.83 44.35 74.91
N VAL KA 62 62.71 45.62 75.29
CA VAL KA 62 61.43 46.25 75.61
C VAL KA 62 61.15 47.30 74.55
N THR KA 63 60.05 47.14 73.82
CA THR KA 63 59.69 48.02 72.73
C THR KA 63 58.39 48.75 73.04
N ILE KA 64 58.37 50.06 72.85
CA ILE KA 64 57.24 50.92 73.17
C ILE KA 64 56.97 51.85 71.99
N ARG KA 65 55.70 52.03 71.64
CA ARG KA 65 55.35 53.00 70.61
C ARG KA 65 54.05 53.71 70.96
N ILE KA 66 54.03 55.02 70.72
CA ILE KA 66 52.95 55.93 71.06
C ILE KA 66 52.53 56.67 69.80
N ALA KA 67 51.23 56.63 69.49
CA ALA KA 67 50.69 57.23 68.27
C ALA KA 67 49.59 58.22 68.62
N ASP KA 68 49.80 59.49 68.24
CA ASP KA 68 48.87 60.59 68.49
C ASP KA 68 48.40 61.11 67.14
N PRO KA 69 47.24 60.68 66.64
CA PRO KA 69 46.76 61.17 65.36
C PRO KA 69 45.85 62.39 65.51
N VAL KA 70 45.80 63.18 64.44
CA VAL KA 70 44.92 64.34 64.33
C VAL KA 70 44.07 64.15 63.07
N LEU KA 71 42.75 64.10 63.26
CA LEU KA 71 41.86 63.82 62.15
C LEU KA 71 41.70 65.07 61.26
N ALA KA 72 41.16 64.85 60.07
CA ALA KA 72 41.00 65.91 59.08
C ALA KA 72 39.62 66.53 59.22
N SER KA 73 39.56 67.77 59.70
CA SER KA 73 38.31 68.49 59.89
C SER KA 73 38.05 69.39 58.68
N VAL KA 74 36.89 69.20 58.06
CA VAL KA 74 36.51 69.93 56.86
C VAL KA 74 35.41 70.92 57.22
N PRO KA 75 35.24 72.00 56.47
CA PRO KA 75 34.16 72.96 56.76
C PRO KA 75 32.80 72.27 56.84
N ALA KA 76 31.96 72.78 57.74
CA ALA KA 76 30.72 72.08 58.09
C ALA KA 76 29.79 71.95 56.90
N GLY KA 77 29.59 73.03 56.15
CA GLY KA 77 28.73 72.97 54.99
C GLY KA 77 29.21 72.01 53.93
N CYS KA 78 30.50 71.72 53.90
CA CYS KA 78 31.04 70.85 52.87
C CYS KA 78 30.57 69.41 53.08
N CYS KA 79 30.68 68.61 52.01
CA CYS KA 79 30.16 67.24 52.01
C CYS KA 79 31.31 66.26 51.79
N VAL KA 80 31.78 65.66 52.88
CA VAL KA 80 32.56 64.43 52.82
C VAL KA 80 31.90 63.46 53.77
N ASP KA 81 31.65 62.23 53.30
CA ASP KA 81 30.90 61.28 54.08
C ASP KA 81 31.54 61.07 55.44
N THR KA 82 30.77 61.35 56.50
CA THR KA 82 31.30 61.18 57.85
C THR KA 82 31.62 59.74 58.17
N ASN KA 83 31.02 58.80 57.42
CA ASN KA 83 31.38 57.39 57.59
C ASN KA 83 32.78 57.08 57.10
N THR KA 84 33.35 57.93 56.24
CA THR KA 84 34.71 57.74 55.72
C THR KA 84 35.58 58.93 56.08
N PRO KA 85 36.10 58.99 57.34
CA PRO KA 85 37.07 60.04 57.70
C PRO KA 85 38.49 59.57 57.47
N GLN KA 86 39.42 60.51 57.40
CA GLN KA 86 40.82 60.21 57.24
C GLN KA 86 41.61 60.89 58.34
N VAL KA 87 42.80 60.37 58.55
CA VAL KA 87 43.78 60.97 59.44
C VAL KA 87 44.64 61.91 58.62
N ALA KA 88 44.66 63.19 59.00
CA ALA KA 88 45.51 64.16 58.31
C ALA KA 88 46.98 63.86 58.53
N TYR KA 89 47.38 63.63 59.77
CA TYR KA 89 48.76 63.35 60.13
C TYR KA 89 48.75 62.83 61.57
N SER KA 90 49.85 62.19 61.96
CA SER KA 90 49.95 61.63 63.30
C SER KA 90 51.40 61.64 63.76
N THR KA 91 51.61 62.06 65.00
CA THR KA 91 52.93 62.04 65.60
C THR KA 91 53.20 60.66 66.21
N PHE KA 92 54.47 60.26 66.21
CA PHE KA 92 54.85 58.92 66.67
C PHE KA 92 56.08 58.98 67.56
N PHE KA 93 56.11 58.11 68.58
CA PHE KA 93 57.29 57.92 69.41
C PHE KA 93 57.58 56.43 69.55
N GLU KA 94 58.79 56.01 69.17
CA GLU KA 94 59.14 54.59 69.24
C GLU KA 94 60.50 54.43 69.91
N CYS KA 95 60.52 53.65 70.99
CA CYS KA 95 61.77 53.39 71.73
C CYS KA 95 61.94 51.90 71.99
N THR KA 96 63.20 51.48 72.07
CA THR KA 96 63.57 50.09 72.35
C THR KA 96 64.73 50.07 73.33
N PHE KA 97 64.49 49.45 74.48
CA PHE KA 97 65.53 49.10 75.44
C PHE KA 97 66.10 47.74 75.07
N SER KA 98 67.43 47.63 75.07
CA SER KA 98 68.13 46.38 74.80
C SER KA 98 69.03 46.06 75.98
N VAL KA 99 68.66 45.03 76.74
CA VAL KA 99 69.32 44.65 77.99
C VAL KA 99 69.97 43.30 77.79
N PRO KA 100 71.28 43.16 77.98
CA PRO KA 100 71.93 41.87 77.81
C PRO KA 100 71.47 40.86 78.85
N TYR KA 101 71.66 39.58 78.51
CA TYR KA 101 71.63 38.55 79.54
C TYR KA 101 72.68 38.87 80.60
N GLY KA 102 72.42 38.42 81.82
CA GLY KA 102 73.39 38.64 82.87
C GLY KA 102 73.60 40.08 83.27
N ALA KA 103 72.68 40.98 82.92
CA ALA KA 103 72.79 42.36 83.36
C ALA KA 103 72.19 42.49 84.76
N THR KA 104 72.91 43.19 85.64
CA THR KA 104 72.44 43.39 87.01
C THR KA 104 71.16 44.21 87.03
N LEU KA 105 70.31 43.90 88.00
CA LEU KA 105 69.16 44.75 88.27
C LEU KA 105 69.59 46.21 88.40
N GLN KA 106 70.81 46.45 88.90
CA GLN KA 106 71.32 47.81 88.97
C GLN KA 106 71.60 48.36 87.57
N ASN KA 107 72.11 47.54 86.65
CA ASN KA 107 72.32 48.01 85.29
C ASN KA 107 71.00 48.38 84.62
N LYS KA 108 69.94 47.60 84.90
CA LYS KA 108 68.63 47.90 84.32
C LYS KA 108 68.08 49.21 84.88
N LYS KA 109 68.12 49.37 86.20
CA LYS KA 109 67.77 50.65 86.81
C LYS KA 109 68.54 51.79 86.17
N ASP KA 110 69.86 51.60 86.00
CA ASP KA 110 70.72 52.62 85.44
C ASP KA 110 70.22 53.09 84.08
N ILE KA 111 70.03 52.15 83.14
CA ILE KA 111 69.70 52.59 81.79
C ILE KA 111 68.30 53.18 81.73
N LEU KA 112 67.35 52.62 82.49
CA LEU KA 112 66.03 53.24 82.55
C LEU KA 112 66.15 54.70 82.98
N ALA KA 113 66.94 54.96 84.03
CA ALA KA 113 67.09 56.32 84.53
C ALA KA 113 67.80 57.22 83.53
N TYR KA 114 68.83 56.71 82.85
CA TYR KA 114 69.51 57.53 81.85
C TYR KA 114 68.54 57.95 80.76
N ALA KA 115 67.73 57.00 80.28
CA ALA KA 115 66.75 57.33 79.23
C ALA KA 115 65.76 58.38 79.71
N ARG KA 116 65.20 58.19 80.90
CA ARG KA 116 64.18 59.12 81.37
C ARG KA 116 64.77 60.51 81.60
N ASN KA 117 65.95 60.58 82.23
CA ASN KA 117 66.59 61.87 82.46
C ASN KA 117 66.96 62.55 81.15
N LEU KA 118 67.40 61.79 80.16
CA LEU KA 118 67.76 62.40 78.89
C LEU KA 118 66.54 62.97 78.18
N LEU KA 119 65.45 62.22 78.13
CA LEU KA 119 64.23 62.77 77.54
C LEU KA 119 63.70 63.95 78.35
N GLY KA 120 64.02 64.01 79.63
CA GLY KA 120 63.71 65.21 80.38
C GLY KA 120 64.69 66.35 80.24
N THR KA 121 65.75 66.22 79.45
CA THR KA 121 66.75 67.28 79.37
C THR KA 121 66.26 68.43 78.50
N GLN KA 122 66.81 69.62 78.79
CA GLN KA 122 66.41 70.80 78.04
C GLN KA 122 66.80 70.70 76.57
N VAL KA 123 67.94 70.08 76.27
CA VAL KA 123 68.33 69.96 74.87
C VAL KA 123 67.36 69.04 74.12
N VAL KA 124 66.89 67.98 74.77
CA VAL KA 124 65.96 67.05 74.11
C VAL KA 124 64.58 67.69 73.92
N THR KA 125 64.06 68.34 74.97
CA THR KA 125 62.78 69.02 74.82
C THR KA 125 62.87 70.11 73.76
N ASP KA 126 63.98 70.85 73.76
CA ASP KA 126 64.23 71.86 72.74
C ASP KA 126 64.19 71.24 71.35
N ALA KA 127 64.92 70.13 71.14
CA ALA KA 127 65.00 69.53 69.82
C ALA KA 127 63.64 69.05 69.33
N VAL KA 128 62.90 68.34 70.18
CA VAL KA 128 61.63 67.75 69.75
C VAL KA 128 60.57 68.82 69.50
N VAL KA 129 60.54 69.87 70.34
CA VAL KA 129 59.46 70.85 70.20
C VAL KA 129 59.81 71.92 69.17
N ASP KA 130 60.96 72.57 69.31
CA ASP KA 130 61.31 73.67 68.42
C ASP KA 130 62.05 73.21 67.17
N MET KA 131 62.38 71.92 67.05
CA MET KA 131 63.21 71.41 65.94
C MET KA 131 64.62 72.00 66.00
N THR KA 132 65.16 72.10 67.21
CA THR KA 132 66.44 72.77 67.38
C THR KA 132 67.52 71.75 67.73
N PRO KA 133 68.57 71.67 66.93
CA PRO KA 133 69.62 70.65 67.15
C PRO KA 133 70.69 71.10 68.14
N ALA KA 134 71.67 70.23 68.38
CA ALA KA 134 72.83 70.58 69.18
C ALA KA 134 73.99 70.89 68.24
N TRP KA 135 74.23 72.18 68.00
CA TRP KA 135 75.21 72.61 66.99
C TRP KA 135 76.59 72.96 67.56
N ALA LA 1 41.59 28.45 87.40
CA ALA LA 1 42.85 29.02 87.84
C ALA LA 1 43.27 30.19 86.95
N GLN LA 2 42.90 31.41 87.31
CA GLN LA 2 43.54 32.55 86.68
C GLN LA 2 45.02 32.50 87.02
N ILE LA 3 45.86 32.89 86.04
CA ILE LA 3 47.29 32.82 86.28
C ILE LA 3 47.64 33.71 87.45
N ALA LA 4 48.49 33.20 88.33
CA ALA LA 4 48.89 33.94 89.51
C ALA LA 4 50.24 33.41 89.95
N ASN LA 5 50.81 34.06 90.95
CA ASN LA 5 52.12 33.69 91.47
C ASN LA 5 52.15 32.21 91.81
N LEU LA 6 53.35 31.62 91.75
CA LEU LA 6 53.52 30.20 91.97
C LEU LA 6 54.66 29.99 92.95
N ILE LA 7 54.45 29.20 94.00
CA ILE LA 7 55.44 29.08 95.07
C ILE LA 7 55.89 27.62 95.17
N LEU LA 8 57.18 27.39 94.92
CA LEU LA 8 57.76 26.05 94.91
C LEU LA 8 58.93 25.99 95.86
N ALA LA 9 59.00 24.93 96.67
CA ALA LA 9 60.02 24.80 97.69
C ALA LA 9 61.21 23.98 97.17
N ASP LA 10 62.41 24.54 97.31
CA ASP LA 10 63.62 23.83 96.92
C ASP LA 10 63.94 22.70 97.92
N GLY LA 11 64.82 21.80 97.49
CA GLY LA 11 65.24 20.70 98.31
C GLY LA 11 66.47 21.02 99.12
N GLN LA 12 66.27 21.26 100.41
CA GLN LA 12 67.35 21.49 101.34
C GLN LA 12 67.00 20.79 102.64
N ALA LA 13 67.89 20.88 103.61
CA ALA LA 13 67.55 20.46 104.96
C ALA LA 13 66.28 21.14 105.41
N THR LA 14 66.27 22.47 105.37
CA THR LA 14 65.06 23.23 105.57
C THR LA 14 64.74 23.82 104.21
N PRO LA 15 63.74 23.31 103.52
CA PRO LA 15 63.38 23.85 102.21
C PRO LA 15 63.00 25.31 102.31
N ALA LA 16 63.32 26.05 101.26
CA ALA LA 16 63.06 27.48 101.18
C ALA LA 16 62.09 27.76 100.04
N ASN LA 17 60.96 28.40 100.35
CA ASN LA 17 59.99 28.73 99.32
C ASN LA 17 60.60 29.71 98.32
N HIS LA 18 60.41 29.43 97.03
CA HIS LA 18 60.82 30.31 95.95
C HIS LA 18 59.61 30.70 95.14
N THR LA 19 59.47 31.99 94.86
CA THR LA 19 58.29 32.53 94.21
C THR LA 19 58.53 32.67 92.70
N PHE LA 20 57.43 32.60 91.95
CA PHE LA 20 57.42 32.61 90.48
C PHE LA 20 56.38 33.63 90.03
N VAL LA 21 56.84 34.77 89.55
CA VAL LA 21 55.95 35.78 88.98
C VAL LA 21 55.41 35.27 87.66
N PRO LA 22 54.14 35.48 87.34
CA PRO LA 22 53.65 35.13 85.99
C PRO LA 22 54.15 36.10 84.94
N MET LA 23 54.37 35.56 83.74
CA MET LA 23 54.84 36.32 82.59
C MET LA 23 53.77 36.49 81.53
N GLN LA 24 53.06 35.42 81.18
CA GLN LA 24 51.93 35.53 80.27
C GLN LA 24 50.99 34.36 80.54
N PRO LA 25 49.70 34.54 80.35
CA PRO LA 25 48.75 33.46 80.59
C PRO LA 25 48.85 32.45 79.45
N GLN LA 26 48.01 31.43 79.53
CA GLN LA 26 47.95 30.41 78.51
C GLN LA 26 47.00 30.84 77.41
N THR LA 27 47.44 30.72 76.16
CA THR LA 27 46.70 31.07 74.97
C THR LA 27 46.54 29.80 74.14
N GLY LA 28 45.85 29.92 73.00
CA GLY LA 28 45.70 28.76 72.12
C GLY LA 28 47.01 28.25 71.55
N ILE LA 29 48.01 29.13 71.39
CA ILE LA 29 49.29 28.72 70.83
C ILE LA 29 50.45 28.88 71.81
N THR LA 30 50.35 29.78 72.79
CA THR LA 30 51.43 30.00 73.74
C THR LA 30 51.07 29.41 75.11
N PRO LA 31 52.02 28.76 75.78
CA PRO LA 31 51.75 28.19 77.11
C PRO LA 31 51.97 29.18 78.24
N SER LA 32 51.15 29.03 79.28
CA SER LA 32 51.29 29.89 80.45
C SER LA 32 52.65 29.66 81.09
N GLN LA 33 53.32 30.73 81.53
CA GLN LA 33 54.67 30.56 82.03
C GLN LA 33 55.02 31.61 83.08
N TRP LA 34 55.82 31.18 84.07
CA TRP LA 34 56.27 31.95 85.22
C TRP LA 34 57.81 32.08 85.21
N LEU LA 35 58.33 32.90 86.12
CA LEU LA 35 59.75 33.23 86.19
C LEU LA 35 60.17 33.39 87.66
N ASN LA 36 61.37 32.91 88.00
CA ASN LA 36 61.83 32.96 89.39
C ASN LA 36 62.26 34.37 89.77
N LYS LA 37 63.12 34.99 88.97
CA LYS LA 37 63.53 36.39 89.16
C LYS LA 37 64.30 36.59 90.46
N GLU LA 38 65.11 35.60 90.81
CA GLU LA 38 65.93 35.69 92.02
C GLU LA 38 67.38 36.06 91.73
N ALA LA 39 68.08 35.29 90.90
CA ALA LA 39 69.47 35.61 90.61
C ALA LA 39 69.57 36.95 89.89
N ALA LA 40 70.72 37.61 90.04
CA ALA LA 40 70.87 38.95 89.47
C ALA LA 40 70.88 38.93 87.95
N SER LA 41 71.44 37.86 87.38
CA SER LA 41 71.59 37.74 85.93
C SER LA 41 70.30 37.27 85.28
N ASN LA 42 70.02 37.79 84.08
CA ASN LA 42 68.88 37.31 83.32
C ASN LA 42 68.91 35.80 83.13
N ILE LA 43 70.11 35.20 83.09
CA ILE LA 43 70.22 33.78 82.85
C ILE LA 43 69.74 32.97 84.06
N GLY LA 44 70.11 33.41 85.26
CA GLY LA 44 69.83 32.69 86.49
C GLY LA 44 68.36 32.63 86.88
N TYR LA 45 67.48 33.37 86.20
CA TYR LA 45 66.05 33.23 86.47
C TYR LA 45 65.61 31.81 86.12
N ARG LA 46 64.77 31.24 86.98
CA ARG LA 46 64.24 29.90 86.78
C ARG LA 46 62.84 29.99 86.22
N LYS LA 47 62.53 29.20 85.19
CA LYS LA 47 61.26 29.33 84.53
C LYS LA 47 60.45 28.05 84.67
N VAL LA 48 59.13 28.21 84.61
CA VAL LA 48 58.18 27.10 84.73
C VAL LA 48 57.07 27.38 83.73
N SER LA 49 56.88 26.48 82.77
CA SER LA 49 55.84 26.69 81.77
C SER LA 49 54.93 25.47 81.70
N MET LA 50 53.69 25.70 81.30
CA MET LA 50 52.64 24.70 81.33
C MET LA 50 51.63 24.99 80.23
N PHE LA 51 51.10 23.92 79.61
CA PHE LA 51 50.09 24.05 78.57
C PHE LA 51 49.09 22.89 78.62
N VAL LA 52 47.81 23.23 78.55
CA VAL LA 52 46.70 22.29 78.71
C VAL LA 52 45.94 22.24 77.38
N LYS LA 53 46.28 21.29 76.51
CA LYS LA 53 45.61 21.13 75.22
C LYS LA 53 44.40 20.23 75.39
N TYR LA 54 43.20 20.83 75.31
CA TYR LA 54 41.95 20.10 75.40
C TYR LA 54 41.54 19.60 74.01
N VAL LA 55 41.38 18.29 73.88
CA VAL LA 55 40.94 17.66 72.64
C VAL LA 55 39.61 16.99 72.92
N SER LA 56 38.51 17.60 72.44
CA SER LA 56 37.19 17.16 72.85
C SER LA 56 36.86 15.76 72.37
N ASN LA 57 37.45 15.32 71.26
CA ASN LA 57 37.36 13.92 70.82
C ASN LA 57 38.77 13.44 70.48
N GLY LA 58 39.50 13.01 71.49
CA GLY LA 58 40.85 12.56 71.30
C GLY LA 58 41.64 12.67 72.59
N THR LA 59 42.96 12.60 72.44
CA THR LA 59 43.87 12.55 73.58
C THR LA 59 44.25 13.96 73.97
N SER LA 60 43.64 14.48 75.05
CA SER LA 60 44.05 15.74 75.63
C SER LA 60 45.44 15.58 76.26
N LYS LA 61 46.16 16.70 76.40
CA LYS LA 61 47.55 16.64 76.86
C LYS LA 61 47.91 17.83 77.74
N VAL LA 62 48.38 17.55 78.95
CA VAL LA 62 48.94 18.57 79.85
C VAL LA 62 50.46 18.44 79.82
N THR LA 63 51.15 19.54 79.52
CA THR LA 63 52.60 19.54 79.36
C THR LA 63 53.22 20.56 80.31
N ILE LA 64 54.28 20.14 81.00
CA ILE LA 64 54.93 20.95 82.04
C ILE LA 64 56.43 20.87 81.86
N ARG LA 65 57.12 22.01 81.96
CA ARG LA 65 58.58 21.99 81.94
C ARG LA 65 59.14 23.04 82.90
N ILE LA 66 60.15 22.62 83.66
CA ILE LA 66 60.77 23.38 84.73
C ILE LA 66 62.26 23.49 84.42
N ALA LA 67 62.80 24.71 84.48
CA ALA LA 67 64.20 24.97 84.15
C ALA LA 67 64.85 25.74 85.29
N ASP LA 68 65.92 25.16 85.85
CA ASP LA 68 66.71 25.75 86.95
C ASP LA 68 68.13 25.94 86.47
N PRO LA 69 68.53 27.16 86.10
CA PRO LA 69 69.93 27.40 85.71
C PRO LA 69 70.85 27.33 86.91
N VAL LA 70 71.82 26.43 86.85
CA VAL LA 70 72.82 26.35 87.92
C VAL LA 70 74.15 26.88 87.39
N LEU LA 71 74.33 28.20 87.48
CA LEU LA 71 75.57 28.80 87.02
C LEU LA 71 76.66 28.74 88.08
N ALA LA 72 76.26 28.61 89.35
CA ALA LA 72 77.25 28.42 90.41
C ALA LA 72 78.08 27.18 90.14
N SER LA 73 77.45 26.13 89.61
CA SER LA 73 78.13 24.88 89.36
C SER LA 73 79.09 24.95 88.18
N VAL LA 74 79.03 25.99 87.37
CA VAL LA 74 79.90 26.12 86.19
C VAL LA 74 81.33 26.43 86.65
N PRO LA 75 82.34 25.75 86.11
CA PRO LA 75 83.73 26.10 86.48
C PRO LA 75 84.05 27.54 86.09
N ALA LA 76 84.98 28.13 86.83
CA ALA LA 76 85.35 29.51 86.56
C ALA LA 76 86.02 29.66 85.20
N GLY LA 77 86.72 28.62 84.75
CA GLY LA 77 87.43 28.70 83.48
C GLY LA 77 86.51 28.69 82.27
N CYS LA 78 85.34 28.06 82.39
CA CYS LA 78 84.41 27.98 81.27
C CYS LA 78 83.58 29.25 81.17
N CYS LA 79 83.52 29.82 79.98
CA CYS LA 79 82.70 30.98 79.69
C CYS LA 79 81.32 30.55 79.22
N VAL LA 80 80.29 31.26 79.68
CA VAL LA 80 78.91 31.00 79.29
C VAL LA 80 78.42 32.18 78.47
N ASP LA 81 78.01 31.91 77.23
CA ASP LA 81 77.52 32.93 76.31
C ASP LA 81 76.33 32.36 75.55
N THR LA 82 75.75 33.17 74.65
CA THR LA 82 74.53 32.77 73.96
C THR LA 82 74.70 31.43 73.26
N ASN LA 83 75.92 31.14 72.79
CA ASN LA 83 76.19 29.91 72.07
C ASN LA 83 76.33 28.69 72.98
N THR LA 84 76.46 28.88 74.29
CA THR LA 84 76.54 27.73 75.19
C THR LA 84 75.21 27.00 75.18
N PRO LA 85 75.21 25.68 74.94
CA PRO LA 85 73.94 24.94 74.93
C PRO LA 85 73.28 24.96 76.30
N GLN LA 86 71.97 25.13 76.30
CA GLN LA 86 71.25 25.28 77.56
C GLN LA 86 71.44 24.05 78.44
N VAL LA 87 71.32 22.85 77.87
CA VAL LA 87 71.22 21.62 78.63
C VAL LA 87 72.53 21.31 79.33
N ALA LA 88 73.53 22.16 79.13
CA ALA LA 88 74.82 21.99 79.78
C ALA LA 88 74.97 22.84 81.03
N TYR LA 89 74.18 23.90 81.22
CA TYR LA 89 74.37 24.76 82.39
C TYR LA 89 73.08 24.95 83.19
N SER LA 90 72.13 24.02 83.09
CA SER LA 90 70.89 24.12 83.85
C SER LA 90 70.20 22.77 83.89
N THR LA 91 69.47 22.53 84.98
CA THR LA 91 68.69 21.31 85.14
C THR LA 91 67.28 21.51 84.59
N PHE LA 92 66.69 20.42 84.09
CA PHE LA 92 65.40 20.48 83.41
C PHE LA 92 64.51 19.32 83.82
N PHE LA 93 63.21 19.59 83.94
CA PHE LA 93 62.20 18.56 84.19
C PHE LA 93 61.04 18.75 83.22
N GLU LA 94 60.71 17.73 82.45
CA GLU LA 94 59.63 17.83 81.47
C GLU LA 94 58.69 16.64 81.60
N CYS LA 95 57.40 16.90 81.83
CA CYS LA 95 56.40 15.84 81.93
C CYS LA 95 55.21 16.15 81.04
N THR LA 96 54.51 15.08 80.64
CA THR LA 96 53.30 15.16 79.81
C THR LA 96 52.30 14.12 80.28
N PHE LA 97 51.13 14.59 80.70
CA PHE LA 97 49.97 13.75 80.96
C PHE LA 97 49.15 13.63 79.69
N SER LA 98 48.84 12.40 79.29
CA SER LA 98 47.98 12.11 78.16
C SER LA 98 46.70 11.51 78.68
N VAL LA 99 45.58 12.20 78.44
CA VAL LA 99 44.27 11.83 78.95
C VAL LA 99 43.31 11.63 77.79
N PRO LA 100 42.90 10.41 77.47
CA PRO LA 100 41.97 10.22 76.36
C PRO LA 100 40.58 10.76 76.70
N TYR LA 101 39.86 11.17 75.66
CA TYR LA 101 38.45 11.52 75.85
C TYR LA 101 37.71 10.33 76.44
N GLY LA 102 36.69 10.59 77.23
CA GLY LA 102 35.98 9.49 77.82
C GLY LA 102 36.66 8.91 79.04
N ALA LA 103 37.62 9.64 79.63
CA ALA LA 103 38.27 9.17 80.84
C ALA LA 103 37.44 9.63 82.03
N THR LA 104 37.13 8.70 82.92
CA THR LA 104 36.36 9.07 84.07
C THR LA 104 37.16 10.06 84.92
N LEU LA 105 36.41 10.92 85.62
CA LEU LA 105 37.04 11.80 86.58
C LEU LA 105 37.96 11.02 87.50
N GLN LA 106 37.57 9.79 87.82
CA GLN LA 106 38.39 8.94 88.66
C GLN LA 106 39.65 8.49 87.94
N ASN LA 107 39.60 8.29 86.63
CA ASN LA 107 40.82 7.95 85.88
C ASN LA 107 41.81 9.12 85.89
N LYS LA 108 41.29 10.34 85.75
CA LYS LA 108 42.15 11.53 85.80
C LYS LA 108 42.81 11.69 87.17
N LYS LA 109 42.00 11.64 88.23
CA LYS LA 109 42.54 11.65 89.59
C LYS LA 109 43.54 10.53 89.79
N ASP LA 110 43.22 9.34 89.27
CA ASP LA 110 44.09 8.19 89.44
C ASP LA 110 45.47 8.48 88.89
N ILE LA 111 45.55 8.90 87.62
CA ILE LA 111 46.88 9.03 87.05
C ILE LA 111 47.63 10.19 87.67
N LEU LA 112 46.95 11.27 88.04
CA LEU LA 112 47.63 12.32 88.78
C LEU LA 112 48.28 11.77 90.05
N ALA LA 113 47.52 10.97 90.80
CA ALA LA 113 48.03 10.43 92.06
C ALA LA 113 49.17 9.43 91.82
N TYR LA 114 49.06 8.60 90.78
CA TYR LA 114 50.13 7.65 90.49
C TYR LA 114 51.42 8.37 90.17
N ALA LA 115 51.34 9.42 89.35
CA ALA LA 115 52.52 10.20 89.02
C ALA LA 115 53.13 10.83 90.27
N ARG LA 116 52.30 11.47 91.10
CA ARG LA 116 52.85 12.18 92.24
C ARG LA 116 53.45 11.21 93.27
N ASN LA 117 52.76 10.10 93.55
CA ASN LA 117 53.31 9.11 94.46
C ASN LA 117 54.59 8.49 93.92
N LEU LA 118 54.65 8.22 92.61
CA LEU LA 118 55.84 7.63 92.04
C LEU LA 118 57.04 8.57 92.16
N LEU LA 119 56.85 9.84 91.83
CA LEU LA 119 57.94 10.79 92.01
C LEU LA 119 58.29 10.99 93.49
N GLY LA 120 57.34 10.74 94.39
CA GLY LA 120 57.68 10.73 95.80
C GLY LA 120 58.43 9.50 96.27
N THR LA 121 58.37 8.41 95.50
CA THR LA 121 58.96 7.15 95.94
C THR LA 121 60.46 7.28 96.18
N GLN LA 122 60.96 6.44 97.09
CA GLN LA 122 62.39 6.45 97.38
C GLN LA 122 63.20 6.03 96.17
N VAL LA 123 62.69 5.11 95.36
CA VAL LA 123 63.47 4.66 94.21
C VAL LA 123 63.69 5.82 93.25
N VAL LA 124 62.66 6.65 93.04
CA VAL LA 124 62.81 7.82 92.17
C VAL LA 124 63.74 8.84 92.80
N THR LA 125 63.54 9.15 94.08
CA THR LA 125 64.43 10.10 94.76
C THR LA 125 65.89 9.66 94.64
N ASP LA 126 66.14 8.38 94.89
CA ASP LA 126 67.47 7.79 94.82
C ASP LA 126 68.04 7.87 93.41
N ALA LA 127 67.20 7.60 92.40
CA ALA LA 127 67.68 7.58 91.01
C ALA LA 127 68.01 8.97 90.50
N VAL LA 128 67.24 9.98 90.91
CA VAL LA 128 67.47 11.32 90.39
C VAL LA 128 68.62 12.01 91.12
N VAL LA 129 68.73 11.82 92.44
CA VAL LA 129 69.79 12.48 93.18
C VAL LA 129 71.09 11.69 93.11
N ASP LA 130 71.06 10.43 93.53
CA ASP LA 130 72.28 9.63 93.58
C ASP LA 130 72.58 8.89 92.28
N MET LA 131 71.77 9.12 91.25
CA MET LA 131 71.97 8.53 89.92
C MET LA 131 71.91 7.01 89.94
N THR LA 132 71.31 6.43 90.99
CA THR LA 132 71.35 4.99 91.16
C THR LA 132 70.05 4.38 90.64
N PRO LA 133 70.12 3.52 89.61
CA PRO LA 133 68.89 2.97 89.01
C PRO LA 133 68.40 1.69 89.68
N ALA LA 134 67.36 1.09 89.10
CA ALA LA 134 66.79 -0.16 89.61
C ALA LA 134 67.30 -1.31 88.74
N TRP LA 135 68.24 -2.09 89.28
CA TRP LA 135 68.91 -3.14 88.51
C TRP LA 135 68.50 -4.56 88.88
N ALA MA 1 37.85 43.29 78.87
CA ALA MA 1 37.33 42.04 79.41
C ALA MA 1 38.38 40.94 79.39
N GLN MA 2 39.10 40.73 80.49
CA GLN MA 2 39.89 39.51 80.57
C GLN MA 2 38.96 38.32 80.74
N ILE MA 3 39.38 37.18 80.18
CA ILE MA 3 38.51 36.02 80.20
C ILE MA 3 38.34 35.56 81.63
N ALA MA 4 37.12 35.15 81.97
CA ALA MA 4 36.82 34.65 83.30
C ALA MA 4 35.62 33.73 83.19
N ASN MA 5 35.27 33.11 84.32
CA ASN MA 5 34.20 32.14 84.36
C ASN MA 5 32.92 32.71 83.75
N LEU MA 6 32.06 31.83 83.26
CA LEU MA 6 30.81 32.26 82.64
C LEU MA 6 29.65 31.42 83.19
N ILE MA 7 28.62 32.08 83.71
CA ILE MA 7 27.50 31.39 84.36
C ILE MA 7 26.23 31.61 83.55
N LEU MA 8 25.58 30.51 83.16
CA LEU MA 8 24.40 30.53 82.31
C LEU MA 8 23.32 29.64 82.90
N ALA MA 9 22.07 30.15 82.91
CA ALA MA 9 20.97 29.44 83.54
C ALA MA 9 20.25 28.55 82.52
N ASP MA 10 20.12 27.26 82.84
CA ASP MA 10 19.40 26.35 81.97
C ASP MA 10 17.89 26.61 82.03
N GLY MA 11 17.19 26.06 81.04
CA GLY MA 11 15.75 26.20 80.96
C GLY MA 11 15.06 25.06 81.67
N GLN MA 12 14.45 25.37 82.81
CA GLN MA 12 13.71 24.40 83.60
C GLN MA 12 12.57 25.13 84.26
N ALA MA 13 11.74 24.36 84.97
CA ALA MA 13 10.74 24.97 85.83
C ALA MA 13 11.41 25.96 86.78
N THR MA 14 12.45 25.51 87.46
CA THR MA 14 13.33 26.41 88.19
C THR MA 14 14.70 26.32 87.52
N PRO MA 15 15.18 27.40 86.93
CA PRO MA 15 16.49 27.34 86.26
C PRO MA 15 17.61 27.12 87.27
N ALA MA 16 18.63 26.40 86.83
CA ALA MA 16 19.78 26.10 87.65
C ALA MA 16 21.04 26.63 86.98
N ASN MA 17 21.82 27.44 87.71
CA ASN MA 17 23.02 28.03 87.14
C ASN MA 17 24.04 26.96 86.77
N HIS MA 18 24.60 27.06 85.57
CA HIS MA 18 25.65 26.18 85.08
C HIS MA 18 26.90 27.01 84.82
N THR MA 19 28.05 26.51 85.27
CA THR MA 19 29.28 27.26 85.18
C THR MA 19 30.12 26.78 83.99
N PHE MA 20 30.90 27.70 83.43
CA PHE MA 20 31.69 27.50 82.21
C PHE MA 20 33.11 27.99 82.49
N VAL MA 21 34.00 27.05 82.73
CA VAL MA 21 35.42 27.38 82.93
C VAL MA 21 36.02 27.76 81.58
N PRO MA 22 36.80 28.84 81.52
CA PRO MA 22 37.45 29.18 80.23
C PRO MA 22 38.50 28.17 79.85
N MET MA 23 38.62 27.93 78.53
CA MET MA 23 39.68 27.12 77.95
C MET MA 23 40.66 27.93 77.10
N GLN MA 24 40.18 28.98 76.46
CA GLN MA 24 40.96 29.59 75.40
C GLN MA 24 40.58 31.06 75.29
N PRO MA 25 41.52 31.97 75.47
CA PRO MA 25 41.22 33.37 75.19
C PRO MA 25 41.35 33.69 73.71
N GLN MA 26 40.61 34.72 73.29
CA GLN MA 26 40.61 35.15 71.89
C GLN MA 26 41.93 35.84 71.57
N THR MA 27 42.61 35.32 70.54
CA THR MA 27 43.87 35.88 70.07
C THR MA 27 44.02 35.51 68.61
N GLY MA 28 44.15 36.52 67.75
CA GLY MA 28 44.27 36.24 66.33
C GLY MA 28 42.98 35.66 65.79
N ILE MA 29 43.08 34.49 65.15
CA ILE MA 29 41.89 33.82 64.64
C ILE MA 29 41.22 32.99 65.73
N THR MA 30 41.98 32.52 66.69
CA THR MA 30 41.44 31.64 67.74
C THR MA 30 40.46 32.40 68.63
N PRO MA 31 39.22 31.92 68.78
CA PRO MA 31 38.22 32.68 69.54
C PRO MA 31 38.14 32.25 71.01
N SER MA 32 37.65 33.16 71.83
CA SER MA 32 37.49 32.85 73.25
C SER MA 32 36.47 31.73 73.40
N GLN MA 33 36.74 30.78 74.30
CA GLN MA 33 35.81 29.67 74.48
C GLN MA 33 35.87 29.11 75.90
N TRP MA 34 34.68 28.76 76.41
CA TRP MA 34 34.46 28.20 77.74
C TRP MA 34 33.79 26.83 77.63
N LEU MA 35 33.93 26.01 78.67
CA LEU MA 35 33.45 24.63 78.71
C LEU MA 35 32.61 24.38 79.95
N ASN MA 36 31.60 23.50 79.84
CA ASN MA 36 30.65 23.31 80.95
C ASN MA 36 31.21 22.41 82.04
N LYS MA 37 31.86 21.29 81.67
CA LYS MA 37 32.58 20.40 82.59
C LYS MA 37 31.65 19.57 83.50
N GLU MA 38 30.49 19.21 82.99
CA GLU MA 38 29.55 18.46 83.83
C GLU MA 38 29.45 16.99 83.49
N ALA MA 39 29.32 16.63 82.22
CA ALA MA 39 29.28 15.22 81.88
C ALA MA 39 30.63 14.58 82.17
N ALA MA 40 30.61 13.26 82.37
CA ALA MA 40 31.77 12.56 82.93
C ALA MA 40 32.93 12.47 81.95
N SER MA 41 32.63 12.22 80.68
CA SER MA 41 33.62 12.08 79.62
C SER MA 41 33.99 13.44 79.04
N ASN MA 42 35.19 13.52 78.47
CA ASN MA 42 35.63 14.78 77.88
C ASN MA 42 34.72 15.25 76.75
N ILE MA 43 33.93 14.36 76.17
CA ILE MA 43 33.11 14.74 75.02
C ILE MA 43 31.87 15.54 75.46
N GLY MA 44 31.27 15.17 76.59
CA GLY MA 44 29.99 15.73 76.99
C GLY MA 44 30.05 17.18 77.41
N TYR MA 45 31.26 17.67 77.73
CA TYR MA 45 31.47 19.06 78.08
C TYR MA 45 30.79 19.96 77.06
N ARG MA 46 29.95 20.88 77.55
CA ARG MA 46 29.27 21.82 76.66
C ARG MA 46 30.18 23.01 76.39
N LYS MA 47 30.07 23.58 75.19
CA LYS MA 47 31.05 24.57 74.77
C LYS MA 47 30.39 25.86 74.32
N VAL MA 48 30.91 26.99 74.80
CA VAL MA 48 30.48 28.31 74.38
C VAL MA 48 31.69 29.01 73.77
N SER MA 49 31.52 29.63 72.61
CA SER MA 49 32.66 30.32 72.03
C SER MA 49 32.20 31.59 71.32
N MET MA 50 33.10 32.58 71.29
CA MET MA 50 32.81 33.91 70.79
C MET MA 50 34.08 34.50 70.17
N PHE MA 51 33.88 35.28 69.11
CA PHE MA 51 34.96 36.00 68.44
C PHE MA 51 34.51 37.40 68.05
N VAL MA 52 35.27 38.40 68.47
CA VAL MA 52 34.97 39.80 68.24
C VAL MA 52 35.97 40.31 67.20
N LYS MA 53 35.52 40.50 65.96
CA LYS MA 53 36.36 41.08 64.90
C LYS MA 53 36.03 42.57 64.79
N TYR MA 54 36.92 43.40 65.32
CA TYR MA 54 36.78 44.85 65.21
C TYR MA 54 37.42 45.30 63.90
N VAL MA 55 36.60 45.81 62.99
CA VAL MA 55 37.07 46.36 61.72
C VAL MA 55 37.00 47.88 61.85
N SER MA 56 38.16 48.53 61.89
CA SER MA 56 38.22 49.96 62.22
C SER MA 56 37.50 50.81 61.18
N ASN MA 57 37.44 50.36 59.93
CA ASN MA 57 36.67 51.03 58.88
C ASN MA 57 35.93 49.96 58.07
N GLY MA 58 34.72 49.63 58.52
CA GLY MA 58 33.94 48.61 57.85
C GLY MA 58 32.96 47.97 58.83
N THR MA 59 32.45 46.81 58.45
CA THR MA 59 31.45 46.10 59.22
C THR MA 59 32.16 45.18 60.21
N SER MA 60 32.13 45.56 61.49
CA SER MA 60 32.66 44.71 62.55
C SER MA 60 31.67 43.61 62.88
N LYS MA 61 32.18 42.50 63.43
CA LYS MA 61 31.37 41.28 63.54
C LYS MA 61 31.67 40.54 64.84
N VAL MA 62 30.63 40.33 65.64
CA VAL MA 62 30.71 39.50 66.85
C VAL MA 62 30.01 38.18 66.53
N THR MA 63 30.70 37.06 66.74
CA THR MA 63 30.19 35.74 66.38
C THR MA 63 30.17 34.85 67.62
N ILE MA 64 29.06 34.16 67.84
CA ILE MA 64 28.85 33.37 69.06
C ILE MA 64 28.23 32.03 68.69
N ARG MA 65 28.67 30.96 69.38
CA ARG MA 65 28.08 29.63 69.19
C ARG MA 65 28.07 28.86 70.50
N ILE MA 66 26.95 28.18 70.75
CA ILE MA 66 26.70 27.41 71.96
C ILE MA 66 26.38 25.98 71.54
N ALA MA 67 27.11 25.01 72.10
CA ALA MA 67 26.99 23.60 71.74
C ALA MA 67 26.67 22.80 72.98
N ASP MA 68 25.47 22.18 72.99
CA ASP MA 68 24.90 21.39 74.07
C ASP MA 68 24.86 19.95 73.59
N PRO MA 69 25.92 19.17 73.82
CA PRO MA 69 25.91 17.76 73.41
C PRO MA 69 25.33 16.87 74.48
N VAL MA 70 24.74 15.75 74.05
CA VAL MA 70 24.21 14.74 74.96
C VAL MA 70 24.80 13.39 74.60
N LEU MA 71 25.42 12.73 75.58
CA LEU MA 71 26.05 11.44 75.35
C LEU MA 71 25.00 10.37 75.10
N ALA MA 72 25.34 9.43 74.22
CA ALA MA 72 24.45 8.33 73.88
C ALA MA 72 24.53 7.24 74.93
N SER MA 73 23.38 6.67 75.26
CA SER MA 73 23.30 5.46 76.08
C SER MA 73 22.90 4.32 75.16
N VAL MA 74 23.84 3.42 74.88
CA VAL MA 74 23.62 2.35 73.91
C VAL MA 74 22.77 1.27 74.55
N PRO MA 75 22.05 0.47 73.77
CA PRO MA 75 21.38 -0.70 74.31
C PRO MA 75 22.34 -1.89 74.33
N ALA MA 76 21.88 -2.98 74.96
CA ALA MA 76 22.73 -4.15 75.08
C ALA MA 76 23.12 -4.72 73.72
N GLY MA 77 22.28 -4.50 72.71
CA GLY MA 77 22.42 -5.25 71.46
C GLY MA 77 23.67 -4.93 70.68
N CYS MA 78 24.02 -3.65 70.56
CA CYS MA 78 25.12 -3.27 69.69
C CYS MA 78 26.49 -3.55 70.31
N CYS MA 79 26.56 -3.66 71.63
CA CYS MA 79 27.74 -4.16 72.34
C CYS MA 79 28.97 -3.26 72.16
N VAL MA 80 28.77 -1.96 71.97
CA VAL MA 80 29.87 -1.04 72.16
C VAL MA 80 30.19 -1.05 73.66
N ASP MA 81 31.48 -1.13 73.99
CA ASP MA 81 31.89 -1.22 75.38
C ASP MA 81 31.35 -0.04 76.18
N THR MA 82 30.87 -0.35 77.38
CA THR MA 82 30.38 0.69 78.29
C THR MA 82 31.39 1.83 78.43
N ASN MA 83 32.68 1.53 78.27
CA ASN MA 83 33.72 2.49 78.64
C ASN MA 83 33.96 3.53 77.55
N THR MA 84 33.69 3.22 76.27
CA THR MA 84 33.91 4.17 75.19
C THR MA 84 32.61 4.91 74.87
N PRO MA 85 32.43 6.15 75.35
CA PRO MA 85 31.20 6.87 75.06
C PRO MA 85 31.26 7.51 73.69
N GLN MA 86 30.08 7.74 73.13
CA GLN MA 86 29.93 8.46 71.88
C GLN MA 86 28.85 9.52 72.07
N VAL MA 87 29.00 10.63 71.34
CA VAL MA 87 28.01 11.70 71.41
C VAL MA 87 26.84 11.34 70.51
N ALA MA 88 25.64 11.36 71.08
CA ALA MA 88 24.45 10.98 70.33
C ALA MA 88 24.02 12.08 69.38
N TYR MA 89 23.94 13.30 69.90
CA TYR MA 89 23.45 14.47 69.18
C TYR MA 89 23.82 15.68 70.01
N SER MA 90 23.71 16.87 69.41
CA SER MA 90 24.00 18.11 70.11
C SER MA 90 23.17 19.23 69.51
N THR MA 91 22.58 20.04 70.38
CA THR MA 91 21.86 21.23 69.96
C THR MA 91 22.85 22.38 69.79
N PHE MA 92 22.60 23.23 68.80
CA PHE MA 92 23.53 24.31 68.45
C PHE MA 92 22.81 25.64 68.35
N PHE MA 93 23.44 26.70 68.86
CA PHE MA 93 22.96 28.07 68.65
C PHE MA 93 24.10 28.91 68.11
N GLU MA 94 23.89 29.55 66.96
CA GLU MA 94 24.95 30.35 66.35
C GLU MA 94 24.39 31.70 65.90
N CYS MA 95 24.94 32.78 66.44
CA CYS MA 95 24.49 34.12 66.10
C CYS MA 95 25.68 34.99 65.68
N THR MA 96 25.37 36.04 64.94
CA THR MA 96 26.34 37.01 64.45
C THR MA 96 25.74 38.40 64.50
N PHE MA 97 26.39 39.30 65.22
CA PHE MA 97 26.08 40.73 65.20
C PHE MA 97 26.98 41.42 64.19
N SER MA 98 26.38 42.20 63.30
CA SER MA 98 27.09 43.03 62.32
C SER MA 98 26.87 44.49 62.68
N VAL MA 99 27.96 45.18 63.01
CA VAL MA 99 27.97 46.58 63.44
C VAL MA 99 28.77 47.40 62.44
N PRO MA 100 28.14 48.26 61.64
CA PRO MA 100 28.88 49.02 60.63
C PRO MA 100 29.74 50.10 61.26
N TYR MA 101 30.55 50.74 60.42
CA TYR MA 101 31.52 51.70 60.93
C TYR MA 101 30.83 52.83 61.69
N GLY MA 102 29.78 53.40 61.11
CA GLY MA 102 29.17 54.62 61.61
C GLY MA 102 28.20 54.43 62.74
N ALA MA 103 28.10 53.22 63.29
CA ALA MA 103 27.03 52.90 64.23
C ALA MA 103 27.17 53.67 65.53
N THR MA 104 26.07 54.23 65.99
CA THR MA 104 26.09 54.89 67.27
C THR MA 104 26.24 53.87 68.41
N LEU MA 105 26.86 54.32 69.49
CA LEU MA 105 26.91 53.48 70.68
C LEU MA 105 25.49 53.14 71.15
N GLN MA 106 24.60 54.11 71.04
CA GLN MA 106 23.20 53.83 71.35
C GLN MA 106 22.62 52.76 70.41
N ASN MA 107 23.06 52.77 69.15
CA ASN MA 107 22.61 51.75 68.18
C ASN MA 107 23.09 50.36 68.58
N LYS MA 108 24.34 50.25 69.04
CA LYS MA 108 24.88 48.98 69.51
C LYS MA 108 24.06 48.46 70.69
N LYS MA 109 23.83 49.33 71.68
CA LYS MA 109 22.93 49.00 72.80
C LYS MA 109 21.57 48.52 72.27
N ASP MA 110 21.00 49.29 71.34
CA ASP MA 110 19.69 48.96 70.79
C ASP MA 110 19.65 47.54 70.26
N ILE MA 111 20.58 47.20 69.36
CA ILE MA 111 20.46 45.91 68.69
C ILE MA 111 20.73 44.76 69.65
N LEU MA 112 21.67 44.93 70.59
CA LEU MA 112 21.85 43.88 71.58
C LEU MA 112 20.56 43.65 72.37
N ALA MA 113 19.88 44.74 72.74
CA ALA MA 113 18.63 44.60 73.50
C ALA MA 113 17.54 43.96 72.66
N TYR MA 114 17.45 44.32 71.37
CA TYR MA 114 16.44 43.71 70.52
C TYR MA 114 16.67 42.21 70.39
N ALA MA 115 17.93 41.80 70.26
CA ALA MA 115 18.24 40.38 70.19
C ALA MA 115 17.85 39.65 71.47
N ARG MA 116 18.23 40.21 72.63
CA ARG MA 116 17.93 39.55 73.90
C ARG MA 116 16.43 39.45 74.12
N ASN MA 117 15.71 40.56 73.91
CA ASN MA 117 14.26 40.55 74.11
C ASN MA 117 13.57 39.62 73.12
N LEU MA 118 14.07 39.56 71.87
CA LEU MA 118 13.44 38.69 70.88
C LEU MA 118 13.63 37.23 71.22
N LEU MA 119 14.80 36.85 71.74
CA LEU MA 119 14.93 35.50 72.27
C LEU MA 119 14.06 35.29 73.49
N GLY MA 120 13.69 36.37 74.17
CA GLY MA 120 12.70 36.27 75.23
C GLY MA 120 11.27 36.07 74.74
N THR MA 121 10.97 36.51 73.52
CA THR MA 121 9.58 36.62 73.08
C THR MA 121 8.86 35.27 73.03
N GLN MA 122 7.54 35.35 73.22
CA GLN MA 122 6.71 34.15 73.20
C GLN MA 122 6.72 33.48 71.83
N VAL MA 123 6.78 34.27 70.76
CA VAL MA 123 6.79 33.69 69.42
C VAL MA 123 8.04 32.84 69.21
N VAL MA 124 9.19 33.34 69.64
CA VAL MA 124 10.44 32.61 69.45
C VAL MA 124 10.51 31.39 70.35
N THR MA 125 10.12 31.54 71.62
CA THR MA 125 10.09 30.39 72.51
C THR MA 125 9.20 29.29 71.93
N ASP MA 126 8.00 29.68 71.48
CA ASP MA 126 7.08 28.77 70.81
C ASP MA 126 7.74 28.08 69.63
N ALA MA 127 8.37 28.87 68.75
CA ALA MA 127 8.91 28.33 67.50
C ALA MA 127 10.06 27.36 67.75
N VAL MA 128 10.99 27.73 68.62
CA VAL MA 128 12.17 26.90 68.87
C VAL MA 128 11.81 25.62 69.63
N VAL MA 129 10.85 25.70 70.56
CA VAL MA 129 10.59 24.50 71.36
C VAL MA 129 9.59 23.57 70.68
N ASP MA 130 8.50 24.09 70.10
CA ASP MA 130 7.48 23.24 69.51
C ASP MA 130 7.55 23.16 67.99
N MET MA 131 8.57 23.78 67.37
CA MET MA 131 8.74 23.76 65.92
C MET MA 131 7.49 24.27 65.21
N THR MA 132 6.82 25.25 65.83
CA THR MA 132 5.62 25.84 65.28
C THR MA 132 5.97 27.20 64.70
N PRO MA 133 5.74 27.44 63.41
CA PRO MA 133 6.09 28.74 62.82
C PRO MA 133 5.16 29.85 63.28
N ALA MA 134 5.40 31.05 62.77
CA ALA MA 134 4.48 32.17 62.97
C ALA MA 134 3.67 32.32 61.69
N TRP MA 135 2.55 31.59 61.61
CA TRP MA 135 1.75 31.52 60.39
C TRP MA 135 0.74 32.67 60.30
N ALA NA 1 0.27 -94.53 27.76
CA ALA NA 1 -0.91 -93.74 27.41
C ALA NA 1 -0.99 -93.45 25.93
N GLN NA 2 -1.59 -94.36 25.17
CA GLN NA 2 -2.01 -93.98 23.82
C GLN NA 2 -2.95 -92.79 23.90
N ILE NA 3 -2.94 -91.96 22.86
CA ILE NA 3 -3.80 -90.79 22.88
C ILE NA 3 -5.25 -91.23 22.78
N ALA NA 4 -6.12 -90.55 23.54
CA ALA NA 4 -7.53 -90.87 23.55
C ALA NA 4 -8.27 -89.66 24.08
N ASN NA 5 -9.60 -89.74 24.09
CA ASN NA 5 -10.47 -88.64 24.46
C ASN NA 5 -10.11 -88.05 25.82
N LEU NA 6 -10.50 -86.81 26.07
CA LEU NA 6 -10.19 -86.13 27.32
C LEU NA 6 -11.47 -85.48 27.85
N ILE NA 7 -11.75 -85.62 29.14
CA ILE NA 7 -13.01 -85.11 29.68
C ILE NA 7 -12.70 -84.17 30.84
N LEU NA 8 -13.02 -82.89 30.66
CA LEU NA 8 -12.73 -81.84 31.64
C LEU NA 8 -14.01 -81.12 32.03
N ALA NA 9 -14.18 -80.87 33.33
CA ALA NA 9 -15.40 -80.28 33.85
C ALA NA 9 -15.22 -78.78 34.03
N ASP NA 10 -16.14 -78.00 33.45
CA ASP NA 10 -16.09 -76.56 33.63
C ASP NA 10 -16.52 -76.15 35.04
N GLY NA 11 -16.27 -74.90 35.38
CA GLY NA 11 -16.66 -74.41 36.69
C GLY NA 11 -18.01 -73.73 36.65
N GLN NA 12 -19.02 -74.37 37.20
CA GLN NA 12 -20.35 -73.78 37.31
C GLN NA 12 -20.91 -74.11 38.68
N ALA NA 13 -22.13 -73.65 38.92
CA ALA NA 13 -22.87 -74.14 40.08
C ALA NA 13 -22.84 -75.65 40.10
N THR NA 14 -23.29 -76.26 39.02
CA THR NA 14 -23.10 -77.69 38.78
C THR NA 14 -22.19 -77.82 37.58
N PRO NA 15 -20.98 -78.33 37.74
CA PRO NA 15 -20.09 -78.47 36.58
C PRO NA 15 -20.69 -79.40 35.53
N ALA NA 16 -20.50 -79.03 34.27
CA ALA NA 16 -20.91 -79.85 33.14
C ALA NA 16 -19.68 -80.34 32.39
N ASN NA 17 -19.60 -81.65 32.16
CA ASN NA 17 -18.43 -82.24 31.52
C ASN NA 17 -18.34 -81.85 30.05
N HIS NA 18 -17.12 -81.53 29.61
CA HIS NA 18 -16.84 -81.21 28.23
C HIS NA 18 -15.79 -82.18 27.70
N THR NA 19 -15.98 -82.62 26.47
CA THR NA 19 -15.16 -83.67 25.89
C THR NA 19 -14.23 -83.09 24.82
N PHE NA 20 -13.06 -83.71 24.70
CA PHE NA 20 -11.96 -83.24 23.85
C PHE NA 20 -11.52 -84.41 22.98
N VAL NA 21 -11.81 -84.33 21.69
CA VAL NA 21 -11.37 -85.33 20.73
C VAL NA 21 -9.90 -85.13 20.43
N PRO NA 22 -9.10 -86.19 20.36
CA PRO NA 22 -7.69 -86.02 19.97
C PRO NA 22 -7.55 -85.74 18.48
N MET NA 23 -6.60 -84.87 18.16
CA MET NA 23 -6.32 -84.50 16.77
C MET NA 23 -4.92 -84.85 16.32
N GLN NA 24 -3.90 -84.61 17.14
CA GLN NA 24 -2.54 -84.98 16.79
C GLN NA 24 -1.82 -85.49 18.03
N PRO NA 25 -1.10 -86.60 17.92
CA PRO NA 25 -0.33 -87.12 19.05
C PRO NA 25 1.10 -86.56 19.09
N GLN NA 26 1.80 -86.93 20.15
CA GLN NA 26 3.14 -86.44 20.41
C GLN NA 26 4.16 -87.32 19.68
N THR NA 27 4.73 -86.77 18.60
CA THR NA 27 5.86 -87.41 17.92
C THR NA 27 6.85 -86.31 17.58
N GLY NA 28 8.08 -86.44 18.09
CA GLY NA 28 9.10 -85.44 17.80
C GLY NA 28 8.80 -84.13 18.49
N ILE NA 29 8.84 -83.04 17.71
CA ILE NA 29 8.57 -81.72 18.28
C ILE NA 29 7.08 -81.49 18.49
N THR NA 30 6.24 -82.10 17.65
CA THR NA 30 4.81 -81.83 17.71
C THR NA 30 4.20 -82.41 18.97
N PRO NA 31 3.40 -81.65 19.72
CA PRO NA 31 2.82 -82.14 20.97
C PRO NA 31 1.43 -82.74 20.79
N SER NA 32 1.09 -83.65 21.71
CA SER NA 32 -0.25 -84.21 21.71
C SER NA 32 -1.27 -83.11 21.99
N GLN NA 33 -2.43 -83.17 21.33
CA GLN NA 33 -3.38 -82.07 21.43
C GLN NA 33 -4.80 -82.52 21.10
N TRP NA 34 -5.75 -81.99 21.87
CA TRP NA 34 -7.18 -82.30 21.81
C TRP NA 34 -7.98 -81.03 21.56
N LEU NA 35 -9.17 -81.19 20.96
CA LEU NA 35 -10.06 -80.10 20.57
C LEU NA 35 -11.44 -80.34 21.17
N ASN NA 36 -12.11 -79.26 21.58
CA ASN NA 36 -13.40 -79.40 22.25
C ASN NA 36 -14.53 -79.63 21.25
N LYS NA 37 -14.54 -78.87 20.15
CA LYS NA 37 -15.50 -79.05 19.05
C LYS NA 37 -16.94 -78.70 19.46
N GLU NA 38 -17.08 -77.74 20.37
CA GLU NA 38 -18.41 -77.32 20.82
C GLU NA 38 -18.88 -75.99 20.23
N ALA NA 39 -17.97 -75.08 19.90
CA ALA NA 39 -18.41 -73.75 19.49
C ALA NA 39 -19.00 -73.77 18.09
N ALA NA 40 -19.60 -72.64 17.70
CA ALA NA 40 -20.30 -72.55 16.41
C ALA NA 40 -19.35 -72.62 15.22
N SER NA 41 -18.23 -71.89 15.29
CA SER NA 41 -17.25 -71.84 14.21
C SER NA 41 -16.04 -72.72 14.53
N ASN NA 42 -15.25 -73.00 13.51
CA ASN NA 42 -14.09 -73.86 13.73
C ASN NA 42 -13.03 -73.20 14.59
N ILE NA 43 -13.09 -71.88 14.77
CA ILE NA 43 -12.08 -71.19 15.56
C ILE NA 43 -12.40 -71.15 17.04
N GLY NA 44 -13.67 -71.28 17.42
CA GLY NA 44 -14.07 -71.27 18.80
C GLY NA 44 -13.76 -72.53 19.57
N TYR NA 45 -13.32 -73.58 18.87
CA TYR NA 45 -13.04 -74.86 19.50
C TYR NA 45 -11.99 -74.68 20.59
N ARG NA 46 -12.26 -75.21 21.77
CA ARG NA 46 -11.31 -75.11 22.87
C ARG NA 46 -10.26 -76.20 22.75
N LYS NA 47 -9.01 -75.85 23.04
CA LYS NA 47 -7.94 -76.81 22.77
C LYS NA 47 -7.04 -77.01 23.97
N VAL NA 48 -6.51 -78.22 24.05
CA VAL NA 48 -5.58 -78.61 25.10
C VAL NA 48 -4.38 -79.24 24.41
N SER NA 49 -3.18 -78.99 24.92
CA SER NA 49 -2.03 -79.66 24.35
C SER NA 49 -0.99 -79.91 25.43
N MET NA 50 -0.17 -80.94 25.20
CA MET NA 50 0.77 -81.43 26.18
C MET NA 50 1.98 -82.04 25.47
N PHE NA 51 3.16 -81.86 26.06
CA PHE NA 51 4.42 -82.42 25.55
C PHE NA 51 5.31 -82.87 26.71
N VAL NA 52 5.83 -84.09 26.60
CA VAL NA 52 6.62 -84.72 27.66
C VAL NA 52 8.02 -84.96 27.11
N LYS NA 53 8.92 -83.98 27.29
CA LYS NA 53 10.30 -84.11 26.85
C LYS NA 53 11.10 -84.87 27.91
N TYR NA 54 11.46 -86.10 27.60
CA TYR NA 54 12.25 -86.94 28.49
C TYR NA 54 13.73 -86.75 28.16
N VAL NA 55 14.48 -86.20 29.12
CA VAL NA 55 15.91 -85.94 28.96
C VAL NA 55 16.65 -86.89 29.89
N SER NA 56 17.31 -87.90 29.32
CA SER NA 56 17.85 -88.99 30.13
C SER NA 56 18.94 -88.52 31.07
N ASN NA 57 19.83 -87.64 30.60
CA ASN NA 57 20.79 -86.98 31.49
C ASN NA 57 20.58 -85.47 31.39
N GLY NA 58 19.62 -84.98 32.15
CA GLY NA 58 19.29 -83.57 32.11
C GLY NA 58 17.89 -83.36 32.65
N THR NA 59 17.36 -82.17 32.35
CA THR NA 59 16.15 -81.67 33.00
C THR NA 59 14.95 -81.96 32.10
N SER NA 60 14.23 -83.04 32.42
CA SER NA 60 13.02 -83.38 31.69
C SER NA 60 11.94 -82.35 31.96
N LYS NA 61 11.00 -82.21 31.01
CA LYS NA 61 10.00 -81.15 31.07
C LYS NA 61 8.66 -81.61 30.54
N VAL NA 62 7.60 -81.35 31.30
CA VAL NA 62 6.22 -81.59 30.87
C VAL NA 62 5.53 -80.24 30.72
N THR NA 63 5.07 -79.94 29.49
CA THR NA 63 4.46 -78.66 29.19
C THR NA 63 3.00 -78.86 28.79
N ILE NA 64 2.11 -78.06 29.38
CA ILE NA 64 0.67 -78.17 29.17
C ILE NA 64 0.10 -76.77 28.92
N ARG NA 65 -0.80 -76.66 27.94
CA ARG NA 65 -1.48 -75.40 27.69
C ARG NA 65 -2.94 -75.64 27.31
N ILE NA 66 -3.82 -74.81 27.88
CA ILE NA 66 -5.26 -74.90 27.74
C ILE NA 66 -5.79 -73.56 27.24
N ALA NA 67 -6.55 -73.59 26.15
CA ALA NA 67 -7.05 -72.38 25.51
C ALA NA 67 -8.57 -72.44 25.39
N ASP NA 68 -9.24 -71.47 26.03
CA ASP NA 68 -10.71 -71.35 26.06
C ASP NA 68 -11.08 -70.05 25.36
N PRO NA 69 -11.43 -70.08 24.09
CA PRO NA 69 -11.82 -68.86 23.38
C PRO NA 69 -13.31 -68.59 23.45
N VAL NA 70 -13.66 -67.31 23.33
CA VAL NA 70 -15.04 -66.86 23.24
C VAL NA 70 -15.20 -66.06 21.96
N LEU NA 71 -16.09 -66.52 21.08
CA LEU NA 71 -16.25 -65.90 19.78
C LEU NA 71 -17.02 -64.59 19.90
N ALA NA 72 -16.96 -63.80 18.83
CA ALA NA 72 -17.58 -62.47 18.80
C ALA NA 72 -18.98 -62.60 18.21
N SER NA 73 -20.00 -62.42 19.05
CA SER NA 73 -21.40 -62.51 18.63
C SER NA 73 -21.94 -61.11 18.34
N VAL NA 74 -22.43 -60.91 17.12
CA VAL NA 74 -22.92 -59.62 16.66
C VAL NA 74 -24.44 -59.69 16.56
N PRO NA 75 -25.15 -58.56 16.66
CA PRO NA 75 -26.62 -58.59 16.53
C PRO NA 75 -27.06 -59.27 15.24
N ALA NA 76 -28.19 -59.98 15.34
CA ALA NA 76 -28.60 -60.88 14.26
C ALA NA 76 -28.87 -60.14 12.96
N GLY NA 77 -29.59 -59.02 13.03
CA GLY NA 77 -29.87 -58.24 11.85
C GLY NA 77 -28.63 -57.70 11.18
N CYS NA 78 -27.54 -57.54 11.93
CA CYS NA 78 -26.34 -56.96 11.37
C CYS NA 78 -25.68 -57.92 10.39
N CYS NA 79 -24.80 -57.37 9.55
CA CYS NA 79 -24.18 -58.13 8.46
C CYS NA 79 -22.67 -58.18 8.66
N VAL NA 80 -22.18 -59.29 9.19
CA VAL NA 80 -20.78 -59.67 9.09
C VAL NA 80 -20.75 -61.09 8.55
N ASP NA 81 -19.95 -61.32 7.52
CA ASP NA 81 -19.95 -62.60 6.85
C ASP NA 81 -19.69 -63.72 7.85
N THR NA 82 -20.64 -64.65 7.94
CA THR NA 82 -20.48 -65.77 8.87
C THR NA 82 -19.31 -66.66 8.48
N ASN NA 83 -18.88 -66.60 7.23
CA ASN NA 83 -17.69 -67.35 6.82
C ASN NA 83 -16.41 -66.77 7.43
N THR NA 84 -16.43 -65.51 7.87
CA THR NA 84 -15.27 -64.88 8.48
C THR NA 84 -15.61 -64.43 9.89
N PRO NA 85 -15.60 -65.36 10.90
CA PRO NA 85 -15.76 -64.95 12.29
C PRO NA 85 -14.42 -64.68 12.96
N GLN NA 86 -14.46 -63.97 14.07
CA GLN NA 86 -13.26 -63.67 14.83
C GLN NA 86 -13.47 -64.12 16.27
N VAL NA 87 -12.34 -64.29 16.95
CA VAL NA 87 -12.32 -64.55 18.37
C VAL NA 87 -12.22 -63.22 19.09
N ALA NA 88 -13.19 -62.92 19.95
CA ALA NA 88 -13.16 -61.69 20.73
C ALA NA 88 -12.00 -61.71 21.72
N TYR NA 89 -11.87 -62.79 22.47
CA TYR NA 89 -10.83 -62.93 23.48
C TYR NA 89 -10.79 -64.41 23.87
N SER NA 90 -9.68 -64.81 24.51
CA SER NA 90 -9.52 -66.20 24.93
C SER NA 90 -8.66 -66.28 26.18
N THR NA 91 -9.10 -67.08 27.13
CA THR NA 91 -8.33 -67.32 28.34
C THR NA 91 -7.33 -68.45 28.10
N PHE NA 92 -6.19 -68.37 28.79
CA PHE NA 92 -5.10 -69.31 28.58
C PHE NA 92 -4.52 -69.78 29.91
N PHE NA 93 -4.13 -71.06 29.96
CA PHE NA 93 -3.39 -71.61 31.09
C PHE NA 93 -2.17 -72.37 30.58
N GLU NA 94 -0.98 -72.00 31.04
CA GLU NA 94 0.25 -72.65 30.59
C GLU NA 94 1.12 -73.02 31.77
N CYS NA 95 1.44 -74.31 31.91
CA CYS NA 95 2.29 -74.79 32.99
C CYS NA 95 3.39 -75.69 32.47
N THR NA 96 4.52 -75.70 33.18
CA THR NA 96 5.69 -76.51 32.85
C THR NA 96 6.24 -77.11 34.13
N PHE NA 97 6.27 -78.44 34.18
CA PHE NA 97 6.99 -79.20 35.18
C PHE NA 97 8.42 -79.41 34.71
N SER NA 98 9.39 -79.18 35.58
CA SER NA 98 10.80 -79.40 35.29
C SER NA 98 11.36 -80.36 36.34
N VAL NA 99 11.68 -81.57 35.90
CA VAL NA 99 12.09 -82.68 36.75
C VAL NA 99 13.54 -83.03 36.42
N PRO NA 100 14.46 -82.97 37.37
CA PRO NA 100 15.85 -83.30 37.07
C PRO NA 100 16.02 -84.77 36.72
N TYR NA 101 17.12 -85.06 36.02
CA TYR NA 101 17.59 -86.44 35.95
C TYR NA 101 17.82 -86.95 37.36
N GLY NA 102 17.70 -88.26 37.52
CA GLY NA 102 17.95 -88.85 38.82
C GLY NA 102 16.98 -88.45 39.90
N ALA NA 103 15.81 -87.92 39.57
CA ALA NA 103 14.80 -87.62 40.57
C ALA NA 103 13.99 -88.87 40.87
N THR NA 104 13.77 -89.13 42.16
CA THR NA 104 13.02 -90.30 42.58
C THR NA 104 11.58 -90.20 42.10
N LEU NA 105 11.00 -91.36 41.79
CA LEU NA 105 9.56 -91.42 41.55
C LEU NA 105 8.79 -90.75 42.68
N GLN NA 106 9.33 -90.80 43.90
CA GLN NA 106 8.70 -90.09 45.01
C GLN NA 106 8.81 -88.58 44.84
N ASN NA 107 9.95 -88.08 44.34
CA ASN NA 107 10.07 -86.64 44.10
C ASN NA 107 9.07 -86.19 43.03
N LYS NA 108 8.85 -87.03 42.00
CA LYS NA 108 7.89 -86.67 40.96
C LYS NA 108 6.47 -86.62 41.51
N LYS NA 109 6.08 -87.67 42.25
CA LYS NA 109 4.80 -87.66 42.96
C LYS NA 109 4.66 -86.39 43.80
N ASP NA 110 5.72 -86.07 44.55
CA ASP NA 110 5.71 -84.90 45.43
C ASP NA 110 5.35 -83.64 44.68
N ILE NA 111 6.10 -83.33 43.61
CA ILE NA 111 5.88 -82.04 42.96
C ILE NA 111 4.54 -82.01 42.24
N LEU NA 112 4.12 -83.12 41.65
CA LEU NA 112 2.79 -83.16 41.06
C LEU NA 112 1.73 -82.80 42.11
N ALA NA 113 1.85 -83.40 43.30
CA ALA NA 113 0.86 -83.14 44.35
C ALA NA 113 0.93 -81.71 44.85
N TYR NA 114 2.14 -81.16 45.00
CA TYR NA 114 2.25 -79.76 45.44
C TYR NA 114 1.56 -78.84 44.45
N ALA NA 115 1.78 -79.06 43.15
CA ALA NA 115 1.14 -78.22 42.14
C ALA NA 115 -0.38 -78.33 42.21
N ARG NA 116 -0.90 -79.56 42.27
CA ARG NA 116 -2.34 -79.74 42.25
C ARG NA 116 -2.98 -79.14 43.51
N ASN NA 117 -2.38 -79.39 44.67
CA ASN NA 117 -2.91 -78.83 45.92
C ASN NA 117 -2.85 -77.31 45.92
N LEU NA 118 -1.79 -76.73 45.36
CA LEU NA 118 -1.68 -75.29 45.33
C LEU NA 118 -2.74 -74.67 44.44
N LEU NA 119 -2.94 -75.22 43.24
CA LEU NA 119 -4.00 -74.71 42.39
C LEU NA 119 -5.38 -74.94 43.02
N GLY NA 120 -5.50 -75.94 43.87
CA GLY NA 120 -6.72 -76.08 44.64
C GLY NA 120 -6.84 -75.20 45.86
N THR NA 121 -5.86 -74.36 46.18
CA THR NA 121 -5.92 -73.58 47.40
C THR NA 121 -6.86 -72.38 47.24
N GLN NA 122 -7.39 -71.94 48.38
CA GLN NA 122 -8.33 -70.83 48.36
C GLN NA 122 -7.66 -69.55 47.89
N VAL NA 123 -6.39 -69.34 48.23
CA VAL NA 123 -5.72 -68.13 47.79
C VAL NA 123 -5.56 -68.13 46.27
N VAL NA 124 -5.27 -69.30 45.68
CA VAL NA 124 -5.08 -69.37 44.24
C VAL NA 124 -6.42 -69.21 43.50
N THR NA 125 -7.46 -69.91 43.96
CA THR NA 125 -8.77 -69.72 43.34
C THR NA 125 -9.24 -68.28 43.47
N ASP NA 126 -9.02 -67.69 44.64
CA ASP NA 126 -9.32 -66.28 44.86
C ASP NA 126 -8.60 -65.40 43.85
N ALA NA 127 -7.29 -65.60 43.70
CA ALA NA 127 -6.50 -64.74 42.81
C ALA NA 127 -6.96 -64.84 41.36
N VAL NA 128 -7.16 -66.07 40.87
CA VAL NA 128 -7.49 -66.25 39.46
C VAL NA 128 -8.90 -65.76 39.15
N VAL NA 129 -9.85 -65.97 40.06
CA VAL NA 129 -11.23 -65.63 39.75
C VAL NA 129 -11.51 -64.15 40.06
N ASP NA 130 -11.24 -63.71 41.29
CA ASP NA 130 -11.57 -62.36 41.69
C ASP NA 130 -10.47 -61.35 41.39
N MET NA 131 -9.31 -61.80 40.89
CA MET NA 131 -8.15 -60.93 40.68
C MET NA 131 -7.62 -60.40 42.03
N THR NA 132 -7.61 -61.25 43.04
CA THR NA 132 -7.26 -60.81 44.37
C THR NA 132 -5.90 -61.35 44.77
N PRO NA 133 -4.95 -60.49 45.11
CA PRO NA 133 -3.59 -60.95 45.43
C PRO NA 133 -3.41 -61.35 46.88
N ALA NA 134 -2.19 -61.75 47.24
CA ALA NA 134 -1.84 -62.03 48.62
C ALA NA 134 -1.08 -60.81 49.16
N TRP NA 135 -1.76 -59.94 49.90
CA TRP NA 135 -1.18 -58.66 50.34
C TRP NA 135 -0.64 -58.68 51.77
N ALA OA 1 2.78 -104.40 13.06
CA ALA OA 1 3.13 -104.22 14.46
C ALA OA 1 2.79 -102.83 14.94
N GLN OA 2 1.59 -102.63 15.49
CA GLN OA 2 1.37 -101.40 16.24
C GLN OA 2 2.32 -101.39 17.43
N ILE OA 3 2.83 -100.20 17.76
CA ILE OA 3 3.79 -100.13 18.85
C ILE OA 3 3.11 -100.63 20.12
N ALA OA 4 3.84 -101.44 20.88
CA ALA OA 4 3.33 -101.99 22.11
C ALA OA 4 4.51 -102.35 22.99
N ASN OA 5 4.19 -102.76 24.22
CA ASN OA 5 5.22 -103.10 25.19
C ASN OA 5 6.21 -104.09 24.60
N LEU OA 6 7.43 -104.05 25.12
CA LEU OA 6 8.51 -104.90 24.61
C LEU OA 6 9.20 -105.59 25.77
N ILE OA 7 9.38 -106.90 25.69
CA ILE OA 7 9.88 -107.66 26.84
C ILE OA 7 11.19 -108.34 26.45
N LEU OA 8 12.28 -107.97 27.12
CA LEU OA 8 13.60 -108.47 26.82
C LEU OA 8 14.22 -109.06 28.09
N ALA OA 9 14.83 -110.24 27.96
CA ALA OA 9 15.38 -110.96 29.10
C ALA OA 9 16.86 -110.66 29.27
N ASP OA 10 17.24 -110.24 30.48
CA ASP OA 10 18.65 -110.00 30.78
C ASP OA 10 19.43 -111.31 30.88
N GLY OA 11 20.75 -111.19 30.85
CA GLY OA 11 21.62 -112.34 30.96
C GLY OA 11 22.04 -112.61 32.39
N GLN OA 12 21.44 -113.62 32.98
CA GLN OA 12 21.79 -114.08 34.31
C GLN OA 12 21.76 -115.60 34.30
N ALA OA 13 22.07 -116.19 35.44
CA ALA OA 13 21.83 -117.61 35.62
C ALA OA 13 20.39 -117.94 35.28
N THR OA 14 19.46 -117.27 35.96
CA THR OA 14 18.06 -117.34 35.58
C THR OA 14 17.74 -115.97 35.03
N PRO OA 15 17.59 -115.85 33.71
CA PRO OA 15 17.27 -114.54 33.13
C PRO OA 15 15.95 -114.00 33.66
N ALA OA 16 15.89 -112.69 33.78
CA ALA OA 16 14.72 -111.99 34.31
C ALA OA 16 14.13 -111.09 33.23
N ASN OA 17 12.85 -111.29 32.91
CA ASN OA 17 12.21 -110.47 31.90
C ASN OA 17 12.14 -109.02 32.37
N HIS OA 18 12.51 -108.09 31.48
CA HIS OA 18 12.41 -106.66 31.73
C HIS OA 18 11.51 -106.04 30.68
N THR OA 19 10.58 -105.22 31.11
CA THR OA 19 9.56 -104.66 30.26
C THR OA 19 9.95 -103.26 29.79
N PHE OA 20 9.44 -102.88 28.61
CA PHE OA 20 9.76 -101.64 27.93
C PHE OA 20 8.45 -100.99 27.49
N VAL OA 21 8.06 -99.94 28.20
CA VAL OA 21 6.87 -99.16 27.82
C VAL OA 21 7.18 -98.38 26.55
N PRO OA 22 6.25 -98.28 25.60
CA PRO OA 22 6.49 -97.42 24.44
C PRO OA 22 6.37 -95.94 24.81
N MET OA 23 7.18 -95.15 24.11
CA MET OA 23 7.21 -93.70 24.30
C MET OA 23 6.61 -92.94 23.13
N GLN OA 24 6.97 -93.30 21.90
CA GLN OA 24 6.36 -92.72 20.72
C GLN OA 24 6.49 -93.71 19.59
N PRO OA 25 5.52 -93.74 18.66
CA PRO OA 25 5.60 -94.66 17.54
C PRO OA 25 6.65 -94.16 16.55
N GLN OA 26 6.78 -94.89 15.46
CA GLN OA 26 7.70 -94.52 14.39
C GLN OA 26 7.00 -93.59 13.41
N THR OA 27 7.67 -92.50 13.09
CA THR OA 27 7.20 -91.47 12.17
C THR OA 27 8.18 -91.40 11.01
N GLY OA 28 7.90 -90.52 10.04
CA GLY OA 28 8.81 -90.35 8.92
C GLY OA 28 10.18 -89.83 9.31
N ILE OA 29 10.27 -89.07 10.40
CA ILE OA 29 11.54 -88.52 10.83
C ILE OA 29 11.99 -89.02 12.20
N THR OA 30 11.06 -89.45 13.07
CA THR OA 30 11.41 -89.92 14.40
C THR OA 30 11.27 -91.44 14.48
N PRO OA 31 12.21 -92.12 15.13
CA PRO OA 31 12.13 -93.58 15.27
C PRO OA 31 11.32 -94.03 16.48
N SER OA 32 10.64 -95.16 16.31
CA SER OA 32 9.86 -95.71 17.41
C SER OA 32 10.80 -96.08 18.56
N GLN OA 33 10.38 -95.80 19.79
CA GLN OA 33 11.29 -96.01 20.91
C GLN OA 33 10.54 -96.34 22.19
N TRP OA 34 11.17 -97.19 23.01
CA TRP OA 34 10.66 -97.71 24.28
C TRP OA 34 11.60 -97.32 25.43
N LEU OA 35 11.17 -97.59 26.66
CA LEU OA 35 11.86 -97.19 27.88
C LEU OA 35 11.70 -98.27 28.94
N ASN OA 36 12.77 -98.53 29.71
CA ASN OA 36 12.72 -99.59 30.72
C ASN OA 36 11.92 -99.15 31.95
N LYS OA 37 12.25 -97.99 32.50
CA LYS OA 37 11.50 -97.40 33.61
C LYS OA 37 11.57 -98.24 34.88
N GLU OA 38 12.73 -98.85 35.11
CA GLU OA 38 12.94 -99.65 36.30
C GLU OA 38 13.73 -98.91 37.38
N ALA OA 39 14.92 -98.42 37.08
CA ALA OA 39 15.70 -97.73 38.11
C ALA OA 39 14.99 -96.44 38.53
N ALA OA 40 15.25 -96.01 39.77
CA ALA OA 40 14.53 -94.85 40.30
C ALA OA 40 14.91 -93.58 39.59
N SER OA 41 16.16 -93.48 39.15
CA SER OA 41 16.68 -92.27 38.52
C SER OA 41 16.29 -92.22 37.04
N ASN OA 42 16.01 -91.02 36.55
CA ASN OA 42 15.76 -90.83 35.13
C ASN OA 42 16.90 -91.40 34.27
N ILE OA 43 18.13 -91.38 34.80
CA ILE OA 43 19.27 -91.84 34.02
C ILE OA 43 19.23 -93.35 33.83
N GLY OA 44 18.90 -94.09 34.89
CA GLY OA 44 18.93 -95.54 34.90
C GLY OA 44 17.90 -96.22 34.01
N TYR OA 45 16.95 -95.47 33.45
CA TYR OA 45 16.03 -96.07 32.49
C TYR OA 45 16.81 -96.56 31.27
N ARG OA 46 16.45 -97.74 30.77
CA ARG OA 46 17.11 -98.31 29.60
C ARG OA 46 16.21 -98.10 28.39
N LYS OA 47 16.82 -97.67 27.28
CA LYS OA 47 16.00 -97.33 26.12
C LYS OA 47 16.34 -98.23 24.95
N VAL OA 48 15.35 -98.38 24.06
CA VAL OA 48 15.48 -99.21 22.87
C VAL OA 48 14.76 -98.47 21.75
N SER OA 49 15.48 -98.12 20.70
CA SER OA 49 14.87 -97.39 19.59
C SER OA 49 15.14 -98.11 18.27
N MET OA 50 14.23 -97.92 17.33
CA MET OA 50 14.24 -98.66 16.08
C MET OA 50 13.61 -97.79 14.98
N PHE OA 51 14.14 -97.90 13.77
CA PHE OA 51 13.61 -97.17 12.62
C PHE OA 51 13.74 -97.97 11.34
N VAL OA 52 12.65 -98.03 10.56
CA VAL OA 52 12.55 -98.85 9.36
C VAL OA 52 12.38 -97.91 8.17
N LYS OA 53 13.47 -97.55 7.50
CA LYS OA 53 13.43 -96.67 6.34
C LYS OA 53 13.21 -97.51 5.08
N TYR OA 54 12.02 -97.40 4.51
CA TYR OA 54 11.67 -98.11 3.27
C TYR OA 54 12.06 -97.25 2.07
N VAL OA 55 12.91 -97.80 1.21
CA VAL OA 55 13.34 -97.13 -0.01
C VAL OA 55 12.86 -97.99 -1.18
N SER OA 56 11.80 -97.52 -1.85
CA SER OA 56 11.11 -98.36 -2.84
C SER OA 56 12.00 -98.70 -4.03
N ASN OA 57 12.96 -97.83 -4.36
CA ASN OA 57 13.99 -98.15 -5.36
C ASN OA 57 15.35 -97.79 -4.78
N GLY OA 58 15.91 -98.70 -4.01
CA GLY OA 58 17.19 -98.46 -3.37
C GLY OA 58 17.35 -99.34 -2.14
N THR OA 59 18.31 -98.96 -1.32
CA THR OA 59 18.71 -99.76 -0.16
C THR OA 59 17.86 -99.34 1.05
N SER OA 60 16.84 -100.14 1.38
CA SER OA 60 16.10 -99.94 2.61
C SER OA 60 16.99 -100.26 3.81
N LYS OA 61 16.65 -99.68 4.96
CA LYS OA 61 17.53 -99.81 6.14
C LYS OA 61 16.73 -99.90 7.43
N VAL OA 62 16.96 -100.97 8.20
CA VAL OA 62 16.42 -101.12 9.55
C VAL OA 62 17.53 -100.83 10.55
N THR OA 63 17.28 -99.91 11.47
CA THR OA 63 18.29 -99.45 12.43
C THR OA 63 17.77 -99.66 13.84
N ILE OA 64 18.62 -100.22 14.71
CA ILE OA 64 18.25 -100.57 16.07
C ILE OA 64 19.36 -100.12 17.02
N ARG OA 65 18.99 -99.52 18.16
CA ARG OA 65 19.99 -99.20 19.17
C ARG OA 65 19.39 -99.40 20.57
N ILE OA 66 20.20 -100.03 21.42
CA ILE OA 66 19.84 -100.44 22.77
C ILE OA 66 20.82 -99.80 23.74
N ALA OA 67 20.30 -99.15 24.79
CA ALA OA 67 21.14 -98.46 25.76
C ALA OA 67 20.78 -98.91 27.17
N ASP OA 68 21.77 -99.43 27.88
CA ASP OA 68 21.64 -99.92 29.26
C ASP OA 68 22.57 -99.11 30.15
N PRO OA 69 22.06 -98.13 30.90
CA PRO OA 69 22.91 -97.38 31.83
C PRO OA 69 23.30 -98.25 33.01
N VAL OA 70 24.60 -98.42 33.22
CA VAL OA 70 25.08 -99.15 34.38
C VAL OA 70 25.73 -98.16 35.35
N LEU OA 71 24.90 -97.57 36.21
CA LEU OA 71 25.41 -96.63 37.19
C LEU OA 71 25.94 -97.32 38.43
N ALA OA 72 25.48 -98.54 38.69
CA ALA OA 72 26.03 -99.32 39.78
C ALA OA 72 27.52 -99.52 39.60
N SER OA 73 27.96 -99.70 38.36
CA SER OA 73 29.37 -99.95 38.06
C SER OA 73 30.23 -98.71 38.23
N VAL OA 74 29.63 -97.53 38.35
CA VAL OA 74 30.40 -96.28 38.48
C VAL OA 74 31.03 -96.21 39.87
N PRO OA 75 32.32 -95.85 39.98
CA PRO OA 75 32.91 -95.70 41.31
C PRO OA 75 32.20 -94.62 42.12
N ALA OA 76 32.24 -94.77 43.43
CA ALA OA 76 31.57 -93.80 44.29
C ALA OA 76 32.23 -92.42 44.19
N GLY OA 77 33.54 -92.38 43.95
CA GLY OA 77 34.24 -91.11 43.89
C GLY OA 77 33.91 -90.28 42.65
N CYS OA 78 33.54 -90.94 41.56
CA CYS OA 78 33.23 -90.22 40.32
C CYS OA 78 31.79 -89.71 40.35
N CYS OA 79 31.63 -88.43 40.04
CA CYS OA 79 30.31 -87.81 39.93
C CYS OA 79 29.82 -87.91 38.50
N VAL OA 80 28.52 -88.19 38.36
CA VAL OA 80 27.87 -88.28 37.05
C VAL OA 80 26.89 -87.11 36.94
N ASP OA 81 27.09 -86.28 35.93
CA ASP OA 81 26.24 -85.11 35.67
C ASP OA 81 26.03 -84.99 34.17
N THR OA 82 25.28 -83.96 33.76
CA THR OA 82 24.89 -83.83 32.35
C THR OA 82 26.11 -83.84 31.44
N ASN OA 83 27.24 -83.32 31.93
CA ASN OA 83 28.46 -83.23 31.14
C ASN OA 83 29.21 -84.57 31.05
N THR OA 84 28.86 -85.56 31.85
CA THR OA 84 29.52 -86.85 31.74
C THR OA 84 29.14 -87.48 30.40
N PRO OA 85 30.13 -87.90 29.60
CA PRO OA 85 29.80 -88.52 28.31
C PRO OA 85 29.04 -89.83 28.49
N GLN OA 86 28.03 -90.03 27.65
CA GLN OA 86 27.16 -91.19 27.82
C GLN OA 86 27.95 -92.49 27.72
N VAL OA 87 28.85 -92.58 26.75
CA VAL OA 87 29.47 -93.86 26.39
C VAL OA 87 30.42 -94.31 27.49
N ALA OA 88 30.53 -93.52 28.55
CA ALA OA 88 31.37 -93.88 29.69
C ALA OA 88 30.59 -94.51 30.83
N TYR OA 89 29.26 -94.33 30.90
CA TYR OA 89 28.51 -94.87 32.05
C TYR OA 89 27.33 -95.74 31.60
N SER OA 90 27.38 -96.31 30.40
CA SER OA 90 26.30 -97.16 29.93
C SER OA 90 26.78 -98.01 28.75
N THR OA 91 26.21 -99.20 28.62
CA THR OA 91 26.51 -100.09 27.51
C THR OA 91 25.56 -99.82 26.36
N PHE OA 92 26.05 -100.05 25.13
CA PHE OA 92 25.30 -99.72 23.92
C PHE OA 92 25.41 -100.81 22.87
N PHE OA 93 24.32 -101.06 22.15
CA PHE OA 93 24.32 -101.99 21.01
C PHE OA 93 23.62 -101.32 19.83
N GLU OA 94 24.31 -101.22 18.69
CA GLU OA 94 23.74 -100.57 17.52
C GLU OA 94 23.92 -101.45 16.29
N CYS OA 95 22.81 -101.80 15.62
CA CYS OA 95 22.87 -102.60 14.41
C CYS OA 95 22.05 -101.96 13.30
N THR OA 96 22.43 -102.27 12.06
CA THR OA 96 21.75 -101.79 10.86
C THR OA 96 21.71 -102.91 9.82
N PHE OA 97 20.49 -103.28 9.43
CA PHE OA 97 20.25 -104.16 8.29
C PHE OA 97 20.06 -103.31 7.04
N SER OA 98 20.83 -103.62 6.00
CA SER OA 98 20.71 -102.98 4.70
C SER OA 98 20.16 -103.99 3.72
N VAL OA 99 18.98 -103.70 3.18
CA VAL OA 99 18.24 -104.59 2.28
C VAL OA 99 18.01 -103.90 0.95
N PRO OA 100 18.67 -104.30 -0.12
CA PRO OA 100 18.43 -103.64 -1.41
C PRO OA 100 17.05 -103.98 -1.96
N TYR OA 101 16.50 -103.05 -2.74
CA TYR OA 101 15.27 -103.34 -3.47
C TYR OA 101 15.49 -104.57 -4.34
N GLY OA 102 14.43 -105.35 -4.55
CA GLY OA 102 14.60 -106.54 -5.35
C GLY OA 102 15.19 -107.70 -4.59
N ALA OA 103 15.18 -107.65 -3.25
CA ALA OA 103 15.66 -108.76 -2.47
C ALA OA 103 14.52 -109.74 -2.26
N THR OA 104 14.77 -110.99 -2.54
CA THR OA 104 13.72 -111.96 -2.35
C THR OA 104 13.36 -112.04 -0.87
N LEU OA 105 12.09 -112.39 -0.62
CA LEU OA 105 11.68 -112.65 0.75
C LEU OA 105 12.64 -113.61 1.43
N GLN OA 106 13.17 -114.56 0.66
CA GLN OA 106 14.12 -115.50 1.20
C GLN OA 106 15.45 -114.84 1.52
N ASN OA 107 15.86 -113.82 0.75
CA ASN OA 107 17.09 -113.08 1.09
C ASN OA 107 16.93 -112.32 2.40
N LYS OA 108 15.75 -111.73 2.61
CA LYS OA 108 15.48 -111.01 3.87
C LYS OA 108 15.50 -111.96 5.06
N LYS OA 109 14.74 -113.07 4.96
CA LYS OA 109 14.79 -114.10 5.99
C LYS OA 109 16.20 -114.60 6.22
N ASP OA 110 16.94 -114.79 5.12
CA ASP OA 110 18.30 -115.30 5.21
C ASP OA 110 19.14 -114.40 6.09
N ILE OA 111 19.18 -113.11 5.77
CA ILE OA 111 20.12 -112.26 6.50
C ILE OA 111 19.68 -112.07 7.95
N LEU OA 112 18.36 -112.03 8.20
CA LEU OA 112 17.91 -112.00 9.58
C LEU OA 112 18.45 -113.21 10.34
N ALA OA 113 18.32 -114.39 9.75
CA ALA OA 113 18.76 -115.61 10.42
C ALA OA 113 20.28 -115.64 10.59
N TYR OA 114 21.04 -115.18 9.60
CA TYR OA 114 22.49 -115.16 9.72
C TYR OA 114 22.91 -114.26 10.87
N ALA OA 115 22.30 -113.08 10.97
CA ALA OA 115 22.62 -112.17 12.06
C ALA OA 115 22.31 -112.80 13.41
N ARG OA 116 21.12 -113.38 13.55
CA ARG OA 116 20.72 -113.90 14.85
C ARG OA 116 21.57 -115.10 15.25
N ASN OA 117 21.83 -116.02 14.32
CA ASN OA 117 22.68 -117.17 14.62
C ASN OA 117 24.10 -116.73 14.95
N LEU OA 118 24.63 -115.72 14.23
CA LEU OA 118 25.99 -115.26 14.50
C LEU OA 118 26.09 -114.66 15.89
N LEU OA 119 25.15 -113.81 16.27
CA LEU OA 119 25.16 -113.27 17.63
C LEU OA 119 24.91 -114.37 18.67
N GLY OA 120 24.25 -115.46 18.29
CA GLY OA 120 24.16 -116.59 19.20
C GLY OA 120 25.43 -117.42 19.31
N THR OA 121 26.33 -117.29 18.33
CA THR OA 121 27.53 -118.14 18.30
C THR OA 121 28.38 -117.96 19.55
N GLN OA 122 29.10 -119.03 19.90
CA GLN OA 122 29.98 -118.97 21.05
C GLN OA 122 31.10 -117.96 20.84
N VAL OA 123 31.59 -117.83 19.61
CA VAL OA 123 32.70 -116.89 19.39
C VAL OA 123 32.24 -115.47 19.70
N VAL OA 124 31.02 -115.12 19.32
CA VAL OA 124 30.49 -113.80 19.61
C VAL OA 124 30.25 -113.63 21.10
N THR OA 125 29.61 -114.63 21.73
CA THR OA 125 29.38 -114.56 23.17
C THR OA 125 30.70 -114.36 23.92
N ASP OA 126 31.71 -115.13 23.55
CA ASP OA 126 33.03 -115.06 24.15
C ASP OA 126 33.68 -113.69 23.93
N ALA OA 127 33.54 -113.14 22.72
CA ALA OA 127 34.18 -111.88 22.39
C ALA OA 127 33.53 -110.70 23.12
N VAL OA 128 32.21 -110.73 23.28
CA VAL OA 128 31.54 -109.60 23.91
C VAL OA 128 31.68 -109.65 25.43
N VAL OA 129 31.56 -110.83 26.03
CA VAL OA 129 31.65 -110.92 27.48
C VAL OA 129 33.10 -110.96 27.95
N ASP OA 130 33.88 -111.93 27.47
CA ASP OA 130 35.25 -112.10 27.95
C ASP OA 130 36.26 -111.27 27.17
N MET OA 131 35.79 -110.46 26.21
CA MET OA 131 36.65 -109.56 25.43
C MET OA 131 37.67 -110.32 24.60
N THR OA 132 37.45 -111.62 24.36
CA THR OA 132 38.44 -112.46 23.72
C THR OA 132 38.13 -112.57 22.24
N PRO OA 133 39.01 -112.11 21.35
CA PRO OA 133 38.71 -112.12 19.91
C PRO OA 133 39.13 -113.40 19.21
N ALA OA 134 38.99 -113.43 17.88
CA ALA OA 134 39.38 -114.58 17.07
C ALA OA 134 40.73 -114.29 16.42
N TRP OA 135 41.78 -114.92 16.93
CA TRP OA 135 43.15 -114.62 16.49
C TRP OA 135 43.79 -115.70 15.64
N ALA PA 1 -8.24 -90.83 14.11
CA ALA PA 1 -7.84 -92.00 13.35
C ALA PA 1 -6.36 -92.29 13.51
N GLN PA 2 -5.97 -93.17 14.44
CA GLN PA 2 -4.60 -93.66 14.40
C GLN PA 2 -4.42 -94.56 13.19
N ILE PA 3 -3.21 -94.55 12.63
CA ILE PA 3 -2.97 -95.30 11.41
C ILE PA 3 -3.08 -96.78 11.73
N ALA PA 4 -3.70 -97.52 10.81
CA ALA PA 4 -3.86 -98.97 10.97
C ALA PA 4 -3.99 -99.56 9.58
N ASN PA 5 -4.03 -100.89 9.55
CA ASN PA 5 -4.07 -101.63 8.29
C ASN PA 5 -5.19 -101.12 7.39
N LEU PA 6 -5.04 -101.30 6.09
CA LEU PA 6 -6.04 -100.84 5.14
C LEU PA 6 -6.36 -101.94 4.13
N ILE PA 7 -7.64 -102.30 3.99
CA ILE PA 7 -8.04 -103.43 3.15
C ILE PA 7 -8.86 -102.90 1.98
N LEU PA 8 -8.44 -103.24 0.76
CA LEU PA 8 -9.04 -102.75 -0.48
C LEU PA 8 -9.28 -103.91 -1.42
N ALA PA 9 -10.47 -103.94 -2.05
CA ALA PA 9 -10.86 -105.06 -2.91
C ALA PA 9 -10.48 -104.77 -4.36
N ASP PA 10 -9.73 -105.69 -4.97
CA ASP PA 10 -9.38 -105.54 -6.36
C ASP PA 10 -10.58 -105.79 -7.28
N GLY PA 11 -10.43 -105.35 -8.53
CA GLY PA 11 -11.47 -105.54 -9.51
C GLY PA 11 -11.31 -106.84 -10.26
N GLN PA 12 -12.19 -107.78 -10.00
CA GLN PA 12 -12.18 -109.08 -10.66
C GLN PA 12 -13.62 -109.54 -10.78
N ALA PA 13 -13.79 -110.68 -11.44
CA ALA PA 13 -15.09 -111.34 -11.41
C ALA PA 13 -15.54 -111.53 -9.96
N THR PA 14 -14.68 -112.11 -9.14
CA THR PA 14 -14.89 -112.11 -7.71
C THR PA 14 -13.76 -111.29 -7.09
N PRO PA 15 -14.07 -110.15 -6.48
CA PRO PA 15 -13.00 -109.34 -5.89
C PRO PA 15 -12.32 -110.06 -4.74
N ALA PA 16 -11.02 -109.82 -4.59
CA ALA PA 16 -10.23 -110.41 -3.54
C ALA PA 16 -9.62 -109.31 -2.68
N ASN PA 17 -9.82 -109.38 -1.37
CA ASN PA 17 -9.31 -108.35 -0.49
C ASN PA 17 -7.78 -108.34 -0.49
N HIS PA 18 -7.21 -107.14 -0.61
CA HIS PA 18 -5.77 -106.93 -0.55
C HIS PA 18 -5.45 -106.05 0.64
N THR PA 19 -4.43 -106.42 1.42
CA THR PA 19 -4.12 -105.71 2.65
C THR PA 19 -2.95 -104.76 2.42
N PHE PA 20 -2.95 -103.66 3.19
CA PHE PA 20 -2.00 -102.56 3.07
C PHE PA 20 -1.46 -102.27 4.47
N VAL PA 21 -0.24 -102.71 4.72
CA VAL PA 21 0.42 -102.43 5.99
C VAL PA 21 0.87 -100.97 5.99
N PRO PA 22 0.64 -100.22 7.07
CA PRO PA 22 1.12 -98.83 7.11
C PRO PA 22 2.64 -98.76 7.14
N MET PA 23 3.18 -97.73 6.48
CA MET PA 23 4.60 -97.39 6.54
C MET PA 23 4.88 -96.09 7.26
N GLN PA 24 3.97 -95.13 7.16
CA GLN PA 24 4.29 -93.78 7.53
C GLN PA 24 3.03 -93.06 7.98
N PRO PA 25 2.98 -92.56 9.20
CA PRO PA 25 1.85 -91.73 9.60
C PRO PA 25 2.05 -90.28 9.15
N GLN PA 26 0.93 -89.59 8.95
CA GLN PA 26 0.94 -88.20 8.53
C GLN PA 26 1.42 -87.30 9.67
N THR PA 27 2.46 -86.53 9.40
CA THR PA 27 3.03 -85.60 10.37
C THR PA 27 3.73 -84.50 9.59
N GLY PA 28 3.29 -83.26 9.80
CA GLY PA 28 3.89 -82.15 9.06
C GLY PA 28 3.56 -82.25 7.59
N ILE PA 29 4.60 -82.24 6.75
CA ILE PA 29 4.40 -82.39 5.31
C ILE PA 29 4.28 -83.86 4.92
N THR PA 30 4.90 -84.74 5.67
CA THR PA 30 4.93 -86.16 5.33
C THR PA 30 3.53 -86.78 5.44
N PRO PA 31 3.00 -87.39 4.39
CA PRO PA 31 1.63 -87.90 4.42
C PRO PA 31 1.54 -89.36 4.85
N SER PA 32 0.37 -89.73 5.37
CA SER PA 32 0.15 -91.12 5.75
C SER PA 32 0.24 -92.00 4.51
N GLN PA 33 0.88 -93.17 4.64
CA GLN PA 33 1.00 -94.04 3.48
C GLN PA 33 1.11 -95.52 3.90
N TRP PA 34 0.44 -96.38 3.12
CA TRP PA 34 0.38 -97.82 3.30
C TRP PA 34 0.93 -98.52 2.05
N LEU PA 35 1.36 -99.78 2.22
CA LEU PA 35 2.00 -100.57 1.17
C LEU PA 35 1.33 -101.93 1.04
N ASN PA 36 1.30 -102.47 -0.19
CA ASN PA 36 0.55 -103.72 -0.45
C ASN PA 36 1.31 -104.95 0.00
N LYS PA 37 2.62 -105.03 -0.30
CA LYS PA 37 3.53 -106.09 0.18
C LYS PA 37 3.28 -107.45 -0.48
N GLU PA 38 2.87 -107.46 -1.74
CA GLU PA 38 2.58 -108.72 -2.40
C GLU PA 38 3.63 -109.16 -3.40
N ALA PA 39 4.08 -108.28 -4.28
CA ALA PA 39 5.13 -108.66 -5.20
C ALA PA 39 6.43 -108.95 -4.44
N ALA PA 40 7.30 -109.75 -5.05
CA ALA PA 40 8.44 -110.30 -4.32
C ALA PA 40 9.50 -109.26 -4.01
N SER PA 41 9.77 -108.37 -4.96
CA SER PA 41 10.77 -107.32 -4.83
C SER PA 41 10.19 -106.10 -4.14
N ASN PA 42 11.07 -105.32 -3.51
CA ASN PA 42 10.62 -104.12 -2.81
C ASN PA 42 9.93 -103.12 -3.73
N ILE PA 43 10.16 -103.22 -5.05
CA ILE PA 43 9.60 -102.25 -5.98
C ILE PA 43 8.11 -102.50 -6.23
N GLY PA 44 7.71 -103.76 -6.31
CA GLY PA 44 6.37 -104.11 -6.75
C GLY PA 44 5.29 -103.77 -5.74
N TYR PA 45 5.68 -103.54 -4.49
CA TYR PA 45 4.75 -103.13 -3.43
C TYR PA 45 3.89 -101.98 -3.93
N ARG PA 46 2.57 -102.13 -3.82
CA ARG PA 46 1.66 -101.07 -4.23
C ARG PA 46 1.49 -100.08 -3.09
N LYS PA 47 1.28 -98.80 -3.44
CA LYS PA 47 1.34 -97.76 -2.42
C LYS PA 47 0.09 -96.89 -2.43
N VAL PA 48 -0.47 -96.66 -1.24
CA VAL PA 48 -1.59 -95.75 -1.06
C VAL PA 48 -1.14 -94.65 -0.14
N SER PA 49 -1.43 -93.40 -0.47
CA SER PA 49 -1.01 -92.32 0.43
C SER PA 49 -2.06 -91.22 0.43
N MET PA 50 -2.15 -90.52 1.57
CA MET PA 50 -3.17 -89.52 1.83
C MET PA 50 -2.60 -88.45 2.73
N PHE PA 51 -3.04 -87.21 2.50
CA PHE PA 51 -2.66 -86.06 3.32
C PHE PA 51 -3.86 -85.16 3.55
N VAL PA 52 -4.15 -84.88 4.82
CA VAL PA 52 -5.29 -84.06 5.22
C VAL PA 52 -4.75 -82.73 5.71
N LYS PA 53 -4.89 -81.67 4.90
CA LYS PA 53 -4.50 -80.32 5.29
C LYS PA 53 -5.74 -79.58 5.79
N TYR PA 54 -5.86 -79.44 7.11
CA TYR PA 54 -6.95 -78.68 7.72
C TYR PA 54 -6.54 -77.22 7.79
N VAL PA 55 -7.24 -76.37 7.04
CA VAL PA 55 -7.03 -74.93 7.06
C VAL PA 55 -8.17 -74.33 7.86
N SER PA 56 -7.86 -73.79 9.05
CA SER PA 56 -8.90 -73.38 9.98
C SER PA 56 -9.76 -72.24 9.43
N ASN PA 57 -9.19 -71.41 8.56
CA ASN PA 57 -9.94 -70.36 7.87
C ASN PA 57 -9.50 -70.35 6.41
N GLY PA 58 -10.17 -71.14 5.58
CA GLY PA 58 -9.83 -71.23 4.17
C GLY PA 58 -10.26 -72.58 3.62
N THR PA 59 -9.69 -72.92 2.47
CA THR PA 59 -10.04 -74.13 1.75
C THR PA 59 -9.14 -75.27 2.24
N SER PA 60 -9.71 -76.18 3.02
CA SER PA 60 -9.00 -77.37 3.46
C SER PA 60 -8.97 -78.39 2.33
N LYS PA 61 -7.97 -79.28 2.37
CA LYS PA 61 -7.68 -80.13 1.23
C LYS PA 61 -7.25 -81.53 1.66
N VAL PA 62 -7.98 -82.54 1.19
CA VAL PA 62 -7.61 -83.94 1.38
C VAL PA 62 -7.08 -84.45 0.05
N THR PA 63 -5.87 -85.01 0.05
CA THR PA 63 -5.21 -85.46 -1.17
C THR PA 63 -4.88 -86.95 -1.06
N ILE PA 64 -5.18 -87.70 -2.11
CA ILE PA 64 -5.04 -89.16 -2.09
C ILE PA 64 -4.43 -89.63 -3.41
N ARG PA 65 -3.53 -90.63 -3.33
CA ARG PA 65 -2.95 -91.22 -4.53
C ARG PA 65 -2.70 -92.71 -4.32
N ILE PA 66 -3.04 -93.49 -5.34
CA ILE PA 66 -2.93 -94.94 -5.36
C ILE PA 66 -2.05 -95.34 -6.53
N ALA PA 67 -1.00 -96.12 -6.25
CA ALA PA 67 -0.01 -96.51 -7.26
C ALA PA 67 0.06 -98.03 -7.30
N ASP PA 68 -0.31 -98.59 -8.47
CA ASP PA 68 -0.38 -100.01 -8.78
C ASP PA 68 0.73 -100.30 -9.78
N PRO PA 69 1.94 -100.63 -9.33
CA PRO PA 69 3.01 -100.97 -10.27
C PRO PA 69 3.00 -102.44 -10.64
N VAL PA 70 3.50 -102.73 -11.84
CA VAL PA 70 3.65 -104.09 -12.32
C VAL PA 70 5.08 -104.31 -12.78
N LEU PA 71 5.74 -105.33 -12.22
CA LEU PA 71 7.12 -105.62 -12.55
C LEU PA 71 7.24 -106.13 -13.97
N ALA PA 72 8.33 -105.76 -14.64
CA ALA PA 72 8.57 -106.20 -16.01
C ALA PA 72 9.18 -107.60 -16.02
N SER PA 73 8.73 -108.41 -16.98
CA SER PA 73 9.34 -109.69 -17.28
C SER PA 73 10.08 -109.53 -18.60
N VAL PA 74 11.41 -109.54 -18.53
CA VAL PA 74 12.24 -109.26 -19.70
C VAL PA 74 12.29 -110.51 -20.58
N PRO PA 75 12.55 -110.39 -21.87
CA PRO PA 75 12.80 -111.55 -22.70
C PRO PA 75 14.27 -111.92 -22.63
N ALA PA 76 14.59 -113.08 -23.22
CA ALA PA 76 15.96 -113.57 -23.17
C ALA PA 76 16.94 -112.60 -23.85
N GLY PA 77 16.46 -111.81 -24.80
CA GLY PA 77 17.36 -111.08 -25.68
C GLY PA 77 18.15 -109.99 -24.99
N CYS PA 78 17.50 -109.20 -24.14
CA CYS PA 78 18.18 -108.05 -23.57
C CYS PA 78 19.15 -108.40 -22.44
N CYS PA 79 18.98 -109.57 -21.83
CA CYS PA 79 19.95 -110.16 -20.92
C CYS PA 79 20.17 -109.32 -19.67
N VAL PA 80 19.18 -108.57 -19.22
CA VAL PA 80 19.23 -108.07 -17.85
C VAL PA 80 19.09 -109.26 -16.93
N ASP PA 81 19.95 -109.31 -15.90
CA ASP PA 81 19.97 -110.44 -15.00
C ASP PA 81 18.59 -110.68 -14.40
N THR PA 82 18.21 -111.96 -14.32
CA THR PA 82 16.95 -112.34 -13.70
C THR PA 82 16.78 -111.70 -12.32
N ASN PA 83 17.89 -111.43 -11.63
CA ASN PA 83 17.84 -111.06 -10.23
C ASN PA 83 17.51 -109.58 -10.03
N THR PA 84 17.84 -108.71 -10.98
CA THR PA 84 17.56 -107.27 -10.84
C THR PA 84 16.24 -106.93 -11.52
N PRO PA 85 15.15 -106.78 -10.78
CA PRO PA 85 13.87 -106.45 -11.42
C PRO PA 85 13.76 -104.96 -11.68
N GLN PA 86 12.95 -104.63 -12.68
CA GLN PA 86 12.62 -103.26 -12.99
C GLN PA 86 11.11 -103.14 -13.12
N VAL PA 87 10.59 -101.96 -12.78
CA VAL PA 87 9.15 -101.71 -12.89
C VAL PA 87 8.83 -101.37 -14.33
N ALA PA 88 7.88 -102.11 -14.91
CA ALA PA 88 7.52 -101.90 -16.31
C ALA PA 88 6.67 -100.66 -16.48
N TYR PA 89 5.64 -100.53 -15.65
CA TYR PA 89 4.66 -99.46 -15.74
C TYR PA 89 3.85 -99.52 -14.44
N SER PA 90 3.09 -98.46 -14.19
CA SER PA 90 2.23 -98.40 -13.01
C SER PA 90 1.03 -97.54 -13.30
N THR PA 91 -0.14 -98.01 -12.89
CA THR PA 91 -1.37 -97.24 -12.97
C THR PA 91 -1.46 -96.33 -11.74
N PHE PA 92 -2.02 -95.13 -11.94
CA PHE PA 92 -2.07 -94.11 -10.90
C PHE PA 92 -3.48 -93.55 -10.75
N PHE PA 93 -3.92 -93.34 -9.52
CA PHE PA 93 -5.15 -92.62 -9.24
C PHE PA 93 -4.87 -91.50 -8.24
N GLU PA 94 -5.20 -90.26 -8.59
CA GLU PA 94 -4.91 -89.13 -7.72
C GLU PA 94 -6.13 -88.23 -7.63
N CYS PA 95 -6.65 -88.05 -6.42
CA CYS PA 95 -7.81 -87.22 -6.19
C CYS PA 95 -7.54 -86.19 -5.09
N THR PA 96 -8.32 -85.11 -5.12
CA THR PA 96 -8.24 -84.03 -4.15
C THR PA 96 -9.65 -83.53 -3.84
N PHE PA 97 -10.01 -83.58 -2.56
CA PHE PA 97 -11.22 -82.95 -2.04
C PHE PA 97 -10.87 -81.56 -1.52
N SER PA 98 -11.62 -80.55 -1.96
CA SER PA 98 -11.51 -79.17 -1.48
C SER PA 98 -12.77 -78.82 -0.71
N VAL PA 99 -12.59 -78.55 0.58
CA VAL PA 99 -13.68 -78.24 1.52
C VAL PA 99 -13.50 -76.82 2.05
N PRO PA 100 -14.33 -75.86 1.67
CA PRO PA 100 -14.14 -74.49 2.11
C PRO PA 100 -14.48 -74.32 3.59
N TYR PA 101 -14.19 -73.13 4.10
CA TYR PA 101 -14.34 -72.88 5.53
C TYR PA 101 -15.77 -73.14 5.99
N GLY PA 102 -16.75 -72.60 5.26
CA GLY PA 102 -18.13 -72.58 5.71
C GLY PA 102 -18.91 -73.84 5.46
N ALA PA 103 -18.24 -74.91 5.01
CA ALA PA 103 -18.95 -76.08 4.52
C ALA PA 103 -19.69 -76.79 5.64
N THR PA 104 -20.93 -77.16 5.38
CA THR PA 104 -21.68 -77.93 6.34
C THR PA 104 -21.11 -79.34 6.44
N LEU PA 105 -21.26 -79.92 7.63
CA LEU PA 105 -20.91 -81.33 7.79
C LEU PA 105 -21.72 -82.19 6.84
N GLN PA 106 -22.99 -81.83 6.64
CA GLN PA 106 -23.80 -82.52 5.65
C GLN PA 106 -23.22 -82.36 4.25
N ASN PA 107 -22.64 -81.19 3.96
CA ASN PA 107 -22.00 -80.95 2.66
C ASN PA 107 -20.78 -81.85 2.45
N LYS PA 108 -19.97 -82.01 3.51
CA LYS PA 108 -18.83 -82.92 3.45
C LYS PA 108 -19.28 -84.35 3.15
N LYS PA 109 -20.27 -84.83 3.92
CA LYS PA 109 -20.89 -86.12 3.63
C LYS PA 109 -21.35 -86.21 2.17
N ASP PA 110 -22.06 -85.17 1.71
CA ASP PA 110 -22.59 -85.13 0.36
C ASP PA 110 -21.48 -85.36 -0.66
N ILE PA 111 -20.42 -84.57 -0.61
CA ILE PA 111 -19.43 -84.64 -1.68
C ILE PA 111 -18.66 -85.95 -1.64
N LEU PA 112 -18.37 -86.46 -0.43
CA LEU PA 112 -17.74 -87.77 -0.39
C LEU PA 112 -18.61 -88.83 -1.04
N ALA PA 113 -19.93 -88.77 -0.79
CA ALA PA 113 -20.83 -89.75 -1.39
C ALA PA 113 -20.92 -89.58 -2.90
N TYR PA 114 -20.94 -88.33 -3.38
CA TYR PA 114 -20.99 -88.11 -4.82
C TYR PA 114 -19.76 -88.67 -5.50
N ALA PA 115 -18.59 -88.49 -4.88
CA ALA PA 115 -17.36 -89.03 -5.44
C ALA PA 115 -17.41 -90.56 -5.49
N ARG PA 116 -17.81 -91.19 -4.37
CA ARG PA 116 -17.83 -92.65 -4.34
C ARG PA 116 -18.83 -93.22 -5.36
N ASN PA 117 -20.04 -92.67 -5.38
CA ASN PA 117 -21.04 -93.15 -6.32
C ASN PA 117 -20.62 -92.90 -7.76
N LEU PA 118 -19.96 -91.76 -8.04
CA LEU PA 118 -19.55 -91.46 -9.40
C LEU PA 118 -18.46 -92.41 -9.87
N LEU PA 119 -17.54 -92.78 -8.99
CA LEU PA 119 -16.61 -93.86 -9.35
C LEU PA 119 -17.33 -95.19 -9.50
N GLY PA 120 -18.50 -95.33 -8.87
CA GLY PA 120 -19.32 -96.49 -9.14
C GLY PA 120 -20.03 -96.46 -10.48
N THR PA 121 -20.27 -95.29 -11.05
CA THR PA 121 -21.18 -95.14 -12.19
C THR PA 121 -20.70 -95.91 -13.42
N GLN PA 122 -21.67 -96.32 -14.24
CA GLN PA 122 -21.38 -97.05 -15.45
C GLN PA 122 -20.59 -96.21 -16.44
N VAL PA 123 -20.86 -94.90 -16.50
CA VAL PA 123 -20.14 -94.04 -17.43
C VAL PA 123 -18.66 -94.00 -17.08
N VAL PA 124 -18.33 -93.88 -15.79
CA VAL PA 124 -16.94 -93.80 -15.37
C VAL PA 124 -16.24 -95.14 -15.54
N THR PA 125 -16.91 -96.23 -15.14
CA THR PA 125 -16.30 -97.55 -15.35
C THR PA 125 -15.99 -97.77 -16.82
N ASP PA 126 -16.97 -97.46 -17.69
CA ASP PA 126 -16.79 -97.53 -19.13
C ASP PA 126 -15.59 -96.70 -19.57
N ALA PA 127 -15.52 -95.44 -19.14
CA ALA PA 127 -14.50 -94.52 -19.63
C ALA PA 127 -13.10 -94.96 -19.19
N VAL PA 128 -12.94 -95.32 -17.93
CA VAL PA 128 -11.62 -95.67 -17.41
C VAL PA 128 -11.14 -97.00 -17.97
N VAL PA 129 -12.04 -97.97 -18.18
CA VAL PA 129 -11.56 -99.28 -18.61
C VAL PA 129 -11.40 -99.36 -20.12
N ASP PA 130 -12.38 -98.85 -20.89
CA ASP PA 130 -12.33 -98.97 -22.34
C ASP PA 130 -11.87 -97.71 -23.04
N MET PA 131 -11.48 -96.67 -22.30
CA MET PA 131 -11.03 -95.39 -22.87
C MET PA 131 -12.07 -94.81 -23.82
N THR PA 132 -13.33 -95.02 -23.50
CA THR PA 132 -14.44 -94.52 -24.30
C THR PA 132 -15.04 -93.31 -23.62
N PRO PA 133 -15.05 -92.15 -24.27
CA PRO PA 133 -15.61 -90.95 -23.61
C PRO PA 133 -17.12 -91.00 -23.49
N ALA PA 134 -17.69 -89.95 -22.92
CA ALA PA 134 -19.15 -89.78 -22.90
C ALA PA 134 -19.50 -88.78 -24.01
N TRP PA 135 -19.72 -89.31 -25.21
CA TRP PA 135 -19.93 -88.48 -26.40
C TRP PA 135 -21.40 -88.07 -26.57
N ALA QA 1 50.65 -67.05 76.04
CA ALA QA 1 52.00 -66.65 76.40
C ALA QA 1 52.22 -65.15 76.21
N GLN QA 2 51.93 -64.35 77.23
CA GLN QA 2 52.42 -62.99 77.25
C GLN QA 2 53.94 -63.02 77.17
N ILE QA 3 54.54 -61.99 76.57
CA ILE QA 3 55.99 -61.97 76.44
C ILE QA 3 56.60 -61.79 77.83
N ALA QA 4 57.69 -62.50 78.06
CA ALA QA 4 58.40 -62.44 79.33
C ALA QA 4 59.81 -62.93 79.11
N ASN QA 5 60.61 -62.88 80.17
CA ASN QA 5 62.04 -63.21 80.10
C ASN QA 5 62.28 -64.57 79.50
N LEU QA 6 63.49 -64.81 78.99
CA LEU QA 6 63.83 -66.08 78.37
C LEU QA 6 65.18 -66.54 78.92
N ILE QA 7 65.32 -67.81 79.27
CA ILE QA 7 66.53 -68.30 79.90
C ILE QA 7 67.08 -69.47 79.09
N LEU QA 8 68.25 -69.28 78.48
CA LEU QA 8 68.88 -70.26 77.61
C LEU QA 8 70.28 -70.59 78.12
N ALA QA 9 70.62 -71.88 78.14
CA ALA QA 9 71.88 -72.33 78.68
C ALA QA 9 72.90 -72.53 77.56
N ASP QA 10 74.06 -71.91 77.71
CA ASP QA 10 75.13 -72.08 76.74
C ASP QA 10 75.75 -73.47 76.86
N GLY QA 11 76.55 -73.83 75.86
CA GLY QA 11 77.22 -75.11 75.88
C GLY QA 11 78.61 -75.01 76.44
N GLN QA 12 78.82 -75.51 77.65
CA GLN QA 12 80.14 -75.54 78.26
C GLN QA 12 80.30 -76.88 78.94
N ALA QA 13 81.46 -77.07 79.57
CA ALA QA 13 81.62 -78.18 80.50
C ALA QA 13 80.46 -78.20 81.48
N THR QA 14 80.26 -77.09 82.17
CA THR QA 14 79.05 -76.87 82.96
C THR QA 14 78.33 -75.71 82.31
N PRO QA 15 77.14 -75.93 81.74
CA PRO QA 15 76.41 -74.83 81.12
C PRO QA 15 76.08 -73.74 82.14
N ALA QA 16 76.19 -72.49 81.71
CA ALA QA 16 75.80 -71.34 82.52
C ALA QA 16 74.60 -70.66 81.88
N ASN QA 17 73.56 -70.43 82.68
CA ASN QA 17 72.32 -69.86 82.16
C ASN QA 17 72.50 -68.39 81.77
N HIS QA 18 71.93 -68.02 80.63
CA HIS QA 18 71.94 -66.65 80.16
C HIS QA 18 70.51 -66.17 79.98
N THR QA 19 70.25 -64.93 80.37
CA THR QA 19 68.91 -64.39 80.42
C THR QA 19 68.70 -63.38 79.30
N PHE QA 20 67.46 -63.32 78.81
CA PHE QA 20 67.05 -62.53 77.65
C PHE QA 20 65.85 -61.69 78.05
N VAL QA 21 66.07 -60.38 78.17
CA VAL QA 21 65.00 -59.43 78.46
C VAL QA 21 64.17 -59.22 77.20
N PRO QA 22 62.84 -59.18 77.30
CA PRO QA 22 62.03 -58.87 76.12
C PRO QA 22 62.10 -57.39 75.77
N MET QA 23 62.12 -57.11 74.46
CA MET QA 23 62.17 -55.74 73.96
C MET QA 23 60.97 -55.36 73.11
N GLN QA 24 60.51 -56.24 72.23
CA GLN QA 24 59.32 -55.96 71.44
C GLN QA 24 58.51 -57.24 71.28
N PRO QA 25 57.19 -57.17 71.46
CA PRO QA 25 56.34 -58.33 71.26
C PRO QA 25 55.82 -58.44 69.83
N GLN QA 26 55.11 -59.54 69.59
CA GLN QA 26 54.60 -59.86 68.27
C GLN QA 26 53.25 -59.18 68.06
N THR QA 27 53.24 -58.14 67.22
CA THR QA 27 52.01 -57.52 66.76
C THR QA 27 52.17 -57.24 65.28
N GLY QA 28 51.28 -57.80 64.47
CA GLY QA 28 51.35 -57.56 63.03
C GLY QA 28 52.56 -58.24 62.41
N ILE QA 29 53.33 -57.48 61.64
CA ILE QA 29 54.52 -58.02 61.00
C ILE QA 29 55.67 -58.16 61.98
N THR QA 30 55.75 -57.27 62.97
CA THR QA 30 56.90 -57.26 63.87
C THR QA 30 56.90 -58.49 64.76
N PRO QA 31 58.02 -59.20 64.89
CA PRO QA 31 58.07 -60.41 65.70
C PRO QA 31 58.53 -60.17 67.13
N SER QA 32 58.11 -61.06 68.03
CA SER QA 32 58.56 -60.99 69.40
C SER QA 32 60.06 -61.22 69.45
N GLN QA 33 60.76 -60.50 70.34
CA GLN QA 33 62.22 -60.56 70.33
C GLN QA 33 62.80 -60.15 71.69
N TRP QA 34 63.86 -60.87 72.09
CA TRP QA 34 64.55 -60.74 73.36
C TRP QA 34 66.03 -60.45 73.11
N LEU QA 35 66.66 -59.78 74.08
CA LEU QA 35 68.06 -59.35 74.02
C LEU QA 35 68.81 -59.87 75.23
N ASN QA 36 70.08 -60.26 75.05
CA ASN QA 36 70.84 -60.86 76.14
C ASN QA 36 71.38 -59.80 77.10
N LYS QA 37 71.92 -58.70 76.57
CA LYS QA 37 72.38 -57.55 77.36
C LYS QA 37 73.61 -57.88 78.22
N GLU QA 38 74.46 -58.79 77.74
CA GLU QA 38 75.66 -59.18 78.47
C GLU QA 38 76.94 -58.57 77.93
N ALA QA 39 77.02 -58.29 76.64
CA ALA QA 39 78.30 -57.85 76.07
C ALA QA 39 78.62 -56.41 76.48
N ALA QA 40 79.86 -56.00 76.17
CA ALA QA 40 80.34 -54.68 76.58
C ALA QA 40 79.62 -53.54 75.86
N SER QA 41 79.44 -53.67 74.55
CA SER QA 41 78.79 -52.64 73.73
C SER QA 41 77.36 -53.03 73.43
N ASN QA 42 76.59 -52.04 72.97
CA ASN QA 42 75.18 -52.32 72.67
C ASN QA 42 75.01 -53.24 71.47
N ILE QA 43 76.05 -53.42 70.67
CA ILE QA 43 75.93 -54.25 69.47
C ILE QA 43 76.23 -55.72 69.75
N GLY QA 44 76.97 -56.03 70.81
CA GLY QA 44 77.30 -57.40 71.15
C GLY QA 44 76.16 -58.18 71.78
N TYR QA 45 75.06 -57.50 72.11
CA TYR QA 45 73.93 -58.14 72.77
C TYR QA 45 73.40 -59.27 71.90
N ARG QA 46 73.23 -60.44 72.50
CA ARG QA 46 72.72 -61.59 71.77
C ARG QA 46 71.21 -61.52 71.69
N LYS QA 47 70.65 -61.88 70.53
CA LYS QA 47 69.22 -61.65 70.35
C LYS QA 47 68.52 -62.91 69.86
N VAL QA 48 67.26 -63.02 70.25
CA VAL QA 48 66.39 -64.10 69.85
C VAL QA 48 65.11 -63.47 69.34
N SER QA 49 64.53 -64.05 68.29
CA SER QA 49 63.24 -63.54 67.85
C SER QA 49 62.41 -64.67 67.26
N MET QA 50 61.08 -64.49 67.32
CA MET QA 50 60.12 -65.51 66.98
C MET QA 50 58.85 -64.86 66.44
N PHE QA 51 58.22 -65.52 65.46
CA PHE QA 51 56.97 -65.07 64.87
C PHE QA 51 56.08 -66.26 64.54
N VAL QA 52 54.81 -66.18 64.94
CA VAL QA 52 53.85 -67.29 64.81
C VAL QA 52 52.73 -66.82 63.89
N LYS QA 53 52.89 -67.04 62.58
CA LYS QA 53 51.86 -66.67 61.60
C LYS QA 53 50.81 -67.76 61.55
N TYR QA 54 49.63 -67.47 62.09
CA TYR QA 54 48.50 -68.40 62.07
C TYR QA 54 47.66 -68.16 60.83
N VAL QA 55 47.62 -69.14 59.93
CA VAL QA 55 46.87 -69.07 58.69
C VAL QA 55 45.70 -70.03 58.79
N SER QA 56 44.48 -69.50 58.94
CA SER QA 56 43.33 -70.33 59.28
C SER QA 56 43.01 -71.32 58.18
N ASN QA 57 43.06 -70.91 56.92
CA ASN QA 57 42.96 -71.84 55.80
C ASN QA 57 44.23 -71.73 54.96
N GLY QA 58 45.25 -72.45 55.39
CA GLY QA 58 46.53 -72.39 54.71
C GLY QA 58 47.64 -72.85 55.64
N THR QA 59 48.86 -72.53 55.24
CA THR QA 59 50.06 -73.12 55.85
C THR QA 59 50.59 -72.16 56.91
N SER QA 60 50.26 -72.43 58.17
CA SER QA 60 50.78 -71.64 59.28
C SER QA 60 52.28 -71.85 59.42
N LYS QA 61 52.97 -70.85 60.00
CA LYS QA 61 54.43 -70.88 60.04
C LYS QA 61 54.95 -70.27 61.34
N VAL QA 62 55.87 -70.98 62.00
CA VAL QA 62 56.58 -70.47 63.17
C VAL QA 62 58.04 -70.29 62.80
N THR QA 63 58.53 -69.05 62.89
CA THR QA 63 59.90 -68.72 62.50
C THR QA 63 60.68 -68.23 63.71
N ILE QA 64 61.89 -68.79 63.89
CA ILE QA 64 62.74 -68.50 65.02
C ILE QA 64 64.15 -68.21 64.53
N ARG QA 65 64.81 -67.19 65.09
CA ARG QA 65 66.20 -66.92 64.76
C ARG QA 65 66.96 -66.46 65.99
N ILE QA 66 68.18 -66.98 66.13
CA ILE QA 66 69.06 -66.78 67.28
C ILE QA 66 70.40 -66.24 66.77
N ALA QA 67 70.84 -65.11 67.32
CA ALA QA 67 72.07 -64.44 66.88
C ALA QA 67 73.02 -64.26 68.05
N ASP QA 68 74.20 -64.86 67.94
CA ASP QA 68 75.26 -64.81 68.97
C ASP QA 68 76.45 -64.10 68.36
N PRO QA 69 76.62 -62.81 68.60
CA PRO QA 69 77.78 -62.09 68.05
C PRO QA 69 78.96 -62.07 69.00
N VAL QA 70 80.15 -61.94 68.42
CA VAL QA 70 81.39 -61.78 69.16
C VAL QA 70 82.05 -60.49 68.70
N LEU QA 71 82.26 -59.56 69.63
CA LEU QA 71 82.80 -58.25 69.29
C LEU QA 71 84.29 -58.34 69.02
N ALA QA 72 84.82 -57.28 68.40
CA ALA QA 72 86.22 -57.23 68.00
C ALA QA 72 87.03 -56.56 69.11
N SER QA 73 87.86 -57.35 69.80
CA SER QA 73 88.70 -56.85 70.88
C SER QA 73 90.09 -56.53 70.36
N VAL QA 74 90.53 -55.29 70.55
CA VAL QA 74 91.81 -54.81 70.05
C VAL QA 74 92.76 -54.64 71.24
N PRO QA 75 94.07 -54.70 71.03
CA PRO QA 75 95.02 -54.49 72.14
C PRO QA 75 94.75 -53.19 72.88
N ALA QA 76 94.96 -53.22 74.20
CA ALA QA 76 94.51 -52.12 75.06
C ALA QA 76 95.21 -50.81 74.71
N GLY QA 77 96.53 -50.85 74.52
CA GLY QA 77 97.25 -49.64 74.18
C GLY QA 77 96.83 -49.04 72.85
N CYS QA 78 96.26 -49.85 71.96
CA CYS QA 78 95.88 -49.36 70.65
C CYS QA 78 94.69 -48.41 70.76
N CYS QA 79 94.50 -47.61 69.70
CA CYS QA 79 93.48 -46.56 69.69
C CYS QA 79 92.47 -46.83 68.60
N VAL QA 80 91.32 -47.38 68.98
CA VAL QA 80 90.11 -47.35 68.17
C VAL QA 80 89.02 -46.82 69.06
N ASP QA 81 88.27 -45.83 68.56
CA ASP QA 81 87.28 -45.17 69.39
C ASP QA 81 86.31 -46.17 69.97
N THR QA 82 86.22 -46.21 71.30
CA THR QA 82 85.32 -47.15 71.96
C THR QA 82 83.87 -46.82 71.65
N ASN QA 83 83.58 -45.59 71.23
CA ASN QA 83 82.23 -45.24 70.82
C ASN QA 83 81.84 -45.91 69.50
N THR QA 84 82.82 -46.35 68.70
CA THR QA 84 82.55 -47.03 67.44
C THR QA 84 83.16 -48.43 67.45
N PRO QA 85 82.48 -49.43 68.09
CA PRO QA 85 82.94 -50.82 68.01
C PRO QA 85 82.29 -51.54 66.85
N GLN QA 86 82.88 -52.66 66.45
CA GLN QA 86 82.34 -53.48 65.39
C GLN QA 86 82.18 -54.90 65.89
N VAL QA 87 81.35 -55.64 65.19
CA VAL QA 87 81.19 -57.07 65.40
C VAL QA 87 82.15 -57.78 64.46
N ALA QA 88 83.03 -58.60 65.04
CA ALA QA 88 83.97 -59.38 64.24
C ALA QA 88 83.22 -60.43 63.42
N TYR QA 89 82.35 -61.18 64.05
CA TYR QA 89 81.59 -62.25 63.41
C TYR QA 89 80.46 -62.63 64.36
N SER QA 90 79.45 -63.33 63.83
CA SER QA 90 78.32 -63.74 64.65
C SER QA 90 77.73 -65.04 64.09
N THR QA 91 77.45 -65.97 65.00
CA THR QA 91 76.81 -67.21 64.62
C THR QA 91 75.29 -67.03 64.59
N PHE QA 92 74.62 -67.77 63.71
CA PHE QA 92 73.19 -67.62 63.51
C PHE QA 92 72.49 -68.98 63.44
N PHE QA 93 71.28 -69.04 63.98
CA PHE QA 93 70.41 -70.22 63.84
C PHE QA 93 69.02 -69.76 63.41
N GLU QA 94 68.54 -70.28 62.28
CA GLU QA 94 67.22 -69.89 61.77
C GLU QA 94 66.42 -71.13 61.40
N CYS QA 95 65.23 -71.27 62.02
CA CYS QA 95 64.35 -72.40 61.74
C CYS QA 95 62.93 -71.93 61.48
N THR QA 96 62.21 -72.70 60.66
CA THR QA 96 60.82 -72.43 60.32
C THR QA 96 60.03 -73.73 60.34
N PHE QA 97 59.03 -73.78 61.20
CA PHE QA 97 58.02 -74.82 61.20
C PHE QA 97 56.89 -74.42 60.25
N SER QA 98 56.46 -75.35 59.40
CA SER QA 98 55.36 -75.14 58.46
C SER QA 98 54.30 -76.20 58.73
N VAL QA 99 53.17 -75.78 59.26
CA VAL QA 99 52.09 -76.65 59.71
C VAL QA 99 50.87 -76.40 58.84
N PRO QA 100 50.33 -77.39 58.15
CA PRO QA 100 49.16 -77.17 57.31
C PRO QA 100 47.93 -76.82 58.14
N TYR QA 101 46.97 -76.18 57.47
CA TYR QA 101 45.62 -76.13 58.02
C TYR QA 101 45.12 -77.54 58.23
N GLY QA 102 44.23 -77.70 59.21
CA GLY QA 102 43.66 -79.01 59.45
C GLY QA 102 44.63 -80.05 59.96
N ALA QA 103 45.79 -79.64 60.48
CA ALA QA 103 46.71 -80.59 61.08
C ALA QA 103 46.32 -80.85 62.53
N THR QA 104 46.31 -82.13 62.91
CA THR QA 104 45.93 -82.51 64.27
C THR QA 104 46.95 -81.95 65.26
N LEU QA 105 46.44 -81.62 66.45
CA LEU QA 105 47.32 -81.30 67.56
C LEU QA 105 48.38 -82.39 67.74
N GLN QA 106 48.03 -83.64 67.42
CA GLN QA 106 49.02 -84.72 67.47
C GLN QA 106 50.08 -84.55 66.38
N ASN QA 107 49.69 -84.11 65.18
CA ASN QA 107 50.67 -83.87 64.14
C ASN QA 107 51.64 -82.76 64.54
N LYS QA 108 51.13 -81.72 65.22
CA LYS QA 108 51.98 -80.63 65.67
C LYS QA 108 52.97 -81.11 66.73
N LYS QA 109 52.47 -81.82 67.74
CA LYS QA 109 53.34 -82.46 68.72
C LYS QA 109 54.41 -83.30 68.03
N ASP QA 110 53.99 -84.10 67.04
CA ASP QA 110 54.90 -84.99 66.33
C ASP QA 110 56.06 -84.22 65.72
N ILE QA 111 55.76 -83.19 64.92
CA ILE QA 111 56.86 -82.54 64.21
C ILE QA 111 57.74 -81.75 65.17
N LEU QA 112 57.16 -81.12 66.19
CA LEU QA 112 57.99 -80.47 67.19
C LEU QA 112 58.98 -81.47 67.78
N ALA QA 113 58.50 -82.65 68.15
CA ALA QA 113 59.38 -83.66 68.76
C ALA QA 113 60.42 -84.16 67.78
N TYR QA 114 60.05 -84.37 66.51
CA TYR QA 114 61.04 -84.82 65.54
C TYR QA 114 62.17 -83.81 65.41
N ALA QA 115 61.81 -82.51 65.34
CA ALA QA 115 62.82 -81.47 65.23
C ALA QA 115 63.74 -81.46 66.44
N ARG QA 116 63.16 -81.50 67.64
CA ARG QA 116 63.98 -81.41 68.84
C ARG QA 116 64.88 -82.62 68.98
N ASN QA 117 64.35 -83.82 68.74
CA ASN QA 117 65.15 -85.04 68.83
C ASN QA 117 66.26 -85.04 67.77
N LEU QA 118 65.98 -84.54 66.58
CA LEU QA 118 67.00 -84.52 65.53
C LEU QA 118 68.13 -83.57 65.90
N LEU QA 119 67.80 -82.36 66.37
CA LEU QA 119 68.86 -81.46 66.79
C LEU QA 119 69.61 -82.02 68.01
N GLY QA 120 68.96 -82.87 68.79
CA GLY QA 120 69.68 -83.57 69.82
C GLY QA 120 70.47 -84.78 69.39
N THR QA 121 70.46 -85.15 68.11
CA THR QA 121 71.14 -86.36 67.67
C THR QA 121 72.65 -86.16 67.60
N GLN QA 122 73.37 -87.28 67.75
CA GLN QA 122 74.82 -87.21 67.72
C GLN QA 122 75.32 -86.77 66.36
N VAL QA 123 74.66 -87.18 65.27
CA VAL QA 123 75.12 -86.78 63.96
C VAL QA 123 74.96 -85.27 63.77
N VAL QA 124 73.88 -84.70 64.31
CA VAL QA 124 73.65 -83.25 64.16
C VAL QA 124 74.62 -82.46 65.02
N THR QA 125 74.80 -82.86 66.28
CA THR QA 125 75.78 -82.17 67.13
C THR QA 125 77.17 -82.28 66.53
N ASP QA 126 77.52 -83.46 66.02
CA ASP QA 126 78.78 -83.67 65.34
C ASP QA 126 78.93 -82.70 64.17
N ALA QA 127 77.92 -82.61 63.31
CA ALA QA 127 78.02 -81.77 62.11
C ALA QA 127 78.20 -80.30 62.47
N VAL QA 128 77.38 -79.80 63.40
CA VAL QA 128 77.42 -78.37 63.72
C VAL QA 128 78.70 -77.99 64.45
N VAL QA 129 79.20 -78.85 65.33
CA VAL QA 129 80.36 -78.47 66.14
C VAL QA 129 81.66 -78.76 65.39
N ASP QA 130 81.85 -80.01 64.94
CA ASP QA 130 83.11 -80.39 64.32
C ASP QA 130 83.14 -80.15 62.81
N MET QA 131 82.02 -79.71 62.21
CA MET QA 131 81.90 -79.57 60.76
C MET QA 131 82.00 -80.93 60.07
N THR QA 132 81.38 -81.94 60.67
CA THR QA 132 81.54 -83.30 60.17
C THR QA 132 80.24 -83.75 59.52
N PRO QA 133 80.27 -84.14 58.25
CA PRO QA 133 79.04 -84.53 57.54
C PRO QA 133 78.68 -85.99 57.72
N ALA QA 134 77.59 -86.41 57.09
CA ALA QA 134 77.19 -87.81 57.06
C ALA QA 134 77.61 -88.40 55.70
N TRP QA 135 78.75 -89.10 55.68
CA TRP QA 135 79.33 -89.56 54.42
C TRP QA 135 79.01 -91.01 54.08
N ALA RA 1 41.08 -52.48 80.08
CA ALA RA 1 41.03 -53.89 79.74
C ALA RA 1 42.33 -54.36 79.10
N GLN RA 2 43.27 -54.84 79.90
CA GLN RA 2 44.37 -55.58 79.29
C GLN RA 2 43.80 -56.82 78.61
N ILE RA 3 44.37 -57.18 77.46
CA ILE RA 3 43.83 -58.32 76.74
C ILE RA 3 43.94 -59.56 77.61
N ALA RA 4 42.87 -60.34 77.64
CA ALA RA 4 42.84 -61.54 78.45
C ALA RA 4 41.81 -62.48 77.82
N ASN RA 5 41.76 -63.70 78.37
CA ASN RA 5 40.86 -64.72 77.86
C ASN RA 5 39.44 -64.18 77.74
N LEU RA 6 38.68 -64.76 76.83
CA LEU RA 6 37.32 -64.30 76.55
C LEU RA 6 36.39 -65.51 76.54
N ILE RA 7 35.28 -65.44 77.27
CA ILE RA 7 34.41 -66.60 77.43
C ILE RA 7 33.03 -66.28 76.89
N LEU RA 8 32.63 -67.01 75.84
CA LEU RA 8 31.35 -66.78 75.16
C LEU RA 8 30.55 -68.07 75.14
N ALA RA 9 29.25 -67.97 75.45
CA ALA RA 9 28.39 -69.15 75.56
C ALA RA 9 27.65 -69.39 74.25
N ASP RA 10 27.75 -70.62 73.74
CA ASP RA 10 27.02 -71.00 72.54
C ASP RA 10 25.52 -71.13 72.82
N GLY RA 11 24.74 -71.16 71.74
CA GLY RA 11 23.31 -71.31 71.85
C GLY RA 11 22.89 -72.76 71.77
N GLN RA 12 22.52 -73.32 72.91
CA GLN RA 12 21.99 -74.66 73.01
C GLN RA 12 20.87 -74.65 74.03
N ALA RA 13 20.26 -75.81 74.23
CA ALA RA 13 19.36 -75.97 75.35
C ALA RA 13 20.05 -75.56 76.64
N THR RA 14 21.18 -76.18 76.92
CA THR RA 14 22.04 -75.75 78.00
C THR RA 14 23.27 -75.17 77.32
N PRO RA 15 23.42 -73.85 77.30
CA PRO RA 15 24.59 -73.25 76.65
C PRO RA 15 25.87 -73.72 77.31
N ALA RA 16 26.91 -73.85 76.50
CA ALA RA 16 28.22 -74.30 76.94
C ALA RA 16 29.24 -73.19 76.74
N ASN RA 17 29.92 -72.81 77.83
CA ASN RA 17 30.94 -71.76 77.73
C ASN RA 17 32.08 -72.23 76.84
N HIS RA 18 32.52 -71.37 75.92
CA HIS RA 18 33.66 -71.62 75.06
C HIS RA 18 34.68 -70.52 75.30
N THR RA 19 35.93 -70.91 75.47
CA THR RA 19 37.00 -70.00 75.83
C THR RA 19 37.78 -69.55 74.60
N PHE RA 20 38.36 -68.36 74.69
CA PHE RA 20 39.06 -67.69 73.59
C PHE RA 20 40.40 -67.19 74.15
N VAL RA 21 41.47 -67.88 73.76
CA VAL RA 21 42.83 -67.44 74.13
C VAL RA 21 43.16 -66.19 73.34
N PRO RA 22 43.82 -65.20 73.93
CA PRO RA 22 44.28 -64.04 73.15
C PRO RA 22 45.47 -64.41 72.28
N MET RA 23 45.52 -63.75 71.11
CA MET RA 23 46.60 -63.95 70.15
C MET RA 23 47.52 -62.74 70.05
N GLN RA 24 46.97 -61.54 69.96
CA GLN RA 24 47.78 -60.33 70.00
C GLN RA 24 46.90 -59.20 70.51
N PRO RA 25 47.48 -58.23 71.21
CA PRO RA 25 46.71 -57.11 71.72
C PRO RA 25 46.37 -56.17 70.56
N GLN RA 26 45.69 -55.09 70.90
CA GLN RA 26 45.32 -54.08 69.93
C GLN RA 26 46.45 -53.06 69.79
N THR RA 27 46.83 -52.78 68.56
CA THR RA 27 47.88 -51.84 68.20
C THR RA 27 47.25 -50.73 67.37
N GLY RA 28 48.06 -49.75 66.97
CA GLY RA 28 47.56 -48.68 66.13
C GLY RA 28 47.06 -49.14 64.77
N ILE RA 29 47.61 -50.23 64.25
CA ILE RA 29 47.20 -50.73 62.94
C ILE RA 29 46.58 -52.12 62.99
N THR RA 30 46.89 -52.93 64.01
CA THR RA 30 46.35 -54.28 64.11
C THR RA 30 45.30 -54.35 65.22
N PRO RA 31 44.19 -55.05 64.98
CA PRO RA 31 43.15 -55.18 66.01
C PRO RA 31 43.39 -56.34 66.96
N SER RA 32 42.98 -56.14 68.21
CA SER RA 32 43.12 -57.20 69.20
C SER RA 32 42.25 -58.40 68.78
N GLN RA 33 42.78 -59.61 68.97
CA GLN RA 33 42.06 -60.77 68.47
C GLN RA 33 42.35 -62.01 69.29
N TRP RA 34 41.32 -62.86 69.42
CA TRP RA 34 41.30 -64.10 70.20
C TRP RA 34 41.02 -65.29 69.27
N LEU RA 35 41.15 -66.50 69.82
CA LEU RA 35 41.03 -67.76 69.09
C LEU RA 35 40.35 -68.81 69.97
N ASN RA 36 39.48 -69.62 69.36
CA ASN RA 36 38.75 -70.64 70.13
C ASN RA 36 39.65 -71.81 70.50
N LYS RA 37 40.33 -72.39 69.51
CA LYS RA 37 41.31 -73.46 69.72
C LYS RA 37 40.66 -74.73 70.28
N GLU RA 38 39.45 -75.02 69.80
CA GLU RA 38 38.74 -76.22 70.23
C GLU RA 38 38.82 -77.34 69.20
N ALA RA 39 38.40 -77.10 67.96
CA ALA RA 39 38.44 -78.17 66.97
C ALA RA 39 39.88 -78.56 66.67
N ALA RA 40 40.08 -79.81 66.24
CA ALA RA 40 41.44 -80.31 66.03
C ALA RA 40 42.13 -79.62 64.88
N SER RA 41 41.36 -79.24 63.85
CA SER RA 41 41.91 -78.64 62.66
C SER RA 41 42.15 -77.15 62.85
N ASN RA 42 43.23 -76.64 62.25
CA ASN RA 42 43.49 -75.21 62.25
C ASN RA 42 42.29 -74.41 61.74
N ILE RA 43 41.51 -75.00 60.84
CA ILE RA 43 40.38 -74.28 60.24
C ILE RA 43 39.26 -74.09 61.25
N GLY RA 44 38.96 -75.13 62.04
CA GLY RA 44 37.85 -75.12 62.97
C GLY RA 44 37.98 -74.19 64.16
N TYR RA 45 39.15 -73.58 64.36
CA TYR RA 45 39.28 -72.58 65.40
C TYR RA 45 38.37 -71.39 65.09
N ARG RA 46 37.69 -70.88 66.11
CA ARG RA 46 36.79 -69.75 65.96
C ARG RA 46 37.50 -68.50 66.43
N LYS RA 47 37.39 -67.41 65.66
CA LYS RA 47 38.14 -66.21 65.99
C LYS RA 47 37.21 -65.05 66.29
N VAL RA 48 37.70 -64.12 67.10
CA VAL RA 48 36.97 -62.94 67.51
C VAL RA 48 37.95 -61.79 67.51
N SER RA 49 37.71 -60.77 66.70
CA SER RA 49 38.61 -59.64 66.63
C SER RA 49 37.86 -58.33 66.84
N MET RA 50 38.57 -57.34 67.36
CA MET RA 50 37.97 -56.09 67.80
C MET RA 50 39.00 -54.97 67.66
N PHE RA 51 38.53 -53.78 67.28
CA PHE RA 51 39.40 -52.61 67.16
C PHE RA 51 38.66 -51.33 67.54
N VAL RA 52 39.30 -50.51 68.36
CA VAL RA 52 38.71 -49.29 68.94
C VAL RA 52 39.50 -48.10 68.39
N LYS RA 53 39.02 -47.49 67.31
CA LYS RA 53 39.67 -46.33 66.71
C LYS RA 53 39.15 -45.07 67.38
N TYR RA 54 40.00 -44.43 68.18
CA TYR RA 54 39.65 -43.17 68.86
C TYR RA 54 40.01 -41.99 67.96
N VAL RA 55 39.00 -41.18 67.65
CA VAL RA 55 39.18 -39.97 66.83
C VAL RA 55 38.82 -38.79 67.71
N SER RA 56 39.84 -38.05 68.17
CA SER RA 56 39.62 -37.04 69.20
C SER RA 56 38.75 -35.90 68.71
N ASN RA 57 38.76 -35.61 67.40
CA ASN RA 57 37.82 -34.67 66.80
C ASN RA 57 37.21 -35.32 65.56
N GLY RA 58 36.17 -36.12 65.77
CA GLY RA 58 35.54 -36.83 64.68
C GLY RA 58 34.81 -38.05 65.19
N THR RA 59 34.49 -38.93 64.25
CA THR RA 59 33.67 -40.11 64.53
C THR RA 59 34.58 -41.27 64.93
N SER RA 60 34.65 -41.54 66.23
CA SER RA 60 35.34 -42.74 66.70
C SER RA 60 34.55 -43.98 66.30
N LYS RA 61 35.25 -45.12 66.21
CA LYS RA 61 34.62 -46.34 65.69
C LYS RA 61 35.12 -47.59 66.40
N VAL RA 62 34.18 -48.36 66.96
CA VAL RA 62 34.46 -49.68 67.52
C VAL RA 62 33.99 -50.74 66.53
N THR RA 63 34.88 -51.65 66.15
CA THR RA 63 34.59 -52.65 65.14
C THR RA 63 34.82 -54.04 65.71
N ILE RA 64 33.87 -54.95 65.48
CA ILE RA 64 33.90 -56.30 66.04
C ILE RA 64 33.52 -57.30 64.96
N ARG RA 65 34.26 -58.40 64.88
CA ARG RA 65 33.88 -59.48 63.96
C ARG RA 65 34.17 -60.84 64.59
N ILE RA 66 33.19 -61.74 64.43
CA ILE RA 66 33.17 -63.07 65.03
C ILE RA 66 33.04 -64.08 63.91
N ALA RA 67 33.89 -65.10 63.91
CA ALA RA 67 33.90 -66.12 62.86
C ALA RA 67 33.84 -67.50 63.50
N ASP RA 68 32.81 -68.27 63.12
CA ASP RA 68 32.59 -69.64 63.59
C ASP RA 68 32.62 -70.58 62.40
N PRO RA 69 33.71 -71.30 62.16
CA PRO RA 69 33.75 -72.28 61.06
C PRO RA 69 32.87 -73.48 61.39
N VAL RA 70 31.89 -73.74 60.53
CA VAL RA 70 31.07 -74.93 60.70
C VAL RA 70 31.43 -75.93 59.60
N LEU RA 71 32.44 -76.75 59.87
CA LEU RA 71 32.85 -77.76 58.90
C LEU RA 71 32.02 -79.02 59.01
N ALA RA 72 31.41 -79.26 60.18
CA ALA RA 72 30.49 -80.37 60.32
C ALA RA 72 29.36 -80.27 59.32
N SER RA 73 28.90 -79.05 59.06
CA SER RA 73 27.78 -78.83 58.16
C SER RA 73 28.14 -79.04 56.69
N VAL RA 74 29.43 -79.13 56.37
CA VAL RA 74 29.88 -79.30 54.98
C VAL RA 74 29.55 -80.72 54.52
N PRO RA 75 28.98 -80.90 53.32
CA PRO RA 75 28.75 -82.26 52.83
C PRO RA 75 30.06 -83.02 52.67
N ALA RA 76 29.96 -84.35 52.79
CA ALA RA 76 31.16 -85.17 52.69
C ALA RA 76 31.76 -85.11 51.29
N GLY RA 77 30.92 -84.92 50.27
CA GLY RA 77 31.41 -84.91 48.91
C GLY RA 77 32.21 -83.67 48.56
N CYS RA 78 31.93 -82.54 49.23
CA CYS RA 78 32.62 -81.30 48.94
C CYS RA 78 33.95 -81.26 49.68
N CYS RA 79 35.02 -80.93 48.95
CA CYS RA 79 36.35 -80.76 49.53
C CYS RA 79 36.56 -79.30 49.91
N VAL RA 80 37.20 -79.09 51.05
CA VAL RA 80 37.51 -77.76 51.56
C VAL RA 80 39.03 -77.60 51.52
N ASP RA 81 39.49 -76.59 50.78
CA ASP RA 81 40.92 -76.30 50.63
C ASP RA 81 41.10 -74.78 50.66
N THR RA 82 42.36 -74.34 50.53
CA THR RA 82 42.66 -72.92 50.67
C THR RA 82 41.83 -72.07 49.72
N ASN RA 83 41.48 -72.62 48.56
CA ASN RA 83 40.73 -71.90 47.55
C ASN RA 83 39.24 -71.83 47.86
N THR RA 84 38.73 -72.62 48.81
CA THR RA 84 37.32 -72.53 49.16
C THR RA 84 37.05 -71.18 49.81
N PRO RA 85 36.06 -70.43 49.31
CA PRO RA 85 35.76 -69.12 49.91
C PRO RA 85 35.29 -69.27 51.36
N GLN RA 86 35.78 -68.38 52.21
CA GLN RA 86 35.48 -68.49 53.64
C GLN RA 86 33.98 -68.44 53.89
N VAL RA 87 33.29 -67.50 53.25
CA VAL RA 87 31.90 -67.18 53.60
C VAL RA 87 30.97 -68.33 53.23
N ALA RA 88 31.54 -69.39 52.67
CA ALA RA 88 30.75 -70.57 52.33
C ALA RA 88 30.82 -71.68 53.37
N TYR RA 89 31.83 -71.68 54.25
CA TYR RA 89 31.96 -72.77 55.22
C TYR RA 89 32.06 -72.27 56.66
N SER RA 90 31.57 -71.08 56.94
CA SER RA 90 31.61 -70.54 58.30
C SER RA 90 30.62 -69.39 58.44
N THR RA 91 30.10 -69.24 59.65
CA THR RA 91 29.19 -68.15 59.98
C THR RA 91 29.99 -66.94 60.47
N PHE RA 92 29.46 -65.74 60.20
CA PHE RA 92 30.16 -64.50 60.49
C PHE RA 92 29.22 -63.45 61.09
N PHE RA 93 29.72 -62.67 62.04
CA PHE RA 93 29.00 -61.54 62.61
C PHE RA 93 29.91 -60.32 62.65
N GLU RA 94 29.51 -59.22 62.03
CA GLU RA 94 30.33 -58.02 61.98
C GLU RA 94 29.51 -56.80 62.38
N CYS RA 95 29.95 -56.08 63.41
CA CYS RA 95 29.27 -54.86 63.84
C CYS RA 95 30.25 -53.71 63.99
N THR RA 96 29.73 -52.50 63.86
CA THR RA 96 30.50 -51.26 64.00
C THR RA 96 29.65 -50.22 64.73
N PHE RA 97 30.16 -49.77 65.88
CA PHE RA 97 29.62 -48.61 66.60
C PHE RA 97 30.34 -47.37 66.13
N SER RA 98 29.57 -46.36 65.71
CA SER RA 98 30.09 -45.06 65.32
C SER RA 98 29.65 -44.04 66.38
N VAL RA 99 30.63 -43.45 67.04
CA VAL RA 99 30.41 -42.52 68.14
C VAL RA 99 31.06 -41.18 67.82
N PRO RA 100 30.28 -40.13 67.55
CA PRO RA 100 30.89 -38.84 67.24
C PRO RA 100 31.52 -38.22 68.48
N TYR RA 101 32.56 -37.40 68.24
CA TYR RA 101 33.12 -36.62 69.33
C TYR RA 101 32.03 -35.76 69.95
N GLY RA 102 32.14 -35.49 71.23
CA GLY RA 102 31.10 -34.71 71.86
C GLY RA 102 29.86 -35.49 72.23
N ALA RA 103 29.96 -36.83 72.24
CA ALA RA 103 28.82 -37.63 72.65
C ALA RA 103 28.85 -37.78 74.15
N THR RA 104 27.72 -37.51 74.79
CA THR RA 104 27.69 -37.65 76.21
C THR RA 104 27.92 -39.11 76.60
N LEU RA 105 28.49 -39.29 77.79
CA LEU RA 105 28.62 -40.63 78.33
C LEU RA 105 27.29 -41.36 78.26
N GLN RA 106 26.20 -40.61 78.46
CA GLN RA 106 24.88 -41.20 78.38
C GLN RA 106 24.52 -41.60 76.96
N ASN RA 107 24.98 -40.85 75.95
CA ASN RA 107 24.75 -41.25 74.57
C ASN RA 107 25.47 -42.55 74.23
N LYS RA 108 26.70 -42.70 74.75
CA LYS RA 108 27.46 -43.94 74.52
C LYS RA 108 26.77 -45.13 75.18
N LYS RA 109 26.43 -45.00 76.47
CA LYS RA 109 25.66 -46.03 77.16
C LYS RA 109 24.36 -46.32 76.43
N ASP RA 110 23.68 -45.27 75.96
CA ASP RA 110 22.42 -45.43 75.28
C ASP RA 110 22.57 -46.34 74.08
N ILE RA 111 23.51 -46.03 73.18
CA ILE RA 111 23.55 -46.81 71.95
C ILE RA 111 24.03 -48.23 72.23
N LEU RA 112 24.94 -48.42 73.20
CA LEU RA 112 25.30 -49.78 73.57
C LEU RA 112 24.06 -50.56 73.99
N ALA RA 113 23.23 -49.95 74.84
CA ALA RA 113 22.05 -50.65 75.33
C ALA RA 113 21.03 -50.90 74.22
N TYR RA 114 20.86 -49.95 73.32
CA TYR RA 114 19.92 -50.14 72.21
C TYR RA 114 20.35 -51.32 71.35
N ALA RA 115 21.65 -51.38 71.03
CA ALA RA 115 22.15 -52.49 70.23
C ALA RA 115 21.93 -53.83 70.94
N ARG RA 116 22.29 -53.89 72.22
CA ARG RA 116 22.20 -55.18 72.92
C ARG RA 116 20.75 -55.62 73.08
N ASN RA 117 19.85 -54.70 73.46
CA ASN RA 117 18.44 -55.04 73.58
C ASN RA 117 17.85 -55.44 72.24
N LEU RA 118 18.23 -54.75 71.15
CA LEU RA 118 17.70 -55.10 69.85
C LEU RA 118 18.13 -56.49 69.42
N LEU RA 119 19.40 -56.83 69.59
CA LEU RA 119 19.83 -58.19 69.28
C LEU RA 119 19.21 -59.21 70.22
N GLY RA 120 18.82 -58.81 71.42
CA GLY RA 120 18.06 -59.70 72.27
C GLY RA 120 16.60 -59.87 71.87
N THR RA 121 16.06 -58.94 71.07
CA THR RA 121 14.64 -58.98 70.74
C THR RA 121 14.26 -60.26 70.02
N GLN RA 122 12.99 -60.65 70.20
CA GLN RA 122 12.50 -61.84 69.54
C GLN RA 122 12.50 -61.69 68.03
N VAL RA 123 12.25 -60.49 67.52
CA VAL RA 123 12.22 -60.32 66.06
C VAL RA 123 13.59 -60.62 65.48
N VAL RA 124 14.65 -60.16 66.16
CA VAL RA 124 16.01 -60.43 65.69
C VAL RA 124 16.34 -61.92 65.83
N THR RA 125 16.03 -62.51 66.98
CA THR RA 125 16.28 -63.94 67.17
C THR RA 125 15.60 -64.76 66.08
N ASP RA 126 14.33 -64.43 65.81
CA ASP RA 126 13.54 -65.10 64.79
C ASP RA 126 14.13 -64.92 63.40
N ALA RA 127 14.59 -63.70 63.10
CA ALA RA 127 15.11 -63.41 61.77
C ALA RA 127 16.44 -64.10 61.51
N VAL RA 128 17.29 -64.20 62.53
CA VAL RA 128 18.61 -64.80 62.31
C VAL RA 128 18.54 -66.32 62.30
N VAL RA 129 17.74 -66.91 63.19
CA VAL RA 129 17.66 -68.37 63.24
C VAL RA 129 16.69 -68.90 62.19
N ASP RA 130 15.44 -68.47 62.23
CA ASP RA 130 14.44 -69.01 61.34
C ASP RA 130 14.36 -68.28 60.00
N MET RA 131 15.25 -67.31 59.77
CA MET RA 131 15.33 -66.58 58.51
C MET RA 131 14.06 -65.79 58.21
N THR RA 132 13.23 -65.54 59.23
CA THR RA 132 11.92 -64.95 59.00
C THR RA 132 11.98 -63.46 59.25
N PRO RA 133 11.73 -62.62 58.25
CA PRO RA 133 11.86 -61.16 58.42
C PRO RA 133 10.61 -60.49 58.92
N ALA RA 134 10.63 -59.15 58.99
CA ALA RA 134 9.49 -58.35 59.42
C ALA RA 134 8.80 -57.78 58.19
N TRP RA 135 7.65 -58.34 57.84
CA TRP RA 135 6.96 -57.97 56.59
C TRP RA 135 5.69 -57.16 56.79
N ALA SA 1 58.58 -52.99 79.46
CA ALA SA 1 57.41 -52.24 79.91
C ALA SA 1 56.22 -52.48 78.97
N GLN SA 2 55.34 -53.41 79.31
CA GLN SA 2 54.06 -53.45 78.60
C GLN SA 2 53.23 -52.25 79.01
N ILE SA 3 52.43 -51.75 78.07
CA ILE SA 3 51.66 -50.55 78.33
C ILE SA 3 50.63 -50.86 79.42
N ALA SA 4 50.44 -49.91 80.32
CA ALA SA 4 49.48 -50.05 81.40
C ALA SA 4 49.06 -48.66 81.84
N ASN SA 5 48.09 -48.62 82.75
CA ASN SA 5 47.53 -47.37 83.21
C ASN SA 5 48.62 -46.42 83.68
N LEU SA 6 48.33 -45.12 83.64
CA LEU SA 6 49.31 -44.11 84.05
C LEU SA 6 48.65 -43.10 84.97
N ILE SA 7 49.22 -42.89 86.16
CA ILE SA 7 48.61 -42.02 87.17
C ILE SA 7 49.51 -40.82 87.40
N LEU SA 8 48.94 -39.62 87.25
CA LEU SA 8 49.66 -38.36 87.33
C LEU SA 8 48.91 -37.39 88.24
N ALA SA 9 49.65 -36.71 89.13
CA ALA SA 9 49.03 -35.83 90.12
C ALA SA 9 48.95 -34.40 89.60
N ASP SA 10 47.75 -33.83 89.62
CA ASP SA 10 47.59 -32.45 89.19
C ASP SA 10 48.16 -31.48 90.22
N GLY SA 11 48.34 -30.24 89.78
CA GLY SA 11 48.86 -29.20 90.64
C GLY SA 11 47.74 -28.46 91.34
N GLN SA 12 47.62 -28.67 92.63
CA GLN SA 12 46.63 -28.02 93.45
C GLN SA 12 47.21 -27.82 94.83
N ALA SA 13 46.44 -27.15 95.69
CA ALA SA 13 46.80 -27.12 97.10
C ALA SA 13 47.02 -28.52 97.62
N THR SA 14 46.03 -29.40 97.39
CA THR SA 14 46.22 -30.81 97.60
C THR SA 14 46.12 -31.49 96.24
N PRO SA 15 47.20 -32.08 95.75
CA PRO SA 15 47.12 -32.73 94.43
C PRO SA 15 46.16 -33.92 94.45
N ALA SA 16 45.50 -34.13 93.32
CA ALA SA 16 44.56 -35.23 93.15
C ALA SA 16 45.03 -36.11 91.99
N ASN SA 17 45.15 -37.41 92.24
CA ASN SA 17 45.62 -38.33 91.22
C ASN SA 17 44.62 -38.40 90.06
N HIS SA 18 45.14 -38.31 88.85
CA HIS SA 18 44.36 -38.44 87.63
C HIS SA 18 44.85 -39.66 86.85
N THR SA 19 43.92 -40.48 86.36
CA THR SA 19 44.29 -41.72 85.71
C THR SA 19 44.24 -41.56 84.19
N PHE SA 20 45.08 -42.33 83.49
CA PHE SA 20 45.28 -42.26 82.04
C PHE SA 20 45.19 -43.68 81.51
N VAL SA 21 44.07 -44.01 80.90
CA VAL SA 21 43.89 -45.31 80.26
C VAL SA 21 44.69 -45.33 78.96
N PRO SA 22 45.43 -46.40 78.69
CA PRO SA 22 46.16 -46.46 77.42
C PRO SA 22 45.22 -46.57 76.23
N MET SA 23 45.62 -45.94 75.12
CA MET SA 23 44.95 -46.08 73.83
C MET SA 23 45.78 -46.80 72.79
N GLN SA 24 47.09 -46.66 72.85
CA GLN SA 24 47.90 -47.05 71.72
C GLN SA 24 49.28 -47.43 72.22
N PRO SA 25 49.73 -48.66 71.98
CA PRO SA 25 51.12 -48.99 72.29
C PRO SA 25 52.06 -48.56 71.17
N GLN SA 26 53.31 -48.30 71.56
CA GLN SA 26 54.34 -47.88 70.61
C GLN SA 26 54.73 -49.05 69.71
N THR SA 27 54.62 -48.83 68.40
CA THR SA 27 54.98 -49.83 67.40
C THR SA 27 55.33 -49.09 66.12
N GLY SA 28 56.55 -49.28 65.64
CA GLY SA 28 56.97 -48.58 64.43
C GLY SA 28 57.06 -47.08 64.69
N ILE SA 29 56.35 -46.30 63.86
CA ILE SA 29 56.33 -44.85 64.06
C ILE SA 29 55.29 -44.45 65.10
N THR SA 30 54.23 -45.24 65.24
CA THR SA 30 53.15 -44.90 66.14
C THR SA 30 53.60 -44.94 67.60
N PRO SA 31 53.45 -43.86 68.37
CA PRO SA 31 53.98 -43.83 69.73
C PRO SA 31 52.95 -44.23 70.78
N SER SA 32 53.46 -44.69 71.92
CA SER SA 32 52.57 -45.06 73.01
C SER SA 32 51.80 -43.83 73.49
N GLN SA 33 50.50 -43.98 73.77
CA GLN SA 33 49.72 -42.84 74.21
C GLN SA 33 48.56 -43.26 75.11
N TRP SA 34 48.33 -42.44 76.15
CA TRP SA 34 47.28 -42.61 77.16
C TRP SA 34 46.36 -41.40 77.15
N LEU SA 35 45.13 -41.58 77.66
CA LEU SA 35 44.09 -40.57 77.66
C LEU SA 35 43.50 -40.40 79.05
N ASN SA 36 43.08 -39.17 79.39
CA ASN SA 36 42.62 -38.88 80.76
C ASN SA 36 41.20 -39.37 81.02
N LYS SA 37 40.27 -39.13 80.07
CA LYS SA 37 38.89 -39.66 80.12
C LYS SA 37 38.01 -38.98 81.17
N GLU SA 38 38.24 -37.70 81.42
CA GLU SA 38 37.46 -37.02 82.46
C GLU SA 38 36.40 -36.07 81.91
N ALA SA 39 36.74 -35.23 80.96
CA ALA SA 39 35.73 -34.35 80.39
C ALA SA 39 34.69 -35.19 79.63
N ALA SA 40 33.50 -34.62 79.48
CA ALA SA 40 32.35 -35.40 79.02
C ALA SA 40 32.45 -35.77 77.54
N SER SA 41 32.91 -34.84 76.72
CA SER SA 41 33.04 -35.02 75.28
C SER SA 41 34.37 -35.69 74.94
N ASN SA 42 34.40 -36.36 73.79
CA ASN SA 42 35.62 -37.04 73.37
C ASN SA 42 36.79 -36.08 73.19
N ILE SA 43 36.53 -34.78 73.04
CA ILE SA 43 37.59 -33.82 72.78
C ILE SA 43 38.37 -33.50 74.05
N GLY SA 44 37.68 -33.40 75.18
CA GLY SA 44 38.30 -32.88 76.40
C GLY SA 44 39.30 -33.83 77.02
N TYR SA 45 39.24 -35.11 76.63
CA TYR SA 45 40.20 -36.11 77.10
C TYR SA 45 41.62 -35.57 76.97
N ARG SA 46 42.37 -35.61 78.06
CA ARG SA 46 43.76 -35.16 78.04
C ARG SA 46 44.66 -36.28 77.55
N LYS SA 47 45.74 -35.94 76.86
CA LYS SA 47 46.52 -36.96 76.17
C LYS SA 47 47.99 -36.88 76.54
N VAL SA 48 48.57 -38.03 76.86
CA VAL SA 48 50.00 -38.16 77.10
C VAL SA 48 50.57 -39.12 76.06
N SER SA 49 51.69 -38.76 75.45
CA SER SA 49 52.25 -39.68 74.47
C SER SA 49 53.77 -39.64 74.52
N MET SA 50 54.38 -40.77 74.19
CA MET SA 50 55.82 -40.97 74.30
C MET SA 50 56.28 -41.91 73.19
N PHE SA 51 57.50 -41.66 72.71
CA PHE SA 51 58.15 -42.50 71.70
C PHE SA 51 59.62 -42.67 72.02
N VAL SA 52 60.07 -43.92 72.10
CA VAL SA 52 61.44 -44.26 72.44
C VAL SA 52 62.10 -44.79 71.17
N LYS SA 53 62.97 -43.97 70.55
CA LYS SA 53 63.74 -44.38 69.38
C LYS SA 53 65.13 -44.81 69.85
N TYR SA 54 65.36 -46.12 69.89
CA TYR SA 54 66.66 -46.68 70.24
C TYR SA 54 67.50 -46.77 68.97
N VAL SA 55 68.57 -45.99 68.92
CA VAL SA 55 69.52 -46.03 67.80
C VAL SA 55 70.75 -46.76 68.29
N SER SA 56 70.99 -47.97 67.76
CA SER SA 56 72.02 -48.85 68.31
C SER SA 56 73.41 -48.25 68.19
N ASN SA 57 73.64 -47.41 67.17
CA ASN SA 57 74.90 -46.68 67.01
C ASN SA 57 74.58 -45.25 66.61
N GLY SA 58 74.39 -44.39 67.61
CA GLY SA 58 74.05 -43.01 67.37
C GLY SA 58 73.31 -42.42 68.55
N THR SA 59 72.63 -41.30 68.29
CA THR SA 59 71.93 -40.57 69.32
C THR SA 59 70.49 -41.10 69.43
N SER SA 60 70.21 -41.86 70.48
CA SER SA 60 68.87 -42.33 70.76
C SER SA 60 68.03 -41.20 71.35
N LYS SA 61 66.71 -41.28 71.18
CA LYS SA 61 65.84 -40.15 71.49
C LYS SA 61 64.52 -40.61 72.10
N VAL SA 62 64.23 -40.11 73.30
CA VAL SA 62 62.93 -40.30 73.95
C VAL SA 62 62.16 -39.00 73.83
N THR SA 63 60.94 -39.07 73.29
CA THR SA 63 60.13 -37.89 73.04
C THR SA 63 58.79 -38.01 73.77
N ILE SA 64 58.39 -36.94 74.46
CA ILE SA 64 57.20 -36.97 75.31
C ILE SA 64 56.40 -35.69 75.11
N ARG SA 65 55.07 -35.80 75.10
CA ARG SA 65 54.19 -34.64 75.00
C ARG SA 65 52.92 -34.86 75.80
N ILE SA 66 52.52 -33.82 76.54
CA ILE SA 66 51.35 -33.80 77.41
C ILE SA 66 50.43 -32.68 76.95
N ALA SA 67 49.16 -33.01 76.69
CA ALA SA 67 48.19 -32.06 76.17
C ALA SA 67 46.99 -32.01 77.11
N ASP SA 68 46.78 -30.83 77.71
CA ASP SA 68 45.75 -30.51 78.68
C ASP SA 68 44.76 -29.56 78.01
N PRO SA 69 43.74 -30.08 77.34
CA PRO SA 69 42.76 -29.20 76.71
C PRO SA 69 41.64 -28.83 77.67
N VAL SA 70 41.05 -27.65 77.44
CA VAL SA 70 39.91 -27.18 78.21
C VAL SA 70 38.79 -26.79 77.25
N LEU SA 71 37.61 -27.38 77.46
CA LEU SA 71 36.47 -27.13 76.60
C LEU SA 71 35.95 -25.71 76.79
N ALA SA 72 35.49 -25.10 75.70
CA ALA SA 72 34.96 -23.75 75.75
C ALA SA 72 33.51 -23.76 76.22
N SER SA 73 33.17 -22.78 77.05
CA SER SA 73 31.78 -22.51 77.42
C SER SA 73 31.38 -21.23 76.71
N VAL SA 74 30.51 -21.37 75.72
CA VAL SA 74 30.12 -20.25 74.86
C VAL SA 74 29.12 -19.38 75.62
N PRO SA 75 29.01 -18.09 75.29
CA PRO SA 75 27.94 -17.27 75.82
C PRO SA 75 26.68 -17.42 74.97
N ALA SA 76 25.59 -16.84 75.46
CA ALA SA 76 24.32 -16.96 74.76
C ALA SA 76 24.38 -16.34 73.36
N GLY SA 77 25.27 -15.37 73.17
CA GLY SA 77 25.19 -14.53 71.97
C GLY SA 77 25.52 -15.26 70.68
N CYS SA 78 26.57 -16.09 70.69
CA CYS SA 78 27.01 -16.69 69.44
C CYS SA 78 26.14 -17.86 69.00
N CYS SA 79 25.39 -18.46 69.92
CA CYS SA 79 24.34 -19.43 69.61
C CYS SA 79 24.86 -20.69 68.94
N VAL SA 80 26.11 -21.08 69.21
CA VAL SA 80 26.49 -22.45 68.89
C VAL SA 80 25.71 -23.37 69.82
N ASP SA 81 25.15 -24.44 69.25
CA ASP SA 81 24.30 -25.34 70.03
C ASP SA 81 25.06 -25.87 71.24
N THR SA 82 24.35 -25.92 72.37
CA THR SA 82 24.92 -26.48 73.59
C THR SA 82 25.54 -27.85 73.34
N ASN SA 83 25.04 -28.58 72.36
CA ASN SA 83 25.41 -29.98 72.22
C ASN SA 83 26.74 -30.18 71.50
N THR SA 84 27.16 -29.24 70.63
CA THR SA 84 28.41 -29.37 69.91
C THR SA 84 29.52 -28.62 70.64
N PRO SA 85 30.37 -29.31 71.41
CA PRO SA 85 31.43 -28.59 72.11
C PRO SA 85 32.62 -28.33 71.21
N GLN SA 86 33.37 -27.30 71.56
CA GLN SA 86 34.62 -26.98 70.89
C GLN SA 86 35.70 -26.77 71.94
N VAL SA 87 36.94 -27.08 71.57
CA VAL SA 87 38.06 -26.90 72.48
C VAL SA 87 38.48 -25.44 72.44
N ALA SA 88 38.54 -24.81 73.62
CA ALA SA 88 38.87 -23.40 73.69
C ALA SA 88 40.37 -23.18 73.52
N TYR SA 89 41.17 -23.95 74.24
CA TYR SA 89 42.62 -23.82 74.27
C TYR SA 89 43.15 -25.07 74.96
N SER SA 90 44.46 -25.28 74.85
CA SER SA 90 45.09 -26.43 75.50
C SER SA 90 46.54 -26.08 75.82
N THR SA 91 46.96 -26.43 77.04
CA THR SA 91 48.34 -26.28 77.43
C THR SA 91 49.14 -27.50 76.96
N PHE SA 92 50.40 -27.27 76.58
CA PHE SA 92 51.23 -28.33 75.99
C PHE SA 92 52.58 -28.39 76.69
N PHE SA 93 53.07 -29.61 76.92
CA PHE SA 93 54.44 -29.82 77.39
C PHE SA 93 55.12 -30.83 76.48
N GLU SA 94 56.25 -30.46 75.89
CA GLU SA 94 56.95 -31.35 74.97
C GLU SA 94 58.44 -31.38 75.30
N CYS SA 95 58.95 -32.57 75.62
CA CYS SA 95 60.36 -32.73 75.96
C CYS SA 95 60.97 -33.84 75.12
N THR SA 96 62.30 -33.77 74.99
CA THR SA 96 63.10 -34.76 74.26
C THR SA 96 64.40 -34.99 75.00
N PHE SA 97 64.65 -36.26 75.35
CA PHE SA 97 65.93 -36.70 75.87
C PHE SA 97 66.77 -37.25 74.71
N SER SA 98 68.01 -36.77 74.60
CA SER SA 98 68.99 -37.25 73.62
C SER SA 98 70.10 -37.97 74.37
N VAL SA 99 70.24 -39.27 74.11
CA VAL SA 99 71.22 -40.14 74.75
C VAL SA 99 72.18 -40.68 73.71
N PRO SA 100 73.44 -40.26 73.70
CA PRO SA 100 74.37 -40.71 72.66
C PRO SA 100 74.76 -42.17 72.87
N TYR SA 101 75.48 -42.69 71.88
CA TYR SA 101 75.81 -44.12 71.89
C TYR SA 101 76.58 -44.50 73.15
N GLY SA 102 77.61 -43.73 73.51
CA GLY SA 102 78.54 -44.10 74.54
C GLY SA 102 78.10 -43.81 75.95
N ALA SA 103 76.84 -43.40 76.13
CA ALA SA 103 76.40 -42.88 77.42
C ALA SA 103 76.40 -43.96 78.48
N THR SA 104 76.92 -43.62 79.65
CA THR SA 104 76.87 -44.54 80.76
C THR SA 104 75.44 -44.68 81.27
N LEU SA 105 75.14 -45.85 81.81
CA LEU SA 105 73.86 -46.02 82.47
C LEU SA 105 73.71 -45.02 83.62
N GLN SA 106 74.80 -44.78 84.33
CA GLN SA 106 74.78 -43.74 85.35
C GLN SA 106 74.48 -42.37 84.75
N ASN SA 107 74.97 -42.11 83.53
CA ASN SA 107 74.68 -40.84 82.84
C ASN SA 107 73.21 -40.70 82.51
N LYS SA 108 72.58 -41.79 82.06
CA LYS SA 108 71.14 -41.80 81.80
C LYS SA 108 70.36 -41.47 83.06
N LYS SA 109 70.68 -42.18 84.15
CA LYS SA 109 70.10 -41.86 85.46
C LYS SA 109 70.29 -40.39 85.80
N ASP SA 110 71.52 -39.89 85.62
CA ASP SA 110 71.85 -38.51 85.95
C ASP SA 110 70.92 -37.55 85.23
N ILE SA 111 70.81 -37.67 83.91
CA ILE SA 111 70.08 -36.64 83.17
C ILE SA 111 68.59 -36.73 83.45
N LEU SA 112 68.05 -37.94 83.62
CA LEU SA 112 66.65 -38.02 84.01
C LEU SA 112 66.41 -37.31 85.34
N ALA SA 113 67.32 -37.50 86.29
CA ALA SA 113 67.16 -36.86 87.60
C ALA SA 113 67.30 -35.34 87.49
N TYR SA 114 68.24 -34.87 86.67
CA TYR SA 114 68.40 -33.42 86.50
C TYR SA 114 67.14 -32.81 85.92
N ALA SA 115 66.53 -33.48 84.94
CA ALA SA 115 65.28 -32.99 84.36
C ALA SA 115 64.17 -32.93 85.40
N ARG SA 116 63.99 -34.03 86.15
CA ARG SA 116 62.90 -34.06 87.14
C ARG SA 116 63.11 -32.99 88.21
N ASN SA 117 64.32 -32.91 88.76
CA ASN SA 117 64.58 -31.91 89.80
C ASN SA 117 64.45 -30.49 89.26
N LEU SA 118 64.86 -30.27 88.01
CA LEU SA 118 64.77 -28.92 87.44
C LEU SA 118 63.32 -28.50 87.23
N LEU SA 119 62.46 -29.43 86.82
CA LEU SA 119 61.04 -29.11 86.82
C LEU SA 119 60.49 -28.93 88.23
N GLY SA 120 61.19 -29.49 89.22
CA GLY SA 120 60.85 -29.19 90.60
C GLY SA 120 61.28 -27.80 91.07
N THR SA 121 62.30 -27.23 90.43
CA THR SA 121 62.97 -26.04 90.98
C THR SA 121 62.04 -24.84 91.08
N GLN SA 122 62.36 -23.97 92.04
CA GLN SA 122 61.57 -22.76 92.26
C GLN SA 122 61.65 -21.83 91.07
N VAL SA 123 62.81 -21.76 90.41
CA VAL SA 123 62.95 -20.86 89.26
C VAL SA 123 62.02 -21.30 88.14
N VAL SA 124 61.94 -22.60 87.87
CA VAL SA 124 61.10 -23.08 86.78
C VAL SA 124 59.63 -22.96 87.13
N THR SA 125 59.25 -23.32 88.38
CA THR SA 125 57.86 -23.14 88.78
C THR SA 125 57.44 -21.68 88.63
N ASP SA 126 58.29 -20.77 89.12
CA ASP SA 126 58.07 -19.34 88.97
C ASP SA 126 57.88 -18.95 87.51
N ALA SA 127 58.81 -19.40 86.65
CA ALA SA 127 58.81 -18.97 85.25
C ALA SA 127 57.58 -19.46 84.50
N VAL SA 128 57.23 -20.74 84.68
CA VAL SA 128 56.12 -21.32 83.94
C VAL SA 128 54.78 -20.78 84.43
N VAL SA 129 54.64 -20.53 85.73
CA VAL SA 129 53.32 -20.13 86.22
C VAL SA 129 53.11 -18.62 86.10
N ASP SA 130 54.11 -17.80 86.45
CA ASP SA 130 53.94 -16.35 86.45
C ASP SA 130 54.57 -15.68 85.24
N MET SA 131 55.12 -16.44 84.30
CA MET SA 131 55.76 -15.89 83.10
C MET SA 131 56.85 -14.89 83.46
N THR SA 132 57.54 -15.16 84.56
CA THR SA 132 58.60 -14.30 85.03
C THR SA 132 59.94 -14.94 84.71
N PRO SA 133 60.80 -14.29 83.92
CA PRO SA 133 62.10 -14.92 83.58
C PRO SA 133 63.05 -14.98 84.76
N ALA SA 134 64.25 -15.50 84.51
CA ALA SA 134 65.33 -15.46 85.50
C ALA SA 134 66.27 -14.34 85.06
N TRP SA 135 65.98 -13.12 85.52
CA TRP SA 135 66.71 -11.92 85.09
C TRP SA 135 67.97 -11.69 85.91
N ALA TA 1 6.90 -63.25 61.25
CA ALA TA 1 6.91 -61.96 61.91
C ALA TA 1 6.37 -60.85 61.01
N GLN TA 2 5.06 -60.64 61.04
CA GLN TA 2 4.52 -59.40 60.50
C GLN TA 2 5.16 -58.22 61.24
N ILE TA 3 5.30 -57.10 60.54
CA ILE TA 3 5.91 -55.94 61.17
C ILE TA 3 4.99 -55.41 62.25
N ALA TA 4 5.57 -55.00 63.37
CA ALA TA 4 4.81 -54.47 64.49
C ALA TA 4 5.76 -53.65 65.35
N ASN TA 5 5.20 -53.03 66.39
CA ASN TA 5 5.94 -52.12 67.26
C ASN TA 5 7.21 -52.76 67.80
N LEU TA 6 8.17 -51.93 68.22
CA LEU TA 6 9.44 -52.41 68.75
C LEU TA 6 9.74 -51.67 70.05
N ILE TA 7 10.17 -52.37 71.09
CA ILE TA 7 10.38 -51.74 72.39
C ILE TA 7 11.81 -52.00 72.85
N LEU TA 8 12.61 -50.95 72.94
CA LEU TA 8 14.03 -51.03 73.29
C LEU TA 8 14.32 -50.16 74.50
N ALA TA 9 15.10 -50.68 75.43
CA ALA TA 9 15.37 -50.00 76.68
C ALA TA 9 16.71 -49.27 76.60
N ASP TA 10 16.70 -47.98 76.91
CA ASP TA 10 17.93 -47.22 76.94
C ASP TA 10 18.79 -47.60 78.15
N GLY TA 11 20.05 -47.15 78.12
CA GLY TA 11 20.94 -47.42 79.23
C GLY TA 11 20.96 -46.28 80.23
N GLN TA 12 20.36 -46.49 81.40
CA GLN TA 12 20.39 -45.50 82.45
C GLN TA 12 20.60 -46.24 83.76
N ALA TA 13 20.63 -45.46 84.86
CA ALA TA 13 20.56 -46.07 86.18
C ALA TA 13 19.39 -47.04 86.23
N THR TA 14 18.20 -46.53 85.91
CA THR TA 14 17.04 -47.38 85.67
C THR TA 14 16.67 -47.21 84.21
N PRO TA 15 16.80 -48.24 83.38
CA PRO TA 15 16.43 -48.11 81.98
C PRO TA 15 14.96 -47.74 81.81
N ALA TA 16 14.69 -46.86 80.86
CA ALA TA 16 13.33 -46.48 80.50
C ALA TA 16 13.03 -46.98 79.08
N ASN TA 17 11.91 -47.68 78.92
CA ASN TA 17 11.56 -48.27 77.64
C ASN TA 17 11.16 -47.21 76.63
N HIS TA 18 11.64 -47.36 75.39
CA HIS TA 18 11.31 -46.50 74.28
C HIS TA 18 10.67 -47.32 73.18
N THR TA 19 9.64 -46.76 72.56
CA THR TA 19 8.83 -47.49 71.60
C THR TA 19 9.10 -46.98 70.20
N PHE TA 20 8.98 -47.89 69.23
CA PHE TA 20 9.32 -47.66 67.82
C PHE TA 20 8.14 -48.10 66.98
N VAL TA 21 7.46 -47.12 66.39
CA VAL TA 21 6.35 -47.38 65.48
C VAL TA 21 6.90 -47.85 64.13
N PRO TA 22 6.32 -48.87 63.51
CA PRO TA 22 6.78 -49.27 62.17
C PRO TA 22 6.32 -48.29 61.11
N MET TA 23 7.19 -48.03 60.13
CA MET TA 23 6.89 -47.13 59.04
C MET TA 23 6.90 -47.80 57.67
N GLN TA 24 7.87 -48.66 57.40
CA GLN TA 24 7.91 -49.38 56.13
C GLN TA 24 8.39 -50.80 56.38
N PRO TA 25 7.73 -51.80 55.80
CA PRO TA 25 8.17 -53.19 55.93
C PRO TA 25 9.14 -53.59 54.82
N GLN TA 26 9.64 -54.82 54.97
CA GLN TA 26 10.64 -55.37 54.07
C GLN TA 26 9.97 -55.99 52.86
N THR TA 27 10.07 -55.31 51.71
CA THR TA 27 9.64 -55.87 50.43
C THR TA 27 10.71 -55.50 49.41
N GLY TA 28 11.31 -56.51 48.78
CA GLY TA 28 12.31 -56.26 47.77
C GLY TA 28 13.59 -55.71 48.39
N ILE TA 29 14.07 -54.59 47.83
CA ILE TA 29 15.29 -53.97 48.34
C ILE TA 29 15.02 -53.19 49.62
N THR TA 30 13.82 -52.63 49.77
CA THR TA 30 13.54 -51.76 50.90
C THR TA 30 13.48 -52.56 52.19
N PRO TA 31 14.16 -52.12 53.25
CA PRO TA 31 14.19 -52.87 54.52
C PRO TA 31 13.12 -52.42 55.51
N SER TA 32 12.74 -53.35 56.38
CA SER TA 32 11.81 -53.01 57.44
C SER TA 32 12.43 -51.97 58.36
N GLN TA 33 11.62 -51.02 58.84
CA GLN TA 33 12.19 -49.91 59.61
C GLN TA 33 11.15 -49.27 60.52
N TRP TA 34 11.61 -48.90 61.72
CA TRP TA 34 10.81 -48.33 62.79
C TRP TA 34 11.39 -46.98 63.21
N LEU TA 35 10.52 -46.11 63.75
CA LEU TA 35 10.86 -44.75 64.16
C LEU TA 35 10.46 -44.54 65.61
N ASN TA 36 11.27 -43.78 66.36
CA ASN TA 36 11.01 -43.60 67.79
C ASN TA 36 9.93 -42.55 68.04
N LYS TA 37 9.97 -41.43 67.32
CA LYS TA 37 8.94 -40.39 67.38
C LYS TA 37 8.88 -39.67 68.73
N GLU TA 38 10.04 -39.55 69.38
CA GLU TA 38 10.12 -38.88 70.68
C GLU TA 38 10.68 -37.47 70.63
N ALA TA 39 11.57 -37.17 69.68
CA ALA TA 39 12.25 -35.88 69.70
C ALA TA 39 11.31 -34.76 69.28
N ALA TA 40 11.78 -33.52 69.45
CA ALA TA 40 10.97 -32.35 69.18
C ALA TA 40 10.67 -32.17 67.69
N SER TA 41 11.69 -32.33 66.85
CA SER TA 41 11.54 -32.16 65.41
C SER TA 41 11.45 -33.51 64.72
N ASN TA 42 11.01 -33.49 63.46
CA ASN TA 42 10.87 -34.75 62.74
C ASN TA 42 12.21 -35.40 62.43
N ILE TA 43 13.32 -34.66 62.54
CA ILE TA 43 14.63 -35.22 62.22
C ILE TA 43 15.28 -35.91 63.41
N GLY TA 44 14.89 -35.57 64.63
CA GLY TA 44 15.45 -36.18 65.82
C GLY TA 44 14.95 -37.57 66.12
N TYR TA 45 13.94 -38.03 65.37
CA TYR TA 45 13.35 -39.34 65.60
C TYR TA 45 14.41 -40.42 65.46
N ARG TA 46 14.50 -41.31 66.44
CA ARG TA 46 15.48 -42.39 66.40
C ARG TA 46 14.94 -43.52 65.54
N LYS TA 47 15.81 -44.13 64.74
CA LYS TA 47 15.32 -45.11 63.78
C LYS TA 47 16.09 -46.41 63.85
N VAL TA 48 15.38 -47.48 63.54
CA VAL TA 48 15.93 -48.83 63.48
C VAL TA 48 15.53 -49.41 62.15
N SER TA 49 16.43 -50.19 61.54
CA SER TA 49 16.04 -50.85 60.30
C SER TA 49 16.77 -52.18 60.18
N MET TA 50 16.14 -53.11 59.45
CA MET TA 50 16.59 -54.49 59.36
C MET TA 50 16.20 -55.05 58.00
N PHE TA 51 17.07 -55.91 57.45
CA PHE TA 51 16.83 -56.59 56.18
C PHE TA 51 17.38 -58.01 56.23
N VAL TA 52 16.56 -58.97 55.80
CA VAL TA 52 16.89 -60.40 55.89
C VAL TA 52 16.95 -60.95 54.47
N LYS TA 53 18.13 -60.91 53.85
CA LYS TA 53 18.32 -61.43 52.50
C LYS TA 53 18.54 -62.94 52.59
N TYR TA 54 17.54 -63.71 52.15
CA TYR TA 54 17.62 -65.16 52.14
C TYR TA 54 18.15 -65.61 50.77
N VAL TA 55 19.33 -66.22 50.77
CA VAL TA 55 19.98 -66.71 49.56
C VAL TA 55 19.98 -68.23 49.61
N SER TA 56 19.14 -68.86 48.78
CA SER TA 56 18.88 -70.29 48.91
C SER TA 56 20.13 -71.11 48.64
N ASN TA 57 20.92 -70.76 47.63
CA ASN TA 57 22.23 -71.38 47.42
C ASN TA 57 23.28 -70.26 47.46
N GLY TA 58 23.70 -69.93 48.66
CA GLY TA 58 24.66 -68.86 48.84
C GLY TA 58 24.58 -68.32 50.26
N THR TA 59 25.17 -67.15 50.44
CA THR TA 59 25.45 -66.60 51.75
C THR TA 59 24.33 -65.63 52.13
N SER TA 60 23.37 -66.11 52.92
CA SER TA 60 22.29 -65.27 53.42
C SER TA 60 22.84 -64.23 54.39
N LYS TA 61 22.14 -63.10 54.51
CA LYS TA 61 22.64 -61.96 55.28
C LYS TA 61 21.51 -61.24 56.01
N VAL TA 62 21.71 -60.98 57.30
CA VAL TA 62 20.80 -60.17 58.11
C VAL TA 62 21.52 -58.89 58.49
N THR TA 63 20.99 -57.74 58.07
CA THR TA 63 21.62 -56.45 58.30
C THR TA 63 20.73 -55.59 59.18
N ILE TA 64 21.32 -55.00 60.22
CA ILE TA 64 20.60 -54.19 61.20
C ILE TA 64 21.37 -52.89 61.43
N ARG TA 65 20.63 -51.78 61.51
CA ARG TA 65 21.26 -50.49 61.83
C ARG TA 65 20.34 -49.67 62.73
N ILE TA 66 20.95 -49.03 63.73
CA ILE TA 66 20.28 -48.26 64.78
C ILE TA 66 20.89 -46.87 64.81
N ALA TA 67 20.04 -45.84 64.72
CA ALA TA 67 20.48 -44.46 64.66
C ALA TA 67 19.83 -43.65 65.77
N ASP TA 68 20.66 -43.09 66.65
CA ASP TA 68 20.23 -42.28 67.79
C ASP TA 68 20.77 -40.87 67.60
N PRO TA 69 19.98 -39.94 67.06
CA PRO TA 69 20.45 -38.57 66.86
C PRO TA 69 20.14 -37.68 68.06
N VAL TA 70 20.96 -36.63 68.21
CA VAL TA 70 20.76 -35.60 69.21
C VAL TA 70 20.69 -34.26 68.50
N LEU TA 71 19.57 -33.56 68.64
CA LEU TA 71 19.35 -32.32 67.92
C LEU TA 71 20.15 -31.19 68.53
N ALA TA 72 20.28 -30.09 67.79
CA ALA TA 72 21.07 -28.94 68.21
C ALA TA 72 20.16 -27.94 68.92
N SER TA 73 20.34 -27.80 70.24
CA SER TA 73 19.55 -26.88 71.05
C SER TA 73 20.31 -25.58 71.23
N VAL TA 74 19.67 -24.48 70.84
CA VAL TA 74 20.29 -23.15 70.89
C VAL TA 74 19.62 -22.35 72.01
N PRO TA 75 20.29 -21.36 72.58
CA PRO TA 75 19.67 -20.53 73.62
C PRO TA 75 18.33 -19.97 73.19
N ALA TA 76 17.41 -19.87 74.14
CA ALA TA 76 16.00 -19.58 73.82
C ALA TA 76 15.86 -18.21 73.18
N GLY TA 77 16.50 -17.19 73.74
CA GLY TA 77 16.41 -15.86 73.17
C GLY TA 77 16.98 -15.76 71.77
N CYS TA 78 17.87 -16.68 71.40
CA CYS TA 78 18.49 -16.61 70.09
C CYS TA 78 17.49 -16.95 69.00
N CYS TA 79 17.82 -16.57 67.76
CA CYS TA 79 16.91 -16.71 66.63
C CYS TA 79 17.52 -17.63 65.58
N VAL TA 80 17.09 -18.89 65.58
CA VAL TA 80 17.27 -19.78 64.44
C VAL TA 80 15.90 -20.35 64.15
N ASP TA 81 15.49 -20.29 62.87
CA ASP TA 81 14.14 -20.69 62.50
C ASP TA 81 13.86 -22.11 62.97
N THR TA 82 12.83 -22.26 63.80
CA THR TA 82 12.47 -23.58 64.31
C THR TA 82 12.01 -24.50 63.19
N ASN TA 83 11.59 -23.93 62.06
CA ASN TA 83 11.23 -24.77 60.92
C ASN TA 83 12.45 -25.43 60.28
N THR TA 84 13.66 -24.90 60.53
CA THR TA 84 14.88 -25.47 59.99
C THR TA 84 15.82 -25.86 61.13
N PRO TA 85 15.60 -27.04 61.78
CA PRO TA 85 16.55 -27.54 62.78
C PRO TA 85 17.58 -28.45 62.16
N GLN TA 86 18.68 -28.66 62.85
CA GLN TA 86 19.73 -29.54 62.39
C GLN TA 86 20.02 -30.57 63.47
N VAL TA 87 20.64 -31.65 63.05
CA VAL TA 87 21.15 -32.67 63.94
C VAL TA 87 22.60 -32.33 64.26
N ALA TA 88 22.91 -32.16 65.55
CA ALA TA 88 24.27 -31.88 65.97
C ALA TA 88 25.18 -33.07 65.70
N TYR TA 89 24.75 -34.26 66.10
CA TYR TA 89 25.51 -35.49 65.94
C TYR TA 89 24.57 -36.64 66.22
N SER TA 90 24.97 -37.84 65.78
CA SER TA 90 24.15 -39.03 65.97
C SER TA 90 25.02 -40.26 66.09
N THR TA 91 24.70 -41.09 67.07
CA THR TA 91 25.40 -42.36 67.24
C THR TA 91 24.77 -43.43 66.36
N PHE TA 92 25.59 -44.38 65.91
CA PHE TA 92 25.15 -45.40 64.97
C PHE TA 92 25.65 -46.78 65.38
N PHE TA 93 24.82 -47.80 65.14
CA PHE TA 93 25.22 -49.20 65.31
C PHE TA 93 24.82 -49.98 64.08
N GLU TA 94 25.77 -50.64 63.42
CA GLU TA 94 25.49 -51.40 62.21
C GLU TA 94 26.11 -52.79 62.30
N CYS TA 95 25.28 -53.84 62.19
CA CYS TA 95 25.76 -55.21 62.24
C CYS TA 95 25.19 -56.02 61.07
N THR TA 96 25.96 -57.03 60.66
CA THR TA 96 25.58 -57.93 59.57
C THR TA 96 25.95 -59.35 59.97
N PHE TA 97 24.94 -60.21 60.04
CA PHE TA 97 25.11 -61.65 60.14
C PHE TA 97 25.23 -62.23 58.74
N SER TA 98 26.20 -63.12 58.53
CA SER TA 98 26.41 -63.81 57.27
C SER TA 98 26.37 -65.31 57.53
N VAL TA 99 25.32 -65.97 57.05
CA VAL TA 99 25.03 -67.37 57.30
C VAL TA 99 25.12 -68.12 55.99
N PRO TA 100 25.98 -69.13 55.87
CA PRO TA 100 26.07 -69.88 54.62
C PRO TA 100 24.81 -70.65 54.32
N TYR TA 101 24.64 -70.98 53.05
CA TYR TA 101 23.70 -72.03 52.68
C TYR TA 101 24.08 -73.31 53.41
N GLY TA 102 23.08 -74.15 53.66
CA GLY TA 102 23.37 -75.42 54.31
C GLY TA 102 23.86 -75.33 55.73
N ALA TA 103 23.67 -74.19 56.40
CA ALA TA 103 24.04 -74.08 57.80
C ALA TA 103 22.91 -74.61 58.67
N THR TA 104 23.27 -75.43 59.66
CA THR TA 104 22.28 -76.01 60.56
C THR TA 104 21.59 -74.92 61.36
N LEU TA 105 20.32 -75.16 61.67
CA LEU TA 105 19.62 -74.32 62.62
C LEU TA 105 20.44 -74.18 63.91
N GLN TA 106 21.20 -75.21 64.28
CA GLN TA 106 22.07 -75.11 65.43
C GLN TA 106 23.22 -74.13 65.18
N ASN TA 107 23.78 -74.10 63.96
CA ASN TA 107 24.82 -73.14 63.66
C ASN TA 107 24.29 -71.71 63.74
N LYS TA 108 23.04 -71.50 63.31
CA LYS TA 108 22.44 -70.17 63.37
C LYS TA 108 22.23 -69.74 64.81
N LYS TA 109 21.63 -70.62 65.62
CA LYS TA 109 21.53 -70.37 67.06
C LYS TA 109 22.89 -70.03 67.65
N ASP TA 110 23.91 -70.82 67.29
CA ASP TA 110 25.25 -70.61 67.82
C ASP TA 110 25.74 -69.21 67.57
N ILE TA 111 25.73 -68.76 66.31
CA ILE TA 111 26.34 -67.47 66.02
C ILE TA 111 25.51 -66.33 66.61
N LEU TA 112 24.19 -66.45 66.59
CA LEU TA 112 23.38 -65.43 67.26
C LEU TA 112 23.79 -65.29 68.73
N ALA TA 113 23.96 -66.43 69.41
CA ALA TA 113 24.32 -66.39 70.82
C ALA TA 113 25.73 -65.85 71.03
N TYR TA 114 26.68 -66.20 70.16
CA TYR TA 114 28.02 -65.66 70.30
C TYR TA 114 28.01 -64.15 70.19
N ALA TA 115 27.27 -63.63 69.20
CA ALA TA 115 27.18 -62.18 69.03
C ALA TA 115 26.58 -61.51 70.25
N ARG TA 116 25.45 -62.04 70.74
CA ARG TA 116 24.78 -61.39 71.85
C ARG TA 116 25.63 -61.43 73.11
N ASN TA 117 26.25 -62.60 73.40
CA ASN TA 117 27.11 -62.72 74.57
C ASN TA 117 28.32 -61.81 74.47
N LEU TA 118 28.89 -61.67 73.27
CA LEU TA 118 30.06 -60.81 73.11
C LEU TA 118 29.70 -59.35 73.36
N LEU TA 119 28.60 -58.88 72.77
CA LEU TA 119 28.18 -57.52 73.04
C LEU TA 119 27.81 -57.32 74.51
N GLY TA 120 27.40 -58.39 75.19
CA GLY TA 120 27.22 -58.30 76.61
C GLY TA 120 28.48 -58.42 77.45
N THR TA 121 29.66 -58.60 76.84
CA THR TA 121 30.87 -58.80 77.64
C THR TA 121 31.38 -57.49 78.22
N GLN TA 122 32.10 -57.62 79.34
CA GLN TA 122 32.62 -56.44 80.01
C GLN TA 122 33.64 -55.71 79.14
N VAL TA 123 34.43 -56.44 78.37
CA VAL TA 123 35.41 -55.77 77.52
C VAL TA 123 34.72 -54.96 76.44
N VAL TA 124 33.61 -55.47 75.90
CA VAL TA 124 32.90 -54.76 74.83
C VAL TA 124 32.17 -53.53 75.40
N THR TA 125 31.48 -53.69 76.53
CA THR TA 125 30.82 -52.54 77.13
C THR TA 125 31.85 -51.49 77.53
N ASP TA 126 32.98 -51.92 78.08
CA ASP TA 126 34.08 -51.04 78.40
C ASP TA 126 34.54 -50.26 77.17
N ALA TA 127 34.78 -50.97 76.07
CA ALA TA 127 35.31 -50.32 74.86
C ALA TA 127 34.34 -49.29 74.31
N VAL TA 128 33.06 -49.65 74.19
CA VAL TA 128 32.10 -48.75 73.56
C VAL TA 128 31.81 -47.54 74.45
N VAL TA 129 31.74 -47.72 75.76
CA VAL TA 129 31.36 -46.61 76.63
C VAL TA 129 32.56 -45.75 76.99
N ASP TA 130 33.62 -46.34 77.53
CA ASP TA 130 34.77 -45.57 77.99
C ASP TA 130 35.81 -45.33 76.91
N MET TA 131 35.64 -45.91 75.71
CA MET TA 131 36.65 -45.86 74.65
C MET TA 131 37.92 -46.59 75.07
N THR TA 132 37.76 -47.73 75.73
CA THR TA 132 38.90 -48.43 76.29
C THR TA 132 39.17 -49.70 75.50
N PRO TA 133 40.36 -49.86 74.94
CA PRO TA 133 40.66 -51.03 74.11
C PRO TA 133 41.14 -52.23 74.90
N ALA TA 134 41.44 -53.32 74.20
CA ALA TA 134 42.05 -54.50 74.82
C ALA TA 134 43.55 -54.47 74.51
N TRP TA 135 44.35 -54.01 75.48
CA TRP TA 135 45.79 -53.79 75.26
C TRP TA 135 46.67 -54.93 75.73
N ALA UA 1 -7.25 -61.89 50.39
CA ALA UA 1 -6.28 -62.79 51.00
C ALA UA 1 -5.08 -62.04 51.51
N GLN UA 2 -5.09 -61.63 52.78
CA GLN UA 2 -3.84 -61.20 53.38
C GLN UA 2 -2.88 -62.39 53.39
N ILE UA 3 -1.60 -62.12 53.17
CA ILE UA 3 -0.65 -63.21 53.12
C ILE UA 3 -0.65 -63.93 54.45
N ALA UA 4 -0.65 -65.26 54.38
CA ALA UA 4 -0.66 -66.06 55.59
C ALA UA 4 -0.07 -67.42 55.24
N ASN UA 5 0.11 -68.24 56.28
CA ASN UA 5 0.70 -69.55 56.11
C ASN UA 5 0.00 -70.33 55.00
N LEU UA 6 0.73 -71.24 54.39
CA LEU UA 6 0.21 -72.02 53.26
C LEU UA 6 0.50 -73.48 53.49
N ILE UA 7 -0.51 -74.35 53.36
CA ILE UA 7 -0.35 -75.75 53.71
C ILE UA 7 -0.60 -76.62 52.48
N LEU UA 8 0.44 -77.34 52.05
CA LEU UA 8 0.38 -78.17 50.85
C LEU UA 8 0.76 -79.60 51.19
N ALA UA 9 0.00 -80.57 50.68
CA ALA UA 9 0.21 -81.96 51.01
C ALA UA 9 1.08 -82.64 49.96
N ASP UA 10 2.14 -83.30 50.40
CA ASP UA 10 3.00 -84.06 49.50
C ASP UA 10 2.31 -85.34 49.01
N GLY UA 11 2.87 -85.91 47.95
CA GLY UA 11 2.34 -87.14 47.39
C GLY UA 11 2.99 -88.36 47.99
N GLN UA 12 2.27 -89.04 48.85
CA GLN UA 12 2.70 -90.29 49.44
C GLN UA 12 1.49 -91.20 49.52
N ALA UA 13 1.72 -92.41 50.02
CA ALA UA 13 0.60 -93.27 50.37
C ALA UA 13 -0.36 -92.53 51.29
N THR UA 14 0.15 -92.04 52.40
CA THR UA 14 -0.59 -91.15 53.26
C THR UA 14 0.09 -89.80 53.11
N PRO UA 15 -0.52 -88.86 52.38
CA PRO UA 15 0.09 -87.55 52.21
C PRO UA 15 0.30 -86.86 53.56
N ALA UA 16 1.37 -86.09 53.64
CA ALA UA 16 1.75 -85.36 54.84
C ALA UA 16 1.69 -83.86 54.58
N ASN UA 17 0.91 -83.14 55.37
CA ASN UA 17 0.83 -81.69 55.21
C ASN UA 17 2.17 -81.04 55.50
N HIS UA 18 2.59 -80.13 54.62
CA HIS UA 18 3.80 -79.35 54.80
C HIS UA 18 3.43 -77.88 54.81
N THR UA 19 3.96 -77.15 55.78
CA THR UA 19 3.59 -75.77 56.01
C THR UA 19 4.60 -74.83 55.35
N PHE UA 20 4.12 -73.64 54.99
CA PHE UA 20 4.89 -72.62 54.26
C PHE UA 20 4.69 -71.30 54.99
N VAL UA 21 5.73 -70.85 55.69
CA VAL UA 21 5.71 -69.55 56.34
C VAL UA 21 5.80 -68.47 55.27
N PRO UA 22 5.07 -67.36 55.38
CA PRO UA 22 5.25 -66.25 54.45
C PRO UA 22 6.55 -65.51 54.70
N MET UA 23 7.13 -65.01 53.61
CA MET UA 23 8.38 -64.25 53.65
C MET UA 23 8.17 -62.77 53.34
N GLN UA 24 7.41 -62.46 52.30
CA GLN UA 24 7.04 -61.08 52.02
C GLN UA 24 5.75 -61.08 51.23
N PRO UA 25 4.92 -60.06 51.40
CA PRO UA 25 3.66 -60.00 50.66
C PRO UA 25 3.95 -59.63 49.22
N GLN UA 26 2.87 -59.51 48.45
CA GLN UA 26 2.98 -59.12 47.05
C GLN UA 26 2.97 -57.60 46.93
N THR UA 27 3.91 -57.08 46.17
CA THR UA 27 4.09 -55.65 45.92
C THR UA 27 3.92 -55.42 44.42
N GLY UA 28 4.02 -54.16 44.00
CA GLY UA 28 3.94 -53.86 42.58
C GLY UA 28 5.05 -54.47 41.74
N ILE UA 29 6.21 -54.70 42.33
CA ILE UA 29 7.34 -55.27 41.60
C ILE UA 29 7.79 -56.62 42.14
N THR UA 30 7.53 -56.92 43.42
CA THR UA 30 7.95 -58.18 44.00
C THR UA 30 6.75 -59.11 44.22
N PRO UA 31 6.88 -60.40 43.93
CA PRO UA 31 5.78 -61.33 44.13
C PRO UA 31 5.73 -61.91 45.54
N SER UA 32 4.51 -62.16 46.01
CA SER UA 32 4.34 -62.76 47.32
C SER UA 32 4.96 -64.15 47.34
N GLN UA 33 5.65 -64.50 48.43
CA GLN UA 33 6.37 -65.77 48.43
C GLN UA 33 6.48 -66.35 49.84
N TRP UA 34 6.44 -67.68 49.91
CA TRP UA 34 6.48 -68.49 51.12
C TRP UA 34 7.71 -69.40 51.10
N LEU UA 35 7.95 -70.09 52.22
CA LEU UA 35 9.12 -70.93 52.43
C LEU UA 35 8.75 -72.14 53.28
N ASN UA 36 9.31 -73.31 52.94
CA ASN UA 36 8.97 -74.55 53.66
C ASN UA 36 9.63 -74.59 55.02
N LYS UA 37 10.95 -74.36 55.09
CA LYS UA 37 11.68 -74.28 56.35
C LYS UA 37 11.68 -75.59 57.12
N GLU UA 38 11.75 -76.70 56.38
CA GLU UA 38 11.78 -78.01 57.00
C GLU UA 38 13.19 -78.60 57.06
N ALA UA 39 13.87 -78.73 55.92
CA ALA UA 39 15.20 -79.31 55.94
C ALA UA 39 16.17 -78.41 56.71
N ALA UA 40 17.22 -79.02 57.26
CA ALA UA 40 18.12 -78.25 58.12
C ALA UA 40 18.91 -77.23 57.32
N SER UA 41 19.24 -77.55 56.07
CA SER UA 41 20.05 -76.69 55.24
C SER UA 41 19.22 -75.59 54.59
N ASN UA 42 19.82 -74.41 54.47
CA ASN UA 42 19.17 -73.32 53.75
C ASN UA 42 18.72 -73.74 52.35
N ILE UA 43 19.43 -74.68 51.73
CA ILE UA 43 19.11 -75.09 50.38
C ILE UA 43 17.81 -75.89 50.34
N GLY UA 44 17.64 -76.80 51.29
CA GLY UA 44 16.51 -77.73 51.33
C GLY UA 44 15.15 -77.08 51.58
N TYR UA 45 15.11 -75.80 51.94
CA TYR UA 45 13.83 -75.13 52.07
C TYR UA 45 13.13 -75.10 50.72
N ARG UA 46 11.82 -75.36 50.73
CA ARG UA 46 11.02 -75.35 49.51
C ARG UA 46 10.27 -74.04 49.42
N LYS UA 47 10.27 -73.42 48.25
CA LYS UA 47 9.67 -72.09 48.12
C LYS UA 47 8.49 -72.12 47.16
N VAL UA 48 7.57 -71.19 47.37
CA VAL UA 48 6.37 -71.06 46.56
C VAL UA 48 6.13 -69.57 46.37
N SER UA 49 6.15 -69.09 45.13
CA SER UA 49 5.95 -67.68 44.89
C SER UA 49 4.82 -67.48 43.86
N MET UA 50 4.17 -66.32 43.96
CA MET UA 50 2.96 -66.03 43.20
C MET UA 50 2.87 -64.53 42.97
N PHE UA 51 2.37 -64.15 41.79
CA PHE UA 51 2.19 -62.74 41.45
C PHE UA 51 0.97 -62.54 40.57
N VAL UA 52 0.13 -61.56 40.92
CA VAL UA 52 -1.15 -61.29 40.28
C VAL UA 52 -1.06 -59.91 39.63
N LYS UA 53 -0.72 -59.86 38.34
CA LYS UA 53 -0.62 -58.60 37.61
C LYS UA 53 -1.98 -58.26 37.02
N TYR UA 54 -2.62 -57.24 37.57
CA TYR UA 54 -3.92 -56.76 37.09
C TYR UA 54 -3.70 -55.72 36.00
N VAL UA 55 -4.25 -55.99 34.82
CA VAL UA 55 -4.18 -55.07 33.69
C VAL UA 55 -5.60 -54.65 33.36
N SER UA 56 -5.96 -53.42 33.73
CA SER UA 56 -7.36 -53.00 33.68
C SER UA 56 -7.90 -52.95 32.24
N ASN UA 57 -7.03 -52.72 31.26
CA ASN UA 57 -7.40 -52.84 29.84
C ASN UA 57 -6.32 -53.66 29.14
N GLY UA 58 -6.46 -54.98 29.23
CA GLY UA 58 -5.48 -55.87 28.63
C GLY UA 58 -5.50 -57.22 29.32
N THR UA 59 -4.44 -57.98 29.08
CA THR UA 59 -4.35 -59.36 29.54
C THR UA 59 -3.72 -59.39 30.94
N SER UA 60 -4.56 -59.55 31.96
CA SER UA 60 -4.06 -59.77 33.32
C SER UA 60 -3.39 -61.15 33.39
N LYS UA 61 -2.48 -61.31 34.36
CA LYS UA 61 -1.68 -62.53 34.44
C LYS UA 61 -1.40 -62.94 35.87
N VAL UA 62 -1.77 -64.19 36.21
CA VAL UA 62 -1.42 -64.80 37.49
C VAL UA 62 -0.29 -65.78 37.25
N THR UA 63 0.82 -65.64 37.99
CA THR UA 63 2.01 -66.44 37.79
C THR UA 63 2.37 -67.15 39.09
N ILE UA 64 2.67 -68.44 39.00
CA ILE UA 64 2.94 -69.27 40.17
C ILE UA 64 4.16 -70.15 39.88
N ARG UA 65 5.07 -70.25 40.87
CA ARG UA 65 6.18 -71.18 40.73
C ARG UA 65 6.52 -71.82 42.06
N ILE UA 66 6.74 -73.13 42.01
CA ILE UA 66 6.95 -74.00 43.16
C ILE UA 66 8.30 -74.69 42.98
N ALA UA 67 9.14 -74.65 44.02
CA ALA UA 67 10.48 -75.23 43.96
C ALA UA 67 10.69 -76.16 45.14
N ASP UA 68 11.00 -77.42 44.85
CA ASP UA 68 11.26 -78.47 45.84
C ASP UA 68 12.68 -78.98 45.66
N PRO UA 69 13.63 -78.55 46.48
CA PRO UA 69 15.00 -79.08 46.38
C PRO UA 69 15.05 -80.53 46.86
N VAL UA 70 15.50 -81.43 45.98
CA VAL UA 70 15.68 -82.82 46.36
C VAL UA 70 17.17 -83.11 46.45
N LEU UA 71 17.76 -82.83 47.61
CA LEU UA 71 19.18 -83.10 47.79
C LEU UA 71 19.45 -84.53 48.20
N ALA UA 72 18.44 -85.20 48.76
CA ALA UA 72 18.57 -86.62 49.06
C ALA UA 72 18.88 -87.40 47.79
N SER UA 73 18.28 -86.99 46.68
CA SER UA 73 18.45 -87.70 45.41
C SER UA 73 19.83 -87.48 44.79
N VAL UA 74 20.60 -86.51 45.28
CA VAL UA 74 21.93 -86.20 44.73
C VAL UA 74 22.90 -87.31 45.12
N PRO UA 75 23.70 -87.84 44.18
CA PRO UA 75 24.71 -88.84 44.55
C PRO UA 75 25.70 -88.27 45.56
N ALA UA 76 26.26 -89.18 46.38
CA ALA UA 76 27.20 -88.74 47.40
C ALA UA 76 28.47 -88.17 46.78
N GLY UA 77 28.86 -88.67 45.60
CA GLY UA 77 30.08 -88.21 44.97
C GLY UA 77 30.00 -86.80 44.42
N CYS UA 78 28.80 -86.36 44.04
CA CYS UA 78 28.63 -85.02 43.47
C CYS UA 78 28.53 -84.00 44.58
N CYS UA 79 29.32 -82.93 44.47
CA CYS UA 79 29.28 -81.81 45.39
C CYS UA 79 28.29 -80.75 44.88
N VAL UA 80 27.52 -80.17 45.80
CA VAL UA 80 26.57 -79.12 45.49
C VAL UA 80 27.07 -77.83 46.14
N ASP UA 81 27.29 -76.81 45.31
CA ASP UA 81 27.78 -75.51 45.76
C ASP UA 81 27.03 -74.43 44.98
N THR UA 82 27.36 -73.16 45.26
CA THR UA 82 26.64 -72.04 44.66
C THR UA 82 26.62 -72.14 43.14
N ASN UA 83 27.69 -72.69 42.56
CA ASN UA 83 27.81 -72.79 41.11
C ASN UA 83 26.99 -73.94 40.52
N THR UA 84 26.48 -74.86 41.33
CA THR UA 84 25.64 -75.92 40.80
C THR UA 84 24.35 -75.33 40.27
N PRO UA 85 23.98 -75.62 39.02
CA PRO UA 85 22.73 -75.07 38.48
C PRO UA 85 21.52 -75.59 39.23
N GLN UA 86 20.58 -74.69 39.50
CA GLN UA 86 19.42 -75.06 40.32
C GLN UA 86 18.65 -76.21 39.70
N VAL UA 87 18.41 -76.15 38.39
CA VAL UA 87 17.47 -77.05 37.72
C VAL UA 87 18.01 -78.48 37.71
N ALA UA 88 19.20 -78.67 38.26
CA ALA UA 88 19.78 -80.00 38.34
C ALA UA 88 19.58 -80.67 39.69
N TYR UA 89 19.27 -79.92 40.76
CA TYR UA 89 19.13 -80.54 42.08
C TYR UA 89 17.80 -80.21 42.74
N SER UA 90 16.77 -79.86 41.97
CA SER UA 90 15.47 -79.56 42.54
C SER UA 90 14.40 -79.63 41.45
N THR UA 91 13.18 -80.00 41.86
CA THR UA 91 12.04 -80.04 40.96
C THR UA 91 11.32 -78.70 40.97
N PHE UA 92 10.72 -78.36 39.82
CA PHE UA 92 10.11 -77.05 39.62
C PHE UA 92 8.76 -77.17 38.91
N PHE UA 93 7.81 -76.32 39.32
CA PHE UA 93 6.52 -76.22 38.63
C PHE UA 93 6.19 -74.75 38.41
N GLU UA 94 5.96 -74.36 37.16
CA GLU UA 94 5.67 -72.96 36.83
C GLU UA 94 4.43 -72.87 35.95
N CYS UA 95 3.42 -72.13 36.39
CA CYS UA 95 2.21 -71.93 35.61
C CYS UA 95 1.86 -70.44 35.52
N THR UA 96 1.14 -70.10 34.46
CA THR UA 96 0.66 -68.73 34.20
C THR UA 96 -0.75 -68.79 33.63
N PHE UA 97 -1.69 -68.16 34.33
CA PHE UA 97 -3.03 -67.90 33.84
C PHE UA 97 -3.04 -66.54 33.17
N SER UA 98 -3.53 -66.51 31.93
CA SER UA 98 -3.71 -65.27 31.17
C SER UA 98 -5.21 -65.02 31.01
N VAL UA 99 -5.67 -63.91 31.58
CA VAL UA 99 -7.09 -63.56 31.62
C VAL UA 99 -7.30 -62.22 30.94
N PRO UA 100 -7.91 -62.17 29.76
CA PRO UA 100 -8.12 -60.88 29.11
C PRO UA 100 -9.16 -60.04 29.85
N TYR UA 101 -9.02 -58.72 29.74
CA TYR UA 101 -10.06 -57.83 30.24
C TYR UA 101 -11.38 -58.20 29.58
N GLY UA 102 -12.49 -58.00 30.29
CA GLY UA 102 -13.75 -58.34 29.70
C GLY UA 102 -14.08 -59.81 29.78
N ALA UA 103 -13.38 -60.57 30.62
CA ALA UA 103 -13.69 -61.98 30.78
C ALA UA 103 -14.76 -62.11 31.83
N THR UA 104 -15.80 -62.86 31.51
CA THR UA 104 -16.85 -63.03 32.48
C THR UA 104 -16.31 -63.77 33.70
N LEU UA 105 -16.92 -63.49 34.85
CA LEU UA 105 -16.60 -64.24 36.05
C LEU UA 105 -16.66 -65.74 35.76
N GLN UA 106 -17.59 -66.13 34.90
CA GLN UA 106 -17.72 -67.53 34.54
C GLN UA 106 -16.55 -67.99 33.68
N ASN UA 107 -15.98 -67.12 32.84
CA ASN UA 107 -14.78 -67.50 32.09
C ASN UA 107 -13.60 -67.72 33.01
N LYS UA 108 -13.46 -66.88 34.03
CA LYS UA 108 -12.37 -67.05 35.00
C LYS UA 108 -12.51 -68.35 35.79
N LYS UA 109 -13.71 -68.58 36.34
CA LYS UA 109 -13.99 -69.86 37.00
C LYS UA 109 -13.74 -71.03 36.06
N ASP UA 110 -14.17 -70.88 34.81
CA ASP UA 110 -14.02 -71.95 33.83
C ASP UA 110 -12.57 -72.34 33.70
N ILE UA 111 -11.70 -71.37 33.42
CA ILE UA 111 -10.32 -71.77 33.12
C ILE UA 111 -9.63 -72.28 34.37
N LEU UA 112 -9.95 -71.73 35.54
CA LEU UA 112 -9.40 -72.31 36.76
C LEU UA 112 -9.78 -73.78 36.87
N ALA UA 113 -11.05 -74.09 36.64
CA ALA UA 113 -11.50 -75.47 36.76
C ALA UA 113 -10.88 -76.37 35.71
N TYR UA 114 -10.75 -75.87 34.47
CA TYR UA 114 -10.13 -76.70 33.42
C TYR UA 114 -8.70 -77.04 33.79
N ALA UA 115 -7.94 -76.06 34.27
CA ALA UA 115 -6.57 -76.31 34.68
C ALA UA 115 -6.51 -77.34 35.81
N ARG UA 116 -7.33 -77.16 36.84
CA ARG UA 116 -7.24 -78.05 37.99
C ARG UA 116 -7.67 -79.48 37.62
N ASN UA 117 -8.76 -79.62 36.87
CA ASN UA 117 -9.20 -80.94 36.44
C ASN UA 117 -8.17 -81.60 35.52
N LEU UA 118 -7.54 -80.82 34.64
CA LEU UA 118 -6.55 -81.40 33.74
C LEU UA 118 -5.34 -81.91 34.50
N LEU UA 119 -4.84 -81.12 35.45
CA LEU UA 119 -3.74 -81.61 36.27
C LEU UA 119 -4.15 -82.78 37.16
N GLY UA 120 -5.45 -82.88 37.48
CA GLY UA 120 -5.92 -84.08 38.17
C GLY UA 120 -6.05 -85.30 37.28
N THR UA 121 -6.11 -85.12 35.95
CA THR UA 121 -6.36 -86.24 35.06
C THR UA 121 -5.28 -87.30 35.17
N GLN UA 122 -5.68 -88.54 34.87
CA GLN UA 122 -4.73 -89.65 34.91
C GLN UA 122 -3.64 -89.47 33.88
N VAL UA 123 -3.96 -88.91 32.71
CA VAL UA 123 -2.93 -88.77 31.69
C VAL UA 123 -1.82 -87.85 32.18
N VAL UA 124 -2.20 -86.77 32.86
CA VAL UA 124 -1.20 -85.85 33.41
C VAL UA 124 -0.42 -86.51 34.54
N THR UA 125 -1.12 -87.17 35.47
CA THR UA 125 -0.43 -87.87 36.55
C THR UA 125 0.58 -88.87 36.00
N ASP UA 126 0.16 -89.65 35.00
CA ASP UA 126 1.00 -90.64 34.36
C ASP UA 126 2.20 -90.00 33.67
N ALA UA 127 1.98 -88.88 32.99
CA ALA UA 127 3.05 -88.23 32.24
C ALA UA 127 4.10 -87.59 33.15
N VAL UA 128 3.67 -87.04 34.28
CA VAL UA 128 4.63 -86.36 35.16
C VAL UA 128 5.39 -87.37 36.01
N VAL UA 129 4.71 -88.40 36.52
CA VAL UA 129 5.40 -89.36 37.38
C VAL UA 129 6.14 -90.40 36.55
N ASP UA 130 5.42 -91.12 35.68
CA ASP UA 130 6.04 -92.21 34.93
C ASP UA 130 6.66 -91.76 33.62
N MET UA 131 6.66 -90.45 33.35
CA MET UA 131 7.28 -89.88 32.16
C MET UA 131 6.64 -90.37 30.87
N THR UA 132 5.43 -90.91 30.95
CA THR UA 132 4.82 -91.57 29.80
C THR UA 132 3.87 -90.60 29.11
N PRO UA 133 4.12 -90.23 27.85
CA PRO UA 133 3.29 -89.23 27.17
C PRO UA 133 2.08 -89.82 26.46
N ALA UA 134 1.35 -88.97 25.73
CA ALA UA 134 0.19 -89.39 24.95
C ALA UA 134 0.59 -89.53 23.49
N TRP UA 135 0.74 -90.76 23.01
CA TRP UA 135 1.26 -91.02 21.67
C TRP UA 135 0.21 -91.51 20.68
N ALA VA 1 -0.11 -48.47 59.09
CA ALA VA 1 -1.27 -48.94 58.34
C ALA VA 1 -0.86 -49.98 57.30
N GLN VA 2 -0.96 -51.27 57.62
CA GLN VA 2 -0.86 -52.26 56.54
C GLN VA 2 -2.11 -52.19 55.68
N ILE VA 3 -1.93 -52.46 54.40
CA ILE VA 3 -3.03 -52.33 53.47
C ILE VA 3 -4.09 -53.38 53.81
N ALA VA 4 -5.34 -52.98 53.73
CA ALA VA 4 -6.46 -53.87 54.01
C ALA VA 4 -7.67 -53.35 53.26
N ASN VA 5 -8.75 -54.13 53.33
CA ASN VA 5 -9.97 -53.82 52.59
C ASN VA 5 -10.42 -52.39 52.88
N LEU VA 6 -11.16 -51.81 51.94
CA LEU VA 6 -11.64 -50.44 52.10
C LEU VA 6 -13.12 -50.37 51.75
N ILE VA 7 -13.94 -49.84 52.65
CA ILE VA 7 -15.39 -49.82 52.49
C ILE VA 7 -15.87 -48.38 52.37
N LEU VA 8 -16.58 -48.08 51.28
CA LEU VA 8 -17.03 -46.73 50.95
C LEU VA 8 -18.51 -46.76 50.58
N ALA VA 9 -19.28 -45.81 51.11
CA ALA VA 9 -20.73 -45.78 50.91
C ALA VA 9 -21.08 -44.93 49.69
N ASP VA 10 -21.84 -45.53 48.77
CA ASP VA 10 -22.29 -44.79 47.59
C ASP VA 10 -23.37 -43.78 47.96
N GLY VA 11 -23.60 -42.84 47.05
CA GLY VA 11 -24.62 -41.83 47.23
C GLY VA 11 -25.95 -42.28 46.68
N GLN VA 12 -26.89 -42.56 47.56
CA GLN VA 12 -28.23 -42.98 47.19
C GLN VA 12 -29.18 -42.45 48.25
N ALA VA 13 -30.47 -42.68 48.01
CA ALA VA 13 -31.46 -42.43 49.05
C ALA VA 13 -31.05 -43.17 50.33
N THR VA 14 -30.78 -44.46 50.21
CA THR VA 14 -30.14 -45.21 51.27
C THR VA 14 -28.78 -45.64 50.75
N PRO VA 15 -27.69 -45.15 51.34
CA PRO VA 15 -26.37 -45.55 50.84
C PRO VA 15 -26.11 -47.03 51.08
N ALA VA 16 -25.38 -47.63 50.16
CA ALA VA 16 -25.02 -49.04 50.23
C ALA VA 16 -23.50 -49.18 50.24
N ASN VA 17 -22.98 -49.90 51.24
CA ASN VA 17 -21.54 -50.05 51.36
C ASN VA 17 -20.97 -50.83 50.17
N HIS VA 18 -19.89 -50.31 49.61
CA HIS VA 18 -19.15 -50.96 48.53
C HIS VA 18 -17.75 -51.29 49.00
N THR VA 19 -17.29 -52.50 48.71
CA THR VA 19 -16.00 -52.95 49.21
C THR VA 19 -14.93 -52.83 48.13
N PHE VA 20 -13.69 -52.62 48.57
CA PHE VA 20 -12.53 -52.36 47.72
C PHE VA 20 -11.41 -53.28 48.18
N VAL VA 21 -11.19 -54.34 47.41
CA VAL VA 21 -10.08 -55.26 47.69
C VAL VA 21 -8.78 -54.59 47.29
N PRO VA 22 -7.74 -54.65 48.11
CA PRO VA 22 -6.46 -54.06 47.71
C PRO VA 22 -5.82 -54.82 46.56
N MET VA 23 -5.15 -54.07 45.67
CA MET VA 23 -4.32 -54.63 44.60
C MET VA 23 -2.84 -54.38 44.79
N GLN VA 24 -2.47 -53.27 45.40
CA GLN VA 24 -1.10 -52.82 45.33
C GLN VA 24 -0.78 -52.00 46.56
N PRO VA 25 0.20 -52.40 47.36
CA PRO VA 25 0.64 -51.53 48.45
C PRO VA 25 1.62 -50.47 47.95
N GLN VA 26 1.65 -49.36 48.68
CA GLN VA 26 2.54 -48.25 48.35
C GLN VA 26 3.98 -48.61 48.67
N THR VA 27 4.84 -48.52 47.66
CA THR VA 27 6.26 -48.82 47.79
C THR VA 27 7.00 -48.02 46.72
N GLY VA 28 7.92 -47.16 47.14
CA GLY VA 28 8.64 -46.35 46.16
C GLY VA 28 7.71 -45.36 45.50
N ILE VA 29 7.68 -45.39 44.16
CA ILE VA 29 6.77 -44.52 43.42
C ILE VA 29 5.38 -45.14 43.32
N THR VA 30 5.29 -46.46 43.35
CA THR VA 30 4.02 -47.14 43.16
C THR VA 30 3.08 -46.87 44.33
N PRO VA 31 1.87 -46.34 44.11
CA PRO VA 31 0.99 -45.98 45.22
C PRO VA 31 0.01 -47.08 45.60
N SER VA 32 -0.45 -47.02 46.85
CA SER VA 32 -1.42 -47.99 47.32
C SER VA 32 -2.70 -47.85 46.50
N GLN VA 33 -3.32 -48.97 46.12
CA GLN VA 33 -4.54 -48.89 45.34
C GLN VA 33 -5.45 -50.10 45.56
N TRP VA 34 -6.76 -49.83 45.63
CA TRP VA 34 -7.83 -50.79 45.83
C TRP VA 34 -8.80 -50.77 44.65
N LEU VA 35 -9.55 -51.86 44.47
CA LEU VA 35 -10.45 -52.05 43.34
C LEU VA 35 -11.83 -52.47 43.84
N ASN VA 36 -12.89 -52.06 43.10
CA ASN VA 36 -14.26 -52.29 43.57
C ASN VA 36 -14.73 -53.72 43.31
N LYS VA 37 -14.46 -54.26 42.11
CA LYS VA 37 -14.73 -55.66 41.74
C LYS VA 37 -16.21 -55.99 41.58
N GLU VA 38 -16.99 -55.02 41.10
CA GLU VA 38 -18.42 -55.26 40.96
C GLU VA 38 -18.88 -55.48 39.53
N ALA VA 39 -18.46 -54.64 38.58
CA ALA VA 39 -18.84 -54.88 37.21
C ALA VA 39 -18.20 -56.16 36.70
N ALA VA 40 -18.81 -56.75 35.67
CA ALA VA 40 -18.47 -58.11 35.26
C ALA VA 40 -17.10 -58.19 34.61
N SER VA 41 -16.78 -57.22 33.76
CA SER VA 41 -15.52 -57.17 33.03
C SER VA 41 -14.44 -56.52 33.86
N ASN VA 42 -13.18 -56.87 33.55
CA ASN VA 42 -12.06 -56.31 34.29
C ASN VA 42 -11.99 -54.79 34.21
N ILE VA 43 -12.64 -54.19 33.21
CA ILE VA 43 -12.54 -52.75 33.01
C ILE VA 43 -13.40 -51.99 34.02
N GLY VA 44 -14.59 -52.51 34.33
CA GLY VA 44 -15.57 -51.77 35.10
C GLY VA 44 -15.19 -51.61 36.56
N TYR VA 45 -14.25 -52.42 37.04
CA TYR VA 45 -13.74 -52.31 38.41
C TYR VA 45 -13.40 -50.86 38.72
N ARG VA 46 -13.95 -50.34 39.81
CA ARG VA 46 -13.66 -48.98 40.23
C ARG VA 46 -12.37 -48.94 41.03
N LYS VA 47 -11.62 -47.85 40.93
CA LYS VA 47 -10.27 -47.84 41.49
C LYS VA 47 -10.06 -46.67 42.42
N VAL VA 48 -9.49 -46.94 43.58
CA VAL VA 48 -9.10 -45.91 44.54
C VAL VA 48 -7.59 -46.01 44.74
N SER VA 49 -6.89 -44.88 44.69
CA SER VA 49 -5.45 -44.97 44.90
C SER VA 49 -4.96 -43.76 45.67
N MET VA 50 -3.88 -43.96 46.44
CA MET VA 50 -3.35 -42.96 47.35
C MET VA 50 -1.84 -43.13 47.43
N PHE VA 51 -1.14 -42.01 47.59
CA PHE VA 51 0.31 -41.98 47.77
C PHE VA 51 0.69 -40.95 48.81
N VAL VA 52 1.44 -41.37 49.83
CA VAL VA 52 1.86 -40.52 50.93
C VAL VA 52 3.35 -40.27 50.76
N LYS VA 53 3.72 -39.06 50.34
CA LYS VA 53 5.12 -38.65 50.22
C LYS VA 53 5.49 -37.85 51.48
N TYR VA 54 6.22 -38.49 52.39
CA TYR VA 54 6.72 -37.82 53.58
C TYR VA 54 8.05 -37.17 53.26
N VAL VA 55 8.08 -35.85 53.30
CA VAL VA 55 9.32 -35.08 53.10
C VAL VA 55 9.76 -34.59 54.46
N SER VA 56 10.89 -35.12 54.95
CA SER VA 56 11.29 -34.89 56.34
C SER VA 56 11.60 -33.42 56.60
N ASN VA 57 12.03 -32.68 55.58
CA ASN VA 57 12.24 -31.23 55.69
C ASN VA 57 11.68 -30.58 54.42
N GLY VA 58 10.40 -30.23 54.45
CA GLY VA 58 9.75 -29.64 53.31
C GLY VA 58 8.26 -29.92 53.33
N THR VA 59 7.64 -29.74 52.17
CA THR VA 59 6.19 -29.88 52.04
C THR VA 59 5.87 -31.33 51.70
N SER VA 60 5.33 -32.06 52.68
CA SER VA 60 4.87 -33.43 52.45
C SER VA 60 3.52 -33.41 51.74
N LYS VA 61 3.21 -34.50 51.02
CA LYS VA 61 2.07 -34.48 50.10
C LYS VA 61 1.35 -35.83 50.10
N VAL VA 62 0.06 -35.80 50.42
CA VAL VA 62 -0.81 -36.96 50.30
C VAL VA 62 -1.67 -36.76 49.07
N THR VA 63 -1.67 -37.73 48.15
CA THR VA 63 -2.39 -37.62 46.89
C THR VA 63 -3.38 -38.78 46.76
N ILE VA 64 -4.61 -38.46 46.36
CA ILE VA 64 -5.69 -39.45 46.31
C ILE VA 64 -6.49 -39.27 45.02
N ARG VA 65 -6.91 -40.38 44.42
CA ARG VA 65 -7.76 -40.34 43.24
C ARG VA 65 -8.73 -41.52 43.23
N ILE VA 66 -9.99 -41.21 42.88
CA ILE VA 66 -11.10 -42.16 42.84
C ILE VA 66 -11.66 -42.16 41.43
N ALA VA 67 -11.75 -43.35 40.82
CA ALA VA 67 -12.20 -43.51 39.44
C ALA VA 67 -13.38 -44.45 39.41
N ASP VA 68 -14.54 -43.91 38.98
CA ASP VA 68 -15.84 -44.57 38.89
C ASP VA 68 -16.16 -44.72 37.41
N PRO VA 69 -15.75 -45.81 36.78
CA PRO VA 69 -16.08 -46.02 35.36
C PRO VA 69 -17.43 -46.70 35.19
N VAL VA 70 -18.07 -46.41 34.05
CA VAL VA 70 -19.34 -47.05 33.69
C VAL VA 70 -19.21 -47.65 32.30
N LEU VA 71 -19.49 -48.94 32.19
CA LEU VA 71 -19.36 -49.65 30.91
C LEU VA 71 -20.45 -49.18 29.94
N ALA VA 72 -20.08 -49.12 28.67
CA ALA VA 72 -21.01 -48.70 27.63
C ALA VA 72 -21.90 -49.86 27.20
N SER VA 73 -23.18 -49.56 26.98
CA SER VA 73 -24.11 -50.49 26.37
C SER VA 73 -24.37 -49.99 24.95
N VAL VA 74 -23.85 -50.71 23.97
CA VAL VA 74 -23.92 -50.28 22.57
C VAL VA 74 -25.31 -50.56 22.03
N PRO VA 75 -25.76 -49.83 21.01
CA PRO VA 75 -27.00 -50.19 20.33
C PRO VA 75 -26.72 -51.22 19.25
N ALA VA 76 -27.79 -51.75 18.67
CA ALA VA 76 -27.65 -52.79 17.65
C ALA VA 76 -26.87 -52.30 16.44
N GLY VA 77 -26.90 -50.99 16.18
CA GLY VA 77 -26.44 -50.48 14.90
C GLY VA 77 -24.95 -50.62 14.68
N CYS VA 78 -24.14 -50.31 15.70
CA CYS VA 78 -22.69 -50.28 15.49
C CYS VA 78 -22.07 -51.67 15.46
N CYS VA 79 -22.74 -52.67 16.03
CA CYS VA 79 -22.39 -54.08 15.86
C CYS VA 79 -21.02 -54.43 16.45
N VAL VA 80 -20.58 -53.70 17.47
CA VAL VA 80 -19.49 -54.23 18.28
C VAL VA 80 -20.01 -55.46 19.01
N ASP VA 81 -19.22 -56.53 19.00
CA ASP VA 81 -19.67 -57.79 19.59
C ASP VA 81 -20.05 -57.58 21.05
N THR VA 82 -21.16 -58.21 21.44
CA THR VA 82 -21.61 -58.17 22.83
C THR VA 82 -20.49 -58.51 23.81
N ASN VA 83 -19.52 -59.32 23.37
CA ASN VA 83 -18.55 -59.89 24.28
C ASN VA 83 -17.41 -58.94 24.61
N THR VA 84 -17.09 -57.99 23.71
CA THR VA 84 -15.99 -57.06 23.96
C THR VA 84 -16.54 -55.76 24.55
N PRO VA 85 -16.46 -55.54 25.86
CA PRO VA 85 -16.99 -54.31 26.42
C PRO VA 85 -15.99 -53.17 26.29
N GLN VA 86 -16.52 -51.96 26.29
CA GLN VA 86 -15.71 -50.76 26.29
C GLN VA 86 -16.24 -49.83 27.37
N VAL VA 87 -15.33 -49.04 27.94
CA VAL VA 87 -15.72 -48.08 28.97
C VAL VA 87 -16.30 -46.84 28.31
N ALA VA 88 -17.51 -46.47 28.71
CA ALA VA 88 -18.17 -45.33 28.09
C ALA VA 88 -17.60 -44.02 28.60
N TYR VA 89 -17.46 -43.89 29.90
CA TYR VA 89 -17.03 -42.68 30.58
C TYR VA 89 -16.73 -43.08 32.02
N SER VA 90 -16.05 -42.17 32.73
CA SER VA 90 -15.72 -42.40 34.14
C SER VA 90 -15.63 -41.07 34.86
N THR VA 91 -16.23 -41.01 36.04
CA THR VA 91 -16.10 -39.85 36.91
C THR VA 91 -14.82 -39.97 37.72
N PHE VA 92 -14.18 -38.82 37.98
CA PHE VA 92 -12.88 -38.79 38.65
C PHE VA 92 -12.88 -37.80 39.80
N PHE VA 93 -12.27 -38.19 40.91
CA PHE VA 93 -12.01 -37.27 42.03
C PHE VA 93 -10.53 -37.33 42.38
N GLU VA 94 -9.85 -36.18 42.37
CA GLU VA 94 -8.42 -36.14 42.66
C GLU VA 94 -8.12 -35.01 43.63
N CYS VA 95 -7.56 -35.36 44.79
CA CYS VA 95 -7.23 -34.37 45.80
C CYS VA 95 -5.77 -34.54 46.24
N THR VA 96 -5.23 -33.45 46.79
CA THR VA 96 -3.87 -33.41 47.30
C THR VA 96 -3.84 -32.57 48.57
N PHE VA 97 -3.36 -33.16 49.66
CA PHE VA 97 -3.05 -32.46 50.89
C PHE VA 97 -1.58 -32.09 50.90
N SER VA 98 -1.28 -30.82 51.17
CA SER VA 98 0.08 -30.31 51.32
C SER VA 98 0.28 -29.91 52.78
N VAL VA 99 1.20 -30.60 53.45
CA VAL VA 99 1.51 -30.40 54.87
C VAL VA 99 2.96 -29.94 55.00
N PRO VA 100 3.20 -28.69 55.38
CA PRO VA 100 4.58 -28.20 55.47
C PRO VA 100 5.32 -28.80 56.64
N TYR VA 101 6.62 -28.51 56.71
CA TYR VA 101 7.47 -29.14 57.71
C TYR VA 101 6.97 -28.84 59.12
N GLY VA 102 6.68 -27.57 59.40
CA GLY VA 102 6.41 -27.11 60.75
C GLY VA 102 5.01 -27.33 61.24
N ALA VA 103 4.19 -28.08 60.49
CA ALA VA 103 2.76 -28.15 60.77
C ALA VA 103 2.50 -28.87 62.08
N THR VA 104 1.61 -28.30 62.88
CA THR VA 104 1.21 -28.96 64.10
C THR VA 104 0.37 -30.19 63.78
N LEU VA 105 0.45 -31.17 64.66
CA LEU VA 105 -0.45 -32.32 64.54
C LEU VA 105 -1.91 -31.86 64.61
N GLN VA 106 -2.18 -30.88 65.45
CA GLN VA 106 -3.52 -30.30 65.48
C GLN VA 106 -3.87 -29.66 64.14
N ASN VA 107 -2.88 -29.06 63.47
CA ASN VA 107 -3.11 -28.47 62.14
C ASN VA 107 -3.46 -29.53 61.11
N LYS VA 108 -2.78 -30.68 61.15
CA LYS VA 108 -3.11 -31.79 60.26
C LYS VA 108 -4.54 -32.26 60.48
N LYS VA 109 -4.90 -32.50 61.75
CA LYS VA 109 -6.28 -32.81 62.09
C LYS VA 109 -7.24 -31.76 61.53
N ASP VA 110 -6.91 -30.48 61.75
CA ASP VA 110 -7.75 -29.38 61.31
C ASP VA 110 -8.04 -29.49 59.81
N ILE VA 111 -7.00 -29.58 58.99
CA ILE VA 111 -7.22 -29.48 57.56
C ILE VA 111 -7.94 -30.72 57.03
N LEU VA 112 -7.65 -31.90 57.58
CA LEU VA 112 -8.42 -33.06 57.17
C LEU VA 112 -9.90 -32.87 57.48
N ALA VA 113 -10.21 -32.32 58.65
CA ALA VA 113 -11.61 -32.10 59.01
C ALA VA 113 -12.26 -31.05 58.13
N TYR VA 114 -11.53 -29.98 57.79
CA TYR VA 114 -12.09 -28.96 56.92
C TYR VA 114 -12.41 -29.54 55.55
N ALA VA 115 -11.53 -30.40 55.03
CA ALA VA 115 -11.79 -31.03 53.74
C ALA VA 115 -13.03 -31.92 53.81
N ARG VA 116 -13.12 -32.77 54.84
CA ARG VA 116 -14.26 -33.68 54.94
C ARG VA 116 -15.57 -32.92 55.09
N ASN VA 117 -15.59 -31.93 55.99
CA ASN VA 117 -16.81 -31.16 56.19
C ASN VA 117 -17.17 -30.36 54.95
N LEU VA 118 -16.18 -29.84 54.22
CA LEU VA 118 -16.48 -29.05 53.03
C LEU VA 118 -17.05 -29.91 51.93
N LEU VA 119 -16.56 -31.15 51.78
CA LEU VA 119 -17.25 -32.07 50.88
C LEU VA 119 -18.64 -32.44 51.39
N GLY VA 120 -18.87 -32.30 52.69
CA GLY VA 120 -20.21 -32.43 53.21
C GLY VA 120 -21.13 -31.25 52.92
N THR VA 121 -20.56 -30.06 52.69
CA THR VA 121 -21.36 -28.83 52.67
C THR VA 121 -22.39 -28.82 51.56
N GLN VA 122 -23.47 -28.07 51.81
CA GLN VA 122 -24.55 -27.96 50.84
C GLN VA 122 -24.08 -27.26 49.58
N VAL VA 123 -23.19 -26.28 49.70
CA VAL VA 123 -22.71 -25.57 48.52
C VAL VA 123 -21.96 -26.51 47.58
N VAL VA 124 -21.10 -27.36 48.14
CA VAL VA 124 -20.31 -28.28 47.32
C VAL VA 124 -21.20 -29.37 46.73
N THR VA 125 -22.10 -29.94 47.54
CA THR VA 125 -23.03 -30.94 46.99
C THR VA 125 -23.82 -30.35 45.83
N ASP VA 126 -24.36 -29.16 46.03
CA ASP VA 126 -25.06 -28.42 44.98
C ASP VA 126 -24.20 -28.28 43.74
N ALA VA 127 -22.97 -27.79 43.91
CA ALA VA 127 -22.11 -27.46 42.78
C ALA VA 127 -21.73 -28.70 41.99
N VAL VA 128 -21.32 -29.77 42.68
CA VAL VA 128 -20.86 -30.97 41.99
C VAL VA 128 -22.01 -31.71 41.31
N VAL VA 129 -23.19 -31.72 41.92
CA VAL VA 129 -24.27 -32.52 41.32
C VAL VA 129 -25.03 -31.74 40.25
N ASP VA 130 -25.36 -30.47 40.49
CA ASP VA 130 -26.16 -29.71 39.56
C ASP VA 130 -25.35 -28.74 38.71
N MET VA 131 -24.02 -28.74 38.83
CA MET VA 131 -23.14 -27.84 38.07
C MET VA 131 -23.54 -26.39 38.25
N THR VA 132 -24.00 -26.06 39.46
CA THR VA 132 -24.42 -24.71 39.78
C THR VA 132 -23.34 -24.06 40.63
N PRO VA 133 -22.76 -22.95 40.19
CA PRO VA 133 -21.70 -22.30 40.98
C PRO VA 133 -22.23 -21.64 42.24
N ALA VA 134 -21.33 -21.02 43.00
CA ALA VA 134 -21.72 -20.18 44.13
C ALA VA 134 -21.62 -18.73 43.67
N TRP VA 135 -22.71 -18.23 43.09
CA TRP VA 135 -22.73 -16.90 42.48
C TRP VA 135 -23.03 -15.79 43.50
N ALA WA 1 -22.54 65.73 32.09
CA ALA WA 1 -21.43 66.38 32.78
C ALA WA 1 -20.44 66.98 31.80
N GLN WA 2 -20.66 68.23 31.39
CA GLN WA 2 -19.60 68.97 30.76
C GLN WA 2 -18.40 69.05 31.70
N ILE WA 3 -17.19 69.11 31.13
CA ILE WA 3 -16.01 69.17 31.97
C ILE WA 3 -15.98 70.49 32.71
N ALA WA 4 -15.57 70.46 33.97
CA ALA WA 4 -15.50 71.65 34.79
C ALA WA 4 -14.55 71.35 35.95
N ASN WA 5 -14.31 72.38 36.77
CA ASN WA 5 -13.35 72.29 37.86
C ASN WA 5 -13.62 71.11 38.78
N LEU WA 6 -12.60 70.68 39.52
CA LEU WA 6 -12.73 69.54 40.42
C LEU WA 6 -12.12 69.92 41.77
N ILE WA 7 -12.80 69.60 42.87
CA ILE WA 7 -12.33 70.02 44.19
C ILE WA 7 -12.18 68.80 45.07
N LEU WA 8 -10.95 68.49 45.47
CA LEU WA 8 -10.63 67.31 46.26
C LEU WA 8 -9.90 67.72 47.53
N ALA WA 9 -10.28 67.12 48.65
CA ALA WA 9 -9.74 67.49 49.95
C ALA WA 9 -8.62 66.54 50.34
N ASP WA 10 -7.45 67.10 50.68
CA ASP WA 10 -6.35 66.28 51.14
C ASP WA 10 -6.61 65.74 52.55
N GLY WA 11 -5.78 64.78 52.96
CA GLY WA 11 -5.91 64.23 54.29
C GLY WA 11 -4.99 64.90 55.27
N GLN WA 12 -5.55 65.71 56.17
CA GLN WA 12 -4.78 66.35 57.21
C GLN WA 12 -5.59 66.28 58.49
N ALA WA 13 -5.02 66.86 59.56
CA ALA WA 13 -5.81 67.10 60.76
C ALA WA 13 -7.10 67.82 60.39
N THR WA 14 -6.96 68.95 59.71
CA THR WA 14 -8.10 69.61 59.07
C THR WA 14 -7.83 69.56 57.58
N PRO WA 15 -8.64 68.85 56.80
CA PRO WA 15 -8.41 68.80 55.36
C PRO WA 15 -8.52 70.18 54.73
N ALA WA 16 -7.64 70.45 53.77
CA ALA WA 16 -7.68 71.67 53.00
C ALA WA 16 -8.02 71.35 51.55
N ASN WA 17 -9.02 72.05 51.01
CA ASN WA 17 -9.50 71.77 49.65
C ASN WA 17 -8.48 72.19 48.61
N HIS WA 18 -8.29 71.34 47.60
CA HIS WA 18 -7.41 71.61 46.47
C HIS WA 18 -8.22 71.56 45.18
N THR WA 19 -7.94 72.49 44.29
CA THR WA 19 -8.74 72.67 43.09
C THR WA 19 -7.96 72.20 41.86
N PHE WA 20 -8.70 71.69 40.88
CA PHE WA 20 -8.17 71.04 39.68
C PHE WA 20 -8.83 71.69 38.47
N VAL WA 21 -8.05 72.46 37.73
CA VAL WA 21 -8.52 73.09 36.49
C VAL WA 21 -8.59 72.03 35.39
N PRO WA 22 -9.63 72.00 34.57
CA PRO WA 22 -9.65 71.05 33.46
C PRO WA 22 -8.72 71.49 32.33
N MET WA 23 -8.06 70.52 31.71
CA MET WA 23 -7.14 70.78 30.61
C MET WA 23 -7.56 70.13 29.30
N GLN WA 24 -8.02 68.87 29.33
CA GLN WA 24 -8.49 68.21 28.12
C GLN WA 24 -9.70 67.36 28.45
N PRO WA 25 -10.76 67.42 27.65
CA PRO WA 25 -11.93 66.57 27.88
C PRO WA 25 -11.84 65.24 27.14
N GLN WA 26 -12.84 64.41 27.40
CA GLN WA 26 -12.89 63.06 26.87
C GLN WA 26 -13.51 63.08 25.47
N THR WA 27 -12.67 62.89 24.45
CA THR WA 27 -13.14 62.68 23.08
C THR WA 27 -12.30 61.56 22.49
N GLY WA 28 -12.96 60.50 22.05
CA GLY WA 28 -12.24 59.38 21.44
C GLY WA 28 -11.41 58.64 22.46
N ILE WA 29 -10.13 58.44 22.14
CA ILE WA 29 -9.24 57.73 23.05
C ILE WA 29 -8.79 58.62 24.20
N THR WA 30 -8.67 59.93 23.96
CA THR WA 30 -8.12 60.83 24.96
C THR WA 30 -9.07 60.98 26.14
N PRO WA 31 -8.61 60.84 27.38
CA PRO WA 31 -9.49 60.93 28.54
C PRO WA 31 -9.55 62.33 29.14
N SER WA 32 -10.68 62.60 29.80
CA SER WA 32 -10.82 63.87 30.51
C SER WA 32 -9.78 63.95 31.63
N GLN WA 33 -9.22 65.14 31.84
CA GLN WA 33 -8.12 65.25 32.80
C GLN WA 33 -7.99 66.68 33.33
N TRP WA 34 -7.68 66.77 34.63
CA TRP WA 34 -7.57 68.00 35.41
C TRP WA 34 -6.18 68.08 36.04
N LEU WA 35 -5.73 69.32 36.30
CA LEU WA 35 -4.41 69.62 36.84
C LEU WA 35 -4.56 70.48 38.09
N ASN WA 36 -3.70 70.25 39.09
CA ASN WA 36 -3.82 70.97 40.35
C ASN WA 36 -3.24 72.38 40.27
N LYS WA 37 -2.07 72.52 39.65
CA LYS WA 37 -1.44 73.83 39.40
C LYS WA 37 -0.99 74.53 40.68
N GLU WA 38 -0.60 73.74 41.68
CA GLU WA 38 -0.14 74.30 42.96
C GLU WA 38 1.37 74.27 43.14
N ALA WA 39 2.07 73.31 42.56
CA ALA WA 39 3.50 73.17 42.85
C ALA WA 39 4.31 74.28 42.18
N ALA WA 40 5.60 74.34 42.55
CA ALA WA 40 6.47 75.40 42.06
C ALA WA 40 6.76 75.29 40.57
N SER WA 41 7.07 74.08 40.10
CA SER WA 41 7.40 73.83 38.71
C SER WA 41 6.21 73.22 37.97
N ASN WA 42 6.27 73.26 36.64
CA ASN WA 42 5.16 72.72 35.86
C ASN WA 42 5.03 71.21 36.00
N ILE WA 43 6.05 70.52 36.50
CA ILE WA 43 6.01 69.07 36.61
C ILE WA 43 5.39 68.60 37.91
N GLY WA 44 5.40 69.43 38.96
CA GLY WA 44 4.83 69.07 40.24
C GLY WA 44 3.32 69.11 40.30
N TYR WA 45 2.69 69.62 39.25
CA TYR WA 45 1.24 69.75 39.22
C TYR WA 45 0.59 68.38 39.40
N ARG WA 46 -0.36 68.30 40.32
CA ARG WA 46 -1.05 67.03 40.56
C ARG WA 46 -2.16 66.84 39.54
N LYS WA 47 -2.32 65.62 39.05
CA LYS WA 47 -3.25 65.43 37.94
C LYS WA 47 -4.23 64.30 38.22
N VAL WA 48 -5.42 64.47 37.65
CA VAL WA 48 -6.49 63.48 37.73
C VAL WA 48 -6.97 63.23 36.32
N SER WA 49 -7.30 61.98 36.00
CA SER WA 49 -7.88 61.73 34.69
C SER WA 49 -8.86 60.57 34.78
N MET WA 50 -9.81 60.58 33.85
CA MET WA 50 -10.94 59.67 33.85
C MET WA 50 -11.40 59.41 32.42
N PHE WA 51 -11.83 58.18 32.16
CA PHE WA 51 -12.36 57.77 30.85
C PHE WA 51 -13.51 56.79 31.03
N VAL WA 52 -14.62 57.05 30.32
CA VAL WA 52 -15.86 56.28 30.47
C VAL WA 52 -16.14 55.62 29.12
N LYS WA 53 -15.62 54.39 28.93
CA LYS WA 53 -15.85 53.64 27.70
C LYS WA 53 -17.20 52.94 27.80
N TYR WA 54 -18.19 53.42 27.03
CA TYR WA 54 -19.52 52.83 26.99
C TYR WA 54 -19.56 51.80 25.86
N VAL WA 55 -19.75 50.54 26.23
CA VAL WA 55 -19.81 49.42 25.29
C VAL WA 55 -21.25 48.91 25.28
N SER WA 56 -21.97 49.18 24.19
CA SER WA 56 -23.41 48.95 24.17
C SER WA 56 -23.74 47.47 24.30
N ASN WA 57 -23.00 46.59 23.62
CA ASN WA 57 -23.13 45.15 23.83
C ASN WA 57 -21.76 44.62 24.25
N GLY WA 58 -21.49 44.73 25.54
CA GLY WA 58 -20.21 44.31 26.07
C GLY WA 58 -19.95 44.99 27.41
N THR WA 59 -18.68 44.93 27.81
CA THR WA 59 -18.27 45.28 29.16
C THR WA 59 -17.78 46.72 29.19
N SER WA 60 -18.66 47.63 29.60
CA SER WA 60 -18.30 49.04 29.74
C SER WA 60 -17.29 49.21 30.88
N LYS WA 61 -16.48 50.26 30.79
CA LYS WA 61 -15.38 50.45 31.74
C LYS WA 61 -15.17 51.92 32.08
N VAL WA 62 -15.06 52.22 33.37
CA VAL WA 62 -14.71 53.56 33.85
C VAL WA 62 -13.34 53.48 34.50
N THR WA 63 -12.38 54.22 33.97
CA THR WA 63 -11.00 54.19 34.44
C THR WA 63 -10.62 55.55 35.01
N ILE WA 64 -10.03 55.55 36.21
CA ILE WA 64 -9.65 56.77 36.93
C ILE WA 64 -8.22 56.62 37.44
N ARG WA 65 -7.42 57.68 37.31
CA ARG WA 65 -6.08 57.68 37.87
C ARG WA 65 -5.73 59.04 38.44
N ILE WA 66 -5.10 59.02 39.62
CA ILE WA 66 -4.76 60.20 40.40
C ILE WA 66 -3.26 60.17 40.70
N ALA WA 67 -2.56 61.25 40.37
CA ALA WA 67 -1.10 61.34 40.50
C ALA WA 67 -0.73 62.53 41.36
N ASP WA 68 -0.07 62.25 42.49
CA ASP WA 68 0.38 63.26 43.45
C ASP WA 68 1.90 63.23 43.50
N PRO WA 69 2.59 64.09 42.76
CA PRO WA 69 4.05 64.11 42.80
C PRO WA 69 4.60 65.05 43.85
N VAL WA 70 5.83 64.74 44.29
CA VAL WA 70 6.59 65.57 45.22
C VAL WA 70 7.93 65.90 44.57
N LEU WA 71 8.18 67.18 44.35
CA LEU WA 71 9.39 67.60 43.65
C LEU WA 71 10.61 67.47 44.54
N ALA WA 72 11.78 67.53 43.91
CA ALA WA 72 13.05 67.36 44.61
C ALA WA 72 13.59 68.72 45.03
N SER WA 73 13.58 69.00 46.34
CA SER WA 73 14.06 70.28 46.87
C SER WA 73 15.50 70.11 47.34
N VAL WA 74 16.38 70.95 46.80
CA VAL WA 74 17.81 70.90 47.09
C VAL WA 74 18.17 72.10 47.96
N PRO WA 75 19.24 72.02 48.75
CA PRO WA 75 19.65 73.18 49.58
C PRO WA 75 19.82 74.44 48.73
N ALA WA 76 19.46 75.58 49.34
CA ALA WA 76 19.33 76.82 48.58
C ALA WA 76 20.66 77.25 47.97
N GLY WA 77 21.73 77.21 48.76
CA GLY WA 77 23.03 77.58 48.23
C GLY WA 77 23.51 76.71 47.10
N CYS WA 78 23.01 75.48 47.01
CA CYS WA 78 23.46 74.56 45.98
C CYS WA 78 22.99 75.01 44.61
N CYS WA 79 23.63 74.48 43.57
CA CYS WA 79 23.37 74.91 42.20
C CYS WA 79 22.88 73.72 41.38
N VAL WA 80 21.56 73.66 41.19
CA VAL WA 80 20.95 72.85 40.14
C VAL WA 80 20.02 73.78 39.39
N ASP WA 81 20.14 73.77 38.05
CA ASP WA 81 19.39 74.72 37.24
C ASP WA 81 17.90 74.61 37.55
N THR WA 82 17.31 75.72 37.98
CA THR WA 82 15.88 75.72 38.29
C THR WA 82 15.03 75.48 37.05
N ASN WA 83 15.59 75.70 35.86
CA ASN WA 83 14.88 75.38 34.63
C ASN WA 83 14.75 73.89 34.42
N THR WA 84 15.59 73.08 35.07
CA THR WA 84 15.54 71.62 34.95
C THR WA 84 15.30 71.00 36.32
N PRO WA 85 14.02 70.96 36.82
CA PRO WA 85 13.72 70.25 38.06
C PRO WA 85 13.30 68.83 37.77
N GLN WA 86 13.35 67.97 38.79
CA GLN WA 86 12.93 66.60 38.67
C GLN WA 86 11.90 66.30 39.74
N VAL WA 87 11.16 65.24 39.50
CA VAL WA 87 10.23 64.69 40.48
C VAL WA 87 10.97 63.63 41.27
N ALA WA 88 11.03 63.81 42.59
CA ALA WA 88 11.67 62.82 43.45
C ALA WA 88 10.89 61.50 43.45
N TYR WA 89 9.58 61.59 43.66
CA TYR WA 89 8.71 60.42 43.71
C TYR WA 89 7.27 60.93 43.61
N SER WA 90 6.35 60.02 43.29
CA SER WA 90 4.95 60.40 43.15
C SER WA 90 4.07 59.22 43.52
N THR WA 91 3.03 59.50 44.30
CA THR WA 91 2.05 58.49 44.65
C THR WA 91 0.98 58.40 43.56
N PHE WA 92 0.43 57.20 43.37
CA PHE WA 92 -0.54 56.96 42.30
C PHE WA 92 -1.72 56.15 42.80
N PHE WA 93 -2.91 56.46 42.27
CA PHE WA 93 -4.11 55.66 42.51
C PHE WA 93 -4.80 55.37 41.19
N GLU WA 94 -4.99 54.09 40.87
CA GLU WA 94 -5.62 53.72 39.60
C GLU WA 94 -6.73 52.71 39.84
N CYS WA 95 -7.96 53.04 39.42
CA CYS WA 95 -9.10 52.14 39.57
C CYS WA 95 -9.86 52.01 38.26
N THR WA 96 -10.50 50.85 38.08
CA THR WA 96 -11.30 50.55 36.90
C THR WA 96 -12.57 49.84 37.35
N PHE WA 97 -13.71 50.44 37.04
CA PHE WA 97 -15.02 49.81 37.15
C PHE WA 97 -15.31 49.09 35.84
N SER WA 98 -15.79 47.85 35.94
CA SER WA 98 -16.18 47.05 34.78
C SER WA 98 -17.64 46.63 34.97
N VAL WA 99 -18.51 47.19 34.13
CA VAL WA 99 -19.96 47.03 34.24
C VAL WA 99 -20.43 46.28 33.00
N PRO WA 100 -21.09 45.14 33.14
CA PRO WA 100 -21.57 44.41 31.95
C PRO WA 100 -22.66 45.17 31.23
N TYR WA 101 -22.83 44.83 29.96
CA TYR WA 101 -24.06 45.18 29.26
C TYR WA 101 -25.24 44.61 30.02
N GLY WA 102 -26.39 45.27 29.90
CA GLY WA 102 -27.57 44.76 30.55
C GLY WA 102 -27.54 44.78 32.07
N ALA WA 103 -26.63 45.54 32.68
CA ALA WA 103 -26.62 45.67 34.13
C ALA WA 103 -27.61 46.75 34.56
N THR WA 104 -28.41 46.44 35.58
CA THR WA 104 -29.41 47.37 36.07
C THR WA 104 -28.74 48.61 36.65
N LEU WA 105 -29.42 49.74 36.50
CA LEU WA 105 -29.00 50.95 37.20
C LEU WA 105 -28.79 50.66 38.70
N GLN WA 106 -29.57 49.72 39.25
CA GLN WA 106 -29.36 49.33 40.63
C GLN WA 106 -28.04 48.59 40.81
N ASN WA 107 -27.67 47.73 39.84
CA ASN WA 107 -26.37 47.06 39.94
C ASN WA 107 -25.22 48.06 39.89
N LYS WA 108 -25.36 49.10 39.08
CA LYS WA 108 -24.32 50.13 38.99
C LYS WA 108 -24.20 50.90 40.31
N LYS WA 109 -25.34 51.37 40.84
CA LYS WA 109 -25.36 51.97 42.16
C LYS WA 109 -24.68 51.06 43.18
N ASP WA 110 -25.03 49.77 43.15
CA ASP WA 110 -24.50 48.80 44.10
C ASP WA 110 -22.98 48.79 44.07
N ILE WA 111 -22.38 48.59 42.91
CA ILE WA 111 -20.93 48.42 42.88
C ILE WA 111 -20.21 49.73 43.20
N LEU WA 112 -20.76 50.87 42.74
CA LEU WA 112 -20.17 52.14 43.14
C LEU WA 112 -20.12 52.24 44.67
N ALA WA 113 -21.24 51.90 45.33
CA ALA WA 113 -21.30 52.02 46.78
C ALA WA 113 -20.36 51.03 47.46
N TYR WA 114 -20.27 49.80 46.95
CA TYR WA 114 -19.35 48.83 47.55
C TYR WA 114 -17.91 49.34 47.48
N ALA WA 115 -17.52 49.89 46.33
CA ALA WA 115 -16.17 50.43 46.19
C ALA WA 115 -15.92 51.57 47.16
N ARG WA 116 -16.85 52.52 47.24
CA ARG WA 116 -16.63 53.68 48.09
C ARG WA 116 -16.58 53.29 49.56
N ASN WA 117 -17.52 52.41 49.99
CA ASN WA 117 -17.52 51.97 51.37
C ASN WA 117 -16.27 51.17 51.71
N LEU WA 118 -15.77 50.36 50.78
CA LEU WA 118 -14.58 49.58 51.05
C LEU WA 118 -13.36 50.49 51.21
N LEU WA 119 -13.19 51.46 50.30
CA LEU WA 119 -12.08 52.39 50.47
C LEU WA 119 -12.25 53.23 51.74
N GLY WA 120 -13.47 53.41 52.21
CA GLY WA 120 -13.66 54.02 53.50
C GLY WA 120 -13.49 53.11 54.70
N THR WA 121 -13.20 51.83 54.51
CA THR WA 121 -13.11 50.92 55.65
C THR WA 121 -11.82 51.10 56.42
N GLN WA 122 -11.87 50.76 57.71
CA GLN WA 122 -10.69 50.91 58.56
C GLN WA 122 -9.56 50.00 58.11
N VAL WA 123 -9.86 48.81 57.61
CA VAL WA 123 -8.79 47.92 57.16
C VAL WA 123 -8.10 48.51 55.93
N VAL WA 124 -8.86 49.15 55.03
CA VAL WA 124 -8.26 49.71 53.83
C VAL WA 124 -7.43 50.96 54.16
N THR WA 125 -7.98 51.85 54.99
CA THR WA 125 -7.20 53.02 55.39
C THR WA 125 -5.94 52.60 56.14
N ASP WA 126 -6.07 51.60 57.03
CA ASP WA 126 -4.93 51.04 57.72
C ASP WA 126 -3.88 50.54 56.74
N ALA WA 127 -4.29 49.74 55.75
CA ALA WA 127 -3.34 49.15 54.82
C ALA WA 127 -2.60 50.22 54.01
N VAL WA 128 -3.34 51.18 53.46
CA VAL WA 128 -2.72 52.17 52.59
C VAL WA 128 -1.81 53.12 53.37
N VAL WA 129 -2.20 53.50 54.58
CA VAL WA 129 -1.41 54.50 55.31
C VAL WA 129 -0.26 53.84 56.08
N ASP WA 130 -0.57 52.85 56.92
CA ASP WA 130 0.45 52.25 57.76
C ASP WA 130 1.18 51.08 57.10
N MET WA 131 0.76 50.67 55.88
CA MET WA 131 1.30 49.48 55.22
C MET WA 131 0.96 48.22 56.01
N THR WA 132 -0.26 48.15 56.55
CA THR WA 132 -0.63 47.06 57.42
C THR WA 132 -1.61 46.14 56.71
N PRO WA 133 -1.30 44.86 56.59
CA PRO WA 133 -2.16 43.93 55.86
C PRO WA 133 -3.25 43.32 56.71
N ALA WA 134 -4.07 42.46 56.12
CA ALA WA 134 -5.06 41.68 56.85
C ALA WA 134 -4.51 40.27 57.06
N TRP WA 135 -3.96 40.01 58.25
CA TRP WA 135 -3.26 38.76 58.53
C TRP WA 135 -4.10 37.70 59.24
N ALA XA 1 -24.22 75.54 17.22
CA ALA XA 1 -24.84 74.53 18.09
C ALA XA 1 -23.81 73.88 19.00
N GLN XA 2 -23.62 74.42 20.21
CA GLN XA 2 -22.92 73.64 21.20
C GLN XA 2 -23.72 72.37 21.48
N ILE XA 3 -23.01 71.26 21.70
CA ILE XA 3 -23.72 70.02 21.94
C ILE XA 3 -24.60 70.16 23.16
N ALA XA 4 -25.82 69.67 23.07
CA ALA XA 4 -26.77 69.75 24.16
C ALA XA 4 -27.79 68.65 23.98
N ASN XA 5 -28.65 68.51 24.99
CA ASN XA 5 -29.66 67.46 24.98
C ASN XA 5 -30.46 67.49 23.67
N LEU XA 6 -30.99 66.33 23.29
CA LEU XA 6 -31.70 66.20 22.03
C LEU XA 6 -33.02 65.48 22.29
N ILE XA 7 -34.12 66.02 21.80
CA ILE XA 7 -35.44 65.49 22.13
C ILE XA 7 -36.15 65.05 20.86
N LEU XA 8 -36.43 63.75 20.77
CA LEU XA 8 -37.04 63.15 19.59
C LEU XA 8 -38.30 62.40 19.99
N ALA XA 9 -39.37 62.59 19.21
CA ALA XA 9 -40.66 62.01 19.54
C ALA XA 9 -40.85 60.68 18.81
N ASP XA 10 -41.20 59.63 19.57
CA ASP XA 10 -41.49 58.34 18.97
C ASP XA 10 -42.83 58.36 18.23
N GLY XA 11 -43.03 57.34 17.40
CA GLY XA 11 -44.27 57.21 16.65
C GLY XA 11 -45.29 56.38 17.38
N GLN XA 12 -46.29 57.04 17.94
CA GLN XA 12 -47.41 56.39 18.59
C GLN XA 12 -48.67 57.16 18.23
N ALA XA 13 -49.80 56.68 18.73
CA ALA XA 13 -51.01 57.48 18.66
C ALA XA 13 -50.77 58.86 19.24
N THR XA 14 -50.31 58.90 20.48
CA THR XA 14 -49.83 60.14 21.07
C THR XA 14 -48.34 59.97 21.20
N PRO XA 15 -47.55 60.63 20.35
CA PRO XA 15 -46.10 60.49 20.44
C PRO XA 15 -45.59 60.95 21.79
N ALA XA 16 -44.52 60.30 22.26
CA ALA XA 16 -43.91 60.58 23.54
C ALA XA 16 -42.49 61.08 23.33
N ASN XA 17 -42.18 62.27 23.85
CA ASN XA 17 -40.84 62.80 23.72
C ASN XA 17 -39.84 61.93 24.46
N HIS XA 18 -38.72 61.61 23.81
CA HIS XA 18 -37.63 60.86 24.40
C HIS XA 18 -36.38 61.73 24.34
N THR XA 19 -35.67 61.80 25.46
CA THR XA 19 -34.53 62.68 25.61
C THR XA 19 -33.23 61.92 25.36
N PHE XA 20 -32.21 62.66 24.91
CA PHE XA 20 -30.91 62.12 24.51
C PHE XA 20 -29.83 62.98 25.17
N VAL XA 21 -29.20 62.43 26.20
CA VAL XA 21 -28.07 63.10 26.85
C VAL XA 21 -26.88 63.08 25.91
N PRO XA 22 -26.10 64.16 25.82
CA PRO XA 22 -24.87 64.11 25.03
C PRO XA 22 -23.78 63.29 25.73
N MET XA 23 -22.97 62.63 24.91
CA MET XA 23 -21.87 61.80 25.39
C MET XA 23 -20.51 62.42 25.08
N GLN XA 24 -20.30 62.89 23.86
CA GLN XA 24 -19.09 63.63 23.52
C GLN XA 24 -19.38 64.54 22.36
N PRO XA 25 -18.72 65.68 22.28
CA PRO XA 25 -18.96 66.60 21.16
C PRO XA 25 -18.31 66.04 19.91
N GLN XA 26 -18.42 66.81 18.84
CA GLN XA 26 -17.82 66.44 17.57
C GLN XA 26 -16.39 66.95 17.51
N THR XA 27 -15.49 66.08 17.12
CA THR XA 27 -14.06 66.35 17.00
C THR XA 27 -13.67 66.14 15.54
N GLY XA 28 -12.39 66.36 15.21
CA GLY XA 28 -11.94 66.13 13.86
C GLY XA 28 -12.02 64.67 13.42
N ILE XA 29 -11.94 63.73 14.36
CA ILE XA 29 -12.00 62.31 14.01
C ILE XA 29 -13.21 61.60 14.62
N THR XA 30 -13.76 62.10 15.73
CA THR XA 30 -14.89 61.46 16.38
C THR XA 30 -16.17 62.25 16.15
N PRO XA 31 -17.29 61.60 15.87
CA PRO XA 31 -18.56 62.31 15.67
C PRO XA 31 -19.32 62.56 16.95
N SER XA 32 -20.02 63.70 16.98
CA SER XA 32 -20.83 64.03 18.15
C SER XA 32 -21.93 62.99 18.31
N GLN XA 33 -22.20 62.59 19.55
CA GLN XA 33 -23.15 61.50 19.75
C GLN XA 33 -23.87 61.62 21.10
N TRP XA 34 -25.13 61.20 21.09
CA TRP XA 34 -26.07 61.24 22.22
C TRP XA 34 -26.52 59.82 22.57
N LEU XA 35 -27.24 59.70 23.69
CA LEU XA 35 -27.68 58.43 24.25
C LEU XA 35 -29.07 58.58 24.87
N ASN XA 36 -29.93 57.57 24.69
CA ASN XA 36 -31.30 57.65 25.21
C ASN XA 36 -31.33 57.45 26.72
N LYS XA 37 -30.71 56.39 27.22
CA LYS XA 37 -30.57 56.14 28.66
C LYS XA 37 -31.92 55.90 29.33
N GLU XA 38 -32.82 55.24 28.63
CA GLU XA 38 -34.14 54.91 29.17
C GLU XA 38 -34.24 53.48 29.66
N ALA XA 39 -33.97 52.50 28.83
CA ALA XA 39 -34.09 51.11 29.25
C ALA XA 39 -33.05 50.81 30.33
N ALA XA 40 -33.37 49.82 31.19
CA ALA XA 40 -32.48 49.54 32.32
C ALA XA 40 -31.15 48.97 31.87
N SER XA 41 -31.17 48.19 30.78
CA SER XA 41 -29.98 47.53 30.29
C SER XA 41 -29.12 48.46 29.46
N ASN XA 42 -27.79 48.31 29.57
CA ASN XA 42 -26.89 49.06 28.72
C ASN XA 42 -27.21 48.89 27.24
N ILE XA 43 -27.76 47.75 26.86
CA ILE XA 43 -28.05 47.49 25.45
C ILE XA 43 -29.21 48.34 24.96
N GLY XA 44 -30.27 48.45 25.77
CA GLY XA 44 -31.49 49.14 25.40
C GLY XA 44 -31.37 50.64 25.22
N TYR XA 45 -30.23 51.24 25.58
CA TYR XA 45 -30.04 52.66 25.31
C TYR XA 45 -30.03 52.89 23.80
N ARG XA 46 -30.69 53.96 23.36
CA ARG XA 46 -30.77 54.31 21.95
C ARG XA 46 -29.77 55.42 21.67
N LYS XA 47 -29.02 55.29 20.58
CA LYS XA 47 -27.95 56.25 20.32
C LYS XA 47 -28.22 56.99 19.02
N VAL XA 48 -27.67 58.20 18.94
CA VAL XA 48 -27.81 59.07 17.79
C VAL XA 48 -26.47 59.75 17.58
N SER XA 49 -25.84 59.54 16.44
CA SER XA 49 -24.54 60.15 16.19
C SER XA 49 -24.56 60.91 14.87
N MET XA 50 -23.71 61.93 14.79
CA MET XA 50 -23.72 62.87 13.68
C MET XA 50 -22.30 63.41 13.49
N PHE XA 51 -21.93 63.64 12.23
CA PHE XA 51 -20.63 64.20 11.90
C PHE XA 51 -20.70 65.10 10.67
N VAL XA 52 -20.10 66.29 10.76
CA VAL XA 52 -20.18 67.33 9.74
C VAL XA 52 -18.76 67.54 9.20
N LYS XA 53 -18.41 66.87 8.11
CA LYS XA 53 -17.09 67.00 7.50
C LYS XA 53 -17.12 68.16 6.50
N TYR XA 54 -16.45 69.27 6.85
CA TYR XA 54 -16.35 70.43 5.98
C TYR XA 54 -15.15 70.28 5.06
N VAL XA 55 -15.39 70.32 3.76
CA VAL XA 55 -14.35 70.24 2.75
C VAL XA 55 -14.36 71.56 1.98
N SER XA 56 -13.38 72.43 2.26
CA SER XA 56 -13.44 73.80 1.75
C SER XA 56 -13.35 73.86 0.23
N ASN XA 57 -12.70 72.89 -0.41
CA ASN XA 57 -12.72 72.75 -1.86
C ASN XA 57 -13.04 71.29 -2.19
N GLY XA 58 -14.33 70.96 -2.20
CA GLY XA 58 -14.75 69.61 -2.48
C GLY XA 58 -16.13 69.36 -1.89
N THR XA 59 -16.46 68.08 -1.78
CA THR XA 59 -17.79 67.64 -1.37
C THR XA 59 -17.82 67.50 0.14
N SER XA 60 -18.40 68.49 0.83
CA SER XA 60 -18.65 68.37 2.26
C SER XA 60 -19.73 67.31 2.51
N LYS XA 61 -19.73 66.73 3.71
CA LYS XA 61 -20.63 65.61 4.00
C LYS XA 61 -21.14 65.64 5.43
N VAL XA 62 -22.47 65.63 5.59
CA VAL XA 62 -23.12 65.49 6.89
C VAL XA 62 -23.63 64.06 7.00
N THR XA 63 -23.26 63.37 8.07
CA THR XA 63 -23.60 61.96 8.25
C THR XA 63 -24.33 61.78 9.57
N ILE XA 64 -25.43 61.03 9.54
CA ILE XA 64 -26.30 60.84 10.70
C ILE XA 64 -26.68 59.37 10.81
N ARG XA 65 -26.63 58.82 12.01
CA ARG XA 65 -27.11 57.46 12.22
C ARG XA 65 -27.81 57.33 13.57
N ILE XA 66 -28.96 56.66 13.54
CA ILE XA 66 -29.87 56.50 14.67
C ILE XA 66 -30.05 55.01 14.92
N ALA XA 67 -29.89 54.58 16.18
CA ALA XA 67 -30.00 53.18 16.55
C ALA XA 67 -30.98 53.02 17.70
N ASP XA 68 -32.02 52.20 17.47
CA ASP XA 68 -33.06 51.90 18.46
C ASP XA 68 -33.05 50.41 18.73
N PRO XA 69 -32.47 49.95 19.84
CA PRO XA 69 -32.51 48.53 20.18
C PRO XA 69 -33.91 48.11 20.60
N VAL XA 70 -34.48 47.14 19.88
CA VAL XA 70 -35.78 46.60 20.26
C VAL XA 70 -35.58 45.20 20.81
N LEU XA 71 -35.31 45.12 22.11
CA LEU XA 71 -35.12 43.82 22.75
C LEU XA 71 -36.44 43.20 23.16
N ALA XA 72 -37.48 44.03 23.35
CA ALA XA 72 -38.81 43.49 23.61
C ALA XA 72 -39.25 42.57 22.49
N SER XA 73 -38.89 42.91 21.26
CA SER XA 73 -39.30 42.13 20.09
C SER XA 73 -38.56 40.79 19.98
N VAL XA 74 -37.48 40.61 20.73
CA VAL XA 74 -36.69 39.38 20.65
C VAL XA 74 -37.47 38.23 21.30
N PRO XA 75 -37.55 37.06 20.67
CA PRO XA 75 -38.22 35.93 21.31
C PRO XA 75 -37.53 35.55 22.61
N ALA XA 76 -38.31 34.97 23.53
CA ALA XA 76 -37.76 34.59 24.82
C ALA XA 76 -36.72 33.49 24.68
N GLY XA 77 -36.88 32.62 23.68
CA GLY XA 77 -35.97 31.50 23.51
C GLY XA 77 -34.60 31.91 23.01
N CYS XA 78 -34.51 33.01 22.27
CA CYS XA 78 -33.24 33.47 21.74
C CYS XA 78 -32.47 34.26 22.79
N CYS XA 79 -31.20 33.89 22.97
CA CYS XA 79 -30.31 34.61 23.87
C CYS XA 79 -29.56 35.71 23.11
N VAL XA 80 -29.40 36.85 23.75
CA VAL XA 80 -28.68 37.99 23.18
C VAL XA 80 -27.41 38.19 24.00
N ASP XA 81 -26.26 38.10 23.33
CA ASP XA 81 -24.96 38.28 23.95
C ASP XA 81 -24.06 39.08 23.01
N THR XA 82 -22.82 39.32 23.44
CA THR XA 82 -21.92 40.18 22.67
C THR XA 82 -21.79 39.71 21.22
N ASN XA 83 -21.87 38.40 21.01
CA ASN XA 83 -21.71 37.82 19.68
C ASN XA 83 -22.96 37.97 18.81
N THR XA 84 -24.11 38.34 19.38
CA THR XA 84 -25.29 38.54 18.56
C THR XA 84 -25.08 39.75 17.65
N PRO XA 85 -25.28 39.59 16.34
CA PRO XA 85 -25.08 40.74 15.44
C PRO XA 85 -26.07 41.85 15.73
N GLN XA 86 -25.58 43.09 15.70
CA GLN XA 86 -26.41 44.22 16.08
C GLN XA 86 -27.65 44.32 15.19
N VAL XA 87 -27.47 44.16 13.88
CA VAL XA 87 -28.52 44.48 12.90
C VAL XA 87 -29.68 43.50 13.02
N ALA XA 88 -29.56 42.53 13.93
CA ALA XA 88 -30.61 41.57 14.15
C ALA XA 88 -31.51 41.92 15.33
N TYR XA 89 -31.08 42.77 16.26
CA TYR XA 89 -31.89 43.07 17.44
C TYR XA 89 -32.12 44.57 17.64
N SER XA 90 -32.01 45.37 16.57
CA SER XA 90 -32.24 46.81 16.69
C SER XA 90 -32.48 47.40 15.31
N THR XA 91 -33.27 48.47 15.29
CA THR XA 91 -33.56 49.20 14.06
C THR XA 91 -32.52 50.31 13.87
N PHE XA 92 -32.23 50.63 12.61
CA PHE XA 92 -31.18 51.58 12.27
C PHE XA 92 -31.61 52.52 11.15
N PHE XA 93 -31.20 53.78 11.24
CA PHE XA 93 -31.40 54.76 10.17
C PHE XA 93 -30.10 55.51 9.90
N GLU XA 94 -29.63 55.47 8.66
CA GLU XA 94 -28.37 56.13 8.31
C GLU XA 94 -28.55 57.00 7.07
N CYS XA 95 -28.25 58.28 7.19
CA CYS XA 95 -28.33 59.20 6.06
C CYS XA 95 -27.05 60.01 5.91
N THR XA 96 -26.79 60.46 4.68
CA THR XA 96 -25.63 61.27 4.33
C THR XA 96 -26.05 62.33 3.33
N PHE XA 97 -25.88 63.60 3.71
CA PHE XA 97 -25.99 64.74 2.81
C PHE XA 97 -24.63 65.03 2.20
N SER XA 98 -24.56 65.11 0.88
CA SER XA 98 -23.36 65.48 0.15
C SER XA 98 -23.58 66.85 -0.47
N VAL XA 99 -22.78 67.82 -0.07
CA VAL XA 99 -22.91 69.22 -0.47
C VAL XA 99 -21.62 69.67 -1.14
N PRO XA 100 -21.60 69.88 -2.45
CA PRO XA 100 -20.36 70.33 -3.08
C PRO XA 100 -20.02 71.76 -2.70
N TYR XA 101 -18.74 72.08 -2.71
CA TYR XA 101 -18.31 73.46 -2.54
C TYR XA 101 -18.97 74.31 -3.63
N GLY XA 102 -19.25 75.57 -3.32
CA GLY XA 102 -19.90 76.40 -4.30
C GLY XA 102 -21.39 76.19 -4.39
N ALA XA 103 -21.99 75.55 -3.40
CA ALA XA 103 -23.44 75.37 -3.39
C ALA XA 103 -24.06 76.59 -2.77
N THR XA 104 -25.05 77.16 -3.44
CA THR XA 104 -25.69 78.31 -2.87
C THR XA 104 -26.39 77.93 -1.57
N LEU XA 105 -26.49 78.91 -0.68
CA LEU XA 105 -27.28 78.72 0.53
C LEU XA 105 -28.65 78.16 0.19
N GLN XA 106 -29.19 78.59 -0.95
CA GLN XA 106 -30.48 78.10 -1.39
C GLN XA 106 -30.41 76.65 -1.82
N ASN XA 107 -29.29 76.20 -2.39
CA ASN XA 107 -29.14 74.78 -2.73
C ASN XA 107 -29.10 73.93 -1.47
N LYS XA 108 -28.43 74.41 -0.43
CA LYS XA 108 -28.37 73.67 0.84
C LYS XA 108 -29.75 73.56 1.48
N LYS XA 109 -30.45 74.71 1.61
CA LYS XA 109 -31.83 74.71 2.08
C LYS XA 109 -32.70 73.80 1.24
N ASP XA 110 -32.51 73.86 -0.08
CA ASP XA 110 -33.31 73.06 -0.99
C ASP XA 110 -33.20 71.59 -0.66
N ILE XA 111 -31.97 71.08 -0.60
CA ILE XA 111 -31.85 69.62 -0.43
C ILE XA 111 -32.29 69.20 0.96
N LEU XA 112 -32.05 70.03 1.98
CA LEU XA 112 -32.60 69.70 3.29
C LEU XA 112 -34.11 69.54 3.21
N ALA XA 113 -34.78 70.49 2.55
CA ALA XA 113 -36.23 70.45 2.48
C ALA XA 113 -36.72 69.27 1.65
N TYR XA 114 -36.03 68.95 0.55
CA TYR XA 114 -36.44 67.80 -0.27
C TYR XA 114 -36.36 66.53 0.54
N ALA XA 115 -35.26 66.35 1.28
CA ALA XA 115 -35.12 65.15 2.11
C ALA XA 115 -36.23 65.08 3.15
N ARG XA 116 -36.49 66.17 3.86
CA ARG XA 116 -37.46 66.12 4.94
C ARG XA 116 -38.87 65.89 4.40
N ASN XA 117 -39.25 66.59 3.32
CA ASN XA 117 -40.56 66.38 2.74
C ASN XA 117 -40.71 64.96 2.18
N LEU XA 118 -39.65 64.42 1.57
CA LEU XA 118 -39.74 63.06 1.05
C LEU XA 118 -39.93 62.04 2.14
N LEU XA 119 -39.17 62.15 3.24
CA LEU XA 119 -39.40 61.24 4.36
C LEU XA 119 -40.75 61.47 5.01
N GLY XA 120 -41.32 62.67 4.88
CA GLY XA 120 -42.70 62.87 5.33
C GLY XA 120 -43.75 62.30 4.40
N THR XA 121 -43.39 62.02 3.15
CA THR XA 121 -44.38 61.57 2.17
C THR XA 121 -45.05 60.27 2.60
N GLN XA 122 -46.30 60.11 2.14
CA GLN XA 122 -47.02 58.89 2.45
C GLN XA 122 -46.36 57.66 1.84
N VAL XA 123 -45.76 57.81 0.66
CA VAL XA 123 -45.14 56.64 0.04
C VAL XA 123 -44.01 56.13 0.90
N VAL XA 124 -43.22 57.05 1.47
CA VAL XA 124 -42.12 56.65 2.35
C VAL XA 124 -42.65 56.06 3.64
N THR XA 125 -43.64 56.72 4.26
CA THR XA 125 -44.23 56.18 5.49
C THR XA 125 -44.75 54.76 5.26
N ASP XA 126 -45.46 54.57 4.16
CA ASP XA 126 -46.03 53.28 3.79
C ASP XA 126 -44.94 52.24 3.55
N ALA XA 127 -43.85 52.63 2.89
CA ALA XA 127 -42.79 51.69 2.55
C ALA XA 127 -42.00 51.25 3.78
N VAL XA 128 -41.78 52.17 4.73
CA VAL XA 128 -40.98 51.82 5.90
C VAL XA 128 -41.80 51.04 6.92
N VAL XA 129 -43.06 51.42 7.14
CA VAL XA 129 -43.85 50.73 8.14
C VAL XA 129 -44.48 49.46 7.56
N ASP XA 130 -45.25 49.58 6.49
CA ASP XA 130 -45.96 48.44 5.94
C ASP XA 130 -45.14 47.65 4.92
N MET XA 131 -43.88 48.03 4.72
CA MET XA 131 -42.96 47.33 3.82
C MET XA 131 -43.44 47.33 2.37
N THR XA 132 -44.35 48.24 2.02
CA THR XA 132 -44.98 48.21 0.71
C THR XA 132 -44.27 49.19 -0.21
N PRO XA 133 -43.66 48.72 -1.30
CA PRO XA 133 -42.89 49.61 -2.19
C PRO XA 133 -43.73 50.26 -3.28
N ALA XA 134 -43.06 50.99 -4.17
CA ALA XA 134 -43.72 51.65 -5.31
C ALA XA 134 -43.49 50.81 -6.56
N TRP XA 135 -44.53 50.10 -7.00
CA TRP XA 135 -44.41 49.14 -8.11
C TRP XA 135 -45.06 49.60 -9.41
N ALA YA 1 -10.66 76.54 28.28
CA ALA YA 1 -11.37 77.16 27.18
C ALA YA 1 -12.04 76.13 26.29
N GLN YA 2 -13.34 75.86 26.52
CA GLN YA 2 -14.06 75.10 25.51
C GLN YA 2 -14.28 75.97 24.28
N ILE YA 3 -14.28 75.33 23.11
CA ILE YA 3 -14.38 76.09 21.88
C ILE YA 3 -15.75 76.75 21.81
N ALA YA 4 -15.77 77.99 21.34
CA ALA YA 4 -17.00 78.73 21.20
C ALA YA 4 -16.79 79.77 20.11
N ASN YA 5 -17.88 80.48 19.78
CA ASN YA 5 -17.87 81.44 18.70
C ASN YA 5 -16.72 82.44 18.88
N LEU YA 6 -16.28 83.03 17.77
CA LEU YA 6 -15.18 83.98 17.81
C LEU YA 6 -15.53 85.22 16.99
N ILE YA 7 -15.44 86.40 17.60
CA ILE YA 7 -15.86 87.64 16.96
C ILE YA 7 -14.65 88.54 16.75
N LEU YA 8 -14.44 88.95 15.49
CA LEU YA 8 -13.28 89.73 15.07
C LEU YA 8 -13.73 90.92 14.24
N ALA YA 9 -13.16 92.10 14.51
CA ALA YA 9 -13.57 93.33 13.85
C ALA YA 9 -12.72 93.59 12.62
N ASP YA 10 -13.36 93.77 11.47
CA ASP YA 10 -12.65 94.08 10.24
C ASP YA 10 -12.11 95.50 10.27
N GLY YA 11 -11.17 95.77 9.36
CA GLY YA 11 -10.59 97.08 9.24
C GLY YA 11 -11.34 97.94 8.26
N GLN YA 12 -12.04 98.94 8.78
CA GLN YA 12 -12.81 99.87 7.97
C GLN YA 12 -12.79 101.22 8.66
N ALA YA 13 -13.37 102.20 8.01
CA ALA YA 13 -13.62 103.48 8.68
C ALA YA 13 -14.36 103.24 9.98
N THR YA 14 -15.47 102.51 9.91
CA THR YA 14 -16.13 101.99 11.09
C THR YA 14 -16.01 100.47 11.05
N PRO YA 15 -15.29 99.85 11.97
CA PRO YA 15 -15.17 98.39 11.94
C PRO YA 15 -16.50 97.72 12.19
N ALA YA 16 -16.69 96.58 11.53
CA ALA YA 16 -17.89 95.78 11.67
C ALA YA 16 -17.54 94.40 12.18
N ASN YA 17 -18.19 93.97 13.27
CA ASN YA 17 -17.90 92.67 13.85
C ASN YA 17 -18.26 91.55 12.89
N HIS YA 18 -17.34 90.59 12.74
CA HIS YA 18 -17.55 89.40 11.94
C HIS YA 18 -17.47 88.18 12.84
N THR YA 19 -18.42 87.26 12.67
CA THR YA 19 -18.50 86.10 13.55
C THR YA 19 -17.88 84.87 12.89
N PHE YA 20 -17.35 83.97 13.73
CA PHE YA 20 -16.60 82.79 13.31
C PHE YA 20 -17.17 81.60 14.09
N VAL YA 21 -17.98 80.80 13.40
CA VAL YA 21 -18.53 79.59 13.99
C VAL YA 21 -17.41 78.53 14.07
N PRO YA 22 -17.26 77.84 15.19
CA PRO YA 22 -16.23 76.79 15.25
C PRO YA 22 -16.57 75.62 14.34
N MET YA 23 -15.52 75.02 13.77
CA MET YA 23 -15.60 73.78 13.01
C MET YA 23 -14.93 72.61 13.69
N GLN YA 24 -13.87 72.87 14.43
CA GLN YA 24 -12.99 71.78 14.83
C GLN YA 24 -12.30 72.15 16.13
N PRO YA 25 -12.48 71.38 17.19
CA PRO YA 25 -11.69 71.62 18.39
C PRO YA 25 -10.31 70.97 18.29
N GLN YA 26 -9.36 71.56 19.02
CA GLN YA 26 -8.00 71.06 19.05
C GLN YA 26 -7.92 69.74 19.81
N THR YA 27 -7.41 68.71 19.15
CA THR YA 27 -7.24 67.39 19.73
C THR YA 27 -6.10 66.69 19.00
N GLY YA 28 -5.07 66.31 19.73
CA GLY YA 28 -3.93 65.67 19.08
C GLY YA 28 -3.21 66.65 18.18
N ILE YA 29 -3.04 66.26 16.91
CA ILE YA 29 -2.41 67.16 15.94
C ILE YA 29 -3.42 68.15 15.36
N THR YA 30 -4.69 67.77 15.31
CA THR YA 30 -5.70 68.60 14.69
C THR YA 30 -5.93 69.87 15.49
N PRO YA 31 -5.80 71.06 14.90
CA PRO YA 31 -5.90 72.32 15.66
C PRO YA 31 -7.31 72.90 15.66
N SER YA 32 -7.59 73.69 16.69
CA SER YA 32 -8.88 74.36 16.77
C SER YA 32 -9.03 75.30 15.58
N GLN YA 33 -10.23 75.34 14.98
CA GLN YA 33 -10.43 76.22 13.85
C GLN YA 33 -11.88 76.67 13.71
N TRP YA 34 -12.06 77.94 13.34
CA TRP YA 34 -13.34 78.62 13.15
C TRP YA 34 -13.44 79.13 11.72
N LEU YA 35 -14.68 79.35 11.26
CA LEU YA 35 -14.99 79.75 9.89
C LEU YA 35 -15.90 80.97 9.88
N ASN YA 36 -15.75 81.83 8.86
CA ASN YA 36 -16.47 83.10 8.83
C ASN YA 36 -17.92 82.94 8.39
N LYS YA 37 -18.16 82.16 7.32
CA LYS YA 37 -19.51 81.79 6.84
C LYS YA 37 -20.26 82.94 6.17
N GLU YA 38 -19.53 83.83 5.50
CA GLU YA 38 -20.20 84.97 4.89
C GLU YA 38 -20.34 84.88 3.37
N ALA YA 39 -19.28 84.52 2.66
CA ALA YA 39 -19.41 84.36 1.22
C ALA YA 39 -20.33 83.18 0.91
N ALA YA 40 -20.93 83.22 -0.29
CA ALA YA 40 -22.03 82.32 -0.61
C ALA YA 40 -21.57 80.88 -0.78
N SER YA 41 -20.43 80.68 -1.44
CA SER YA 41 -19.87 79.37 -1.70
C SER YA 41 -19.03 78.88 -0.53
N ASN YA 42 -18.91 77.56 -0.42
CA ASN YA 42 -18.14 76.98 0.67
C ASN YA 42 -16.68 77.43 0.67
N ILE YA 43 -16.18 77.92 -0.47
CA ILE YA 43 -14.77 78.28 -0.57
C ILE YA 43 -14.49 79.62 0.12
N GLY YA 44 -15.41 80.57 0.00
CA GLY YA 44 -15.15 81.93 0.44
C GLY YA 44 -15.08 82.10 1.94
N TYR YA 45 -15.61 81.11 2.68
CA TYR YA 45 -15.56 81.11 4.14
C TYR YA 45 -14.14 81.41 4.59
N ARG YA 46 -14.00 82.41 5.46
CA ARG YA 46 -12.68 82.76 6.00
C ARG YA 46 -12.37 81.86 7.19
N LYS YA 47 -11.08 81.55 7.38
CA LYS YA 47 -10.72 80.52 8.35
C LYS YA 47 -9.69 81.03 9.35
N VAL YA 48 -9.93 80.77 10.62
CA VAL YA 48 -8.99 81.08 11.69
C VAL YA 48 -8.62 79.76 12.37
N SER YA 49 -7.34 79.52 12.60
CA SER YA 49 -6.99 78.29 13.27
C SER YA 49 -5.80 78.51 14.20
N MET YA 50 -5.78 77.70 15.28
CA MET YA 50 -4.80 77.85 16.35
C MET YA 50 -4.48 76.48 16.92
N PHE YA 51 -3.23 76.30 17.34
CA PHE YA 51 -2.76 75.08 17.99
C PHE YA 51 -1.83 75.42 19.14
N VAL YA 52 -2.14 74.91 20.33
CA VAL YA 52 -1.37 75.17 21.54
C VAL YA 52 -0.63 73.87 21.88
N LYS YA 53 0.67 73.85 21.65
CA LYS YA 53 1.53 72.71 22.02
C LYS YA 53 2.21 73.05 23.35
N TYR YA 54 1.71 72.44 24.44
CA TYR YA 54 2.30 72.59 25.75
C TYR YA 54 3.40 71.55 25.91
N VAL YA 55 4.64 71.99 26.00
CA VAL YA 55 5.78 71.12 26.25
C VAL YA 55 6.19 71.30 27.71
N SER YA 56 5.97 70.25 28.52
CA SER YA 56 6.12 70.39 29.96
C SER YA 56 7.54 70.72 30.37
N ASN YA 57 8.53 70.30 29.58
CA ASN YA 57 9.93 70.65 29.80
C ASN YA 57 10.56 71.00 28.45
N GLY YA 58 10.45 72.27 28.07
CA GLY YA 58 10.98 72.72 26.80
C GLY YA 58 10.24 73.95 26.31
N THR YA 59 10.38 74.22 25.02
CA THR YA 59 9.80 75.41 24.41
C THR YA 59 8.39 75.08 23.93
N SER YA 60 7.38 75.58 24.64
CA SER YA 60 6.00 75.45 24.22
C SER YA 60 5.69 76.44 23.11
N LYS YA 61 4.68 76.12 22.30
CA LYS YA 61 4.46 76.85 21.06
C LYS YA 61 2.97 77.02 20.76
N VAL YA 62 2.53 78.28 20.64
CA VAL YA 62 1.18 78.60 20.19
C VAL YA 62 1.28 79.08 18.75
N THR YA 63 0.50 78.46 17.85
CA THR YA 63 0.56 78.75 16.42
C THR YA 63 -0.81 79.19 15.94
N ILE YA 64 -0.86 80.27 15.16
CA ILE YA 64 -2.11 80.87 14.73
C ILE YA 64 -2.01 81.26 13.26
N ARG YA 65 -3.10 81.05 12.51
CA ARG YA 65 -3.16 81.47 11.11
C ARG YA 65 -4.58 81.91 10.74
N ILE YA 66 -4.64 83.02 10.00
CA ILE YA 66 -5.87 83.66 9.57
C ILE YA 66 -5.84 83.74 8.04
N ALA YA 67 -6.89 83.23 7.40
CA ALA YA 67 -6.97 83.16 5.94
C ALA YA 67 -8.24 83.87 5.49
N ASP YA 68 -8.04 84.96 4.72
CA ASP YA 68 -9.07 85.85 4.18
C ASP YA 68 -9.08 85.65 2.67
N PRO YA 69 -9.89 84.71 2.17
CA PRO YA 69 -9.97 84.50 0.72
C PRO YA 69 -11.02 85.40 0.08
N VAL YA 70 -10.79 85.74 -1.19
CA VAL YA 70 -11.73 86.52 -1.97
C VAL YA 70 -12.05 85.79 -3.26
N LEU YA 71 -13.34 85.54 -3.51
CA LEU YA 71 -13.76 84.82 -4.69
C LEU YA 71 -13.52 85.64 -5.95
N ALA YA 72 -13.16 84.96 -7.03
CA ALA YA 72 -12.91 85.63 -8.30
C ALA YA 72 -14.22 85.88 -9.04
N SER YA 73 -14.31 87.04 -9.66
CA SER YA 73 -15.40 87.36 -10.59
C SER YA 73 -14.80 87.35 -11.99
N VAL YA 74 -15.16 86.34 -12.77
CA VAL YA 74 -14.57 86.14 -14.09
C VAL YA 74 -15.19 87.12 -15.07
N PRO YA 75 -14.51 87.47 -16.16
CA PRO YA 75 -15.14 88.23 -17.22
C PRO YA 75 -15.86 87.30 -18.18
N ALA YA 76 -16.61 87.89 -19.10
CA ALA YA 76 -17.38 87.11 -20.06
C ALA YA 76 -16.49 86.23 -20.92
N GLY YA 77 -15.23 86.63 -21.13
CA GLY YA 77 -14.42 86.02 -22.16
C GLY YA 77 -14.03 84.59 -21.89
N CYS YA 78 -13.64 84.28 -20.65
CA CYS YA 78 -13.12 82.95 -20.37
C CYS YA 78 -14.20 81.89 -20.24
N CYS YA 79 -15.44 82.31 -19.97
CA CYS YA 79 -16.63 81.45 -20.05
C CYS YA 79 -16.59 80.29 -19.07
N VAL YA 80 -15.93 80.46 -17.92
CA VAL YA 80 -16.19 79.54 -16.82
C VAL YA 80 -17.62 79.78 -16.34
N ASP YA 81 -18.36 78.71 -16.13
CA ASP YA 81 -19.77 78.83 -15.76
C ASP YA 81 -19.92 79.68 -14.51
N THR YA 82 -20.93 80.55 -14.53
CA THR YA 82 -21.24 81.38 -13.37
C THR YA 82 -21.34 80.55 -12.10
N ASN YA 83 -21.72 79.28 -12.22
CA ASN YA 83 -22.08 78.49 -11.05
C ASN YA 83 -20.87 77.92 -10.33
N THR YA 84 -19.75 77.68 -11.03
CA THR YA 84 -18.56 77.13 -10.40
C THR YA 84 -17.61 78.24 -9.99
N PRO YA 85 -17.58 78.64 -8.71
CA PRO YA 85 -16.68 79.71 -8.31
C PRO YA 85 -15.27 79.18 -8.06
N GLN YA 86 -14.31 80.09 -8.20
CA GLN YA 86 -12.93 79.80 -7.88
C GLN YA 86 -12.39 80.92 -7.00
N VAL YA 87 -11.44 80.56 -6.14
CA VAL YA 87 -10.83 81.55 -5.26
C VAL YA 87 -9.75 82.30 -6.03
N ALA YA 88 -9.85 83.62 -6.04
CA ALA YA 88 -8.91 84.44 -6.81
C ALA YA 88 -7.57 84.54 -6.09
N TYR YA 89 -7.62 84.85 -4.80
CA TYR YA 89 -6.44 85.10 -3.98
C TYR YA 89 -6.92 85.11 -2.53
N SER YA 90 -5.97 85.05 -1.60
CA SER YA 90 -6.29 85.10 -0.19
C SER YA 90 -5.13 85.69 0.58
N THR YA 91 -5.44 86.60 1.50
CA THR YA 91 -4.45 87.16 2.40
C THR YA 91 -4.27 86.23 3.59
N PHE YA 92 -3.02 86.14 4.09
CA PHE YA 92 -2.69 85.19 5.14
C PHE YA 92 -1.92 85.88 6.27
N PHE YA 93 -2.26 85.53 7.51
CA PHE YA 93 -1.48 85.96 8.67
C PHE YA 93 -1.11 84.74 9.50
N GLU YA 94 0.19 84.54 9.75
CA GLU YA 94 0.63 83.37 10.50
C GLU YA 94 1.64 83.78 11.55
N CYS YA 95 1.33 83.52 12.82
CA CYS YA 95 2.20 83.87 13.92
C CYS YA 95 2.45 82.65 14.81
N THR YA 96 3.56 82.71 15.55
CA THR YA 96 3.97 81.67 16.49
C THR YA 96 4.58 82.32 17.72
N PHE YA 97 4.01 82.01 18.88
CA PHE YA 97 4.57 82.37 20.18
C PHE YA 97 5.40 81.18 20.68
N SER YA 98 6.64 81.45 21.09
CA SER YA 98 7.54 80.47 21.70
C SER YA 98 7.76 80.87 23.15
N VAL YA 99 7.31 80.00 24.07
CA VAL YA 99 7.38 80.22 25.51
C VAL YA 99 8.26 79.15 26.13
N PRO YA 100 9.45 79.47 26.62
CA PRO YA 100 10.34 78.45 27.17
C PRO YA 100 9.83 77.94 28.51
N TYR YA 101 10.52 76.90 29.00
CA TYR YA 101 10.05 76.22 30.21
C TYR YA 101 9.97 77.19 31.38
N GLY YA 102 11.02 77.99 31.60
CA GLY YA 102 11.15 78.79 32.80
C GLY YA 102 10.42 80.10 32.78
N ALA YA 103 9.58 80.33 31.79
CA ALA YA 103 9.00 81.66 31.57
C ALA YA 103 8.05 82.02 32.69
N THR YA 104 8.19 83.25 33.18
CA THR YA 104 7.26 83.74 34.17
C THR YA 104 5.87 83.96 33.54
N LEU YA 105 4.85 83.81 34.37
CA LEU YA 105 3.51 84.16 33.91
C LEU YA 105 3.46 85.62 33.51
N GLN YA 106 4.17 86.47 34.25
CA GLN YA 106 4.27 87.87 33.85
C GLN YA 106 4.96 88.01 32.50
N ASN YA 107 5.94 87.15 32.21
CA ASN YA 107 6.61 87.16 30.90
C ASN YA 107 5.65 86.79 29.78
N LYS YA 108 4.81 85.79 30.01
CA LYS YA 108 3.79 85.42 29.02
C LYS YA 108 2.85 86.59 28.73
N LYS YA 109 2.33 87.21 29.79
CA LYS YA 109 1.54 88.43 29.65
C LYS YA 109 2.30 89.48 28.84
N ASP YA 110 3.57 89.71 29.21
CA ASP YA 110 4.38 90.71 28.54
C ASP YA 110 4.41 90.49 27.05
N ILE YA 111 4.79 89.28 26.61
CA ILE YA 111 5.02 89.10 25.19
C ILE YA 111 3.71 89.14 24.41
N LEU YA 112 2.62 88.62 24.98
CA LEU YA 112 1.34 88.76 24.30
C LEU YA 112 1.00 90.24 24.10
N ALA YA 113 1.24 91.06 25.13
CA ALA YA 113 0.94 92.49 25.02
C ALA YA 113 1.85 93.17 24.00
N TYR YA 114 3.13 92.80 23.97
CA TYR YA 114 4.04 93.40 22.99
C TYR YA 114 3.60 93.07 21.57
N ALA YA 115 3.16 91.83 21.34
CA ALA YA 115 2.66 91.45 20.02
C ALA YA 115 1.42 92.26 19.64
N ARG YA 116 0.45 92.35 20.55
CA ARG YA 116 -0.78 93.06 20.23
C ARG YA 116 -0.50 94.54 19.97
N ASN YA 117 0.27 95.18 20.85
CA ASN YA 117 0.57 96.60 20.68
C ASN YA 117 1.38 96.83 19.40
N LEU YA 118 2.30 95.91 19.07
CA LEU YA 118 3.12 96.10 17.88
C LEU YA 118 2.29 95.98 16.62
N LEU YA 119 1.31 95.07 16.58
CA LEU YA 119 0.38 95.08 15.48
C LEU YA 119 -0.49 96.33 15.49
N GLY YA 120 -0.63 96.97 16.65
CA GLY YA 120 -1.26 98.28 16.69
C GLY YA 120 -0.42 99.42 16.15
N THR YA 121 0.91 99.26 16.16
CA THR YA 121 1.81 100.39 15.93
C THR YA 121 1.65 100.99 14.54
N GLN YA 122 1.96 102.29 14.44
CA GLN YA 122 1.87 103.00 13.18
C GLN YA 122 2.86 102.45 12.17
N VAL YA 123 4.05 102.05 12.61
CA VAL YA 123 5.04 101.52 11.69
C VAL YA 123 4.54 100.25 11.02
N VAL YA 124 3.93 99.35 11.80
CA VAL YA 124 3.45 98.08 11.25
C VAL YA 124 2.24 98.31 10.36
N THR YA 125 1.29 99.15 10.81
CA THR YA 125 0.14 99.45 9.95
C THR YA 125 0.61 100.00 8.61
N ASP YA 126 1.53 100.98 8.66
CA ASP YA 126 2.14 101.54 7.47
C ASP YA 126 2.75 100.46 6.58
N ALA YA 127 3.57 99.59 7.18
CA ALA YA 127 4.33 98.61 6.40
C ALA YA 127 3.41 97.59 5.73
N VAL YA 128 2.44 97.06 6.48
CA VAL YA 128 1.57 96.03 5.95
C VAL YA 128 0.61 96.58 4.89
N VAL YA 129 0.13 97.81 5.07
CA VAL YA 129 -0.88 98.30 4.13
C VAL YA 129 -0.24 98.93 2.90
N ASP YA 130 0.80 99.76 3.06
CA ASP YA 130 1.40 100.46 1.93
C ASP YA 130 2.69 99.82 1.44
N MET YA 131 3.10 98.67 2.01
CA MET YA 131 4.33 97.99 1.60
C MET YA 131 5.55 98.92 1.70
N THR YA 132 5.52 99.80 2.69
CA THR YA 132 6.59 100.74 2.91
C THR YA 132 7.43 100.27 4.09
N PRO YA 133 8.73 100.01 3.91
CA PRO YA 133 9.55 99.54 5.03
C PRO YA 133 9.81 100.61 6.07
N ALA YA 134 10.57 100.26 7.11
CA ALA YA 134 11.05 101.24 8.08
C ALA YA 134 12.50 101.52 7.73
N TRP YA 135 12.71 102.50 6.84
CA TRP YA 135 14.04 102.81 6.31
C TRP YA 135 14.82 103.76 7.20
N ALA ZA 1 -53.65 -36.63 -81.98
CA ALA ZA 1 -54.10 -35.38 -81.37
C ALA ZA 1 -53.29 -34.19 -81.86
N GLN ZA 2 -53.70 -33.58 -82.97
CA GLN ZA 2 -53.21 -32.25 -83.29
C GLN ZA 2 -53.54 -31.31 -82.14
N ILE ZA 3 -52.68 -30.30 -81.92
CA ILE ZA 3 -52.93 -29.38 -80.83
C ILE ZA 3 -54.17 -28.56 -81.15
N ALA ZA 4 -54.98 -28.32 -80.12
CA ALA ZA 4 -56.21 -27.55 -80.26
C ALA ZA 4 -56.60 -27.03 -78.88
N ASN ZA 5 -57.66 -26.25 -78.84
CA ASN ZA 5 -58.11 -25.57 -77.63
C ASN ZA 5 -58.31 -26.56 -76.48
N LEU ZA 6 -58.29 -26.06 -75.25
CA LEU ZA 6 -58.44 -26.90 -74.07
C LEU ZA 6 -59.45 -26.24 -73.14
N ILE ZA 7 -60.39 -27.01 -72.58
CA ILE ZA 7 -61.46 -26.45 -71.77
C ILE ZA 7 -61.46 -27.13 -70.40
N LEU ZA 8 -61.14 -26.36 -69.36
CA LEU ZA 8 -61.02 -26.86 -68.00
C LEU ZA 8 -61.96 -26.09 -67.08
N ALA ZA 9 -62.65 -26.81 -66.20
CA ALA ZA 9 -63.65 -26.20 -65.33
C ALA ZA 9 -63.05 -25.94 -63.96
N ASP ZA 10 -63.16 -24.69 -63.49
CA ASP ZA 10 -62.69 -24.35 -62.16
C ASP ZA 10 -63.60 -24.94 -61.08
N GLY ZA 11 -63.11 -24.90 -59.85
CA GLY ZA 11 -63.91 -25.40 -58.74
C GLY ZA 11 -64.67 -24.29 -58.06
N GLN ZA 12 -65.98 -24.27 -58.24
CA GLN ZA 12 -66.84 -23.31 -57.58
C GLN ZA 12 -68.10 -24.05 -57.13
N ALA ZA 13 -69.00 -23.29 -56.52
CA ALA ZA 13 -70.35 -23.81 -56.29
C ALA ZA 13 -70.91 -24.36 -57.59
N THR ZA 14 -70.92 -23.52 -58.63
CA THR ZA 14 -71.18 -23.98 -59.99
C THR ZA 14 -69.91 -23.74 -60.77
N PRO ZA 15 -69.23 -24.78 -61.23
CA PRO ZA 15 -68.01 -24.57 -62.01
C PRO ZA 15 -68.29 -23.78 -63.28
N ALA ZA 16 -67.35 -22.89 -63.61
CA ALA ZA 16 -67.40 -22.12 -64.85
C ALA ZA 16 -66.24 -22.54 -65.74
N ASN ZA 17 -66.55 -22.87 -66.99
CA ASN ZA 17 -65.54 -23.36 -67.92
C ASN ZA 17 -64.56 -22.26 -68.32
N HIS ZA 18 -63.28 -22.60 -68.37
CA HIS ZA 18 -62.23 -21.69 -68.81
C HIS ZA 18 -61.51 -22.31 -69.99
N THR ZA 19 -61.19 -21.48 -70.97
CA THR ZA 19 -60.64 -21.94 -72.24
C THR ZA 19 -59.17 -21.58 -72.35
N PHE ZA 20 -58.42 -22.44 -73.03
CA PHE ZA 20 -56.97 -22.37 -73.15
C PHE ZA 20 -56.61 -22.44 -74.63
N VAL ZA 21 -56.16 -21.32 -75.17
CA VAL ZA 21 -55.69 -21.26 -76.56
C VAL ZA 21 -54.32 -21.91 -76.65
N PRO ZA 22 -54.05 -22.72 -77.68
CA PRO ZA 22 -52.70 -23.27 -77.84
C PRO ZA 22 -51.73 -22.23 -78.35
N MET ZA 23 -50.50 -22.29 -77.84
CA MET ZA 23 -49.45 -21.36 -78.23
C MET ZA 23 -48.25 -22.04 -78.89
N GLN ZA 24 -47.79 -23.18 -78.35
CA GLN ZA 24 -46.69 -23.91 -78.95
C GLN ZA 24 -46.95 -25.40 -78.84
N PRO ZA 25 -46.75 -26.16 -79.92
CA PRO ZA 25 -46.93 -27.61 -79.86
C PRO ZA 25 -45.63 -28.34 -79.49
N GLN ZA 26 -45.77 -29.64 -79.33
CA GLN ZA 26 -44.68 -30.50 -78.91
C GLN ZA 26 -43.84 -30.91 -80.11
N THR ZA 27 -42.64 -30.34 -80.23
CA THR ZA 27 -41.65 -30.78 -81.20
C THR ZA 27 -40.30 -30.79 -80.49
N GLY ZA 28 -39.66 -31.95 -80.47
CA GLY ZA 28 -38.35 -32.04 -79.85
C GLY ZA 28 -38.45 -31.90 -78.34
N ILE ZA 29 -37.62 -31.00 -77.78
CA ILE ZA 29 -37.62 -30.78 -76.34
C ILE ZA 29 -38.81 -29.92 -75.92
N THR ZA 30 -39.26 -29.01 -76.78
CA THR ZA 30 -40.30 -28.05 -76.40
C THR ZA 30 -41.63 -28.77 -76.23
N PRO ZA 31 -42.35 -28.52 -75.13
CA PRO ZA 31 -43.62 -29.21 -74.88
C PRO ZA 31 -44.83 -28.43 -75.36
N SER ZA 32 -45.90 -29.16 -75.66
CA SER ZA 32 -47.15 -28.52 -76.04
C SER ZA 32 -47.67 -27.70 -74.86
N GLN ZA 33 -48.25 -26.53 -75.16
CA GLN ZA 33 -48.64 -25.64 -74.06
C GLN ZA 33 -49.75 -24.67 -74.50
N TRP ZA 34 -50.68 -24.42 -73.58
CA TRP ZA 34 -51.87 -23.61 -73.76
C TRP ZA 34 -51.89 -22.49 -72.72
N LEU ZA 35 -52.56 -21.39 -73.06
CA LEU ZA 35 -52.65 -20.19 -72.23
C LEU ZA 35 -54.11 -19.82 -72.03
N ASN ZA 36 -54.45 -19.33 -70.82
CA ASN ZA 36 -55.85 -19.03 -70.52
C ASN ZA 36 -56.30 -17.71 -71.11
N LYS ZA 37 -55.46 -16.67 -71.00
CA LYS ZA 37 -55.72 -15.35 -71.62
C LYS ZA 37 -56.91 -14.62 -71.00
N GLU ZA 38 -57.12 -14.84 -69.70
CA GLU ZA 38 -58.23 -14.19 -68.99
C GLU ZA 38 -57.80 -13.03 -68.11
N ALA ZA 39 -56.60 -13.05 -67.55
CA ALA ZA 39 -56.22 -12.03 -66.58
C ALA ZA 39 -55.98 -10.68 -67.25
N ALA ZA 40 -55.82 -9.64 -66.42
CA ALA ZA 40 -55.68 -8.28 -66.92
C ALA ZA 40 -54.36 -8.06 -67.65
N SER ZA 41 -53.25 -8.55 -67.08
CA SER ZA 41 -51.93 -8.39 -67.66
C SER ZA 41 -51.49 -9.68 -68.35
N ASN ZA 42 -50.45 -9.55 -69.19
CA ASN ZA 42 -49.98 -10.72 -69.91
C ASN ZA 42 -49.35 -11.77 -69.00
N ILE ZA 43 -49.01 -11.40 -67.76
CA ILE ZA 43 -48.36 -12.34 -66.86
C ILE ZA 43 -49.35 -13.17 -66.06
N GLY ZA 44 -50.58 -12.69 -65.88
CA GLY ZA 44 -51.60 -13.40 -65.15
C GLY ZA 44 -52.22 -14.56 -65.89
N TYR ZA 45 -51.90 -14.71 -67.18
CA TYR ZA 45 -52.48 -15.77 -67.99
C TYR ZA 45 -52.15 -17.13 -67.39
N ARG ZA 46 -53.17 -17.97 -67.23
CA ARG ZA 46 -52.96 -19.30 -66.67
C ARG ZA 46 -52.47 -20.24 -67.76
N LYS ZA 47 -51.52 -21.11 -67.42
CA LYS ZA 47 -50.91 -21.91 -68.48
C LYS ZA 47 -50.91 -23.39 -68.12
N VAL ZA 48 -50.98 -24.20 -69.17
CA VAL ZA 48 -50.94 -25.64 -69.07
C VAL ZA 48 -49.89 -26.13 -70.06
N SER ZA 49 -49.13 -27.15 -69.69
CA SER ZA 49 -48.19 -27.70 -70.66
C SER ZA 49 -48.01 -29.19 -70.41
N MET ZA 50 -47.66 -29.89 -71.48
CA MET ZA 50 -47.60 -31.35 -71.51
C MET ZA 50 -46.52 -31.81 -72.48
N PHE ZA 51 -45.85 -32.91 -72.13
CA PHE ZA 51 -44.83 -33.51 -72.98
C PHE ZA 51 -44.88 -35.04 -72.87
N VAL ZA 52 -44.88 -35.71 -74.01
CA VAL ZA 52 -45.04 -37.17 -74.09
C VAL ZA 52 -43.76 -37.74 -74.69
N LYS ZA 53 -42.80 -38.09 -73.83
CA LYS ZA 53 -41.54 -38.68 -74.28
C LYS ZA 53 -41.75 -40.18 -74.48
N TYR ZA 54 -41.77 -40.61 -75.73
CA TYR ZA 54 -41.92 -42.02 -76.09
C TYR ZA 54 -40.53 -42.66 -76.21
N VAL ZA 55 -40.23 -43.60 -75.32
CA VAL ZA 55 -38.95 -44.30 -75.29
C VAL ZA 55 -39.21 -45.75 -75.70
N SER ZA 56 -38.77 -46.10 -76.92
CA SER ZA 56 -39.17 -47.38 -77.51
C SER ZA 56 -38.63 -48.56 -76.71
N ASN ZA 57 -37.38 -48.49 -76.27
CA ASN ZA 57 -36.84 -49.48 -75.34
C ASN ZA 57 -36.40 -48.76 -74.07
N GLY ZA 58 -37.35 -48.53 -73.18
CA GLY ZA 58 -37.06 -47.81 -71.97
C GLY ZA 58 -38.34 -47.24 -71.39
N THR ZA 59 -38.17 -46.30 -70.47
CA THR ZA 59 -39.24 -45.81 -69.61
C THR ZA 59 -39.82 -44.54 -70.22
N SER ZA 60 -40.94 -44.68 -70.93
CA SER ZA 60 -41.64 -43.54 -71.48
C SER ZA 60 -42.23 -42.69 -70.36
N LYS ZA 61 -42.43 -41.39 -70.64
CA LYS ZA 61 -42.83 -40.45 -69.60
C LYS ZA 61 -43.78 -39.39 -70.15
N VAL ZA 62 -44.89 -39.17 -69.46
CA VAL ZA 62 -45.83 -38.08 -69.77
C VAL ZA 62 -45.79 -37.08 -68.62
N THR ZA 63 -45.41 -35.85 -68.93
CA THR ZA 63 -45.25 -34.81 -67.91
C THR ZA 63 -46.25 -33.68 -68.17
N ILE ZA 64 -46.95 -33.27 -67.11
CA ILE ZA 64 -48.00 -32.26 -67.18
C ILE ZA 64 -47.80 -31.24 -66.06
N ARG ZA 65 -47.96 -29.96 -66.39
CA ARG ZA 65 -47.89 -28.92 -65.35
C ARG ZA 65 -48.92 -27.82 -65.62
N ILE ZA 66 -49.58 -27.40 -64.55
CA ILE ZA 66 -50.67 -26.42 -64.57
C ILE ZA 66 -50.32 -25.28 -63.62
N ALA ZA 67 -50.37 -24.05 -64.13
CA ALA ZA 67 -49.98 -22.86 -63.37
C ALA ZA 67 -51.13 -21.86 -63.34
N ASP ZA 68 -51.62 -21.56 -62.13
CA ASP ZA 68 -52.72 -20.63 -61.90
C ASP ZA 68 -52.18 -19.46 -61.08
N PRO ZA 69 -51.81 -18.35 -61.72
CA PRO ZA 69 -51.29 -17.20 -60.98
C PRO ZA 69 -52.39 -16.21 -60.59
N VAL ZA 70 -52.12 -15.47 -59.52
CA VAL ZA 70 -52.99 -14.40 -59.05
C VAL ZA 70 -52.16 -13.12 -58.98
N LEU ZA 71 -52.57 -12.11 -59.75
CA LEU ZA 71 -51.79 -10.88 -59.85
C LEU ZA 71 -51.97 -10.04 -58.58
N ALA ZA 72 -51.08 -9.05 -58.44
CA ALA ZA 72 -51.06 -8.19 -57.26
C ALA ZA 72 -51.89 -6.94 -57.53
N SER ZA 73 -53.05 -6.83 -56.88
CA SER ZA 73 -53.95 -5.69 -57.05
C SER ZA 73 -53.69 -4.67 -55.94
N VAL ZA 74 -53.38 -3.44 -56.34
CA VAL ZA 74 -53.06 -2.37 -55.41
C VAL ZA 74 -54.21 -1.39 -55.39
N PRO ZA 75 -54.40 -0.62 -54.31
CA PRO ZA 75 -55.47 0.38 -54.27
C PRO ZA 75 -55.42 1.33 -55.47
N ALA ZA 76 -56.61 1.73 -55.94
CA ALA ZA 76 -56.71 2.43 -57.22
C ALA ZA 76 -55.97 3.76 -57.19
N GLY ZA 77 -56.16 4.54 -56.13
CA GLY ZA 77 -55.47 5.82 -56.03
C GLY ZA 77 -53.97 5.70 -55.99
N CYS ZA 78 -53.45 4.55 -55.57
CA CYS ZA 78 -52.02 4.38 -55.45
C CYS ZA 78 -51.37 4.33 -56.83
N CYS ZA 79 -50.04 4.56 -56.86
CA CYS ZA 79 -49.29 4.67 -58.10
C CYS ZA 79 -48.23 3.58 -58.18
N VAL ZA 80 -48.54 2.52 -58.91
CA VAL ZA 80 -47.53 1.58 -59.40
C VAL ZA 80 -47.77 1.45 -60.89
N ASP ZA 81 -46.70 1.60 -61.67
CA ASP ZA 81 -46.84 1.63 -63.12
C ASP ZA 81 -47.57 0.38 -63.61
N THR ZA 82 -48.69 0.59 -64.29
CA THR ZA 82 -49.45 -0.55 -64.80
C THR ZA 82 -48.68 -1.32 -65.86
N ASN ZA 83 -47.68 -0.68 -66.47
CA ASN ZA 83 -46.83 -1.39 -67.42
C ASN ZA 83 -45.93 -2.42 -66.73
N THR ZA 84 -45.71 -2.28 -65.42
CA THR ZA 84 -44.89 -3.22 -64.67
C THR ZA 84 -45.71 -3.85 -63.54
N PRO ZA 85 -46.55 -4.89 -63.85
CA PRO ZA 85 -47.25 -5.62 -62.79
C PRO ZA 85 -46.45 -6.83 -62.34
N GLN ZA 86 -46.78 -7.34 -61.17
CA GLN ZA 86 -46.13 -8.53 -60.64
C GLN ZA 86 -47.18 -9.55 -60.29
N VAL ZA 87 -46.72 -10.79 -60.19
CA VAL ZA 87 -47.53 -11.90 -59.71
C VAL ZA 87 -47.32 -12.00 -58.21
N ALA ZA 88 -48.40 -11.90 -57.45
CA ALA ZA 88 -48.33 -12.05 -56.00
C ALA ZA 88 -47.94 -13.46 -55.61
N TYR ZA 89 -48.62 -14.45 -56.19
CA TYR ZA 89 -48.38 -15.85 -55.90
C TYR ZA 89 -49.09 -16.67 -56.98
N SER ZA 90 -48.71 -17.93 -57.10
CA SER ZA 90 -49.32 -18.80 -58.11
C SER ZA 90 -49.32 -20.24 -57.62
N THR ZA 91 -50.45 -20.91 -57.81
CA THR ZA 91 -50.55 -22.32 -57.48
C THR ZA 91 -50.07 -23.16 -58.66
N PHE ZA 92 -49.51 -24.33 -58.34
CA PHE ZA 92 -48.90 -25.19 -59.35
C PHE ZA 92 -49.30 -26.65 -59.14
N PHE ZA 93 -49.49 -27.37 -60.26
CA PHE ZA 93 -49.70 -28.82 -60.23
C PHE ZA 93 -48.79 -29.48 -61.25
N GLU ZA 94 -47.95 -30.42 -60.79
CA GLU ZA 94 -47.01 -31.09 -61.68
C GLU ZA 94 -47.08 -32.59 -61.49
N CYS ZA 95 -47.37 -33.33 -62.56
CA CYS ZA 95 -47.45 -34.78 -62.51
C CYS ZA 95 -46.66 -35.42 -63.64
N THR ZA 96 -46.15 -36.62 -63.38
CA THR ZA 96 -45.38 -37.40 -64.35
C THR ZA 96 -45.81 -38.85 -64.28
N PHE ZA 97 -46.32 -39.35 -65.40
CA PHE ZA 97 -46.55 -40.77 -65.62
C PHE ZA 97 -45.29 -41.40 -66.16
N SER ZA 98 -44.89 -42.55 -65.61
CA SER ZA 98 -43.74 -43.31 -66.06
C SER ZA 98 -44.19 -44.71 -66.42
N VAL ZA 99 -44.16 -45.02 -67.71
CA VAL ZA 99 -44.69 -46.26 -68.28
C VAL ZA 99 -43.52 -47.04 -68.86
N PRO ZA 100 -43.27 -48.27 -68.41
CA PRO ZA 100 -42.16 -49.05 -68.97
C PRO ZA 100 -42.39 -49.41 -70.43
N TYR ZA 101 -41.29 -49.70 -71.12
CA TYR ZA 101 -41.39 -50.42 -72.38
C TYR ZA 101 -42.12 -51.73 -72.15
N GLY ZA 102 -42.79 -52.22 -73.18
CA GLY ZA 102 -43.47 -53.48 -73.07
C GLY ZA 102 -44.64 -53.51 -72.10
N ALA ZA 103 -45.17 -52.35 -71.71
CA ALA ZA 103 -46.36 -52.32 -70.87
C ALA ZA 103 -47.61 -52.45 -71.72
N THR ZA 104 -48.52 -53.31 -71.29
CA THR ZA 104 -49.76 -53.53 -72.03
C THR ZA 104 -50.60 -52.27 -72.06
N LEU ZA 105 -51.32 -52.09 -73.16
CA LEU ZA 105 -52.34 -51.04 -73.23
C LEU ZA 105 -53.25 -51.12 -72.00
N GLN ZA 106 -53.48 -52.33 -71.49
CA GLN ZA 106 -54.28 -52.47 -70.27
C GLN ZA 106 -53.54 -51.90 -69.06
N ASN ZA 107 -52.23 -52.09 -68.98
CA ASN ZA 107 -51.46 -51.50 -67.87
C ASN ZA 107 -51.53 -49.97 -67.92
N LYS ZA 108 -51.49 -49.40 -69.14
CA LYS ZA 108 -51.57 -47.94 -69.27
C LYS ZA 108 -52.93 -47.43 -68.84
N LYS ZA 109 -54.00 -48.06 -69.34
CA LYS ZA 109 -55.35 -47.76 -68.87
C LYS ZA 109 -55.42 -47.83 -67.35
N ASP ZA 110 -54.86 -48.90 -66.78
CA ASP ZA 110 -54.90 -49.12 -65.34
C ASP ZA 110 -54.31 -47.92 -64.59
N ILE ZA 111 -53.07 -47.54 -64.92
CA ILE ZA 111 -52.45 -46.51 -64.10
C ILE ZA 111 -53.10 -45.15 -64.33
N LEU ZA 112 -53.53 -44.86 -65.56
CA LEU ZA 112 -54.29 -43.62 -65.76
C LEU ZA 112 -55.50 -43.58 -64.84
N ALA ZA 113 -56.24 -44.69 -64.77
CA ALA ZA 113 -57.45 -44.72 -63.94
C ALA ZA 113 -57.12 -44.63 -62.46
N TYR ZA 114 -56.05 -45.29 -62.02
CA TYR ZA 114 -55.67 -45.19 -60.61
C TYR ZA 114 -55.37 -43.75 -60.24
N ALA ZA 115 -54.62 -43.05 -61.09
CA ALA ZA 115 -54.28 -41.66 -60.82
C ALA ZA 115 -55.53 -40.80 -60.75
N ARG ZA 116 -56.42 -40.94 -61.74
CA ARG ZA 116 -57.60 -40.08 -61.78
C ARG ZA 116 -58.52 -40.35 -60.59
N ASN ZA 117 -58.74 -41.63 -60.26
CA ASN ZA 117 -59.59 -41.98 -59.13
C ASN ZA 117 -58.98 -41.50 -57.81
N LEU ZA 118 -57.65 -41.58 -57.68
CA LEU ZA 118 -57.01 -41.13 -56.45
C LEU ZA 118 -57.15 -39.62 -56.28
N LEU ZA 119 -56.90 -38.85 -57.35
CA LEU ZA 119 -57.11 -37.41 -57.24
C LEU ZA 119 -58.58 -37.07 -57.01
N GLY ZA 120 -59.48 -37.95 -57.43
CA GLY ZA 120 -60.87 -37.76 -57.07
C GLY ZA 120 -61.26 -38.25 -55.69
N THR ZA 121 -60.34 -38.79 -54.89
CA THR ZA 121 -60.72 -39.34 -53.60
C THR ZA 121 -60.94 -38.24 -52.57
N GLN ZA 122 -61.77 -38.55 -51.58
CA GLN ZA 122 -62.07 -37.56 -50.54
C GLN ZA 122 -60.84 -37.22 -49.73
N VAL ZA 123 -59.95 -38.18 -49.49
CA VAL ZA 123 -58.75 -37.86 -48.72
C VAL ZA 123 -57.84 -36.90 -49.49
N VAL ZA 124 -57.77 -37.08 -50.81
CA VAL ZA 124 -56.90 -36.21 -51.62
C VAL ZA 124 -57.50 -34.79 -51.72
N THR ZA 125 -58.80 -34.71 -52.01
CA THR ZA 125 -59.44 -33.39 -52.05
C THR ZA 125 -59.33 -32.69 -50.70
N ASP ZA 126 -59.54 -33.44 -49.62
CA ASP ZA 126 -59.37 -32.93 -48.27
C ASP ZA 126 -57.97 -32.37 -48.08
N ALA ZA 127 -56.95 -33.15 -48.44
CA ALA ZA 127 -55.57 -32.73 -48.20
C ALA ZA 127 -55.22 -31.46 -48.97
N VAL ZA 128 -55.57 -31.42 -50.26
CA VAL ZA 128 -55.18 -30.28 -51.09
C VAL ZA 128 -55.93 -29.01 -50.71
N VAL ZA 129 -57.21 -29.13 -50.36
CA VAL ZA 129 -58.00 -27.92 -50.09
C VAL ZA 129 -57.83 -27.47 -48.64
N ASP ZA 130 -58.08 -28.35 -47.68
CA ASP ZA 130 -58.04 -27.96 -46.27
C ASP ZA 130 -56.66 -28.09 -45.65
N MET ZA 131 -55.67 -28.61 -46.38
CA MET ZA 131 -54.34 -28.90 -45.82
C MET ZA 131 -54.43 -29.98 -44.75
N THR ZA 132 -55.25 -30.99 -44.98
CA THR ZA 132 -55.50 -32.00 -43.96
C THR ZA 132 -54.84 -33.31 -44.36
N PRO ZA 133 -53.96 -33.86 -43.53
CA PRO ZA 133 -53.23 -35.08 -43.87
C PRO ZA 133 -53.98 -36.35 -43.51
N ALA ZA 134 -53.38 -37.50 -43.78
CA ALA ZA 134 -53.90 -38.78 -43.36
C ALA ZA 134 -53.14 -39.23 -42.11
N TRP ZA 135 -53.74 -39.01 -40.94
CA TRP ZA 135 -53.03 -39.25 -39.67
C TRP ZA 135 -53.34 -40.59 -39.02
N ALA AB 1 -47.85 -31.28 -98.03
CA ALA AB 1 -48.22 -32.42 -97.21
C ALA AB 1 -48.22 -32.06 -95.73
N GLN AB 2 -49.36 -31.63 -95.19
CA GLN AB 2 -49.46 -31.59 -93.74
C GLN AB 2 -49.33 -33.01 -93.22
N ILE AB 3 -48.66 -33.16 -92.07
CA ILE AB 3 -48.45 -34.49 -91.55
C ILE AB 3 -49.79 -35.14 -91.29
N ALA AB 4 -49.92 -36.40 -91.68
CA ALA AB 4 -51.16 -37.14 -91.50
C ALA AB 4 -50.82 -38.61 -91.47
N ASN AB 5 -51.84 -39.42 -91.17
CA ASN AB 5 -51.67 -40.86 -91.07
C ASN AB 5 -50.96 -41.41 -92.31
N LEU AB 6 -50.28 -42.52 -92.13
CA LEU AB 6 -49.48 -43.13 -93.20
C LEU AB 6 -49.80 -44.61 -93.27
N ILE AB 7 -50.12 -45.12 -94.46
CA ILE AB 7 -50.59 -46.50 -94.59
C ILE AB 7 -49.63 -47.27 -95.48
N LEU AB 8 -48.98 -48.30 -94.91
CA LEU AB 8 -47.99 -49.10 -95.61
C LEU AB 8 -48.38 -50.57 -95.55
N ALA AB 9 -48.27 -51.26 -96.68
CA ALA AB 9 -48.70 -52.65 -96.77
C ALA AB 9 -47.52 -53.58 -96.55
N ASP AB 10 -47.69 -54.53 -95.62
CA ASP AB 10 -46.67 -55.55 -95.38
C ASP AB 10 -46.59 -56.56 -96.53
N GLY AB 11 -45.50 -57.31 -96.55
CA GLY AB 11 -45.31 -58.33 -97.56
C GLY AB 11 -45.82 -59.68 -97.11
N GLN AB 12 -46.96 -60.07 -97.65
CA GLN AB 12 -47.53 -61.38 -97.41
C GLN AB 12 -48.12 -61.87 -98.73
N ALA AB 13 -48.68 -63.08 -98.69
CA ALA AB 13 -49.48 -63.53 -99.81
C ALA AB 13 -50.55 -62.51 -100.15
N THR AB 14 -51.36 -62.17 -99.16
CA THR AB 14 -52.29 -61.06 -99.28
C THR AB 14 -51.75 -59.99 -98.34
N PRO AB 15 -51.15 -58.94 -98.88
CA PRO AB 15 -50.61 -57.88 -98.01
C PRO AB 15 -51.71 -57.25 -97.18
N ALA AB 16 -51.33 -56.84 -95.97
CA ALA AB 16 -52.24 -56.24 -95.02
C ALA AB 16 -51.81 -54.81 -94.73
N ASN AB 17 -52.72 -53.85 -94.95
CA ASN AB 17 -52.40 -52.45 -94.69
C ASN AB 17 -52.15 -52.25 -93.19
N HIS AB 18 -51.08 -51.54 -92.86
CA HIS AB 18 -50.75 -51.17 -91.50
C HIS AB 18 -50.69 -49.65 -91.42
N THR AB 19 -51.33 -49.09 -90.41
CA THR AB 19 -51.48 -47.66 -90.26
C THR AB 19 -50.41 -47.11 -89.33
N PHE AB 20 -50.07 -45.83 -89.54
CA PHE AB 20 -49.01 -45.11 -88.83
C PHE AB 20 -49.56 -43.77 -88.38
N VAL AB 21 -49.83 -43.66 -87.08
CA VAL AB 21 -50.27 -42.39 -86.50
C VAL AB 21 -49.10 -41.42 -86.50
N PRO AB 22 -49.29 -40.14 -86.80
CA PRO AB 22 -48.21 -39.17 -86.65
C PRO AB 22 -47.93 -38.86 -85.19
N MET AB 23 -46.66 -38.60 -84.91
CA MET AB 23 -46.19 -38.26 -83.57
C MET AB 23 -45.77 -36.80 -83.45
N GLN AB 24 -45.00 -36.29 -84.40
CA GLN AB 24 -44.67 -34.88 -84.44
C GLN AB 24 -44.34 -34.49 -85.87
N PRO AB 25 -44.63 -33.26 -86.27
CA PRO AB 25 -44.34 -32.84 -87.63
C PRO AB 25 -42.84 -32.62 -87.78
N GLN AB 26 -42.45 -32.19 -88.97
CA GLN AB 26 -41.05 -31.90 -89.26
C GLN AB 26 -40.76 -30.46 -88.88
N THR AB 27 -39.66 -30.27 -88.14
CA THR AB 27 -39.18 -28.98 -87.68
C THR AB 27 -37.80 -28.76 -88.28
N GLY AB 28 -37.20 -27.60 -87.99
CA GLY AB 28 -35.86 -27.33 -88.47
C GLY AB 28 -34.80 -28.27 -87.95
N ILE AB 29 -35.01 -28.84 -86.75
CA ILE AB 29 -34.03 -29.74 -86.16
C ILE AB 29 -34.58 -31.15 -85.95
N THR AB 30 -35.89 -31.32 -85.82
CA THR AB 30 -36.48 -32.64 -85.60
C THR AB 30 -37.19 -33.14 -86.85
N PRO AB 31 -37.05 -34.41 -87.20
CA PRO AB 31 -37.72 -34.96 -88.38
C PRO AB 31 -39.13 -35.46 -88.09
N SER AB 32 -39.99 -35.30 -89.10
CA SER AB 32 -41.36 -35.78 -88.96
C SER AB 32 -41.35 -37.29 -88.79
N GLN AB 33 -42.20 -37.80 -87.89
CA GLN AB 33 -42.15 -39.23 -87.60
C GLN AB 33 -43.51 -39.77 -87.18
N TRP AB 34 -43.76 -41.02 -87.57
CA TRP AB 34 -45.00 -41.77 -87.33
C TRP AB 34 -44.70 -43.03 -86.50
N LEU AB 35 -45.76 -43.71 -86.09
CA LEU AB 35 -45.71 -44.87 -85.20
C LEU AB 35 -46.77 -45.88 -85.59
N ASN AB 36 -46.43 -47.18 -85.52
CA ASN AB 36 -47.37 -48.22 -85.92
C ASN AB 36 -48.46 -48.43 -84.88
N LYS AB 37 -48.06 -48.63 -83.61
CA LYS AB 37 -48.99 -48.73 -82.49
C LYS AB 37 -49.89 -49.96 -82.60
N GLU AB 38 -49.33 -51.05 -83.11
CA GLU AB 38 -50.07 -52.29 -83.22
C GLU AB 38 -49.75 -53.29 -82.11
N ALA AB 39 -48.48 -53.65 -81.94
CA ALA AB 39 -48.16 -54.62 -80.90
C ALA AB 39 -48.44 -54.04 -79.51
N ALA AB 40 -48.71 -54.92 -78.55
CA ALA AB 40 -49.11 -54.45 -77.22
C ALA AB 40 -47.98 -53.74 -76.51
N SER AB 41 -46.75 -54.20 -76.74
CA SER AB 41 -45.58 -53.65 -76.06
C SER AB 41 -45.10 -52.36 -76.73
N ASN AB 42 -44.62 -51.43 -75.89
CA ASN AB 42 -44.02 -50.21 -76.43
C ASN AB 42 -42.91 -50.51 -77.43
N ILE AB 43 -42.23 -51.64 -77.27
CA ILE AB 43 -41.11 -51.97 -78.15
C ILE AB 43 -41.61 -52.34 -79.54
N GLY AB 44 -42.68 -53.12 -79.62
CA GLY AB 44 -43.19 -53.64 -80.88
C GLY AB 44 -43.78 -52.61 -81.82
N TYR AB 45 -43.96 -51.37 -81.38
CA TYR AB 45 -44.40 -50.32 -82.29
C TYR AB 45 -43.36 -50.12 -83.38
N ARG AB 46 -43.82 -49.96 -84.62
CA ARG AB 46 -42.94 -49.75 -85.75
C ARG AB 46 -42.92 -48.26 -86.09
N LYS AB 47 -41.74 -47.70 -86.33
CA LYS AB 47 -41.64 -46.27 -86.53
C LYS AB 47 -41.11 -45.96 -87.93
N VAL AB 48 -41.48 -44.79 -88.42
CA VAL AB 48 -41.09 -44.31 -89.74
C VAL AB 48 -40.80 -42.83 -89.60
N SER AB 49 -39.57 -42.42 -89.88
CA SER AB 49 -39.21 -41.01 -89.75
C SER AB 49 -38.60 -40.51 -91.05
N MET AB 50 -38.74 -39.20 -91.28
CA MET AB 50 -38.38 -38.58 -92.54
C MET AB 50 -37.99 -37.13 -92.28
N PHE AB 51 -36.99 -36.65 -93.02
CA PHE AB 51 -36.55 -35.26 -92.92
C PHE AB 51 -36.08 -34.71 -94.26
N VAL AB 52 -36.56 -33.52 -94.61
CA VAL AB 52 -36.33 -32.88 -95.91
C VAL AB 52 -35.51 -31.62 -95.67
N LYS AB 53 -34.17 -31.72 -95.79
CA LYS AB 53 -33.29 -30.57 -95.60
C LYS AB 53 -33.13 -29.84 -96.92
N TYR AB 54 -33.72 -28.65 -97.03
CA TYR AB 54 -33.63 -27.81 -98.22
C TYR AB 54 -32.39 -26.92 -98.11
N VAL AB 55 -31.50 -27.04 -99.08
CA VAL AB 55 -30.29 -26.22 -99.15
C VAL AB 55 -30.39 -25.39 -100.42
N SER AB 56 -30.69 -24.10 -100.28
CA SER AB 56 -31.03 -23.27 -101.43
C SER AB 56 -29.86 -23.11 -102.39
N ASN AB 57 -28.62 -23.17 -101.90
CA ASN AB 57 -27.43 -23.22 -102.74
C ASN AB 57 -26.54 -24.36 -102.26
N GLY AB 58 -26.84 -25.56 -102.71
CA GLY AB 58 -26.08 -26.73 -102.30
C GLY AB 58 -26.91 -27.99 -102.45
N THR AB 59 -26.45 -29.04 -101.80
CA THR AB 59 -27.03 -30.37 -101.95
C THR AB 59 -28.14 -30.54 -100.91
N SER AB 60 -29.40 -30.42 -101.35
CA SER AB 60 -30.52 -30.74 -100.50
C SER AB 60 -30.57 -32.25 -100.25
N LYS AB 61 -31.21 -32.66 -99.16
CA LYS AB 61 -31.18 -34.06 -98.75
C LYS AB 61 -32.49 -34.51 -98.12
N VAL AB 62 -33.10 -35.56 -98.69
CA VAL AB 62 -34.26 -36.22 -98.10
C VAL AB 62 -33.80 -37.51 -97.44
N THR AB 63 -34.12 -37.69 -96.16
CA THR AB 63 -33.66 -38.84 -95.38
C THR AB 63 -34.86 -39.57 -94.81
N ILE AB 64 -34.85 -40.90 -94.93
CA ILE AB 64 -35.97 -41.74 -94.52
C ILE AB 64 -35.43 -42.95 -93.77
N ARG AB 65 -36.07 -43.31 -92.65
CA ARG AB 65 -35.70 -44.53 -91.96
C ARG AB 65 -36.94 -45.21 -91.38
N ILE AB 66 -36.99 -46.53 -91.56
CA ILE AB 66 -38.11 -47.39 -91.22
C ILE AB 66 -37.60 -48.46 -90.26
N ALA AB 67 -38.29 -48.65 -89.14
CA ALA AB 67 -37.89 -49.62 -88.12
C ALA AB 67 -39.06 -50.53 -87.79
N ASP AB 68 -38.84 -51.85 -87.98
CA ASP AB 68 -39.84 -52.89 -87.69
C ASP AB 68 -39.27 -53.82 -86.63
N PRO AB 69 -39.68 -53.68 -85.37
CA PRO AB 69 -39.22 -54.61 -84.33
C PRO AB 69 -39.85 -55.99 -84.52
N VAL AB 70 -39.00 -57.01 -84.68
CA VAL AB 70 -39.49 -58.37 -84.77
C VAL AB 70 -39.12 -59.11 -83.49
N LEU AB 71 -39.98 -59.00 -82.47
CA LEU AB 71 -39.73 -59.68 -81.22
C LEU AB 71 -40.22 -61.11 -81.24
N ALA AB 72 -41.16 -61.42 -82.14
CA ALA AB 72 -41.58 -62.80 -82.32
C ALA AB 72 -40.40 -63.68 -82.70
N SER AB 73 -39.49 -63.14 -83.51
CA SER AB 73 -38.35 -63.90 -83.98
C SER AB 73 -37.30 -64.13 -82.91
N VAL AB 74 -37.39 -63.43 -81.78
CA VAL AB 74 -36.39 -63.57 -80.70
C VAL AB 74 -36.59 -64.92 -80.01
N PRO AB 75 -35.52 -65.69 -79.75
CA PRO AB 75 -35.69 -66.93 -79.01
C PRO AB 75 -36.24 -66.69 -77.61
N ALA AB 76 -36.94 -67.68 -77.09
CA ALA AB 76 -37.53 -67.54 -75.76
C ALA AB 76 -36.47 -67.41 -74.68
N GLY AB 77 -35.31 -68.03 -74.89
CA GLY AB 77 -34.26 -68.00 -73.87
C GLY AB 77 -33.59 -66.64 -73.74
N CYS AB 78 -33.55 -65.86 -74.83
CA CYS AB 78 -32.90 -64.57 -74.79
C CYS AB 78 -33.84 -63.51 -74.22
N CYS AB 79 -33.33 -62.75 -73.25
CA CYS AB 79 -34.07 -61.65 -72.66
C CYS AB 79 -33.76 -60.35 -73.42
N VAL AB 80 -34.79 -59.55 -73.62
CA VAL AB 80 -34.67 -58.25 -74.29
C VAL AB 80 -34.94 -57.16 -73.26
N ASP AB 81 -33.95 -56.29 -73.05
CA ASP AB 81 -34.05 -55.18 -72.11
C ASP AB 81 -33.41 -53.95 -72.73
N THR AB 82 -33.40 -52.83 -71.98
CA THR AB 82 -32.93 -51.57 -72.53
C THR AB 82 -31.52 -51.69 -73.10
N ASN AB 83 -30.70 -52.56 -72.50
CA ASN AB 83 -29.32 -52.75 -72.93
C ASN AB 83 -29.18 -53.60 -74.18
N THR AB 84 -30.24 -54.29 -74.62
CA THR AB 84 -30.14 -55.07 -75.85
C THR AB 84 -29.99 -54.11 -77.03
N PRO AB 85 -28.98 -54.31 -77.86
CA PRO AB 85 -28.79 -53.41 -79.02
C PRO AB 85 -29.97 -53.52 -79.99
N GLN AB 86 -30.39 -52.36 -80.49
CA GLN AB 86 -31.58 -52.33 -81.33
C GLN AB 86 -31.40 -53.20 -82.57
N VAL AB 87 -30.24 -53.12 -83.23
CA VAL AB 87 -30.04 -53.69 -84.55
C VAL AB 87 -30.04 -55.22 -84.47
N ALA AB 88 -30.20 -55.75 -83.27
CA ALA AB 88 -30.26 -57.19 -83.08
C ALA AB 88 -31.68 -57.73 -83.00
N TYR AB 89 -32.69 -56.89 -82.69
CA TYR AB 89 -34.05 -57.40 -82.53
C TYR AB 89 -35.06 -56.66 -83.40
N SER AB 90 -34.62 -56.04 -84.49
CA SER AB 90 -35.54 -55.33 -85.38
C SER AB 90 -34.87 -55.09 -86.73
N THR AB 91 -35.69 -55.05 -87.77
CA THR AB 91 -35.22 -54.77 -89.12
C THR AB 91 -35.28 -53.26 -89.39
N PHE AB 92 -34.36 -52.79 -90.23
CA PHE AB 92 -34.19 -51.36 -90.48
C PHE AB 92 -33.97 -51.08 -91.96
N PHE AB 93 -34.54 -49.97 -92.44
CA PHE AB 93 -34.30 -49.49 -93.80
C PHE AB 93 -34.00 -48.00 -93.76
N GLU AB 94 -32.85 -47.60 -94.30
CA GLU AB 94 -32.45 -46.19 -94.27
C GLU AB 94 -32.01 -45.74 -95.66
N CYS AB 95 -32.66 -44.71 -96.20
CA CYS AB 95 -32.28 -44.17 -97.50
C CYS AB 95 -32.12 -42.65 -97.43
N THR AB 96 -31.30 -42.12 -98.35
CA THR AB 96 -31.04 -40.69 -98.47
C THR AB 96 -30.95 -40.33 -99.96
N PHE AB 97 -31.84 -39.42 -100.37
CA PHE AB 97 -31.78 -38.77 -101.67
C PHE AB 97 -30.96 -37.49 -101.54
N SER AB 98 -29.95 -37.35 -102.40
CA SER AB 98 -29.14 -36.14 -102.48
C SER AB 98 -29.44 -35.45 -103.80
N VAL AB 99 -29.97 -34.24 -103.71
CA VAL AB 99 -30.42 -33.46 -104.86
C VAL AB 99 -29.67 -32.13 -104.91
N PRO AB 100 -28.76 -31.92 -105.85
CA PRO AB 100 -28.04 -30.66 -105.90
C PRO AB 100 -28.95 -29.52 -106.34
N TYR AB 101 -28.63 -28.31 -105.89
CA TYR AB 101 -29.32 -27.13 -106.39
C TYR AB 101 -29.17 -27.08 -107.91
N GLY AB 102 -30.17 -26.54 -108.59
CA GLY AB 102 -30.07 -26.49 -110.03
C GLY AB 102 -30.43 -27.79 -110.70
N ALA AB 103 -31.10 -28.70 -110.00
CA ALA AB 103 -31.54 -29.93 -110.61
C ALA AB 103 -32.89 -29.70 -111.25
N THR AB 104 -33.03 -30.09 -112.50
CA THR AB 104 -34.30 -29.91 -113.15
C THR AB 104 -35.36 -30.74 -112.45
N LEU AB 105 -36.60 -30.26 -112.52
CA LEU AB 105 -37.72 -31.04 -112.02
C LEU AB 105 -37.67 -32.44 -112.60
N GLN AB 106 -37.21 -32.56 -113.84
CA GLN AB 106 -37.09 -33.86 -114.48
C GLN AB 106 -35.99 -34.69 -113.86
N ASN AB 107 -34.90 -34.06 -113.39
CA ASN AB 107 -33.85 -34.80 -112.69
C ASN AB 107 -34.37 -35.36 -111.37
N LYS AB 108 -35.17 -34.57 -110.65
CA LYS AB 108 -35.75 -35.04 -109.39
C LYS AB 108 -36.71 -36.21 -109.61
N LYS AB 109 -37.64 -36.05 -110.55
CA LYS AB 109 -38.52 -37.15 -110.94
C LYS AB 109 -37.71 -38.37 -111.37
N ASP AB 110 -36.65 -38.13 -112.14
CA ASP AB 110 -35.84 -39.22 -112.65
C ASP AB 110 -35.29 -40.05 -111.51
N ILE AB 111 -34.62 -39.40 -110.55
CA ILE AB 111 -33.96 -40.21 -109.54
C ILE AB 111 -34.97 -40.88 -108.63
N LEU AB 112 -36.11 -40.22 -108.35
CA LEU AB 112 -37.15 -40.90 -107.60
C LEU AB 112 -37.56 -42.18 -108.31
N ALA AB 113 -37.80 -42.09 -109.62
CA ALA AB 113 -38.24 -43.26 -110.37
C ALA AB 113 -37.17 -44.34 -110.43
N TYR AB 114 -35.91 -43.95 -110.60
CA TYR AB 114 -34.84 -44.95 -110.65
C TYR AB 114 -34.76 -45.71 -109.33
N ALA AB 115 -34.84 -45.00 -108.21
CA ALA AB 115 -34.82 -45.65 -106.91
C ALA AB 115 -35.99 -46.61 -106.76
N ARG AB 116 -37.20 -46.16 -107.09
CA ARG AB 116 -38.36 -47.01 -106.86
C ARG AB 116 -38.35 -48.23 -107.76
N ASN AB 117 -38.02 -48.05 -109.05
CA ASN AB 117 -37.93 -49.19 -109.95
C ASN AB 117 -36.83 -50.15 -109.53
N LEU AB 118 -35.68 -49.64 -109.07
CA LEU AB 118 -34.60 -50.52 -108.65
C LEU AB 118 -35.01 -51.35 -107.45
N LEU AB 119 -35.62 -50.74 -106.44
CA LEU AB 119 -36.10 -51.52 -105.31
C LEU AB 119 -37.23 -52.47 -105.70
N GLY AB 120 -37.96 -52.17 -106.78
CA GLY AB 120 -38.91 -53.13 -107.30
C GLY AB 120 -38.28 -54.28 -108.07
N THR AB 121 -37.04 -54.12 -108.52
CA THR AB 121 -36.42 -55.14 -109.38
C THR AB 121 -36.33 -56.48 -108.67
N GLN AB 122 -36.34 -57.54 -109.48
CA GLN AB 122 -36.22 -58.88 -108.92
C GLN AB 122 -34.88 -59.09 -108.26
N VAL AB 123 -33.81 -58.49 -108.79
CA VAL AB 123 -32.50 -58.70 -108.19
C VAL AB 123 -32.48 -58.15 -106.77
N VAL AB 124 -33.10 -56.99 -106.56
CA VAL AB 124 -33.17 -56.41 -105.22
C VAL AB 124 -34.07 -57.25 -104.31
N THR AB 125 -35.25 -57.63 -104.80
CA THR AB 125 -36.14 -58.48 -104.01
C THR AB 125 -35.42 -59.76 -103.57
N ASP AB 126 -34.73 -60.39 -104.51
CA ASP AB 126 -33.99 -61.62 -104.26
C ASP AB 126 -32.87 -61.40 -103.25
N ALA AB 127 -32.15 -60.28 -103.37
CA ALA AB 127 -31.01 -60.02 -102.50
C ALA AB 127 -31.46 -59.72 -101.06
N VAL AB 128 -32.57 -59.02 -100.89
CA VAL AB 128 -33.00 -58.65 -99.55
C VAL AB 128 -33.69 -59.81 -98.84
N VAL AB 129 -34.52 -60.57 -99.56
CA VAL AB 129 -35.23 -61.68 -98.92
C VAL AB 129 -34.35 -62.92 -98.83
N ASP AB 130 -33.87 -63.40 -99.98
CA ASP AB 130 -33.11 -64.65 -100.01
C ASP AB 130 -31.63 -64.44 -99.77
N MET AB 131 -31.20 -63.22 -99.50
CA MET AB 131 -29.80 -62.90 -99.19
C MET AB 131 -28.86 -63.21 -100.35
N THR AB 132 -29.40 -63.34 -101.57
CA THR AB 132 -28.60 -63.81 -102.69
C THR AB 132 -28.14 -62.62 -103.50
N PRO AB 133 -26.83 -62.38 -103.62
CA PRO AB 133 -26.32 -61.19 -104.32
C PRO AB 133 -26.12 -61.40 -105.81
N ALA AB 134 -25.56 -60.39 -106.48
CA ALA AB 134 -25.27 -60.46 -107.91
C ALA AB 134 -23.78 -60.74 -108.09
N TRP AB 135 -23.45 -61.98 -108.48
CA TRP AB 135 -22.05 -62.42 -108.55
C TRP AB 135 -21.53 -62.60 -109.96
N ALA BB 1 -51.92 -20.47 -84.85
CA ALA BB 1 -51.65 -20.59 -86.28
C ALA BB 1 -50.68 -21.73 -86.58
N GLN BB 2 -51.19 -22.92 -86.91
CA GLN BB 2 -50.28 -23.92 -87.47
C GLN BB 2 -49.86 -23.49 -88.87
N ILE BB 3 -48.64 -23.84 -89.23
CA ILE BB 3 -48.10 -23.41 -90.51
C ILE BB 3 -48.90 -24.06 -91.61
N ALA BB 4 -49.18 -23.30 -92.67
CA ALA BB 4 -49.92 -23.79 -93.81
C ALA BB 4 -49.53 -22.95 -95.01
N ASN BB 5 -50.05 -23.35 -96.17
CA ASN BB 5 -49.71 -22.69 -97.43
C ASN BB 5 -49.93 -21.19 -97.34
N LEU BB 6 -49.21 -20.44 -98.17
CA LEU BB 6 -49.34 -18.99 -98.16
C LEU BB 6 -49.48 -18.47 -99.58
N ILE BB 7 -50.52 -17.68 -99.85
CA ILE BB 7 -50.83 -17.22 -101.20
C ILE BB 7 -50.68 -15.72 -101.26
N LEU BB 8 -49.84 -15.24 -102.19
CA LEU BB 8 -49.50 -13.83 -102.34
C LEU BB 8 -49.64 -13.40 -103.80
N ALA BB 9 -50.25 -12.24 -104.03
CA ALA BB 9 -50.52 -11.79 -105.38
C ALA BB 9 -49.38 -10.90 -105.90
N ASP BB 10 -48.84 -11.26 -107.05
CA ASP BB 10 -47.78 -10.46 -107.65
C ASP BB 10 -48.35 -9.14 -108.21
N GLY BB 11 -47.44 -8.21 -108.48
CA GLY BB 11 -47.80 -6.93 -109.04
C GLY BB 11 -47.77 -6.95 -110.55
N GLN BB 12 -48.94 -6.91 -111.16
CA GLN BB 12 -49.08 -6.91 -112.60
C GLN BB 12 -50.30 -6.08 -112.94
N ALA BB 13 -50.52 -5.89 -114.24
CA ALA BB 13 -51.79 -5.34 -114.69
C ALA BB 13 -52.95 -6.12 -114.10
N THR BB 14 -52.92 -7.44 -114.26
CA THR BB 14 -53.81 -8.32 -113.52
C THR BB 14 -52.95 -9.16 -112.61
N PRO BB 15 -53.08 -9.02 -111.29
CA PRO BB 15 -52.24 -9.82 -110.39
C PRO BB 15 -52.58 -11.30 -110.50
N ALA BB 16 -51.55 -12.12 -110.33
CA ALA BB 16 -51.70 -13.57 -110.39
C ALA BB 16 -51.25 -14.17 -109.05
N ASN BB 17 -52.10 -14.99 -108.45
CA ASN BB 17 -51.78 -15.58 -107.16
C ASN BB 17 -50.58 -16.53 -107.28
N HIS BB 18 -49.63 -16.39 -106.36
CA HIS BB 18 -48.48 -17.26 -106.26
C HIS BB 18 -48.51 -17.99 -104.94
N THR BB 19 -48.26 -19.30 -104.96
CA THR BB 19 -48.37 -20.12 -103.76
C THR BB 19 -46.99 -20.35 -103.15
N PHE BB 20 -46.98 -20.53 -101.82
CA PHE BB 20 -45.77 -20.66 -101.00
C PHE BB 20 -45.97 -21.87 -100.10
N VAL BB 21 -45.31 -22.97 -100.47
CA VAL BB 21 -45.34 -24.17 -99.64
C VAL BB 21 -44.45 -23.95 -98.43
N PRO BB 22 -44.90 -24.31 -97.23
CA PRO BB 22 -44.03 -24.16 -96.05
C PRO BB 22 -42.85 -25.11 -96.10
N MET BB 23 -41.71 -24.63 -95.58
CA MET BB 23 -40.51 -25.44 -95.38
C MET BB 23 -40.18 -25.67 -93.92
N GLN BB 24 -40.49 -24.70 -93.07
CA GLN BB 24 -39.92 -24.70 -91.73
C GLN BB 24 -40.86 -23.98 -90.79
N PRO BB 25 -41.35 -24.64 -89.75
CA PRO BB 25 -42.11 -23.92 -88.73
C PRO BB 25 -41.19 -23.23 -87.72
N GLN BB 26 -41.71 -22.16 -87.13
CA GLN BB 26 -40.97 -21.39 -86.15
C GLN BB 26 -40.86 -22.18 -84.84
N THR BB 27 -39.61 -22.38 -84.40
CA THR BB 27 -39.32 -23.10 -83.16
C THR BB 27 -37.98 -22.61 -82.65
N GLY BB 28 -37.96 -22.06 -81.44
CA GLY BB 28 -36.71 -21.54 -80.90
C GLY BB 28 -36.25 -20.33 -81.70
N ILE BB 29 -35.01 -20.39 -82.20
CA ILE BB 29 -34.49 -19.31 -83.02
C ILE BB 29 -34.93 -19.46 -84.47
N THR BB 30 -35.15 -20.68 -84.92
CA THR BB 30 -35.48 -20.94 -86.31
C THR BB 30 -36.85 -20.36 -86.67
N PRO BB 31 -36.96 -19.50 -87.67
CA PRO BB 31 -38.23 -18.84 -87.98
C PRO BB 31 -39.05 -19.58 -89.03
N SER BB 32 -40.36 -19.34 -88.99
CA SER BB 32 -41.24 -19.96 -89.98
C SER BB 32 -40.86 -19.44 -91.37
N GLN BB 33 -40.86 -20.34 -92.36
CA GLN BB 33 -40.51 -19.90 -93.70
C GLN BB 33 -41.18 -20.77 -94.78
N TRP BB 34 -41.62 -20.10 -95.86
CA TRP BB 34 -42.29 -20.68 -97.02
C TRP BB 34 -41.49 -20.39 -98.28
N LEU BB 35 -41.70 -21.20 -99.31
CA LEU BB 35 -40.97 -21.14 -100.57
C LEU BB 35 -41.92 -21.10 -101.76
N ASN BB 36 -41.52 -20.40 -102.84
CA ASN BB 36 -42.43 -20.18 -103.96
C ASN BB 36 -42.53 -21.39 -104.88
N LYS BB 37 -41.39 -22.03 -105.21
CA LYS BB 37 -41.32 -23.30 -105.98
C LYS BB 37 -41.67 -23.15 -107.45
N GLU BB 38 -41.35 -22.00 -108.03
CA GLU BB 38 -41.71 -21.79 -109.44
C GLU BB 38 -40.54 -21.90 -110.40
N ALA BB 39 -39.42 -21.27 -110.12
CA ALA BB 39 -38.28 -21.40 -111.00
C ALA BB 39 -37.76 -22.84 -110.96
N ALA BB 40 -37.08 -23.24 -112.04
CA ALA BB 40 -36.77 -24.65 -112.25
C ALA BB 40 -35.72 -25.17 -111.28
N SER BB 41 -34.69 -24.37 -111.01
CA SER BB 41 -33.60 -24.73 -110.13
C SER BB 41 -33.95 -24.44 -108.68
N ASN BB 42 -33.30 -25.16 -107.76
CA ASN BB 42 -33.56 -24.95 -106.35
C ASN BB 42 -33.25 -23.53 -105.88
N ILE BB 43 -32.45 -22.79 -106.65
CA ILE BB 43 -32.04 -21.45 -106.22
C ILE BB 43 -33.17 -20.44 -106.44
N GLY BB 44 -33.90 -20.56 -107.54
CA GLY BB 44 -34.84 -19.53 -107.94
C GLY BB 44 -36.06 -19.44 -107.05
N TYR BB 45 -36.32 -20.49 -106.26
CA TYR BB 45 -37.43 -20.51 -105.31
C TYR BB 45 -37.42 -19.23 -104.48
N ARG BB 46 -38.55 -18.53 -104.45
CA ARG BB 46 -38.66 -17.31 -103.67
C ARG BB 46 -39.00 -17.66 -102.22
N LYS BB 47 -38.52 -16.85 -101.28
CA LYS BB 47 -38.60 -17.25 -99.87
C LYS BB 47 -39.25 -16.17 -99.03
N VAL BB 48 -40.20 -16.57 -98.20
CA VAL BB 48 -40.83 -15.68 -97.22
C VAL BB 48 -40.55 -16.23 -95.84
N SER BB 49 -40.13 -15.39 -94.91
CA SER BB 49 -39.88 -15.91 -93.57
C SER BB 49 -40.28 -14.88 -92.52
N MET BB 50 -40.67 -15.38 -91.36
CA MET BB 50 -41.22 -14.58 -90.27
C MET BB 50 -40.84 -15.21 -88.94
N PHE BB 51 -40.61 -14.34 -87.95
CA PHE BB 51 -40.31 -14.76 -86.59
C PHE BB 51 -41.03 -13.86 -85.59
N VAL BB 52 -41.79 -14.47 -84.69
CA VAL BB 52 -42.58 -13.76 -83.69
C VAL BB 52 -41.91 -13.99 -82.34
N LYS BB 53 -41.23 -12.96 -81.82
CA LYS BB 53 -40.63 -13.02 -80.49
C LYS BB 53 -41.57 -12.34 -79.50
N TYR BB 54 -42.27 -13.14 -78.71
CA TYR BB 54 -43.15 -12.63 -77.67
C TYR BB 54 -42.33 -12.43 -76.40
N VAL BB 55 -42.17 -11.18 -75.99
CA VAL BB 55 -41.49 -10.83 -74.74
C VAL BB 55 -42.56 -10.46 -73.72
N SER BB 56 -42.73 -11.31 -72.71
CA SER BB 56 -43.87 -11.17 -71.80
C SER BB 56 -43.82 -9.86 -71.02
N ASN BB 57 -42.63 -9.33 -70.78
CA ASN BB 57 -42.47 -8.00 -70.15
C ASN BB 57 -41.37 -7.26 -70.91
N GLY BB 58 -41.77 -6.53 -71.94
CA GLY BB 58 -40.83 -5.79 -72.76
C GLY BB 58 -41.37 -5.59 -74.15
N THR BB 59 -40.46 -5.26 -75.06
CA THR BB 59 -40.82 -4.95 -76.44
C THR BB 59 -40.79 -6.25 -77.26
N SER BB 60 -41.97 -6.75 -77.61
CA SER BB 60 -42.08 -7.91 -78.48
C SER BB 60 -41.86 -7.49 -79.93
N LYS BB 61 -41.43 -8.45 -80.75
CA LYS BB 61 -40.94 -8.12 -82.09
C LYS BB 61 -41.34 -9.17 -83.12
N VAL BB 62 -42.05 -8.73 -84.16
CA VAL BB 62 -42.38 -9.57 -85.30
C VAL BB 62 -41.47 -9.15 -86.46
N THR BB 63 -40.74 -10.10 -87.03
CA THR BB 63 -39.78 -9.81 -88.08
C THR BB 63 -40.12 -10.61 -89.34
N ILE BB 64 -40.10 -9.94 -90.50
CA ILE BB 64 -40.54 -10.54 -91.75
C ILE BB 64 -39.56 -10.16 -92.87
N ARG BB 65 -39.28 -11.11 -93.76
CA ARG BB 65 -38.44 -10.85 -94.92
C ARG BB 65 -38.90 -11.66 -96.12
N ILE BB 66 -38.93 -11.00 -97.28
CA ILE BB 66 -39.38 -11.55 -98.55
C ILE BB 66 -38.24 -11.42 -99.54
N ALA BB 67 -37.85 -12.54 -100.17
CA ALA BB 67 -36.73 -12.58 -101.09
C ALA BB 67 -37.20 -13.12 -102.44
N ASP BB 68 -37.10 -12.25 -103.46
CA ASP BB 68 -37.52 -12.48 -104.84
C ASP BB 68 -36.26 -12.57 -105.69
N PRO BB 69 -35.68 -13.75 -105.86
CA PRO BB 69 -34.49 -13.89 -106.69
C PRO BB 69 -34.84 -14.13 -108.15
N VAL BB 70 -33.96 -13.69 -109.04
CA VAL BB 70 -34.10 -13.92 -110.47
C VAL BB 70 -32.83 -14.56 -111.00
N LEU BB 71 -32.99 -15.72 -111.66
CA LEU BB 71 -31.85 -16.45 -112.19
C LEU BB 71 -31.23 -15.71 -113.36
N ALA BB 72 -29.90 -15.80 -113.46
CA ALA BB 72 -29.18 -15.14 -114.54
C ALA BB 72 -29.23 -15.98 -115.81
N SER BB 73 -29.38 -15.31 -116.93
CA SER BB 73 -29.23 -15.92 -118.25
C SER BB 73 -27.92 -15.40 -118.83
N VAL BB 74 -26.92 -16.28 -118.91
CA VAL BB 74 -25.59 -15.89 -119.34
C VAL BB 74 -25.56 -15.74 -120.85
N PRO BB 75 -24.65 -14.95 -121.40
CA PRO BB 75 -24.46 -14.92 -122.85
C PRO BB 75 -23.49 -16.02 -123.26
N ALA BB 76 -23.37 -16.20 -124.56
CA ALA BB 76 -22.50 -17.26 -125.09
C ALA BB 76 -21.06 -17.07 -124.67
N GLY BB 77 -20.65 -15.82 -124.42
CA GLY BB 77 -19.22 -15.52 -124.31
C GLY BB 77 -18.56 -16.12 -123.08
N CYS BB 78 -19.20 -16.05 -121.92
CA CYS BB 78 -18.55 -16.48 -120.70
C CYS BB 78 -18.50 -17.99 -120.54
N CYS BB 79 -19.39 -18.71 -121.23
CA CYS BB 79 -19.31 -20.16 -121.36
C CYS BB 79 -19.46 -20.90 -120.04
N VAL BB 80 -20.19 -20.32 -119.08
CA VAL BB 80 -20.67 -21.14 -117.97
C VAL BB 80 -21.68 -22.12 -118.52
N ASP BB 81 -21.56 -23.39 -118.13
CA ASP BB 81 -22.42 -24.42 -118.66
C ASP BB 81 -23.89 -24.07 -118.46
N THR BB 82 -24.70 -24.32 -119.48
CA THR BB 82 -26.13 -24.10 -119.39
C THR BB 82 -26.72 -24.74 -118.15
N ASN BB 83 -26.11 -25.82 -117.66
CA ASN BB 83 -26.73 -26.64 -116.64
C ASN BB 83 -26.56 -26.07 -115.23
N THR BB 84 -25.49 -25.30 -114.98
CA THR BB 84 -25.24 -24.75 -113.66
C THR BB 84 -25.79 -23.32 -113.58
N PRO BB 85 -26.96 -23.11 -112.99
CA PRO BB 85 -27.50 -21.75 -112.92
C PRO BB 85 -26.90 -20.99 -111.76
N GLN BB 86 -26.91 -19.67 -111.90
CA GLN BB 86 -26.49 -18.77 -110.84
C GLN BB 86 -27.55 -17.69 -110.67
N VAL BB 87 -27.69 -17.21 -109.44
CA VAL BB 87 -28.66 -16.15 -109.16
C VAL BB 87 -28.05 -14.82 -109.55
N ALA BB 88 -28.76 -14.07 -110.40
CA ALA BB 88 -28.25 -12.80 -110.90
C ALA BB 88 -28.37 -11.71 -109.83
N TYR BB 89 -29.53 -11.61 -109.22
CA TYR BB 89 -29.86 -10.57 -108.25
C TYR BB 89 -31.16 -10.98 -107.60
N SER BB 90 -31.50 -10.32 -106.49
CA SER BB 90 -32.74 -10.60 -105.78
C SER BB 90 -33.21 -9.34 -105.07
N THR BB 91 -34.51 -9.07 -105.18
CA THR BB 91 -35.12 -7.98 -104.45
C THR BB 91 -35.50 -8.46 -103.04
N PHE BB 92 -35.38 -7.57 -102.06
CA PHE BB 92 -35.58 -7.92 -100.65
C PHE BB 92 -36.53 -6.94 -99.98
N PHE BB 93 -37.42 -7.47 -99.14
CA PHE BB 93 -38.25 -6.64 -98.28
C PHE BB 93 -38.14 -7.14 -96.85
N GLU BB 94 -37.74 -6.26 -95.93
CA GLU BB 94 -37.55 -6.66 -94.54
C GLU BB 94 -38.21 -5.65 -93.61
N CYS BB 95 -39.17 -6.12 -92.82
CA CYS BB 95 -39.88 -5.26 -91.88
C CYS BB 95 -39.84 -5.86 -90.47
N THR BB 96 -40.04 -4.98 -89.49
CA THR BB 96 -40.07 -5.34 -88.07
C THR BB 96 -41.14 -4.50 -87.37
N PHE BB 97 -42.09 -5.19 -86.74
CA PHE BB 97 -43.07 -4.58 -85.84
C PHE BB 97 -42.53 -4.69 -84.41
N SER BB 98 -42.53 -3.56 -83.70
CA SER BB 98 -42.17 -3.50 -82.29
C SER BB 98 -43.42 -3.13 -81.49
N VAL BB 99 -43.84 -4.06 -80.62
CA VAL BB 99 -45.04 -3.92 -79.80
C VAL BB 99 -44.64 -3.93 -78.33
N PRO BB 100 -44.74 -2.80 -77.62
CA PRO BB 100 -44.31 -2.76 -76.23
C PRO BB 100 -45.27 -3.53 -75.32
N TYR BB 101 -44.87 -3.66 -74.06
CA TYR BB 101 -45.62 -4.49 -73.12
C TYR BB 101 -47.06 -3.99 -73.00
N GLY BB 102 -47.26 -2.70 -72.80
CA GLY BB 102 -48.54 -2.14 -72.45
C GLY BB 102 -49.48 -1.91 -73.60
N ALA BB 103 -49.13 -2.38 -74.80
CA ALA BB 103 -49.86 -2.00 -76.00
C ALA BB 103 -51.28 -2.56 -75.98
N THR BB 104 -52.23 -1.72 -76.34
CA THR BB 104 -53.59 -2.19 -76.46
C THR BB 104 -53.73 -3.10 -77.67
N LEU BB 105 -54.67 -4.04 -77.57
CA LEU BB 105 -55.00 -4.86 -78.74
C LEU BB 105 -55.46 -3.98 -79.88
N GLN BB 106 -56.21 -2.92 -79.57
CA GLN BB 106 -56.59 -1.97 -80.59
C GLN BB 106 -55.37 -1.29 -81.19
N ASN BB 107 -54.33 -1.04 -80.38
CA ASN BB 107 -53.08 -0.45 -80.88
C ASN BB 107 -52.37 -1.38 -81.85
N LYS BB 108 -52.34 -2.68 -81.54
CA LYS BB 108 -51.75 -3.66 -82.45
C LYS BB 108 -52.49 -3.66 -83.79
N LYS BB 109 -53.82 -3.74 -83.74
CA LYS BB 109 -54.64 -3.60 -84.94
C LYS BB 109 -54.27 -2.31 -85.71
N ASP BB 110 -54.21 -1.20 -84.97
CA ASP BB 110 -53.91 0.10 -85.58
C ASP BB 110 -52.62 0.05 -86.38
N ILE BB 111 -51.53 -0.39 -85.75
CA ILE BB 111 -50.24 -0.27 -86.43
C ILE BB 111 -50.15 -1.24 -87.60
N LEU BB 112 -50.73 -2.44 -87.48
CA LEU BB 112 -50.75 -3.32 -88.64
C LEU BB 112 -51.48 -2.67 -89.80
N ALA BB 113 -52.61 -2.01 -89.51
CA ALA BB 113 -53.37 -1.37 -90.58
C ALA BB 113 -52.61 -0.18 -91.18
N TYR BB 114 -51.92 0.59 -90.33
CA TYR BB 114 -51.14 1.71 -90.86
C TYR BB 114 -50.04 1.22 -91.79
N ALA BB 115 -49.38 0.12 -91.42
CA ALA BB 115 -48.35 -0.44 -92.27
C ALA BB 115 -48.92 -0.90 -93.60
N ARG BB 116 -50.04 -1.65 -93.57
CA ARG BB 116 -50.60 -2.17 -94.82
C ARG BB 116 -51.06 -1.02 -95.72
N ASN BB 117 -51.80 -0.06 -95.15
CA ASN BB 117 -52.27 1.06 -95.95
C ASN BB 117 -51.11 1.89 -96.49
N LEU BB 118 -50.05 2.07 -95.69
CA LEU BB 118 -48.92 2.87 -96.15
C LEU BB 118 -48.19 2.19 -97.30
N LEU BB 119 -48.05 0.87 -97.26
CA LEU BB 119 -47.55 0.17 -98.44
C LEU BB 119 -48.52 0.27 -99.61
N GLY BB 120 -49.80 0.52 -99.32
CA GLY BB 120 -50.74 0.82 -100.39
C GLY BB 120 -50.60 2.21 -100.98
N THR BB 121 -50.05 3.16 -100.22
CA THR BB 121 -50.12 4.58 -100.58
C THR BB 121 -49.41 4.87 -101.90
N GLN BB 122 -49.90 5.93 -102.57
CA GLN BB 122 -49.32 6.34 -103.83
C GLN BB 122 -47.89 6.82 -103.66
N VAL BB 123 -47.58 7.48 -102.54
CA VAL BB 123 -46.23 7.98 -102.32
C VAL BB 123 -45.25 6.82 -102.24
N VAL BB 124 -45.61 5.76 -101.52
CA VAL BB 124 -44.70 4.62 -101.36
C VAL BB 124 -44.58 3.84 -102.65
N THR BB 125 -45.70 3.60 -103.35
CA THR BB 125 -45.62 2.91 -104.64
C THR BB 125 -44.71 3.68 -105.58
N ASP BB 126 -44.91 5.00 -105.67
CA ASP BB 126 -44.05 5.88 -106.45
C ASP BB 126 -42.59 5.72 -106.07
N ALA BB 127 -42.30 5.81 -104.77
CA ALA BB 127 -40.91 5.82 -104.30
C ALA BB 127 -40.21 4.51 -104.59
N VAL BB 128 -40.86 3.39 -104.29
CA VAL BB 128 -40.23 2.07 -104.45
C VAL BB 128 -40.06 1.72 -105.92
N VAL BB 129 -41.02 2.09 -106.77
CA VAL BB 129 -40.91 1.64 -108.16
C VAL BB 129 -40.05 2.59 -108.99
N ASP BB 130 -40.22 3.90 -108.85
CA ASP BB 130 -39.49 4.85 -109.69
C ASP BB 130 -38.31 5.49 -108.98
N MET BB 131 -37.99 5.08 -107.75
CA MET BB 131 -36.88 5.64 -106.97
C MET BB 131 -36.98 7.16 -106.85
N THR BB 132 -38.22 7.64 -106.76
CA THR BB 132 -38.47 9.07 -106.64
C THR BB 132 -38.84 9.39 -105.20
N PRO BB 133 -38.09 10.24 -104.52
CA PRO BB 133 -38.41 10.55 -103.12
C PRO BB 133 -39.67 11.38 -102.97
N ALA BB 134 -40.01 11.71 -101.73
CA ALA BB 134 -41.09 12.66 -101.45
C ALA BB 134 -40.43 13.99 -101.11
N TRP BB 135 -40.17 14.79 -102.15
CA TRP BB 135 -39.43 16.05 -102.01
C TRP BB 135 -40.32 17.22 -101.61
N ALA CB 1 87.38 70.32 74.60
CA ALA CB 1 88.16 71.29 73.82
C ALA CB 1 87.41 71.72 72.57
N GLN CB 2 86.58 72.77 72.69
CA GLN CB 2 86.12 73.46 71.49
C GLN CB 2 87.33 73.95 70.71
N ILE CB 3 87.19 74.02 69.38
CA ILE CB 3 88.30 74.48 68.57
C ILE CB 3 88.56 75.95 68.84
N ALA CB 4 89.83 76.32 68.90
CA ALA CB 4 90.23 77.69 69.16
C ALA CB 4 91.65 77.86 68.66
N ASN CB 5 92.15 79.10 68.75
CA ASN CB 5 93.45 79.47 68.24
C ASN CB 5 94.55 78.56 68.76
N LEU CB 6 95.68 78.50 68.05
CA LEU CB 6 96.80 77.65 68.44
C LEU CB 6 98.08 78.46 68.35
N ILE CB 7 98.95 78.37 69.36
CA ILE CB 7 100.15 79.21 69.39
C ILE CB 7 101.38 78.31 69.53
N LEU CB 8 102.21 78.30 68.48
CA LEU CB 8 103.39 77.44 68.42
C LEU CB 8 104.64 78.29 68.19
N ALA CB 9 105.70 77.97 68.92
CA ALA CB 9 106.92 78.77 68.88
C ALA CB 9 107.93 78.12 67.93
N ASP CB 10 108.43 78.91 66.98
CA ASP CB 10 109.45 78.42 66.07
C ASP CB 10 110.80 78.27 66.78
N GLY CB 11 111.72 77.59 66.12
CA GLY CB 11 113.05 77.41 66.68
C GLY CB 11 114.01 78.46 66.18
N GLN CB 12 114.39 79.39 67.05
CA GLN CB 12 115.37 80.40 66.71
C GLN CB 12 116.28 80.57 67.92
N ALA CB 13 117.24 81.50 67.78
CA ALA CB 13 117.98 81.94 68.94
C ALA CB 13 117.02 82.35 70.05
N THR CB 14 116.11 83.25 69.72
CA THR CB 14 114.96 83.54 70.59
C THR CB 14 113.73 83.12 69.82
N PRO CB 15 113.00 82.11 70.28
CA PRO CB 15 111.79 81.69 69.56
C PRO CB 15 110.76 82.82 69.50
N ALA CB 16 110.11 82.93 68.35
CA ALA CB 16 109.02 83.88 68.16
C ALA CB 16 107.71 83.12 67.97
N ASN CB 17 106.69 83.48 68.74
CA ASN CB 17 105.41 82.79 68.71
C ASN CB 17 104.67 83.03 67.40
N HIS CB 18 104.10 81.97 66.84
CA HIS CB 18 103.28 82.05 65.64
C HIS CB 18 101.89 81.52 65.95
N THR CB 19 100.88 82.19 65.41
CA THR CB 19 99.50 81.91 65.74
C THR CB 19 98.79 81.23 64.57
N PHE CB 20 97.84 80.38 64.91
CA PHE CB 20 97.14 79.51 63.98
C PHE CB 20 95.63 79.69 64.20
N VAL CB 21 94.98 80.33 63.24
CA VAL CB 21 93.52 80.51 63.28
C VAL CB 21 92.86 79.20 62.91
N PRO CB 22 91.79 78.79 63.60
CA PRO CB 22 91.08 77.58 63.19
C PRO CB 22 90.23 77.82 61.95
N MET CB 23 90.19 76.81 61.08
CA MET CB 23 89.42 76.89 59.84
C MET CB 23 88.31 75.84 59.76
N GLN CB 24 88.58 74.59 60.15
CA GLN CB 24 87.56 73.57 60.14
C GLN CB 24 87.73 72.67 61.37
N PRO CB 25 86.66 72.36 62.08
CA PRO CB 25 86.74 71.45 63.22
C PRO CB 25 86.52 70.00 62.83
N GLN CB 26 86.69 69.13 63.83
CA GLN CB 26 86.62 67.70 63.64
C GLN CB 26 85.16 67.24 63.74
N THR CB 27 84.57 66.89 62.59
CA THR CB 27 83.26 66.25 62.55
C THR CB 27 83.34 65.14 61.51
N GLY CB 28 83.08 63.91 61.94
CA GLY CB 28 83.10 62.80 61.01
C GLY CB 28 84.51 62.49 60.56
N ILE CB 29 84.69 62.38 59.24
CA ILE CB 29 86.01 62.09 58.69
C ILE CB 29 86.91 63.32 58.70
N THR CB 30 86.33 64.51 58.56
CA THR CB 30 87.13 65.72 58.42
C THR CB 30 87.83 66.05 59.73
N PRO CB 31 89.13 66.33 59.72
CA PRO CB 31 89.87 66.62 60.96
C PRO CB 31 89.95 68.10 61.28
N SER CB 32 90.10 68.39 62.57
CA SER CB 32 90.29 69.77 62.99
C SER CB 32 91.60 70.30 62.42
N GLN CB 33 91.61 71.58 62.02
CA GLN CB 33 92.77 72.11 61.32
C GLN CB 33 92.85 73.62 61.43
N TRP CB 34 94.09 74.11 61.61
CA TRP CB 34 94.44 75.51 61.80
C TRP CB 34 95.42 75.96 60.73
N LEU CB 35 95.42 77.27 60.44
CA LEU CB 35 96.24 77.90 59.41
C LEU CB 35 97.03 79.05 60.01
N ASN CB 36 98.28 79.22 59.55
CA ASN CB 36 99.15 80.24 60.13
C ASN CB 36 98.82 81.63 59.61
N LYS CB 37 98.60 81.77 58.30
CA LYS CB 37 98.17 83.03 57.67
C LYS CB 37 99.24 84.11 57.72
N GLU CB 38 100.51 83.70 57.67
CA GLU CB 38 101.62 84.65 57.71
C GLU CB 38 102.29 84.88 56.35
N ALA CB 39 102.28 83.91 55.46
CA ALA CB 39 103.05 84.06 54.22
C ALA CB 39 102.37 85.04 53.26
N ALA CB 40 103.09 85.38 52.20
CA ALA CB 40 102.61 86.38 51.24
C ALA CB 40 101.39 85.90 50.45
N SER CB 41 101.44 84.66 49.96
CA SER CB 41 100.38 84.08 49.16
C SER CB 41 99.52 83.13 49.99
N ASN CB 42 98.34 82.80 49.47
CA ASN CB 42 97.46 81.92 50.22
C ASN CB 42 98.00 80.50 50.34
N ILE CB 43 98.99 80.14 49.53
CA ILE CB 43 99.52 78.78 49.55
C ILE CB 43 100.65 78.61 50.56
N GLY CB 44 101.32 79.69 50.94
CA GLY CB 44 102.40 79.62 51.91
C GLY CB 44 101.97 79.47 53.34
N TYR CB 45 100.65 79.56 53.60
CA TYR CB 45 100.13 79.47 54.95
C TYR CB 45 100.50 78.13 55.57
N ARG CB 46 101.05 78.17 56.77
CA ARG CB 46 101.44 76.94 57.45
C ARG CB 46 100.22 76.32 58.13
N LYS CB 47 100.12 75.00 58.07
CA LYS CB 47 98.88 74.38 58.55
C LYS CB 47 99.16 73.26 59.52
N VAL CB 48 98.22 73.08 60.44
CA VAL CB 48 98.27 72.02 61.43
C VAL CB 48 96.92 71.31 61.38
N SER CB 49 96.92 70.00 61.54
CA SER CB 49 95.64 69.31 61.60
C SER CB 49 95.75 68.10 62.52
N MET CB 50 94.62 67.71 63.09
CA MET CB 50 94.54 66.69 64.12
C MET CB 50 93.19 65.99 64.04
N PHE CB 51 93.20 64.68 64.31
CA PHE CB 51 92.00 63.85 64.33
C PHE CB 51 92.08 62.81 65.44
N VAL CB 52 91.02 62.71 66.24
CA VAL CB 52 90.98 61.84 67.42
C VAL CB 52 89.89 60.79 67.19
N LYS CB 53 90.27 59.66 66.60
CA LYS CB 53 89.32 58.56 66.36
C LYS CB 53 89.20 57.73 67.63
N TYR CB 54 88.05 57.84 68.29
CA TYR CB 54 87.76 57.08 69.51
C TYR CB 54 87.06 55.77 69.12
N VAL CB 55 87.72 54.65 69.37
CA VAL CB 55 87.20 53.32 69.06
C VAL CB 55 86.89 52.62 70.39
N SER CB 56 85.60 52.48 70.70
CA SER CB 56 85.20 52.06 72.04
C SER CB 56 85.67 50.63 72.34
N ASN CB 57 85.56 49.72 71.37
CA ASN CB 57 86.16 48.39 71.50
C ASN CB 57 87.15 48.20 70.36
N GLY CB 58 88.35 48.70 70.55
CA GLY CB 58 89.36 48.62 69.52
C GLY CB 58 90.43 49.68 69.76
N THR CB 59 91.21 49.92 68.71
CA THR CB 59 92.45 50.68 68.82
C THR CB 59 92.17 52.12 68.42
N SER CB 60 91.98 52.98 69.42
CA SER CB 60 91.80 54.40 69.18
C SER CB 60 93.08 55.02 68.64
N LYS CB 61 92.94 56.12 67.89
CA LYS CB 61 94.08 56.72 67.19
C LYS CB 61 94.00 58.23 67.17
N VAL CB 62 95.09 58.90 67.53
CA VAL CB 62 95.22 60.35 67.42
C VAL CB 62 96.28 60.65 66.36
N THR CB 63 95.87 61.36 65.30
CA THR CB 63 96.74 61.65 64.17
C THR CB 63 96.95 63.15 64.06
N ILE CB 64 98.22 63.56 63.92
CA ILE CB 64 98.61 64.97 63.87
C ILE CB 64 99.57 65.17 62.71
N ARG CB 65 99.38 66.25 61.96
CA ARG CB 65 100.31 66.60 60.89
C ARG CB 65 100.51 68.11 60.81
N ILE CB 66 101.77 68.50 60.63
CA ILE CB 66 102.23 69.90 60.62
C ILE CB 66 102.98 70.15 59.32
N ALA CB 67 102.57 71.19 58.59
CA ALA CB 67 103.13 71.51 57.28
C ALA CB 67 103.65 72.93 57.26
N ASP CB 68 104.96 73.08 57.03
CA ASP CB 68 105.66 74.37 56.98
C ASP CB 68 106.20 74.57 55.57
N PRO CB 69 105.49 75.28 54.70
CA PRO CB 69 105.98 75.50 53.34
C PRO CB 69 106.81 76.78 53.22
N VAL CB 70 107.69 76.78 52.22
CA VAL CB 70 108.50 77.93 51.86
C VAL CB 70 108.25 78.24 50.41
N LEU CB 71 107.74 79.44 50.13
CA LEU CB 71 107.37 79.81 48.77
C LEU CB 71 108.60 80.12 47.93
N ALA CB 72 108.40 80.17 46.62
CA ALA CB 72 109.48 80.38 45.67
C ALA CB 72 109.60 81.86 45.36
N SER CB 73 110.67 82.48 45.83
CA SER CB 73 110.92 83.90 45.61
C SER CB 73 111.85 84.09 44.43
N VAL CB 74 111.39 84.86 43.44
CA VAL CB 74 112.13 85.10 42.20
C VAL CB 74 112.65 86.53 42.21
N PRO CB 75 113.73 86.83 41.47
CA PRO CB 75 114.23 88.20 41.42
C PRO CB 75 113.14 89.20 41.02
N ALA CB 76 113.22 90.39 41.61
CA ALA CB 76 112.11 91.35 41.52
C ALA CB 76 111.86 91.78 40.08
N GLY CB 77 112.92 92.10 39.34
CA GLY CB 77 112.76 92.51 37.95
C GLY CB 77 112.16 91.42 37.08
N CYS CB 78 112.30 90.16 37.47
CA CYS CB 78 111.82 89.06 36.65
C CYS CB 78 110.29 89.04 36.65
N CYS CB 79 109.73 88.35 35.66
CA CYS CB 79 108.28 88.32 35.44
C CYS CB 79 107.76 86.90 35.57
N VAL CB 80 107.18 86.60 36.74
CA VAL CB 80 106.30 85.46 36.91
C VAL CB 80 105.04 85.99 37.56
N ASP CB 81 103.89 85.65 36.99
CA ASP CB 81 102.63 86.21 37.45
C ASP CB 81 102.46 85.98 38.93
N THR CB 82 102.32 87.07 39.69
CA THR CB 82 102.13 86.96 41.12
C THR CB 82 100.83 86.26 41.49
N ASN CB 83 99.87 86.23 40.55
CA ASN CB 83 98.64 85.48 40.79
C ASN CB 83 98.87 83.98 40.78
N THR CB 84 99.98 83.51 40.18
CA THR CB 84 100.30 82.08 40.14
C THR CB 84 101.65 81.84 40.81
N PRO CB 85 101.69 81.77 42.18
CA PRO CB 85 102.93 81.39 42.86
C PRO CB 85 102.97 79.90 43.12
N GLN CB 86 104.16 79.38 43.38
CA GLN CB 86 104.35 77.98 43.69
C GLN CB 86 105.08 77.86 45.01
N VAL CB 87 104.95 76.67 45.59
CA VAL CB 87 105.70 76.29 46.78
C VAL CB 87 106.97 75.60 46.31
N ALA CB 88 108.12 76.14 46.73
CA ALA CB 88 109.40 75.54 46.39
C ALA CB 88 109.56 74.18 47.07
N TYR CB 89 109.29 74.14 48.37
CA TYR CB 89 109.42 72.92 49.16
C TYR CB 89 108.72 73.17 50.49
N SER CB 90 108.42 72.09 51.20
CA SER CB 90 107.73 72.21 52.49
C SER CB 90 108.13 71.07 53.40
N THR CB 91 108.42 71.40 54.66
CA THR CB 91 108.74 70.40 55.65
C THR CB 91 107.44 69.86 56.28
N PHE CB 92 107.47 68.60 56.68
CA PHE CB 92 106.28 67.93 57.21
C PHE CB 92 106.60 67.14 58.46
N PHE CB 93 105.65 67.11 59.40
CA PHE CB 93 105.73 66.25 60.58
C PHE CB 93 104.40 65.51 60.75
N GLU CB 94 104.45 64.17 60.78
CA GLU CB 94 103.23 63.38 60.90
C GLU CB 94 103.40 62.33 62.00
N CYS CB 95 102.53 62.36 63.00
CA CYS CB 95 102.58 61.38 64.09
C CYS CB 95 101.21 60.79 64.35
N THR CB 96 101.20 59.55 64.84
CA THR CB 96 99.98 58.82 65.18
C THR CB 96 100.19 58.08 66.48
N PHE CB 97 99.36 58.42 67.47
CA PHE CB 97 99.24 57.67 68.71
C PHE CB 97 98.19 56.57 68.51
N SER CB 98 98.52 55.36 68.94
CA SER CB 98 97.60 54.21 68.88
C SER CB 98 97.43 53.67 70.29
N VAL CB 99 96.23 53.85 70.84
CA VAL CB 99 95.91 53.51 72.23
C VAL CB 99 94.88 52.39 72.21
N PRO CB 100 95.15 51.24 72.83
CA PRO CB 100 94.16 50.16 72.84
C PRO CB 100 92.92 50.53 73.64
N TYR CB 101 91.84 49.83 73.34
CA TYR CB 101 90.72 49.80 74.27
C TYR CB 101 91.20 49.30 75.62
N GLY CB 102 90.52 49.73 76.68
CA GLY CB 102 90.88 49.26 77.99
C GLY CB 102 92.23 49.71 78.49
N ALA CB 103 92.85 50.73 77.89
CA ALA CB 103 94.10 51.26 78.38
C ALA CB 103 93.83 52.26 79.50
N THR CB 104 94.58 52.13 80.59
CA THR CB 104 94.43 53.02 81.73
C THR CB 104 94.77 54.45 81.34
N LEU CB 105 94.07 55.39 81.97
CA LEU CB 105 94.47 56.78 81.88
C LEU CB 105 95.95 56.95 82.18
N GLN CB 106 96.49 56.11 83.07
CA GLN CB 106 97.92 56.15 83.35
C GLN CB 106 98.74 55.68 82.14
N ASN CB 107 98.25 54.65 81.42
CA ASN CB 107 98.97 54.22 80.21
C ASN CB 107 98.98 55.32 79.16
N LYS CB 108 97.87 56.07 79.05
CA LYS CB 108 97.82 57.17 78.08
C LYS CB 108 98.79 58.28 78.45
N LYS CB 109 98.76 58.71 79.72
CA LYS CB 109 99.75 59.65 80.23
C LYS CB 109 101.16 59.16 79.91
N ASP CB 110 101.43 57.88 80.19
CA ASP CB 110 102.74 57.30 79.97
C ASP CB 110 103.21 57.50 78.54
N ILE CB 111 102.41 57.05 77.57
CA ILE CB 111 102.91 57.10 76.20
C ILE CB 111 103.03 58.53 75.69
N LEU CB 112 102.09 59.40 76.08
CA LEU CB 112 102.25 60.81 75.71
C LEU CB 112 103.59 61.35 76.20
N ALA CB 113 103.92 61.05 77.46
CA ALA CB 113 105.17 61.55 78.03
C ALA CB 113 106.39 60.93 77.34
N TYR CB 114 106.34 59.63 77.03
CA TYR CB 114 107.46 59.01 76.35
C TYR CB 114 107.71 59.69 75.01
N ALA CB 115 106.64 59.94 74.25
CA ALA CB 115 106.78 60.60 72.95
C ALA CB 115 107.38 61.99 73.10
N ARG CB 116 106.85 62.78 74.04
CA ARG CB 116 107.32 64.15 74.17
C ARG CB 116 108.78 64.19 74.63
N ASN CB 117 109.13 63.35 75.61
CA ASN CB 117 110.51 63.31 76.08
C ASN CB 117 111.46 62.83 75.00
N LEU CB 118 111.03 61.87 74.19
CA LEU CB 118 111.89 61.37 73.12
C LEU CB 118 112.15 62.44 72.06
N LEU CB 119 111.10 63.14 71.64
CA LEU CB 119 111.32 64.23 70.69
C LEU CB 119 112.14 65.35 71.31
N GLY CB 120 112.11 65.48 72.63
CA GLY CB 120 113.01 66.40 73.28
C GLY CB 120 114.42 65.90 73.51
N THR CB 121 114.75 64.66 73.11
CA THR CB 121 116.08 64.12 73.40
C THR CB 121 117.13 64.69 72.46
N GLN CB 122 118.38 64.71 72.95
CA GLN CB 122 119.45 65.26 72.14
C GLN CB 122 119.69 64.43 70.89
N VAL CB 123 119.53 63.12 70.96
CA VAL CB 123 119.73 62.30 69.77
C VAL CB 123 118.68 62.61 68.71
N VAL CB 124 117.44 62.87 69.13
CA VAL CB 124 116.37 63.16 68.17
C VAL CB 124 116.55 64.54 67.56
N THR CB 125 116.84 65.55 68.40
CA THR CB 125 117.09 66.89 67.85
C THR CB 125 118.28 66.87 66.91
N ASP CB 126 119.35 66.15 67.30
CA ASP CB 126 120.51 65.97 66.46
C ASP CB 126 120.12 65.37 65.11
N ALA CB 127 119.35 64.28 65.12
CA ALA CB 127 119.01 63.59 63.89
C ALA CB 127 118.19 64.48 62.95
N VAL CB 128 117.17 65.15 63.49
CA VAL CB 128 116.27 65.93 62.64
C VAL CB 128 116.96 67.18 62.09
N VAL CB 129 117.82 67.82 62.90
CA VAL CB 129 118.41 69.07 62.45
C VAL CB 129 119.67 68.83 61.62
N ASP CB 130 120.63 68.08 62.16
CA ASP CB 130 121.89 67.89 61.47
C ASP CB 130 121.89 66.69 60.52
N MET CB 131 120.80 65.91 60.48
CA MET CB 131 120.74 64.67 59.69
C MET CB 131 121.74 63.64 60.24
N THR CB 132 121.84 63.56 61.56
CA THR CB 132 122.85 62.71 62.17
C THR CB 132 122.19 61.50 62.82
N PRO CB 133 122.57 60.29 62.43
CA PRO CB 133 121.92 59.08 62.95
C PRO CB 133 122.53 58.59 64.24
N ALA CB 134 122.00 57.48 64.77
CA ALA CB 134 122.58 56.82 65.93
C ALA CB 134 123.39 55.62 65.43
N TRP CB 135 124.70 55.78 65.33
CA TRP CB 135 125.56 54.76 64.71
C TRP CB 135 126.26 53.83 65.72
N ALA DB 1 70.50 75.28 71.37
CA ALA DB 1 71.39 74.48 72.21
C ALA DB 1 72.73 74.26 71.55
N GLN DB 2 73.70 75.13 71.82
CA GLN DB 2 75.07 74.76 71.46
C GLN DB 2 75.45 73.53 72.26
N ILE DB 3 76.22 72.63 71.64
CA ILE DB 3 76.58 71.40 72.33
C ILE DB 3 77.36 71.76 73.58
N ALA DB 4 77.02 71.10 74.69
CA ALA DB 4 77.69 71.35 75.95
C ALA DB 4 77.54 70.10 76.80
N ASN DB 5 78.20 70.13 77.96
CA ASN DB 5 78.19 68.99 78.86
C ASN DB 5 76.77 68.54 79.15
N LEU DB 6 76.62 67.27 79.48
CA LEU DB 6 75.30 66.68 79.70
C LEU DB 6 75.33 65.89 80.99
N ILE DB 7 74.36 66.11 81.88
CA ILE DB 7 74.41 65.52 83.21
C ILE DB 7 73.18 64.64 83.42
N LEU DB 8 73.41 63.34 83.60
CA LEU DB 8 72.34 62.36 83.73
C LEU DB 8 72.53 61.58 85.03
N ALA DB 9 71.43 61.39 85.77
CA ALA DB 9 71.50 60.74 87.07
C ALA DB 9 71.19 59.26 86.96
N ASP DB 10 72.07 58.42 87.50
CA ASP DB 10 71.85 56.99 87.52
C ASP DB 10 70.75 56.61 88.52
N GLY DB 11 70.26 55.38 88.38
CA GLY DB 11 69.24 54.88 89.27
C GLY DB 11 69.82 54.14 90.45
N GLN DB 12 69.79 54.78 91.60
CA GLN DB 12 70.22 54.18 92.85
C GLN DB 12 69.25 54.65 93.93
N ALA DB 13 69.49 54.17 95.15
CA ALA DB 13 68.79 54.73 96.29
C ALA DB 13 68.96 56.25 96.32
N THR DB 14 70.20 56.70 96.32
CA THR DB 14 70.50 58.10 96.13
C THR DB 14 71.16 58.19 94.76
N PRO DB 15 70.44 58.69 93.76
CA PRO DB 15 71.03 58.79 92.41
C PRO DB 15 72.26 59.68 92.43
N ALA DB 16 73.22 59.33 91.57
CA ALA DB 16 74.48 60.04 91.46
C ALA DB 16 74.60 60.66 90.07
N ASN DB 17 74.78 61.97 90.01
CA ASN DB 17 74.93 62.64 88.72
C ASN DB 17 76.19 62.14 88.01
N HIS DB 18 76.06 61.83 86.73
CA HIS DB 18 77.17 61.44 85.88
C HIS DB 18 77.26 62.42 84.72
N THR DB 19 78.46 62.90 84.44
CA THR DB 19 78.68 63.94 83.46
C THR DB 19 79.11 63.32 82.13
N PHE DB 20 78.80 64.04 81.05
CA PHE DB 20 79.02 63.62 79.66
C PHE DB 20 79.70 64.77 78.92
N VAL DB 21 80.99 64.61 78.66
CA VAL DB 21 81.74 65.58 77.86
C VAL DB 21 81.27 65.48 76.42
N PRO DB 22 81.11 66.58 75.69
CA PRO DB 22 80.82 66.49 74.26
C PRO DB 22 82.04 66.06 73.46
N MET DB 23 81.78 65.33 72.39
CA MET DB 23 82.81 64.83 71.49
C MET DB 23 82.78 65.52 70.14
N GLN DB 24 81.60 65.66 69.54
CA GLN DB 24 81.47 66.43 68.31
C GLN DB 24 80.04 66.94 68.21
N PRO DB 25 79.83 68.10 67.61
CA PRO DB 25 78.47 68.63 67.47
C PRO DB 25 77.72 67.84 66.41
N GLN DB 26 76.49 68.25 66.17
CA GLN DB 26 75.65 67.64 65.16
C GLN DB 26 75.91 68.31 63.81
N THR DB 27 76.13 67.49 62.79
CA THR DB 27 76.38 67.92 61.43
C THR DB 27 75.26 67.36 60.55
N GLY DB 28 75.32 67.67 59.26
CA GLY DB 28 74.33 67.14 58.33
C GLY DB 28 74.35 65.62 58.21
N ILE DB 29 75.51 65.00 58.42
CA ILE DB 29 75.62 63.54 58.31
C ILE DB 29 76.00 62.87 59.62
N THR DB 30 76.66 63.56 60.55
CA THR DB 30 77.07 62.98 61.81
C THR DB 30 76.22 63.50 62.96
N PRO DB 31 75.81 62.63 63.89
CA PRO DB 31 75.00 63.07 65.03
C PRO DB 31 75.83 63.56 66.20
N SER DB 32 75.29 64.56 66.91
CA SER DB 32 75.96 65.08 68.09
C SER DB 32 76.09 63.98 69.13
N GLN DB 33 77.23 63.90 69.80
CA GLN DB 33 77.44 62.80 70.72
C GLN DB 33 78.38 63.18 71.86
N TRP DB 34 78.10 62.60 73.04
CA TRP DB 34 78.80 62.82 74.30
C TRP DB 34 79.41 61.50 74.80
N LEU DB 35 80.21 61.59 75.86
CA LEU DB 35 80.97 60.48 76.42
C LEU DB 35 81.03 60.60 77.94
N ASN DB 36 80.92 59.47 78.64
CA ASN DB 36 80.92 59.49 80.11
C ASN DB 36 82.32 59.73 80.66
N LYS DB 37 83.29 58.93 80.21
CA LYS DB 37 84.71 59.12 80.57
C LYS DB 37 84.95 58.90 82.06
N GLU DB 38 84.23 57.93 82.63
CA GLU DB 38 84.40 57.60 84.04
C GLU DB 38 85.26 56.36 84.26
N ALA DB 39 84.88 55.23 83.68
CA ALA DB 39 85.67 54.02 83.89
C ALA DB 39 87.06 54.17 83.28
N ALA DB 40 88.02 53.44 83.82
CA ALA DB 40 89.41 53.61 83.38
C ALA DB 40 89.61 53.12 81.96
N SER DB 41 88.87 52.09 81.57
CA SER DB 41 89.02 51.48 80.26
C SER DB 41 88.26 52.27 79.19
N ASN DB 42 88.83 52.33 77.99
CA ASN DB 42 88.12 52.94 76.87
C ASN DB 42 86.74 52.32 76.66
N ILE DB 43 86.58 51.04 77.00
CA ILE DB 43 85.31 50.36 76.77
C ILE DB 43 84.24 50.88 77.72
N GLY DB 44 84.59 51.07 78.99
CA GLY DB 44 83.65 51.44 80.03
C GLY DB 44 83.07 52.84 79.91
N TYR DB 45 83.57 53.66 79.01
CA TYR DB 45 82.95 54.96 78.77
C TYR DB 45 81.53 54.77 78.26
N ARG DB 46 80.59 55.56 78.76
CA ARG DB 46 79.20 55.49 78.36
C ARG DB 46 78.93 56.61 77.37
N LYS DB 47 78.23 56.29 76.28
CA LYS DB 47 78.04 57.28 75.22
C LYS DB 47 76.55 57.58 75.05
N VAL DB 48 76.29 58.79 74.56
CA VAL DB 48 74.94 59.28 74.32
C VAL DB 48 74.98 60.06 73.01
N SER DB 49 74.22 59.63 72.01
CA SER DB 49 74.23 60.32 70.74
C SER DB 49 72.80 60.67 70.33
N MET DB 50 72.68 61.74 69.54
CA MET DB 50 71.41 62.33 69.19
C MET DB 50 71.51 62.99 67.82
N PHE DB 51 70.43 62.91 67.05
CA PHE DB 51 70.38 63.53 65.73
C PHE DB 51 68.98 64.03 65.40
N VAL DB 52 68.88 65.27 64.91
CA VAL DB 52 67.62 65.98 64.67
C VAL DB 52 67.53 66.23 63.16
N LYS DB 53 66.87 65.32 62.43
CA LYS DB 53 66.71 65.47 60.99
C LYS DB 53 65.45 66.29 60.71
N TYR DB 54 65.63 67.53 60.25
CA TYR DB 54 64.53 68.41 59.90
C TYR DB 54 64.13 68.20 58.45
N VAL DB 55 62.88 67.83 58.22
CA VAL DB 55 62.33 67.62 56.88
C VAL DB 55 61.24 68.66 56.69
N SER DB 56 61.53 69.69 55.90
CA SER DB 56 60.63 70.86 55.82
C SER DB 56 59.28 70.50 55.22
N ASN DB 57 59.22 69.49 54.35
CA ASN DB 57 57.95 68.95 53.87
C ASN DB 57 57.99 67.43 53.99
N GLY DB 58 57.68 66.93 55.18
CA GLY DB 58 57.72 65.51 55.44
C GLY DB 58 57.89 65.25 56.92
N THR DB 59 58.27 64.00 57.21
CA THR DB 59 58.34 63.52 58.58
C THR DB 59 59.74 63.80 59.13
N SER DB 60 59.86 64.84 59.95
CA SER DB 60 61.09 65.09 60.68
C SER DB 60 61.29 64.00 61.73
N LYS DB 61 62.56 63.80 62.13
CA LYS DB 61 62.88 62.68 63.04
C LYS DB 61 63.98 63.04 64.02
N VAL DB 62 63.70 62.89 65.32
CA VAL DB 62 64.70 63.01 66.37
C VAL DB 62 65.07 61.62 66.84
N THR DB 63 66.36 61.31 66.82
CA THR DB 63 66.85 59.97 67.15
C THR DB 63 67.86 60.06 68.30
N ILE DB 64 67.71 59.19 69.29
CA ILE DB 64 68.53 59.21 70.50
C ILE DB 64 68.96 57.78 70.83
N ARG DB 65 70.23 57.61 71.19
CA ARG DB 65 70.69 56.29 71.66
C ARG DB 65 71.71 56.46 72.78
N ILE DB 66 71.53 55.65 73.82
CA ILE DB 66 72.29 55.69 75.06
C ILE DB 66 72.91 54.32 75.27
N ALA DB 67 74.23 54.28 75.54
CA ALA DB 67 74.95 53.03 75.71
C ALA DB 67 75.72 53.06 77.02
N ASP DB 68 75.44 52.07 77.88
CA ASP DB 68 76.08 51.91 79.20
C ASP DB 68 76.79 50.57 79.23
N PRO DB 69 78.11 50.53 79.05
CA PRO DB 69 78.84 49.27 79.15
C PRO DB 69 78.89 48.79 80.60
N VAL DB 70 78.38 47.59 80.84
CA VAL DB 70 78.47 47.00 82.17
C VAL DB 70 79.46 45.84 82.13
N LEU DB 71 80.74 46.17 82.32
CA LEU DB 71 81.76 45.14 82.32
C LEU DB 71 81.90 44.48 83.67
N ALA DB 72 81.48 45.16 84.74
CA ALA DB 72 81.46 44.55 86.06
C ALA DB 72 80.60 43.30 86.04
N SER DB 73 79.50 43.33 85.29
CA SER DB 73 78.58 42.20 85.25
C SER DB 73 79.11 41.02 84.47
N VAL DB 74 80.19 41.19 83.71
CA VAL DB 74 80.76 40.11 82.89
C VAL DB 74 81.45 39.10 83.81
N PRO DB 75 81.21 37.79 83.62
CA PRO DB 75 81.93 36.80 84.43
C PRO DB 75 83.43 36.89 84.22
N ALA DB 76 84.18 36.50 85.25
CA ALA DB 76 85.63 36.57 85.16
C ALA DB 76 86.17 35.63 84.10
N GLY DB 77 85.49 34.49 83.88
CA GLY DB 77 85.99 33.52 82.92
C GLY DB 77 85.86 33.97 81.48
N CYS DB 78 84.88 34.82 81.17
CA CYS DB 78 84.66 35.29 79.81
C CYS DB 78 85.60 36.44 79.48
N CYS DB 79 86.29 36.32 78.35
CA CYS DB 79 87.15 37.38 77.85
C CYS DB 79 86.38 38.30 76.93
N VAL DB 80 86.64 39.60 77.05
CA VAL DB 80 86.01 40.62 76.21
C VAL DB 80 87.08 41.22 75.32
N ASP DB 81 86.88 41.12 74.00
CA ASP DB 81 87.81 41.64 73.00
C ASP DB 81 87.00 42.26 71.88
N THR DB 82 87.71 42.78 70.86
CA THR DB 82 87.05 43.52 69.78
C THR DB 82 85.94 42.69 69.14
N ASN DB 83 86.12 41.37 69.10
CA ASN DB 83 85.16 40.48 68.47
C ASN DB 83 83.94 40.20 69.33
N THR DB 84 83.97 40.55 70.62
CA THR DB 84 82.78 40.34 71.46
C THR DB 84 81.67 41.26 70.97
N PRO DB 85 80.48 40.73 70.71
CA PRO DB 85 79.39 41.60 70.25
C PRO DB 85 78.99 42.59 71.33
N GLN DB 86 78.73 43.82 70.89
CA GLN DB 86 78.46 44.89 71.86
C GLN DB 86 77.24 44.57 72.71
N VAL DB 87 76.17 44.08 72.08
CA VAL DB 87 74.86 43.97 72.74
C VAL DB 87 74.89 42.89 73.82
N ALA DB 88 76.05 42.25 73.99
CA ALA DB 88 76.20 41.25 75.03
C ALA DB 88 76.86 41.78 76.29
N TYR DB 89 77.57 42.91 76.24
CA TYR DB 89 78.27 43.40 77.42
C TYR DB 89 77.92 44.85 77.76
N SER DB 90 76.75 45.33 77.32
CA SER DB 90 76.34 46.70 77.62
C SER DB 90 74.85 46.85 77.39
N THR DB 91 74.24 47.75 78.17
CA THR DB 91 72.82 48.06 78.03
C THR DB 91 72.64 49.21 77.04
N PHE DB 92 71.50 49.20 76.34
CA PHE DB 92 71.24 50.16 75.27
C PHE DB 92 69.81 50.68 75.32
N PHE DB 93 69.63 51.96 75.01
CA PHE DB 93 68.31 52.56 74.87
C PHE DB 93 68.25 53.37 73.59
N GLU DB 94 67.30 53.07 72.71
CA GLU DB 94 67.19 53.78 71.43
C GLU DB 94 65.75 54.22 71.21
N CYS DB 95 65.56 55.54 71.01
CA CYS DB 95 64.23 56.07 70.73
C CYS DB 95 64.26 56.98 69.50
N THR DB 96 63.10 57.10 68.86
CA THR DB 96 62.91 57.95 67.68
C THR DB 96 61.55 58.62 67.76
N PHE DB 97 61.55 59.95 67.78
CA PHE DB 97 60.36 60.76 67.62
C PHE DB 97 60.17 61.07 66.14
N SER DB 98 58.98 60.77 65.62
CA SER DB 98 58.60 61.10 64.25
C SER DB 98 57.53 62.19 64.30
N VAL DB 99 57.86 63.34 63.73
CA VAL DB 99 57.02 64.54 63.75
C VAL DB 99 56.70 64.97 62.33
N PRO DB 100 55.47 64.81 61.86
CA PRO DB 100 55.16 65.23 60.49
C PRO DB 100 55.16 66.75 60.37
N TYR DB 101 55.47 67.23 59.17
CA TYR DB 101 55.32 68.65 58.88
C TYR DB 101 53.88 69.06 59.16
N GLY DB 102 53.68 70.30 59.57
CA GLY DB 102 52.34 70.72 59.87
C GLY DB 102 51.84 70.28 61.23
N ALA DB 103 52.75 69.87 62.12
CA ALA DB 103 52.34 69.50 63.46
C ALA DB 103 52.32 70.76 64.31
N THR DB 104 51.23 70.96 65.02
CA THR DB 104 51.16 72.13 65.87
C THR DB 104 52.22 72.03 66.96
N LEU DB 105 52.69 73.20 67.40
CA LEU DB 105 53.58 73.23 68.55
C LEU DB 105 53.00 72.42 69.69
N GLN DB 106 51.69 72.43 69.83
CA GLN DB 106 51.03 71.66 70.86
C GLN DB 106 51.11 70.17 70.59
N ASN DB 107 51.10 69.75 69.32
CA ASN DB 107 51.29 68.33 69.01
C ASN DB 107 52.69 67.86 69.39
N LYS DB 108 53.69 68.71 69.12
CA LYS DB 108 55.07 68.36 69.49
C LYS DB 108 55.24 68.25 71.01
N LYS DB 109 54.77 69.28 71.75
CA LYS DB 109 54.76 69.22 73.21
C LYS DB 109 54.00 67.99 73.69
N ASP DB 110 52.86 67.70 73.06
CA ASP DB 110 52.04 66.59 73.47
C ASP DB 110 52.83 65.30 73.42
N ILE DB 111 53.44 64.99 72.27
CA ILE DB 111 54.07 63.68 72.16
C ILE DB 111 55.30 63.60 73.04
N LEU DB 112 56.04 64.70 73.20
CA LEU DB 112 57.14 64.68 74.16
C LEU DB 112 56.63 64.30 75.54
N ALA DB 113 55.54 64.92 75.98
CA ALA DB 113 55.02 64.66 77.31
C ALA DB 113 54.49 63.23 77.43
N TYR DB 114 53.81 62.72 76.39
CA TYR DB 114 53.31 61.35 76.45
C TYR DB 114 54.45 60.37 76.60
N ALA DB 115 55.53 60.56 75.83
CA ALA DB 115 56.68 59.68 75.95
C ALA DB 115 57.29 59.73 77.34
N ARG DB 116 57.50 60.95 77.86
CA ARG DB 116 58.18 61.05 79.15
C ARG DB 116 57.31 60.49 80.28
N ASN DB 117 56.01 60.80 80.28
CA ASN DB 117 55.12 60.24 81.30
C ASN DB 117 55.03 58.72 81.20
N LEU DB 118 54.98 58.18 79.97
CA LEU DB 118 54.90 56.74 79.81
C LEU DB 118 56.14 56.05 80.34
N LEU DB 119 57.33 56.56 80.01
CA LEU DB 119 58.54 55.98 80.58
C LEU DB 119 58.62 56.19 82.10
N GLY DB 120 57.96 57.22 82.62
CA GLY DB 120 57.85 57.33 84.07
C GLY DB 120 56.87 56.38 84.71
N THR DB 121 55.93 55.82 83.94
CA THR DB 121 54.89 54.98 84.51
C THR DB 121 55.46 53.78 85.23
N GLN DB 122 54.69 53.31 86.23
CA GLN DB 122 55.11 52.14 86.97
C GLN DB 122 55.16 50.90 86.09
N VAL DB 123 54.25 50.78 85.13
CA VAL DB 123 54.25 49.59 84.30
C VAL DB 123 55.55 49.51 83.50
N VAL DB 124 56.02 50.65 83.00
CA VAL DB 124 57.29 50.67 82.25
C VAL DB 124 58.46 50.40 83.19
N THR DB 125 58.49 51.06 84.35
CA THR DB 125 59.57 50.81 85.31
C THR DB 125 59.64 49.32 85.67
N ASP DB 126 58.48 48.73 85.94
CA ASP DB 126 58.37 47.32 86.31
C ASP DB 126 58.83 46.43 85.16
N ALA DB 127 58.46 46.77 83.93
CA ALA DB 127 58.79 45.92 82.77
C ALA DB 127 60.28 45.96 82.45
N VAL DB 128 60.92 47.12 82.61
CA VAL DB 128 62.32 47.23 82.25
C VAL DB 128 63.22 46.66 83.34
N VAL DB 129 62.89 46.90 84.61
CA VAL DB 129 63.74 46.41 85.68
C VAL DB 129 63.43 44.96 86.02
N ASP DB 130 62.17 44.67 86.37
CA ASP DB 130 61.81 43.32 86.80
C ASP DB 130 61.41 42.41 85.64
N MET DB 131 61.51 42.89 84.41
CA MET DB 131 61.22 42.11 83.21
C MET DB 131 59.77 41.64 83.16
N THR DB 132 58.88 42.28 83.92
CA THR DB 132 57.52 41.80 84.05
C THR DB 132 56.61 42.58 83.11
N PRO DB 133 55.97 41.91 82.14
CA PRO DB 133 55.15 42.62 81.15
C PRO DB 133 53.71 42.82 81.58
N ALA DB 134 52.90 43.35 80.67
CA ALA DB 134 51.47 43.57 80.92
C ALA DB 134 50.69 42.46 80.23
N TRP DB 135 50.17 41.51 81.03
CA TRP DB 135 49.51 40.32 80.48
C TRP DB 135 48.00 40.30 80.66
N ALA EB 1 84.44 81.21 62.54
CA ALA EB 1 83.02 81.40 62.85
C ALA EB 1 82.33 80.08 63.14
N GLN EB 2 82.21 79.69 64.41
CA GLN EB 2 81.30 78.59 64.72
C GLN EB 2 79.86 79.06 64.52
N ILE EB 3 79.01 78.13 64.10
CA ILE EB 3 77.65 78.48 63.79
C ILE EB 3 76.95 78.91 65.07
N ALA EB 4 76.13 79.94 64.97
CA ALA EB 4 75.37 80.44 66.11
C ALA EB 4 74.15 81.16 65.58
N ASN EB 5 73.29 81.58 66.51
CA ASN EB 5 72.02 82.20 66.16
C ASN EB 5 72.24 83.35 65.18
N LEU EB 6 71.21 83.66 64.39
CA LEU EB 6 71.30 84.74 63.41
C LEU EB 6 70.07 85.64 63.52
N ILE EB 7 70.29 86.94 63.68
CA ILE EB 7 69.19 87.89 63.91
C ILE EB 7 69.10 88.85 62.72
N LEU EB 8 67.93 88.92 62.11
CA LEU EB 8 67.69 89.71 60.90
C LEU EB 8 66.43 90.54 61.08
N ALA EB 9 66.49 91.82 60.68
CA ALA EB 9 65.39 92.75 60.89
C ALA EB 9 64.48 92.77 59.67
N ASP EB 10 63.18 92.53 59.88
CA ASP EB 10 62.22 92.58 58.80
C ASP EB 10 61.97 94.03 58.35
N GLY EB 11 61.37 94.16 57.17
CA GLY EB 11 61.05 95.46 56.63
C GLY EB 11 59.66 95.90 57.03
N GLN EB 12 59.59 96.89 57.90
CA GLN EB 12 58.33 97.43 58.37
C GLN EB 12 58.55 98.91 58.64
N ALA EB 13 57.47 99.59 59.00
CA ALA EB 13 57.60 100.95 59.51
C ALA EB 13 58.60 100.98 60.66
N THR EB 14 58.40 100.11 61.63
CA THR EB 14 59.42 99.85 62.64
C THR EB 14 59.87 98.41 62.46
N PRO EB 15 61.13 98.18 62.08
CA PRO EB 15 61.59 96.81 61.90
C PRO EB 15 61.59 96.04 63.22
N ALA EB 16 61.30 94.75 63.12
CA ALA EB 16 61.29 93.87 64.27
C ALA EB 16 62.29 92.74 64.07
N ASN EB 17 63.18 92.55 65.04
CA ASN EB 17 64.20 91.51 64.91
C ASN EB 17 63.58 90.12 64.88
N HIS EB 18 64.02 89.31 63.93
CA HIS EB 18 63.61 87.92 63.80
C HIS EB 18 64.82 87.03 64.00
N THR EB 19 64.65 85.96 64.79
CA THR EB 19 65.77 85.10 65.14
C THR EB 19 65.76 83.84 64.28
N PHE EB 20 66.96 83.30 64.03
CA PHE EB 20 67.19 82.16 63.15
C PHE EB 20 68.06 81.16 63.90
N VAL EB 21 67.44 80.10 64.39
CA VAL EB 21 68.17 79.03 65.06
C VAL EB 21 68.92 78.21 64.00
N PRO EB 22 70.19 77.89 64.23
CA PRO EB 22 70.90 77.04 63.25
C PRO EB 22 70.34 75.64 63.20
N MET EB 23 70.35 75.05 62.00
CA MET EB 23 70.02 73.65 61.77
C MET EB 23 71.21 72.82 61.33
N GLN EB 24 72.13 73.42 60.59
CA GLN EB 24 73.11 72.62 59.87
C GLN EB 24 74.37 73.44 59.69
N PRO EB 25 75.51 72.97 60.20
CA PRO EB 25 76.76 73.65 59.89
C PRO EB 25 77.32 73.20 58.54
N GLN EB 26 78.10 74.08 57.93
CA GLN EB 26 78.70 73.82 56.63
C GLN EB 26 79.82 72.79 56.78
N THR EB 27 79.71 71.70 56.02
CA THR EB 27 80.70 70.63 56.03
C THR EB 27 80.61 69.93 54.69
N GLY EB 28 81.72 69.90 53.94
CA GLY EB 28 81.71 69.28 52.63
C GLY EB 28 80.81 70.06 51.68
N ILE EB 29 79.85 69.36 51.07
CA ILE EB 29 78.91 70.03 50.18
C ILE EB 29 77.76 70.66 50.96
N THR EB 30 77.43 70.11 52.11
CA THR EB 30 76.29 70.59 52.88
C THR EB 30 76.55 72.00 53.42
N PRO EB 31 75.69 72.98 53.14
CA PRO EB 31 75.96 74.36 53.54
C PRO EB 31 75.32 74.72 54.88
N SER EB 32 75.91 75.73 55.53
CA SER EB 32 75.36 76.19 56.80
C SER EB 32 73.96 76.74 56.56
N GLN EB 33 73.03 76.44 57.47
CA GLN EB 33 71.67 76.93 57.30
C GLN EB 33 70.95 77.11 58.64
N TRP EB 34 70.17 78.20 58.71
CA TRP EB 34 69.37 78.60 59.88
C TRP EB 34 67.90 78.68 59.50
N LEU EB 35 67.03 78.59 60.51
CA LEU EB 35 65.58 78.54 60.33
C LEU EB 35 64.90 79.57 61.23
N ASN EB 36 63.77 80.13 60.75
CA ASN EB 36 63.12 81.24 61.47
C ASN EB 36 62.31 80.75 62.68
N LYS EB 37 61.52 79.67 62.50
CA LYS EB 37 60.77 79.00 63.58
C LYS EB 37 59.58 79.80 64.09
N GLU EB 38 58.93 80.56 63.21
CA GLU EB 38 57.82 81.38 63.67
C GLU EB 38 56.45 80.86 63.27
N ALA EB 39 56.26 80.46 62.02
CA ALA EB 39 54.98 79.90 61.63
C ALA EB 39 54.76 78.57 62.34
N ALA EB 40 53.49 78.18 62.48
CA ALA EB 40 53.13 77.07 63.37
C ALA EB 40 53.56 75.73 62.83
N SER EB 41 53.40 75.52 61.52
CA SER EB 41 53.75 74.28 60.85
C SER EB 41 55.22 74.25 60.46
N ASN EB 42 55.77 73.04 60.33
CA ASN EB 42 57.17 72.91 59.97
C ASN EB 42 57.50 73.54 58.62
N ILE EB 43 56.49 73.76 57.78
CA ILE EB 43 56.74 74.27 56.43
C ILE EB 43 57.03 75.78 56.46
N GLY EB 44 56.34 76.52 57.32
CA GLY EB 44 56.38 77.98 57.28
C GLY EB 44 57.70 78.55 57.75
N TYR EB 45 58.50 77.75 58.46
CA TYR EB 45 59.82 78.16 58.92
C TYR EB 45 60.60 78.77 57.75
N ARG EB 46 61.11 79.98 57.95
CA ARG EB 46 61.90 80.64 56.92
C ARG EB 46 63.36 80.18 57.01
N LYS EB 47 64.02 80.12 55.86
CA LYS EB 47 65.32 79.45 55.83
C LYS EB 47 66.39 80.35 55.22
N VAL EB 48 67.53 80.44 55.89
CA VAL EB 48 68.70 81.16 55.38
C VAL EB 48 69.83 80.15 55.24
N SER EB 49 70.52 80.16 54.11
CA SER EB 49 71.63 79.22 53.96
C SER EB 49 72.77 79.85 53.18
N MET EB 50 73.98 79.39 53.49
CA MET EB 50 75.21 79.97 52.96
C MET EB 50 76.25 78.86 52.81
N PHE EB 51 77.08 79.00 51.78
CA PHE EB 51 78.19 78.08 51.52
C PHE EB 51 79.41 78.85 51.06
N VAL EB 52 80.53 78.65 51.74
CA VAL EB 52 81.78 79.34 51.46
C VAL EB 52 82.73 78.32 50.84
N LYS EB 53 82.94 78.41 49.52
CA LYS EB 53 83.90 77.57 48.82
C LYS EB 53 85.20 78.34 48.65
N TYR EB 54 86.20 78.00 49.47
CA TYR EB 54 87.53 78.59 49.37
C TYR EB 54 88.35 77.79 48.36
N VAL EB 55 88.69 78.42 47.25
CA VAL EB 55 89.55 77.82 46.23
C VAL EB 55 90.92 78.45 46.37
N SER EB 56 91.90 77.65 46.81
CA SER EB 56 93.21 78.21 47.18
C SER EB 56 93.93 78.83 46.00
N ASN EB 57 93.66 78.35 44.78
CA ASN EB 57 94.19 78.95 43.56
C ASN EB 57 93.08 78.99 42.52
N GLY EB 58 92.32 80.08 42.53
CA GLY EB 58 91.20 80.22 41.61
C GLY EB 58 90.15 81.16 42.18
N THR EB 59 88.95 81.07 41.61
CA THR EB 59 87.85 81.95 41.99
C THR EB 59 87.07 81.30 43.13
N SER EB 60 87.24 81.84 44.34
CA SER EB 60 86.46 81.39 45.49
C SER EB 60 85.06 81.99 45.43
N LYS EB 61 84.11 81.32 46.08
CA LYS EB 61 82.69 81.64 45.88
C LYS EB 61 81.91 81.51 47.18
N VAL EB 62 81.27 82.60 47.60
CA VAL EB 62 80.33 82.60 48.71
C VAL EB 62 78.93 82.66 48.15
N THR EB 63 78.07 81.71 48.54
CA THR EB 63 76.72 81.60 48.00
C THR EB 63 75.70 81.69 49.13
N ILE EB 64 74.66 82.50 48.95
CA ILE EB 64 73.68 82.76 49.99
C ILE EB 64 72.28 82.74 49.39
N ARG EB 65 71.32 82.18 50.15
CA ARG EB 65 69.92 82.19 49.74
C ARG EB 65 69.00 82.31 50.95
N ILE EB 66 67.98 83.14 50.80
CA ILE EB 66 66.99 83.46 51.82
C ILE EB 66 65.61 83.12 51.27
N ALA EB 67 64.86 82.30 52.01
CA ALA EB 67 63.55 81.82 51.58
C ALA EB 67 62.52 82.18 52.62
N ASP EB 68 61.56 83.04 52.22
CA ASP EB 68 60.47 83.59 53.02
C ASP EB 68 59.19 82.97 52.51
N PRO EB 69 58.76 81.83 53.05
CA PRO EB 69 57.50 81.23 52.62
C PRO EB 69 56.32 81.76 53.41
N VAL EB 70 55.15 81.75 52.77
CA VAL EB 70 53.91 82.14 53.41
C VAL EB 70 52.88 81.04 53.23
N LEU EB 71 52.33 80.56 54.33
CA LEU EB 71 51.35 79.48 54.29
C LEU EB 71 50.04 79.95 53.67
N ALA EB 72 49.40 79.06 52.92
CA ALA EB 72 48.14 79.37 52.28
C ALA EB 72 46.98 79.23 53.26
N SER EB 73 46.03 80.14 53.17
CA SER EB 73 44.76 80.04 53.88
C SER EB 73 43.70 79.72 52.83
N VAL EB 74 43.19 78.49 52.86
CA VAL EB 74 42.26 78.02 51.84
C VAL EB 74 40.88 78.58 52.12
N PRO EB 75 40.01 78.71 51.12
CA PRO EB 75 38.63 79.06 51.38
C PRO EB 75 37.83 77.79 51.67
N ALA EB 76 36.58 78.01 52.07
CA ALA EB 76 35.72 76.88 52.44
C ALA EB 76 35.50 75.92 51.26
N GLY EB 77 35.59 76.44 50.03
CA GLY EB 77 35.11 75.68 48.89
C GLY EB 77 35.93 74.45 48.57
N CYS EB 78 37.26 74.56 48.62
CA CYS EB 78 38.09 73.45 48.18
C CYS EB 78 38.19 72.32 49.21
N CYS EB 79 37.91 72.62 50.48
CA CYS EB 79 37.72 71.61 51.52
C CYS EB 79 38.97 70.79 51.79
N VAL EB 80 40.16 71.35 51.58
CA VAL EB 80 41.34 70.76 52.17
C VAL EB 80 41.24 70.92 53.68
N ASP EB 81 41.52 69.85 54.41
CA ASP EB 81 41.36 69.87 55.85
C ASP EB 81 42.17 71.01 56.46
N THR EB 82 41.56 71.69 57.44
CA THR EB 82 42.24 72.75 58.16
C THR EB 82 43.61 72.31 58.67
N ASN EB 83 43.77 71.01 58.93
CA ASN EB 83 44.94 70.53 59.65
C ASN EB 83 46.16 70.35 58.75
N THR EB 84 45.96 70.11 57.43
CA THR EB 84 47.07 69.91 56.52
C THR EB 84 47.41 71.22 55.82
N PRO EB 85 48.44 71.95 56.25
CA PRO EB 85 48.76 73.22 55.58
C PRO EB 85 49.59 72.98 54.33
N GLN EB 86 49.49 73.94 53.42
CA GLN EB 86 50.30 73.95 52.22
C GLN EB 86 50.92 75.32 52.07
N VAL EB 87 52.11 75.37 51.47
CA VAL EB 87 52.79 76.64 51.24
C VAL EB 87 52.21 77.28 49.99
N ALA EB 88 51.76 78.53 50.12
CA ALA EB 88 51.12 79.22 49.00
C ALA EB 88 52.16 79.70 48.01
N TYR EB 89 53.20 80.35 48.51
CA TYR EB 89 54.24 80.97 47.70
C TYR EB 89 55.38 81.33 48.66
N SER EB 90 56.53 81.66 48.09
CA SER EB 90 57.68 82.06 48.88
C SER EB 90 58.56 83.00 48.07
N THR EB 91 58.99 84.08 48.72
CA THR EB 91 59.96 84.99 48.13
C THR EB 91 61.37 84.46 48.33
N PHE EB 92 62.23 84.69 47.34
CA PHE EB 92 63.58 84.14 47.35
C PHE EB 92 64.62 85.21 47.06
N PHE EB 93 65.73 85.18 47.78
CA PHE EB 93 66.89 86.02 47.48
C PHE EB 93 68.12 85.14 47.37
N GLU EB 94 68.83 85.20 46.25
CA GLU EB 94 70.01 84.36 46.04
C GLU EB 94 71.15 85.19 45.48
N CYS EB 95 72.26 85.25 46.21
CA CYS EB 95 73.42 86.01 45.78
C CYS EB 95 74.67 85.13 45.81
N THR EB 96 75.67 85.55 45.03
CA THR EB 96 76.95 84.88 44.93
C THR EB 96 78.06 85.93 44.81
N PHE EB 97 79.01 85.87 45.74
CA PHE EB 97 80.24 86.64 45.68
C PHE EB 97 81.33 85.78 45.04
N SER EB 98 81.99 86.32 44.02
CA SER EB 98 83.14 85.69 43.36
C SER EB 98 84.39 86.50 43.68
N VAL EB 99 85.33 85.87 44.38
CA VAL EB 99 86.58 86.48 44.81
C VAL EB 99 87.76 85.76 44.17
N PRO EB 100 88.46 86.37 43.24
CA PRO EB 100 89.56 85.67 42.56
C PRO EB 100 90.76 85.49 43.48
N TYR EB 101 91.74 84.73 42.97
CA TYR EB 101 92.88 84.37 43.80
C TYR EB 101 93.61 85.61 44.32
N GLY EB 102 93.89 86.57 43.45
CA GLY EB 102 94.76 87.69 43.76
C GLY EB 102 94.11 88.82 44.49
N ALA EB 103 92.86 88.65 44.95
CA ALA EB 103 92.08 89.76 45.46
C ALA EB 103 92.67 90.30 46.76
N THR EB 104 92.77 91.61 46.84
CA THR EB 104 93.21 92.22 48.08
C THR EB 104 92.13 92.06 49.16
N LEU EB 105 92.59 91.99 50.41
CA LEU EB 105 91.65 92.02 51.51
C LEU EB 105 90.82 93.30 51.47
N GLN EB 106 91.44 94.40 51.11
CA GLN EB 106 90.69 95.64 50.92
C GLN EB 106 89.66 95.48 49.82
N ASN EB 107 89.97 94.73 48.76
CA ASN EB 107 89.02 94.47 47.68
C ASN EB 107 87.81 93.68 48.16
N LYS EB 108 88.05 92.66 49.01
CA LYS EB 108 86.97 91.90 49.60
C LYS EB 108 86.04 92.79 50.41
N LYS EB 109 86.64 93.60 51.30
CA LYS EB 109 85.88 94.62 52.04
C LYS EB 109 85.08 95.49 51.09
N ASP EB 110 85.73 95.99 50.04
CA ASP EB 110 85.09 96.87 49.07
C ASP EB 110 83.83 96.25 48.52
N ILE EB 111 83.93 95.04 47.97
CA ILE EB 111 82.79 94.50 47.25
C ILE EB 111 81.66 94.14 48.21
N LEU EB 112 81.99 93.65 49.42
CA LEU EB 112 80.92 93.42 50.38
C LEU EB 112 80.18 94.73 50.69
N ALA EB 113 80.92 95.82 50.84
CA ALA EB 113 80.28 97.10 51.13
C ALA EB 113 79.45 97.59 49.96
N TYR EB 114 79.95 97.42 48.73
CA TYR EB 114 79.18 97.84 47.56
C TYR EB 114 77.87 97.07 47.48
N ALA EB 115 77.90 95.77 47.76
CA ALA EB 115 76.68 94.98 47.75
C ALA EB 115 75.69 95.46 48.80
N ARG EB 116 76.17 95.66 50.04
CA ARG EB 116 75.27 96.07 51.11
C ARG EB 116 74.67 97.44 50.81
N ASN EB 117 75.51 98.41 50.43
CA ASN EB 117 75.01 99.74 50.13
C ASN EB 117 74.05 99.73 48.94
N LEU EB 118 74.34 98.90 47.92
CA LEU EB 118 73.48 98.86 46.75
C LEU EB 118 72.10 98.27 47.08
N LEU EB 119 72.06 97.26 47.95
CA LEU EB 119 70.75 96.83 48.45
C LEU EB 119 70.10 97.90 49.32
N GLY EB 120 70.90 98.82 49.87
CA GLY EB 120 70.32 99.97 50.53
C GLY EB 120 69.76 101.02 49.58
N THR EB 121 70.25 101.07 48.34
CA THR EB 121 69.98 102.20 47.47
C THR EB 121 68.49 102.37 47.15
N GLN EB 122 68.11 103.61 46.88
CA GLN EB 122 66.73 103.93 46.55
C GLN EB 122 66.30 103.26 45.25
N VAL EB 123 67.22 103.17 44.28
CA VAL EB 123 66.86 102.55 43.00
C VAL EB 123 66.50 101.10 43.19
N VAL EB 124 67.28 100.37 44.00
CA VAL EB 124 67.03 98.94 44.21
C VAL EB 124 65.77 98.74 45.05
N THR EB 125 65.61 99.53 46.12
CA THR EB 125 64.38 99.41 46.91
C THR EB 125 63.15 99.64 46.03
N ASP EB 126 63.20 100.71 45.22
CA ASP EB 126 62.15 100.99 44.25
C ASP EB 126 61.89 99.81 43.34
N ALA EB 127 62.96 99.26 42.74
CA ALA EB 127 62.81 98.22 41.72
C ALA EB 127 62.23 96.94 42.31
N VAL EB 128 62.75 96.51 43.47
CA VAL EB 128 62.31 95.25 44.06
C VAL EB 128 60.89 95.35 44.61
N VAL EB 129 60.51 96.50 45.17
CA VAL EB 129 59.20 96.57 45.80
C VAL EB 129 58.11 96.92 44.80
N ASP EB 130 58.33 97.88 43.91
CA ASP EB 130 57.30 98.32 42.99
C ASP EB 130 57.47 97.77 41.58
N MET EB 131 58.45 96.90 41.35
CA MET EB 131 58.71 96.30 40.03
C MET EB 131 58.89 97.37 38.97
N THR EB 132 59.49 98.49 39.37
CA THR EB 132 59.75 99.60 38.46
C THR EB 132 61.21 99.59 38.08
N PRO EB 133 61.54 99.48 36.79
CA PRO EB 133 62.95 99.46 36.40
C PRO EB 133 63.63 100.81 36.55
N ALA EB 134 64.92 100.87 36.19
CA ALA EB 134 65.63 102.13 36.11
C ALA EB 134 65.71 102.51 34.64
N TRP EB 135 64.67 103.22 34.17
CA TRP EB 135 64.53 103.56 32.75
C TRP EB 135 65.28 104.82 32.36
N ALA FB 1 -48.97 50.51 -2.82
CA ALA FB 1 -48.57 51.73 -3.50
C ALA FB 1 -48.10 51.47 -4.92
N GLN FB 2 -49.02 51.46 -5.89
CA GLN FB 2 -48.61 51.57 -7.28
C GLN FB 2 -47.81 52.86 -7.46
N ILE FB 3 -46.87 52.84 -8.40
CA ILE FB 3 -46.06 54.01 -8.62
C ILE FB 3 -46.92 55.12 -9.21
N ALA FB 4 -46.69 56.34 -8.75
CA ALA FB 4 -47.45 57.49 -9.22
C ALA FB 4 -46.63 58.73 -8.91
N ASN FB 5 -47.15 59.89 -9.34
CA ASN FB 5 -46.45 61.16 -9.23
C ASN FB 5 -45.98 61.43 -7.81
N LEU FB 6 -44.98 62.31 -7.66
CA LEU FB 6 -44.44 62.65 -6.35
C LEU FB 6 -44.32 64.16 -6.25
N ILE FB 7 -44.73 64.75 -5.13
CA ILE FB 7 -44.75 66.20 -5.01
C ILE FB 7 -43.94 66.60 -3.78
N LEU FB 8 -42.81 67.29 -4.00
CA LEU FB 8 -41.89 67.68 -2.95
C LEU FB 8 -41.70 69.19 -2.96
N ALA FB 9 -41.71 69.82 -1.79
CA ALA FB 9 -41.63 71.26 -1.68
C ALA FB 9 -40.19 71.69 -1.39
N ASP FB 10 -39.68 72.60 -2.21
CA ASP FB 10 -38.33 73.13 -1.97
C ASP FB 10 -38.32 74.06 -0.76
N GLY FB 11 -37.11 74.39 -0.31
CA GLY FB 11 -36.97 75.30 0.81
C GLY FB 11 -36.77 76.72 0.36
N GLN FB 12 -37.77 77.56 0.53
CA GLN FB 12 -37.66 78.97 0.21
C GLN FB 12 -38.36 79.74 1.32
N ALA FB 13 -38.37 81.07 1.16
CA ALA FB 13 -39.23 81.89 1.99
C ALA FB 13 -40.64 81.34 1.96
N THR FB 14 -41.19 81.20 0.77
CA THR FB 14 -42.43 80.46 0.57
C THR FB 14 -42.07 79.25 -0.29
N PRO FB 15 -42.18 78.04 0.24
CA PRO FB 15 -41.86 76.86 -0.56
C PRO FB 15 -42.76 76.76 -1.79
N ALA FB 16 -42.17 76.35 -2.90
CA ALA FB 16 -42.90 76.09 -4.14
C ALA FB 16 -42.85 74.61 -4.45
N ASN FB 17 -44.01 74.01 -4.70
CA ASN FB 17 -44.10 72.58 -4.94
C ASN FB 17 -43.48 72.19 -6.28
N HIS FB 18 -42.72 71.10 -6.28
CA HIS FB 18 -42.12 70.55 -7.49
C HIS FB 18 -42.61 69.12 -7.68
N THR FB 19 -42.90 68.77 -8.92
CA THR FB 19 -43.53 67.51 -9.24
C THR FB 19 -42.53 66.57 -9.91
N PHE FB 20 -42.71 65.28 -9.67
CA PHE FB 20 -41.79 64.22 -10.10
C PHE FB 20 -42.62 63.15 -10.81
N VAL FB 21 -42.44 63.07 -12.13
CA VAL FB 21 -43.09 62.04 -12.94
C VAL FB 21 -42.38 60.71 -12.72
N PRO FB 22 -43.10 59.61 -12.57
CA PRO FB 22 -42.44 58.30 -12.46
C PRO FB 22 -41.90 57.83 -13.81
N MET FB 23 -40.73 57.21 -13.78
CA MET FB 23 -40.09 56.68 -14.98
C MET FB 23 -39.90 55.18 -14.97
N GLN FB 24 -39.46 54.61 -13.84
CA GLN FB 24 -39.32 53.16 -13.74
C GLN FB 24 -39.75 52.70 -12.35
N PRO FB 25 -40.53 51.64 -12.26
CA PRO FB 25 -40.94 51.10 -10.96
C PRO FB 25 -39.97 50.04 -10.44
N GLN FB 26 -40.24 49.61 -9.22
CA GLN FB 26 -39.39 48.65 -8.51
C GLN FB 26 -39.77 47.24 -8.91
N THR FB 27 -38.91 46.60 -9.72
CA THR FB 27 -39.03 45.17 -10.02
C THR FB 27 -37.64 44.58 -9.96
N GLY FB 28 -37.44 43.60 -9.09
CA GLY FB 28 -36.14 42.96 -9.00
C GLY FB 28 -35.11 43.89 -8.40
N ILE FB 29 -33.97 44.02 -9.07
CA ILE FB 29 -32.91 44.89 -8.58
C ILE FB 29 -33.21 46.36 -8.86
N THR FB 30 -33.92 46.64 -9.94
CA THR FB 30 -34.13 48.02 -10.35
C THR FB 30 -35.07 48.73 -9.39
N PRO FB 31 -34.72 49.93 -8.92
CA PRO FB 31 -35.55 50.64 -7.94
C PRO FB 31 -36.54 51.61 -8.57
N SER FB 32 -37.63 51.86 -7.86
CA SER FB 32 -38.59 52.86 -8.32
C SER FB 32 -37.93 54.22 -8.35
N GLN FB 33 -38.27 55.04 -9.36
CA GLN FB 33 -37.57 56.30 -9.53
C GLN FB 33 -38.40 57.30 -10.32
N TRP FB 34 -38.33 58.57 -9.89
CA TRP FB 34 -39.06 59.71 -10.42
C TRP FB 34 -38.10 60.79 -10.87
N LEU FB 35 -38.54 61.61 -11.84
CA LEU FB 35 -37.75 62.67 -12.45
C LEU FB 35 -38.51 63.99 -12.36
N ASN FB 36 -37.78 65.09 -12.14
CA ASN FB 36 -38.44 66.39 -11.94
C ASN FB 36 -38.86 67.01 -13.26
N LYS FB 37 -37.99 66.97 -14.28
CA LYS FB 37 -38.30 67.43 -15.63
C LYS FB 37 -38.50 68.95 -15.71
N GLU FB 38 -37.78 69.69 -14.86
CA GLU FB 38 -37.88 71.14 -14.84
C GLU FB 38 -36.71 71.85 -15.51
N ALA FB 39 -35.52 71.29 -15.48
CA ALA FB 39 -34.36 72.02 -15.97
C ALA FB 39 -34.36 72.12 -17.50
N ALA FB 40 -33.43 72.94 -18.01
CA ALA FB 40 -33.39 73.22 -19.45
C ALA FB 40 -32.97 71.99 -20.27
N SER FB 41 -31.94 71.28 -19.81
CA SER FB 41 -31.41 70.12 -20.50
C SER FB 41 -31.89 68.83 -19.84
N ASN FB 42 -31.75 67.72 -20.56
CA ASN FB 42 -32.21 66.45 -20.00
C ASN FB 42 -31.38 66.00 -18.82
N ILE FB 43 -30.19 66.57 -18.61
CA ILE FB 43 -29.33 66.14 -17.52
C ILE FB 43 -29.62 66.89 -16.22
N GLY FB 44 -30.21 68.08 -16.28
CA GLY FB 44 -30.54 68.85 -15.10
C GLY FB 44 -31.73 68.35 -14.33
N TYR FB 45 -32.46 67.38 -14.88
CA TYR FB 45 -33.66 66.87 -14.24
C TYR FB 45 -33.32 66.30 -12.87
N ARG FB 46 -34.07 66.71 -11.86
CA ARG FB 46 -33.83 66.23 -10.50
C ARG FB 46 -34.49 64.88 -10.32
N LYS FB 47 -33.81 63.97 -9.62
CA LYS FB 47 -34.32 62.60 -9.57
C LYS FB 47 -34.40 62.09 -8.14
N VAL FB 48 -35.37 61.21 -7.93
CA VAL FB 48 -35.59 60.55 -6.66
C VAL FB 48 -35.68 59.07 -6.94
N SER FB 49 -35.14 58.25 -6.05
CA SER FB 49 -35.31 56.80 -6.24
C SER FB 49 -35.35 56.11 -4.89
N MET FB 50 -36.03 54.97 -4.87
CA MET FB 50 -36.33 54.23 -3.66
C MET FB 50 -36.40 52.74 -3.96
N PHE FB 51 -35.94 51.93 -3.01
CA PHE FB 51 -35.99 50.47 -3.10
C PHE FB 51 -36.29 49.86 -1.74
N VAL FB 52 -37.25 48.92 -1.70
CA VAL FB 52 -37.73 48.32 -0.46
C VAL FB 52 -37.42 46.82 -0.53
N LYS FB 53 -36.25 46.43 -0.04
CA LYS FB 53 -35.85 45.03 -0.01
C LYS FB 53 -36.45 44.37 1.22
N TYR FB 54 -37.46 43.52 1.00
CA TYR FB 54 -38.11 42.77 2.07
C TYR FB 54 -37.41 41.43 2.26
N VAL FB 55 -36.79 41.24 3.42
CA VAL FB 55 -36.07 40.02 3.76
C VAL FB 55 -36.85 39.30 4.85
N SER FB 56 -37.50 38.18 4.48
CA SER FB 56 -38.46 37.56 5.38
C SER FB 56 -37.81 37.03 6.64
N ASN FB 57 -36.63 36.42 6.53
CA ASN FB 57 -35.84 36.06 7.71
C ASN FB 57 -34.49 36.75 7.59
N GLY FB 58 -34.45 38.00 8.02
CA GLY FB 58 -33.24 38.79 7.92
C GLY FB 58 -33.56 40.27 7.98
N THR FB 59 -32.58 41.06 7.57
CA THR FB 59 -32.60 42.51 7.80
C THR FB 59 -33.12 43.19 6.55
N SER FB 60 -34.42 43.55 6.58
CA SER FB 60 -35.02 44.28 5.48
C SER FB 60 -34.44 45.69 5.41
N LYS FB 61 -34.48 46.29 4.22
CA LYS FB 61 -33.81 47.58 3.99
C LYS FB 61 -34.60 48.45 3.03
N VAL FB 62 -34.81 49.72 3.41
CA VAL FB 62 -35.42 50.72 2.54
C VAL FB 62 -34.36 51.76 2.22
N THR FB 63 -34.04 51.92 0.94
CA THR FB 63 -32.99 52.83 0.50
C THR FB 63 -33.59 53.94 -0.37
N ILE FB 64 -33.23 55.18 -0.07
CA ILE FB 64 -33.76 56.37 -0.75
C ILE FB 64 -32.61 57.29 -1.12
N ARG FB 65 -32.65 57.83 -2.34
CA ARG FB 65 -31.64 58.82 -2.74
C ARG FB 65 -32.29 59.91 -3.59
N ILE FB 66 -31.88 61.15 -3.31
CA ILE FB 66 -32.41 62.37 -3.92
C ILE FB 66 -31.25 63.16 -4.52
N ALA FB 67 -31.36 63.51 -5.80
CA ALA FB 67 -30.30 64.19 -6.53
C ALA FB 67 -30.83 65.49 -7.12
N ASP FB 68 -30.23 66.61 -6.71
CA ASP FB 68 -30.60 67.96 -7.16
C ASP FB 68 -29.41 68.55 -7.89
N PRO FB 69 -29.36 68.47 -9.21
CA PRO FB 69 -28.23 69.04 -9.95
C PRO FB 69 -28.48 70.48 -10.38
N VAL FB 70 -27.38 71.21 -10.56
CA VAL FB 70 -27.39 72.58 -11.06
C VAL FB 70 -26.50 72.62 -12.30
N LEU FB 71 -27.09 72.98 -13.44
CA LEU FB 71 -26.37 72.96 -14.70
C LEU FB 71 -25.41 74.15 -14.79
N ALA FB 72 -24.48 74.06 -15.74
CA ALA FB 72 -23.45 75.08 -15.93
C ALA FB 72 -23.93 76.10 -16.95
N SER FB 73 -24.22 77.33 -16.49
CA SER FB 73 -24.69 78.40 -17.35
C SER FB 73 -23.51 79.28 -17.75
N VAL FB 74 -23.31 79.44 -19.05
CA VAL FB 74 -22.19 80.20 -19.59
C VAL FB 74 -22.74 81.50 -20.18
N PRO FB 75 -21.93 82.56 -20.29
CA PRO FB 75 -22.41 83.81 -20.89
C PRO FB 75 -23.00 83.59 -22.27
N ALA FB 76 -24.03 84.37 -22.59
CA ALA FB 76 -24.85 84.09 -23.77
C ALA FB 76 -24.04 84.21 -25.05
N GLY FB 77 -23.24 85.26 -25.18
CA GLY FB 77 -22.43 85.44 -26.37
C GLY FB 77 -21.41 84.33 -26.57
N CYS FB 78 -21.03 83.65 -25.50
CA CYS FB 78 -20.02 82.62 -25.60
C CYS FB 78 -20.56 81.40 -26.35
N CYS FB 79 -19.64 80.57 -26.84
CA CYS FB 79 -19.99 79.43 -27.68
C CYS FB 79 -19.57 78.13 -27.02
N VAL FB 80 -20.53 77.45 -26.40
CA VAL FB 80 -20.40 76.05 -26.04
C VAL FB 80 -21.65 75.37 -26.59
N ASP FB 81 -21.45 74.27 -27.31
CA ASP FB 81 -22.56 73.61 -28.00
C ASP FB 81 -23.66 73.29 -27.01
N THR FB 82 -24.86 73.82 -27.27
CA THR FB 82 -25.99 73.56 -26.38
C THR FB 82 -26.39 72.09 -26.39
N ASN FB 83 -25.99 71.36 -27.44
CA ASN FB 83 -26.26 69.93 -27.46
C ASN FB 83 -25.39 69.17 -26.45
N THR FB 84 -24.29 69.76 -26.00
CA THR FB 84 -23.42 69.14 -25.01
C THR FB 84 -23.31 70.02 -23.77
N PRO FB 85 -24.32 69.96 -22.85
CA PRO FB 85 -24.21 70.67 -21.57
C PRO FB 85 -23.62 69.77 -20.50
N GLN FB 86 -23.13 70.38 -19.42
CA GLN FB 86 -22.58 69.64 -18.31
C GLN FB 86 -23.28 70.09 -17.04
N VAL FB 87 -23.18 69.24 -16.03
CA VAL FB 87 -23.63 69.54 -14.68
C VAL FB 87 -22.45 70.14 -13.93
N ALA FB 88 -22.62 71.36 -13.42
CA ALA FB 88 -21.57 71.99 -12.63
C ALA FB 88 -21.35 71.26 -11.32
N TYR FB 89 -22.44 70.97 -10.60
CA TYR FB 89 -22.39 70.29 -9.32
C TYR FB 89 -23.82 69.84 -8.99
N SER FB 90 -23.93 68.91 -8.04
CA SER FB 90 -25.24 68.41 -7.65
C SER FB 90 -25.22 67.98 -6.19
N THR FB 91 -26.26 68.36 -5.46
CA THR FB 91 -26.41 67.95 -4.08
C THR FB 91 -27.11 66.59 -4.02
N PHE FB 92 -26.76 65.81 -2.99
CA PHE FB 92 -27.26 64.45 -2.86
C PHE FB 92 -27.71 64.16 -1.44
N PHE FB 93 -28.78 63.36 -1.31
CA PHE FB 93 -29.23 62.85 -0.02
C PHE FB 93 -29.48 61.36 -0.14
N GLU FB 94 -28.81 60.56 0.70
CA GLU FB 94 -28.95 59.10 0.65
C GLU FB 94 -29.19 58.56 2.05
N CYS FB 95 -30.31 57.85 2.23
CA CYS FB 95 -30.65 57.25 3.51
C CYS FB 95 -31.05 55.79 3.35
N THR FB 96 -30.80 54.99 4.39
CA THR FB 96 -31.14 53.58 4.42
C THR FB 96 -31.71 53.25 5.79
N PHE FB 97 -32.95 52.77 5.80
CA PHE FB 97 -33.58 52.16 6.96
C PHE FB 97 -33.25 50.67 6.96
N SER FB 98 -32.85 50.15 8.12
CA SER FB 98 -32.55 48.74 8.31
C SER FB 98 -33.43 48.20 9.43
N VAL FB 99 -34.39 47.36 9.08
CA VAL FB 99 -35.42 46.85 9.99
C VAL FB 99 -35.22 45.35 10.12
N PRO FB 100 -35.01 44.83 11.33
CA PRO FB 100 -34.83 43.39 11.50
C PRO FB 100 -36.10 42.61 11.15
N TYR FB 101 -35.91 41.33 10.84
CA TYR FB 101 -37.02 40.40 10.88
C TYR FB 101 -37.64 40.43 12.27
N GLY FB 102 -38.94 40.12 12.33
CA GLY FB 102 -39.58 40.08 13.62
C GLY FB 102 -39.69 41.39 14.35
N ALA FB 103 -39.53 42.52 13.66
CA ALA FB 103 -39.72 43.82 14.29
C ALA FB 103 -41.19 44.19 14.26
N THR FB 104 -41.70 44.66 15.40
CA THR FB 104 -43.10 45.05 15.50
C THR FB 104 -43.40 46.22 14.58
N LEU FB 105 -44.64 46.23 14.06
CA LEU FB 105 -45.12 47.41 13.36
C LEU FB 105 -44.90 48.66 14.19
N GLN FB 106 -44.95 48.54 15.52
CA GLN FB 106 -44.67 49.67 16.39
C GLN FB 106 -43.19 50.06 16.32
N ASN FB 107 -42.29 49.08 16.25
CA ASN FB 107 -40.86 49.40 16.10
C ASN FB 107 -40.60 50.14 14.79
N LYS FB 108 -41.31 49.73 13.72
CA LYS FB 108 -41.12 50.40 12.43
C LYS FB 108 -41.63 51.84 12.49
N LYS FB 109 -42.84 52.04 13.01
CA LYS FB 109 -43.34 53.38 13.26
C LYS FB 109 -42.34 54.20 14.06
N ASP FB 110 -41.80 53.60 15.13
CA ASP FB 110 -40.85 54.28 16.00
C ASP FB 110 -39.67 54.82 15.22
N ILE FB 111 -38.98 53.95 14.47
CA ILE FB 111 -37.75 54.42 13.84
C ILE FB 111 -38.04 55.41 12.72
N LEU FB 112 -39.14 55.21 11.97
CA LEU FB 112 -39.51 56.22 10.98
C LEU FB 112 -39.67 57.58 11.64
N ALA FB 113 -40.38 57.62 12.78
CA ALA FB 113 -40.61 58.89 13.46
C ALA FB 113 -39.32 59.49 14.01
N TYR FB 114 -38.43 58.65 14.57
CA TYR FB 114 -37.16 59.17 15.07
C TYR FB 114 -36.38 59.83 13.94
N ALA FB 115 -36.32 59.18 12.78
CA ALA FB 115 -35.59 59.74 11.64
C ALA FB 115 -36.20 61.06 11.21
N ARG FB 116 -37.52 61.11 11.06
CA ARG FB 116 -38.15 62.32 10.56
C ARG FB 116 -37.99 63.47 11.55
N ASN FB 117 -38.19 63.19 12.85
CA ASN FB 117 -38.03 64.23 13.86
C ASN FB 117 -36.59 64.71 13.94
N LEU FB 118 -35.62 63.81 13.78
CA LEU FB 118 -34.24 64.22 13.85
C LEU FB 118 -33.87 65.12 12.67
N LEU FB 119 -34.28 64.74 11.46
CA LEU FB 119 -34.02 65.62 10.32
C LEU FB 119 -34.77 66.94 10.46
N GLY FB 120 -35.87 66.96 11.20
CA GLY FB 120 -36.51 68.21 11.51
C GLY FB 120 -35.91 68.99 12.66
N THR FB 121 -34.85 68.50 13.30
CA THR FB 121 -34.31 69.19 14.47
C THR FB 121 -33.49 70.40 14.06
N GLN FB 122 -33.41 71.37 14.99
CA GLN FB 122 -32.67 72.60 14.70
C GLN FB 122 -31.19 72.31 14.52
N VAL FB 123 -30.63 71.35 15.26
CA VAL FB 123 -29.21 71.07 15.10
C VAL FB 123 -28.94 70.47 13.73
N VAL FB 124 -29.86 69.64 13.23
CA VAL FB 124 -29.65 69.01 11.91
C VAL FB 124 -29.81 70.04 10.79
N THR FB 125 -30.86 70.86 10.86
CA THR FB 125 -31.03 71.90 9.84
C THR FB 125 -29.85 72.86 9.87
N ASP FB 126 -29.41 73.23 11.08
CA ASP FB 126 -28.22 74.06 11.24
C ASP FB 126 -27.01 73.43 10.56
N ALA FB 127 -26.76 72.14 10.83
CA ALA FB 127 -25.56 71.50 10.29
C ALA FB 127 -25.60 71.44 8.77
N VAL FB 128 -26.72 71.03 8.19
CA VAL FB 128 -26.79 70.84 6.74
C VAL FB 128 -26.75 72.18 6.01
N VAL FB 129 -27.39 73.22 6.54
CA VAL FB 129 -27.47 74.48 5.81
C VAL FB 129 -26.23 75.35 6.07
N ASP FB 130 -25.92 75.61 7.33
CA ASP FB 130 -24.81 76.51 7.65
C ASP FB 130 -23.46 75.80 7.77
N MET FB 131 -23.44 74.46 7.65
CA MET FB 131 -22.21 73.68 7.88
C MET FB 131 -21.75 73.80 9.33
N THR FB 132 -22.69 73.79 10.26
CA THR FB 132 -22.37 74.03 11.65
C THR FB 132 -22.50 72.73 12.44
N PRO FB 133 -21.43 72.29 13.12
CA PRO FB 133 -21.47 71.02 13.84
C PRO FB 133 -22.00 71.14 15.26
N ALA FB 134 -22.03 70.03 15.98
CA ALA FB 134 -22.39 70.03 17.40
C ALA FB 134 -21.08 69.93 18.20
N TRP FB 135 -20.61 71.07 18.70
CA TRP FB 135 -19.29 71.13 19.36
C TRP FB 135 -19.35 71.06 20.88
N ALA GB 1 -55.19 40.46 -16.25
CA ALA GB 1 -55.12 40.62 -14.80
C ALA GB 1 -53.99 41.57 -14.42
N GLN GB 2 -54.28 42.86 -14.28
CA GLN GB 2 -53.32 43.71 -13.60
C GLN GB 2 -53.17 43.22 -12.16
N ILE GB 3 -51.96 43.29 -11.64
CA ILE GB 3 -51.74 42.79 -10.29
C ILE GB 3 -52.60 43.58 -9.33
N ALA GB 4 -53.24 42.87 -8.41
CA ALA GB 4 -54.12 43.49 -7.44
C ALA GB 4 -54.19 42.58 -6.23
N ASN GB 5 -54.86 43.07 -5.19
CA ASN GB 5 -54.99 42.33 -3.94
C ASN GB 5 -55.51 40.92 -4.21
N LEU GB 6 -55.16 40.00 -3.32
CA LEU GB 6 -55.52 38.59 -3.49
C LEU GB 6 -56.12 38.09 -2.19
N ILE GB 7 -57.28 37.43 -2.25
CA ILE GB 7 -58.00 37.06 -1.04
C ILE GB 7 -58.15 35.54 -1.00
N LEU GB 8 -57.55 34.91 0.01
CA LEU GB 8 -57.55 33.45 0.15
C LEU GB 8 -58.09 33.07 1.51
N ALA GB 9 -58.97 32.07 1.55
CA ALA GB 9 -59.64 31.68 2.78
C ALA GB 9 -58.90 30.52 3.43
N ASP GB 10 -58.57 30.68 4.72
CA ASP GB 10 -57.94 29.61 5.48
C ASP GB 10 -58.92 28.48 5.78
N GLY GB 11 -58.37 27.34 6.18
CA GLY GB 11 -59.18 26.19 6.52
C GLY GB 11 -59.51 26.14 8.00
N GLN GB 12 -60.75 26.48 8.32
CA GLN GB 12 -61.25 26.40 9.68
C GLN GB 12 -62.69 25.90 9.60
N ALA GB 13 -63.30 25.75 10.76
CA ALA GB 13 -64.74 25.50 10.80
C ALA GB 13 -65.46 26.57 9.99
N THR GB 14 -65.24 27.82 10.35
CA THR GB 14 -65.69 28.94 9.54
C THR GB 14 -64.43 29.55 8.96
N PRO GB 15 -64.17 29.34 7.67
CA PRO GB 15 -62.97 29.91 7.07
C PRO GB 15 -62.98 31.43 7.16
N ALA GB 16 -61.78 31.99 7.31
CA ALA GB 16 -61.58 33.42 7.44
C ALA GB 16 -60.78 33.94 6.26
N ASN GB 17 -61.33 34.91 5.53
CA ASN GB 17 -60.61 35.49 4.40
C ASN GB 17 -59.36 36.19 4.88
N HIS GB 18 -58.24 35.93 4.19
CA HIS GB 18 -56.98 36.60 4.45
C HIS GB 18 -56.54 37.31 3.18
N THR GB 19 -56.13 38.56 3.32
CA THR GB 19 -55.81 39.42 2.19
C THR GB 19 -54.30 39.43 1.94
N PHE GB 20 -53.94 39.66 0.68
CA PHE GB 20 -52.56 39.62 0.18
C PHE GB 20 -52.32 40.88 -0.63
N VAL GB 21 -51.56 41.81 -0.05
CA VAL GB 21 -51.17 43.03 -0.78
C VAL GB 21 -50.16 42.66 -1.85
N PRO GB 22 -50.22 43.23 -3.05
CA PRO GB 22 -49.17 43.00 -4.03
C PRO GB 22 -47.88 43.73 -3.67
N MET GB 23 -46.77 43.09 -4.03
CA MET GB 23 -45.44 43.62 -3.79
C MET GB 23 -44.74 44.07 -5.06
N GLN GB 24 -44.78 43.27 -6.11
CA GLN GB 24 -44.27 43.68 -7.41
C GLN GB 24 -44.97 42.88 -8.49
N PRO GB 25 -45.17 43.44 -9.66
CA PRO GB 25 -45.85 42.72 -10.74
C PRO GB 25 -44.89 41.69 -11.31
N GLN GB 26 -45.37 40.98 -12.32
CA GLN GB 26 -44.57 39.98 -13.01
C GLN GB 26 -43.78 40.65 -14.13
N THR GB 27 -42.49 40.35 -14.17
CA THR GB 27 -41.55 40.86 -15.16
C THR GB 27 -40.99 39.67 -15.93
N GLY GB 28 -40.12 39.94 -16.91
CA GLY GB 28 -39.51 38.87 -17.66
C GLY GB 28 -38.62 37.95 -16.83
N ILE GB 29 -38.04 38.47 -15.74
CA ILE GB 29 -37.18 37.66 -14.88
C ILE GB 29 -37.71 37.49 -13.47
N THR GB 30 -38.54 38.40 -12.97
CA THR GB 30 -39.07 38.32 -11.62
C THR GB 30 -40.54 37.93 -11.64
N PRO GB 31 -40.98 37.04 -10.75
CA PRO GB 31 -42.38 36.65 -10.70
C PRO GB 31 -43.25 37.56 -9.84
N SER GB 32 -44.50 37.72 -10.26
CA SER GB 32 -45.43 38.54 -9.49
C SER GB 32 -45.64 37.91 -8.12
N GLN GB 33 -45.70 38.74 -7.08
CA GLN GB 33 -45.78 38.19 -5.74
C GLN GB 33 -46.50 39.12 -4.78
N TRP GB 34 -47.23 38.50 -3.84
CA TRP GB 34 -48.06 39.14 -2.83
C TRP GB 34 -47.56 38.78 -1.43
N LEU GB 35 -48.15 39.43 -0.41
CA LEU GB 35 -47.72 39.31 0.99
C LEU GB 35 -48.95 39.39 1.90
N ASN GB 36 -48.96 38.57 2.95
CA ASN GB 36 -50.12 38.54 3.86
C ASN GB 36 -50.14 39.75 4.76
N LYS GB 37 -49.03 40.04 5.44
CA LYS GB 37 -48.88 41.25 6.27
C LYS GB 37 -49.84 41.26 7.46
N GLU GB 38 -50.07 40.08 8.03
CA GLU GB 38 -50.93 39.95 9.20
C GLU GB 38 -50.15 39.85 10.50
N ALA GB 39 -49.25 38.87 10.63
CA ALA GB 39 -48.51 38.72 11.88
C ALA GB 39 -47.61 39.94 12.10
N ALA GB 40 -47.30 40.21 13.37
CA ALA GB 40 -46.53 41.43 13.67
C ALA GB 40 -45.10 41.33 13.17
N SER GB 41 -44.54 40.12 13.18
CA SER GB 41 -43.15 39.91 12.78
C SER GB 41 -43.02 39.83 11.28
N ASN GB 42 -41.90 40.37 10.77
CA ASN GB 42 -41.60 40.23 9.34
C ASN GB 42 -41.63 38.78 8.89
N ILE GB 43 -41.31 37.84 9.79
CA ILE GB 43 -41.24 36.43 9.41
C ILE GB 43 -42.64 35.88 9.17
N GLY GB 44 -43.60 36.23 10.02
CA GLY GB 44 -44.94 35.68 9.99
C GLY GB 44 -45.77 36.09 8.79
N TYR GB 45 -45.31 37.04 7.97
CA TYR GB 45 -46.02 37.36 6.74
C TYR GB 45 -46.04 36.14 5.83
N ARG GB 46 -47.18 35.89 5.21
CA ARG GB 46 -47.35 34.76 4.29
C ARG GB 46 -47.24 35.28 2.86
N LYS GB 47 -46.49 34.57 2.02
CA LYS GB 47 -46.25 35.07 0.68
C LYS GB 47 -46.81 34.10 -0.35
N VAL GB 48 -47.14 34.67 -1.52
CA VAL GB 48 -47.70 33.92 -2.64
C VAL GB 48 -47.07 34.49 -3.89
N SER GB 49 -46.35 33.65 -4.64
CA SER GB 49 -45.71 34.13 -5.86
C SER GB 49 -46.09 33.24 -7.04
N MET GB 50 -46.07 33.84 -8.23
CA MET GB 50 -46.57 33.22 -9.44
C MET GB 50 -45.80 33.76 -10.63
N PHE GB 51 -45.56 32.89 -11.62
CA PHE GB 51 -44.87 33.28 -12.84
C PHE GB 51 -45.38 32.51 -14.05
N VAL GB 52 -45.67 33.22 -15.13
CA VAL GB 52 -46.30 32.67 -16.34
C VAL GB 52 -45.29 32.81 -17.48
N LYS GB 53 -44.50 31.76 -17.73
CA LYS GB 53 -43.52 31.78 -18.81
C LYS GB 53 -44.19 31.30 -20.10
N TYR GB 54 -44.39 32.23 -21.03
CA TYR GB 54 -44.98 31.93 -22.34
C TYR GB 54 -43.88 31.53 -23.32
N VAL GB 55 -43.99 30.33 -23.87
CA VAL GB 55 -43.04 29.82 -24.86
C VAL GB 55 -43.82 29.61 -26.15
N SER GB 56 -43.63 30.50 -27.12
CA SER GB 56 -44.48 30.53 -28.31
C SER GB 56 -44.33 29.27 -29.14
N ASN GB 57 -43.16 28.62 -29.12
CA ASN GB 57 -42.97 27.32 -29.74
C ASN GB 57 -42.29 26.40 -28.73
N GLY GB 58 -43.08 25.81 -27.85
CA GLY GB 58 -42.53 24.94 -26.82
C GLY GB 58 -43.48 24.86 -25.64
N THR GB 59 -42.95 24.38 -24.53
CA THR GB 59 -43.73 24.09 -23.34
C THR GB 59 -43.79 25.34 -22.47
N SER GB 60 -44.92 26.05 -22.51
CA SER GB 60 -45.16 27.15 -21.59
C SER GB 60 -45.34 26.60 -20.17
N LYS GB 61 -45.09 27.44 -19.17
CA LYS GB 61 -45.10 26.97 -17.78
C LYS GB 61 -45.64 28.02 -16.83
N VAL GB 62 -46.68 27.66 -16.06
CA VAL GB 62 -47.19 28.48 -14.98
C VAL GB 62 -46.71 27.89 -13.66
N THR GB 63 -46.07 28.72 -12.83
CA THR GB 63 -45.46 28.26 -11.58
C THR GB 63 -46.02 29.06 -10.42
N ILE GB 64 -46.40 28.37 -9.35
CA ILE GB 64 -47.05 28.98 -8.19
C ILE GB 64 -46.43 28.42 -6.92
N ARG GB 65 -46.15 29.30 -5.95
CA ARG GB 65 -45.68 28.83 -4.65
C ARG GB 65 -46.26 29.69 -3.54
N ILE GB 66 -46.72 29.00 -2.48
CA ILE GB 66 -47.42 29.58 -1.34
C ILE GB 66 -46.66 29.22 -0.09
N ALA GB 67 -46.37 30.20 0.76
CA ALA GB 67 -45.59 30.00 1.98
C ALA GB 67 -46.35 30.58 3.17
N ASP GB 68 -46.62 29.72 4.16
CA ASP GB 68 -47.32 30.07 5.39
C ASP GB 68 -46.40 29.80 6.57
N PRO GB 69 -45.75 30.81 7.14
CA PRO GB 69 -44.92 30.59 8.33
C PRO GB 69 -45.78 30.29 9.55
N VAL GB 70 -45.56 29.13 10.16
CA VAL GB 70 -46.25 28.79 11.38
C VAL GB 70 -45.26 28.85 12.54
N LEU GB 71 -45.10 30.05 13.11
CA LEU GB 71 -44.20 30.21 14.24
C LEU GB 71 -44.87 29.87 15.55
N ALA GB 72 -46.20 29.92 15.60
CA ALA GB 72 -46.92 29.47 16.78
C ALA GB 72 -46.59 28.03 17.09
N SER GB 73 -46.43 27.20 16.06
CA SER GB 73 -46.17 25.79 16.23
C SER GB 73 -44.75 25.51 16.73
N VAL GB 74 -43.86 26.49 16.68
CA VAL GB 74 -42.46 26.29 17.09
C VAL GB 74 -42.40 26.16 18.62
N PRO GB 75 -41.68 25.19 19.16
CA PRO GB 75 -41.54 25.10 20.62
C PRO GB 75 -40.87 26.34 21.18
N ALA GB 76 -41.20 26.66 22.44
CA ALA GB 76 -40.62 27.84 23.06
C ALA GB 76 -39.12 27.72 23.24
N GLY GB 77 -38.62 26.48 23.43
CA GLY GB 77 -37.20 26.29 23.65
C GLY GB 77 -36.35 26.53 22.42
N CYS GB 78 -36.92 26.30 21.23
CA CYS GB 78 -36.16 26.46 20.00
C CYS GB 78 -36.15 27.93 19.57
N CYS GB 79 -34.96 28.44 19.27
CA CYS GB 79 -34.80 29.79 18.76
C CYS GB 79 -34.84 29.78 17.23
N VAL GB 80 -35.49 30.78 16.67
CA VAL GB 80 -35.59 30.96 15.23
C VAL GB 80 -34.80 32.20 14.85
N ASP GB 81 -33.80 32.03 13.98
CA ASP GB 81 -32.96 33.11 13.50
C ASP GB 81 -32.68 32.90 12.02
N THR GB 82 -31.90 33.82 11.42
CA THR GB 82 -31.69 33.79 9.98
C THR GB 82 -31.17 32.43 9.51
N ASN GB 83 -30.40 31.76 10.36
CA ASN GB 83 -29.81 30.48 10.02
C ASN GB 83 -30.79 29.31 10.13
N THR GB 84 -31.95 29.50 10.73
CA THR GB 84 -32.93 28.42 10.79
C THR GB 84 -33.44 28.14 9.39
N PRO GB 85 -33.41 26.89 8.94
CA PRO GB 85 -33.89 26.58 7.59
C PRO GB 85 -35.39 26.84 7.47
N GLN GB 86 -35.78 27.43 6.33
CA GLN GB 86 -37.16 27.83 6.16
C GLN GB 86 -38.11 26.65 6.28
N VAL GB 87 -37.76 25.53 5.65
CA VAL GB 87 -38.69 24.41 5.47
C VAL GB 87 -38.98 23.74 6.80
N ALA GB 88 -38.36 24.23 7.87
CA ALA GB 88 -38.60 23.70 9.20
C ALA GB 88 -39.61 24.50 10.01
N TYR GB 89 -39.88 25.76 9.65
CA TYR GB 89 -40.80 26.58 10.46
C TYR GB 89 -41.93 27.18 9.62
N SER GB 90 -42.25 26.58 8.48
CA SER GB 90 -43.34 27.10 7.65
C SER GB 90 -43.79 26.03 6.67
N THR GB 91 -45.07 26.08 6.31
CA THR GB 91 -45.64 25.17 5.33
C THR GB 91 -45.53 25.77 3.92
N PHE GB 92 -45.40 24.90 2.93
CA PHE GB 92 -45.15 25.32 1.56
C PHE GB 92 -45.99 24.53 0.56
N PHE GB 93 -46.46 25.19 -0.49
CA PHE GB 93 -47.15 24.54 -1.60
C PHE GB 93 -46.58 25.04 -2.91
N GLU GB 94 -46.10 24.14 -3.76
CA GLU GB 94 -45.51 24.53 -5.03
C GLU GB 94 -46.09 23.69 -6.17
N CYS GB 95 -46.67 24.36 -7.17
CA CYS GB 95 -47.21 23.66 -8.33
C CYS GB 95 -46.72 24.29 -9.62
N THR GB 96 -46.70 23.48 -10.68
CA THR GB 96 -46.28 23.90 -12.02
C THR GB 96 -47.19 23.23 -13.05
N PHE GB 97 -47.88 24.07 -13.83
CA PHE GB 97 -48.62 23.64 -15.02
C PHE GB 97 -47.69 23.73 -16.23
N SER GB 98 -47.58 22.64 -16.97
CA SER GB 98 -46.82 22.59 -18.21
C SER GB 98 -47.80 22.43 -19.36
N VAL GB 99 -47.82 23.43 -20.25
CA VAL GB 99 -48.77 23.50 -21.36
C VAL GB 99 -47.99 23.57 -22.67
N PRO GB 100 -48.00 22.53 -23.50
CA PRO GB 100 -47.27 22.58 -24.76
C PRO GB 100 -47.95 23.53 -25.74
N TYR GB 101 -47.14 24.11 -26.62
CA TYR GB 101 -47.69 24.89 -27.72
C TYR GB 101 -48.65 24.01 -28.52
N GLY GB 102 -49.68 24.61 -29.10
CA GLY GB 102 -50.62 23.81 -29.83
C GLY GB 102 -51.64 23.10 -28.96
N ALA GB 103 -51.79 23.52 -27.72
CA ALA GB 103 -52.79 22.93 -26.85
C ALA GB 103 -54.10 23.66 -27.07
N THR GB 104 -55.16 22.90 -27.30
CA THR GB 104 -56.43 23.55 -27.50
C THR GB 104 -56.83 24.28 -26.21
N LEU GB 105 -57.61 25.35 -26.41
CA LEU GB 105 -58.19 26.03 -25.26
C LEU GB 105 -58.88 25.04 -24.35
N GLN GB 106 -59.47 24.00 -24.93
CA GLN GB 106 -60.13 22.97 -24.15
C GLN GB 106 -59.13 22.13 -23.38
N ASN GB 107 -57.92 21.90 -23.93
CA ASN GB 107 -56.90 21.18 -23.19
C ASN GB 107 -56.43 21.98 -21.98
N LYS GB 108 -56.30 23.29 -22.14
CA LYS GB 108 -55.90 24.14 -21.02
C LYS GB 108 -56.96 24.15 -19.92
N LYS GB 109 -58.21 24.40 -20.30
CA LYS GB 109 -59.32 24.29 -19.35
C LYS GB 109 -59.37 22.92 -18.69
N ASP GB 110 -59.14 21.88 -19.49
CA ASP GB 110 -59.19 20.53 -18.98
C ASP GB 110 -58.20 20.35 -17.84
N ILE GB 111 -56.94 20.68 -18.09
CA ILE GB 111 -55.95 20.36 -17.06
C ILE GB 111 -56.14 21.25 -15.83
N LEU GB 112 -56.56 22.51 -16.02
CA LEU GB 112 -56.88 23.32 -14.86
C LEU GB 112 -57.95 22.64 -14.01
N ALA GB 113 -59.01 22.15 -14.66
CA ALA GB 113 -60.10 21.53 -13.92
C ALA GB 113 -59.67 20.22 -13.26
N TYR GB 114 -58.84 19.42 -13.95
CA TYR GB 114 -58.37 18.17 -13.35
C TYR GB 114 -57.58 18.45 -12.09
N ALA GB 115 -56.67 19.44 -12.16
CA ALA GB 115 -55.89 19.80 -10.98
C ALA GB 115 -56.79 20.25 -9.83
N ARG GB 116 -57.73 21.14 -10.12
CA ARG GB 116 -58.53 21.70 -9.04
C ARG GB 116 -59.44 20.64 -8.43
N ASN GB 117 -60.08 19.80 -9.26
CA ASN GB 117 -60.92 18.74 -8.74
C ASN GB 117 -60.09 17.73 -7.94
N LEU GB 118 -58.88 17.40 -8.41
CA LEU GB 118 -58.06 16.44 -7.69
C LEU GB 118 -57.66 16.97 -6.32
N LEU GB 119 -57.22 18.23 -6.24
CA LEU GB 119 -56.93 18.79 -4.93
C LEU GB 119 -58.18 18.93 -4.07
N GLY GB 120 -59.36 19.03 -4.68
CA GLY GB 120 -60.58 18.98 -3.90
C GLY GB 120 -60.96 17.58 -3.41
N THR GB 121 -60.41 16.53 -4.04
CA THR GB 121 -60.82 15.17 -3.71
C THR GB 121 -60.56 14.85 -2.24
N GLN GB 122 -61.38 13.92 -1.72
CA GLN GB 122 -61.20 13.51 -0.34
C GLN GB 122 -59.87 12.81 -0.13
N VAL GB 123 -59.40 12.06 -1.13
CA VAL GB 123 -58.13 11.34 -0.94
C VAL GB 123 -57.01 12.34 -0.73
N VAL GB 124 -57.01 13.44 -1.50
CA VAL GB 124 -55.99 14.46 -1.35
C VAL GB 124 -56.14 15.18 -0.01
N THR GB 125 -57.37 15.57 0.35
CA THR GB 125 -57.59 16.23 1.64
C THR GB 125 -57.09 15.35 2.78
N ASP GB 126 -57.43 14.06 2.73
CA ASP GB 126 -57.03 13.10 3.74
C ASP GB 126 -55.51 12.94 3.79
N ALA GB 127 -54.86 12.90 2.62
CA ALA GB 127 -53.42 12.68 2.57
C ALA GB 127 -52.64 13.88 3.08
N VAL GB 128 -53.12 15.10 2.81
CA VAL GB 128 -52.37 16.28 3.22
C VAL GB 128 -52.59 16.59 4.69
N VAL GB 129 -53.84 16.44 5.18
CA VAL GB 129 -54.10 16.76 6.58
C VAL GB 129 -53.74 15.60 7.50
N ASP GB 130 -54.32 14.43 7.26
CA ASP GB 130 -54.11 13.30 8.15
C ASP GB 130 -52.90 12.46 7.78
N MET GB 131 -52.14 12.88 6.76
CA MET GB 131 -50.91 12.21 6.33
C MET GB 131 -51.16 10.78 5.85
N THR GB 132 -52.42 10.46 5.50
CA THR GB 132 -52.78 9.08 5.20
C THR GB 132 -52.78 8.89 3.68
N PRO GB 133 -51.91 8.01 3.15
CA PRO GB 133 -51.81 7.84 1.70
C PRO GB 133 -52.77 6.81 1.13
N ALA GB 134 -52.64 6.54 -0.18
CA ALA GB 134 -53.47 5.55 -0.86
C ALA GB 134 -52.66 4.26 -1.02
N TRP GB 135 -52.98 3.25 -0.22
CA TRP GB 135 -52.20 2.01 -0.17
C TRP GB 135 -52.88 0.81 -0.81
N ALA HB 1 -46.23 55.37 -18.36
CA ALA HB 1 -47.08 54.37 -18.99
C ALA HB 1 -46.89 53.00 -18.36
N GLN HB 2 -47.73 52.62 -17.39
CA GLN HB 2 -47.74 51.21 -17.00
C GLN HB 2 -48.34 50.38 -18.12
N ILE HB 3 -47.86 49.15 -18.26
CA ILE HB 3 -48.30 48.31 -19.34
C ILE HB 3 -49.77 47.98 -19.14
N ALA HB 4 -50.52 47.99 -20.23
CA ALA HB 4 -51.94 47.67 -20.19
C ALA HB 4 -52.34 47.17 -21.57
N ASN HB 5 -53.59 46.73 -21.67
CA ASN HB 5 -54.11 46.14 -22.89
C ASN HB 5 -53.85 47.05 -24.09
N LEU HB 6 -53.79 46.46 -25.27
CA LEU HB 6 -53.54 47.24 -26.49
C LEU HB 6 -54.52 46.83 -27.57
N ILE HB 7 -55.24 47.79 -28.14
CA ILE HB 7 -56.30 47.51 -29.11
C ILE HB 7 -55.91 48.09 -30.46
N LEU HB 8 -55.90 47.23 -31.49
CA LEU HB 8 -55.45 47.58 -32.83
C LEU HB 8 -56.47 47.10 -33.85
N ALA HB 9 -56.79 47.95 -34.83
CA ALA HB 9 -57.83 47.65 -35.81
C ALA HB 9 -57.23 47.00 -37.05
N ASP HB 10 -57.75 45.82 -37.42
CA ASP HB 10 -57.29 45.14 -38.61
C ASP HB 10 -57.77 45.86 -39.88
N GLY HB 11 -57.13 45.51 -40.99
CA GLY HB 11 -57.49 46.09 -42.27
C GLY HB 11 -58.54 45.25 -42.98
N GLN HB 12 -59.75 45.78 -43.05
CA GLN HB 12 -60.87 45.12 -43.71
C GLN HB 12 -61.74 46.19 -44.31
N ALA HB 13 -62.77 45.76 -45.04
CA ALA HB 13 -63.81 46.69 -45.46
C ALA HB 13 -64.34 47.44 -44.26
N THR HB 14 -64.73 46.72 -43.22
CA THR HB 14 -65.01 47.32 -41.93
C THR HB 14 -63.97 46.79 -40.95
N PRO HB 15 -63.10 47.65 -40.43
CA PRO HB 15 -62.08 47.16 -39.50
C PRO HB 15 -62.72 46.64 -38.21
N ALA HB 16 -62.08 45.62 -37.64
CA ALA HB 16 -62.55 45.01 -36.40
C ALA HB 16 -61.44 45.10 -35.36
N ASN HB 17 -61.77 45.65 -34.19
CA ASN HB 17 -60.77 45.82 -33.14
C ASN HB 17 -60.27 44.47 -32.64
N HIS HB 18 -58.94 44.35 -32.52
CA HIS HB 18 -58.30 43.17 -31.99
C HIS HB 18 -57.54 43.55 -30.72
N THR HB 19 -57.67 42.73 -29.67
CA THR HB 19 -57.09 43.06 -28.39
C THR HB 19 -55.79 42.30 -28.18
N PHE HB 20 -54.88 42.91 -27.41
CA PHE HB 20 -53.52 42.42 -27.17
C PHE HB 20 -53.28 42.46 -25.66
N VAL HB 21 -53.35 41.30 -25.04
CA VAL HB 21 -53.06 41.18 -23.62
C VAL HB 21 -51.54 41.30 -23.42
N PRO HB 22 -51.09 42.07 -22.44
CA PRO HB 22 -49.63 42.16 -22.20
C PRO HB 22 -49.08 40.85 -21.67
N MET HB 23 -47.86 40.53 -22.08
CA MET HB 23 -47.08 39.41 -21.54
C MET HB 23 -45.88 39.84 -20.74
N GLN HB 24 -45.27 40.96 -21.09
CA GLN HB 24 -43.95 41.26 -20.57
C GLN HB 24 -43.75 42.76 -20.54
N PRO HB 25 -43.49 43.34 -19.38
CA PRO HB 25 -43.13 44.76 -19.35
C PRO HB 25 -41.65 44.96 -19.66
N GLN HB 26 -41.34 46.15 -20.18
CA GLN HB 26 -39.97 46.51 -20.53
C GLN HB 26 -39.15 46.74 -19.26
N THR HB 27 -38.05 46.00 -19.14
CA THR HB 27 -37.14 46.10 -18.00
C THR HB 27 -35.77 45.65 -18.47
N GLY HB 28 -34.78 46.54 -18.37
CA GLY HB 28 -33.45 46.18 -18.83
C GLY HB 28 -33.43 46.00 -20.33
N ILE HB 29 -32.96 44.84 -20.79
CA ILE HB 29 -32.94 44.55 -22.22
C ILE HB 29 -34.29 44.02 -22.68
N THR HB 30 -35.03 43.37 -21.80
CA THR HB 30 -36.30 42.74 -22.16
C THR HB 30 -37.35 43.80 -22.54
N PRO HB 31 -37.94 43.74 -23.73
CA PRO HB 31 -38.86 44.80 -24.16
C PRO HB 31 -40.31 44.47 -23.85
N SER HB 32 -41.12 45.54 -23.75
CA SER HB 32 -42.54 45.35 -23.51
C SER HB 32 -43.16 44.60 -24.68
N GLN HB 33 -44.05 43.65 -24.40
CA GLN HB 33 -44.67 42.90 -25.48
C GLN HB 33 -46.06 42.40 -25.10
N TRP HB 34 -46.97 42.46 -26.10
CA TRP HB 34 -48.37 42.04 -26.00
C TRP HB 34 -48.65 40.95 -27.02
N LEU HB 35 -49.71 40.17 -26.78
CA LEU HB 35 -50.08 39.02 -27.59
C LEU HB 35 -51.56 39.09 -27.98
N ASN HB 36 -51.89 38.57 -29.17
CA ASN HB 36 -53.26 38.72 -29.70
C ASN HB 36 -54.24 37.73 -29.07
N LYS HB 37 -53.84 36.45 -28.93
CA LYS HB 37 -54.61 35.41 -28.22
C LYS HB 37 -55.86 34.96 -28.98
N GLU HB 38 -55.81 34.96 -30.31
CA GLU HB 38 -56.99 34.58 -31.07
C GLU HB 38 -56.91 33.18 -31.69
N ALA HB 39 -55.81 32.84 -32.34
CA ALA HB 39 -55.70 31.49 -32.88
C ALA HB 39 -55.64 30.48 -31.75
N ALA HB 40 -56.03 29.24 -32.07
CA ALA HB 40 -56.28 28.24 -31.03
C ALA HB 40 -55.02 27.77 -30.34
N SER HB 41 -53.96 27.55 -31.12
CA SER HB 41 -52.67 27.08 -30.63
C SER HB 41 -51.82 28.23 -30.12
N ASN HB 42 -50.90 27.91 -29.21
CA ASN HB 42 -50.03 28.94 -28.66
C ASN HB 42 -49.18 29.63 -29.71
N ILE HB 43 -49.01 29.02 -30.89
CA ILE HB 43 -48.13 29.58 -31.91
C ILE HB 43 -48.81 30.74 -32.63
N GLY HB 44 -50.12 30.62 -32.90
CA GLY HB 44 -50.81 31.57 -33.76
C GLY HB 44 -50.98 32.94 -33.15
N TYR HB 45 -50.83 33.03 -31.83
CA TYR HB 45 -50.91 34.31 -31.13
C TYR HB 45 -50.03 35.34 -31.84
N ARG HB 46 -50.62 36.48 -32.17
CA ARG HB 46 -49.86 37.55 -32.82
C ARG HB 46 -49.16 38.39 -31.76
N LYS HB 47 -47.99 38.93 -32.10
CA LYS HB 47 -47.14 39.54 -31.08
C LYS HB 47 -46.74 40.96 -31.47
N VAL HB 48 -46.88 41.88 -30.54
CA VAL HB 48 -46.42 43.26 -30.69
C VAL HB 48 -45.37 43.52 -29.62
N SER HB 49 -44.25 44.12 -29.99
CA SER HB 49 -43.25 44.40 -28.97
C SER HB 49 -42.55 45.71 -29.27
N MET HB 50 -42.11 46.37 -28.19
CA MET HB 50 -41.54 47.71 -28.25
C MET HB 50 -40.48 47.85 -27.16
N PHE HB 51 -39.43 48.62 -27.48
CA PHE HB 51 -38.36 48.92 -26.54
C PHE HB 51 -37.94 50.37 -26.68
N VAL HB 52 -37.96 51.10 -25.57
CA VAL HB 52 -37.63 52.53 -25.53
C VAL HB 52 -36.27 52.66 -24.83
N LYS HB 53 -35.22 52.92 -25.61
CA LYS HB 53 -33.88 53.18 -25.06
C LYS HB 53 -33.67 54.68 -24.98
N TYR HB 54 -33.77 55.22 -23.77
CA TYR HB 54 -33.51 56.63 -23.52
C TYR HB 54 -32.01 56.82 -23.27
N VAL HB 55 -31.34 57.52 -24.17
CA VAL HB 55 -29.93 57.85 -24.02
C VAL HB 55 -29.85 59.32 -23.62
N SER HB 56 -29.43 59.57 -22.37
CA SER HB 56 -29.52 60.91 -21.82
C SER HB 56 -28.65 61.91 -22.59
N ASN HB 57 -27.56 61.45 -23.19
CA ASN HB 57 -26.72 62.29 -24.04
C ASN HB 57 -26.34 61.47 -25.28
N GLY HB 58 -27.18 61.55 -26.31
CA GLY HB 58 -26.95 60.80 -27.52
C GLY HB 58 -28.26 60.54 -28.24
N THR HB 59 -28.21 59.56 -29.15
CA THR HB 59 -29.36 59.24 -29.99
C THR HB 59 -30.21 58.18 -29.28
N SER HB 60 -31.36 58.60 -28.76
CA SER HB 60 -32.31 57.68 -28.16
C SER HB 60 -33.09 56.94 -29.25
N LYS HB 61 -33.59 55.76 -28.92
CA LYS HB 61 -34.13 54.86 -29.95
C LYS HB 61 -35.36 54.11 -29.45
N VAL HB 62 -36.47 54.27 -30.16
CA VAL HB 62 -37.70 53.51 -29.91
C VAL HB 62 -37.80 52.46 -31.02
N THR HB 63 -37.93 51.19 -30.64
CA THR HB 63 -37.95 50.08 -31.59
C THR HB 63 -39.25 49.29 -31.44
N ILE HB 64 -39.90 48.99 -32.56
CA ILE HB 64 -41.21 48.35 -32.55
C ILE HB 64 -41.26 47.25 -33.61
N ARG HB 65 -41.91 46.13 -33.28
CA ARG HB 65 -42.10 45.05 -34.24
C ARG HB 65 -43.45 44.36 -34.02
N ILE HB 66 -44.14 44.08 -35.12
CA ILE HB 66 -45.45 43.47 -35.15
C ILE HB 66 -45.37 42.20 -35.98
N ALA HB 67 -45.79 41.08 -35.41
CA ALA HB 67 -45.70 39.76 -36.05
C ALA HB 67 -47.08 39.15 -36.13
N ASP HB 68 -47.55 38.94 -37.37
CA ASP HB 68 -48.86 38.40 -37.73
C ASP HB 68 -48.62 37.03 -38.33
N PRO HB 69 -48.60 35.97 -37.53
CA PRO HB 69 -48.43 34.62 -38.07
C PRO HB 69 -49.75 34.00 -38.48
N VAL HB 70 -49.68 33.10 -39.47
CA VAL HB 70 -50.84 32.35 -39.92
C VAL HB 70 -50.51 30.86 -39.89
N LEU HB 71 -51.34 30.08 -39.18
CA LEU HB 71 -51.11 28.65 -39.05
C LEU HB 71 -51.34 27.94 -40.37
N ALA HB 72 -50.55 26.92 -40.63
CA ALA HB 72 -50.67 26.14 -41.86
C ALA HB 72 -51.78 25.11 -41.73
N SER HB 73 -52.53 24.94 -42.81
CA SER HB 73 -53.50 23.85 -42.94
C SER HB 73 -52.90 22.86 -43.93
N VAL HB 74 -52.49 21.70 -43.44
CA VAL HB 74 -51.80 20.71 -44.26
C VAL HB 74 -52.82 19.97 -45.11
N PRO HB 75 -52.42 19.41 -46.25
CA PRO HB 75 -53.30 18.53 -47.00
C PRO HB 75 -53.19 17.11 -46.46
N ALA HB 76 -54.07 16.24 -46.96
CA ALA HB 76 -54.09 14.86 -46.48
C ALA HB 76 -52.77 14.14 -46.76
N GLY HB 77 -52.04 14.57 -47.80
CA GLY HB 77 -50.95 13.77 -48.29
C GLY HB 77 -49.77 13.66 -47.35
N CYS HB 78 -49.38 14.76 -46.72
CA CYS HB 78 -48.15 14.74 -45.93
C CYS HB 78 -48.35 14.08 -44.56
N CYS HB 79 -49.59 14.00 -44.08
CA CYS HB 79 -49.96 13.20 -42.92
C CYS HB 79 -49.29 13.66 -41.63
N VAL HB 80 -48.97 14.95 -41.51
CA VAL HB 80 -48.69 15.48 -40.19
C VAL HB 80 -49.99 15.44 -39.40
N ASP HB 81 -49.91 14.97 -38.15
CA ASP HB 81 -51.10 14.82 -37.34
C ASP HB 81 -51.86 16.14 -37.23
N THR HB 82 -53.19 16.04 -37.33
CA THR HB 82 -54.04 17.21 -37.17
C THR HB 82 -53.70 17.99 -35.90
N ASN HB 83 -53.20 17.30 -34.88
CA ASN HB 83 -53.07 17.90 -33.55
C ASN HB 83 -51.83 18.77 -33.41
N THR HB 84 -50.76 18.51 -34.18
CA THR HB 84 -49.54 19.29 -34.08
C THR HB 84 -49.54 20.39 -35.14
N PRO HB 85 -49.87 21.64 -34.79
CA PRO HB 85 -49.88 22.70 -35.81
C PRO HB 85 -48.48 23.24 -36.03
N GLN HB 86 -48.29 23.79 -37.22
CA GLN HB 86 -47.06 24.48 -37.57
C GLN HB 86 -47.42 25.82 -38.19
N VAL HB 87 -46.54 26.81 -37.99
CA VAL HB 87 -46.75 28.13 -38.56
C VAL HB 87 -46.32 28.12 -40.01
N ALA HB 88 -47.23 28.53 -40.90
CA ALA HB 88 -46.95 28.51 -42.33
C ALA HB 88 -46.03 29.65 -42.72
N TYR HB 89 -46.37 30.85 -42.28
CA TYR HB 89 -45.68 32.08 -42.63
C TYR HB 89 -46.19 33.15 -41.68
N SER HB 90 -45.48 34.29 -41.66
CA SER HB 90 -45.88 35.41 -40.82
C SER HB 90 -45.41 36.71 -41.45
N THR HB 91 -46.30 37.69 -41.46
CA THR HB 91 -45.96 39.03 -41.91
C THR HB 91 -45.33 39.81 -40.75
N PHE HB 92 -44.35 40.66 -41.08
CA PHE HB 92 -43.58 41.37 -40.07
C PHE HB 92 -43.52 42.86 -40.38
N PHE HB 93 -43.66 43.69 -39.34
CA PHE HB 93 -43.42 45.13 -39.46
C PHE HB 93 -42.44 45.56 -38.38
N GLU HB 94 -41.33 46.18 -38.78
CA GLU HB 94 -40.31 46.59 -37.82
C GLU HB 94 -39.88 48.02 -38.10
N CYS HB 95 -40.05 48.90 -37.11
CA CYS HB 95 -39.69 50.29 -37.25
C CYS HB 95 -38.81 50.74 -36.09
N THR HB 96 -38.05 51.81 -36.32
CA THR HB 96 -37.15 52.41 -35.34
C THR HB 96 -37.19 53.92 -35.49
N PHE HB 97 -37.54 54.61 -34.40
CA PHE HB 97 -37.42 56.05 -34.29
C PHE HB 97 -36.08 56.38 -33.62
N SER HB 98 -35.32 57.28 -34.26
CA SER HB 98 -34.07 57.80 -33.72
C SER HB 98 -34.26 59.28 -33.38
N VAL HB 99 -34.14 59.60 -32.10
CA VAL HB 99 -34.34 60.95 -31.56
C VAL HB 99 -33.04 61.44 -30.94
N PRO HB 100 -32.36 62.41 -31.54
CA PRO HB 100 -31.07 62.86 -31.01
C PRO HB 100 -31.26 63.65 -29.72
N TYR HB 101 -30.12 63.97 -29.10
CA TYR HB 101 -30.15 64.61 -27.79
C TYR HB 101 -30.92 65.93 -27.83
N GLY HB 102 -30.63 66.77 -28.81
CA GLY HB 102 -31.11 68.13 -28.84
C GLY HB 102 -32.51 68.31 -29.39
N ALA HB 103 -33.22 67.21 -29.63
CA ALA HB 103 -34.49 67.27 -30.36
C ALA HB 103 -35.54 68.01 -29.57
N THR HB 104 -36.25 68.90 -30.25
CA THR HB 104 -37.36 69.58 -29.62
C THR HB 104 -38.52 68.61 -29.37
N LEU HB 105 -39.27 68.88 -28.33
CA LEU HB 105 -40.50 68.12 -28.12
C LEU HB 105 -41.42 68.25 -29.32
N GLN HB 106 -41.47 69.45 -29.91
CA GLN HB 106 -42.24 69.63 -31.13
C GLN HB 106 -41.68 68.76 -32.26
N ASN HB 107 -40.35 68.58 -32.30
CA ASN HB 107 -39.74 67.71 -33.31
C ASN HB 107 -40.15 66.25 -33.13
N LYS HB 108 -40.21 65.78 -31.88
CA LYS HB 108 -40.68 64.43 -31.60
C LYS HB 108 -42.11 64.24 -32.08
N LYS HB 109 -42.99 65.18 -31.71
CA LYS HB 109 -44.35 65.19 -32.23
C LYS HB 109 -44.35 65.13 -33.75
N ASP HB 110 -43.55 65.99 -34.38
CA ASP HB 110 -43.50 66.07 -35.83
C ASP HB 110 -43.21 64.71 -36.44
N ILE HB 111 -42.12 64.07 -36.00
CA ILE HB 111 -41.71 62.85 -36.71
C ILE HB 111 -42.69 61.72 -36.46
N LEU HB 112 -43.26 61.63 -35.25
CA LEU HB 112 -44.28 60.62 -35.03
C LEU HB 112 -45.45 60.83 -35.99
N ALA HB 113 -45.87 62.09 -36.17
CA ALA HB 113 -46.98 62.37 -37.08
C ALA HB 113 -46.63 62.06 -38.52
N TYR HB 114 -45.39 62.38 -38.93
CA TYR HB 114 -44.99 62.09 -40.30
C TYR HB 114 -45.01 60.60 -40.57
N ALA HB 115 -44.55 59.80 -39.58
CA ALA HB 115 -44.59 58.34 -39.73
C ALA HB 115 -46.02 57.84 -39.85
N ARG HB 116 -46.90 58.29 -38.96
CA ARG HB 116 -48.28 57.81 -38.99
C ARG HB 116 -48.98 58.20 -40.29
N ASN HB 117 -48.85 59.46 -40.69
CA ASN HB 117 -49.49 59.90 -41.92
C ASN HB 117 -48.90 59.19 -43.14
N LEU HB 118 -47.59 58.93 -43.14
CA LEU HB 118 -46.97 58.27 -44.28
C LEU HB 118 -47.44 56.83 -44.42
N LEU HB 119 -47.61 56.13 -43.28
CA LEU HB 119 -48.26 54.82 -43.36
C LEU HB 119 -49.72 54.96 -43.78
N GLY HB 120 -50.32 56.12 -43.58
CA GLY HB 120 -51.64 56.36 -44.15
C GLY HB 120 -51.64 56.61 -45.65
N THR HB 121 -50.53 57.07 -46.22
CA THR HB 121 -50.52 57.59 -47.58
C THR HB 121 -50.91 56.54 -48.62
N GLN HB 122 -51.48 57.02 -49.72
CA GLN HB 122 -51.88 56.13 -50.81
C GLN HB 122 -50.70 55.45 -51.45
N VAL HB 123 -49.55 56.13 -51.54
CA VAL HB 123 -48.38 55.52 -52.15
C VAL HB 123 -47.91 54.32 -51.33
N VAL HB 124 -47.88 54.46 -50.01
CA VAL HB 124 -47.41 53.37 -49.16
C VAL HB 124 -48.43 52.23 -49.13
N THR HB 125 -49.72 52.54 -49.01
CA THR HB 125 -50.73 51.48 -49.06
C THR HB 125 -50.61 50.69 -50.36
N ASP HB 126 -50.50 51.42 -51.48
CA ASP HB 126 -50.30 50.82 -52.79
C ASP HB 126 -49.07 49.91 -52.78
N ALA HB 127 -47.94 50.43 -52.30
CA ALA HB 127 -46.67 49.70 -52.39
C ALA HB 127 -46.68 48.43 -51.55
N VAL HB 128 -47.17 48.52 -50.31
CA VAL HB 128 -47.15 47.38 -49.40
C VAL HB 128 -48.15 46.31 -49.83
N VAL HB 129 -49.31 46.72 -50.35
CA VAL HB 129 -50.32 45.70 -50.65
C VAL HB 129 -50.13 45.09 -52.04
N ASP HB 130 -49.84 45.91 -53.06
CA ASP HB 130 -49.73 45.40 -54.41
C ASP HB 130 -48.29 45.24 -54.88
N MET HB 131 -47.30 45.47 -54.01
CA MET HB 131 -45.88 45.35 -54.36
C MET HB 131 -45.54 46.20 -55.58
N THR HB 132 -46.19 47.35 -55.68
CA THR HB 132 -45.96 48.27 -56.80
C THR HB 132 -45.12 49.43 -56.30
N PRO HB 133 -43.94 49.67 -56.87
CA PRO HB 133 -43.09 50.77 -56.40
C PRO HB 133 -43.65 52.13 -56.77
N ALA HB 134 -42.93 53.19 -56.39
CA ALA HB 134 -43.25 54.54 -56.84
C ALA HB 134 -42.28 54.88 -57.95
N TRP HB 135 -42.65 54.53 -59.18
CA TRP HB 135 -41.77 54.67 -60.35
C TRP HB 135 -41.84 56.06 -60.97
#